data_8ZO9
#
_entry.id   8ZO9
#
_cell.length_a   1.00
_cell.length_b   1.00
_cell.length_c   1.00
_cell.angle_alpha   90.00
_cell.angle_beta   90.00
_cell.angle_gamma   90.00
#
_symmetry.space_group_name_H-M   'P 1'
#
loop_
_entity.id
_entity.type
_entity.pdbx_description
1 polymer VCPI-5
2 polymer VCPI-9
3 polymer VCPI-8
4 polymer VCPI-4/7
5 polymer VCPI-3
6 polymer VCPI-6
7 polymer VCPI-2
8 polymer VCPI-1
9 polymer 'Photosystem I P700 chlorophyll a apoprotein A1'
10 polymer 'Photosystem I P700 chlorophyll a apoprotein A2'
11 polymer 'Photosystem I reaction center subunit II'
12 polymer 'Photosystem I reaction center subunit IV'
13 polymer 'Photosystem I reaction center subunit III'
14 polymer PsaR
15 polymer 'Photosystem I reaction center subunit VIII'
16 polymer 'Photosystem I reaction center subunit IX'
17 polymer 'PSI subunit V'
18 polymer PsaM
19 polymer PsaS
20 polymer 'Photosystem I iron-sulfur center'
21 non-polymer "(3S,5R,6S,3'S,5'R,6'S)-5,6,5',6'-DIEPOXY-5,6,5',6'- TETRAHYDRO-BETA,BETA-CAROTENE-3,3'-DIOL"
22 non-polymer (1~{R},3~{S})-6-[(3~{E},5~{E},7~{E},9~{E},11~{E},13~{E},15~{Z},17~{E})-16-(hydroxymethyl)-3,7,12-trimethyl-18-[(1~{S},4~{S},6~{R})-2,2,6-trimethyl-4-oxidanyl-7-oxabicyclo[4.1.0]heptan-1-yl]octadeca-1,3,5,7,9,11,13,15,17-nonaenylidene]-1,5,5-trimethyl-cyclohexane-1,3-diol
23 non-polymer 'CHLOROPHYLL A'
24 non-polymer 1,2-DI-O-ACYL-3-O-[6-DEOXY-6-SULFO-ALPHA-D-GLUCOPYRANOSYL]-SN-GLYCEROL
25 non-polymer '[(2~{Z},4~{E},6~{E},8~{E},10~{E},12~{E},14~{E})-17-[(4~{S},6~{R})-4-acetyloxy-2,2,6-trimethyl-6-oxidanyl-cyclohexylidene]-6,11,15-trimethyl-2-[(~{E})-2-[(1~{S},4~{S},6~{R})-2,2,6-trimethyl-4-oxidanyl-7-oxabicyclo[4.1.0]heptan-1-yl]ethenyl]heptadeca-2,4,6,8,10,12,14,16-octaenyl] octanoate'
26 non-polymer 1,2-DIPALMITOYL-PHOSPHATIDYL-GLYCEROLE
27 non-polymer 'DIGALACTOSYL DIACYL GLYCEROL (DGDG)'
28 non-polymer 1,2-DISTEAROYL-MONOGALACTOSYL-DIGLYCERIDE
29 non-polymer PHYLLOQUINONE
30 non-polymer BETA-CAROTENE
31 non-polymer 'IRON/SULFUR CLUSTER'
#
loop_
_entity_poly.entity_id
_entity_poly.type
_entity_poly.pdbx_seq_one_letter_code
_entity_poly.pdbx_strand_id
1 'polypeptide(L)'
;MFRKLALALLCSSAVAFQVPAPLTRGSVRLHAEGKPAAPPAAAPPAAAPAAAAPAAAAPAAAAVKPPPPPPPPKVFSKSV
PFLLKPAGLDGMVGDVGFDPLGFATFIDIRWLREAELKNGRVAMLAFLGFIVQEFIRLPGDLYSEPNGVKAFFQVGPQPL
LQIFLFCGFLEFNMHKGKLTQVDMFEDGKREPGNFGFDPLGFGKDPAKRERYALAELKNGRLAMIAIGGLVHHALVTGHA
TFSS
;
5
2 'polypeptide(L)'
;MKTAAILAVLACAANAFVFPTPKVSQTVVRGTPFDTVSKDELAVENKAMAGKSVFERAMADFNGRYPAVAALGLGPSAKA
ERWNGRHAMFGWIVLLATGYAQAHGLLPEGGMDAKEWGTWVIVSTTNGEQVTIPAARAAIAIGHLHFGAVGVFAAYSKNS
VKDRLLLEPGEKDEAPAGLFPALRPGLTKEAEMLNGRVAMLGLVALVAVSAATGQDILSVIDQGLGGLLLKA
;
9
3 'polypeptide(L)'
;MKVTAVLSLLAAPLLASAFIAPAPKATRARGVMSMAQSKALPFLKAPAKLDGSLAGDFGFDPMGISDQVANLKYVRAAEL
KHCRVAMLGFLGWVVQQYVHLPGEIYAESNPLKALTSVPLLSQIQIFLFIGAIELATLDQTYTADKPWDLGFDPLNFSKG
KSEQQMKDLEVKELKNGRVAMIAIMGLIAQTLYTGVPLFS
;
8
4 'polypeptide(L)'
;MKLLSFACLLGAATAFVPSMPTTTRTRGAVRMMAEKSKAVPFLPRPAALDGSVVGDVGFDPVGFTSWLPLSYLQEAEIKH
CRIAMLATLGWIVADFVHLPGAVHEVSSLAAHDVAVKSGALAQILIWTSIAEAISVIAISQMLEGSGRQPGDFKFDPLNF
AKDEKSLKKMQLSELKNGRLAMLAFSGIVTQAALTGHAFPYM
;
4,7
5 'polypeptide(L)'
;MKISFALAALLPCAAAFVAPAIPSVTSSTGTAAARGRTVMMAERSKSLPFLMKPKNLDGSMAGDVGFDPLGLSEINDVGV
DLYWLREAELKHCRLGMMAAAGILFVEILGPAPGFPAGKSQMDVFWKVYAEKPSLIGASLAAIAILEVISGVATTQGRQN
GDRAPGDYNFDPLGFGKDPAKFKDLQLKEVKNGRLAMIAAAGMILQGVSTHQGALENLSG
;
3
6 'polypeptide(L)'
;MHHDARPTARRTAVGTQTSSASSCRHPSAHSPHPTTTSQHRSSFRNMKCIVFAGLLASATAFIAPAPRASSRSVMKMGLE
NQVGFDIETGGKPWDPFGFAGVSERNGLGILPHIKWLQESEIKHGRTAMLAFLGVIVPGSLGIYVPTYPQEPDFTKAFSA
ALQSNPLGMAQIALAVAIIEGHYYAGDFWTGGGDRQVGAFGFDPLGFSKGKSEAAIKSMQLKEIKNGRLAMIAMAAFASE
KFIPGSVPLLHSAFPTLPI
;
6
7 'polypeptide(L)'
;MRSITIVLAATAALSSAFVMPSTPKAPATQLSVKSKAVPFLEAPKALDGSLPADVGFDPLGLSDIGFDFTYLMVPTKWDE
SRTGLSALKWFREAEIKHGRFAMLAVLGWVAVDMGLRLPVAKYAGYNAVQAHDVFVKSGDMTVGLLAIGFLEVVMGAAIY
EMSKGSDRAAGEFSFDPLGLGKDPSKYARYQVSEIKNGRLAMLAFGGIATQAVLTNSGFPYYQ
;
2
8 'polypeptide(L)'
;MVGIHKTLLVAAVTMASVSAFVPPAPAAPRTRGVMKMGLDGMIGSSAPFKNFDPLGFAAKADQKTLNKYRESELKHGRVA
MLAVLGWIVQEFWHPLYDGKLSSNPLKALTEVPLIGWAQIFVAINVIEYLQNKIKELPGYRPGDYLGTWEWVEQSDEGWD
SYQTKELNNGRLAMVAIAGLIVQDLITGQAALEQITAGNTGVFSGLGK
;
1
9 'polypeptide(L)'
;MSTTRKSTIVDFNPVETSFEKWAKPGQFSRTLAKGPKTTTWIWNLHADAHDFDIQTNSLQEVSRKIFSAHFGQLAVIFLW
LSGMHFHGAYFSNYSAWLTNPTSTKPSAQIVWPIVGQEVLNADVGGNFQGIQITSGFFQLWRAEGITSEVELYWTAVGGL
VASFLMLFAGWFHYHKAAPKLEWFQNVESMLNHHLAGLLGLGSLSWAGHQIHIALPINKLLDLGVSPEEIPLPYEFILNR
DLIAQLYPSFNKGLTPFFTLNWGEYSDFLTFKGGLNPVTGGLWLTDTAHHHLAIAVLFIVAGHMYKTNWFLGHSIKTILE
AHKGPFTGEGHKGLYEVLTTSWHAQLAINLALFGSLSIIVAHHMYAMPPYPYIAIDYPTQLSLFTHHVWIGGFCIVGGAA
HGAIFFVRDYNAANNYNNLIDRVIRHRDAIISHLNWVCIFLGCHSFGLYVHNDTMRALGRSQDLFSDNAIALKPIFAQFI
QNLHTLAPGSTAPNALTTVSYAFGGDVISVGSKIAMMPISLGTADFLVHHIHAFTIHVTVLILLKGVLYSRNSRLIPDKA
NLGFRFPCDGPGRGGTCQVSAWDHVFLGLFWMYNSISIVIFHFSWKMQSDVWGTVSPTGAVSHITGGNFAQSSITINGWL
RDFLWSQAAQVVQSYGSSLSAYGLIFLGAHFIWAFSLMFLFSGRGYWQELIESIVWAHNKLKVAPSIQPRALSITQGRAV
GVAHYLLGGIGTTWAFFLARIISVG
;
a
10 'polypeptide(L)'
;MVYKFPKFSKALAEDPSTRRIWYGIATAHDFESHDAMTESKLYQKIFASHFGHIAIIFLWTAGNLFHVAWQGNFEAWILN
PLKVRPIAHAIWDPHFGQAAYKAFLKTSSPANLALSGVYEWWYTIGMRTNNDLYQGSFFLILLSSLLLFAGWLHLQPSFR
PSLDWFKANEYRLNHHLSGLFGVSSLAWTGHLVHVAIPESRGIHVGWDNFLTVLPHPEGLTPFFSGNWKAYAQNPDTASH
IFGSGEGSGTAILTFLGGFHPQTKSLWLTDMAHHHLAIAVLFIVAGHMYRTNWLIGHQMKLILEAHRPPGGRLGIGHIGL
YETITNSLHFQLGLALAALGVATSLTAQHMYALPPYAFLASNFPTQAALYTHHQYIAGFLMVGAFAHGAIFFVRDYDPAV
NTRNGEKNVLARMLEHKEAIISHLSWVSLFLGFHTLGIYVHNDVVVAFGQPEKQILVEPLFAEWIQAASGKTLYNFDLLL
ASSNSPASVASSQLWLPGWLSAINDGKNSLFLPIGPGDFLVHHAIALGLHTTTLILVKGALDARGSKLMPDKKDFGYSFP
CDGPGRGGTCDISAWDAFYLAMFWMLNTIGWVTFYWHWKHLTLWQGNQVQFNESSNYIMGWLRDYLWLNSSPLINGYNPF
GMNSLSVWAWMFLFGHLVWATGFMFLISWRGYWQELIETIVWAHERTPLANLVRWKDKPVALSIVQARLVGLAHFTIGYV
LTYAAFVIASTIGKLGY
;
b
11 'polypeptide(L)'
;MNLKLKQSDFPKFEGSTGGWLSAAKNEEKYVIIWTSKDASLFEMPTGGTAKMNAGNNVAYFARKEQCLALGSQLRGFKIT
NYKIFRIYPPLDITLLHPFDGVFPEKVNQGRSPVGKRDASIGGNPNPASLKFQSNT
;
d
12 'polypeptide(L)' MIQKGSTVRILRKESYWYNESGTVVVVDQSKVRYPVLVRFTKVNYAGTNTNNFGLNEVEEVVTKKSS e
13 'polypeptide(L)'
;MTKIVKFAFLPLLTFLGLPMISNADIGGLNPCKDSEVFQKRLAKTVKKLENRLKKYEEGTPPQIAIQQQITQTKQRFTRY
ADSNLLCGNDGLPHLITDGRWSHGSEFLLPSILFLYISGWIGWVGRKYIRTVGQTSNPTEKEIIIDVPLAISIMTSGFLW
PFAAWQEFLSGDLIASDETITTSPK
;
f
14 'polypeptide(L)'
;MKTFCILLALVALFNFSNAFMPKAPVHTARPVVARGRTMKMMEESTYWEGKAPPSVVLGPFLSKIPSGVLGPASLVALIV
GSYCTHESNIFNTLTVDTIYPAYVLGSFLTPISWGLHVAAWIQKMNKA
;
h
15 'polypeptide(L)' MSLDLLPSFFVPLVGLVLPLFSIIGLFLYIEKENREVFDPTTYKF i
16 'polypeptide(L)' MKDFLKYLSTAPVLLTAWLTFTAGFVIEINRFYPDALTFPF j
17 'polypeptide(L)'
;MVSFIKPYRQDPFVGHLATPITTSAFTRAYLKVLPAYRPGLTPLSRGAEIGFTHGYFLIGPFYTYGPLRSVEFSLTSLAA
GLLAAITLLLILTVGLSIYGQVTYDVYDNALIVKLVRQMVGSERTQDLPQIKGTSELDTVLGWQKFSEGFFSGGLIGSIV
AAVGIALYSTYL
;
l
18 'polypeptide(L)' MIYDSQVYIALVIAVVASVLAIRLGATLYN m
19 'polypeptide(L)'
;(UNK)(UNK)(UNK)(UNK)(UNK)(UNK)(UNK)(UNK)(UNK)(UNK)(UNK)(UNK)(UNK)(UNK)(UNK)(UNK)
(UNK)(UNK)(UNK)(UNK)(UNK)(UNK)(UNK)(UNK)(UNK)(UNK)(UNK)(UNK)(UNK)(UNK)(UNK)(UNK)
(UNK)(UNK)(UNK)(UNK)(UNK)(UNK)(UNK)(UNK)(UNK)(UNK)(UNK)(UNK)(UNK)(UNK)(UNK)(UNK)
(UNK)(UNK)(UNK)(UNK)(UNK)(UNK)(UNK)
;
g
20 'polypeptide(L)'
;MSHTVKIYDTCIGCTQCVRACPTDVLEMVPWDGCKAGQIASAPRTEDCVGCKRCETACPTDFLSVRVYLGGETTRSLGLA
Y
;
c
#
loop_
_chem_comp.id
_chem_comp.type
_chem_comp.name
_chem_comp.formula
A1L1F non-polymer '[(2~{Z},4~{E},6~{E},8~{E},10~{E},12~{E},14~{E})-17-[(4~{S},6~{R})-4-acetyloxy-2,2,6-trimethyl-6-oxidanyl-cyclohexylidene]-6,11,15-trimethyl-2-[(~{E})-2-[(1~{S},4~{S},6~{R})-2,2,6-trimethyl-4-oxidanyl-7-oxabicyclo[4.1.0]heptan-1-yl]ethenyl]heptadeca-2,4,6,8,10,12,14,16-octaenyl] octanoate' 'C50 H72 O7'
A1L1G non-polymer (1~{R},3~{S})-6-[(3~{E},5~{E},7~{E},9~{E},11~{E},13~{E},15~{Z},17~{E})-16-(hydroxymethyl)-3,7,12-trimethyl-18-[(1~{S},4~{S},6~{R})-2,2,6-trimethyl-4-oxidanyl-7-oxabicyclo[4.1.0]heptan-1-yl]octadeca-1,3,5,7,9,11,13,15,17-nonaenylidene]-1,5,5-trimethyl-cyclohexane-1,3-diol 'C40 H56 O5'
BCR non-polymer BETA-CAROTENE 'C40 H56'
CLA non-polymer 'CHLOROPHYLL A' 'C55 H72 Mg N4 O5'
DGD saccharide 'DIGALACTOSYL DIACYL GLYCEROL (DGDG)' 'C51 H96 O15'
LHG non-polymer 1,2-DIPALMITOYL-PHOSPHATIDYL-GLYCEROLE 'C38 H75 O10 P'
LMG non-polymer 1,2-DISTEAROYL-MONOGALACTOSYL-DIGLYCERIDE 'C45 H86 O10'
PQN non-polymer PHYLLOQUINONE 'C31 H46 O2'
SF4 non-polymer 'IRON/SULFUR CLUSTER' 'Fe4 S4'
SQD non-polymer 1,2-DI-O-ACYL-3-O-[6-DEOXY-6-SULFO-ALPHA-D-GLUCOPYRANOSYL]-SN-GLYCEROL 'C41 H78 O12 S'
XAT non-polymer '(3S,5R,6S,3'S,5'R,6'S)-5,6,5',6'-DIEPOXY-5,6,5',6'- TETRAHYDRO-BETA,BETA-CAROTENE-3,3'-DIOL' 'C40 H56 O4'
#
# COMPACT_ATOMS: atom_id res chain seq x y z
N LYS A 74 -11.06 -64.72 -12.77
CA LYS A 74 -9.88 -64.12 -12.19
C LYS A 74 -8.81 -65.18 -11.90
N VAL A 75 -7.55 -64.79 -12.02
CA VAL A 75 -6.44 -65.73 -11.92
C VAL A 75 -5.96 -65.89 -10.48
N PHE A 76 -5.72 -64.76 -9.80
CA PHE A 76 -5.20 -64.71 -8.44
C PHE A 76 -3.73 -65.13 -8.41
N SER A 77 -2.93 -64.47 -7.58
CA SER A 77 -1.50 -64.70 -7.57
C SER A 77 -1.16 -66.06 -6.98
N LYS A 78 0.01 -66.58 -7.38
CA LYS A 78 0.48 -67.86 -6.84
C LYS A 78 1.16 -67.68 -5.50
N SER A 79 1.90 -66.58 -5.32
CA SER A 79 2.53 -66.32 -4.03
C SER A 79 1.50 -65.87 -3.00
N VAL A 80 0.84 -64.74 -3.27
CA VAL A 80 -0.21 -64.24 -2.39
C VAL A 80 -1.55 -64.73 -2.94
N PRO A 81 -2.08 -65.85 -2.44
CA PRO A 81 -3.22 -66.50 -3.11
C PRO A 81 -4.52 -65.73 -3.01
N PHE A 82 -4.65 -64.78 -2.07
CA PHE A 82 -5.88 -64.01 -1.93
C PHE A 82 -5.84 -62.70 -2.69
N LEU A 83 -4.82 -62.48 -3.52
CA LEU A 83 -4.67 -61.26 -4.30
C LEU A 83 -4.67 -61.60 -5.78
N LEU A 84 -5.18 -60.67 -6.58
CA LEU A 84 -5.18 -60.84 -8.03
C LEU A 84 -3.75 -60.85 -8.56
N LYS A 85 -3.58 -61.55 -9.68
CA LYS A 85 -2.25 -61.69 -10.26
C LYS A 85 -1.73 -60.34 -10.72
N PRO A 86 -0.55 -59.90 -10.27
CA PRO A 86 -0.01 -58.62 -10.72
C PRO A 86 0.36 -58.65 -12.18
N ALA A 87 0.35 -57.49 -12.81
CA ALA A 87 0.63 -57.34 -14.23
C ALA A 87 2.07 -56.88 -14.45
N GLY A 88 2.59 -57.18 -15.64
CA GLY A 88 3.91 -56.74 -16.04
C GLY A 88 5.06 -57.63 -15.62
N LEU A 89 4.80 -58.76 -14.96
CA LEU A 89 5.85 -59.66 -14.51
C LEU A 89 5.98 -60.90 -15.36
N ASP A 90 5.21 -61.00 -16.45
CA ASP A 90 5.01 -62.28 -17.14
C ASP A 90 6.32 -62.92 -17.55
N GLY A 91 7.06 -62.29 -18.45
CA GLY A 91 8.27 -62.90 -18.98
C GLY A 91 9.52 -62.63 -18.18
N MET A 92 9.54 -63.10 -16.93
CA MET A 92 10.67 -62.86 -16.05
C MET A 92 11.17 -64.18 -15.48
N VAL A 93 12.34 -64.13 -14.86
CA VAL A 93 13.02 -65.33 -14.39
C VAL A 93 12.88 -65.50 -12.87
N GLY A 94 11.98 -64.76 -12.25
CA GLY A 94 11.72 -64.93 -10.83
C GLY A 94 10.25 -64.76 -10.50
N ASP A 95 9.40 -64.84 -11.53
CA ASP A 95 7.97 -64.57 -11.38
C ASP A 95 7.34 -65.62 -10.48
N VAL A 96 6.95 -65.21 -9.28
CA VAL A 96 6.02 -65.97 -8.45
C VAL A 96 4.74 -65.19 -8.20
N GLY A 97 4.53 -64.10 -8.94
CA GLY A 97 3.34 -63.29 -8.76
C GLY A 97 3.35 -62.44 -7.52
N PHE A 98 4.53 -62.09 -7.01
CA PHE A 98 4.66 -61.32 -5.77
C PHE A 98 4.80 -59.85 -6.11
N ASP A 99 3.69 -59.12 -6.06
CA ASP A 99 3.69 -57.66 -6.16
C ASP A 99 2.39 -57.10 -5.60
N PRO A 100 2.15 -57.25 -4.29
CA PRO A 100 0.88 -56.74 -3.73
C PRO A 100 0.72 -55.24 -3.89
N LEU A 101 1.80 -54.47 -3.80
CA LEU A 101 1.72 -53.03 -3.92
C LEU A 101 1.75 -52.55 -5.37
N GLY A 102 1.92 -53.46 -6.33
CA GLY A 102 1.90 -53.08 -7.73
C GLY A 102 3.00 -52.13 -8.13
N PHE A 103 4.22 -52.32 -7.59
CA PHE A 103 5.33 -51.46 -7.95
C PHE A 103 5.69 -51.57 -9.42
N ALA A 104 5.40 -52.70 -10.06
CA ALA A 104 5.69 -52.87 -11.47
C ALA A 104 4.72 -52.12 -12.37
N THR A 105 3.65 -51.56 -11.83
CA THR A 105 2.68 -50.85 -12.65
C THR A 105 3.10 -49.40 -12.89
N PHE A 106 3.64 -48.74 -11.88
CA PHE A 106 4.06 -47.35 -12.01
C PHE A 106 5.57 -47.18 -12.07
N ILE A 107 6.32 -48.28 -12.12
CA ILE A 107 7.76 -48.25 -12.33
C ILE A 107 8.10 -49.29 -13.40
N ASP A 108 9.03 -48.94 -14.29
CA ASP A 108 9.41 -49.86 -15.36
C ASP A 108 9.93 -51.17 -14.80
N ILE A 109 9.41 -52.28 -15.32
CA ILE A 109 9.81 -53.59 -14.80
C ILE A 109 11.26 -53.89 -15.11
N ARG A 110 11.76 -53.44 -16.27
CA ARG A 110 13.17 -53.65 -16.58
C ARG A 110 14.07 -52.91 -15.59
N TRP A 111 13.73 -51.66 -15.28
CA TRP A 111 14.50 -50.93 -14.29
C TRP A 111 14.40 -51.58 -12.93
N LEU A 112 13.22 -52.09 -12.58
CA LEU A 112 13.06 -52.75 -11.29
C LEU A 112 13.92 -54.00 -11.19
N ARG A 113 13.98 -54.79 -12.26
CA ARG A 113 14.84 -55.97 -12.23
C ARG A 113 16.31 -55.60 -12.19
N GLU A 114 16.71 -54.56 -12.94
CA GLU A 114 18.09 -54.10 -12.90
C GLU A 114 18.46 -53.68 -11.48
N ALA A 115 17.57 -52.92 -10.84
CA ALA A 115 17.83 -52.47 -9.46
C ALA A 115 17.86 -53.63 -8.49
N GLU A 116 16.94 -54.59 -8.64
CA GLU A 116 16.93 -55.75 -7.76
C GLU A 116 18.22 -56.54 -7.89
N LEU A 117 18.66 -56.78 -9.14
CA LEU A 117 19.89 -57.54 -9.35
C LEU A 117 21.10 -56.81 -8.80
N LYS A 118 21.18 -55.49 -9.03
CA LYS A 118 22.33 -54.76 -8.52
C LYS A 118 22.35 -54.71 -7.01
N ASN A 119 21.19 -54.46 -6.39
CA ASN A 119 21.12 -54.47 -4.93
C ASN A 119 21.48 -55.84 -4.37
N GLY A 120 21.00 -56.90 -5.02
CA GLY A 120 21.33 -58.25 -4.56
C GLY A 120 22.82 -58.54 -4.66
N ARG A 121 23.43 -58.21 -5.80
CA ARG A 121 24.86 -58.46 -5.97
C ARG A 121 25.68 -57.67 -4.97
N VAL A 122 25.33 -56.40 -4.77
CA VAL A 122 26.05 -55.58 -3.80
C VAL A 122 25.89 -56.15 -2.40
N ALA A 123 24.68 -56.61 -2.06
CA ALA A 123 24.45 -57.19 -0.74
C ALA A 123 25.23 -58.48 -0.54
N MET A 124 25.30 -59.33 -1.57
CA MET A 124 26.10 -60.55 -1.48
C MET A 124 27.57 -60.23 -1.27
N LEU A 125 28.11 -59.30 -2.05
CA LEU A 125 29.51 -58.92 -1.88
C LEU A 125 29.74 -58.33 -0.50
N ALA A 126 28.79 -57.57 0.01
CA ALA A 126 28.97 -56.91 1.30
C ALA A 126 28.87 -57.92 2.45
N PHE A 127 28.00 -58.92 2.32
CA PHE A 127 27.92 -59.99 3.33
C PHE A 127 29.22 -60.78 3.37
N LEU A 128 29.72 -61.17 2.20
CA LEU A 128 31.02 -61.84 2.14
C LEU A 128 32.11 -60.96 2.72
N GLY A 129 32.01 -59.64 2.47
CA GLY A 129 32.98 -58.72 3.03
C GLY A 129 32.94 -58.69 4.55
N PHE A 130 31.74 -58.69 5.14
CA PHE A 130 31.63 -58.82 6.58
C PHE A 130 32.36 -60.05 7.09
N ILE A 131 32.00 -61.22 6.52
CA ILE A 131 32.51 -62.47 7.07
C ILE A 131 34.02 -62.54 6.93
N VAL A 132 34.55 -62.06 5.81
CA VAL A 132 36.00 -62.08 5.61
C VAL A 132 36.68 -61.04 6.51
N GLN A 133 36.10 -59.84 6.63
CA GLN A 133 36.71 -58.77 7.41
C GLN A 133 36.87 -59.17 8.86
N GLU A 134 35.82 -59.75 9.45
CA GLU A 134 35.94 -60.13 10.85
C GLU A 134 36.94 -61.27 11.03
N PHE A 135 37.14 -62.09 10.00
CA PHE A 135 38.07 -63.21 10.06
C PHE A 135 39.50 -62.80 9.67
N ILE A 136 39.68 -62.30 8.44
CA ILE A 136 41.00 -62.19 7.86
C ILE A 136 41.64 -60.84 8.16
N ARG A 137 41.02 -59.76 7.65
CA ARG A 137 41.54 -58.40 7.75
C ARG A 137 42.87 -58.24 7.03
N LEU A 138 43.29 -56.97 6.82
CA LEU A 138 44.54 -56.63 6.17
C LEU A 138 45.58 -56.18 7.20
N PRO A 139 46.87 -56.32 6.90
CA PRO A 139 47.89 -55.76 7.78
C PRO A 139 47.81 -54.24 7.82
N GLY A 140 48.14 -53.68 8.99
CA GLY A 140 48.09 -52.25 9.17
C GLY A 140 47.22 -51.81 10.33
N ASP A 141 47.51 -50.63 10.88
CA ASP A 141 46.74 -50.14 12.02
C ASP A 141 45.32 -49.78 11.61
N LEU A 142 45.14 -49.20 10.41
CA LEU A 142 43.82 -48.81 9.96
C LEU A 142 42.90 -50.01 9.81
N TYR A 143 43.41 -51.10 9.25
CA TYR A 143 42.60 -52.27 8.94
C TYR A 143 42.72 -53.29 10.07
N SER A 144 42.18 -52.92 11.24
CA SER A 144 42.30 -53.75 12.42
C SER A 144 41.02 -53.80 13.24
N GLU A 145 39.87 -53.58 12.59
CA GLU A 145 38.60 -53.62 13.30
C GLU A 145 37.77 -54.82 12.85
N PRO A 146 37.55 -55.82 13.71
CA PRO A 146 36.68 -56.94 13.32
C PRO A 146 35.24 -56.54 13.06
N ASN A 147 34.80 -55.40 13.58
CA ASN A 147 33.43 -54.94 13.39
C ASN A 147 33.35 -54.10 12.12
N GLY A 148 32.46 -54.48 11.21
CA GLY A 148 32.34 -53.74 9.96
C GLY A 148 31.88 -52.31 10.14
N VAL A 149 30.93 -52.09 11.04
CA VAL A 149 30.41 -50.74 11.26
C VAL A 149 31.49 -49.84 11.81
N LYS A 150 32.26 -50.32 12.79
CA LYS A 150 33.35 -49.53 13.33
C LYS A 150 34.51 -49.44 12.34
N ALA A 151 34.70 -50.46 11.50
CA ALA A 151 35.71 -50.39 10.47
C ALA A 151 35.39 -49.32 9.45
N PHE A 152 34.10 -49.05 9.21
CA PHE A 152 33.72 -47.97 8.31
C PHE A 152 34.24 -46.62 8.78
N PHE A 153 34.34 -46.43 10.10
CA PHE A 153 34.82 -45.17 10.66
C PHE A 153 36.33 -45.17 10.86
N GLN A 154 36.91 -46.29 11.31
CA GLN A 154 38.34 -46.33 11.57
C GLN A 154 39.14 -46.20 10.28
N VAL A 155 38.64 -46.77 9.18
CA VAL A 155 39.38 -46.77 7.92
C VAL A 155 39.59 -45.35 7.40
N GLY A 156 38.75 -44.41 7.80
CA GLY A 156 38.89 -43.04 7.36
C GLY A 156 38.17 -42.78 6.05
N PRO A 157 38.12 -41.51 5.65
CA PRO A 157 37.37 -41.17 4.42
C PRO A 157 38.16 -41.46 3.15
N GLN A 158 39.50 -41.42 3.22
CA GLN A 158 40.31 -41.60 2.02
C GLN A 158 40.12 -42.96 1.39
N PRO A 159 40.22 -44.10 2.09
CA PRO A 159 39.94 -45.39 1.44
C PRO A 159 38.51 -45.53 0.96
N LEU A 160 37.54 -44.96 1.68
CA LEU A 160 36.15 -45.11 1.27
C LEU A 160 35.84 -44.30 0.02
N LEU A 161 36.38 -43.08 -0.07
CA LEU A 161 36.13 -42.25 -1.24
C LEU A 161 36.73 -42.85 -2.49
N GLN A 162 37.86 -43.54 -2.37
CA GLN A 162 38.42 -44.25 -3.52
C GLN A 162 37.49 -45.37 -3.99
N ILE A 163 36.89 -46.10 -3.04
CA ILE A 163 35.91 -47.11 -3.40
C ILE A 163 34.70 -46.47 -4.07
N PHE A 164 34.27 -45.32 -3.57
CA PHE A 164 33.13 -44.61 -4.17
C PHE A 164 33.44 -44.21 -5.61
N LEU A 165 34.64 -43.66 -5.84
CA LEU A 165 35.00 -43.23 -7.19
C LEU A 165 35.19 -44.43 -8.12
N PHE A 166 35.76 -45.52 -7.63
CA PHE A 166 35.91 -46.71 -8.46
C PHE A 166 34.57 -47.30 -8.82
N CYS A 167 33.63 -47.33 -7.86
CA CYS A 167 32.29 -47.82 -8.16
C CYS A 167 31.60 -46.91 -9.17
N GLY A 168 31.83 -45.60 -9.08
CA GLY A 168 31.30 -44.69 -10.08
C GLY A 168 31.86 -44.92 -11.47
N PHE A 169 33.18 -45.12 -11.55
CA PHE A 169 33.80 -45.46 -12.83
C PHE A 169 33.22 -46.74 -13.40
N LEU A 170 33.05 -47.75 -12.55
CA LEU A 170 32.42 -49.00 -12.99
C LEU A 170 31.01 -48.74 -13.49
N GLU A 171 30.21 -47.98 -12.73
CA GLU A 171 28.84 -47.70 -13.16
C GLU A 171 28.81 -47.04 -14.53
N PHE A 172 29.67 -46.04 -14.73
CA PHE A 172 29.71 -45.33 -16.01
C PHE A 172 30.06 -46.28 -17.16
N ASN A 173 31.13 -47.07 -16.98
CA ASN A 173 31.62 -47.87 -18.11
C ASN A 173 30.74 -49.10 -18.38
N MET A 174 30.12 -49.66 -17.36
CA MET A 174 29.29 -50.86 -17.54
C MET A 174 27.96 -50.53 -18.22
N HIS A 175 27.35 -49.39 -17.90
CA HIS A 175 26.11 -49.00 -18.56
C HIS A 175 26.34 -48.13 -19.78
N LYS A 176 27.58 -47.77 -20.07
CA LYS A 176 27.96 -47.03 -21.27
C LYS A 176 27.18 -45.71 -21.37
N GLY A 177 27.32 -44.90 -20.34
CA GLY A 177 26.72 -43.57 -20.31
C GLY A 177 25.30 -43.48 -19.82
N LYS A 178 24.40 -44.30 -20.37
CA LYS A 178 22.99 -44.26 -19.99
C LYS A 178 22.86 -44.86 -18.59
N LEU A 179 22.77 -44.00 -17.57
CA LEU A 179 22.77 -44.44 -16.19
C LEU A 179 21.48 -44.19 -15.44
N THR A 180 20.55 -43.41 -16.00
CA THR A 180 19.38 -42.97 -15.25
C THR A 180 18.16 -43.80 -15.63
N GLN A 181 17.08 -43.60 -14.86
CA GLN A 181 15.86 -44.35 -15.09
C GLN A 181 15.24 -44.02 -16.44
N VAL A 182 15.35 -42.75 -16.86
CA VAL A 182 14.76 -42.36 -18.13
C VAL A 182 15.68 -42.67 -19.29
N ASP A 183 17.00 -42.69 -19.06
CA ASP A 183 17.94 -42.92 -20.15
C ASP A 183 18.14 -44.41 -20.41
N MET A 184 18.30 -45.21 -19.36
CA MET A 184 18.42 -46.65 -19.53
C MET A 184 17.12 -47.22 -20.05
N PHE A 185 17.22 -48.24 -20.90
CA PHE A 185 16.08 -48.92 -21.51
C PHE A 185 15.27 -48.00 -22.41
N GLU A 186 15.78 -46.81 -22.73
CA GLU A 186 15.09 -45.94 -23.67
C GLU A 186 15.08 -46.54 -25.06
N ASP A 187 16.20 -47.13 -25.48
CA ASP A 187 16.31 -47.79 -26.78
C ASP A 187 16.03 -49.28 -26.71
N GLY A 188 15.71 -49.81 -25.53
CA GLY A 188 15.55 -51.25 -25.40
C GLY A 188 16.89 -51.96 -25.54
N LYS A 189 16.86 -53.10 -26.24
CA LYS A 189 18.03 -53.93 -26.52
C LYS A 189 18.98 -54.06 -25.34
N ARG A 190 18.41 -54.23 -24.14
CA ARG A 190 19.21 -54.29 -22.91
C ARG A 190 18.48 -55.20 -21.93
N GLU A 191 18.92 -56.45 -21.84
CA GLU A 191 18.34 -57.37 -20.88
C GLU A 191 18.67 -56.90 -19.46
N PRO A 192 17.67 -56.79 -18.58
CA PRO A 192 17.93 -56.27 -17.23
C PRO A 192 18.96 -57.11 -16.49
N GLY A 193 20.01 -56.45 -16.02
CA GLY A 193 21.08 -57.12 -15.30
C GLY A 193 22.12 -57.79 -16.16
N ASN A 194 22.03 -57.68 -17.48
CA ASN A 194 22.93 -58.37 -18.40
C ASN A 194 24.08 -57.44 -18.78
N PHE A 195 25.18 -57.54 -18.05
CA PHE A 195 26.39 -56.80 -18.37
C PHE A 195 27.32 -57.58 -19.28
N GLY A 196 26.98 -58.81 -19.63
CA GLY A 196 27.87 -59.63 -20.41
C GLY A 196 29.07 -60.16 -19.66
N PHE A 197 29.09 -60.00 -18.34
CA PHE A 197 30.23 -60.42 -17.53
C PHE A 197 30.16 -61.92 -17.30
N ASP A 198 31.05 -62.65 -17.96
CA ASP A 198 31.12 -64.11 -17.83
C ASP A 198 32.48 -64.61 -18.28
N PRO A 199 33.57 -64.27 -17.59
CA PRO A 199 34.89 -64.72 -18.04
C PRO A 199 35.12 -66.20 -17.83
N LEU A 200 34.63 -66.76 -16.72
CA LEU A 200 34.85 -68.18 -16.45
C LEU A 200 34.00 -69.10 -17.31
N GLY A 201 33.05 -68.55 -18.07
CA GLY A 201 32.29 -69.33 -19.02
C GLY A 201 31.09 -70.07 -18.47
N PHE A 202 30.78 -69.91 -17.18
CA PHE A 202 29.59 -70.53 -16.62
C PHE A 202 28.35 -69.88 -17.22
N GLY A 203 27.55 -70.65 -17.94
CA GLY A 203 26.35 -70.12 -18.55
C GLY A 203 26.29 -70.31 -20.05
N LYS A 204 27.26 -71.04 -20.61
CA LYS A 204 27.20 -71.37 -22.03
C LYS A 204 26.00 -72.24 -22.34
N ASP A 205 25.71 -73.22 -21.49
CA ASP A 205 24.55 -74.08 -21.68
C ASP A 205 23.29 -73.32 -21.30
N PRO A 206 22.33 -73.16 -22.22
CA PRO A 206 21.11 -72.42 -21.87
C PRO A 206 20.18 -73.18 -20.94
N ALA A 207 20.34 -74.50 -20.81
CA ALA A 207 19.45 -75.27 -19.93
C ALA A 207 19.62 -74.87 -18.48
N LYS A 208 20.86 -74.73 -18.02
CA LYS A 208 21.14 -74.32 -16.66
C LYS A 208 21.15 -72.80 -16.47
N ARG A 209 21.01 -72.04 -17.55
CA ARG A 209 21.06 -70.59 -17.45
C ARG A 209 19.89 -70.05 -16.65
N GLU A 210 18.68 -70.57 -16.89
CA GLU A 210 17.51 -70.11 -16.14
C GLU A 210 17.64 -70.45 -14.66
N ARG A 211 18.12 -71.65 -14.36
CA ARG A 211 18.33 -72.03 -12.96
C ARG A 211 19.37 -71.13 -12.30
N TYR A 212 20.44 -70.81 -13.02
CA TYR A 212 21.45 -69.91 -12.47
C TYR A 212 20.88 -68.52 -12.22
N ALA A 213 20.04 -68.02 -13.13
CA ALA A 213 19.42 -66.71 -12.94
C ALA A 213 18.51 -66.71 -11.71
N LEU A 214 17.70 -67.75 -11.57
CA LEU A 214 16.81 -67.83 -10.40
C LEU A 214 17.62 -67.95 -9.11
N ALA A 215 18.70 -68.73 -9.13
CA ALA A 215 19.54 -68.87 -7.95
C ALA A 215 20.19 -67.54 -7.60
N GLU A 216 20.66 -66.79 -8.60
CA GLU A 216 21.24 -65.49 -8.35
C GLU A 216 20.22 -64.54 -7.74
N LEU A 217 18.99 -64.54 -8.26
CA LEU A 217 17.96 -63.66 -7.72
C LEU A 217 17.65 -64.01 -6.26
N LYS A 218 17.46 -65.30 -5.97
CA LYS A 218 17.11 -65.71 -4.62
C LYS A 218 18.26 -65.42 -3.65
N ASN A 219 19.50 -65.69 -4.07
CA ASN A 219 20.65 -65.39 -3.23
C ASN A 219 20.78 -63.89 -3.00
N GLY A 220 20.50 -63.09 -4.02
CA GLY A 220 20.55 -61.64 -3.84
C GLY A 220 19.54 -61.14 -2.84
N ARG A 221 18.30 -61.65 -2.91
CA ARG A 221 17.28 -61.25 -1.94
C ARG A 221 17.66 -61.67 -0.54
N LEU A 222 18.09 -62.93 -0.38
CA LEU A 222 18.53 -63.42 0.91
C LEU A 222 19.69 -62.59 1.45
N ALA A 223 20.58 -62.15 0.56
CA ALA A 223 21.72 -61.37 0.99
C ALA A 223 21.34 -59.95 1.35
N MET A 224 20.31 -59.39 0.71
CA MET A 224 19.78 -58.11 1.16
C MET A 224 19.26 -58.21 2.59
N ILE A 225 18.46 -59.25 2.84
CA ILE A 225 17.94 -59.43 4.20
C ILE A 225 19.09 -59.63 5.18
N ALA A 226 20.07 -60.44 4.81
CA ALA A 226 21.18 -60.76 5.70
C ALA A 226 22.11 -59.56 5.89
N ILE A 227 22.27 -58.73 4.87
CA ILE A 227 23.14 -57.55 5.00
C ILE A 227 22.50 -56.57 5.98
N GLY A 228 21.19 -56.39 5.89
CA GLY A 228 20.51 -55.59 6.90
C GLY A 228 20.65 -56.18 8.28
N GLY A 229 20.50 -57.51 8.39
CA GLY A 229 20.61 -58.16 9.68
C GLY A 229 21.98 -57.97 10.31
N LEU A 230 23.04 -58.19 9.53
CA LEU A 230 24.39 -58.06 10.07
C LEU A 230 24.69 -56.63 10.46
N VAL A 231 24.32 -55.67 9.62
CA VAL A 231 24.59 -54.26 9.95
C VAL A 231 23.88 -53.88 11.23
N HIS A 232 22.62 -54.31 11.40
CA HIS A 232 21.89 -53.93 12.60
C HIS A 232 22.33 -54.71 13.84
N HIS A 233 22.83 -55.94 13.66
CA HIS A 233 23.45 -56.64 14.79
C HIS A 233 24.67 -55.88 15.29
N ALA A 234 25.51 -55.41 14.36
CA ALA A 234 26.68 -54.66 14.78
C ALA A 234 26.31 -53.36 15.48
N LEU A 235 25.15 -52.78 15.14
CA LEU A 235 24.74 -51.52 15.75
C LEU A 235 24.18 -51.72 17.15
N VAL A 236 23.44 -52.81 17.38
CA VAL A 236 22.80 -53.02 18.68
C VAL A 236 23.72 -53.72 19.69
N THR A 237 24.76 -54.39 19.23
CA THR A 237 25.70 -55.08 20.10
C THR A 237 27.06 -54.40 20.11
N GLY A 238 27.69 -54.23 18.94
CA GLY A 238 28.91 -53.49 18.81
C GLY A 238 30.16 -54.33 18.65
N HIS A 239 30.11 -55.62 19.00
CA HIS A 239 31.35 -56.41 18.98
C HIS A 239 31.68 -56.92 17.57
N ALA A 240 30.86 -57.81 17.04
CA ALA A 240 31.12 -58.47 15.76
C ALA A 240 29.89 -59.31 15.40
N THR A 241 30.01 -60.09 14.32
CA THR A 241 28.98 -61.05 13.93
C THR A 241 29.24 -62.45 14.48
N PHE A 242 30.49 -62.91 14.38
CA PHE A 242 30.87 -64.25 14.80
C PHE A 242 30.06 -65.33 14.08
N GLY B 31 28.87 29.63 -35.99
CA GLY B 31 30.25 30.09 -35.92
C GLY B 31 30.76 30.57 -37.27
N THR B 32 30.45 29.80 -38.31
CA THR B 32 30.84 30.11 -39.69
C THR B 32 30.02 29.29 -40.68
N PRO B 33 29.90 27.96 -40.52
CA PRO B 33 29.09 27.19 -41.47
C PRO B 33 27.59 27.28 -41.27
N PHE B 34 27.10 28.12 -40.37
CA PHE B 34 25.67 28.26 -40.16
C PHE B 34 25.37 29.65 -39.60
N ASP B 35 24.09 29.98 -39.54
CA ASP B 35 23.63 31.27 -39.03
C ASP B 35 23.14 31.08 -37.60
N THR B 36 23.69 31.86 -36.67
CA THR B 36 23.26 31.77 -35.28
C THR B 36 21.81 32.21 -35.12
N VAL B 37 21.40 33.28 -35.81
CA VAL B 37 20.04 33.78 -35.79
C VAL B 37 19.44 33.61 -37.17
N SER B 38 18.28 32.96 -37.23
CA SER B 38 17.60 32.76 -38.50
C SER B 38 17.12 34.09 -39.09
N LYS B 39 17.08 34.15 -40.41
CA LYS B 39 16.62 35.36 -41.09
C LYS B 39 15.15 35.63 -40.84
N ASP B 40 14.37 34.60 -40.49
CA ASP B 40 12.94 34.78 -40.23
C ASP B 40 12.67 35.42 -38.88
N GLU B 41 13.64 35.43 -37.97
CA GLU B 41 13.49 36.01 -36.64
C GLU B 41 14.44 37.21 -36.56
N LEU B 42 13.95 38.37 -36.99
CA LEU B 42 14.71 39.61 -36.96
C LEU B 42 13.83 40.73 -36.43
N ALA B 43 14.44 41.65 -35.71
CA ALA B 43 13.70 42.78 -35.14
C ALA B 43 13.31 43.76 -36.24
N VAL B 44 12.11 44.32 -36.10
CA VAL B 44 11.60 45.34 -37.00
C VAL B 44 11.39 46.62 -36.20
N GLU B 45 11.84 47.74 -36.76
CA GLU B 45 11.69 49.02 -36.08
C GLU B 45 10.21 49.40 -36.01
N ASN B 46 9.76 49.78 -34.81
CA ASN B 46 8.36 50.12 -34.60
C ASN B 46 8.14 51.58 -35.01
N LYS B 47 7.68 51.77 -36.24
CA LYS B 47 7.38 53.11 -36.73
C LYS B 47 6.13 53.71 -36.08
N ALA B 48 5.34 52.91 -35.38
CA ALA B 48 4.14 53.41 -34.72
C ALA B 48 4.45 54.33 -33.55
N MET B 49 5.70 54.41 -33.11
CA MET B 49 6.10 55.27 -32.00
C MET B 49 6.94 56.46 -32.48
N ALA B 50 6.77 56.86 -33.74
CA ALA B 50 7.48 58.02 -34.25
C ALA B 50 7.01 59.27 -33.51
N GLY B 51 7.96 60.18 -33.24
CA GLY B 51 7.65 61.26 -32.31
C GLY B 51 7.40 60.67 -30.95
N LYS B 52 6.24 60.99 -30.38
CA LYS B 52 5.71 60.27 -29.21
C LYS B 52 6.71 60.33 -28.05
N SER B 53 6.84 61.53 -27.49
CA SER B 53 7.77 61.82 -26.41
C SER B 53 7.79 60.73 -25.35
N VAL B 54 8.95 60.53 -24.71
CA VAL B 54 9.28 59.37 -23.89
C VAL B 54 8.12 58.97 -22.95
N PHE B 55 7.37 59.96 -22.48
CA PHE B 55 6.24 59.67 -21.61
C PHE B 55 5.15 58.92 -22.38
N GLU B 56 4.78 59.42 -23.56
CA GLU B 56 3.80 58.72 -24.38
C GLU B 56 4.33 57.35 -24.81
N ARG B 57 5.61 57.30 -25.18
CA ARG B 57 6.20 56.02 -25.58
C ARG B 57 6.18 55.02 -24.42
N ALA B 58 6.55 55.46 -23.22
CA ALA B 58 6.55 54.57 -22.07
C ALA B 58 5.14 54.10 -21.73
N MET B 59 4.17 55.00 -21.78
CA MET B 59 2.78 54.62 -21.51
C MET B 59 2.29 53.61 -22.53
N ALA B 60 2.57 53.85 -23.81
CA ALA B 60 2.12 52.92 -24.85
C ALA B 60 2.79 51.56 -24.69
N ASP B 61 4.09 51.56 -24.39
CA ASP B 61 4.81 50.30 -24.19
C ASP B 61 4.24 49.53 -23.01
N PHE B 62 3.97 50.22 -21.90
CA PHE B 62 3.40 49.55 -20.73
C PHE B 62 2.01 49.00 -21.04
N ASN B 63 1.18 49.78 -21.72
CA ASN B 63 -0.19 49.34 -21.99
C ASN B 63 -0.20 48.15 -22.95
N GLY B 64 0.61 48.20 -24.02
CA GLY B 64 0.65 47.09 -24.94
C GLY B 64 1.27 45.84 -24.33
N ARG B 65 2.34 46.02 -23.54
CA ARG B 65 3.04 44.88 -22.98
C ARG B 65 2.29 44.24 -21.82
N TYR B 66 1.57 45.04 -21.03
CA TYR B 66 0.87 44.54 -19.85
C TYR B 66 -0.59 44.98 -19.90
N PRO B 67 -1.41 44.33 -20.74
CA PRO B 67 -2.85 44.55 -20.67
C PRO B 67 -3.44 43.85 -19.47
N ALA B 68 -4.71 44.18 -19.19
CA ALA B 68 -5.48 43.61 -18.09
C ALA B 68 -4.99 44.11 -16.74
N VAL B 69 -3.89 44.87 -16.73
CA VAL B 69 -3.49 45.65 -15.57
C VAL B 69 -3.43 47.10 -16.00
N ALA B 70 -3.17 47.34 -17.28
CA ALA B 70 -3.31 48.67 -17.85
C ALA B 70 -4.78 49.03 -18.05
N ALA B 71 -5.59 48.05 -18.45
CA ALA B 71 -7.02 48.29 -18.60
C ALA B 71 -7.69 48.57 -17.26
N LEU B 72 -7.10 48.13 -16.16
CA LEU B 72 -7.62 48.42 -14.83
C LEU B 72 -7.19 49.79 -14.32
N GLY B 73 -6.33 50.49 -15.05
CA GLY B 73 -5.80 51.76 -14.59
C GLY B 73 -4.57 51.67 -13.72
N LEU B 74 -4.05 50.47 -13.48
CA LEU B 74 -2.86 50.32 -12.67
C LEU B 74 -1.62 50.72 -13.43
N GLY B 75 -0.54 51.00 -12.70
CA GLY B 75 0.73 51.34 -13.29
C GLY B 75 0.85 52.80 -13.64
N PRO B 76 1.67 53.11 -14.65
CA PRO B 76 1.85 54.51 -15.05
C PRO B 76 0.61 55.07 -15.73
N SER B 77 -0.40 55.40 -14.94
CA SER B 77 -1.69 55.85 -15.45
C SER B 77 -2.15 57.08 -14.70
N ALA B 78 -3.01 57.87 -15.35
CA ALA B 78 -3.50 59.09 -14.74
C ALA B 78 -4.35 58.81 -13.50
N LYS B 79 -5.13 57.73 -13.54
CA LYS B 79 -5.91 57.34 -12.36
C LYS B 79 -4.99 57.02 -11.18
N ALA B 80 -3.97 56.20 -11.43
CA ALA B 80 -3.02 55.85 -10.38
C ALA B 80 -2.28 57.10 -9.90
N GLU B 81 -1.88 57.97 -10.82
CA GLU B 81 -1.19 59.19 -10.42
C GLU B 81 -2.07 60.07 -9.55
N ARG B 82 -3.34 60.22 -9.93
CA ARG B 82 -4.25 61.05 -9.13
C ARG B 82 -4.43 60.47 -7.73
N TRP B 83 -4.65 59.15 -7.64
CA TRP B 83 -4.85 58.53 -6.34
C TRP B 83 -3.61 58.66 -5.46
N ASN B 84 -2.43 58.41 -6.06
CA ASN B 84 -1.20 58.52 -5.29
C ASN B 84 -0.91 59.95 -4.88
N GLY B 85 -1.28 60.93 -5.70
CA GLY B 85 -1.13 62.32 -5.30
C GLY B 85 -2.03 62.67 -4.13
N ARG B 86 -3.28 62.22 -4.17
CA ARG B 86 -4.18 62.44 -3.04
C ARG B 86 -3.60 61.85 -1.76
N HIS B 87 -3.09 60.62 -1.85
CA HIS B 87 -2.54 59.98 -0.68
C HIS B 87 -1.27 60.68 -0.20
N ALA B 88 -0.46 61.20 -1.12
CA ALA B 88 0.75 61.92 -0.73
C ALA B 88 0.42 63.23 -0.02
N MET B 89 -0.60 63.96 -0.48
CA MET B 89 -1.01 65.17 0.23
C MET B 89 -1.54 64.85 1.62
N PHE B 90 -2.45 63.88 1.70
CA PHE B 90 -2.95 63.46 3.00
C PHE B 90 -1.83 63.01 3.91
N GLY B 91 -0.79 62.39 3.35
CA GLY B 91 0.30 61.93 4.16
C GLY B 91 1.26 63.02 4.58
N TRP B 92 1.40 64.07 3.79
CA TRP B 92 2.10 65.25 4.28
C TRP B 92 1.38 65.80 5.49
N ILE B 93 0.04 65.84 5.43
CA ILE B 93 -0.74 66.23 6.60
C ILE B 93 -0.46 65.30 7.78
N VAL B 94 -0.42 63.99 7.51
CA VAL B 94 -0.21 63.01 8.57
C VAL B 94 1.18 63.16 9.19
N LEU B 95 2.19 63.44 8.36
CA LEU B 95 3.54 63.64 8.88
C LEU B 95 3.61 64.89 9.75
N LEU B 96 2.93 65.96 9.34
CA LEU B 96 2.88 67.14 10.19
C LEU B 96 2.20 66.84 11.51
N ALA B 97 1.09 66.07 11.47
CA ALA B 97 0.39 65.71 12.69
C ALA B 97 1.26 64.84 13.60
N THR B 98 2.01 63.91 13.00
CA THR B 98 2.90 63.05 13.79
C THR B 98 4.00 63.84 14.45
N GLY B 99 4.60 64.79 13.72
CA GLY B 99 5.60 65.64 14.32
C GLY B 99 5.04 66.47 15.45
N TYR B 100 3.83 67.02 15.27
CA TYR B 100 3.19 67.79 16.33
C TYR B 100 2.92 66.92 17.56
N ALA B 101 2.42 65.70 17.35
CA ALA B 101 2.12 64.82 18.46
C ALA B 101 3.39 64.43 19.21
N GLN B 102 4.47 64.15 18.48
CA GLN B 102 5.73 63.82 19.15
C GLN B 102 6.26 65.01 19.93
N ALA B 103 6.13 66.22 19.38
CA ALA B 103 6.66 67.39 20.07
C ALA B 103 5.84 67.77 21.29
N HIS B 104 4.52 67.53 21.26
CA HIS B 104 3.61 68.08 22.27
C HIS B 104 3.24 67.07 23.36
N GLY B 105 4.08 66.08 23.62
CA GLY B 105 3.88 65.19 24.75
C GLY B 105 2.85 64.10 24.53
N LEU B 106 2.26 64.01 23.35
CA LEU B 106 1.35 62.93 22.98
C LEU B 106 2.19 61.71 22.62
N LEU B 107 1.61 60.76 21.89
CA LEU B 107 2.39 59.64 21.36
C LEU B 107 2.93 58.77 22.50
N PRO B 108 2.08 57.90 23.08
CA PRO B 108 2.41 57.21 24.35
C PRO B 108 3.81 56.63 24.46
N GLU B 109 4.28 56.51 25.69
CA GLU B 109 5.65 56.17 26.01
C GLU B 109 5.77 54.69 26.39
N GLY B 110 6.97 54.14 26.17
CA GLY B 110 7.26 52.78 26.57
C GLY B 110 7.19 51.78 25.44
N GLY B 111 6.90 50.52 25.77
CA GLY B 111 6.76 49.48 24.78
C GLY B 111 5.52 48.64 25.03
N MET B 112 5.18 47.84 24.03
CA MET B 112 4.01 46.97 24.15
C MET B 112 4.27 45.88 25.18
N ASP B 113 3.18 45.38 25.76
CA ASP B 113 3.27 44.34 26.78
C ASP B 113 3.28 42.97 26.10
N ALA B 114 4.43 42.29 26.17
CA ALA B 114 4.54 40.97 25.55
C ALA B 114 3.61 39.97 26.22
N LYS B 115 3.44 40.08 27.54
CA LYS B 115 2.51 39.21 28.25
C LYS B 115 1.08 39.43 27.76
N GLU B 116 0.75 40.63 27.32
CA GLU B 116 -0.60 40.94 26.85
C GLU B 116 -0.80 40.64 25.38
N TRP B 117 0.23 40.86 24.55
CA TRP B 117 0.08 40.77 23.09
C TRP B 117 0.94 39.68 22.47
N GLY B 118 1.39 38.71 23.25
CA GLY B 118 2.12 37.59 22.71
C GLY B 118 3.57 37.94 22.39
N THR B 119 4.28 36.93 21.90
CA THR B 119 5.70 37.06 21.60
C THR B 119 5.98 37.75 20.27
N TRP B 120 4.94 38.08 19.52
CA TRP B 120 5.13 38.68 18.20
C TRP B 120 5.42 40.12 18.29
N VAL B 121 5.22 40.68 19.46
CA VAL B 121 5.57 42.08 19.69
C VAL B 121 6.97 42.22 20.27
N ILE B 122 7.66 41.12 20.55
CA ILE B 122 9.02 41.17 21.07
C ILE B 122 9.98 41.41 19.92
N VAL B 123 10.84 42.40 20.07
CA VAL B 123 11.78 42.78 19.01
C VAL B 123 13.13 42.10 19.20
N SER B 124 13.67 42.13 20.42
CA SER B 124 14.95 41.50 20.70
C SER B 124 15.08 41.27 22.19
N THR B 125 16.02 40.39 22.56
CA THR B 125 16.35 40.10 23.94
C THR B 125 17.86 40.28 24.10
N THR B 126 18.28 41.42 24.66
CA THR B 126 19.71 41.74 24.69
C THR B 126 20.45 40.91 25.74
N ASN B 127 20.14 41.13 27.02
CA ASN B 127 20.59 40.22 28.08
C ASN B 127 19.53 40.13 29.18
N GLY B 128 18.57 39.23 29.01
CA GLY B 128 17.55 39.02 30.00
C GLY B 128 16.40 40.00 30.01
N GLU B 129 16.38 41.00 29.13
CA GLU B 129 15.24 41.89 28.98
C GLU B 129 14.73 41.83 27.56
N GLN B 130 13.41 41.85 27.41
CA GLN B 130 12.76 41.76 26.11
C GLN B 130 12.41 43.17 25.63
N VAL B 131 13.12 43.63 24.60
CA VAL B 131 12.77 44.89 23.96
C VAL B 131 11.59 44.63 23.02
N THR B 132 10.50 45.34 23.24
CA THR B 132 9.28 45.14 22.48
C THR B 132 9.05 46.29 21.51
N ILE B 133 8.03 46.15 20.69
CA ILE B 133 7.65 47.22 19.75
C ILE B 133 7.19 48.43 20.56
N PRO B 134 7.66 49.64 20.25
CA PRO B 134 7.23 50.82 21.00
C PRO B 134 5.72 51.01 20.90
N ALA B 135 5.12 51.44 22.02
CA ALA B 135 3.69 51.67 22.03
C ALA B 135 3.29 52.79 21.07
N ALA B 136 4.17 53.78 20.90
CA ALA B 136 3.90 54.85 19.94
C ALA B 136 3.78 54.30 18.52
N ARG B 137 4.67 53.37 18.16
CA ARG B 137 4.60 52.74 16.85
C ARG B 137 3.29 51.98 16.69
N ALA B 138 2.86 51.29 17.73
CA ALA B 138 1.60 50.55 17.67
C ALA B 138 0.42 51.50 17.47
N ALA B 139 0.40 52.62 18.19
CA ALA B 139 -0.69 53.58 18.05
C ALA B 139 -0.72 54.19 16.64
N ILE B 140 0.46 54.54 16.12
CA ILE B 140 0.51 55.11 14.77
C ILE B 140 0.08 54.07 13.74
N ALA B 141 0.44 52.81 13.97
CA ALA B 141 0.00 51.74 13.08
C ALA B 141 -1.52 51.58 13.14
N ILE B 142 -2.11 51.77 14.32
CA ILE B 142 -3.57 51.67 14.43
C ILE B 142 -4.25 52.81 13.68
N GLY B 143 -3.70 54.03 13.78
CA GLY B 143 -4.26 55.13 13.00
C GLY B 143 -4.15 54.90 11.50
N HIS B 144 -2.98 54.44 11.06
CA HIS B 144 -2.82 54.11 9.65
C HIS B 144 -3.74 52.97 9.25
N LEU B 145 -4.03 52.04 10.16
CA LEU B 145 -4.99 50.99 9.88
C LEU B 145 -6.39 51.55 9.71
N HIS B 146 -6.76 52.54 10.51
CA HIS B 146 -8.04 53.21 10.32
C HIS B 146 -8.15 53.78 8.92
N PHE B 147 -7.13 54.55 8.51
CA PHE B 147 -7.17 55.17 7.19
C PHE B 147 -7.15 54.14 6.06
N GLY B 148 -6.32 53.11 6.20
CA GLY B 148 -6.26 52.07 5.18
C GLY B 148 -7.55 51.27 5.10
N ALA B 149 -8.21 51.05 6.23
CA ALA B 149 -9.51 50.41 6.21
C ALA B 149 -10.52 51.26 5.47
N VAL B 150 -10.51 52.58 5.72
CA VAL B 150 -11.39 53.46 4.96
C VAL B 150 -11.14 53.30 3.47
N GLY B 151 -9.87 53.24 3.09
CA GLY B 151 -9.53 53.04 1.69
C GLY B 151 -10.03 51.72 1.14
N VAL B 152 -9.91 50.65 1.92
CA VAL B 152 -10.34 49.33 1.47
C VAL B 152 -11.86 49.29 1.30
N PHE B 153 -12.59 49.93 2.22
CA PHE B 153 -14.04 50.04 2.07
C PHE B 153 -14.39 50.78 0.79
N ALA B 154 -13.74 51.93 0.55
CA ALA B 154 -14.00 52.67 -0.68
C ALA B 154 -13.65 51.86 -1.92
N ALA B 155 -12.63 50.99 -1.82
CA ALA B 155 -12.28 50.13 -2.93
C ALA B 155 -13.37 49.11 -3.20
N TYR B 156 -13.84 48.42 -2.16
CA TYR B 156 -14.99 47.53 -2.33
C TYR B 156 -16.29 48.24 -2.05
N SER B 157 -16.42 49.46 -2.57
CA SER B 157 -17.67 50.22 -2.58
C SER B 157 -17.82 50.99 -3.89
N LYS B 158 -17.32 50.42 -4.99
CA LYS B 158 -17.18 51.12 -6.26
C LYS B 158 -18.48 51.76 -6.74
N ASN B 159 -19.63 51.12 -6.50
CA ASN B 159 -20.88 51.61 -7.03
C ASN B 159 -21.47 52.77 -6.23
N SER B 160 -20.87 53.11 -5.08
CA SER B 160 -21.39 54.17 -4.24
C SER B 160 -20.41 55.31 -3.99
N VAL B 161 -19.23 55.27 -4.59
CA VAL B 161 -18.23 56.31 -4.42
C VAL B 161 -18.20 57.20 -5.65
N LYS B 162 -17.83 58.46 -5.46
CA LYS B 162 -17.76 59.40 -6.57
C LYS B 162 -16.65 59.04 -7.54
N ASP B 163 -15.45 58.80 -7.01
CA ASP B 163 -14.29 58.42 -7.81
C ASP B 163 -13.88 57.00 -7.44
N ARG B 164 -13.89 56.12 -8.42
CA ARG B 164 -13.51 54.73 -8.19
C ARG B 164 -11.99 54.60 -8.09
N LEU B 165 -11.54 53.47 -7.56
CA LEU B 165 -10.11 53.22 -7.47
C LEU B 165 -9.55 52.74 -8.81
N LEU B 166 -10.23 51.79 -9.44
CA LEU B 166 -9.77 51.21 -10.70
C LEU B 166 -10.68 51.64 -11.84
N LEU B 167 -10.23 51.35 -13.06
CA LEU B 167 -10.97 51.70 -14.27
C LEU B 167 -11.95 50.61 -14.61
N GLU B 168 -13.18 51.01 -14.94
CA GLU B 168 -14.16 50.05 -15.43
C GLU B 168 -13.76 49.54 -16.81
N PRO B 169 -14.14 48.32 -17.16
CA PRO B 169 -13.94 47.86 -18.54
C PRO B 169 -14.66 48.78 -19.52
N GLY B 170 -13.89 49.49 -20.33
CA GLY B 170 -14.48 50.40 -21.27
C GLY B 170 -14.01 51.78 -20.93
N GLU B 171 -14.05 52.12 -19.66
CA GLU B 171 -13.57 53.40 -19.22
C GLU B 171 -12.19 53.57 -19.77
N LYS B 172 -11.81 54.80 -20.05
CA LYS B 172 -10.52 55.05 -20.61
C LYS B 172 -9.81 55.98 -19.69
N ASP B 173 -8.52 55.82 -19.57
CA ASP B 173 -7.80 56.61 -18.61
C ASP B 173 -7.81 58.06 -18.96
N GLU B 174 -8.12 58.89 -18.01
CA GLU B 174 -8.05 60.32 -18.21
C GLU B 174 -6.78 60.64 -18.93
N ALA B 175 -6.76 61.72 -19.67
CA ALA B 175 -5.61 62.01 -20.46
C ALA B 175 -4.52 62.64 -19.66
N PRO B 176 -3.32 62.14 -19.84
CA PRO B 176 -2.19 62.64 -19.07
C PRO B 176 -2.16 64.13 -19.09
N ALA B 177 -1.73 64.76 -18.01
CA ALA B 177 -1.76 66.19 -17.92
C ALA B 177 -0.60 66.80 -18.61
N GLY B 178 0.46 66.06 -18.68
CA GLY B 178 1.62 66.55 -19.39
C GLY B 178 2.68 67.06 -18.43
N LEU B 179 3.66 67.78 -18.98
CA LEU B 179 4.72 68.36 -18.16
C LEU B 179 4.14 69.36 -17.16
N PHE B 180 3.30 70.27 -17.64
CA PHE B 180 2.64 71.25 -16.77
C PHE B 180 1.14 71.15 -16.95
N PRO B 181 0.39 70.74 -15.94
CA PRO B 181 -1.07 70.75 -16.05
C PRO B 181 -1.59 72.18 -16.16
N ALA B 182 -2.81 72.29 -16.69
CA ALA B 182 -3.41 73.60 -16.90
C ALA B 182 -3.52 74.38 -15.59
N LEU B 183 -3.22 75.67 -15.66
CA LEU B 183 -3.24 76.53 -14.47
C LEU B 183 -4.68 76.99 -14.23
N ARG B 184 -5.44 76.12 -13.57
CA ARG B 184 -6.85 76.39 -13.27
C ARG B 184 -7.05 76.39 -11.76
N PRO B 185 -7.02 77.55 -11.11
CA PRO B 185 -7.12 77.60 -9.65
C PRO B 185 -8.49 77.15 -9.15
N GLY B 186 -8.51 76.71 -7.91
CA GLY B 186 -9.72 76.31 -7.23
C GLY B 186 -9.76 74.81 -6.97
N LEU B 187 -10.99 74.30 -6.84
CA LEU B 187 -11.21 72.87 -6.66
C LEU B 187 -11.43 72.19 -8.02
N THR B 188 -10.38 72.23 -8.83
CA THR B 188 -10.41 71.70 -10.18
C THR B 188 -9.54 70.45 -10.28
N LYS B 189 -9.80 69.66 -11.33
CA LYS B 189 -8.99 68.46 -11.56
C LYS B 189 -7.53 68.82 -11.76
N GLU B 190 -7.26 69.90 -12.48
CA GLU B 190 -5.89 70.33 -12.71
C GLU B 190 -5.22 70.76 -11.43
N ALA B 191 -5.95 71.45 -10.55
CA ALA B 191 -5.38 71.90 -9.28
C ALA B 191 -4.99 70.71 -8.41
N GLU B 192 -5.92 69.76 -8.25
CA GLU B 192 -5.62 68.56 -7.46
C GLU B 192 -4.48 67.77 -8.08
N MET B 193 -4.47 67.68 -9.41
CA MET B 193 -3.38 66.99 -10.12
C MET B 193 -2.04 67.62 -9.81
N LEU B 194 -1.94 68.94 -9.95
CA LEU B 194 -0.69 69.65 -9.71
C LEU B 194 -0.25 69.50 -8.26
N ASN B 195 -1.19 69.62 -7.32
CA ASN B 195 -0.84 69.54 -5.92
C ASN B 195 -0.41 68.12 -5.54
N GLY B 196 -1.04 67.10 -6.13
CA GLY B 196 -0.61 65.74 -5.88
C GLY B 196 0.78 65.46 -6.42
N ARG B 197 1.08 65.97 -7.61
CA ARG B 197 2.44 65.83 -8.15
C ARG B 197 3.44 66.53 -7.24
N VAL B 198 3.10 67.73 -6.78
CA VAL B 198 4.00 68.50 -5.91
C VAL B 198 4.23 67.75 -4.60
N ALA B 199 3.17 67.19 -4.01
CA ALA B 199 3.30 66.47 -2.75
C ALA B 199 4.13 65.20 -2.91
N MET B 200 3.93 64.47 -4.00
CA MET B 200 4.72 63.26 -4.23
C MET B 200 6.20 63.61 -4.44
N LEU B 201 6.47 64.69 -5.20
CA LEU B 201 7.85 65.13 -5.36
C LEU B 201 8.44 65.56 -4.02
N GLY B 202 7.63 66.20 -3.18
CA GLY B 202 8.11 66.61 -1.87
C GLY B 202 8.47 65.41 -1.00
N LEU B 203 7.65 64.35 -1.05
CA LEU B 203 7.98 63.14 -0.32
C LEU B 203 9.26 62.50 -0.85
N VAL B 204 9.42 62.48 -2.18
CA VAL B 204 10.65 61.94 -2.76
C VAL B 204 11.86 62.73 -2.28
N ALA B 205 11.75 64.06 -2.31
CA ALA B 205 12.86 64.91 -1.86
C ALA B 205 13.14 64.73 -0.38
N LEU B 206 12.09 64.57 0.43
CA LEU B 206 12.27 64.37 1.86
C LEU B 206 13.01 63.07 2.14
N VAL B 207 12.61 61.99 1.48
CA VAL B 207 13.30 60.71 1.66
C VAL B 207 14.75 60.81 1.17
N ALA B 208 14.96 61.48 0.04
CA ALA B 208 16.32 61.62 -0.49
C ALA B 208 17.20 62.41 0.48
N VAL B 209 16.68 63.50 1.04
CA VAL B 209 17.46 64.29 1.99
C VAL B 209 17.76 63.49 3.24
N SER B 210 16.77 62.75 3.75
CA SER B 210 17.00 61.95 4.95
C SER B 210 18.04 60.87 4.70
N ALA B 211 18.00 60.22 3.54
CA ALA B 211 18.96 59.17 3.25
C ALA B 211 20.36 59.74 3.02
N ALA B 212 20.46 60.85 2.30
CA ALA B 212 21.77 61.41 1.97
C ALA B 212 22.45 61.99 3.20
N THR B 213 21.71 62.77 4.00
CA THR B 213 22.31 63.45 5.14
C THR B 213 22.39 62.52 6.36
N GLY B 214 21.33 61.76 6.63
CA GLY B 214 21.37 60.77 7.68
C GLY B 214 20.51 61.06 8.90
N GLN B 215 19.66 62.07 8.87
CA GLN B 215 18.81 62.37 10.02
C GLN B 215 17.46 61.68 9.88
N ASP B 216 16.66 61.78 10.94
CA ASP B 216 15.32 61.23 10.91
C ASP B 216 14.42 62.04 9.97
N ILE B 217 13.36 61.39 9.49
CA ILE B 217 12.41 62.05 8.60
C ILE B 217 11.81 63.27 9.30
N LEU B 218 11.38 63.09 10.55
CA LEU B 218 10.84 64.22 11.30
C LEU B 218 11.89 65.28 11.57
N SER B 219 13.16 64.89 11.74
CA SER B 219 14.22 65.87 11.86
C SER B 219 14.36 66.68 10.59
N VAL B 220 14.26 66.04 9.42
CA VAL B 220 14.34 66.77 8.17
C VAL B 220 13.16 67.72 8.01
N ILE B 221 11.96 67.27 8.39
CA ILE B 221 10.79 68.16 8.31
C ILE B 221 10.96 69.33 9.26
N ASP B 222 11.51 69.08 10.46
CA ASP B 222 11.74 70.15 11.42
C ASP B 222 12.74 71.17 10.87
N GLN B 223 13.82 70.68 10.24
CA GLN B 223 14.78 71.59 9.62
C GLN B 223 14.15 72.38 8.49
N GLY B 224 13.31 71.73 7.69
CA GLY B 224 12.63 72.37 6.59
C GLY B 224 11.46 73.22 6.98
N LEU B 225 11.10 73.26 8.26
CA LEU B 225 10.13 74.21 8.77
C LEU B 225 10.76 75.23 9.72
N GLY B 226 12.08 75.29 9.78
CA GLY B 226 12.78 76.25 10.61
C GLY B 226 12.91 75.83 12.06
N GLY B 227 11.95 75.07 12.56
CA GLY B 227 11.92 74.67 13.94
C GLY B 227 10.54 74.79 14.54
N LEU B 228 9.57 75.18 13.72
CA LEU B 228 8.21 75.44 14.18
C LEU B 228 7.39 74.17 14.36
N LEU B 229 7.93 73.00 14.02
CA LEU B 229 7.22 71.74 14.20
C LEU B 229 7.60 71.05 15.49
N LEU B 230 8.89 70.78 15.68
CA LEU B 230 9.38 70.13 16.90
C LEU B 230 9.84 71.17 17.91
N LYS B 231 8.90 72.03 18.29
CA LYS B 231 9.18 73.11 19.23
C LYS B 231 8.37 72.94 20.51
N ALA C 36 43.06 40.07 -47.89
CA ALA C 36 42.68 40.55 -49.18
C ALA C 36 41.66 41.66 -49.08
N GLN C 37 40.52 41.37 -48.53
CA GLN C 37 39.49 42.36 -48.50
C GLN C 37 39.52 43.16 -47.22
N SER C 38 40.31 42.74 -46.24
CA SER C 38 40.44 43.54 -45.02
C SER C 38 41.50 44.61 -45.24
N LYS C 39 41.26 45.81 -44.74
CA LYS C 39 42.16 46.88 -44.98
C LYS C 39 43.05 46.91 -43.81
N ALA C 40 42.58 46.40 -42.69
CA ALA C 40 43.34 46.42 -41.48
C ALA C 40 44.27 45.27 -41.42
N LEU C 41 43.85 44.16 -41.97
CA LEU C 41 44.68 43.00 -42.01
C LEU C 41 44.66 42.65 -43.47
N PRO C 42 45.50 43.28 -44.27
CA PRO C 42 45.49 43.18 -45.74
C PRO C 42 45.60 41.76 -46.26
N PHE C 43 45.84 40.81 -45.39
CA PHE C 43 46.03 39.45 -45.84
C PHE C 43 44.84 38.57 -45.66
N LEU C 44 43.96 38.88 -44.74
CA LEU C 44 42.82 38.05 -44.46
C LEU C 44 41.70 38.46 -45.35
N LYS C 45 40.66 37.70 -45.49
CA LYS C 45 39.55 38.15 -46.25
C LYS C 45 38.58 38.48 -45.18
N ALA C 46 37.82 39.54 -45.35
CA ALA C 46 36.95 39.90 -44.28
C ALA C 46 35.80 38.98 -44.25
N PRO C 47 35.04 39.03 -43.19
CA PRO C 47 33.82 38.23 -43.13
C PRO C 47 32.72 38.83 -44.00
N ALA C 48 31.65 38.04 -44.18
CA ALA C 48 30.62 38.40 -45.14
C ALA C 48 29.92 39.70 -44.75
N LYS C 49 29.65 39.90 -43.47
CA LYS C 49 28.87 41.05 -43.04
C LYS C 49 29.66 42.36 -43.04
N LEU C 50 30.98 42.31 -43.20
CA LEU C 50 31.80 43.51 -43.27
C LEU C 50 31.93 43.91 -44.73
N ASP C 51 31.13 44.89 -45.15
CA ASP C 51 31.19 45.38 -46.52
C ASP C 51 30.60 46.77 -46.60
N GLY C 52 31.21 47.61 -47.45
CA GLY C 52 30.56 48.84 -47.87
C GLY C 52 30.14 49.78 -46.76
N SER C 53 28.85 49.80 -46.48
CA SER C 53 28.22 50.76 -45.58
C SER C 53 28.68 50.52 -44.15
N LEU C 54 28.09 51.25 -43.21
CA LEU C 54 28.47 51.23 -41.80
C LEU C 54 29.93 51.69 -41.65
N ALA C 55 30.11 52.99 -41.89
CA ALA C 55 31.40 53.66 -41.92
C ALA C 55 32.32 53.25 -40.78
N GLY C 56 33.63 53.30 -41.03
CA GLY C 56 34.59 52.67 -40.15
C GLY C 56 34.82 51.21 -40.44
N ASP C 57 34.21 50.67 -41.48
CA ASP C 57 34.34 49.27 -41.87
C ASP C 57 35.69 49.09 -42.56
N PHE C 58 36.68 48.60 -41.82
CA PHE C 58 38.00 48.32 -42.36
C PHE C 58 38.28 46.82 -42.45
N GLY C 59 37.23 46.01 -42.44
CA GLY C 59 37.41 44.57 -42.55
C GLY C 59 38.06 43.92 -41.34
N PHE C 60 38.01 44.58 -40.18
CA PHE C 60 38.71 44.08 -38.99
C PHE C 60 37.74 43.23 -38.17
N ASP C 61 37.71 41.94 -38.48
CA ASP C 61 37.00 40.95 -37.65
C ASP C 61 37.68 39.60 -37.84
N PRO C 62 38.93 39.47 -37.39
CA PRO C 62 39.64 38.20 -37.59
C PRO C 62 38.96 37.02 -36.93
N MET C 63 38.38 37.21 -35.75
CA MET C 63 37.74 36.11 -35.04
C MET C 63 36.36 35.75 -35.59
N GLY C 64 35.85 36.53 -36.54
CA GLY C 64 34.54 36.25 -37.11
C GLY C 64 33.39 36.39 -36.15
N ILE C 65 33.46 37.39 -35.26
CA ILE C 65 32.37 37.63 -34.33
C ILE C 65 31.12 38.07 -35.06
N SER C 66 31.28 38.82 -36.15
CA SER C 66 30.13 39.28 -36.93
C SER C 66 29.33 38.13 -37.54
N ASP C 67 29.94 36.94 -37.64
CA ASP C 67 29.24 35.80 -38.22
C ASP C 67 28.12 35.29 -37.33
N GLN C 68 28.15 35.58 -36.04
CA GLN C 68 27.13 35.09 -35.12
C GLN C 68 25.98 36.09 -34.94
N VAL C 69 26.30 37.38 -34.92
CA VAL C 69 25.26 38.39 -34.76
C VAL C 69 24.39 38.42 -36.02
N ALA C 70 23.08 38.59 -35.80
CA ALA C 70 22.15 38.62 -36.94
C ALA C 70 22.45 39.80 -37.86
N ASN C 71 22.72 40.96 -37.29
CA ASN C 71 23.06 42.16 -38.03
C ASN C 71 24.22 42.85 -37.32
N LEU C 72 24.68 43.96 -37.89
CA LEU C 72 25.72 44.75 -37.26
C LEU C 72 25.15 45.96 -36.51
N LYS C 73 23.83 46.06 -36.41
CA LYS C 73 23.23 47.22 -35.77
C LYS C 73 23.55 47.27 -34.28
N TYR C 74 23.33 46.18 -33.56
CA TYR C 74 23.54 46.20 -32.11
C TYR C 74 25.02 46.33 -31.76
N VAL C 75 25.88 45.61 -32.47
CA VAL C 75 27.31 45.69 -32.16
C VAL C 75 27.85 47.07 -32.49
N ARG C 76 27.35 47.70 -33.55
CA ARG C 76 27.76 49.08 -33.83
C ARG C 76 27.24 50.03 -32.77
N ALA C 77 26.01 49.81 -32.28
CA ALA C 77 25.50 50.64 -31.20
C ALA C 77 26.37 50.51 -29.95
N ALA C 78 26.75 49.28 -29.61
CA ALA C 78 27.61 49.06 -28.44
C ALA C 78 28.98 49.68 -28.65
N GLU C 79 29.56 49.53 -29.84
CA GLU C 79 30.86 50.12 -30.12
C GLU C 79 30.81 51.63 -30.02
N LEU C 80 29.77 52.25 -30.55
CA LEU C 80 29.67 53.70 -30.50
C LEU C 80 29.40 54.20 -29.08
N LYS C 81 28.60 53.47 -28.31
CA LYS C 81 28.41 53.84 -26.90
C LYS C 81 29.73 53.76 -26.15
N HIS C 82 30.51 52.71 -26.39
CA HIS C 82 31.82 52.60 -25.77
C HIS C 82 32.74 53.72 -26.22
N CYS C 83 32.69 54.08 -27.51
CA CYS C 83 33.52 55.15 -28.03
C CYS C 83 33.21 56.47 -27.34
N ARG C 84 31.92 56.79 -27.22
CA ARG C 84 31.51 58.05 -26.60
C ARG C 84 31.87 58.07 -25.12
N VAL C 85 31.58 56.97 -24.41
CA VAL C 85 31.91 56.92 -22.99
C VAL C 85 33.41 57.01 -22.77
N ALA C 86 34.19 56.42 -23.66
CA ALA C 86 35.65 56.47 -23.51
C ALA C 86 36.19 57.84 -23.84
N MET C 87 35.62 58.54 -24.83
CA MET C 87 36.02 59.91 -25.09
C MET C 87 35.76 60.79 -23.86
N LEU C 88 34.57 60.67 -23.30
CA LEU C 88 34.23 61.44 -22.11
C LEU C 88 35.12 61.06 -20.94
N GLY C 89 35.45 59.77 -20.82
CA GLY C 89 36.30 59.33 -19.74
C GLY C 89 37.72 59.86 -19.86
N PHE C 90 38.29 59.86 -21.07
CA PHE C 90 39.62 60.43 -21.25
C PHE C 90 39.63 61.92 -20.97
N LEU C 91 38.61 62.64 -21.47
CA LEU C 91 38.54 64.08 -21.21
C LEU C 91 38.43 64.34 -19.71
N GLY C 92 37.58 63.57 -19.01
CA GLY C 92 37.46 63.73 -17.58
C GLY C 92 38.73 63.39 -16.84
N TRP C 93 39.43 62.34 -17.29
CA TRP C 93 40.70 61.98 -16.68
C TRP C 93 41.67 63.15 -16.73
N VAL C 94 41.86 63.73 -17.91
CA VAL C 94 42.82 64.83 -18.05
C VAL C 94 42.36 66.05 -17.24
N VAL C 95 41.08 66.40 -17.35
CA VAL C 95 40.60 67.60 -16.68
C VAL C 95 40.70 67.46 -15.16
N GLN C 96 40.30 66.31 -14.63
CA GLN C 96 40.46 66.04 -13.20
C GLN C 96 41.92 66.06 -12.80
N GLN C 97 42.81 65.65 -13.71
CA GLN C 97 44.24 65.80 -13.44
C GLN C 97 44.60 67.26 -13.24
N TYR C 98 44.04 68.15 -14.05
CA TYR C 98 44.43 69.55 -14.01
C TYR C 98 43.43 70.48 -13.34
N VAL C 99 42.13 70.24 -13.48
CA VAL C 99 41.10 71.16 -12.99
C VAL C 99 40.20 70.42 -12.00
N HIS C 100 39.79 71.12 -10.94
CA HIS C 100 38.92 70.56 -9.93
C HIS C 100 37.82 71.56 -9.58
N LEU C 101 36.71 71.03 -9.07
CA LEU C 101 35.62 71.86 -8.60
C LEU C 101 36.03 72.59 -7.32
N PRO C 102 35.37 73.70 -7.01
CA PRO C 102 35.77 74.48 -5.81
C PRO C 102 35.70 73.70 -4.51
N GLY C 103 34.80 72.73 -4.41
CA GLY C 103 34.63 72.01 -3.15
C GLY C 103 35.83 71.14 -2.82
N GLU C 104 35.90 70.75 -1.54
CA GLU C 104 36.99 69.91 -1.07
C GLU C 104 36.81 68.46 -1.50
N ILE C 105 35.57 67.97 -1.55
CA ILE C 105 35.33 66.57 -1.87
C ILE C 105 35.81 66.23 -3.28
N TYR C 106 35.93 67.24 -4.15
CA TYR C 106 36.42 67.04 -5.51
C TYR C 106 37.90 67.42 -5.65
N ALA C 107 38.66 67.41 -4.56
CA ALA C 107 40.05 67.83 -4.59
C ALA C 107 41.01 66.67 -4.91
N GLU C 108 40.51 65.45 -5.03
CA GLU C 108 41.39 64.32 -5.31
C GLU C 108 41.86 64.38 -6.76
N SER C 109 43.17 64.26 -6.96
CA SER C 109 43.73 64.31 -8.31
C SER C 109 43.67 62.96 -8.99
N ASN C 110 43.93 61.88 -8.26
CA ASN C 110 43.90 60.55 -8.84
C ASN C 110 42.46 60.15 -9.12
N PRO C 111 42.09 59.90 -10.39
CA PRO C 111 40.69 59.54 -10.69
C PRO C 111 40.22 58.28 -9.98
N LEU C 112 41.08 57.27 -9.88
CA LEU C 112 40.69 56.04 -9.20
C LEU C 112 40.55 56.25 -7.70
N LYS C 113 41.37 57.14 -7.12
CA LYS C 113 41.20 57.48 -5.71
C LYS C 113 39.98 58.37 -5.52
N ALA C 114 39.71 59.26 -6.49
CA ALA C 114 38.49 60.07 -6.44
C ALA C 114 37.24 59.22 -6.57
N LEU C 115 37.35 58.03 -7.16
CA LEU C 115 36.21 57.12 -7.23
C LEU C 115 35.70 56.76 -5.83
N THR C 116 36.60 56.71 -4.85
CA THR C 116 36.23 56.40 -3.47
C THR C 116 36.14 57.63 -2.59
N SER C 117 36.90 58.69 -2.88
CA SER C 117 36.86 59.90 -2.06
C SER C 117 35.57 60.67 -2.28
N VAL C 118 35.08 60.70 -3.52
CA VAL C 118 33.86 61.45 -3.83
C VAL C 118 32.69 60.84 -3.08
N PRO C 119 31.80 61.63 -2.48
CA PRO C 119 30.68 61.05 -1.74
C PRO C 119 29.77 60.23 -2.64
N LEU C 120 29.13 59.23 -2.04
CA LEU C 120 28.25 58.35 -2.79
C LEU C 120 27.05 59.09 -3.37
N LEU C 121 26.71 60.26 -2.82
CA LEU C 121 25.57 61.01 -3.34
C LEU C 121 25.81 61.47 -4.78
N SER C 122 27.01 62.00 -5.05
CA SER C 122 27.32 62.45 -6.40
C SER C 122 27.31 61.28 -7.39
N GLN C 123 27.91 60.17 -7.00
CA GLN C 123 27.99 59.02 -7.90
C GLN C 123 26.61 58.41 -8.14
N ILE C 124 25.77 58.34 -7.11
CA ILE C 124 24.43 57.80 -7.32
C ILE C 124 23.60 58.74 -8.19
N GLN C 125 23.80 60.06 -8.05
CA GLN C 125 23.11 60.98 -8.94
C GLN C 125 23.54 60.79 -10.39
N ILE C 126 24.84 60.64 -10.61
CA ILE C 126 25.34 60.39 -11.97
C ILE C 126 24.77 59.09 -12.51
N PHE C 127 24.75 58.04 -11.69
CA PHE C 127 24.24 56.75 -12.13
C PHE C 127 22.75 56.82 -12.45
N LEU C 128 21.98 57.54 -11.64
CA LEU C 128 20.56 57.69 -11.90
C LEU C 128 20.30 58.47 -13.18
N PHE C 129 21.08 59.52 -13.42
CA PHE C 129 20.97 60.26 -14.68
C PHE C 129 21.27 59.36 -15.86
N ILE C 130 22.33 58.57 -15.77
CA ILE C 130 22.70 57.67 -16.86
C ILE C 130 21.61 56.63 -17.07
N GLY C 131 21.05 56.08 -15.99
CA GLY C 131 20.00 55.09 -16.13
C GLY C 131 18.72 55.65 -16.73
N ALA C 132 18.39 56.90 -16.37
CA ALA C 132 17.25 57.56 -17.00
C ALA C 132 17.47 57.73 -18.48
N ILE C 133 18.67 58.13 -18.89
CA ILE C 133 18.98 58.18 -20.32
C ILE C 133 18.97 56.78 -20.92
N GLU C 134 19.31 55.76 -20.14
CA GLU C 134 19.54 54.43 -20.67
C GLU C 134 18.28 53.62 -20.85
N LEU C 135 17.21 53.88 -20.08
CA LEU C 135 16.03 53.04 -20.18
C LEU C 135 15.25 53.28 -21.48
N ALA C 136 15.06 54.55 -21.85
CA ALA C 136 14.42 54.84 -23.13
C ALA C 136 15.22 54.29 -24.29
N THR C 137 16.55 54.50 -24.26
CA THR C 137 17.40 53.92 -25.28
C THR C 137 17.45 52.41 -25.20
N LEU C 138 17.13 51.82 -24.05
CA LEU C 138 17.02 50.38 -23.94
C LEU C 138 15.82 49.89 -24.74
N ASP C 139 14.69 50.57 -24.60
CA ASP C 139 13.56 50.28 -25.49
C ASP C 139 13.95 50.49 -26.95
N GLN C 140 14.77 51.49 -27.23
CA GLN C 140 15.09 51.88 -28.60
C GLN C 140 16.05 50.91 -29.29
N THR C 141 17.10 50.47 -28.60
CA THR C 141 18.26 49.87 -29.28
C THR C 141 17.94 48.51 -29.88
N TYR C 142 17.22 47.66 -29.15
CA TYR C 142 17.08 46.26 -29.56
C TYR C 142 16.20 46.08 -30.79
N THR C 143 15.53 47.13 -31.27
CA THR C 143 14.59 47.01 -32.38
C THR C 143 14.89 47.92 -33.55
N ALA C 144 15.58 49.04 -33.34
CA ALA C 144 15.69 50.05 -34.39
C ALA C 144 16.76 49.68 -35.41
N ASP C 145 16.67 50.34 -36.58
CA ASP C 145 17.63 50.14 -37.65
C ASP C 145 18.95 50.85 -37.39
N LYS C 146 18.93 51.96 -36.65
CA LYS C 146 20.14 52.70 -36.28
C LYS C 146 20.09 52.96 -34.79
N PRO C 147 20.38 51.93 -33.98
CA PRO C 147 20.27 52.10 -32.51
C PRO C 147 21.21 53.15 -31.95
N TRP C 148 22.32 53.44 -32.63
CA TRP C 148 23.24 54.45 -32.16
C TRP C 148 22.74 55.87 -32.42
N ASP C 149 21.77 56.03 -33.31
CA ASP C 149 21.21 57.34 -33.62
C ASP C 149 20.20 57.70 -32.53
N LEU C 150 20.66 58.41 -31.51
CA LEU C 150 19.82 58.82 -30.41
C LEU C 150 19.14 60.15 -30.66
N GLY C 151 19.29 60.74 -31.84
CA GLY C 151 18.71 62.03 -32.11
C GLY C 151 19.37 63.17 -31.36
N PHE C 152 20.62 63.00 -30.95
CA PHE C 152 21.33 64.01 -30.18
C PHE C 152 22.12 64.88 -31.15
N ASP C 153 21.64 66.10 -31.39
CA ASP C 153 22.33 67.08 -32.20
C ASP C 153 21.85 68.48 -31.83
N PRO C 154 22.06 68.92 -30.59
CA PRO C 154 21.53 70.24 -30.19
C PRO C 154 22.06 71.40 -31.00
N LEU C 155 23.32 71.34 -31.43
CA LEU C 155 23.92 72.42 -32.20
C LEU C 155 23.70 72.28 -33.70
N ASN C 156 23.04 71.20 -34.14
CA ASN C 156 22.72 70.98 -35.56
C ASN C 156 23.98 70.99 -36.42
N PHE C 157 24.99 70.25 -35.97
CA PHE C 157 26.21 70.10 -36.75
C PHE C 157 26.01 69.22 -37.98
N SER C 158 24.89 68.50 -38.08
CA SER C 158 24.61 67.62 -39.20
C SER C 158 23.54 68.15 -40.13
N LYS C 159 22.85 69.24 -39.77
CA LYS C 159 21.84 69.82 -40.65
C LYS C 159 22.52 70.51 -41.81
N GLY C 160 22.21 70.09 -43.03
CA GLY C 160 22.81 70.64 -44.22
C GLY C 160 24.03 69.89 -44.74
N LYS C 161 24.60 68.99 -43.94
CA LYS C 161 25.75 68.23 -44.39
C LYS C 161 25.33 67.18 -45.40
N SER C 162 26.17 66.96 -46.41
CA SER C 162 25.89 65.97 -47.43
C SER C 162 26.20 64.56 -46.90
N GLU C 163 25.85 63.56 -47.70
CA GLU C 163 26.03 62.17 -47.29
C GLU C 163 27.50 61.85 -47.10
N GLN C 164 28.36 62.31 -48.03
CA GLN C 164 29.79 62.06 -47.89
C GLN C 164 30.34 62.74 -46.63
N GLN C 165 29.93 63.97 -46.37
CA GLN C 165 30.37 64.66 -45.17
C GLN C 165 29.87 63.98 -43.90
N MET C 166 28.62 63.49 -43.92
CA MET C 166 28.10 62.76 -42.76
C MET C 166 28.88 61.48 -42.52
N LYS C 167 29.19 60.74 -43.59
CA LYS C 167 29.98 59.52 -43.44
C LYS C 167 31.38 59.83 -42.92
N ASP C 168 31.98 60.93 -43.40
CA ASP C 168 33.28 61.35 -42.90
C ASP C 168 33.22 61.68 -41.41
N LEU C 169 32.15 62.35 -40.97
CA LEU C 169 31.99 62.64 -39.56
C LEU C 169 31.85 61.36 -38.74
N GLU C 170 31.10 60.39 -39.25
CA GLU C 170 30.96 59.11 -38.56
C GLU C 170 32.31 58.40 -38.45
N VAL C 171 33.10 58.44 -39.52
CA VAL C 171 34.43 57.83 -39.49
C VAL C 171 35.31 58.52 -38.45
N LYS C 172 35.26 59.86 -38.42
CA LYS C 172 36.03 60.60 -37.42
C LYS C 172 35.64 60.19 -36.00
N GLU C 173 34.33 60.11 -35.76
CA GLU C 173 33.86 59.72 -34.43
C GLU C 173 34.35 58.33 -34.06
N LEU C 174 34.24 57.37 -34.98
CA LEU C 174 34.64 56.00 -34.67
C LEU C 174 36.14 55.90 -34.41
N LYS C 175 36.94 56.57 -35.23
CA LYS C 175 38.38 56.56 -35.05
C LYS C 175 38.71 57.10 -33.68
N ASN C 176 38.27 58.33 -33.42
CA ASN C 176 38.59 58.97 -32.14
C ASN C 176 38.12 58.11 -30.98
N GLY C 177 36.96 57.47 -31.11
CA GLY C 177 36.47 56.64 -30.02
C GLY C 177 37.32 55.41 -29.78
N ARG C 178 37.75 54.74 -30.85
CA ARG C 178 38.62 53.58 -30.68
C ARG C 178 39.94 53.97 -30.03
N VAL C 179 40.53 55.08 -30.48
CA VAL C 179 41.77 55.54 -29.88
C VAL C 179 41.57 55.88 -28.41
N ALA C 180 40.43 56.51 -28.08
CA ALA C 180 40.16 56.86 -26.68
C ALA C 180 39.98 55.61 -25.82
N MET C 181 39.21 54.63 -26.33
CA MET C 181 39.06 53.37 -25.61
C MET C 181 40.41 52.77 -25.26
N ILE C 182 41.29 52.66 -26.26
CA ILE C 182 42.63 52.16 -25.99
C ILE C 182 43.31 53.04 -24.93
N ALA C 183 43.17 54.36 -25.08
CA ALA C 183 43.83 55.28 -24.17
C ALA C 183 43.25 55.23 -22.76
N ILE C 184 41.92 55.15 -22.63
CA ILE C 184 41.34 55.14 -21.30
C ILE C 184 41.67 53.83 -20.58
N MET C 185 41.69 52.72 -21.32
CA MET C 185 42.12 51.46 -20.71
C MET C 185 43.58 51.54 -20.29
N GLY C 186 44.43 52.16 -21.12
CA GLY C 186 45.82 52.33 -20.73
C GLY C 186 45.99 53.19 -19.50
N LEU C 187 45.22 54.27 -19.40
CA LEU C 187 45.28 55.12 -18.23
C LEU C 187 44.84 54.37 -16.97
N ILE C 188 43.76 53.62 -17.06
CA ILE C 188 43.31 52.82 -15.91
C ILE C 188 44.37 51.82 -15.51
N ALA C 189 44.96 51.12 -16.49
CA ALA C 189 45.97 50.13 -16.18
C ALA C 189 47.21 50.75 -15.54
N GLN C 190 47.67 51.89 -16.07
CA GLN C 190 48.87 52.52 -15.52
C GLN C 190 48.61 53.13 -14.15
N THR C 191 47.38 53.55 -13.87
CA THR C 191 47.06 54.03 -12.52
C THR C 191 46.96 52.88 -11.54
N LEU C 192 46.43 51.73 -11.98
CA LEU C 192 46.34 50.57 -11.11
C LEU C 192 47.69 49.89 -10.91
N TYR C 193 48.65 50.09 -11.81
CA TYR C 193 49.92 49.39 -11.77
C TYR C 193 51.06 50.24 -11.23
N THR C 194 50.99 51.56 -11.39
CA THR C 194 52.06 52.44 -10.93
C THR C 194 51.59 53.57 -10.02
N GLY C 195 50.30 53.91 -10.02
CA GLY C 195 49.82 55.02 -9.23
C GLY C 195 49.97 56.38 -9.87
N VAL C 196 50.59 56.45 -11.04
CA VAL C 196 50.74 57.72 -11.76
C VAL C 196 49.56 57.84 -12.72
N PRO C 197 48.62 58.76 -12.49
CA PRO C 197 47.42 58.82 -13.33
C PRO C 197 47.66 59.33 -14.74
N LEU C 198 48.81 59.93 -15.01
CA LEU C 198 49.06 60.51 -16.33
C LEU C 198 50.57 60.58 -16.56
N PHE C 199 51.00 60.18 -17.75
CA PHE C 199 52.40 60.20 -18.14
C PHE C 199 53.28 59.34 -17.23
N GLU D 35 -39.01 -59.51 5.29
CA GLU D 35 -39.86 -58.97 6.34
C GLU D 35 -39.76 -59.84 7.60
N LYS D 36 -39.82 -59.20 8.76
CA LYS D 36 -39.82 -59.87 10.06
C LYS D 36 -38.56 -60.73 10.22
N SER D 37 -37.44 -60.03 10.34
CA SER D 37 -36.13 -60.66 10.49
C SER D 37 -36.15 -61.75 11.56
N LYS D 38 -35.29 -62.74 11.37
CA LYS D 38 -35.30 -63.92 12.24
C LYS D 38 -34.93 -63.55 13.67
N ALA D 39 -33.84 -62.80 13.85
CA ALA D 39 -33.37 -62.47 15.18
C ALA D 39 -34.42 -61.66 15.93
N VAL D 40 -34.70 -60.44 15.47
CA VAL D 40 -35.72 -59.63 16.12
C VAL D 40 -37.03 -59.85 15.36
N PRO D 41 -37.94 -60.68 15.87
CA PRO D 41 -39.12 -61.05 15.08
C PRO D 41 -40.09 -59.91 14.83
N PHE D 42 -40.04 -58.84 15.62
CA PHE D 42 -40.93 -57.70 15.44
C PHE D 42 -40.30 -56.59 14.62
N LEU D 43 -39.04 -56.73 14.21
CA LEU D 43 -38.38 -55.76 13.36
C LEU D 43 -38.37 -56.25 11.91
N PRO D 44 -38.43 -55.34 10.94
CA PRO D 44 -38.34 -55.76 9.54
C PRO D 44 -36.96 -56.29 9.22
N ARG D 45 -36.90 -57.10 8.18
CA ARG D 45 -35.63 -57.62 7.71
C ARG D 45 -34.74 -56.45 7.27
N PRO D 46 -33.44 -56.47 7.60
CA PRO D 46 -32.58 -55.32 7.32
C PRO D 46 -32.46 -54.94 5.84
N ALA D 47 -33.09 -55.72 4.96
CA ALA D 47 -33.19 -55.47 3.53
C ALA D 47 -31.86 -55.60 2.80
N ALA D 48 -30.76 -55.84 3.50
CA ALA D 48 -29.47 -56.10 2.88
C ALA D 48 -28.92 -57.46 3.22
N LEU D 49 -29.57 -58.20 4.13
CA LEU D 49 -29.13 -59.52 4.57
C LEU D 49 -30.28 -60.49 4.34
N ASP D 50 -30.36 -61.06 3.13
CA ASP D 50 -31.50 -61.93 2.84
C ASP D 50 -31.29 -63.34 3.40
N GLY D 51 -30.41 -64.12 2.79
CA GLY D 51 -29.95 -65.35 3.40
C GLY D 51 -28.53 -65.73 3.06
N SER D 52 -27.91 -65.04 2.11
CA SER D 52 -26.70 -65.56 1.46
C SER D 52 -25.42 -65.05 2.12
N VAL D 53 -25.36 -65.15 3.44
CA VAL D 53 -24.16 -64.84 4.21
C VAL D 53 -24.11 -65.80 5.40
N VAL D 54 -22.91 -66.29 5.71
CA VAL D 54 -22.76 -67.14 6.89
C VAL D 54 -22.98 -66.32 8.14
N GLY D 55 -23.70 -66.89 9.11
CA GLY D 55 -24.04 -66.17 10.31
C GLY D 55 -24.97 -65.00 10.10
N ASP D 56 -26.01 -65.20 9.29
CA ASP D 56 -26.95 -64.14 8.93
C ASP D 56 -28.31 -64.49 9.54
N VAL D 57 -28.54 -64.00 10.75
CA VAL D 57 -29.84 -64.14 11.39
C VAL D 57 -30.67 -62.86 11.25
N GLY D 58 -30.30 -61.98 10.34
CA GLY D 58 -31.03 -60.74 10.13
C GLY D 58 -30.95 -59.78 11.30
N PHE D 59 -29.78 -59.64 11.91
CA PHE D 59 -29.60 -58.77 13.07
C PHE D 59 -28.89 -57.50 12.63
N ASP D 60 -29.69 -56.46 12.35
CA ASP D 60 -29.17 -55.13 12.08
C ASP D 60 -30.26 -54.10 12.39
N PRO D 61 -30.62 -53.94 13.67
CA PRO D 61 -31.72 -53.01 14.00
C PRO D 61 -31.46 -51.58 13.60
N VAL D 62 -30.21 -51.11 13.71
CA VAL D 62 -29.90 -49.71 13.46
C VAL D 62 -29.45 -49.53 12.02
N GLY D 63 -29.57 -50.58 11.22
CA GLY D 63 -29.35 -50.49 9.79
C GLY D 63 -27.96 -50.06 9.36
N PHE D 64 -26.93 -50.65 9.95
CA PHE D 64 -25.57 -50.34 9.53
C PHE D 64 -25.31 -50.76 8.09
N THR D 65 -25.96 -51.84 7.65
CA THR D 65 -25.80 -52.33 6.29
C THR D 65 -26.53 -51.47 5.25
N SER D 66 -27.35 -50.52 5.67
CA SER D 66 -28.10 -49.69 4.74
C SER D 66 -27.26 -48.59 4.12
N TRP D 67 -26.11 -48.26 4.71
CA TRP D 67 -25.24 -47.22 4.17
C TRP D 67 -23.77 -47.62 4.14
N LEU D 68 -23.45 -48.88 4.44
CA LEU D 68 -22.10 -49.37 4.34
C LEU D 68 -22.07 -50.66 3.53
N PRO D 69 -20.98 -50.92 2.81
CA PRO D 69 -20.90 -52.17 2.04
C PRO D 69 -20.97 -53.38 2.96
N LEU D 70 -21.67 -54.41 2.50
CA LEU D 70 -21.80 -55.62 3.30
C LEU D 70 -20.46 -56.35 3.42
N SER D 71 -19.69 -56.40 2.34
CA SER D 71 -18.39 -57.06 2.38
C SER D 71 -17.44 -56.37 3.35
N TYR D 72 -17.47 -55.03 3.37
CA TYR D 72 -16.63 -54.28 4.28
C TYR D 72 -16.95 -54.61 5.74
N LEU D 73 -18.24 -54.61 6.08
CA LEU D 73 -18.65 -54.94 7.44
C LEU D 73 -18.32 -56.37 7.80
N GLN D 74 -18.49 -57.30 6.86
CA GLN D 74 -18.15 -58.69 7.12
C GLN D 74 -16.66 -58.85 7.39
N GLU D 75 -15.83 -58.17 6.59
CA GLU D 75 -14.38 -58.23 6.81
C GLU D 75 -14.02 -57.64 8.17
N ALA D 76 -14.63 -56.52 8.53
CA ALA D 76 -14.36 -55.92 9.84
C ALA D 76 -14.76 -56.86 10.97
N GLU D 77 -15.93 -57.49 10.86
CA GLU D 77 -16.40 -58.40 11.90
C GLU D 77 -15.46 -59.59 12.04
N ILE D 78 -15.04 -60.18 10.91
CA ILE D 78 -14.18 -61.35 10.98
C ILE D 78 -12.80 -60.98 11.53
N LYS D 79 -12.29 -59.82 11.14
CA LYS D 79 -11.02 -59.35 11.70
C LYS D 79 -11.11 -59.16 13.21
N HIS D 80 -12.21 -58.55 13.67
CA HIS D 80 -12.42 -58.40 15.10
C HIS D 80 -12.51 -59.74 15.79
N CYS D 81 -13.23 -60.69 15.18
CA CYS D 81 -13.37 -62.01 15.76
C CYS D 81 -12.01 -62.68 15.97
N ARG D 82 -11.19 -62.69 14.93
CA ARG D 82 -9.88 -63.34 15.03
C ARG D 82 -8.98 -62.63 16.03
N ILE D 83 -8.95 -61.29 15.98
CA ILE D 83 -8.09 -60.53 16.89
C ILE D 83 -8.49 -60.79 18.33
N ALA D 84 -9.80 -60.75 18.62
CA ALA D 84 -10.24 -60.92 19.99
C ALA D 84 -10.10 -62.36 20.47
N MET D 85 -10.22 -63.33 19.58
CA MET D 85 -9.96 -64.72 19.97
C MET D 85 -8.51 -64.87 20.42
N LEU D 86 -7.57 -64.38 19.58
CA LEU D 86 -6.17 -64.42 19.96
C LEU D 86 -5.93 -63.65 21.25
N ALA D 87 -6.60 -62.51 21.41
CA ALA D 87 -6.38 -61.67 22.58
C ALA D 87 -6.90 -62.33 23.86
N THR D 88 -8.09 -62.93 23.81
CA THR D 88 -8.62 -63.62 24.97
C THR D 88 -7.73 -64.79 25.37
N LEU D 89 -7.33 -65.60 24.39
CA LEU D 89 -6.45 -66.72 24.70
C LEU D 89 -5.14 -66.23 25.29
N GLY D 90 -4.57 -65.18 24.72
CA GLY D 90 -3.31 -64.67 25.22
C GLY D 90 -3.41 -64.08 26.61
N TRP D 91 -4.46 -63.31 26.87
CA TRP D 91 -4.67 -62.75 28.21
C TRP D 91 -4.77 -63.87 29.23
N ILE D 92 -5.62 -64.86 28.97
CA ILE D 92 -5.81 -65.95 29.94
C ILE D 92 -4.52 -66.74 30.13
N VAL D 93 -3.82 -67.05 29.03
CA VAL D 93 -2.61 -67.87 29.13
C VAL D 93 -1.50 -67.11 29.84
N ALA D 94 -1.25 -65.85 29.44
CA ALA D 94 -0.20 -65.06 30.04
C ALA D 94 -0.48 -64.75 31.51
N ASP D 95 -1.67 -64.92 32.01
CA ASP D 95 -1.85 -64.72 33.42
C ASP D 95 -1.49 -66.01 34.12
N PHE D 96 -1.27 -67.07 33.36
CA PHE D 96 -0.82 -68.33 33.94
C PHE D 96 0.64 -68.60 33.65
N VAL D 97 1.04 -68.60 32.38
CA VAL D 97 2.39 -68.96 31.96
C VAL D 97 3.10 -67.70 31.51
N HIS D 98 4.34 -67.54 31.96
CA HIS D 98 5.16 -66.38 31.62
C HIS D 98 6.39 -66.82 30.85
N LEU D 99 6.78 -66.04 29.85
CA LEU D 99 8.03 -66.28 29.16
C LEU D 99 9.19 -66.04 30.12
N PRO D 100 10.32 -66.72 29.92
CA PRO D 100 11.48 -66.49 30.78
C PRO D 100 11.93 -65.04 30.71
N GLY D 101 12.33 -64.50 31.85
CA GLY D 101 12.75 -63.11 31.92
C GLY D 101 11.98 -62.29 32.94
N ALA D 102 12.60 -61.25 33.46
CA ALA D 102 11.95 -60.43 34.48
C ALA D 102 10.88 -59.52 33.87
N VAL D 103 11.01 -59.16 32.61
CA VAL D 103 10.04 -58.27 31.98
C VAL D 103 8.69 -58.96 31.83
N HIS D 104 8.69 -60.28 31.66
CA HIS D 104 7.46 -61.04 31.46
C HIS D 104 6.83 -61.50 32.77
N GLU D 105 7.12 -60.83 33.88
CA GLU D 105 6.62 -61.21 35.19
C GLU D 105 5.59 -60.23 35.71
N VAL D 106 4.70 -59.78 34.82
CA VAL D 106 3.63 -58.86 35.18
C VAL D 106 2.30 -59.45 34.74
N SER D 107 1.22 -58.98 35.35
CA SER D 107 -0.10 -59.40 34.95
C SER D 107 -0.46 -58.84 33.58
N SER D 108 -1.41 -59.50 32.92
CA SER D 108 -1.82 -59.04 31.59
C SER D 108 -2.40 -57.64 31.63
N LEU D 109 -3.00 -57.25 32.76
CA LEU D 109 -3.54 -55.90 32.89
C LEU D 109 -2.43 -54.86 32.85
N ALA D 110 -1.30 -55.13 33.51
CA ALA D 110 -0.17 -54.22 33.52
C ALA D 110 0.88 -54.56 32.47
N ALA D 111 0.63 -55.57 31.64
CA ALA D 111 1.63 -55.99 30.65
C ALA D 111 1.77 -55.01 29.50
N HIS D 112 0.75 -54.18 29.24
CA HIS D 112 0.82 -53.28 28.11
C HIS D 112 1.91 -52.22 28.30
N ASP D 113 1.98 -51.62 29.49
CA ASP D 113 2.97 -50.58 29.72
C ASP D 113 4.37 -51.15 29.81
N VAL D 114 4.51 -52.41 30.23
CA VAL D 114 5.82 -53.04 30.27
C VAL D 114 6.27 -53.47 28.88
N ALA D 115 5.37 -54.09 28.12
CA ALA D 115 5.73 -54.57 26.79
C ALA D 115 6.03 -53.42 25.84
N VAL D 116 5.32 -52.31 25.95
CA VAL D 116 5.58 -51.17 25.09
C VAL D 116 6.94 -50.55 25.40
N LYS D 117 7.35 -50.56 26.67
CA LYS D 117 8.64 -49.99 27.03
C LYS D 117 9.78 -50.90 26.57
N SER D 118 9.62 -52.21 26.70
CA SER D 118 10.64 -53.15 26.28
C SER D 118 10.73 -53.28 24.77
N GLY D 119 9.78 -52.74 24.02
CA GLY D 119 9.75 -52.90 22.59
C GLY D 119 9.12 -54.18 22.11
N ALA D 120 8.54 -54.97 23.01
CA ALA D 120 7.88 -56.21 22.59
C ALA D 120 6.67 -55.93 21.70
N LEU D 121 5.88 -54.92 22.05
CA LEU D 121 4.72 -54.59 21.24
C LEU D 121 5.11 -53.88 19.94
N ALA D 122 6.33 -53.34 19.87
CA ALA D 122 6.77 -52.70 18.63
C ALA D 122 6.90 -53.73 17.50
N GLN D 123 7.42 -54.92 17.80
CA GLN D 123 7.54 -55.95 16.78
C GLN D 123 6.17 -56.39 16.27
N ILE D 124 5.24 -56.60 17.21
CA ILE D 124 3.88 -56.96 16.84
C ILE D 124 3.25 -55.86 16.00
N LEU D 125 3.50 -54.60 16.37
CA LEU D 125 2.98 -53.48 15.58
C LEU D 125 3.54 -53.48 14.18
N ILE D 126 4.84 -53.73 14.03
CA ILE D 126 5.47 -53.72 12.70
C ILE D 126 4.87 -54.80 11.82
N TRP D 127 4.81 -56.03 12.33
CA TRP D 127 4.33 -57.13 11.49
C TRP D 127 2.83 -57.03 11.25
N THR D 128 2.07 -56.56 12.24
CA THR D 128 0.65 -56.32 12.04
C THR D 128 0.41 -55.21 11.03
N SER D 129 1.26 -54.19 11.00
CA SER D 129 1.13 -53.14 10.00
C SER D 129 1.42 -53.66 8.60
N ILE D 130 2.42 -54.54 8.47
CA ILE D 130 2.68 -55.16 7.18
C ILE D 130 1.46 -55.96 6.72
N ALA D 131 0.93 -56.80 7.61
CA ALA D 131 -0.24 -57.60 7.28
C ALA D 131 -1.43 -56.71 6.94
N GLU D 132 -1.57 -55.57 7.64
CA GLU D 132 -2.70 -54.70 7.41
C GLU D 132 -2.56 -53.88 6.13
N ALA D 133 -1.33 -53.59 5.69
CA ALA D 133 -1.17 -52.98 4.37
C ALA D 133 -1.54 -53.97 3.26
N ILE D 134 -1.08 -55.22 3.39
CA ILE D 134 -1.53 -56.24 2.46
C ILE D 134 -3.04 -56.38 2.52
N SER D 135 -3.62 -56.21 3.72
CA SER D 135 -5.06 -56.23 3.87
C SER D 135 -5.72 -55.05 3.18
N VAL D 136 -5.10 -53.88 3.22
CA VAL D 136 -5.62 -52.73 2.49
C VAL D 136 -5.77 -53.08 1.02
N ILE D 137 -4.71 -53.68 0.46
CA ILE D 137 -4.75 -54.09 -0.94
C ILE D 137 -5.86 -55.12 -1.16
N ALA D 138 -5.95 -56.10 -0.26
CA ALA D 138 -6.91 -57.19 -0.43
C ALA D 138 -8.36 -56.69 -0.37
N ILE D 139 -8.67 -55.86 0.63
CA ILE D 139 -10.03 -55.35 0.78
C ILE D 139 -10.38 -54.41 -0.36
N SER D 140 -9.42 -53.62 -0.84
CA SER D 140 -9.68 -52.79 -2.02
C SER D 140 -10.04 -53.64 -3.22
N GLN D 141 -9.25 -54.70 -3.46
CA GLN D 141 -9.53 -55.57 -4.59
C GLN D 141 -10.88 -56.26 -4.45
N MET D 142 -11.20 -56.71 -3.23
CA MET D 142 -12.50 -57.35 -3.00
C MET D 142 -13.65 -56.39 -3.26
N LEU D 143 -13.52 -55.14 -2.80
CA LEU D 143 -14.58 -54.17 -3.02
C LEU D 143 -14.72 -53.80 -4.49
N GLU D 144 -13.62 -53.80 -5.24
CA GLU D 144 -13.63 -53.43 -6.65
C GLU D 144 -13.70 -54.63 -7.58
N GLY D 145 -14.40 -55.69 -7.17
CA GLY D 145 -14.54 -56.87 -8.01
C GLY D 145 -13.85 -58.09 -7.43
N SER D 146 -12.81 -58.56 -8.12
CA SER D 146 -12.02 -59.71 -7.68
C SER D 146 -12.89 -60.93 -7.48
N GLY D 147 -13.33 -61.16 -6.25
CA GLY D 147 -14.11 -62.34 -5.93
C GLY D 147 -13.71 -62.93 -4.60
N ARG D 148 -12.75 -62.29 -3.94
CA ARG D 148 -12.30 -62.74 -2.62
C ARG D 148 -13.43 -62.54 -1.60
N GLN D 149 -13.82 -63.62 -0.94
CA GLN D 149 -14.83 -63.52 0.09
C GLN D 149 -14.28 -62.72 1.28
N PRO D 150 -15.15 -61.99 1.98
CA PRO D 150 -14.68 -61.22 3.14
C PRO D 150 -14.04 -62.11 4.18
N GLY D 151 -12.82 -61.76 4.58
CA GLY D 151 -12.05 -62.53 5.53
C GLY D 151 -11.36 -63.74 4.96
N ASP D 152 -11.49 -64.00 3.65
CA ASP D 152 -10.89 -65.17 3.01
C ASP D 152 -9.48 -64.80 2.55
N PHE D 153 -8.49 -65.17 3.34
CA PHE D 153 -7.09 -65.02 2.97
C PHE D 153 -6.51 -66.29 2.38
N LYS D 154 -7.34 -67.31 2.15
CA LYS D 154 -6.95 -68.61 1.62
C LYS D 154 -5.92 -69.32 2.51
N PHE D 155 -5.73 -68.85 3.74
CA PHE D 155 -4.79 -69.49 4.65
C PHE D 155 -5.39 -70.79 5.16
N ASP D 156 -4.83 -71.91 4.70
CA ASP D 156 -5.37 -73.22 5.04
C ASP D 156 -4.29 -74.28 4.84
N PRO D 157 -3.29 -74.35 5.71
CA PRO D 157 -2.24 -75.37 5.57
C PRO D 157 -2.81 -76.77 5.66
N LEU D 158 -3.47 -77.06 6.77
CA LEU D 158 -4.36 -78.21 6.84
C LEU D 158 -5.63 -77.89 6.06
N ASN D 159 -6.50 -78.89 5.89
CA ASN D 159 -7.70 -78.66 5.09
C ASN D 159 -8.85 -78.17 5.96
N PHE D 160 -9.35 -79.02 6.86
CA PHE D 160 -10.39 -78.67 7.83
C PHE D 160 -11.67 -78.21 7.14
N ALA D 161 -11.64 -78.13 5.81
CA ALA D 161 -12.79 -77.67 5.03
C ALA D 161 -12.58 -78.19 3.61
N LYS D 162 -13.28 -79.27 3.26
CA LYS D 162 -13.07 -79.94 1.99
C LYS D 162 -14.09 -79.54 0.92
N ASP D 163 -15.35 -79.37 1.30
CA ASP D 163 -16.40 -78.99 0.37
C ASP D 163 -17.07 -77.70 0.83
N GLU D 164 -18.13 -77.31 0.12
CA GLU D 164 -18.85 -76.10 0.47
C GLU D 164 -19.52 -76.22 1.84
N LYS D 165 -20.12 -77.38 2.12
CA LYS D 165 -20.86 -77.56 3.37
C LYS D 165 -19.92 -77.43 4.58
N SER D 166 -18.77 -78.09 4.52
CA SER D 166 -17.80 -78.01 5.62
C SER D 166 -17.31 -76.58 5.79
N LEU D 167 -17.04 -75.89 4.67
CA LEU D 167 -16.59 -74.50 4.75
C LEU D 167 -17.64 -73.61 5.40
N LYS D 168 -18.92 -73.79 5.02
CA LYS D 168 -19.98 -72.98 5.62
C LYS D 168 -20.11 -73.26 7.11
N LYS D 169 -20.08 -74.54 7.50
CA LYS D 169 -20.20 -74.88 8.91
C LYS D 169 -19.03 -74.30 9.71
N MET D 170 -17.82 -74.39 9.16
CA MET D 170 -16.67 -73.88 9.89
C MET D 170 -16.64 -72.36 9.91
N GLN D 171 -17.17 -71.70 8.87
CA GLN D 171 -17.33 -70.26 8.90
C GLN D 171 -18.30 -69.83 9.99
N LEU D 172 -19.41 -70.56 10.12
CA LEU D 172 -20.37 -70.25 11.18
C LEU D 172 -19.74 -70.46 12.55
N SER D 173 -18.98 -71.55 12.70
CA SER D 173 -18.29 -71.79 13.96
C SER D 173 -17.29 -70.69 14.27
N GLU D 174 -16.53 -70.25 13.26
CA GLU D 174 -15.57 -69.17 13.46
C GLU D 174 -16.26 -67.88 13.86
N LEU D 175 -17.37 -67.55 13.20
CA LEU D 175 -18.08 -66.32 13.52
C LEU D 175 -18.65 -66.36 14.94
N LYS D 176 -19.27 -67.48 15.32
CA LYS D 176 -19.86 -67.57 16.65
C LYS D 176 -18.78 -67.54 17.73
N ASN D 177 -17.70 -68.30 17.53
CA ASN D 177 -16.60 -68.29 18.50
C ASN D 177 -15.96 -66.92 18.58
N GLY D 178 -15.83 -66.22 17.45
CA GLY D 178 -15.24 -64.90 17.48
C GLY D 178 -16.10 -63.89 18.21
N ARG D 179 -17.42 -63.92 17.97
CA ARG D 179 -18.31 -63.02 18.71
C ARG D 179 -18.25 -63.31 20.20
N LEU D 180 -18.28 -64.60 20.57
CA LEU D 180 -18.18 -64.97 21.97
C LEU D 180 -16.87 -64.50 22.57
N ALA D 181 -15.77 -64.62 21.83
CA ALA D 181 -14.48 -64.19 22.35
C ALA D 181 -14.37 -62.68 22.44
N MET D 182 -15.00 -61.95 21.53
CA MET D 182 -15.02 -60.50 21.64
C MET D 182 -15.73 -60.07 22.91
N LEU D 183 -16.92 -60.63 23.15
CA LEU D 183 -17.63 -60.31 24.39
C LEU D 183 -16.84 -60.77 25.62
N ALA D 184 -16.20 -61.93 25.51
CA ALA D 184 -15.44 -62.47 26.63
C ALA D 184 -14.23 -61.60 26.97
N PHE D 185 -13.50 -61.13 25.95
CA PHE D 185 -12.38 -60.24 26.20
C PHE D 185 -12.86 -58.92 26.77
N SER D 186 -13.99 -58.42 26.28
CA SER D 186 -14.57 -57.20 26.85
C SER D 186 -14.81 -57.38 28.34
N GLY D 187 -15.49 -58.47 28.71
CA GLY D 187 -15.76 -58.72 30.12
C GLY D 187 -14.49 -58.92 30.92
N ILE D 188 -13.52 -59.64 30.37
CA ILE D 188 -12.27 -59.90 31.08
C ILE D 188 -11.55 -58.61 31.38
N VAL D 189 -11.41 -57.74 30.38
CA VAL D 189 -10.70 -56.48 30.58
C VAL D 189 -11.45 -55.60 31.56
N THR D 190 -12.77 -55.48 31.41
CA THR D 190 -13.53 -54.62 32.30
C THR D 190 -13.44 -55.09 33.75
N GLN D 191 -13.58 -56.41 33.97
CA GLN D 191 -13.51 -56.94 35.32
C GLN D 191 -12.10 -56.80 35.91
N ALA D 192 -11.07 -57.07 35.11
CA ALA D 192 -9.70 -56.97 35.60
C ALA D 192 -9.35 -55.53 35.95
N ALA D 193 -9.82 -54.57 35.14
CA ALA D 193 -9.58 -53.17 35.45
C ALA D 193 -10.37 -52.74 36.68
N LEU D 194 -11.61 -53.20 36.81
CA LEU D 194 -12.40 -52.87 38.00
C LEU D 194 -11.77 -53.46 39.24
N THR D 195 -11.49 -54.76 39.23
CA THR D 195 -10.87 -55.47 40.33
C THR D 195 -9.60 -56.13 39.83
N GLY D 196 -8.46 -55.73 40.39
CA GLY D 196 -7.18 -56.25 39.93
C GLY D 196 -6.92 -57.68 40.37
N HIS D 197 -7.79 -58.59 39.96
CA HIS D 197 -7.70 -59.99 40.36
C HIS D 197 -6.94 -60.81 39.32
N ALA D 198 -6.60 -62.04 39.70
CA ALA D 198 -5.95 -62.99 38.80
C ALA D 198 -7.00 -63.59 37.87
N PHE D 199 -6.63 -64.68 37.17
CA PHE D 199 -7.47 -65.26 36.13
C PHE D 199 -8.96 -65.30 36.45
N PRO D 200 -9.41 -65.72 37.65
CA PRO D 200 -10.82 -65.50 37.96
C PRO D 200 -11.07 -64.03 38.22
N TYR D 201 -11.67 -63.34 37.25
CA TYR D 201 -11.83 -61.89 37.33
C TYR D 201 -13.12 -61.49 38.01
N MET D 202 -13.78 -62.42 38.69
CA MET D 202 -14.94 -62.13 39.50
C MET D 202 -14.57 -61.16 40.62
N GLU E 43 -72.37 -41.13 18.74
CA GLU E 43 -71.74 -39.84 18.49
C GLU E 43 -71.09 -39.29 19.76
N ARG E 44 -71.67 -39.63 20.91
CA ARG E 44 -71.14 -39.21 22.20
C ARG E 44 -70.21 -40.29 22.74
N SER E 45 -69.14 -39.85 23.40
CA SER E 45 -68.19 -40.79 23.99
C SER E 45 -68.88 -41.60 25.10
N LYS E 46 -68.58 -42.89 25.14
CA LYS E 46 -69.22 -43.76 26.13
C LYS E 46 -68.84 -43.36 27.54
N SER E 47 -67.57 -43.05 27.78
CA SER E 47 -67.14 -42.65 29.12
C SER E 47 -67.72 -41.30 29.51
N LEU E 48 -67.59 -40.31 28.63
CA LEU E 48 -68.06 -38.96 28.93
C LEU E 48 -69.26 -38.64 28.06
N PRO E 49 -70.49 -38.80 28.55
CA PRO E 49 -71.67 -38.58 27.69
C PRO E 49 -71.83 -37.14 27.24
N PHE E 50 -71.20 -36.19 27.93
CA PHE E 50 -71.27 -34.78 27.55
C PHE E 50 -70.24 -34.40 26.49
N LEU E 51 -69.50 -35.37 25.96
CA LEU E 51 -68.45 -35.14 24.99
C LEU E 51 -68.71 -35.98 23.74
N MET E 52 -68.42 -35.40 22.59
CA MET E 52 -68.56 -36.14 21.35
C MET E 52 -67.47 -37.21 21.23
N LYS E 53 -67.76 -38.23 20.44
CA LYS E 53 -66.86 -39.36 20.31
C LYS E 53 -65.54 -38.91 19.70
N PRO E 54 -64.40 -39.20 20.33
CA PRO E 54 -63.11 -38.82 19.74
C PRO E 54 -62.90 -39.54 18.40
N LYS E 55 -62.57 -38.75 17.37
CA LYS E 55 -62.63 -39.25 16.01
C LYS E 55 -61.69 -40.44 15.79
N ASN E 56 -60.49 -40.41 16.37
CA ASN E 56 -59.51 -41.44 16.10
C ASN E 56 -59.71 -42.71 16.94
N LEU E 57 -60.54 -42.66 17.97
CA LEU E 57 -60.78 -43.81 18.85
C LEU E 57 -62.17 -44.36 18.53
N ASP E 58 -62.25 -45.34 17.62
CA ASP E 58 -63.56 -45.88 17.27
C ASP E 58 -63.99 -46.96 18.25
N GLY E 59 -63.39 -48.14 18.18
CA GLY E 59 -63.56 -49.16 19.19
C GLY E 59 -62.39 -50.12 19.33
N SER E 60 -61.37 -49.94 18.49
CA SER E 60 -60.45 -51.04 18.20
C SER E 60 -59.58 -51.38 19.40
N MET E 61 -58.95 -50.37 20.01
CA MET E 61 -57.96 -50.63 21.04
C MET E 61 -58.62 -51.08 22.33
N ALA E 62 -57.97 -52.03 23.02
CA ALA E 62 -58.51 -52.54 24.27
C ALA E 62 -58.53 -51.43 25.32
N GLY E 63 -59.61 -51.38 26.09
CA GLY E 63 -59.79 -50.32 27.06
C GLY E 63 -60.38 -49.04 26.51
N ASP E 64 -60.82 -49.04 25.26
CA ASP E 64 -61.36 -47.84 24.63
C ASP E 64 -62.76 -47.59 25.16
N VAL E 65 -62.93 -46.48 25.89
CA VAL E 65 -64.24 -46.02 26.32
C VAL E 65 -64.52 -44.59 25.87
N GLY E 66 -63.67 -44.04 24.99
CA GLY E 66 -63.84 -42.70 24.52
C GLY E 66 -63.33 -41.62 25.44
N PHE E 67 -62.54 -41.97 26.46
CA PHE E 67 -62.04 -40.99 27.42
C PHE E 67 -60.82 -40.27 26.82
N ASP E 68 -61.11 -39.30 25.96
CA ASP E 68 -60.10 -38.38 25.43
C ASP E 68 -60.67 -36.97 25.44
N PRO E 69 -60.87 -36.40 26.63
CA PRO E 69 -61.46 -35.06 26.70
C PRO E 69 -60.65 -33.99 26.00
N LEU E 70 -59.32 -34.09 26.04
CA LEU E 70 -58.44 -33.10 25.43
C LEU E 70 -58.17 -33.38 23.96
N GLY E 71 -58.71 -34.46 23.41
CA GLY E 71 -58.50 -34.77 22.01
C GLY E 71 -57.05 -35.04 21.66
N LEU E 72 -56.29 -35.65 22.57
CA LEU E 72 -54.89 -35.93 22.31
C LEU E 72 -54.70 -37.00 21.25
N SER E 73 -55.72 -37.83 21.00
CA SER E 73 -55.60 -38.87 19.98
C SER E 73 -55.52 -38.29 18.57
N GLU E 74 -55.87 -37.02 18.40
CA GLU E 74 -55.84 -36.38 17.08
C GLU E 74 -54.52 -35.69 16.79
N ILE E 75 -53.53 -35.80 17.68
CA ILE E 75 -52.23 -35.21 17.43
C ILE E 75 -51.53 -35.99 16.32
N ASN E 76 -51.01 -35.27 15.32
CA ASN E 76 -50.31 -35.88 14.20
C ASN E 76 -49.05 -35.08 13.89
N ASP E 77 -48.27 -34.77 14.93
CA ASP E 77 -47.09 -33.94 14.74
C ASP E 77 -46.02 -34.35 15.75
N VAL E 78 -44.78 -33.98 15.42
CA VAL E 78 -43.59 -34.26 16.22
C VAL E 78 -43.51 -35.78 16.35
N GLY E 79 -43.78 -36.48 15.26
CA GLY E 79 -43.71 -37.93 15.28
C GLY E 79 -44.65 -38.60 16.27
N VAL E 80 -45.67 -37.88 16.73
CA VAL E 80 -46.61 -38.38 17.73
C VAL E 80 -47.96 -38.51 17.06
N ASP E 81 -48.54 -39.71 17.13
CA ASP E 81 -49.87 -39.97 16.63
C ASP E 81 -50.52 -40.99 17.55
N LEU E 82 -51.65 -41.55 17.11
CA LEU E 82 -52.34 -42.54 17.93
C LEU E 82 -51.48 -43.78 18.13
N TYR E 83 -50.73 -44.19 17.11
CA TYR E 83 -49.83 -45.33 17.24
C TYR E 83 -48.78 -45.09 18.32
N TRP E 84 -48.12 -43.93 18.25
CA TRP E 84 -47.09 -43.61 19.23
C TRP E 84 -47.67 -43.47 20.63
N LEU E 85 -48.83 -42.82 20.74
CA LEU E 85 -49.47 -42.67 22.05
C LEU E 85 -49.86 -44.02 22.64
N ARG E 86 -50.38 -44.93 21.80
CA ARG E 86 -50.74 -46.25 22.29
C ARG E 86 -49.51 -47.04 22.70
N GLU E 87 -48.42 -46.95 21.92
CA GLU E 87 -47.20 -47.64 22.31
C GLU E 87 -46.66 -47.10 23.63
N ALA E 88 -46.69 -45.78 23.79
CA ALA E 88 -46.26 -45.19 25.06
C ALA E 88 -47.14 -45.63 26.21
N GLU E 89 -48.46 -45.69 25.98
CA GLU E 89 -49.38 -46.13 27.03
C GLU E 89 -49.09 -47.57 27.42
N LEU E 90 -48.86 -48.44 26.44
CA LEU E 90 -48.59 -49.84 26.75
C LEU E 90 -47.26 -50.01 27.46
N LYS E 91 -46.22 -49.28 27.03
CA LYS E 91 -44.94 -49.34 27.72
C LYS E 91 -45.08 -48.84 29.15
N HIS E 92 -45.84 -47.76 29.35
CA HIS E 92 -46.10 -47.27 30.70
C HIS E 92 -46.86 -48.29 31.53
N CYS E 93 -47.84 -48.95 30.93
CA CYS E 93 -48.61 -49.97 31.63
C CYS E 93 -47.71 -51.10 32.11
N ARG E 94 -46.87 -51.61 31.21
CA ARG E 94 -45.98 -52.71 31.57
C ARG E 94 -44.96 -52.28 32.62
N LEU E 95 -44.37 -51.09 32.45
CA LEU E 95 -43.40 -50.61 33.42
C LEU E 95 -44.02 -50.40 34.78
N GLY E 96 -45.22 -49.82 34.83
CA GLY E 96 -45.90 -49.63 36.10
C GLY E 96 -46.28 -50.94 36.76
N MET E 97 -46.72 -51.92 35.97
CA MET E 97 -47.03 -53.23 36.52
C MET E 97 -45.79 -53.86 37.14
N MET E 98 -44.67 -53.83 36.42
CA MET E 98 -43.43 -54.40 36.95
C MET E 98 -42.98 -53.67 38.21
N ALA E 99 -43.05 -52.33 38.20
CA ALA E 99 -42.58 -51.57 39.35
C ALA E 99 -43.46 -51.80 40.58
N ALA E 100 -44.78 -51.79 40.40
CA ALA E 100 -45.68 -52.03 41.53
C ALA E 100 -45.49 -53.42 42.08
N ALA E 101 -45.37 -54.42 41.19
CA ALA E 101 -45.13 -55.78 41.65
C ALA E 101 -43.83 -55.87 42.41
N GLY E 102 -42.78 -55.20 41.93
CA GLY E 102 -41.50 -55.24 42.62
C GLY E 102 -41.55 -54.60 43.99
N ILE E 103 -42.18 -53.43 44.08
CA ILE E 103 -42.28 -52.76 45.38
C ILE E 103 -43.06 -53.63 46.36
N LEU E 104 -44.22 -54.14 45.94
CA LEU E 104 -45.03 -54.96 46.84
C LEU E 104 -44.31 -56.23 47.24
N PHE E 105 -43.64 -56.88 46.29
CA PHE E 105 -42.91 -58.11 46.58
C PHE E 105 -41.80 -57.85 47.60
N VAL E 106 -40.98 -56.83 47.36
CA VAL E 106 -39.85 -56.55 48.25
C VAL E 106 -40.35 -56.14 49.63
N GLU E 107 -41.46 -55.39 49.69
CA GLU E 107 -41.92 -54.91 50.98
C GLU E 107 -42.59 -56.02 51.78
N ILE E 108 -43.31 -56.92 51.11
CA ILE E 108 -44.02 -57.97 51.81
C ILE E 108 -43.11 -59.14 52.14
N LEU E 109 -42.52 -59.76 51.11
CA LEU E 109 -41.73 -60.97 51.30
C LEU E 109 -40.27 -60.68 51.63
N GLY E 110 -39.88 -59.40 51.70
CA GLY E 110 -38.52 -59.05 52.04
C GLY E 110 -37.60 -59.12 50.83
N PRO E 111 -36.40 -58.60 50.98
CA PRO E 111 -35.43 -58.62 49.88
C PRO E 111 -34.83 -60.01 49.70
N ALA E 112 -34.21 -60.19 48.53
CA ALA E 112 -33.48 -61.41 48.25
C ALA E 112 -32.23 -61.49 49.12
N PRO E 113 -31.70 -62.69 49.35
CA PRO E 113 -30.49 -62.80 50.18
C PRO E 113 -29.34 -62.01 49.59
N GLY E 114 -28.56 -61.38 50.48
CA GLY E 114 -27.45 -60.56 50.06
C GLY E 114 -27.81 -59.15 49.62
N PHE E 115 -29.08 -58.77 49.70
CA PHE E 115 -29.52 -57.45 49.27
C PHE E 115 -29.95 -56.62 50.48
N PRO E 116 -29.85 -55.30 50.39
CA PRO E 116 -30.18 -54.45 51.54
C PRO E 116 -31.67 -54.45 51.84
N ALA E 117 -31.98 -54.09 53.08
CA ALA E 117 -33.35 -53.95 53.55
C ALA E 117 -33.62 -52.49 53.91
N GLY E 118 -34.80 -52.23 54.47
CA GLY E 118 -35.15 -50.88 54.88
C GLY E 118 -36.60 -50.52 54.66
N LYS E 119 -37.27 -51.29 53.79
CA LYS E 119 -38.70 -51.18 53.46
C LYS E 119 -39.05 -49.91 52.70
N SER E 120 -38.09 -49.00 52.49
CA SER E 120 -38.32 -47.79 51.70
C SER E 120 -37.68 -48.02 50.34
N GLN E 121 -38.52 -48.33 49.35
CA GLN E 121 -38.00 -48.73 48.05
C GLN E 121 -37.35 -47.56 47.30
N MET E 122 -37.79 -46.33 47.58
CA MET E 122 -37.17 -45.17 46.94
C MET E 122 -35.83 -44.82 47.57
N ASP E 123 -35.54 -45.33 48.76
CA ASP E 123 -34.26 -45.07 49.41
C ASP E 123 -33.35 -46.28 49.46
N VAL E 124 -33.89 -47.49 49.29
CA VAL E 124 -33.05 -48.68 49.24
C VAL E 124 -32.27 -48.76 47.94
N PHE E 125 -32.70 -48.03 46.90
CA PHE E 125 -31.97 -48.02 45.64
C PHE E 125 -30.56 -47.49 45.83
N TRP E 126 -30.40 -46.44 46.63
CA TRP E 126 -29.08 -45.88 46.85
C TRP E 126 -28.22 -46.80 47.70
N LYS E 127 -28.84 -47.65 48.51
CA LYS E 127 -28.06 -48.64 49.26
C LYS E 127 -27.58 -49.77 48.35
N VAL E 128 -28.39 -50.15 47.36
CA VAL E 128 -27.96 -51.13 46.38
C VAL E 128 -26.85 -50.56 45.51
N TYR E 129 -27.02 -49.32 45.05
CA TYR E 129 -25.99 -48.69 44.22
C TYR E 129 -24.71 -48.45 45.00
N ALA E 130 -24.81 -48.23 46.32
CA ALA E 130 -23.62 -48.00 47.12
C ALA E 130 -22.76 -49.25 47.26
N GLU E 131 -23.34 -50.43 47.07
CA GLU E 131 -22.62 -51.68 47.23
C GLU E 131 -22.54 -52.52 45.96
N LYS E 132 -23.50 -52.39 45.05
CA LYS E 132 -23.50 -53.12 43.78
C LYS E 132 -23.78 -52.15 42.64
N PRO E 133 -22.87 -51.20 42.39
CA PRO E 133 -23.09 -50.27 41.27
C PRO E 133 -23.09 -50.95 39.92
N SER E 134 -22.32 -52.03 39.76
CA SER E 134 -22.23 -52.71 38.48
C SER E 134 -23.56 -53.29 38.06
N LEU E 135 -24.34 -53.81 39.02
CA LEU E 135 -25.66 -54.34 38.70
C LEU E 135 -26.56 -53.24 38.14
N ILE E 136 -26.57 -52.08 38.78
CA ILE E 136 -27.38 -50.96 38.31
C ILE E 136 -26.93 -50.50 36.94
N GLY E 137 -25.61 -50.40 36.74
CA GLY E 137 -25.10 -49.96 35.44
C GLY E 137 -25.42 -50.93 34.32
N ALA E 138 -25.27 -52.23 34.58
CA ALA E 138 -25.60 -53.24 33.57
C ALA E 138 -27.08 -53.23 33.26
N SER E 139 -27.93 -53.10 34.29
CA SER E 139 -29.37 -53.02 34.04
C SER E 139 -29.71 -51.79 33.22
N LEU E 140 -29.08 -50.66 33.52
CA LEU E 140 -29.34 -49.44 32.75
C LEU E 140 -28.90 -49.60 31.30
N ALA E 141 -27.73 -50.21 31.07
CA ALA E 141 -27.27 -50.40 29.70
C ALA E 141 -28.19 -51.35 28.93
N ALA E 142 -28.62 -52.43 29.58
CA ALA E 142 -29.54 -53.35 28.93
C ALA E 142 -30.85 -52.67 28.59
N ILE E 143 -31.40 -51.89 29.53
CA ILE E 143 -32.65 -51.18 29.28
C ILE E 143 -32.47 -50.16 28.17
N ALA E 144 -31.31 -49.52 28.10
CA ALA E 144 -31.05 -48.55 27.05
C ALA E 144 -31.04 -49.22 25.68
N ILE E 145 -30.36 -50.36 25.56
CA ILE E 145 -30.32 -51.08 24.29
C ILE E 145 -31.72 -51.55 23.89
N LEU E 146 -32.43 -52.15 24.85
CA LEU E 146 -33.78 -52.62 24.57
C LEU E 146 -34.71 -51.47 24.20
N GLU E 147 -34.51 -50.28 24.77
CA GLU E 147 -35.35 -49.14 24.44
C GLU E 147 -35.02 -48.57 23.07
N VAL E 148 -33.74 -48.59 22.69
CA VAL E 148 -33.38 -48.20 21.32
C VAL E 148 -34.06 -49.15 20.33
N ILE E 149 -34.01 -50.45 20.61
CA ILE E 149 -34.67 -51.42 19.75
C ILE E 149 -36.17 -51.17 19.72
N SER E 150 -36.75 -50.85 20.88
CA SER E 150 -38.19 -50.60 20.96
C SER E 150 -38.60 -49.39 20.14
N GLY E 151 -37.81 -48.31 20.21
CA GLY E 151 -38.11 -47.13 19.41
C GLY E 151 -37.98 -47.39 17.93
N VAL E 152 -36.93 -48.12 17.53
CA VAL E 152 -36.78 -48.46 16.11
C VAL E 152 -37.97 -49.29 15.65
N ALA E 153 -38.37 -50.28 16.46
CA ALA E 153 -39.50 -51.13 16.11
C ALA E 153 -40.80 -50.31 16.01
N THR E 154 -41.00 -49.39 16.95
CA THR E 154 -42.21 -48.56 16.93
C THR E 154 -42.26 -47.74 15.66
N THR E 155 -41.17 -47.06 15.31
CA THR E 155 -41.16 -46.23 14.12
C THR E 155 -41.35 -47.07 12.85
N GLN E 156 -40.68 -48.22 12.78
CA GLN E 156 -40.81 -49.08 11.60
C GLN E 156 -42.23 -49.59 11.45
N GLY E 157 -42.82 -50.11 12.53
CA GLY E 157 -44.19 -50.60 12.47
C GLY E 157 -45.19 -49.51 12.17
N ARG E 158 -44.91 -48.29 12.62
CA ARG E 158 -45.75 -47.16 12.22
C ARG E 158 -45.62 -46.86 10.74
N GLN E 159 -44.41 -47.03 10.18
CA GLN E 159 -44.19 -46.68 8.79
C GLN E 159 -44.82 -47.69 7.84
N ASN E 160 -44.35 -48.94 7.88
CA ASN E 160 -44.93 -50.01 7.06
C ASN E 160 -45.86 -50.86 7.93
N GLY E 161 -47.12 -50.43 8.01
CA GLY E 161 -48.01 -50.98 9.00
C GLY E 161 -48.18 -52.48 8.91
N ASP E 162 -47.49 -53.18 9.80
CA ASP E 162 -47.62 -54.62 9.97
C ASP E 162 -47.60 -55.04 11.43
N ARG E 163 -47.23 -54.16 12.35
CA ARG E 163 -47.10 -54.47 13.76
C ARG E 163 -48.03 -53.58 14.57
N ALA E 164 -48.87 -54.19 15.39
CA ALA E 164 -49.75 -53.43 16.26
C ALA E 164 -48.93 -52.71 17.34
N PRO E 165 -49.41 -51.57 17.82
CA PRO E 165 -48.67 -50.85 18.86
C PRO E 165 -48.50 -51.71 20.11
N GLY E 166 -47.29 -51.70 20.66
CA GLY E 166 -46.97 -52.48 21.84
C GLY E 166 -46.68 -53.94 21.57
N ASP E 167 -46.70 -54.38 20.31
CA ASP E 167 -46.47 -55.77 19.97
C ASP E 167 -44.97 -56.04 19.80
N TYR E 168 -44.47 -57.03 20.55
CA TYR E 168 -43.08 -57.44 20.44
C TYR E 168 -42.94 -58.94 20.21
N ASN E 169 -44.02 -59.62 19.83
CA ASN E 169 -44.00 -61.06 19.57
C ASN E 169 -43.49 -61.85 20.77
N PHE E 170 -43.77 -61.38 21.97
CA PHE E 170 -43.29 -62.01 23.20
C PHE E 170 -44.42 -62.82 23.81
N ASP E 171 -44.58 -64.05 23.31
CA ASP E 171 -45.51 -65.02 23.88
C ASP E 171 -44.81 -66.38 23.95
N PRO E 172 -43.78 -66.50 24.79
CA PRO E 172 -43.06 -67.78 24.87
C PRO E 172 -43.91 -68.93 25.38
N LEU E 173 -44.87 -68.68 26.27
CA LEU E 173 -45.70 -69.73 26.83
C LEU E 173 -47.00 -69.92 26.06
N GLY E 174 -47.24 -69.15 25.00
CA GLY E 174 -48.42 -69.33 24.18
C GLY E 174 -49.73 -69.10 24.91
N PHE E 175 -49.78 -68.06 25.75
CA PHE E 175 -50.99 -67.75 26.50
C PHE E 175 -52.01 -66.97 25.67
N GLY E 176 -51.62 -66.47 24.51
CA GLY E 176 -52.52 -65.66 23.70
C GLY E 176 -52.52 -66.03 22.23
N LYS E 177 -52.34 -67.32 21.94
CA LYS E 177 -52.30 -67.75 20.54
C LYS E 177 -53.63 -67.53 19.84
N ASP E 178 -54.69 -68.14 20.34
CA ASP E 178 -55.98 -68.09 19.68
C ASP E 178 -56.66 -66.74 19.90
N PRO E 179 -57.49 -66.29 18.96
CA PRO E 179 -58.30 -65.09 19.18
C PRO E 179 -59.46 -65.38 20.11
N ALA E 180 -60.24 -64.33 20.43
CA ALA E 180 -61.40 -64.38 21.33
C ALA E 180 -60.95 -64.58 22.76
N LYS E 181 -59.66 -64.84 22.96
CA LYS E 181 -58.98 -64.73 24.23
C LYS E 181 -57.92 -63.64 24.21
N PHE E 182 -57.38 -63.35 23.03
CA PHE E 182 -56.39 -62.27 22.90
C PHE E 182 -57.01 -60.92 23.23
N LYS E 183 -58.24 -60.67 22.80
CA LYS E 183 -58.91 -59.41 23.13
C LYS E 183 -59.13 -59.28 24.63
N ASP E 184 -59.58 -60.36 25.27
CA ASP E 184 -59.77 -60.34 26.72
C ASP E 184 -58.46 -60.10 27.45
N LEU E 185 -57.39 -60.76 26.99
CA LEU E 185 -56.08 -60.58 27.61
C LEU E 185 -55.58 -59.15 27.41
N GLN E 186 -55.82 -58.57 26.22
CA GLN E 186 -55.45 -57.18 25.98
C GLN E 186 -56.19 -56.24 26.92
N LEU E 187 -57.48 -56.47 27.10
CA LEU E 187 -58.27 -55.64 28.00
C LEU E 187 -57.77 -55.77 29.44
N LYS E 188 -57.50 -57.00 29.87
CA LYS E 188 -56.98 -57.21 31.22
C LYS E 188 -55.63 -56.52 31.40
N GLU E 189 -54.74 -56.65 30.43
CA GLU E 189 -53.42 -56.02 30.51
C GLU E 189 -53.56 -54.51 30.56
N VAL E 190 -54.42 -53.93 29.74
CA VAL E 190 -54.56 -52.48 29.70
C VAL E 190 -55.11 -51.96 31.03
N LYS E 191 -56.15 -52.61 31.56
CA LYS E 191 -56.74 -52.15 32.81
C LYS E 191 -55.75 -52.30 33.97
N ASN E 192 -55.11 -53.46 34.06
CA ASN E 192 -54.12 -53.67 35.12
C ASN E 192 -52.95 -52.70 34.98
N GLY E 193 -52.54 -52.41 33.75
CA GLY E 193 -51.42 -51.51 33.54
C GLY E 193 -51.74 -50.08 33.91
N ARG E 194 -52.97 -49.63 33.61
CA ARG E 194 -53.36 -48.29 34.04
C ARG E 194 -53.44 -48.20 35.56
N LEU E 195 -54.03 -49.21 36.20
CA LEU E 195 -54.10 -49.21 37.65
C LEU E 195 -52.71 -49.23 38.27
N ALA E 196 -51.80 -50.02 37.69
CA ALA E 196 -50.45 -50.11 38.21
C ALA E 196 -49.63 -48.86 37.90
N MET E 197 -49.92 -48.18 36.80
CA MET E 197 -49.34 -46.87 36.54
C MET E 197 -49.68 -45.90 37.65
N ILE E 198 -50.97 -45.78 37.96
CA ILE E 198 -51.39 -44.88 39.03
C ILE E 198 -50.75 -45.31 40.35
N ALA E 199 -50.74 -46.62 40.62
CA ALA E 199 -50.18 -47.12 41.86
C ALA E 199 -48.69 -46.81 41.97
N ALA E 200 -47.94 -47.05 40.89
CA ALA E 200 -46.49 -46.86 40.92
C ALA E 200 -46.14 -45.38 41.05
N ALA E 201 -46.88 -44.50 40.38
CA ALA E 201 -46.67 -43.07 40.58
C ALA E 201 -46.93 -42.69 42.04
N GLY E 202 -47.99 -43.24 42.62
CA GLY E 202 -48.27 -42.97 44.03
C GLY E 202 -47.15 -43.46 44.94
N MET E 203 -46.65 -44.67 44.68
CA MET E 203 -45.57 -45.21 45.50
C MET E 203 -44.31 -44.37 45.37
N ILE E 204 -43.99 -43.92 44.15
CA ILE E 204 -42.82 -43.08 43.95
C ILE E 204 -42.94 -41.79 44.75
N LEU E 205 -44.10 -41.12 44.64
CA LEU E 205 -44.27 -39.87 45.37
C LEU E 205 -44.26 -40.09 46.88
N GLN E 206 -44.91 -41.17 47.36
CA GLN E 206 -44.92 -41.45 48.78
C GLN E 206 -43.52 -41.73 49.31
N GLY E 207 -42.73 -42.51 48.57
CA GLY E 207 -41.38 -42.80 49.00
C GLY E 207 -40.48 -41.57 48.99
N VAL E 208 -40.67 -40.70 47.99
CA VAL E 208 -39.86 -39.49 47.93
C VAL E 208 -40.22 -38.54 49.07
N SER E 209 -41.52 -38.39 49.37
CA SER E 209 -41.94 -37.42 50.37
C SER E 209 -41.80 -37.97 51.78
N THR E 210 -42.54 -39.03 52.10
CA THR E 210 -42.59 -39.54 53.46
C THR E 210 -41.35 -40.35 53.84
N HIS E 211 -40.57 -40.81 52.86
CA HIS E 211 -39.36 -41.61 53.11
C HIS E 211 -39.68 -42.87 53.89
N GLN E 212 -40.84 -43.47 53.63
CA GLN E 212 -41.28 -44.68 54.33
C GLN E 212 -41.84 -45.66 53.31
N GLY E 213 -42.13 -46.87 53.79
CA GLY E 213 -42.64 -47.91 52.93
C GLY E 213 -44.07 -47.64 52.48
N ALA E 214 -44.47 -48.35 51.43
CA ALA E 214 -45.81 -48.18 50.89
C ALA E 214 -46.87 -48.65 51.87
N LEU E 215 -46.79 -49.91 52.29
CA LEU E 215 -47.71 -50.40 53.32
C LEU E 215 -47.45 -49.73 54.67
N GLU E 216 -46.25 -49.19 54.89
CA GLU E 216 -46.03 -48.37 56.07
C GLU E 216 -46.89 -47.12 56.02
N ASN E 217 -46.98 -46.47 54.86
CA ASN E 217 -47.90 -45.37 54.68
C ASN E 217 -49.35 -45.84 54.78
N LEU E 218 -49.62 -47.07 54.37
CA LEU E 218 -50.99 -47.60 54.40
C LEU E 218 -51.52 -47.66 55.82
N SER E 219 -50.70 -48.08 56.78
CA SER E 219 -51.12 -48.18 58.17
C SER E 219 -50.52 -47.05 59.01
N GLY F 78 34.25 -32.33 -37.69
CA GLY F 78 35.33 -31.37 -37.93
C GLY F 78 36.67 -31.86 -37.41
N LEU F 79 36.66 -32.48 -36.24
CA LEU F 79 37.89 -33.00 -35.64
C LEU F 79 38.45 -34.18 -36.42
N GLU F 80 37.64 -34.83 -37.25
CA GLU F 80 38.11 -36.00 -38.00
C GLU F 80 39.16 -35.64 -39.03
N ASN F 81 39.18 -34.39 -39.51
CA ASN F 81 40.08 -33.97 -40.57
C ASN F 81 41.16 -33.02 -40.06
N GLN F 82 41.55 -33.16 -38.79
CA GLN F 82 42.56 -32.31 -38.19
C GLN F 82 43.64 -33.17 -37.54
N VAL F 83 44.86 -32.64 -37.49
CA VAL F 83 45.95 -33.35 -36.85
C VAL F 83 45.75 -33.34 -35.34
N GLY F 84 46.10 -34.45 -34.69
CA GLY F 84 46.06 -34.48 -33.24
C GLY F 84 45.65 -35.79 -32.59
N PHE F 85 44.99 -36.68 -33.33
CA PHE F 85 44.54 -37.94 -32.77
C PHE F 85 45.35 -39.09 -33.36
N ASP F 86 45.59 -40.11 -32.53
CA ASP F 86 46.43 -41.24 -32.90
C ASP F 86 45.89 -42.50 -32.21
N ILE F 87 46.72 -43.54 -32.18
CA ILE F 87 46.30 -44.83 -31.65
C ILE F 87 46.06 -44.79 -30.14
N GLU F 88 46.64 -43.81 -29.44
CA GLU F 88 46.54 -43.79 -27.98
C GLU F 88 45.11 -43.63 -27.51
N THR F 89 44.26 -42.99 -28.31
CA THR F 89 42.86 -42.79 -27.94
C THR F 89 41.96 -43.46 -28.98
N GLY F 90 42.29 -44.68 -29.36
CA GLY F 90 41.52 -45.35 -30.39
C GLY F 90 41.96 -44.88 -31.76
N GLY F 91 41.00 -44.42 -32.56
CA GLY F 91 41.31 -43.83 -33.85
C GLY F 91 40.61 -42.51 -34.03
N LYS F 92 39.69 -42.22 -33.12
CA LYS F 92 38.83 -41.05 -33.05
C LYS F 92 39.53 -39.90 -32.33
N PRO F 93 39.17 -38.66 -32.64
CA PRO F 93 39.72 -37.52 -31.88
C PRO F 93 39.20 -37.54 -30.46
N TRP F 94 40.13 -37.48 -29.50
CA TRP F 94 39.77 -37.51 -28.09
C TRP F 94 39.19 -36.17 -27.68
N ASP F 95 37.91 -36.16 -27.33
CA ASP F 95 37.21 -34.94 -26.93
C ASP F 95 36.05 -35.32 -26.02
N PRO F 96 36.33 -35.66 -24.76
CA PRO F 96 35.25 -36.06 -23.85
C PRO F 96 34.20 -34.98 -23.64
N PHE F 97 34.60 -33.71 -23.61
CA PHE F 97 33.69 -32.62 -23.29
C PHE F 97 33.13 -31.92 -24.52
N GLY F 98 33.48 -32.37 -25.71
CA GLY F 98 32.95 -31.76 -26.93
C GLY F 98 33.30 -30.29 -27.08
N PHE F 99 34.44 -29.86 -26.54
CA PHE F 99 34.80 -28.46 -26.57
C PHE F 99 35.07 -27.95 -27.98
N ALA F 100 35.37 -28.84 -28.93
CA ALA F 100 35.61 -28.42 -30.30
C ALA F 100 34.34 -28.01 -31.01
N GLY F 101 33.19 -28.50 -30.57
CA GLY F 101 31.92 -28.23 -31.20
C GLY F 101 31.04 -27.20 -30.50
N VAL F 102 31.57 -26.48 -29.51
CA VAL F 102 30.77 -25.47 -28.84
C VAL F 102 30.78 -24.12 -29.56
N SER F 103 31.73 -23.90 -30.48
CA SER F 103 31.78 -22.64 -31.22
C SER F 103 30.55 -22.48 -32.11
N GLU F 104 30.13 -23.56 -32.78
CA GLU F 104 28.97 -23.50 -33.66
C GLU F 104 27.66 -23.38 -32.90
N ARG F 105 27.69 -23.50 -31.57
CA ARG F 105 26.49 -23.48 -30.76
C ARG F 105 26.00 -22.04 -30.62
N ASN F 106 25.07 -21.83 -29.69
CA ASN F 106 24.36 -20.55 -29.58
C ASN F 106 25.32 -19.40 -29.31
N GLY F 107 25.04 -18.26 -29.91
CA GLY F 107 25.85 -17.07 -29.84
C GLY F 107 26.58 -16.83 -31.14
N LEU F 108 26.75 -15.55 -31.48
CA LEU F 108 27.53 -15.17 -32.66
C LEU F 108 28.94 -15.70 -32.50
N GLY F 109 29.67 -15.16 -31.52
CA GLY F 109 30.83 -15.85 -31.00
C GLY F 109 31.10 -15.46 -29.57
N ILE F 110 31.09 -16.45 -28.67
CA ILE F 110 31.52 -16.26 -27.30
C ILE F 110 32.51 -17.33 -26.86
N LEU F 111 32.49 -18.50 -27.47
CA LEU F 111 33.40 -19.60 -27.22
C LEU F 111 34.35 -19.76 -28.40
N PRO F 112 35.59 -20.15 -28.15
CA PRO F 112 36.59 -20.14 -29.23
C PRO F 112 36.25 -21.13 -30.34
N HIS F 113 36.64 -20.76 -31.56
CA HIS F 113 36.57 -21.68 -32.68
C HIS F 113 37.65 -22.76 -32.52
N ILE F 114 37.51 -23.83 -33.31
CA ILE F 114 38.48 -24.92 -33.25
C ILE F 114 39.85 -24.43 -33.69
N LYS F 115 39.91 -23.46 -34.60
CA LYS F 115 41.19 -22.91 -35.03
C LYS F 115 41.91 -22.22 -33.87
N TRP F 116 41.18 -21.45 -33.08
CA TRP F 116 41.78 -20.81 -31.91
C TRP F 116 42.28 -21.86 -30.92
N LEU F 117 41.49 -22.91 -30.71
CA LEU F 117 41.90 -23.97 -29.79
C LEU F 117 43.17 -24.67 -30.27
N GLN F 118 43.29 -24.89 -31.58
CA GLN F 118 44.49 -25.53 -32.11
C GLN F 118 45.70 -24.61 -32.02
N GLU F 119 45.51 -23.32 -32.27
CA GLU F 119 46.63 -22.39 -32.11
C GLU F 119 47.06 -22.31 -30.65
N SER F 120 46.10 -22.36 -29.73
CA SER F 120 46.42 -22.44 -28.31
C SER F 120 47.18 -23.72 -28.00
N GLU F 121 46.79 -24.83 -28.63
CA GLU F 121 47.55 -26.07 -28.55
C GLU F 121 49.01 -25.84 -28.87
N ILE F 122 49.27 -25.33 -30.06
CA ILE F 122 50.64 -25.21 -30.53
C ILE F 122 51.43 -24.25 -29.64
N LYS F 123 50.83 -23.11 -29.28
CA LYS F 123 51.52 -22.13 -28.45
C LYS F 123 51.84 -22.69 -27.07
N HIS F 124 50.84 -23.28 -26.40
CA HIS F 124 51.05 -23.83 -25.07
C HIS F 124 52.06 -24.96 -25.08
N GLY F 125 52.01 -25.83 -26.10
CA GLY F 125 52.95 -26.93 -26.17
C GLY F 125 54.37 -26.47 -26.39
N ARG F 126 54.58 -25.50 -27.29
CA ARG F 126 55.92 -24.98 -27.51
C ARG F 126 56.45 -24.29 -26.25
N THR F 127 55.59 -23.50 -25.60
CA THR F 127 56.00 -22.84 -24.36
C THR F 127 56.34 -23.87 -23.28
N ALA F 128 55.56 -24.95 -23.19
CA ALA F 128 55.81 -25.97 -22.18
C ALA F 128 57.11 -26.72 -22.46
N MET F 129 57.40 -27.02 -23.73
CA MET F 129 58.67 -27.66 -24.05
C MET F 129 59.85 -26.76 -23.70
N LEU F 130 59.75 -25.47 -24.05
CA LEU F 130 60.81 -24.53 -23.71
C LEU F 130 60.98 -24.42 -22.19
N ALA F 131 59.86 -24.40 -21.46
CA ALA F 131 59.93 -24.27 -20.00
C ALA F 131 60.50 -25.52 -19.35
N PHE F 132 60.17 -26.70 -19.90
CA PHE F 132 60.79 -27.91 -19.38
C PHE F 132 62.30 -27.87 -19.57
N LEU F 133 62.75 -27.47 -20.76
CA LEU F 133 64.19 -27.32 -20.94
C LEU F 133 64.77 -26.29 -19.98
N GLY F 134 64.06 -25.20 -19.75
CA GLY F 134 64.53 -24.12 -18.90
C GLY F 134 64.44 -24.38 -17.41
N VAL F 135 63.77 -25.45 -16.99
CA VAL F 135 63.81 -25.85 -15.59
C VAL F 135 64.82 -26.99 -15.43
N ILE F 136 65.03 -27.77 -16.49
CA ILE F 136 65.96 -28.89 -16.40
C ILE F 136 67.40 -28.41 -16.56
N VAL F 137 67.69 -27.68 -17.64
CA VAL F 137 69.09 -27.32 -17.93
C VAL F 137 69.70 -26.42 -16.86
N PRO F 138 69.09 -25.28 -16.47
CA PRO F 138 69.72 -24.45 -15.43
C PRO F 138 69.69 -25.09 -14.05
N GLY F 139 68.50 -25.55 -13.64
CA GLY F 139 68.34 -26.02 -12.27
C GLY F 139 69.15 -27.28 -11.96
N SER F 140 69.15 -28.24 -12.89
CA SER F 140 69.82 -29.51 -12.64
C SER F 140 71.25 -29.53 -13.15
N LEU F 141 71.44 -29.28 -14.45
CA LEU F 141 72.76 -29.39 -15.04
C LEU F 141 73.72 -28.31 -14.55
N GLY F 142 73.22 -27.26 -13.93
CA GLY F 142 74.06 -26.21 -13.40
C GLY F 142 74.58 -25.21 -14.41
N ILE F 143 74.18 -25.32 -15.67
CA ILE F 143 74.61 -24.37 -16.69
C ILE F 143 73.91 -23.04 -16.47
N TYR F 144 74.68 -21.97 -16.42
CA TYR F 144 74.15 -20.64 -16.16
C TYR F 144 74.78 -19.62 -17.10
N VAL F 145 73.98 -18.65 -17.51
CA VAL F 145 74.54 -17.50 -18.24
C VAL F 145 75.47 -16.74 -17.30
N PRO F 146 76.65 -16.28 -17.76
CA PRO F 146 77.66 -15.74 -16.82
C PRO F 146 77.16 -14.73 -15.80
N THR F 147 76.60 -13.61 -16.25
CA THR F 147 76.18 -12.56 -15.32
C THR F 147 74.71 -12.70 -14.91
N TYR F 148 74.33 -13.90 -14.48
CA TYR F 148 72.97 -14.15 -14.04
C TYR F 148 72.99 -14.90 -12.71
N PRO F 149 71.97 -14.72 -11.88
CA PRO F 149 71.95 -15.37 -10.57
C PRO F 149 71.99 -16.88 -10.69
N GLN F 150 72.71 -17.52 -9.78
CA GLN F 150 72.84 -18.97 -9.76
C GLN F 150 71.80 -19.56 -8.80
N GLU F 151 70.55 -19.52 -9.23
CA GLU F 151 69.42 -19.98 -8.44
C GLU F 151 68.78 -21.20 -9.10
N PRO F 152 69.04 -22.41 -8.60
CA PRO F 152 68.41 -23.62 -9.16
C PRO F 152 66.97 -23.79 -8.67
N ASP F 153 66.14 -22.78 -8.94
CA ASP F 153 64.75 -22.79 -8.48
C ASP F 153 63.96 -21.88 -9.39
N PHE F 154 62.99 -22.45 -10.11
CA PHE F 154 62.19 -21.66 -11.05
C PHE F 154 61.17 -20.77 -10.35
N THR F 155 60.90 -21.00 -9.06
CA THR F 155 59.98 -20.14 -8.32
C THR F 155 60.63 -18.84 -7.85
N LYS F 156 61.95 -18.71 -7.98
CA LYS F 156 62.65 -17.49 -7.61
C LYS F 156 63.56 -16.96 -8.72
N ALA F 157 63.85 -17.76 -9.74
CA ALA F 157 64.76 -17.34 -10.80
C ALA F 157 64.22 -16.14 -11.56
N PHE F 158 62.91 -16.10 -11.78
CA PHE F 158 62.33 -14.99 -12.52
C PHE F 158 62.61 -13.66 -11.83
N SER F 159 62.29 -13.58 -10.53
CA SER F 159 62.56 -12.34 -9.79
C SER F 159 64.05 -12.06 -9.68
N ALA F 160 64.85 -13.11 -9.46
CA ALA F 160 66.29 -12.91 -9.30
C ALA F 160 66.91 -12.31 -10.56
N ALA F 161 66.51 -12.79 -11.73
CA ALA F 161 66.97 -12.21 -12.98
C ALA F 161 66.31 -10.88 -13.27
N LEU F 162 65.07 -10.68 -12.78
CA LEU F 162 64.39 -9.41 -12.95
C LEU F 162 65.14 -8.28 -12.24
N GLN F 163 65.79 -8.59 -11.12
CA GLN F 163 66.62 -7.59 -10.46
C GLN F 163 68.04 -7.58 -10.98
N SER F 164 68.65 -8.77 -11.14
CA SER F 164 70.08 -8.83 -11.47
C SER F 164 70.36 -8.27 -12.86
N ASN F 165 69.60 -8.71 -13.86
CA ASN F 165 69.76 -8.25 -15.24
C ASN F 165 68.42 -7.75 -15.75
N PRO F 166 68.00 -6.56 -15.33
CA PRO F 166 66.71 -6.03 -15.81
C PRO F 166 66.67 -5.84 -17.31
N LEU F 167 67.79 -5.44 -17.92
CA LEU F 167 67.81 -5.20 -19.36
C LEU F 167 67.54 -6.48 -20.14
N GLY F 168 68.12 -7.59 -19.69
CA GLY F 168 67.90 -8.86 -20.38
C GLY F 168 66.44 -9.28 -20.35
N MET F 169 65.80 -9.18 -19.19
CA MET F 169 64.39 -9.52 -19.09
C MET F 169 63.53 -8.58 -19.92
N ALA F 170 63.86 -7.29 -19.92
CA ALA F 170 63.12 -6.34 -20.74
C ALA F 170 63.22 -6.68 -22.22
N GLN F 171 64.43 -7.04 -22.68
CA GLN F 171 64.59 -7.41 -24.08
C GLN F 171 63.87 -8.71 -24.41
N ILE F 172 63.85 -9.66 -23.47
CA ILE F 172 63.12 -10.90 -23.69
C ILE F 172 61.63 -10.61 -23.84
N ALA F 173 61.09 -9.76 -22.96
CA ALA F 173 59.68 -9.41 -23.04
C ALA F 173 59.36 -8.68 -24.34
N LEU F 174 60.25 -7.76 -24.76
CA LEU F 174 60.02 -7.06 -26.02
C LEU F 174 60.04 -8.01 -27.21
N ALA F 175 60.99 -8.95 -27.22
CA ALA F 175 61.06 -9.92 -28.31
C ALA F 175 59.82 -10.79 -28.34
N VAL F 176 59.35 -11.24 -27.17
CA VAL F 176 58.15 -12.06 -27.11
C VAL F 176 56.95 -11.28 -27.64
N ALA F 177 56.82 -10.02 -27.22
CA ALA F 177 55.70 -9.20 -27.66
C ALA F 177 55.74 -8.99 -29.17
N ILE F 178 56.92 -8.71 -29.72
CA ILE F 178 57.04 -8.49 -31.16
C ILE F 178 56.68 -9.76 -31.92
N ILE F 179 57.21 -10.90 -31.46
CA ILE F 179 56.96 -12.18 -32.13
C ILE F 179 55.46 -12.49 -32.13
N GLU F 180 54.79 -12.26 -31.00
CA GLU F 180 53.36 -12.57 -30.94
C GLU F 180 52.54 -11.58 -31.74
N GLY F 181 52.88 -10.29 -31.70
CA GLY F 181 52.14 -9.31 -32.46
C GLY F 181 52.24 -9.53 -33.96
N HIS F 182 53.41 -9.94 -34.44
CA HIS F 182 53.55 -10.25 -35.86
C HIS F 182 52.72 -11.48 -36.23
N TYR F 183 52.63 -12.46 -35.34
CA TYR F 183 51.90 -13.70 -35.56
C TYR F 183 50.56 -13.70 -34.85
N TYR F 184 49.88 -12.55 -34.87
CA TYR F 184 48.63 -12.38 -34.15
C TYR F 184 47.61 -13.44 -34.55
N ALA F 185 46.97 -14.04 -33.54
CA ALA F 185 45.89 -14.99 -33.73
C ALA F 185 44.68 -14.43 -33.00
N GLY F 186 43.93 -13.55 -33.66
CA GLY F 186 42.73 -12.98 -33.09
C GLY F 186 41.52 -13.25 -33.94
N ASP F 187 41.74 -13.45 -35.24
CA ASP F 187 40.69 -13.90 -36.13
C ASP F 187 40.43 -15.40 -36.02
N PHE F 188 41.28 -16.11 -35.26
CA PHE F 188 41.06 -17.53 -35.03
C PHE F 188 39.92 -17.78 -34.06
N TRP F 189 39.56 -16.79 -33.24
CA TRP F 189 38.51 -16.97 -32.25
C TRP F 189 37.17 -17.26 -32.91
N THR F 190 36.85 -16.53 -33.98
CA THR F 190 35.64 -16.77 -34.75
C THR F 190 35.89 -17.66 -35.96
N GLY F 191 37.11 -18.16 -36.13
CA GLY F 191 37.44 -18.97 -37.29
C GLY F 191 37.76 -18.11 -38.49
N GLY F 192 38.88 -18.39 -39.16
CA GLY F 192 39.31 -17.64 -40.31
C GLY F 192 40.69 -17.04 -40.11
N GLY F 193 41.17 -16.39 -41.16
CA GLY F 193 42.49 -15.82 -41.16
C GLY F 193 43.36 -16.35 -42.28
N ASP F 194 44.42 -15.64 -42.62
CA ASP F 194 45.32 -16.08 -43.68
C ASP F 194 46.26 -17.19 -43.21
N ARG F 195 46.69 -17.14 -41.95
CA ARG F 195 47.65 -18.10 -41.43
C ARG F 195 46.99 -19.46 -41.17
N GLN F 196 47.83 -20.46 -40.97
CA GLN F 196 47.39 -21.77 -40.51
C GLN F 196 47.71 -21.92 -39.02
N VAL F 197 47.35 -23.07 -38.47
CA VAL F 197 47.55 -23.30 -37.04
C VAL F 197 49.05 -23.48 -36.80
N GLY F 198 49.66 -22.50 -36.12
CA GLY F 198 51.08 -22.57 -35.84
C GLY F 198 51.97 -22.57 -37.06
N ALA F 199 51.57 -21.88 -38.12
CA ALA F 199 52.37 -21.84 -39.35
C ALA F 199 53.72 -21.20 -39.09
N PHE F 200 53.73 -19.91 -38.76
CA PHE F 200 54.91 -19.20 -38.28
C PHE F 200 56.10 -19.21 -39.22
N GLY F 201 55.94 -19.76 -40.42
CA GLY F 201 57.06 -19.95 -41.32
C GLY F 201 58.15 -20.78 -40.68
N PHE F 202 59.28 -20.13 -40.35
CA PHE F 202 60.31 -20.66 -39.45
C PHE F 202 60.69 -22.11 -39.75
N ASP F 203 61.31 -22.29 -40.91
CA ASP F 203 61.98 -23.55 -41.25
C ASP F 203 63.40 -23.25 -41.72
N PRO F 204 64.29 -22.85 -40.79
CA PRO F 204 65.67 -22.56 -41.18
C PRO F 204 66.42 -23.76 -41.74
N LEU F 205 66.51 -24.84 -40.97
CA LEU F 205 67.32 -25.98 -41.38
C LEU F 205 66.50 -27.03 -42.13
N GLY F 206 65.71 -26.58 -43.09
CA GLY F 206 65.04 -27.42 -44.08
C GLY F 206 64.54 -28.78 -43.64
N PHE F 207 63.97 -28.87 -42.43
CA PHE F 207 63.49 -30.17 -41.96
C PHE F 207 62.26 -30.62 -42.73
N SER F 208 61.44 -29.68 -43.20
CA SER F 208 60.30 -29.97 -44.05
C SER F 208 60.48 -29.35 -45.43
N LYS F 209 61.71 -29.41 -45.95
CA LYS F 209 62.01 -28.81 -47.25
C LYS F 209 61.19 -29.46 -48.35
N GLY F 210 61.41 -30.75 -48.60
CA GLY F 210 60.56 -31.50 -49.49
C GLY F 210 60.13 -32.80 -48.85
N LYS F 211 58.83 -32.93 -48.57
CA LYS F 211 58.30 -34.12 -47.90
C LYS F 211 56.90 -34.40 -48.41
N SER F 212 56.48 -35.64 -48.23
CA SER F 212 55.10 -36.00 -48.54
C SER F 212 54.16 -35.34 -47.54
N GLU F 213 52.90 -35.16 -47.98
CA GLU F 213 51.90 -34.54 -47.10
C GLU F 213 51.70 -35.36 -45.85
N ALA F 214 51.68 -36.69 -45.99
CA ALA F 214 51.55 -37.56 -44.81
C ALA F 214 52.73 -37.38 -43.87
N ALA F 215 53.94 -37.19 -44.42
CA ALA F 215 55.11 -36.97 -43.58
C ALA F 215 55.00 -35.67 -42.80
N ILE F 216 54.53 -34.60 -43.45
CA ILE F 216 54.37 -33.33 -42.75
C ILE F 216 53.29 -33.45 -41.67
N LYS F 217 52.21 -34.15 -41.97
CA LYS F 217 51.16 -34.37 -40.97
C LYS F 217 51.71 -35.18 -39.78
N SER F 218 52.53 -36.19 -40.05
CA SER F 218 53.12 -36.97 -38.98
C SER F 218 54.06 -36.13 -38.13
N MET F 219 54.86 -35.27 -38.75
CA MET F 219 55.73 -34.38 -37.98
C MET F 219 54.92 -33.42 -37.12
N GLN F 220 53.83 -32.88 -37.67
CA GLN F 220 52.96 -32.01 -36.88
C GLN F 220 52.35 -32.77 -35.70
N LEU F 221 51.93 -34.01 -35.93
CA LEU F 221 51.38 -34.81 -34.85
C LEU F 221 52.42 -35.08 -33.77
N LYS F 222 53.66 -35.36 -34.18
CA LYS F 222 54.73 -35.54 -33.21
C LYS F 222 54.95 -34.28 -32.39
N GLU F 223 54.93 -33.12 -33.05
CA GLU F 223 55.09 -31.85 -32.34
C GLU F 223 53.96 -31.64 -31.34
N ILE F 224 52.72 -31.91 -31.75
CA ILE F 224 51.58 -31.70 -30.87
C ILE F 224 51.64 -32.63 -29.66
N LYS F 225 51.98 -33.90 -29.89
CA LYS F 225 52.05 -34.86 -28.80
C LYS F 225 53.17 -34.52 -27.84
N ASN F 226 54.33 -34.11 -28.35
CA ASN F 226 55.42 -33.69 -27.48
C ASN F 226 55.03 -32.44 -26.69
N GLY F 227 54.30 -31.53 -27.31
CA GLY F 227 53.83 -30.36 -26.58
C GLY F 227 52.87 -30.74 -25.46
N ARG F 228 51.97 -31.68 -25.71
CA ARG F 228 51.08 -32.16 -24.66
C ARG F 228 51.86 -32.81 -23.53
N LEU F 229 52.88 -33.61 -23.87
CA LEU F 229 53.71 -34.24 -22.85
C LEU F 229 54.44 -33.19 -22.02
N ALA F 230 54.93 -32.13 -22.65
CA ALA F 230 55.59 -31.06 -21.92
C ALA F 230 54.62 -30.30 -21.04
N MET F 231 53.40 -30.08 -21.52
CA MET F 231 52.35 -29.50 -20.68
C MET F 231 52.17 -30.33 -19.42
N ILE F 232 52.07 -31.65 -19.58
CA ILE F 232 51.87 -32.55 -18.45
C ILE F 232 53.06 -32.48 -17.49
N ALA F 233 54.28 -32.46 -18.04
CA ALA F 233 55.47 -32.39 -17.20
C ALA F 233 55.51 -31.09 -16.40
N MET F 234 55.19 -29.96 -17.03
CA MET F 234 55.20 -28.69 -16.32
C MET F 234 54.11 -28.61 -15.27
N ALA F 235 52.92 -29.15 -15.59
CA ALA F 235 51.86 -29.22 -14.59
C ALA F 235 52.29 -30.09 -13.42
N ALA F 236 53.01 -31.17 -13.69
CA ALA F 236 53.52 -32.02 -12.63
C ALA F 236 54.53 -31.27 -11.76
N PHE F 237 55.41 -30.50 -12.39
CA PHE F 237 56.34 -29.66 -11.63
C PHE F 237 55.58 -28.73 -10.69
N ALA F 238 54.59 -28.01 -11.23
CA ALA F 238 53.83 -27.07 -10.41
C ALA F 238 53.09 -27.78 -9.29
N SER F 239 52.50 -28.94 -9.58
CA SER F 239 51.75 -29.68 -8.58
C SER F 239 52.65 -30.17 -7.45
N GLU F 240 53.82 -30.72 -7.79
CA GLU F 240 54.74 -31.19 -6.76
C GLU F 240 55.27 -30.04 -5.92
N LYS F 241 55.50 -28.88 -6.55
CA LYS F 241 55.92 -27.73 -5.76
C LYS F 241 54.82 -27.27 -4.81
N PHE F 242 53.56 -27.31 -5.26
CA PHE F 242 52.45 -26.89 -4.41
C PHE F 242 52.05 -27.98 -3.42
N ILE F 243 51.65 -29.14 -3.93
CA ILE F 243 51.24 -30.27 -3.09
C ILE F 243 52.39 -31.28 -3.11
N PRO F 244 53.16 -31.40 -2.03
CA PRO F 244 54.28 -32.35 -2.03
C PRO F 244 53.78 -33.78 -2.16
N GLY F 245 54.58 -34.60 -2.86
CA GLY F 245 54.20 -35.98 -3.10
C GLY F 245 53.17 -36.18 -4.17
N SER F 246 52.84 -35.21 -5.00
CA SER F 246 51.80 -35.40 -5.99
C SER F 246 52.32 -36.20 -7.14
N VAL F 247 53.57 -36.02 -7.51
CA VAL F 247 54.21 -36.85 -8.52
C VAL F 247 55.27 -37.69 -7.82
N PRO F 248 55.07 -39.00 -7.67
CA PRO F 248 55.98 -39.79 -6.82
C PRO F 248 57.40 -39.87 -7.37
N LEU F 249 57.56 -40.22 -8.63
CA LEU F 249 58.88 -40.47 -9.20
C LEU F 249 59.64 -39.19 -9.55
N LEU F 250 59.02 -38.01 -9.39
CA LEU F 250 59.61 -36.78 -9.91
C LEU F 250 60.96 -36.50 -9.28
N HIS F 251 61.04 -36.51 -7.95
CA HIS F 251 62.30 -36.21 -7.27
C HIS F 251 63.33 -37.32 -7.44
N SER F 252 62.89 -38.52 -7.82
CA SER F 252 63.82 -39.60 -8.16
C SER F 252 64.24 -39.58 -9.62
N ALA F 253 63.61 -38.74 -10.44
CA ALA F 253 63.98 -38.60 -11.84
C ALA F 253 64.67 -37.28 -12.15
N PHE F 254 64.58 -36.30 -11.27
CA PHE F 254 65.35 -35.07 -11.35
C PHE F 254 65.99 -34.89 -9.98
N PRO F 255 67.08 -35.61 -9.71
CA PRO F 255 67.61 -35.68 -8.33
C PRO F 255 67.94 -34.33 -7.73
N THR F 256 68.42 -33.39 -8.55
CA THR F 256 68.66 -32.03 -8.10
C THR F 256 67.43 -31.16 -8.36
N LEU F 257 67.32 -30.08 -7.59
CA LEU F 257 66.18 -29.17 -7.70
C LEU F 257 66.11 -28.53 -9.08
N SER G 35 -89.74 -6.48 29.71
CA SER G 35 -89.24 -7.54 30.57
C SER G 35 -90.27 -7.93 31.62
N LYS G 36 -89.92 -8.92 32.45
CA LYS G 36 -90.74 -9.33 33.57
C LYS G 36 -90.18 -8.86 34.91
N ALA G 37 -88.97 -8.32 34.91
CA ALA G 37 -88.38 -7.66 36.06
C ALA G 37 -87.70 -6.38 35.58
N VAL G 38 -87.67 -5.37 36.45
CA VAL G 38 -87.22 -4.04 36.08
C VAL G 38 -88.02 -3.59 34.86
N PRO G 39 -89.31 -3.30 35.00
CA PRO G 39 -90.16 -3.08 33.82
C PRO G 39 -89.82 -1.84 33.01
N PHE G 40 -89.09 -0.88 33.57
CA PHE G 40 -88.75 0.32 32.81
C PHE G 40 -87.59 0.12 31.86
N LEU G 41 -86.98 -1.07 31.84
CA LEU G 41 -86.03 -1.48 30.82
C LEU G 41 -86.63 -2.62 30.04
N GLU G 42 -86.65 -2.49 28.71
CA GLU G 42 -87.35 -3.46 27.87
C GLU G 42 -86.73 -4.85 28.00
N ALA G 43 -85.48 -5.00 27.58
CA ALA G 43 -84.76 -6.26 27.59
C ALA G 43 -83.32 -5.99 27.20
N PRO G 44 -82.39 -6.87 27.61
CA PRO G 44 -80.99 -6.67 27.21
C PRO G 44 -80.82 -6.67 25.70
N LYS G 45 -81.18 -7.79 25.06
CA LYS G 45 -81.15 -7.99 23.62
C LYS G 45 -81.24 -9.49 23.30
N ALA G 46 -80.61 -10.30 24.14
CA ALA G 46 -80.50 -11.74 23.90
C ALA G 46 -81.30 -12.58 24.88
N LEU G 47 -81.93 -11.96 25.89
CA LEU G 47 -82.73 -12.69 26.87
C LEU G 47 -84.15 -12.91 26.34
N ASP G 48 -84.22 -13.65 25.22
CA ASP G 48 -85.51 -13.94 24.60
C ASP G 48 -86.36 -14.84 25.48
N GLY G 49 -85.75 -15.83 26.12
CA GLY G 49 -86.48 -16.79 26.93
C GLY G 49 -86.10 -18.22 26.62
N SER G 50 -85.15 -18.40 25.71
CA SER G 50 -84.69 -19.74 25.34
C SER G 50 -83.90 -20.41 26.45
N LEU G 51 -83.47 -19.66 27.47
CA LEU G 51 -82.75 -20.25 28.59
C LEU G 51 -83.68 -20.38 29.80
N PRO G 52 -83.55 -21.46 30.57
CA PRO G 52 -84.40 -21.63 31.74
C PRO G 52 -84.11 -20.59 32.81
N ALA G 53 -85.08 -20.42 33.71
CA ALA G 53 -85.00 -19.45 34.81
C ALA G 53 -84.83 -18.02 34.30
N ASP G 54 -85.38 -17.74 33.12
CA ASP G 54 -85.25 -16.42 32.51
C ASP G 54 -86.42 -15.55 32.94
N VAL G 55 -86.10 -14.41 33.57
CA VAL G 55 -87.10 -13.38 33.86
C VAL G 55 -86.79 -12.07 33.17
N GLY G 56 -85.59 -11.91 32.62
CA GLY G 56 -85.22 -10.69 31.93
C GLY G 56 -84.40 -9.71 32.74
N PHE G 57 -83.96 -10.09 33.94
CA PHE G 57 -83.22 -9.19 34.82
C PHE G 57 -81.77 -9.13 34.37
N ASP G 58 -81.40 -8.02 33.72
CA ASP G 58 -80.02 -7.75 33.34
C ASP G 58 -79.88 -6.25 33.07
N PRO G 59 -79.87 -5.42 34.13
CA PRO G 59 -79.87 -3.97 33.91
C PRO G 59 -78.64 -3.46 33.16
N LEU G 60 -77.49 -4.07 33.38
CA LEU G 60 -76.25 -3.59 32.76
C LEU G 60 -76.06 -4.10 31.34
N GLY G 61 -76.94 -4.95 30.85
CA GLY G 61 -76.77 -5.49 29.50
C GLY G 61 -75.51 -6.30 29.33
N LEU G 62 -75.17 -7.11 30.33
CA LEU G 62 -73.93 -7.89 30.26
C LEU G 62 -74.04 -9.07 29.32
N SER G 63 -75.26 -9.46 28.93
CA SER G 63 -75.47 -10.60 28.05
C SER G 63 -75.33 -10.25 26.57
N ASP G 64 -74.63 -9.16 26.25
CA ASP G 64 -74.48 -8.73 24.87
C ASP G 64 -73.02 -8.49 24.50
N ILE G 65 -72.07 -8.86 25.35
CA ILE G 65 -70.66 -8.71 25.02
C ILE G 65 -70.33 -9.64 23.87
N GLY G 66 -69.66 -9.10 22.85
CA GLY G 66 -69.31 -9.89 21.68
C GLY G 66 -68.14 -10.82 21.86
N PHE G 67 -67.46 -10.73 23.00
CA PHE G 67 -66.30 -11.59 23.25
C PHE G 67 -66.73 -13.02 23.51
N ASP G 68 -66.19 -13.96 22.74
CA ASP G 68 -66.44 -15.37 22.96
C ASP G 68 -65.49 -15.84 24.06
N PHE G 69 -66.02 -16.10 25.25
CA PHE G 69 -65.18 -16.39 26.40
C PHE G 69 -64.54 -17.78 26.32
N THR G 70 -64.94 -18.62 25.36
CA THR G 70 -64.21 -19.85 25.15
C THR G 70 -62.76 -19.57 24.75
N TYR G 71 -62.49 -18.40 24.17
CA TYR G 71 -61.14 -18.01 23.85
C TYR G 71 -60.29 -17.74 25.10
N LEU G 72 -60.92 -17.58 26.26
CA LEU G 72 -60.15 -17.58 27.50
C LEU G 72 -59.60 -18.96 27.81
N MET G 73 -60.19 -20.02 27.25
CA MET G 73 -59.68 -21.37 27.41
C MET G 73 -58.77 -21.74 26.25
N VAL G 74 -59.30 -21.74 25.03
CA VAL G 74 -58.51 -21.97 23.83
C VAL G 74 -58.24 -20.61 23.19
N PRO G 75 -57.07 -20.02 23.41
CA PRO G 75 -56.84 -18.62 23.00
C PRO G 75 -57.02 -18.39 21.51
N THR G 76 -56.73 -19.39 20.68
CA THR G 76 -56.88 -19.25 19.24
C THR G 76 -58.13 -19.98 18.76
N LYS G 77 -58.55 -19.65 17.54
CA LYS G 77 -59.66 -20.35 16.92
C LYS G 77 -59.40 -21.84 16.82
N TRP G 78 -58.14 -22.23 16.62
CA TRP G 78 -57.70 -23.62 16.62
C TRP G 78 -58.39 -24.44 15.54
N ASP G 79 -59.70 -24.63 15.67
CA ASP G 79 -60.47 -25.43 14.74
C ASP G 79 -61.16 -24.53 13.73
N GLU G 80 -61.19 -24.96 12.47
CA GLU G 80 -61.89 -24.20 11.44
C GLU G 80 -63.40 -24.29 11.59
N SER G 81 -63.90 -25.28 12.33
CA SER G 81 -65.32 -25.42 12.59
C SER G 81 -65.77 -24.67 13.83
N ARG G 82 -64.87 -23.95 14.48
CA ARG G 82 -65.22 -23.20 15.69
C ARG G 82 -66.03 -21.96 15.32
N THR G 83 -67.35 -22.13 15.18
CA THR G 83 -68.21 -21.00 14.84
C THR G 83 -68.20 -19.96 15.94
N GLY G 84 -68.19 -20.39 17.20
CA GLY G 84 -68.15 -19.47 18.32
C GLY G 84 -69.25 -19.74 19.32
N LEU G 85 -69.07 -19.28 20.55
CA LEU G 85 -70.05 -19.45 21.61
C LEU G 85 -70.51 -18.08 22.08
N SER G 86 -71.82 -17.90 22.18
CA SER G 86 -72.37 -16.63 22.64
C SER G 86 -71.99 -16.40 24.10
N ALA G 87 -71.78 -15.13 24.46
CA ALA G 87 -71.45 -14.79 25.83
C ALA G 87 -72.58 -15.18 26.79
N LEU G 88 -73.82 -15.19 26.29
CA LEU G 88 -74.95 -15.56 27.16
C LEU G 88 -74.85 -17.03 27.58
N LYS G 89 -74.50 -17.92 26.65
CA LYS G 89 -74.39 -19.34 27.00
C LYS G 89 -73.24 -19.58 27.96
N TRP G 90 -72.11 -18.90 27.74
CA TRP G 90 -70.99 -19.00 28.67
C TRP G 90 -71.39 -18.49 30.05
N PHE G 91 -72.15 -17.39 30.09
CA PHE G 91 -72.59 -16.86 31.38
C PHE G 91 -73.57 -17.81 32.05
N ARG G 92 -74.42 -18.48 31.29
CA ARG G 92 -75.34 -19.46 31.88
C ARG G 92 -74.56 -20.63 32.46
N GLU G 93 -73.56 -21.13 31.73
CA GLU G 93 -72.73 -22.21 32.27
C GLU G 93 -72.01 -21.76 33.54
N ALA G 94 -71.47 -20.54 33.53
CA ALA G 94 -70.79 -20.01 34.69
C ALA G 94 -71.74 -19.85 35.87
N GLU G 95 -72.97 -19.40 35.62
CA GLU G 95 -73.95 -19.23 36.68
C GLU G 95 -74.35 -20.56 37.28
N ILE G 96 -74.57 -21.58 36.45
CA ILE G 96 -74.91 -22.90 36.96
C ILE G 96 -73.77 -23.46 37.80
N LYS G 97 -72.53 -23.34 37.29
CA LYS G 97 -71.37 -23.83 38.02
C LYS G 97 -71.19 -23.09 39.34
N HIS G 98 -71.37 -21.77 39.32
CA HIS G 98 -71.29 -20.97 40.55
C HIS G 98 -72.36 -21.41 41.55
N GLY G 99 -73.57 -21.66 41.07
CA GLY G 99 -74.63 -22.09 41.97
C GLY G 99 -74.34 -23.42 42.62
N ARG G 100 -73.88 -24.39 41.82
CA ARG G 100 -73.53 -25.69 42.40
C ARG G 100 -72.40 -25.57 43.41
N PHE G 101 -71.36 -24.79 43.07
CA PHE G 101 -70.25 -24.57 43.99
C PHE G 101 -70.73 -23.93 45.27
N ALA G 102 -71.61 -22.93 45.18
CA ALA G 102 -72.07 -22.22 46.36
C ALA G 102 -72.98 -23.09 47.22
N MET G 103 -73.81 -23.92 46.60
CA MET G 103 -74.66 -24.84 47.37
C MET G 103 -73.81 -25.82 48.16
N LEU G 104 -72.84 -26.46 47.49
CA LEU G 104 -71.95 -27.37 48.21
C LEU G 104 -71.14 -26.63 49.27
N ALA G 105 -70.74 -25.39 48.98
CA ALA G 105 -69.94 -24.62 49.91
C ALA G 105 -70.72 -24.27 51.17
N VAL G 106 -71.97 -23.83 51.02
CA VAL G 106 -72.76 -23.49 52.20
C VAL G 106 -73.07 -24.76 53.00
N LEU G 107 -73.30 -25.88 52.31
CA LEU G 107 -73.47 -27.14 53.04
C LEU G 107 -72.25 -27.46 53.88
N GLY G 108 -71.06 -27.35 53.28
CA GLY G 108 -69.84 -27.65 54.02
C GLY G 108 -69.57 -26.69 55.16
N TRP G 109 -69.77 -25.39 54.92
CA TRP G 109 -69.51 -24.39 55.95
C TRP G 109 -70.48 -24.55 57.12
N VAL G 110 -71.74 -24.84 56.82
CA VAL G 110 -72.71 -25.09 57.89
C VAL G 110 -72.36 -26.37 58.63
N ALA G 111 -71.87 -27.39 57.92
CA ALA G 111 -71.51 -28.65 58.56
C ALA G 111 -70.39 -28.45 59.57
N VAL G 112 -69.35 -27.70 59.21
CA VAL G 112 -68.21 -27.51 60.12
C VAL G 112 -68.51 -26.53 61.25
N ASP G 113 -69.64 -25.82 61.18
CA ASP G 113 -70.04 -25.00 62.31
C ASP G 113 -70.70 -25.83 63.41
N MET G 114 -71.44 -26.88 63.02
CA MET G 114 -72.12 -27.74 63.97
C MET G 114 -71.35 -29.03 64.26
N GLY G 115 -70.04 -29.02 64.05
CA GLY G 115 -69.22 -30.20 64.28
C GLY G 115 -68.98 -30.97 62.98
N LEU G 116 -69.30 -32.26 62.99
CA LEU G 116 -69.28 -33.10 61.79
C LEU G 116 -67.90 -33.08 61.12
N ARG G 117 -66.94 -33.65 61.82
CA ARG G 117 -65.58 -33.78 61.32
C ARG G 117 -65.38 -35.15 60.69
N LEU G 118 -64.46 -35.22 59.73
CA LEU G 118 -64.22 -36.45 59.00
C LEU G 118 -63.65 -37.51 59.96
N PRO G 119 -64.08 -38.78 59.81
CA PRO G 119 -63.59 -39.83 60.72
C PRO G 119 -62.13 -40.15 60.51
N VAL G 120 -61.26 -39.19 60.81
CA VAL G 120 -59.82 -39.35 60.66
C VAL G 120 -59.17 -38.29 61.53
N ALA G 121 -57.87 -38.48 61.81
CA ALA G 121 -57.12 -37.52 62.61
C ALA G 121 -56.97 -36.21 61.86
N LYS G 122 -56.25 -35.27 62.48
CA LYS G 122 -55.80 -33.99 61.91
C LYS G 122 -56.95 -33.09 61.47
N TYR G 123 -58.19 -33.50 61.71
CA TYR G 123 -59.36 -32.65 61.53
C TYR G 123 -60.05 -32.54 62.88
N ALA G 124 -59.57 -31.64 63.74
CA ALA G 124 -60.08 -31.59 65.10
C ALA G 124 -61.32 -30.70 65.24
N GLY G 125 -61.13 -29.39 65.19
CA GLY G 125 -62.25 -28.47 65.36
C GLY G 125 -62.13 -27.10 64.73
N TYR G 126 -61.09 -26.87 63.94
CA TYR G 126 -60.63 -25.49 63.71
C TYR G 126 -61.56 -24.72 62.78
N ASN G 127 -62.82 -24.59 63.17
CA ASN G 127 -63.87 -23.80 62.51
C ASN G 127 -63.82 -23.87 60.99
N ALA G 128 -64.30 -22.81 60.33
CA ALA G 128 -64.19 -22.66 58.89
C ALA G 128 -63.38 -21.44 58.48
N VAL G 129 -63.28 -20.43 59.34
CA VAL G 129 -62.49 -19.25 59.04
C VAL G 129 -61.01 -19.53 59.16
N GLN G 130 -60.62 -20.63 59.81
CA GLN G 130 -59.23 -20.98 59.99
C GLN G 130 -58.86 -22.38 59.48
N ALA G 131 -59.86 -23.24 59.22
CA ALA G 131 -59.55 -24.57 58.71
C ALA G 131 -58.94 -24.51 57.32
N HIS G 132 -59.37 -23.54 56.50
CA HIS G 132 -58.84 -23.42 55.14
C HIS G 132 -57.33 -23.27 55.15
N ASP G 133 -56.82 -22.34 55.96
CA ASP G 133 -55.38 -22.08 55.97
C ASP G 133 -54.61 -23.27 56.56
N VAL G 134 -55.11 -23.84 57.66
CA VAL G 134 -54.37 -24.92 58.31
C VAL G 134 -54.35 -26.16 57.42
N PHE G 135 -55.37 -26.36 56.58
CA PHE G 135 -55.35 -27.49 55.68
C PHE G 135 -54.57 -27.19 54.40
N VAL G 136 -54.52 -25.93 53.97
CA VAL G 136 -53.60 -25.55 52.90
C VAL G 136 -52.17 -25.83 53.34
N LYS G 137 -51.88 -25.58 54.62
CA LYS G 137 -50.57 -25.94 55.17
C LYS G 137 -50.35 -27.45 55.12
N SER G 138 -51.37 -28.24 55.46
CA SER G 138 -51.20 -29.69 55.58
C SER G 138 -51.50 -30.41 54.27
N GLY G 139 -50.94 -29.90 53.18
CA GLY G 139 -50.77 -30.64 51.94
C GLY G 139 -51.96 -31.35 51.31
N ASP G 140 -53.17 -31.17 51.83
CA ASP G 140 -54.33 -31.83 51.26
C ASP G 140 -55.25 -30.89 50.47
N MET G 141 -55.23 -29.60 50.78
CA MET G 141 -55.91 -28.64 49.92
C MET G 141 -55.28 -28.60 48.54
N THR G 142 -53.96 -28.87 48.45
CA THR G 142 -53.33 -28.99 47.14
C THR G 142 -53.87 -30.21 46.38
N VAL G 143 -54.08 -31.32 47.08
CA VAL G 143 -54.67 -32.50 46.45
C VAL G 143 -56.09 -32.20 45.98
N GLY G 144 -56.86 -31.50 46.81
CA GLY G 144 -58.20 -31.09 46.39
C GLY G 144 -58.16 -30.17 45.19
N LEU G 145 -57.18 -29.26 45.15
CA LEU G 145 -57.02 -28.39 44.00
C LEU G 145 -56.74 -29.20 42.74
N LEU G 146 -55.86 -30.19 42.84
CA LEU G 146 -55.52 -31.01 41.68
C LEU G 146 -56.75 -31.78 41.19
N ALA G 147 -57.50 -32.39 42.10
CA ALA G 147 -58.65 -33.19 41.69
C ALA G 147 -59.75 -32.30 41.08
N ILE G 148 -60.04 -31.19 41.74
CA ILE G 148 -61.05 -30.26 41.22
C ILE G 148 -60.61 -29.71 39.87
N GLY G 149 -59.31 -29.44 39.71
CA GLY G 149 -58.82 -28.96 38.43
C GLY G 149 -58.93 -30.01 37.34
N PHE G 150 -58.70 -31.27 37.68
CA PHE G 150 -58.89 -32.35 36.71
C PHE G 150 -60.34 -32.40 36.22
N LEU G 151 -61.28 -32.39 37.16
CA LEU G 151 -62.69 -32.41 36.78
C LEU G 151 -63.07 -31.15 35.98
N GLU G 152 -62.54 -30.00 36.40
CA GLU G 152 -62.82 -28.75 35.71
C GLU G 152 -62.27 -28.77 34.30
N VAL G 153 -61.10 -29.37 34.09
CA VAL G 153 -60.52 -29.44 32.76
C VAL G 153 -61.36 -30.34 31.85
N VAL G 154 -61.82 -31.47 32.38
CA VAL G 154 -62.67 -32.35 31.56
C VAL G 154 -63.96 -31.62 31.16
N MET G 155 -64.62 -31.01 32.13
CA MET G 155 -65.89 -30.35 31.81
C MET G 155 -65.69 -29.05 31.03
N GLY G 156 -64.52 -28.44 31.11
CA GLY G 156 -64.22 -27.32 30.25
C GLY G 156 -63.93 -27.75 28.83
N ALA G 157 -63.39 -28.95 28.66
CA ALA G 157 -63.34 -29.54 27.32
C ALA G 157 -64.75 -29.73 26.78
N ALA G 158 -65.68 -30.11 27.66
CA ALA G 158 -67.08 -30.15 27.26
C ALA G 158 -67.58 -28.77 26.80
N ILE G 159 -67.24 -27.73 27.56
CA ILE G 159 -67.63 -26.37 27.18
C ILE G 159 -67.04 -25.99 25.83
N TYR G 160 -65.77 -26.35 25.60
CA TYR G 160 -65.12 -26.04 24.33
C TYR G 160 -65.78 -26.76 23.17
N GLU G 161 -66.19 -28.02 23.39
CA GLU G 161 -66.92 -28.73 22.34
C GLU G 161 -68.26 -28.07 22.06
N MET G 162 -68.92 -27.58 23.11
CA MET G 162 -70.14 -26.81 22.93
C MET G 162 -69.89 -25.58 22.07
N SER G 163 -68.78 -24.89 22.30
CA SER G 163 -68.42 -23.76 21.45
C SER G 163 -68.17 -24.22 20.02
N LYS G 164 -67.52 -25.38 19.86
CA LYS G 164 -67.30 -25.94 18.53
C LYS G 164 -68.63 -26.22 17.82
N GLY G 165 -69.69 -26.48 18.59
CA GLY G 165 -71.00 -26.65 17.98
C GLY G 165 -71.70 -27.94 18.33
N SER G 166 -71.33 -28.54 19.47
CA SER G 166 -72.05 -29.69 19.96
C SER G 166 -73.42 -29.28 20.50
N ASP G 167 -74.37 -30.21 20.46
CA ASP G 167 -75.72 -29.91 20.90
C ASP G 167 -75.84 -29.77 22.41
N ARG G 168 -74.79 -30.09 23.16
CA ARG G 168 -74.83 -30.01 24.61
C ARG G 168 -75.16 -28.59 25.07
N ALA G 169 -76.11 -28.46 25.98
CA ALA G 169 -76.49 -27.17 26.53
C ALA G 169 -75.62 -26.83 27.74
N ALA G 170 -75.67 -25.56 28.13
CA ALA G 170 -74.85 -25.08 29.24
C ALA G 170 -75.24 -25.78 30.54
N GLY G 171 -74.24 -26.28 31.27
CA GLY G 171 -74.47 -26.95 32.52
C GLY G 171 -74.98 -28.37 32.42
N GLU G 172 -75.11 -28.90 31.20
CA GLU G 172 -75.65 -30.24 30.99
C GLU G 172 -74.49 -31.22 30.85
N PHE G 173 -74.19 -31.93 31.94
CA PHE G 173 -73.18 -32.97 31.93
C PHE G 173 -73.79 -34.36 31.88
N SER G 174 -75.10 -34.46 31.65
CA SER G 174 -75.81 -35.73 31.54
C SER G 174 -75.61 -36.59 32.79
N PHE G 175 -75.59 -35.94 33.95
CA PHE G 175 -75.37 -36.62 35.22
C PHE G 175 -76.72 -36.82 35.91
N ASP G 176 -77.36 -37.94 35.61
CA ASP G 176 -78.61 -38.34 36.25
C ASP G 176 -78.51 -39.81 36.66
N PRO G 177 -77.69 -40.13 37.66
CA PRO G 177 -77.52 -41.53 38.06
C PRO G 177 -78.76 -42.11 38.72
N LEU G 178 -79.34 -41.36 39.68
CA LEU G 178 -80.53 -41.85 40.37
C LEU G 178 -81.77 -41.80 39.49
N GLY G 179 -81.76 -41.00 38.43
CA GLY G 179 -82.82 -41.02 37.46
C GLY G 179 -84.00 -40.11 37.73
N LEU G 180 -83.87 -39.13 38.62
CA LEU G 180 -84.96 -38.18 38.83
C LEU G 180 -84.87 -37.01 37.87
N GLY G 181 -84.66 -37.31 36.60
CA GLY G 181 -84.45 -36.28 35.60
C GLY G 181 -85.28 -36.49 34.35
N LYS G 182 -86.05 -37.56 34.32
CA LYS G 182 -86.96 -37.84 33.22
C LYS G 182 -88.21 -36.97 33.40
N ASP G 183 -89.26 -37.25 32.63
CA ASP G 183 -90.47 -36.43 32.63
C ASP G 183 -90.12 -34.98 32.36
N PRO G 184 -89.84 -34.62 31.10
CA PRO G 184 -89.30 -33.29 30.75
C PRO G 184 -89.84 -32.11 31.57
N SER G 185 -91.12 -32.15 31.95
CA SER G 185 -91.65 -31.12 32.83
C SER G 185 -90.90 -31.09 34.15
N LYS G 186 -90.64 -32.27 34.73
CA LYS G 186 -89.86 -32.35 35.96
C LYS G 186 -88.44 -31.83 35.72
N TYR G 187 -87.86 -32.14 34.56
CA TYR G 187 -86.52 -31.64 34.26
C TYR G 187 -86.47 -30.12 34.19
N ALA G 188 -87.47 -29.50 33.55
CA ALA G 188 -87.50 -28.04 33.48
C ALA G 188 -87.71 -27.41 34.85
N ARG G 189 -88.63 -28.00 35.64
CA ARG G 189 -88.84 -27.49 36.99
C ARG G 189 -87.59 -27.60 37.83
N TYR G 190 -86.90 -28.75 37.75
CA TYR G 190 -85.66 -28.93 38.49
C TYR G 190 -84.56 -28.00 37.98
N GLN G 191 -84.54 -27.71 36.68
CA GLN G 191 -83.62 -26.72 36.16
C GLN G 191 -83.82 -25.39 36.86
N VAL G 192 -85.00 -24.79 36.66
CA VAL G 192 -85.29 -23.48 37.27
C VAL G 192 -85.02 -23.52 38.77
N SER G 193 -85.34 -24.65 39.40
CA SER G 193 -85.06 -24.82 40.82
C SER G 193 -83.57 -24.72 41.10
N GLU G 194 -82.76 -25.39 40.30
CA GLU G 194 -81.32 -25.41 40.52
C GLU G 194 -80.72 -24.03 40.34
N ILE G 195 -81.12 -23.30 39.30
CA ILE G 195 -80.56 -21.97 39.09
C ILE G 195 -81.00 -21.00 40.19
N LYS G 196 -82.29 -21.04 40.59
CA LYS G 196 -82.74 -20.16 41.66
C LYS G 196 -82.04 -20.50 42.98
N ASN G 197 -81.92 -21.79 43.30
CA ASN G 197 -81.23 -22.21 44.51
C ASN G 197 -79.77 -21.81 44.46
N GLY G 198 -79.15 -21.84 43.27
CA GLY G 198 -77.78 -21.43 43.14
C GLY G 198 -77.58 -19.94 43.39
N ARG G 199 -78.51 -19.12 42.88
CA ARG G 199 -78.44 -17.70 43.17
C ARG G 199 -78.59 -17.44 44.67
N LEU G 200 -79.58 -18.10 45.30
CA LEU G 200 -79.77 -17.96 46.74
C LEU G 200 -78.53 -18.41 47.50
N ALA G 201 -77.91 -19.50 47.06
CA ALA G 201 -76.74 -20.02 47.76
C ALA G 201 -75.52 -19.14 47.56
N MET G 202 -75.37 -18.54 46.38
CA MET G 202 -74.29 -17.57 46.17
C MET G 202 -74.42 -16.43 47.17
N LEU G 203 -75.61 -15.84 47.24
CA LEU G 203 -75.80 -14.70 48.15
C LEU G 203 -75.65 -15.14 49.61
N ALA G 204 -76.16 -16.32 49.95
CA ALA G 204 -76.05 -16.81 51.32
C ALA G 204 -74.61 -17.08 51.71
N PHE G 205 -73.81 -17.65 50.80
CA PHE G 205 -72.40 -17.85 51.09
C PHE G 205 -71.66 -16.53 51.22
N GLY G 206 -71.99 -15.55 50.38
CA GLY G 206 -71.41 -14.23 50.55
C GLY G 206 -71.69 -13.67 51.92
N GLY G 207 -72.93 -13.79 52.38
CA GLY G 207 -73.27 -13.33 53.71
C GLY G 207 -72.54 -14.09 54.80
N ILE G 208 -72.51 -15.43 54.67
CA ILE G 208 -71.92 -16.26 55.71
C ILE G 208 -70.43 -15.97 55.85
N ALA G 209 -69.72 -15.87 54.72
CA ALA G 209 -68.30 -15.55 54.76
C ALA G 209 -68.07 -14.12 55.24
N THR G 210 -68.94 -13.19 54.86
CA THR G 210 -68.80 -11.82 55.32
C THR G 210 -69.13 -11.69 56.81
N GLN G 211 -70.21 -12.34 57.26
CA GLN G 211 -70.61 -12.27 58.66
C GLN G 211 -69.76 -13.15 59.55
N ALA G 212 -68.95 -14.04 58.99
CA ALA G 212 -68.27 -15.09 59.75
C ALA G 212 -69.26 -15.92 60.56
N VAL G 213 -70.46 -16.10 60.01
CA VAL G 213 -71.56 -16.87 60.58
C VAL G 213 -72.12 -16.19 61.82
N LEU G 214 -73.44 -15.98 61.83
CA LEU G 214 -74.15 -15.51 63.00
C LEU G 214 -75.22 -16.47 63.50
N THR G 215 -75.82 -17.26 62.62
CA THR G 215 -76.89 -18.16 63.02
C THR G 215 -76.39 -19.37 63.79
N ASN G 216 -75.13 -19.77 63.58
CA ASN G 216 -74.60 -20.97 64.23
C ASN G 216 -73.28 -20.73 64.96
N SER G 217 -72.72 -19.52 64.90
CA SER G 217 -71.46 -19.22 65.56
C SER G 217 -71.37 -17.70 65.71
N GLY G 218 -70.20 -17.24 66.14
CA GLY G 218 -70.00 -15.81 66.37
C GLY G 218 -68.96 -15.18 65.48
N PHE G 219 -69.00 -13.85 65.38
CA PHE G 219 -68.06 -13.09 64.57
C PHE G 219 -66.64 -13.23 65.12
N LYS H 36 65.60 12.03 -60.44
CA LYS H 36 64.64 13.01 -60.94
C LYS H 36 64.75 14.32 -60.17
N SER H 37 65.21 14.25 -58.93
CA SER H 37 65.33 15.44 -58.11
C SER H 37 66.50 16.31 -58.55
N LYS H 38 66.35 17.62 -58.38
CA LYS H 38 67.41 18.55 -58.75
C LYS H 38 68.46 18.66 -57.65
N ALA H 39 68.02 18.65 -56.38
CA ALA H 39 68.97 18.75 -55.28
C ALA H 39 69.65 17.41 -54.99
N VAL H 40 68.88 16.33 -54.95
CA VAL H 40 69.44 15.01 -54.67
C VAL H 40 69.34 14.17 -55.93
N PRO H 41 70.41 14.06 -56.71
CA PRO H 41 70.34 13.27 -57.96
C PRO H 41 70.03 11.81 -57.74
N PHE H 42 70.47 11.23 -56.62
CA PHE H 42 70.21 9.81 -56.35
C PHE H 42 68.72 9.57 -56.11
N LEU H 43 68.16 10.22 -55.09
CA LEU H 43 66.79 9.99 -54.72
C LEU H 43 65.84 10.62 -55.74
N PRO H 44 64.65 10.04 -55.92
CA PRO H 44 63.69 10.62 -56.89
C PRO H 44 63.15 11.95 -56.42
N ARG H 45 62.62 12.70 -57.38
CA ARG H 45 62.05 14.00 -57.08
C ARG H 45 60.82 13.84 -56.17
N PRO H 46 60.67 14.71 -55.17
CA PRO H 46 59.47 14.62 -54.31
C PRO H 46 58.20 14.81 -55.13
N ALA H 47 57.15 14.07 -54.74
CA ALA H 47 55.92 14.09 -55.51
C ALA H 47 55.20 15.43 -55.42
N ALA H 48 55.28 16.11 -54.28
CA ALA H 48 54.55 17.35 -54.07
C ALA H 48 55.33 18.58 -54.53
N LEU H 49 56.59 18.44 -54.91
CA LEU H 49 57.43 19.56 -55.33
C LEU H 49 57.61 19.50 -56.84
N ASP H 50 56.84 20.32 -57.56
CA ASP H 50 57.00 20.48 -59.00
C ASP H 50 57.54 21.85 -59.39
N GLY H 51 56.88 22.91 -58.95
CA GLY H 51 57.35 24.26 -59.21
C GLY H 51 56.80 25.27 -58.24
N SER H 52 57.70 26.04 -57.63
CA SER H 52 57.30 27.11 -56.72
C SER H 52 58.45 28.10 -56.66
N VAL H 53 58.11 29.40 -56.73
CA VAL H 53 59.10 30.46 -56.81
C VAL H 53 59.83 30.60 -55.48
N VAL H 54 59.46 29.77 -54.50
CA VAL H 54 60.11 29.77 -53.19
C VAL H 54 61.46 29.07 -53.19
N GLY H 55 61.93 28.60 -54.34
CA GLY H 55 63.21 27.94 -54.40
C GLY H 55 63.09 26.42 -54.43
N ASP H 56 62.15 25.92 -55.21
CA ASP H 56 61.92 24.47 -55.32
C ASP H 56 63.05 23.84 -56.11
N VAL H 57 64.00 23.23 -55.41
CA VAL H 57 65.05 22.44 -56.04
C VAL H 57 64.87 20.95 -55.74
N GLY H 58 63.68 20.56 -55.28
CA GLY H 58 63.38 19.17 -55.03
C GLY H 58 64.17 18.54 -53.91
N PHE H 59 64.37 19.24 -52.80
CA PHE H 59 65.10 18.71 -51.66
C PHE H 59 64.10 18.33 -50.58
N ASP H 60 63.73 17.05 -50.56
CA ASP H 60 62.87 16.49 -49.50
C ASP H 60 63.12 15.00 -49.40
N PRO H 61 64.30 14.60 -48.93
CA PRO H 61 64.61 13.16 -48.85
C PRO H 61 63.66 12.38 -47.96
N VAL H 62 63.18 12.97 -46.88
CA VAL H 62 62.28 12.27 -45.95
C VAL H 62 60.82 12.40 -46.35
N GLY H 63 60.51 13.10 -47.43
CA GLY H 63 59.15 13.20 -47.90
C GLY H 63 58.20 13.89 -46.93
N PHE H 64 58.65 14.98 -46.30
CA PHE H 64 57.77 15.70 -45.39
C PHE H 64 56.63 16.38 -46.13
N THR H 65 56.84 16.73 -47.39
CA THR H 65 55.77 17.33 -48.19
C THR H 65 54.60 16.39 -48.41
N SER H 66 54.83 15.08 -48.31
CA SER H 66 53.72 14.13 -48.38
C SER H 66 52.91 14.16 -47.09
N TRP H 67 53.58 14.36 -45.94
CA TRP H 67 52.92 14.40 -44.65
C TRP H 67 51.95 15.57 -44.57
N LEU H 68 52.49 16.77 -44.61
CA LEU H 68 51.78 18.02 -44.44
C LEU H 68 51.44 18.63 -45.78
N PRO H 69 50.44 19.52 -45.84
CA PRO H 69 50.28 20.34 -47.03
C PRO H 69 51.52 21.18 -47.27
N LEU H 70 51.90 21.31 -48.54
CA LEU H 70 53.10 22.08 -48.87
C LEU H 70 52.99 23.52 -48.41
N SER H 71 51.79 24.08 -48.43
CA SER H 71 51.59 25.48 -48.06
C SER H 71 51.93 25.72 -46.59
N TYR H 72 51.50 24.82 -45.71
CA TYR H 72 51.79 24.97 -44.29
C TYR H 72 53.29 24.90 -44.02
N LEU H 73 53.97 23.95 -44.67
CA LEU H 73 55.42 23.84 -44.50
C LEU H 73 56.12 25.07 -45.04
N GLN H 74 55.64 25.63 -46.15
CA GLN H 74 56.22 26.84 -46.70
C GLN H 74 56.06 28.00 -45.73
N GLU H 75 54.88 28.13 -45.12
CA GLU H 75 54.66 29.19 -44.15
C GLU H 75 55.59 29.03 -42.95
N ALA H 76 55.75 27.79 -42.46
CA ALA H 76 56.65 27.55 -41.35
C ALA H 76 58.08 27.89 -41.71
N GLU H 77 58.51 27.51 -42.92
CA GLU H 77 59.87 27.80 -43.36
C GLU H 77 60.12 29.29 -43.46
N ILE H 78 59.15 30.04 -44.01
CA ILE H 78 59.33 31.49 -44.14
C ILE H 78 59.36 32.14 -42.76
N LYS H 79 58.51 31.69 -41.85
CA LYS H 79 58.53 32.21 -40.49
C LYS H 79 59.88 31.97 -39.83
N HIS H 80 60.41 30.76 -39.96
CA HIS H 80 61.72 30.45 -39.42
C HIS H 80 62.80 31.30 -40.07
N CYS H 81 62.71 31.49 -41.40
CA CYS H 81 63.67 32.33 -42.11
C CYS H 81 63.71 33.73 -41.51
N ARG H 82 62.55 34.37 -41.41
CA ARG H 82 62.50 35.75 -40.94
C ARG H 82 62.96 35.85 -39.49
N ILE H 83 62.51 34.94 -38.63
CA ILE H 83 62.92 34.96 -37.23
C ILE H 83 64.43 34.80 -37.13
N ALA H 84 65.00 33.87 -37.88
CA ALA H 84 66.44 33.60 -37.80
C ALA H 84 67.26 34.79 -38.31
N MET H 85 66.81 35.42 -39.40
CA MET H 85 67.53 36.59 -39.90
C MET H 85 67.52 37.71 -38.87
N LEU H 86 66.34 38.03 -38.33
CA LEU H 86 66.26 39.07 -37.31
C LEU H 86 67.13 38.72 -36.10
N ALA H 87 67.10 37.45 -35.69
CA ALA H 87 67.85 37.04 -34.51
C ALA H 87 69.35 37.09 -34.73
N THR H 88 69.83 36.66 -35.91
CA THR H 88 71.25 36.72 -36.20
C THR H 88 71.73 38.17 -36.22
N LEU H 89 71.00 39.04 -36.92
CA LEU H 89 71.40 40.45 -36.93
C LEU H 89 71.38 41.04 -35.53
N GLY H 90 70.35 40.72 -34.75
CA GLY H 90 70.25 41.27 -33.41
C GLY H 90 71.36 40.78 -32.49
N TRP H 91 71.67 39.48 -32.53
CA TRP H 91 72.75 38.94 -31.71
C TRP H 91 74.06 39.63 -32.06
N ILE H 92 74.38 39.71 -33.36
CA ILE H 92 75.65 40.28 -33.78
C ILE H 92 75.73 41.75 -33.38
N VAL H 93 74.66 42.51 -33.62
CA VAL H 93 74.70 43.95 -33.33
C VAL H 93 74.73 44.20 -31.83
N ALA H 94 73.87 43.51 -31.07
CA ALA H 94 73.81 43.70 -29.63
C ALA H 94 75.08 43.27 -28.92
N ASP H 95 75.97 42.57 -29.58
CA ASP H 95 77.20 42.27 -28.89
C ASP H 95 78.19 43.38 -29.19
N PHE H 96 77.96 44.11 -30.24
CA PHE H 96 78.93 45.14 -30.61
C PHE H 96 78.55 46.51 -30.05
N VAL H 97 77.39 47.05 -30.45
CA VAL H 97 76.94 48.36 -30.01
C VAL H 97 75.49 48.23 -29.54
N HIS H 98 75.32 48.01 -28.24
CA HIS H 98 73.99 47.97 -27.63
C HIS H 98 74.17 48.35 -26.15
N LEU H 99 74.01 49.64 -25.86
CA LEU H 99 74.00 50.09 -24.48
C LEU H 99 73.40 51.49 -24.35
N PRO H 100 72.10 51.69 -24.67
CA PRO H 100 71.43 52.96 -24.39
C PRO H 100 70.88 53.00 -22.96
N GLY H 101 71.69 52.56 -22.01
CA GLY H 101 71.25 52.46 -20.63
C GLY H 101 72.21 51.60 -19.84
N ALA H 102 71.73 51.14 -18.68
CA ALA H 102 72.52 50.33 -17.76
C ALA H 102 72.23 48.84 -17.89
N VAL H 103 70.95 48.46 -17.90
CA VAL H 103 70.58 47.06 -18.00
C VAL H 103 70.93 46.44 -19.34
N HIS H 104 71.28 47.25 -20.33
CA HIS H 104 71.68 46.76 -21.64
C HIS H 104 73.18 46.61 -21.79
N GLU H 105 73.89 46.30 -20.70
CA GLU H 105 75.33 46.12 -20.71
C GLU H 105 75.71 44.65 -20.71
N VAL H 106 74.95 43.83 -21.44
CA VAL H 106 75.13 42.38 -21.44
C VAL H 106 75.68 41.93 -22.78
N SER H 107 75.97 40.63 -22.92
CA SER H 107 76.70 40.10 -24.06
C SER H 107 75.86 39.16 -24.92
N SER H 108 74.55 39.41 -25.00
CA SER H 108 73.59 38.65 -25.81
C SER H 108 73.58 37.16 -25.49
N LEU H 109 74.28 36.74 -24.45
CA LEU H 109 74.20 35.39 -23.92
C LEU H 109 73.56 35.34 -22.54
N ALA H 110 73.90 36.31 -21.69
CA ALA H 110 73.17 36.58 -20.47
C ALA H 110 72.06 37.61 -20.68
N ALA H 111 71.87 38.06 -21.92
CA ALA H 111 70.87 39.08 -22.20
C ALA H 111 69.46 38.57 -21.96
N HIS H 112 69.21 37.28 -22.24
CA HIS H 112 67.85 36.76 -22.13
C HIS H 112 67.31 36.88 -20.72
N ASP H 113 68.05 36.38 -19.72
CA ASP H 113 67.57 36.44 -18.35
C ASP H 113 67.52 37.88 -17.84
N VAL H 114 68.54 38.68 -18.16
CA VAL H 114 68.59 40.06 -17.68
C VAL H 114 67.39 40.84 -18.21
N ALA H 115 67.06 40.66 -19.48
CA ALA H 115 66.00 41.44 -20.10
C ALA H 115 64.61 40.81 -19.97
N VAL H 116 64.51 39.56 -19.50
CA VAL H 116 63.20 39.10 -19.03
C VAL H 116 62.97 39.60 -17.62
N LYS H 117 64.03 39.78 -16.84
CA LYS H 117 63.89 40.45 -15.54
C LYS H 117 63.52 41.91 -15.71
N SER H 118 64.11 42.58 -16.70
CA SER H 118 63.82 43.99 -16.94
C SER H 118 62.37 44.19 -17.40
N GLY H 119 61.89 43.31 -18.29
CA GLY H 119 60.52 43.40 -18.78
C GLY H 119 60.38 43.68 -20.25
N ALA H 120 61.48 43.81 -21.00
CA ALA H 120 61.38 44.06 -22.43
C ALA H 120 60.89 42.83 -23.17
N LEU H 121 61.45 41.66 -22.84
CA LEU H 121 61.04 40.41 -23.48
C LEU H 121 59.57 40.14 -23.27
N ALA H 122 59.00 40.57 -22.13
CA ALA H 122 57.57 40.40 -21.91
C ALA H 122 56.76 41.18 -22.94
N GLN H 123 57.14 42.43 -23.21
CA GLN H 123 56.42 43.23 -24.19
C GLN H 123 56.58 42.66 -25.60
N ILE H 124 57.81 42.25 -25.94
CA ILE H 124 58.00 41.66 -27.27
C ILE H 124 57.20 40.39 -27.41
N LEU H 125 57.11 39.59 -26.34
CA LEU H 125 56.31 38.37 -26.37
C LEU H 125 54.83 38.68 -26.49
N ILE H 126 54.35 39.74 -25.84
CA ILE H 126 52.95 40.12 -25.95
C ILE H 126 52.61 40.47 -27.39
N TRP H 127 53.43 41.31 -28.02
CA TRP H 127 53.13 41.72 -29.38
C TRP H 127 53.33 40.56 -30.36
N THR H 128 54.33 39.70 -30.11
CA THR H 128 54.52 38.52 -30.93
C THR H 128 53.34 37.57 -30.81
N SER H 129 52.79 37.43 -29.61
CA SER H 129 51.62 36.58 -29.41
C SER H 129 50.41 37.14 -30.14
N ILE H 130 50.24 38.46 -30.12
CA ILE H 130 49.14 39.07 -30.87
C ILE H 130 49.31 38.78 -32.37
N ALA H 131 50.52 38.99 -32.88
CA ALA H 131 50.77 38.76 -34.29
C ALA H 131 50.56 37.30 -34.67
N GLU H 132 50.99 36.38 -33.81
CA GLU H 132 50.85 34.96 -34.11
C GLU H 132 49.40 34.50 -34.01
N ALA H 133 48.65 35.04 -33.05
CA ALA H 133 47.23 34.71 -32.94
C ALA H 133 46.48 35.20 -34.18
N ILE H 134 46.86 36.36 -34.71
CA ILE H 134 46.31 36.79 -35.99
C ILE H 134 46.78 35.85 -37.09
N SER H 135 48.00 35.33 -36.98
CA SER H 135 48.56 34.45 -38.00
C SER H 135 47.87 33.11 -38.07
N VAL H 136 47.20 32.68 -37.00
CA VAL H 136 46.45 31.43 -37.04
C VAL H 136 45.36 31.57 -38.09
N ILE H 137 44.62 32.66 -38.04
CA ILE H 137 43.55 32.90 -38.99
C ILE H 137 44.10 33.03 -40.40
N ALA H 138 45.25 33.69 -40.54
CA ALA H 138 45.90 33.78 -41.86
C ALA H 138 46.27 32.40 -42.39
N ILE H 139 46.83 31.55 -41.53
CA ILE H 139 47.14 30.18 -41.93
C ILE H 139 45.85 29.39 -42.14
N SER H 140 44.81 29.67 -41.36
CA SER H 140 43.54 28.97 -41.53
C SER H 140 42.71 29.50 -42.69
N GLN H 141 42.94 30.74 -43.12
CA GLN H 141 42.22 31.24 -44.29
C GLN H 141 42.79 30.65 -45.56
N MET H 142 44.11 30.50 -45.63
CA MET H 142 44.71 29.55 -46.55
C MET H 142 44.53 28.14 -46.00
N LEU H 143 44.94 27.13 -46.75
CA LEU H 143 44.68 25.73 -46.42
C LEU H 143 43.18 25.44 -46.43
N GLU H 144 42.39 26.46 -46.74
CA GLU H 144 40.94 26.40 -46.75
C GLU H 144 40.33 27.02 -48.00
N GLY H 145 41.04 27.93 -48.66
CA GLY H 145 40.54 28.63 -49.82
C GLY H 145 41.32 29.92 -49.99
N SER H 146 40.62 31.02 -50.22
CA SER H 146 41.22 32.35 -50.32
C SER H 146 42.30 32.33 -51.40
N GLY H 147 43.30 33.21 -51.29
CA GLY H 147 44.37 33.24 -52.25
C GLY H 147 45.72 33.60 -51.64
N ARG H 148 45.79 33.59 -50.31
CA ARG H 148 47.01 34.03 -49.63
C ARG H 148 48.13 33.03 -49.86
N GLN H 149 49.22 33.50 -50.46
CA GLN H 149 50.40 32.67 -50.61
C GLN H 149 51.09 32.49 -49.26
N PRO H 150 51.78 31.37 -49.06
CA PRO H 150 52.47 31.15 -47.78
C PRO H 150 53.47 32.26 -47.48
N GLY H 151 53.46 32.74 -46.25
CA GLY H 151 54.36 33.79 -45.83
C GLY H 151 53.99 35.18 -46.29
N ASP H 152 52.87 35.34 -46.98
CA ASP H 152 52.47 36.63 -47.52
C ASP H 152 51.63 37.36 -46.47
N PHE H 153 52.06 38.59 -46.13
CA PHE H 153 51.32 39.44 -45.22
C PHE H 153 51.03 40.80 -45.82
N LYS H 154 51.28 40.97 -47.12
CA LYS H 154 51.03 42.23 -47.82
C LYS H 154 51.78 43.40 -47.17
N PHE H 155 52.98 43.11 -46.66
CA PHE H 155 53.81 44.11 -46.02
C PHE H 155 54.93 44.50 -46.98
N ASP H 156 54.63 45.45 -47.86
CA ASP H 156 55.64 46.06 -48.73
C ASP H 156 55.43 47.57 -48.73
N PRO H 157 55.63 48.23 -47.59
CA PRO H 157 55.38 49.68 -47.52
C PRO H 157 56.28 50.48 -48.44
N LEU H 158 57.52 50.06 -48.62
CA LEU H 158 58.46 50.78 -49.47
C LEU H 158 58.45 50.29 -50.91
N ASN H 159 57.67 49.25 -51.21
CA ASN H 159 57.51 48.74 -52.58
C ASN H 159 58.86 48.36 -53.19
N PHE H 160 59.62 47.55 -52.46
CA PHE H 160 60.90 47.06 -52.99
C PHE H 160 60.69 46.09 -54.15
N ALA H 161 59.58 45.37 -54.15
CA ALA H 161 59.22 44.47 -55.25
C ALA H 161 58.12 45.13 -56.08
N LYS H 162 58.29 45.11 -57.40
CA LYS H 162 57.38 45.80 -58.31
C LYS H 162 56.53 44.84 -59.11
N ASP H 163 57.14 43.90 -59.84
CA ASP H 163 56.41 42.97 -60.68
C ASP H 163 56.60 41.54 -60.17
N GLU H 164 56.04 40.58 -60.91
CA GLU H 164 56.14 39.18 -60.52
C GLU H 164 57.58 38.69 -60.54
N LYS H 165 58.34 39.08 -61.58
CA LYS H 165 59.72 38.61 -61.70
C LYS H 165 60.56 39.06 -60.52
N SER H 166 60.43 40.34 -60.14
CA SER H 166 61.13 40.81 -58.94
C SER H 166 60.61 40.10 -57.70
N LEU H 167 59.30 39.87 -57.63
CA LEU H 167 58.74 39.19 -56.47
C LEU H 167 59.28 37.77 -56.33
N LYS H 168 59.34 37.03 -57.43
CA LYS H 168 59.87 35.67 -57.37
C LYS H 168 61.36 35.67 -57.06
N LYS H 169 62.12 36.55 -57.71
CA LYS H 169 63.56 36.62 -57.47
C LYS H 169 63.85 36.94 -56.00
N MET H 170 63.12 37.90 -55.43
CA MET H 170 63.37 38.28 -54.06
C MET H 170 62.77 37.32 -53.05
N GLN H 171 61.75 36.55 -53.43
CA GLN H 171 61.30 35.45 -52.59
C GLN H 171 62.38 34.38 -52.48
N LEU H 172 62.97 34.01 -53.62
CA LEU H 172 64.07 33.06 -53.58
C LEU H 172 65.25 33.61 -52.77
N SER H 173 65.56 34.89 -52.95
CA SER H 173 66.65 35.50 -52.20
C SER H 173 66.35 35.50 -50.70
N GLU H 174 65.12 35.86 -50.33
CA GLU H 174 64.75 35.89 -48.92
C GLU H 174 64.84 34.52 -48.29
N LEU H 175 64.38 33.49 -49.00
CA LEU H 175 64.42 32.15 -48.43
C LEU H 175 65.85 31.62 -48.32
N LYS H 176 66.69 31.91 -49.32
CA LYS H 176 68.09 31.50 -49.22
C LYS H 176 68.79 32.20 -48.06
N ASN H 177 68.56 33.51 -47.93
CA ASN H 177 69.15 34.26 -46.81
C ASN H 177 68.62 33.75 -45.49
N GLY H 178 67.34 33.38 -45.43
CA GLY H 178 66.77 32.88 -44.19
C GLY H 178 67.33 31.53 -43.78
N ARG H 179 67.53 30.63 -44.75
CA ARG H 179 68.16 29.34 -44.44
C ARG H 179 69.60 29.55 -43.97
N LEU H 180 70.35 30.42 -44.65
CA LEU H 180 71.70 30.73 -44.21
C LEU H 180 71.69 31.32 -42.80
N ALA H 181 70.70 32.17 -42.51
CA ALA H 181 70.61 32.79 -41.19
C ALA H 181 70.22 31.77 -40.12
N MET H 182 69.37 30.81 -40.47
CA MET H 182 69.06 29.73 -39.53
C MET H 182 70.33 28.99 -39.14
N LEU H 183 71.09 28.54 -40.13
CA LEU H 183 72.32 27.81 -39.85
C LEU H 183 73.32 28.69 -39.10
N ALA H 184 73.40 29.96 -39.48
CA ALA H 184 74.36 30.87 -38.85
C ALA H 184 74.00 31.14 -37.40
N PHE H 185 72.72 31.34 -37.09
CA PHE H 185 72.32 31.56 -35.70
C PHE H 185 72.53 30.29 -34.88
N SER H 186 72.24 29.13 -35.46
CA SER H 186 72.54 27.87 -34.78
C SER H 186 74.00 27.81 -34.40
N GLY H 187 74.88 28.11 -35.36
CA GLY H 187 76.31 28.14 -35.07
C GLY H 187 76.67 29.16 -34.01
N ILE H 188 76.05 30.35 -34.09
CA ILE H 188 76.39 31.42 -33.15
C ILE H 188 76.04 31.01 -31.73
N VAL H 189 74.85 30.44 -31.52
CA VAL H 189 74.47 30.08 -30.16
C VAL H 189 75.30 28.90 -29.67
N THR H 190 75.52 27.91 -30.52
CA THR H 190 76.30 26.75 -30.09
C THR H 190 77.73 27.13 -29.74
N GLN H 191 78.33 28.02 -30.52
CA GLN H 191 79.70 28.45 -30.23
C GLN H 191 79.75 29.35 -29.00
N ALA H 192 78.84 30.33 -28.91
CA ALA H 192 78.83 31.24 -27.78
C ALA H 192 78.38 30.57 -26.48
N ALA H 193 77.85 29.35 -26.56
CA ALA H 193 77.64 28.55 -25.36
C ALA H 193 78.76 27.56 -25.10
N LEU H 194 79.47 27.13 -26.15
CA LEU H 194 80.66 26.29 -25.99
C LEU H 194 81.86 27.07 -25.48
N THR H 195 81.81 28.41 -25.51
CA THR H 195 82.89 29.24 -25.03
C THR H 195 82.30 30.62 -24.71
N GLY H 196 83.18 31.52 -24.29
CA GLY H 196 82.80 32.91 -24.09
C GLY H 196 83.69 33.85 -24.87
N HIS H 197 83.14 34.56 -25.84
CA HIS H 197 83.95 35.34 -26.76
C HIS H 197 83.08 36.38 -27.44
N ALA H 198 83.61 36.98 -28.50
CA ALA H 198 82.98 38.01 -29.30
C ALA H 198 82.74 37.45 -30.71
N PHE H 199 82.40 38.35 -31.64
CA PHE H 199 81.92 38.04 -32.99
C PHE H 199 82.53 36.79 -33.63
N PRO H 200 83.84 36.54 -33.53
CA PRO H 200 84.34 35.25 -34.04
C PRO H 200 83.66 34.04 -33.40
N TYR H 201 83.39 34.10 -32.10
CA TYR H 201 82.75 33.01 -31.36
C TYR H 201 83.48 31.67 -31.51
N LEU I 39 -67.66 21.01 15.82
CA LEU I 39 -69.07 20.70 15.61
C LEU I 39 -69.40 20.69 14.11
N ASP I 40 -68.50 20.08 13.34
CA ASP I 40 -68.58 20.02 11.88
C ASP I 40 -68.03 18.67 11.43
N GLY I 41 -67.67 18.57 10.16
CA GLY I 41 -66.89 17.44 9.69
C GLY I 41 -65.42 17.60 10.02
N MET I 42 -65.13 18.50 10.95
CA MET I 42 -63.76 18.76 11.38
C MET I 42 -63.19 17.55 12.10
N ILE I 43 -61.87 17.47 12.09
CA ILE I 43 -61.15 16.41 12.79
C ILE I 43 -61.14 16.73 14.29
N GLY I 44 -61.29 15.69 15.10
CA GLY I 44 -61.24 15.87 16.55
C GLY I 44 -62.45 15.31 17.26
N SER I 45 -63.34 14.66 16.53
CA SER I 45 -64.55 14.07 17.10
C SER I 45 -64.25 12.62 17.51
N SER I 46 -64.32 12.34 18.81
CA SER I 46 -64.00 11.04 19.35
C SER I 46 -65.25 10.38 19.91
N ALA I 47 -65.08 9.12 20.34
CA ALA I 47 -66.23 8.31 20.78
C ALA I 47 -66.96 8.88 21.99
N PRO I 48 -66.30 9.27 23.09
CA PRO I 48 -67.07 9.62 24.30
C PRO I 48 -68.09 10.72 24.08
N PHE I 49 -67.73 11.74 23.30
CA PHE I 49 -68.64 12.85 23.01
C PHE I 49 -68.33 13.33 21.60
N LYS I 50 -69.08 12.81 20.63
CA LYS I 50 -68.88 13.19 19.24
C LYS I 50 -69.42 14.59 19.01
N ASN I 51 -68.61 15.42 18.34
CA ASN I 51 -68.95 16.82 18.07
C ASN I 51 -69.35 17.55 19.34
N PHE I 52 -68.41 17.59 20.29
CA PHE I 52 -68.66 18.07 21.64
C PHE I 52 -68.73 19.59 21.62
N ASP I 53 -69.95 20.11 21.43
CA ASP I 53 -70.23 21.54 21.56
C ASP I 53 -71.51 21.72 22.37
N PRO I 54 -71.48 21.39 23.66
CA PRO I 54 -72.70 21.51 24.47
C PRO I 54 -73.23 22.93 24.56
N LEU I 55 -72.35 23.93 24.56
CA LEU I 55 -72.77 25.32 24.67
C LEU I 55 -72.99 25.98 23.31
N GLY I 56 -72.84 25.24 22.22
CA GLY I 56 -73.15 25.76 20.89
C GLY I 56 -72.26 26.91 20.45
N PHE I 57 -70.97 26.85 20.77
CA PHE I 57 -70.05 27.89 20.31
C PHE I 57 -69.85 27.84 18.81
N ALA I 58 -69.92 26.65 18.21
CA ALA I 58 -69.66 26.47 16.79
C ALA I 58 -70.90 26.45 15.93
N ALA I 59 -72.09 26.29 16.53
CA ALA I 59 -73.32 26.23 15.75
C ALA I 59 -73.62 27.53 15.03
N LYS I 60 -73.12 28.66 15.54
CA LYS I 60 -73.37 29.96 14.94
C LYS I 60 -72.15 30.57 14.27
N ALA I 61 -70.94 30.09 14.57
CA ALA I 61 -69.74 30.67 14.02
C ALA I 61 -69.57 30.28 12.56
N ASP I 62 -68.93 31.16 11.80
CA ASP I 62 -68.62 30.91 10.40
C ASP I 62 -67.35 30.08 10.31
N GLN I 63 -66.85 29.87 9.08
CA GLN I 63 -65.66 29.04 8.90
C GLN I 63 -64.41 29.71 9.46
N LYS I 64 -64.31 31.04 9.33
CA LYS I 64 -63.13 31.74 9.82
C LYS I 64 -63.03 31.66 11.34
N THR I 65 -64.15 31.86 12.05
CA THR I 65 -64.13 31.77 13.51
C THR I 65 -63.81 30.34 13.94
N LEU I 66 -64.29 29.35 13.21
CA LEU I 66 -63.99 27.97 13.56
C LEU I 66 -62.52 27.63 13.31
N ASN I 67 -61.94 28.18 12.24
CA ASN I 67 -60.50 28.03 12.03
C ASN I 67 -59.72 28.66 13.16
N LYS I 68 -60.15 29.85 13.62
CA LYS I 68 -59.51 30.49 14.75
C LYS I 68 -59.62 29.62 16.01
N TYR I 69 -60.80 29.04 16.24
CA TYR I 69 -60.99 28.18 17.40
C TYR I 69 -60.08 26.96 17.34
N ARG I 70 -59.96 26.35 16.16
CA ARG I 70 -59.08 25.19 16.01
C ARG I 70 -57.62 25.57 16.23
N GLU I 71 -57.20 26.72 15.71
CA GLU I 71 -55.84 27.20 15.93
C GLU I 71 -55.58 27.38 17.42
N SER I 72 -56.52 28.03 18.12
CA SER I 72 -56.35 28.25 19.55
C SER I 72 -56.29 26.93 20.31
N GLU I 73 -57.17 25.99 19.96
CA GLU I 73 -57.19 24.70 20.65
C GLU I 73 -55.89 23.95 20.43
N LEU I 74 -55.38 23.92 19.20
CA LEU I 74 -54.15 23.17 18.93
C LEU I 74 -52.96 23.83 19.60
N LYS I 75 -52.88 25.17 19.56
CA LYS I 75 -51.77 25.84 20.24
C LYS I 75 -51.83 25.59 21.74
N HIS I 76 -53.02 25.69 22.34
CA HIS I 76 -53.15 25.43 23.77
C HIS I 76 -52.75 24.00 24.09
N GLY I 77 -53.19 23.05 23.27
CA GLY I 77 -52.87 21.65 23.53
C GLY I 77 -51.38 21.38 23.46
N ARG I 78 -50.71 21.92 22.44
CA ARG I 78 -49.26 21.70 22.31
C ARG I 78 -48.50 22.36 23.46
N VAL I 79 -48.86 23.59 23.78
CA VAL I 79 -48.21 24.29 24.89
C VAL I 79 -48.44 23.54 26.20
N ALA I 80 -49.64 22.97 26.37
CA ALA I 80 -49.96 22.27 27.61
C ALA I 80 -49.23 20.94 27.70
N MET I 81 -49.08 20.22 26.59
CA MET I 81 -48.28 19.00 26.59
C MET I 81 -46.84 19.31 26.98
N LEU I 82 -46.26 20.35 26.38
CA LEU I 82 -44.91 20.76 26.76
C LEU I 82 -44.86 21.14 28.24
N ALA I 83 -45.87 21.86 28.72
CA ALA I 83 -45.88 22.34 30.10
C ALA I 83 -45.98 21.18 31.08
N VAL I 84 -46.81 20.19 30.80
CA VAL I 84 -46.95 19.05 31.70
C VAL I 84 -45.66 18.26 31.74
N LEU I 85 -45.08 17.97 30.57
CA LEU I 85 -43.84 17.22 30.54
C LEU I 85 -42.74 17.97 31.28
N GLY I 86 -42.65 19.28 31.06
CA GLY I 86 -41.66 20.08 31.77
C GLY I 86 -41.89 20.10 33.26
N TRP I 87 -43.15 20.22 33.68
CA TRP I 87 -43.49 20.21 35.10
C TRP I 87 -42.93 18.96 35.76
N ILE I 88 -43.26 17.80 35.21
CA ILE I 88 -42.84 16.55 35.85
C ILE I 88 -41.32 16.42 35.79
N VAL I 89 -40.73 16.60 34.61
CA VAL I 89 -39.30 16.36 34.45
C VAL I 89 -38.49 17.32 35.32
N GLN I 90 -38.86 18.60 35.32
CA GLN I 90 -38.25 19.56 36.22
C GLN I 90 -38.36 19.11 37.67
N GLU I 91 -39.51 18.55 38.04
CA GLU I 91 -39.67 18.11 39.42
C GLU I 91 -38.66 17.04 39.78
N PHE I 92 -38.47 16.04 38.91
CA PHE I 92 -37.51 14.99 39.27
C PHE I 92 -36.19 15.07 38.50
N TRP I 93 -35.93 16.14 37.75
CA TRP I 93 -34.63 16.30 37.09
C TRP I 93 -34.47 17.76 36.67
N HIS I 94 -33.51 18.46 37.26
CA HIS I 94 -33.15 19.82 36.84
C HIS I 94 -31.64 19.94 36.73
N PRO I 95 -31.04 19.29 35.73
CA PRO I 95 -29.57 19.32 35.60
C PRO I 95 -29.00 20.71 35.34
N LEU I 96 -29.74 21.57 34.65
CA LEU I 96 -29.21 22.87 34.26
C LEU I 96 -29.10 23.80 35.46
N TYR I 97 -28.39 24.90 35.25
CA TYR I 97 -28.19 25.94 36.28
C TYR I 97 -27.47 25.40 37.50
N ASP I 98 -26.61 24.40 37.29
CA ASP I 98 -25.79 23.79 38.34
C ASP I 98 -26.66 23.39 39.53
N GLY I 99 -27.62 22.52 39.25
CA GLY I 99 -28.64 22.24 40.26
C GLY I 99 -29.42 23.52 40.54
N LYS I 100 -29.62 23.79 41.82
CA LYS I 100 -30.35 24.98 42.28
C LYS I 100 -31.71 24.99 41.57
N LEU I 101 -32.30 26.16 41.40
CA LEU I 101 -33.54 26.32 40.63
C LEU I 101 -34.61 25.34 41.12
N SER I 102 -35.06 25.61 42.35
CA SER I 102 -35.83 24.67 43.16
C SER I 102 -36.81 23.86 42.33
N SER I 103 -36.86 22.56 42.62
CA SER I 103 -37.58 21.62 41.76
C SER I 103 -39.07 21.91 41.69
N ASN I 104 -39.62 22.66 42.63
CA ASN I 104 -41.02 23.03 42.59
C ASN I 104 -41.23 24.06 41.50
N PRO I 105 -42.05 23.79 40.49
CA PRO I 105 -42.41 24.83 39.52
C PRO I 105 -43.20 25.94 40.20
N LEU I 106 -43.33 27.07 39.49
CA LEU I 106 -43.92 28.30 40.01
C LEU I 106 -43.01 28.92 41.06
N LYS I 107 -41.93 28.22 41.41
CA LYS I 107 -40.84 28.76 42.21
C LYS I 107 -39.57 28.96 41.41
N ALA I 108 -39.25 28.01 40.53
CA ALA I 108 -38.19 28.23 39.56
C ALA I 108 -38.57 29.26 38.51
N LEU I 109 -39.87 29.57 38.39
CA LEU I 109 -40.30 30.62 37.48
C LEU I 109 -39.71 31.97 37.88
N THR I 110 -39.48 32.18 39.18
CA THR I 110 -38.90 33.41 39.68
C THR I 110 -37.42 33.27 40.01
N GLU I 111 -36.77 32.20 39.55
CA GLU I 111 -35.36 31.97 39.80
C GLU I 111 -34.51 31.93 38.55
N VAL I 112 -35.11 31.80 37.37
CA VAL I 112 -34.33 31.83 36.12
C VAL I 112 -33.70 33.21 35.97
N PRO I 113 -32.45 33.30 35.46
CA PRO I 113 -31.72 34.59 35.46
C PRO I 113 -32.46 35.80 34.87
N LEU I 114 -33.62 35.58 34.27
CA LEU I 114 -34.47 36.64 33.73
C LEU I 114 -33.87 37.23 32.46
N ILE I 115 -32.64 36.83 32.16
CA ILE I 115 -32.08 37.05 30.82
C ILE I 115 -32.20 35.78 29.99
N GLY I 116 -32.37 34.62 30.62
CA GLY I 116 -32.80 33.44 29.90
C GLY I 116 -34.28 33.44 29.62
N TRP I 117 -35.06 34.11 30.46
CA TRP I 117 -36.48 34.29 30.16
C TRP I 117 -36.66 35.11 28.89
N ALA I 118 -35.85 36.16 28.72
CA ALA I 118 -35.98 37.01 27.55
C ALA I 118 -35.68 36.24 26.27
N GLN I 119 -34.68 35.36 26.30
CA GLN I 119 -34.32 34.60 25.11
C GLN I 119 -35.41 33.59 24.75
N ILE I 120 -36.00 32.93 25.76
CA ILE I 120 -37.12 32.03 25.49
C ILE I 120 -38.30 32.80 24.91
N PHE I 121 -38.58 33.99 25.47
CA PHE I 121 -39.65 34.82 24.96
C PHE I 121 -39.40 35.22 23.51
N VAL I 122 -38.18 35.62 23.19
CA VAL I 122 -37.85 36.04 21.83
C VAL I 122 -37.92 34.86 20.87
N ALA I 123 -37.49 33.67 21.31
CA ALA I 123 -37.58 32.50 20.45
C ALA I 123 -39.02 32.13 20.15
N ILE I 124 -39.88 32.15 21.19
CA ILE I 124 -41.30 31.89 20.97
C ILE I 124 -41.90 32.92 20.02
N ASN I 125 -41.48 34.18 20.19
CA ASN I 125 -41.98 35.25 19.33
C ASN I 125 -41.58 35.05 17.88
N VAL I 126 -40.32 34.67 17.64
CA VAL I 126 -39.86 34.43 16.28
C VAL I 126 -40.59 33.23 15.67
N ILE I 127 -40.81 32.19 16.49
CA ILE I 127 -41.55 31.03 16.01
C ILE I 127 -42.96 31.41 15.60
N GLU I 128 -43.62 32.25 16.39
CA GLU I 128 -44.98 32.63 16.06
C GLU I 128 -45.04 33.64 14.92
N TYR I 129 -43.98 34.44 14.72
CA TYR I 129 -43.87 35.24 13.51
C TYR I 129 -43.78 34.35 12.29
N LEU I 130 -42.99 33.27 12.37
CA LEU I 130 -42.91 32.33 11.27
C LEU I 130 -44.25 31.64 11.04
N GLN I 131 -44.96 31.31 12.12
CA GLN I 131 -46.29 30.72 11.98
C GLN I 131 -47.26 31.68 11.30
N ASN I 132 -47.19 32.96 11.66
CA ASN I 132 -48.01 33.98 10.99
C ASN I 132 -47.69 34.02 9.51
N LYS I 133 -46.41 33.98 9.16
CA LYS I 133 -46.03 33.95 7.75
C LYS I 133 -46.57 32.70 7.05
N ILE I 134 -46.56 31.57 7.75
CA ILE I 134 -47.11 30.33 7.20
C ILE I 134 -48.60 30.49 6.93
N LYS I 135 -49.31 31.18 7.83
CA LYS I 135 -50.77 31.28 7.74
C LYS I 135 -51.25 31.90 6.43
N GLU I 136 -50.41 32.67 5.74
CA GLU I 136 -50.80 33.26 4.47
C GLU I 136 -50.40 32.42 3.27
N LEU I 137 -49.76 31.28 3.47
CA LEU I 137 -49.45 30.39 2.36
C LEU I 137 -50.74 29.81 1.80
N PRO I 138 -50.83 29.64 0.48
CA PRO I 138 -52.08 29.13 -0.12
C PRO I 138 -52.41 27.73 0.39
N GLY I 139 -53.70 27.47 0.58
CA GLY I 139 -54.15 26.19 1.06
C GLY I 139 -53.89 25.93 2.53
N TYR I 140 -53.66 26.99 3.31
CA TYR I 140 -53.33 26.82 4.71
C TYR I 140 -54.51 26.23 5.48
N ARG I 141 -54.20 25.31 6.39
CA ARG I 141 -55.16 24.70 7.31
C ARG I 141 -54.90 25.20 8.73
N PRO I 142 -55.94 25.30 9.57
CA PRO I 142 -55.82 26.04 10.83
C PRO I 142 -54.60 25.73 11.67
N GLY I 143 -54.44 24.49 12.10
CA GLY I 143 -53.31 24.13 12.93
C GLY I 143 -52.11 23.55 12.21
N ASP I 144 -52.17 23.48 10.88
CA ASP I 144 -51.15 22.80 10.09
C ASP I 144 -50.02 23.79 9.78
N TYR I 145 -48.94 23.69 10.55
CA TYR I 145 -47.74 24.49 10.28
C TYR I 145 -46.66 23.69 9.56
N LEU I 146 -46.86 22.39 9.40
CA LEU I 146 -45.97 21.56 8.58
C LEU I 146 -46.34 21.60 7.10
N GLY I 147 -47.50 22.16 6.76
CA GLY I 147 -47.95 22.17 5.38
C GLY I 147 -48.32 20.81 4.84
N THR I 148 -48.97 19.97 5.66
CA THR I 148 -49.34 18.63 5.23
C THR I 148 -50.39 18.66 4.12
N TRP I 149 -51.07 19.79 3.92
CA TRP I 149 -52.02 19.90 2.82
C TRP I 149 -51.33 19.77 1.46
N GLU I 150 -50.02 20.01 1.41
CA GLU I 150 -49.29 19.82 0.16
C GLU I 150 -49.28 18.36 -0.28
N TRP I 151 -49.08 17.44 0.67
CA TRP I 151 -49.06 16.03 0.37
C TRP I 151 -50.40 15.33 0.60
N VAL I 152 -51.16 15.77 1.61
CA VAL I 152 -52.38 15.08 2.02
C VAL I 152 -53.54 15.75 1.30
N GLU I 153 -53.86 15.22 0.12
CA GLU I 153 -55.15 15.45 -0.53
C GLU I 153 -55.92 14.15 -0.47
N GLN I 154 -57.22 14.24 -0.16
CA GLN I 154 -58.06 13.07 0.12
C GLN I 154 -57.49 12.30 1.31
N SER I 155 -57.58 12.95 2.47
CA SER I 155 -57.06 12.39 3.71
C SER I 155 -57.65 11.01 3.98
N ASP I 156 -56.88 10.17 4.66
CA ASP I 156 -57.28 8.82 5.01
C ASP I 156 -57.96 8.81 6.38
N GLU I 157 -58.26 7.63 6.89
CA GLU I 157 -58.75 7.51 8.26
C GLU I 157 -57.60 7.48 9.26
N GLY I 158 -56.43 7.00 8.85
CA GLY I 158 -55.27 7.04 9.73
C GLY I 158 -54.80 8.45 10.01
N TRP I 159 -54.79 9.31 8.99
CA TRP I 159 -54.39 10.70 9.19
C TRP I 159 -55.36 11.43 10.12
N ASP I 160 -56.66 11.25 9.88
CA ASP I 160 -57.67 11.86 10.76
C ASP I 160 -57.56 11.30 12.17
N SER I 161 -57.32 10.01 12.30
CA SER I 161 -57.18 9.41 13.63
C SER I 161 -55.96 9.94 14.36
N TYR I 162 -54.85 10.14 13.65
CA TYR I 162 -53.66 10.69 14.29
C TYR I 162 -53.86 12.15 14.69
N GLN I 163 -54.52 12.93 13.85
CA GLN I 163 -54.83 14.31 14.22
C GLN I 163 -55.74 14.35 15.45
N THR I 164 -56.73 13.45 15.51
CA THR I 164 -57.59 13.37 16.67
C THR I 164 -56.81 12.93 17.91
N LYS I 165 -55.85 12.04 17.73
CA LYS I 165 -54.99 11.63 18.85
C LYS I 165 -54.22 12.81 19.39
N GLU I 166 -53.63 13.61 18.50
CA GLU I 166 -52.92 14.81 18.94
C GLU I 166 -53.86 15.76 19.67
N LEU I 167 -55.06 15.98 19.13
CA LEU I 167 -56.01 16.90 19.75
C LEU I 167 -56.42 16.40 21.13
N ASN I 168 -56.72 15.11 21.26
CA ASN I 168 -57.18 14.57 22.54
C ASN I 168 -56.06 14.60 23.57
N ASN I 169 -54.83 14.26 23.17
CA ASN I 169 -53.70 14.37 24.09
C ASN I 169 -53.50 15.82 24.52
N GLY I 170 -53.66 16.76 23.59
CA GLY I 170 -53.55 18.16 23.95
C GLY I 170 -54.62 18.60 24.94
N ARG I 171 -55.85 18.12 24.75
CA ARG I 171 -56.93 18.46 25.68
C ARG I 171 -56.66 17.90 27.06
N LEU I 172 -56.22 16.64 27.12
CA LEU I 172 -55.90 16.03 28.40
C LEU I 172 -54.75 16.78 29.07
N ALA I 173 -53.76 17.19 28.29
CA ALA I 173 -52.65 17.96 28.85
C ALA I 173 -53.09 19.34 29.32
N MET I 174 -54.05 19.98 28.62
CA MET I 174 -54.57 21.25 29.10
C MET I 174 -55.24 21.09 30.46
N VAL I 175 -56.10 20.08 30.60
CA VAL I 175 -56.73 19.83 31.89
C VAL I 175 -55.67 19.52 32.95
N ALA I 176 -54.68 18.71 32.58
CA ALA I 176 -53.65 18.31 33.54
C ALA I 176 -52.81 19.49 34.01
N ILE I 177 -52.44 20.39 33.09
CA ILE I 177 -51.60 21.52 33.47
C ILE I 177 -52.41 22.53 34.29
N ALA I 178 -53.69 22.71 33.97
CA ALA I 178 -54.54 23.55 34.81
C ALA I 178 -54.61 22.99 36.23
N GLY I 179 -54.81 21.67 36.34
CA GLY I 179 -54.84 21.05 37.65
C GLY I 179 -53.51 21.18 38.37
N LEU I 180 -52.40 21.00 37.65
CA LEU I 180 -51.08 21.13 38.25
C LEU I 180 -50.88 22.51 38.84
N ILE I 181 -51.16 23.55 38.05
CA ILE I 181 -50.94 24.91 38.54
C ILE I 181 -51.85 25.21 39.72
N VAL I 182 -53.12 24.80 39.65
CA VAL I 182 -54.04 25.10 40.74
C VAL I 182 -53.62 24.37 42.01
N GLN I 183 -53.25 23.09 41.90
CA GLN I 183 -52.81 22.33 43.07
C GLN I 183 -51.56 22.93 43.68
N ASP I 184 -50.59 23.30 42.85
CA ASP I 184 -49.37 23.89 43.39
C ASP I 184 -49.64 25.25 44.03
N LEU I 185 -50.63 25.98 43.52
CA LEU I 185 -50.98 27.26 44.13
C LEU I 185 -51.64 27.07 45.49
N ILE I 186 -52.62 26.17 45.58
CA ILE I 186 -53.39 26.06 46.81
C ILE I 186 -52.61 25.29 47.88
N THR I 187 -51.87 24.25 47.49
CA THR I 187 -51.18 23.43 48.47
C THR I 187 -49.74 23.88 48.71
N GLY I 188 -49.03 24.28 47.65
CA GLY I 188 -47.64 24.67 47.75
C GLY I 188 -46.66 23.57 47.41
N GLN I 189 -47.12 22.34 47.23
CA GLN I 189 -46.27 21.23 46.85
C GLN I 189 -46.41 20.93 45.36
N ALA I 190 -45.37 20.34 44.80
CA ALA I 190 -45.38 19.98 43.38
C ALA I 190 -46.10 18.65 43.18
N ALA I 191 -46.14 18.19 41.93
CA ALA I 191 -46.91 17.01 41.56
C ALA I 191 -46.42 15.76 42.29
N LEU I 192 -45.18 15.34 41.99
CA LEU I 192 -44.65 14.13 42.61
C LEU I 192 -44.36 14.31 44.09
N GLU I 193 -44.30 15.55 44.58
CA GLU I 193 -44.14 15.77 46.01
C GLU I 193 -45.46 15.61 46.75
N GLN I 194 -46.53 16.20 46.21
CA GLN I 194 -47.85 16.04 46.82
C GLN I 194 -48.32 14.59 46.75
N ILE I 195 -48.07 13.91 45.63
CA ILE I 195 -48.44 12.51 45.50
C ILE I 195 -47.67 11.66 46.49
N THR I 196 -46.36 11.90 46.63
CA THR I 196 -45.53 11.09 47.50
C THR I 196 -45.98 11.20 48.96
N ALA I 197 -46.22 12.43 49.43
CA ALA I 197 -46.68 12.61 50.79
C ALA I 197 -48.06 12.01 51.00
N GLY I 198 -48.95 12.21 50.05
CA GLY I 198 -50.31 11.71 50.17
C GLY I 198 -51.34 12.79 50.38
N ASN I 199 -51.02 14.01 49.91
CA ASN I 199 -51.94 15.15 50.03
C ASN I 199 -52.99 15.11 48.93
N THR I 200 -53.80 14.05 48.95
CA THR I 200 -54.84 13.86 47.96
C THR I 200 -56.21 13.76 48.63
N LYS J 6 -39.35 -41.72 0.71
CA LYS J 6 -39.97 -40.61 0.00
C LYS J 6 -40.52 -39.59 0.99
N SER J 7 -39.67 -39.12 1.89
CA SER J 7 -40.08 -38.15 2.88
C SER J 7 -40.41 -36.81 2.24
N THR J 8 -41.22 -36.03 2.93
CA THR J 8 -41.67 -34.73 2.44
C THR J 8 -40.71 -33.60 2.78
N ILE J 9 -39.60 -33.88 3.47
CA ILE J 9 -38.69 -32.85 3.90
C ILE J 9 -37.31 -33.05 3.29
N VAL J 10 -36.96 -34.31 2.98
CA VAL J 10 -35.63 -34.65 2.51
C VAL J 10 -35.72 -35.45 1.22
N ASP J 11 -34.62 -35.40 0.47
CA ASP J 11 -34.42 -36.23 -0.72
C ASP J 11 -33.36 -37.27 -0.40
N PHE J 12 -33.63 -38.53 -0.72
CA PHE J 12 -32.76 -39.63 -0.34
C PHE J 12 -31.74 -39.93 -1.43
N ASN J 13 -30.48 -40.08 -1.04
CA ASN J 13 -29.38 -40.38 -1.94
C ASN J 13 -29.32 -39.41 -3.13
N PRO J 14 -29.19 -38.10 -2.87
CA PRO J 14 -29.13 -37.16 -3.99
C PRO J 14 -27.80 -37.19 -4.74
N VAL J 15 -26.69 -37.27 -4.02
CA VAL J 15 -25.35 -37.25 -4.61
C VAL J 15 -24.62 -38.51 -4.19
N GLU J 16 -23.99 -39.17 -5.16
CA GLU J 16 -23.24 -40.39 -4.88
C GLU J 16 -21.90 -40.05 -4.23
N THR J 17 -21.53 -40.83 -3.22
CA THR J 17 -20.25 -40.66 -2.54
C THR J 17 -19.17 -41.29 -3.40
N SER J 18 -18.43 -40.47 -4.14
CA SER J 18 -17.41 -40.95 -5.06
C SER J 18 -16.20 -40.03 -5.01
N PHE J 19 -15.03 -40.60 -5.29
CA PHE J 19 -13.79 -39.85 -5.37
C PHE J 19 -13.49 -39.35 -6.78
N GLU J 20 -14.38 -39.61 -7.74
CA GLU J 20 -14.11 -39.23 -9.12
C GLU J 20 -13.96 -37.73 -9.28
N LYS J 21 -14.85 -36.95 -8.64
CA LYS J 21 -14.80 -35.51 -8.75
C LYS J 21 -13.66 -34.90 -7.95
N TRP J 22 -13.07 -35.65 -7.01
CA TRP J 22 -11.90 -35.14 -6.30
C TRP J 22 -10.71 -35.02 -7.23
N ALA J 23 -10.65 -35.85 -8.27
CA ALA J 23 -9.56 -35.85 -9.23
C ALA J 23 -9.79 -34.91 -10.40
N LYS J 24 -10.88 -34.16 -10.39
CA LYS J 24 -11.21 -33.19 -11.45
C LYS J 24 -11.38 -31.83 -10.79
N PRO J 25 -10.28 -31.12 -10.55
CA PRO J 25 -10.38 -29.79 -9.92
C PRO J 25 -11.20 -28.83 -10.78
N GLY J 26 -11.99 -28.00 -10.10
CA GLY J 26 -12.82 -27.04 -10.80
C GLY J 26 -14.07 -27.63 -11.42
N GLN J 27 -14.47 -28.84 -11.02
CA GLN J 27 -15.66 -29.46 -11.60
C GLN J 27 -16.92 -28.68 -11.27
N PHE J 28 -16.92 -27.93 -10.16
CA PHE J 28 -18.12 -27.21 -9.76
C PHE J 28 -18.45 -26.07 -10.71
N SER J 29 -17.43 -25.41 -11.27
CA SER J 29 -17.63 -24.25 -12.11
C SER J 29 -17.77 -24.66 -13.57
N ARG J 30 -18.69 -24.01 -14.28
CA ARG J 30 -18.84 -24.25 -15.70
C ARG J 30 -17.62 -23.77 -16.48
N THR J 31 -16.98 -22.70 -16.03
CA THR J 31 -15.84 -22.14 -16.75
C THR J 31 -14.54 -22.85 -16.40
N LEU J 32 -14.37 -23.24 -15.13
CA LEU J 32 -13.13 -23.87 -14.69
C LEU J 32 -13.09 -25.37 -14.99
N ALA J 33 -14.21 -25.97 -15.38
CA ALA J 33 -14.22 -27.42 -15.58
C ALA J 33 -13.40 -27.85 -16.79
N LYS J 34 -13.23 -26.95 -17.76
CA LYS J 34 -12.49 -27.30 -18.97
C LYS J 34 -11.01 -27.52 -18.71
N GLY J 35 -10.48 -27.05 -17.58
CA GLY J 35 -9.09 -27.23 -17.25
C GLY J 35 -8.30 -25.96 -17.35
N PRO J 36 -7.15 -25.91 -16.66
CA PRO J 36 -6.34 -24.68 -16.67
C PRO J 36 -5.64 -24.47 -18.00
N LYS J 37 -5.63 -23.22 -18.45
CA LYS J 37 -4.80 -22.78 -19.55
C LYS J 37 -3.78 -21.74 -19.14
N THR J 38 -4.08 -20.93 -18.14
CA THR J 38 -3.16 -19.97 -17.55
C THR J 38 -3.19 -20.14 -16.03
N THR J 39 -2.22 -19.51 -15.36
CA THR J 39 -2.19 -19.57 -13.90
C THR J 39 -3.35 -18.85 -13.24
N THR J 40 -4.11 -18.04 -14.00
CA THR J 40 -5.31 -17.42 -13.45
C THR J 40 -6.35 -18.46 -13.07
N TRP J 41 -6.35 -19.62 -13.73
CA TRP J 41 -7.30 -20.68 -13.42
C TRP J 41 -7.10 -21.17 -12.00
N ILE J 42 -5.84 -21.28 -11.55
CA ILE J 42 -5.56 -21.76 -10.20
C ILE J 42 -6.18 -20.83 -9.16
N TRP J 43 -5.98 -19.53 -9.34
CA TRP J 43 -6.53 -18.57 -8.39
C TRP J 43 -8.05 -18.51 -8.47
N ASN J 44 -8.61 -18.62 -9.68
CA ASN J 44 -10.06 -18.65 -9.83
C ASN J 44 -10.66 -19.88 -9.18
N LEU J 45 -9.89 -20.97 -9.10
CA LEU J 45 -10.40 -22.19 -8.48
C LEU J 45 -10.73 -21.99 -7.01
N HIS J 46 -9.86 -21.28 -6.28
CA HIS J 46 -10.10 -21.06 -4.86
C HIS J 46 -11.03 -19.89 -4.60
N ALA J 47 -11.10 -18.93 -5.52
CA ALA J 47 -11.98 -17.78 -5.35
C ALA J 47 -13.44 -18.13 -5.57
N ASP J 48 -13.73 -19.23 -6.26
CA ASP J 48 -15.10 -19.64 -6.56
C ASP J 48 -15.49 -20.92 -5.84
N ALA J 49 -14.66 -21.41 -4.92
CA ALA J 49 -14.93 -22.71 -4.30
C ALA J 49 -16.23 -22.69 -3.51
N HIS J 50 -16.44 -21.65 -2.70
CA HIS J 50 -17.62 -21.57 -1.85
C HIS J 50 -18.70 -20.65 -2.43
N ASP J 51 -18.52 -20.16 -3.65
CA ASP J 51 -19.55 -19.35 -4.31
C ASP J 51 -20.58 -20.30 -4.94
N PHE J 52 -21.39 -20.91 -4.07
CA PHE J 52 -22.35 -21.91 -4.52
C PHE J 52 -23.44 -21.31 -5.40
N ASP J 53 -23.61 -20.00 -5.39
CA ASP J 53 -24.63 -19.38 -6.23
C ASP J 53 -24.34 -19.57 -7.71
N ILE J 54 -23.06 -19.46 -8.10
CA ILE J 54 -22.68 -19.60 -9.51
C ILE J 54 -22.41 -21.05 -9.90
N GLN J 55 -22.40 -21.98 -8.94
CA GLN J 55 -22.18 -23.38 -9.25
C GLN J 55 -23.46 -24.11 -9.60
N THR J 56 -24.60 -23.68 -9.06
CA THR J 56 -25.89 -24.26 -9.36
C THR J 56 -26.90 -23.15 -9.59
N ASN J 57 -27.94 -23.46 -10.37
CA ASN J 57 -29.02 -22.52 -10.64
C ASN J 57 -30.23 -22.77 -9.76
N SER J 58 -30.14 -23.68 -8.80
CA SER J 58 -31.25 -24.04 -7.94
C SER J 58 -30.95 -23.61 -6.51
N LEU J 59 -31.90 -22.91 -5.89
CA LEU J 59 -31.75 -22.49 -4.51
C LEU J 59 -31.66 -23.69 -3.57
N GLN J 60 -32.31 -24.80 -3.93
CA GLN J 60 -32.28 -26.00 -3.11
C GLN J 60 -30.85 -26.54 -2.99
N GLU J 61 -30.15 -26.63 -4.13
CA GLU J 61 -28.79 -27.16 -4.10
C GLU J 61 -27.86 -26.24 -3.32
N VAL J 62 -28.01 -24.93 -3.49
CA VAL J 62 -27.19 -23.98 -2.72
C VAL J 62 -27.45 -24.15 -1.24
N SER J 63 -28.72 -24.29 -0.85
CA SER J 63 -29.06 -24.47 0.56
C SER J 63 -28.46 -25.75 1.12
N ARG J 64 -28.51 -26.83 0.36
CA ARG J 64 -27.94 -28.10 0.84
C ARG J 64 -26.43 -28.00 0.98
N LYS J 65 -25.76 -27.36 0.02
CA LYS J 65 -24.33 -27.15 0.12
C LYS J 65 -23.99 -26.32 1.34
N ILE J 66 -24.77 -25.26 1.60
CA ILE J 66 -24.54 -24.40 2.75
C ILE J 66 -24.70 -25.19 4.05
N PHE J 67 -25.73 -26.04 4.11
CA PHE J 67 -25.99 -26.84 5.30
C PHE J 67 -24.82 -27.78 5.59
N SER J 68 -24.35 -28.48 4.57
CA SER J 68 -23.21 -29.37 4.77
C SER J 68 -21.92 -28.60 5.10
N ALA J 69 -21.75 -27.41 4.52
CA ALA J 69 -20.59 -26.60 4.86
C ALA J 69 -20.65 -26.14 6.30
N HIS J 70 -21.84 -25.82 6.80
CA HIS J 70 -21.99 -25.50 8.21
C HIS J 70 -21.59 -26.69 9.08
N PHE J 71 -21.99 -27.89 8.68
CA PHE J 71 -21.60 -29.07 9.44
C PHE J 71 -20.09 -29.25 9.45
N GLY J 72 -19.44 -29.05 8.30
CA GLY J 72 -17.99 -29.14 8.25
C GLY J 72 -17.32 -28.09 9.13
N GLN J 73 -17.85 -26.87 9.13
CA GLN J 73 -17.29 -25.82 9.97
C GLN J 73 -17.44 -26.15 11.45
N LEU J 74 -18.61 -26.69 11.84
CA LEU J 74 -18.80 -27.06 13.23
C LEU J 74 -17.90 -28.23 13.62
N ALA J 75 -17.65 -29.16 12.70
CA ALA J 75 -16.69 -30.22 12.96
C ALA J 75 -15.28 -29.66 13.17
N VAL J 76 -14.90 -28.67 12.37
CA VAL J 76 -13.60 -28.03 12.54
C VAL J 76 -13.51 -27.34 13.89
N ILE J 77 -14.58 -26.64 14.28
CA ILE J 77 -14.60 -25.96 15.58
C ILE J 77 -14.49 -26.97 16.72
N PHE J 78 -15.21 -28.10 16.60
CA PHE J 78 -15.15 -29.12 17.63
C PHE J 78 -13.75 -29.73 17.71
N LEU J 79 -13.10 -29.94 16.57
CA LEU J 79 -11.72 -30.43 16.57
C LEU J 79 -10.79 -29.44 17.26
N TRP J 80 -10.98 -28.14 16.98
CA TRP J 80 -10.16 -27.12 17.64
C TRP J 80 -10.37 -27.12 19.15
N LEU J 81 -11.62 -27.23 19.60
CA LEU J 81 -11.90 -27.28 21.04
C LEU J 81 -11.30 -28.54 21.66
N SER J 82 -11.40 -29.67 20.96
CA SER J 82 -10.80 -30.91 21.45
C SER J 82 -9.30 -30.77 21.58
N GLY J 83 -8.66 -30.11 20.61
CA GLY J 83 -7.24 -29.85 20.72
C GLY J 83 -6.89 -28.98 21.90
N MET J 84 -7.69 -27.95 22.16
CA MET J 84 -7.43 -27.09 23.30
C MET J 84 -7.53 -27.87 24.61
N HIS J 85 -8.57 -28.69 24.74
CA HIS J 85 -8.74 -29.47 25.95
C HIS J 85 -7.64 -30.52 26.09
N PHE J 86 -7.21 -31.12 24.98
CA PHE J 86 -6.13 -32.09 25.04
C PHE J 86 -4.82 -31.45 25.47
N HIS J 87 -4.54 -30.25 24.96
CA HIS J 87 -3.34 -29.54 25.39
C HIS J 87 -3.42 -29.16 26.86
N GLY J 88 -4.60 -28.75 27.33
CA GLY J 88 -4.76 -28.50 28.75
C GLY J 88 -4.54 -29.76 29.59
N ALA J 89 -4.95 -30.90 29.06
CA ALA J 89 -4.81 -32.15 29.81
C ALA J 89 -3.37 -32.64 29.85
N TYR J 90 -2.64 -32.51 28.74
CA TYR J 90 -1.34 -33.17 28.59
C TYR J 90 -0.15 -32.23 28.62
N PHE J 91 -0.25 -31.04 28.03
CA PHE J 91 0.89 -30.14 27.90
C PHE J 91 0.66 -28.84 28.63
N SER J 92 0.09 -28.91 29.83
CA SER J 92 -0.27 -27.71 30.58
C SER J 92 0.08 -27.88 32.05
N ASN J 93 0.11 -26.76 32.76
CA ASN J 93 0.31 -26.72 34.20
C ASN J 93 -0.99 -26.35 34.91
N TYR J 94 -2.11 -26.87 34.41
CA TYR J 94 -3.41 -26.49 34.96
C TYR J 94 -3.55 -26.93 36.41
N SER J 95 -3.05 -28.11 36.75
CA SER J 95 -3.13 -28.57 38.14
C SER J 95 -2.32 -27.67 39.06
N ALA J 96 -1.14 -27.25 38.63
CA ALA J 96 -0.34 -26.33 39.43
C ALA J 96 -0.99 -24.96 39.51
N TRP J 97 -1.61 -24.50 38.41
CA TRP J 97 -2.28 -23.21 38.41
C TRP J 97 -3.50 -23.20 39.32
N LEU J 98 -4.16 -24.36 39.47
CA LEU J 98 -5.33 -24.42 40.34
C LEU J 98 -4.95 -24.13 41.79
N THR J 99 -3.81 -24.65 42.25
CA THR J 99 -3.38 -24.45 43.62
C THR J 99 -2.75 -23.07 43.86
N ASN J 100 -2.43 -22.34 42.80
CA ASN J 100 -1.82 -21.01 42.93
C ASN J 100 -2.22 -20.16 41.74
N PRO J 101 -3.49 -19.77 41.67
CA PRO J 101 -3.95 -18.99 40.51
C PRO J 101 -3.32 -17.61 40.42
N THR J 102 -2.95 -17.00 41.55
CA THR J 102 -2.45 -15.63 41.56
C THR J 102 -0.94 -15.53 41.35
N SER J 103 -0.21 -16.65 41.37
CA SER J 103 1.24 -16.62 41.22
C SER J 103 1.77 -17.52 40.11
N THR J 104 0.91 -18.30 39.45
CA THR J 104 1.32 -19.17 38.35
C THR J 104 0.70 -18.66 37.07
N LYS J 105 1.52 -18.52 36.04
CA LYS J 105 1.01 -18.05 34.75
C LYS J 105 0.50 -19.23 33.94
N PRO J 106 -0.69 -19.13 33.35
CA PRO J 106 -1.26 -20.27 32.61
C PRO J 106 -0.44 -20.57 31.35
N SER J 107 -0.04 -21.84 31.22
CA SER J 107 0.68 -22.30 30.05
C SER J 107 0.12 -23.64 29.63
N ALA J 108 -0.14 -23.80 28.33
CA ALA J 108 -0.72 -25.04 27.81
C ALA J 108 -0.09 -25.46 26.48
N GLN J 109 1.12 -25.01 26.19
CA GLN J 109 1.81 -25.41 24.96
C GLN J 109 3.31 -25.43 25.24
N ILE J 110 3.91 -26.61 25.17
CA ILE J 110 5.35 -26.75 25.32
C ILE J 110 5.97 -26.84 23.94
N VAL J 111 7.21 -26.40 23.84
CA VAL J 111 7.90 -26.25 22.56
C VAL J 111 9.04 -27.26 22.51
N TRP J 112 9.14 -27.98 21.40
CA TRP J 112 10.18 -28.99 21.24
C TRP J 112 11.56 -28.34 21.22
N PRO J 113 12.58 -29.04 21.72
CA PRO J 113 13.95 -28.48 21.70
C PRO J 113 14.68 -28.70 20.38
N ILE J 114 14.40 -27.84 19.41
CA ILE J 114 15.05 -27.87 18.11
C ILE J 114 15.57 -26.47 17.80
N VAL J 115 16.61 -26.41 16.97
CA VAL J 115 17.23 -25.19 16.47
C VAL J 115 17.29 -24.08 17.52
N GLY J 116 17.42 -24.46 18.80
CA GLY J 116 17.50 -23.49 19.87
C GLY J 116 16.20 -22.83 20.25
N GLN J 117 15.07 -23.33 19.76
CA GLN J 117 13.78 -22.72 20.03
C GLN J 117 13.25 -23.02 21.41
N GLU J 118 13.94 -23.87 22.19
CA GLU J 118 13.47 -24.22 23.52
C GLU J 118 13.50 -23.05 24.48
N VAL J 119 14.14 -21.94 24.11
CA VAL J 119 14.09 -20.72 24.91
C VAL J 119 12.66 -20.21 25.04
N LEU J 120 11.78 -20.58 24.11
CA LEU J 120 10.39 -20.16 24.16
C LEU J 120 9.65 -20.76 25.34
N ASN J 121 10.15 -21.86 25.89
CA ASN J 121 9.55 -22.46 27.08
C ASN J 121 9.86 -21.57 28.29
N ALA J 122 8.88 -20.75 28.67
CA ALA J 122 9.10 -19.72 29.67
C ALA J 122 8.97 -20.28 31.09
N ASP J 123 9.34 -19.45 32.08
CA ASP J 123 9.20 -19.85 33.48
C ASP J 123 7.82 -19.45 33.96
N VAL J 124 6.81 -20.14 33.49
CA VAL J 124 5.41 -19.86 33.82
C VAL J 124 5.06 -20.23 35.25
N GLY J 125 5.95 -20.93 35.95
CA GLY J 125 5.70 -21.32 37.32
C GLY J 125 5.07 -22.69 37.45
N GLY J 126 5.03 -23.17 38.68
CA GLY J 126 4.50 -24.49 38.96
C GLY J 126 5.32 -25.63 38.39
N ASN J 127 6.64 -25.50 38.45
CA ASN J 127 7.54 -26.53 37.91
C ASN J 127 7.12 -26.87 36.49
N PHE J 128 6.98 -25.84 35.65
CA PHE J 128 6.57 -26.05 34.28
C PHE J 128 7.31 -25.09 33.37
N GLN J 129 7.55 -25.53 32.14
CA GLN J 129 8.15 -24.70 31.09
C GLN J 129 7.26 -24.77 29.86
N GLY J 130 6.94 -23.61 29.30
CA GLY J 130 6.08 -23.57 28.14
C GLY J 130 5.72 -22.13 27.79
N ILE J 131 4.82 -22.02 26.83
CA ILE J 131 4.37 -20.72 26.34
C ILE J 131 3.18 -20.27 27.18
N GLN J 132 3.25 -19.05 27.70
CA GLN J 132 2.15 -18.51 28.48
C GLN J 132 0.92 -18.35 27.61
N ILE J 133 -0.23 -18.75 28.16
CA ILE J 133 -1.48 -18.79 27.42
C ILE J 133 -2.32 -17.58 27.79
N THR J 134 -2.78 -16.85 26.78
CA THR J 134 -3.59 -15.65 26.97
C THR J 134 -5.03 -15.82 26.51
N SER J 135 -5.47 -17.07 26.28
CA SER J 135 -6.84 -17.33 25.87
C SER J 135 -7.78 -17.56 27.05
N GLY J 136 -7.26 -17.58 28.27
CA GLY J 136 -8.12 -17.69 29.44
C GLY J 136 -8.81 -19.03 29.60
N PHE J 137 -8.25 -20.09 29.04
CA PHE J 137 -8.88 -21.40 29.17
C PHE J 137 -8.82 -21.91 30.61
N PHE J 138 -7.73 -21.59 31.32
CA PHE J 138 -7.59 -22.06 32.70
C PHE J 138 -8.70 -21.48 33.57
N GLN J 139 -8.97 -20.19 33.42
CA GLN J 139 -10.04 -19.56 34.20
C GLN J 139 -11.40 -20.11 33.82
N LEU J 140 -11.63 -20.34 32.52
CA LEU J 140 -12.89 -20.93 32.08
C LEU J 140 -13.07 -22.34 32.64
N TRP J 141 -12.01 -23.15 32.60
CA TRP J 141 -12.10 -24.50 33.14
C TRP J 141 -12.34 -24.49 34.64
N ARG J 142 -11.70 -23.55 35.35
CA ARG J 142 -11.95 -23.42 36.78
C ARG J 142 -13.40 -23.02 37.05
N ALA J 143 -13.93 -22.10 36.24
CA ALA J 143 -15.33 -21.72 36.39
C ALA J 143 -16.27 -22.88 36.07
N GLU J 144 -15.85 -23.80 35.21
CA GLU J 144 -16.64 -24.98 34.92
C GLU J 144 -16.56 -26.03 36.02
N GLY J 145 -15.71 -25.83 37.03
CA GLY J 145 -15.53 -26.83 38.06
C GLY J 145 -14.53 -27.92 37.73
N ILE J 146 -13.83 -27.80 36.60
CA ILE J 146 -12.85 -28.81 36.22
C ILE J 146 -11.64 -28.66 37.14
N THR J 147 -11.40 -29.67 37.98
CA THR J 147 -10.31 -29.64 38.94
C THR J 147 -9.22 -30.66 38.66
N SER J 148 -9.33 -31.42 37.57
CA SER J 148 -8.34 -32.44 37.24
C SER J 148 -8.09 -32.43 35.75
N GLU J 149 -6.89 -32.87 35.35
CA GLU J 149 -6.55 -32.98 33.95
C GLU J 149 -7.22 -34.18 33.28
N VAL J 150 -7.71 -35.14 34.07
CA VAL J 150 -8.46 -36.26 33.50
C VAL J 150 -9.76 -35.76 32.88
N GLU J 151 -10.42 -34.81 33.55
CA GLU J 151 -11.64 -34.22 33.01
C GLU J 151 -11.36 -33.49 31.70
N LEU J 152 -10.20 -32.81 31.61
CA LEU J 152 -9.82 -32.17 30.36
C LEU J 152 -9.60 -33.20 29.26
N TYR J 153 -8.97 -34.33 29.60
CA TYR J 153 -8.78 -35.39 28.61
C TYR J 153 -10.12 -35.94 28.12
N TRP J 154 -11.07 -36.14 29.04
CA TRP J 154 -12.36 -36.68 28.63
C TRP J 154 -13.15 -35.66 27.81
N THR J 155 -13.02 -34.37 28.14
CA THR J 155 -13.64 -33.35 27.32
C THR J 155 -13.03 -33.31 25.92
N ALA J 156 -11.71 -33.52 25.82
CA ALA J 156 -11.06 -33.59 24.51
C ALA J 156 -11.55 -34.79 23.72
N VAL J 157 -11.72 -35.93 24.37
CA VAL J 157 -12.24 -37.12 23.70
C VAL J 157 -13.66 -36.87 23.22
N GLY J 158 -14.49 -36.26 24.06
CA GLY J 158 -15.84 -35.92 23.65
C GLY J 158 -15.85 -34.93 22.48
N GLY J 159 -14.91 -34.00 22.48
CA GLY J 159 -14.80 -33.08 21.36
C GLY J 159 -14.42 -33.77 20.06
N LEU J 160 -13.51 -34.73 20.14
CA LEU J 160 -13.16 -35.52 18.95
C LEU J 160 -14.37 -36.30 18.44
N VAL J 161 -15.11 -36.93 19.35
CA VAL J 161 -16.30 -37.68 18.97
C VAL J 161 -17.33 -36.75 18.33
N ALA J 162 -17.52 -35.57 18.92
CA ALA J 162 -18.47 -34.60 18.38
C ALA J 162 -18.04 -34.13 17.01
N SER J 163 -16.74 -33.89 16.81
CA SER J 163 -16.26 -33.46 15.50
C SER J 163 -16.51 -34.53 14.45
N PHE J 164 -16.25 -35.80 14.78
CA PHE J 164 -16.58 -36.87 13.85
C PHE J 164 -18.07 -36.92 13.57
N LEU J 165 -18.88 -36.70 14.61
CA LEU J 165 -20.33 -36.70 14.43
C LEU J 165 -20.78 -35.61 13.48
N MET J 166 -20.19 -34.42 13.59
CA MET J 166 -20.58 -33.32 12.70
C MET J 166 -20.12 -33.59 11.27
N LEU J 167 -18.92 -34.18 11.11
CA LEU J 167 -18.49 -34.59 9.77
C LEU J 167 -19.47 -35.58 9.16
N PHE J 168 -19.86 -36.58 9.95
CA PHE J 168 -20.82 -37.57 9.45
C PHE J 168 -22.15 -36.94 9.13
N ALA J 169 -22.57 -35.96 9.94
CA ALA J 169 -23.84 -35.28 9.68
C ALA J 169 -23.79 -34.51 8.37
N GLY J 170 -22.69 -33.83 8.10
CA GLY J 170 -22.55 -33.12 6.83
C GLY J 170 -22.58 -34.07 5.65
N TRP J 171 -21.82 -35.16 5.75
CA TRP J 171 -21.85 -36.15 4.68
C TRP J 171 -23.25 -36.72 4.49
N PHE J 172 -23.93 -37.05 5.59
CA PHE J 172 -25.25 -37.64 5.53
C PHE J 172 -26.24 -36.69 4.87
N HIS J 173 -26.20 -35.42 5.24
CA HIS J 173 -27.18 -34.46 4.75
C HIS J 173 -26.80 -33.84 3.41
N TYR J 174 -25.64 -34.19 2.86
CA TYR J 174 -25.44 -33.89 1.45
C TYR J 174 -25.61 -35.09 0.54
N HIS J 175 -25.28 -36.31 1.00
CA HIS J 175 -25.21 -37.46 0.10
C HIS J 175 -26.27 -38.51 0.36
N LYS J 176 -26.82 -38.60 1.56
CA LYS J 176 -27.77 -39.64 1.92
C LYS J 176 -29.19 -39.12 2.14
N ALA J 177 -29.35 -37.99 2.82
CA ALA J 177 -30.68 -37.41 3.02
C ALA J 177 -30.52 -35.89 3.07
N ALA J 178 -30.69 -35.25 1.92
CA ALA J 178 -30.55 -33.81 1.82
C ALA J 178 -31.91 -33.14 1.98
N PRO J 179 -32.04 -32.17 2.87
CA PRO J 179 -33.34 -31.52 3.07
C PRO J 179 -33.76 -30.72 1.84
N LYS J 180 -35.08 -30.56 1.70
CA LYS J 180 -35.65 -29.85 0.57
C LYS J 180 -35.70 -28.35 0.86
N LEU J 181 -36.06 -27.58 -0.18
CA LEU J 181 -36.09 -26.12 -0.05
C LEU J 181 -37.15 -25.69 0.96
N GLU J 182 -38.30 -26.36 0.97
CA GLU J 182 -39.37 -25.99 1.90
C GLU J 182 -38.92 -26.17 3.35
N TRP J 183 -38.11 -27.20 3.60
CA TRP J 183 -37.55 -27.38 4.95
C TRP J 183 -36.66 -26.22 5.33
N PHE J 184 -35.81 -25.77 4.41
CA PHE J 184 -34.92 -24.65 4.70
C PHE J 184 -35.68 -23.34 4.88
N GLN J 185 -36.81 -23.18 4.18
CA GLN J 185 -37.55 -21.94 4.19
C GLN J 185 -38.54 -21.83 5.34
N ASN J 186 -38.56 -22.81 6.25
CA ASN J 186 -39.39 -22.74 7.45
C ASN J 186 -38.68 -21.85 8.48
N VAL J 187 -38.66 -20.55 8.18
CA VAL J 187 -37.97 -19.61 9.05
C VAL J 187 -38.70 -19.45 10.37
N GLU J 188 -40.02 -19.63 10.39
CA GLU J 188 -40.76 -19.59 11.64
C GLU J 188 -40.36 -20.75 12.54
N SER J 189 -40.35 -21.96 11.99
CA SER J 189 -39.94 -23.13 12.75
C SER J 189 -38.47 -23.02 13.17
N MET J 190 -37.62 -22.54 12.27
CA MET J 190 -36.21 -22.41 12.58
C MET J 190 -35.99 -21.41 13.72
N LEU J 191 -36.68 -20.27 13.67
CA LEU J 191 -36.57 -19.29 14.73
C LEU J 191 -37.09 -19.83 16.04
N ASN J 192 -38.24 -20.52 16.00
CA ASN J 192 -38.79 -21.11 17.22
C ASN J 192 -37.79 -22.07 17.85
N HIS J 193 -37.17 -22.91 17.04
CA HIS J 193 -36.25 -23.90 17.58
C HIS J 193 -34.96 -23.25 18.06
N HIS J 194 -34.38 -22.36 17.27
CA HIS J 194 -33.13 -21.72 17.68
C HIS J 194 -33.32 -20.86 18.93
N LEU J 195 -34.53 -20.31 19.13
CA LEU J 195 -34.76 -19.49 20.31
C LEU J 195 -35.08 -20.34 21.52
N ALA J 196 -35.97 -21.33 21.38
CA ALA J 196 -36.29 -22.16 22.54
C ALA J 196 -35.23 -23.23 22.75
N GLY J 197 -35.14 -24.20 21.84
CA GLY J 197 -34.22 -25.30 22.00
C GLY J 197 -32.79 -24.83 22.15
N LEU J 198 -32.17 -24.33 21.09
CA LEU J 198 -30.76 -23.99 21.14
C LEU J 198 -30.47 -23.02 22.28
N LEU J 199 -30.96 -21.79 22.18
CA LEU J 199 -30.59 -20.78 23.17
C LEU J 199 -31.16 -21.09 24.54
N GLY J 200 -32.48 -21.22 24.66
CA GLY J 200 -33.08 -21.38 25.97
C GLY J 200 -32.67 -22.67 26.65
N LEU J 201 -32.72 -23.79 25.94
CA LEU J 201 -32.36 -25.06 26.56
C LEU J 201 -30.86 -25.15 26.82
N GLY J 202 -30.03 -24.47 26.01
CA GLY J 202 -28.62 -24.40 26.35
C GLY J 202 -28.38 -23.61 27.62
N SER J 203 -29.07 -22.49 27.77
CA SER J 203 -28.97 -21.72 29.00
C SER J 203 -29.47 -22.53 30.19
N LEU J 204 -30.56 -23.29 30.00
CA LEU J 204 -31.11 -24.10 31.08
C LEU J 204 -30.14 -25.22 31.47
N SER J 205 -29.58 -25.91 30.48
CA SER J 205 -28.62 -26.97 30.76
C SER J 205 -27.37 -26.42 31.43
N TRP J 206 -26.90 -25.26 30.99
CA TRP J 206 -25.72 -24.68 31.62
C TRP J 206 -26.02 -24.20 33.03
N ALA J 207 -27.23 -23.69 33.26
CA ALA J 207 -27.62 -23.33 34.61
C ALA J 207 -27.66 -24.55 35.51
N GLY J 208 -28.18 -25.67 34.99
CA GLY J 208 -28.17 -26.90 35.76
C GLY J 208 -26.76 -27.35 36.09
N HIS J 209 -25.86 -27.32 35.09
CA HIS J 209 -24.48 -27.70 35.34
C HIS J 209 -23.83 -26.78 36.38
N GLN J 210 -24.03 -25.47 36.24
CA GLN J 210 -23.45 -24.54 37.20
C GLN J 210 -23.94 -24.84 38.60
N ILE J 211 -25.26 -24.96 38.76
CA ILE J 211 -25.88 -25.16 40.06
C ILE J 211 -25.37 -26.45 40.70
N HIS J 212 -25.24 -27.52 39.93
CA HIS J 212 -24.95 -28.81 40.52
C HIS J 212 -23.47 -29.16 40.53
N ILE J 213 -22.63 -28.49 39.76
CA ILE J 213 -21.23 -28.84 39.63
C ILE J 213 -20.37 -27.61 39.91
N ALA J 214 -20.63 -26.52 39.18
CA ALA J 214 -19.74 -25.37 39.25
C ALA J 214 -19.92 -24.61 40.54
N LEU J 215 -21.17 -24.46 41.00
CA LEU J 215 -21.41 -23.75 42.26
C LEU J 215 -20.75 -24.43 43.46
N PRO J 216 -20.89 -25.75 43.68
CA PRO J 216 -20.23 -26.32 44.86
C PRO J 216 -18.73 -26.42 44.74
N ILE J 217 -18.23 -26.85 43.57
CA ILE J 217 -16.80 -27.04 43.40
C ILE J 217 -16.05 -25.72 43.53
N ASN J 218 -16.57 -24.66 42.90
CA ASN J 218 -15.90 -23.37 43.00
C ASN J 218 -16.02 -22.77 44.38
N LYS J 219 -17.14 -23.00 45.08
CA LYS J 219 -17.25 -22.53 46.46
C LYS J 219 -16.23 -23.23 47.34
N LEU J 220 -16.04 -24.54 47.15
CA LEU J 220 -15.02 -25.25 47.91
C LEU J 220 -13.62 -24.75 47.55
N LEU J 221 -13.38 -24.47 46.27
CA LEU J 221 -12.07 -23.96 45.85
C LEU J 221 -11.78 -22.61 46.49
N ASP J 222 -12.77 -21.73 46.53
CA ASP J 222 -12.58 -20.42 47.14
C ASP J 222 -12.42 -20.52 48.65
N LEU J 223 -13.01 -21.54 49.26
CA LEU J 223 -12.86 -21.76 50.70
C LEU J 223 -11.47 -22.26 51.07
N GLY J 224 -10.64 -22.61 50.09
CA GLY J 224 -9.30 -23.09 50.34
C GLY J 224 -9.13 -24.60 50.24
N VAL J 225 -10.20 -25.33 49.94
CA VAL J 225 -10.10 -26.78 49.81
C VAL J 225 -9.28 -27.12 48.57
N SER J 226 -8.27 -27.96 48.74
CA SER J 226 -7.42 -28.33 47.62
C SER J 226 -8.21 -29.20 46.62
N PRO J 227 -7.86 -29.15 45.33
CA PRO J 227 -8.63 -29.90 44.34
C PRO J 227 -8.64 -31.40 44.56
N GLU J 228 -7.64 -31.95 45.26
CA GLU J 228 -7.57 -33.40 45.43
C GLU J 228 -8.62 -33.90 46.42
N GLU J 229 -8.92 -33.13 47.46
CA GLU J 229 -9.92 -33.53 48.44
C GLU J 229 -11.31 -33.01 48.12
N ILE J 230 -11.46 -32.28 47.02
CA ILE J 230 -12.80 -31.90 46.57
C ILE J 230 -13.49 -33.12 45.99
N PRO J 231 -14.75 -33.38 46.33
CA PRO J 231 -15.43 -34.58 45.80
C PRO J 231 -15.58 -34.52 44.30
N LEU J 232 -15.63 -35.70 43.69
CA LEU J 232 -15.83 -35.78 42.25
C LEU J 232 -17.20 -35.19 41.90
N PRO J 233 -17.32 -34.57 40.72
CA PRO J 233 -18.55 -33.82 40.41
C PRO J 233 -19.82 -34.65 40.46
N TYR J 234 -19.76 -35.94 40.11
CA TYR J 234 -20.97 -36.75 40.15
C TYR J 234 -21.45 -36.98 41.58
N GLU J 235 -20.55 -36.91 42.55
CA GLU J 235 -20.95 -37.09 43.95
C GLU J 235 -21.81 -35.94 44.45
N PHE J 236 -21.74 -34.78 43.81
CA PHE J 236 -22.60 -33.66 44.20
C PHE J 236 -24.04 -33.87 43.76
N ILE J 237 -24.28 -34.82 42.85
CA ILE J 237 -25.63 -35.14 42.39
C ILE J 237 -26.20 -36.33 43.15
N LEU J 238 -25.41 -37.39 43.30
CA LEU J 238 -25.89 -38.57 44.01
C LEU J 238 -26.07 -38.30 45.51
N ASN J 239 -25.33 -37.35 46.06
CA ASN J 239 -25.40 -37.02 47.48
C ASN J 239 -25.90 -35.60 47.63
N ARG J 240 -27.13 -35.45 48.12
CA ARG J 240 -27.73 -34.15 48.35
C ARG J 240 -27.19 -33.48 49.63
N ASP J 241 -26.18 -34.07 50.26
CA ASP J 241 -25.61 -33.51 51.48
C ASP J 241 -24.27 -32.83 51.26
N LEU J 242 -23.58 -33.14 50.17
CA LEU J 242 -22.33 -32.44 49.84
C LEU J 242 -22.58 -31.04 49.31
N ILE J 243 -23.77 -30.78 48.77
CA ILE J 243 -24.09 -29.48 48.19
C ILE J 243 -25.00 -28.71 49.15
N ALA J 244 -25.73 -29.43 50.00
CA ALA J 244 -26.57 -28.79 50.99
C ALA J 244 -25.79 -28.21 52.17
N GLN J 245 -24.50 -28.54 52.29
CA GLN J 245 -23.67 -27.90 53.31
C GLN J 245 -23.18 -26.54 52.83
N LEU J 246 -22.79 -26.44 51.56
CA LEU J 246 -22.36 -25.17 51.02
C LEU J 246 -23.55 -24.24 50.77
N TYR J 247 -24.64 -24.78 50.24
CA TYR J 247 -25.86 -24.03 49.98
C TYR J 247 -27.00 -24.74 50.70
N PRO J 248 -27.35 -24.31 51.93
CA PRO J 248 -28.34 -25.02 52.74
C PRO J 248 -29.79 -24.78 52.30
N SER J 249 -30.01 -24.86 50.99
CA SER J 249 -31.35 -24.79 50.42
C SER J 249 -31.70 -26.00 49.58
N PHE J 250 -30.73 -26.87 49.27
CA PHE J 250 -31.03 -28.11 48.56
C PHE J 250 -31.72 -29.12 49.46
N ASN J 251 -31.70 -28.90 50.78
CA ASN J 251 -32.38 -29.81 51.69
C ASN J 251 -33.89 -29.83 51.46
N LYS J 252 -34.45 -28.77 50.87
CA LYS J 252 -35.86 -28.72 50.55
C LYS J 252 -36.19 -29.34 49.20
N GLY J 253 -35.18 -29.74 48.43
CA GLY J 253 -35.42 -30.37 47.15
C GLY J 253 -36.04 -29.42 46.14
N LEU J 254 -36.81 -29.99 45.22
CA LEU J 254 -37.49 -29.23 44.20
C LEU J 254 -38.89 -28.79 44.62
N THR J 255 -39.30 -29.08 45.85
CA THR J 255 -40.60 -28.64 46.32
C THR J 255 -40.78 -27.13 46.27
N PRO J 256 -39.82 -26.29 46.71
CA PRO J 256 -40.00 -24.84 46.54
C PRO J 256 -40.20 -24.41 45.11
N PHE J 257 -39.59 -25.10 44.15
CA PHE J 257 -39.76 -24.74 42.75
C PHE J 257 -41.20 -24.98 42.29
N PHE J 258 -41.74 -26.17 42.59
CA PHE J 258 -43.08 -26.52 42.12
C PHE J 258 -44.18 -25.90 42.96
N THR J 259 -43.87 -25.40 44.15
CA THR J 259 -44.83 -24.72 44.99
C THR J 259 -44.72 -23.20 44.88
N LEU J 260 -43.99 -22.71 43.88
CA LEU J 260 -43.80 -21.28 43.60
C LEU J 260 -43.12 -20.55 44.75
N ASN J 261 -42.52 -21.27 45.69
CA ASN J 261 -41.77 -20.65 46.78
C ASN J 261 -40.31 -20.48 46.38
N TRP J 262 -40.11 -19.73 45.30
CA TRP J 262 -38.79 -19.55 44.72
C TRP J 262 -37.86 -18.73 45.60
N GLY J 263 -38.38 -18.09 46.65
CA GLY J 263 -37.52 -17.38 47.58
C GLY J 263 -36.59 -18.27 48.37
N GLU J 264 -36.93 -19.55 48.50
CA GLU J 264 -36.07 -20.47 49.24
C GLU J 264 -34.74 -20.68 48.53
N TYR J 265 -34.71 -20.56 47.21
CA TYR J 265 -33.51 -20.79 46.42
C TYR J 265 -32.60 -19.57 46.36
N SER J 266 -32.79 -18.58 47.24
CA SER J 266 -31.92 -17.42 47.26
C SER J 266 -30.51 -17.75 47.71
N ASP J 267 -30.28 -18.95 48.24
CA ASP J 267 -28.93 -19.34 48.65
C ASP J 267 -27.99 -19.41 47.45
N PHE J 268 -28.43 -20.02 46.36
CA PHE J 268 -27.59 -20.21 45.19
C PHE J 268 -28.09 -19.48 43.95
N LEU J 269 -29.25 -18.82 44.01
CA LEU J 269 -29.73 -17.96 42.94
C LEU J 269 -29.80 -16.55 43.52
N THR J 270 -28.67 -15.85 43.50
CA THR J 270 -28.55 -14.54 44.09
C THR J 270 -28.62 -13.46 43.02
N PHE J 271 -28.73 -12.21 43.49
CA PHE J 271 -28.61 -11.04 42.63
C PHE J 271 -27.75 -10.05 43.41
N LYS J 272 -26.43 -10.15 43.26
CA LYS J 272 -25.48 -9.40 44.05
C LYS J 272 -24.78 -8.28 43.28
N GLY J 273 -24.38 -8.55 42.04
CA GLY J 273 -23.59 -7.59 41.33
C GLY J 273 -22.16 -7.60 41.84
N GLY J 274 -21.37 -6.68 41.29
CA GLY J 274 -19.99 -6.58 41.72
C GLY J 274 -19.18 -7.80 41.34
N LEU J 275 -18.17 -8.10 42.15
CA LEU J 275 -17.27 -9.20 41.89
C LEU J 275 -17.04 -10.00 43.17
N ASN J 276 -16.67 -11.26 43.00
CA ASN J 276 -16.29 -12.09 44.13
C ASN J 276 -14.99 -11.56 44.72
N PRO J 277 -14.95 -11.20 46.00
CA PRO J 277 -13.70 -10.66 46.57
C PRO J 277 -12.55 -11.67 46.60
N VAL J 278 -12.85 -12.96 46.55
CA VAL J 278 -11.80 -13.97 46.60
C VAL J 278 -11.15 -14.15 45.23
N THR J 279 -11.97 -14.28 44.18
CA THR J 279 -11.46 -14.58 42.85
C THR J 279 -11.43 -13.38 41.93
N GLY J 280 -12.18 -12.32 42.22
CA GLY J 280 -12.24 -11.17 41.36
C GLY J 280 -13.20 -11.29 40.20
N GLY J 281 -13.85 -12.43 40.04
CA GLY J 281 -14.83 -12.62 39.00
C GLY J 281 -16.26 -12.44 39.50
N LEU J 282 -17.20 -12.59 38.57
CA LEU J 282 -18.60 -12.49 38.91
C LEU J 282 -19.01 -13.63 39.84
N TRP J 283 -19.94 -13.34 40.73
CA TRP J 283 -20.49 -14.37 41.60
C TRP J 283 -21.14 -15.46 40.76
N LEU J 284 -20.69 -16.70 40.94
CA LEU J 284 -21.23 -17.79 40.13
C LEU J 284 -22.69 -18.08 40.47
N THR J 285 -23.14 -17.75 41.67
CA THR J 285 -24.57 -17.80 41.95
C THR J 285 -25.33 -16.81 41.08
N ASP J 286 -24.78 -15.60 40.93
CA ASP J 286 -25.37 -14.63 40.02
C ASP J 286 -25.37 -15.16 38.59
N THR J 287 -24.28 -15.82 38.18
CA THR J 287 -24.19 -16.37 36.84
C THR J 287 -25.25 -17.46 36.61
N ALA J 288 -25.43 -18.34 37.60
CA ALA J 288 -26.44 -19.39 37.46
C ALA J 288 -27.84 -18.81 37.39
N HIS J 289 -28.13 -17.83 38.25
CA HIS J 289 -29.43 -17.16 38.20
C HIS J 289 -29.63 -16.48 36.86
N HIS J 290 -28.58 -15.85 36.34
CA HIS J 290 -28.65 -15.20 35.04
C HIS J 290 -28.99 -16.19 33.95
N HIS J 291 -28.30 -17.33 33.93
CA HIS J 291 -28.54 -18.32 32.88
C HIS J 291 -29.94 -18.91 33.00
N LEU J 292 -30.42 -19.10 34.23
CA LEU J 292 -31.79 -19.57 34.43
C LEU J 292 -32.80 -18.58 33.85
N ALA J 293 -32.64 -17.29 34.18
CA ALA J 293 -33.56 -16.28 33.66
C ALA J 293 -33.49 -16.19 32.15
N ILE J 294 -32.27 -16.28 31.60
CA ILE J 294 -32.09 -16.25 30.15
C ILE J 294 -32.78 -17.44 29.50
N ALA J 295 -32.65 -18.62 30.12
CA ALA J 295 -33.31 -19.82 29.60
C ALA J 295 -34.81 -19.66 29.57
N VAL J 296 -35.40 -19.16 30.67
CA VAL J 296 -36.85 -18.98 30.70
C VAL J 296 -37.27 -17.97 29.64
N LEU J 297 -36.55 -16.85 29.54
CA LEU J 297 -36.90 -15.81 28.58
C LEU J 297 -36.82 -16.32 27.15
N PHE J 298 -35.78 -17.09 26.83
CA PHE J 298 -35.61 -17.57 25.46
C PHE J 298 -36.60 -18.67 25.13
N ILE J 299 -36.91 -19.54 26.09
CA ILE J 299 -37.95 -20.55 25.86
C ILE J 299 -39.29 -19.88 25.60
N VAL J 300 -39.62 -18.85 26.38
CA VAL J 300 -40.85 -18.12 26.14
C VAL J 300 -40.82 -17.47 24.75
N ALA J 301 -39.69 -16.85 24.41
CA ALA J 301 -39.57 -16.18 23.11
C ALA J 301 -39.66 -17.15 21.95
N GLY J 302 -39.38 -18.44 22.18
CA GLY J 302 -39.46 -19.42 21.11
C GLY J 302 -40.86 -19.80 20.71
N HIS J 303 -41.86 -19.48 21.53
CA HIS J 303 -43.26 -19.75 21.20
C HIS J 303 -43.93 -18.52 20.59
N MET J 304 -43.33 -17.96 19.53
CA MET J 304 -43.84 -16.74 18.94
C MET J 304 -44.35 -16.91 17.51
N TYR J 305 -43.67 -17.70 16.69
CA TYR J 305 -43.97 -17.77 15.27
C TYR J 305 -44.79 -19.02 14.96
N LYS J 306 -45.75 -18.87 14.06
CA LYS J 306 -46.64 -19.97 13.69
C LYS J 306 -45.88 -20.97 12.81
N THR J 307 -45.84 -22.23 13.24
CA THR J 307 -45.09 -23.26 12.53
C THR J 307 -45.99 -24.35 11.97
N ASN J 308 -46.76 -25.04 12.81
CA ASN J 308 -47.54 -26.18 12.35
C ASN J 308 -48.94 -26.24 12.95
N TRP J 309 -49.30 -25.34 13.85
CA TRP J 309 -50.62 -25.30 14.44
C TRP J 309 -51.24 -23.93 14.18
N PHE J 310 -52.51 -23.79 14.52
CA PHE J 310 -53.16 -22.48 14.48
C PHE J 310 -52.80 -21.71 15.74
N LEU J 311 -51.55 -21.29 15.80
CA LEU J 311 -50.99 -20.65 16.98
C LEU J 311 -49.66 -20.02 16.59
N GLY J 312 -49.44 -18.78 17.03
CA GLY J 312 -48.21 -18.08 16.74
C GLY J 312 -48.39 -17.02 15.68
N HIS J 313 -47.27 -16.40 15.33
CA HIS J 313 -47.23 -15.32 14.37
C HIS J 313 -46.73 -15.79 13.02
N SER J 314 -47.15 -15.09 11.97
CA SER J 314 -46.56 -15.20 10.64
C SER J 314 -45.71 -13.96 10.41
N ILE J 315 -44.43 -14.17 10.14
CA ILE J 315 -43.51 -13.04 9.95
C ILE J 315 -43.94 -12.21 8.74
N LYS J 316 -44.55 -12.86 7.74
CA LYS J 316 -45.04 -12.12 6.59
C LYS J 316 -46.14 -11.13 6.98
N THR J 317 -47.07 -11.56 7.83
CA THR J 317 -48.15 -10.67 8.24
C THR J 317 -47.65 -9.55 9.14
N ILE J 318 -46.65 -9.82 9.98
CA ILE J 318 -46.10 -8.77 10.85
C ILE J 318 -45.42 -7.70 10.00
N LEU J 319 -44.57 -8.11 9.07
CA LEU J 319 -43.82 -7.15 8.26
C LEU J 319 -44.74 -6.33 7.37
N GLU J 320 -45.73 -6.98 6.74
CA GLU J 320 -46.59 -6.28 5.79
C GLU J 320 -47.50 -5.26 6.47
N ALA J 321 -47.72 -5.38 7.78
CA ALA J 321 -48.55 -4.44 8.51
C ALA J 321 -47.78 -3.21 8.99
N HIS J 322 -46.46 -3.20 8.85
CA HIS J 322 -45.64 -2.10 9.34
C HIS J 322 -45.31 -1.14 8.19
N LYS J 323 -46.35 -0.47 7.71
CA LYS J 323 -46.21 0.59 6.74
C LYS J 323 -46.24 1.94 7.46
N GLY J 324 -46.15 3.02 6.69
CA GLY J 324 -46.19 4.35 7.26
C GLY J 324 -46.29 5.43 6.22
N PRO J 325 -46.65 6.64 6.66
CA PRO J 325 -46.71 7.77 5.71
C PRO J 325 -45.39 8.07 5.05
N PHE J 326 -44.28 7.91 5.76
CA PHE J 326 -42.96 8.23 5.24
C PHE J 326 -42.29 7.07 4.51
N THR J 327 -42.82 5.85 4.61
CA THR J 327 -42.13 4.66 4.12
C THR J 327 -42.91 3.88 3.09
N GLY J 328 -43.99 4.44 2.54
CA GLY J 328 -44.67 3.78 1.44
C GLY J 328 -45.21 2.42 1.82
N GLU J 329 -44.79 1.40 1.07
CA GLU J 329 -45.24 0.03 1.32
C GLU J 329 -44.62 -0.58 2.57
N GLY J 330 -43.63 0.07 3.17
CA GLY J 330 -43.05 -0.44 4.39
C GLY J 330 -42.26 -1.71 4.15
N HIS J 331 -42.48 -2.70 5.02
CA HIS J 331 -41.71 -3.95 5.02
C HIS J 331 -42.31 -5.00 4.11
N LYS J 332 -43.18 -4.63 3.17
CA LYS J 332 -43.75 -5.59 2.25
C LYS J 332 -42.66 -6.09 1.31
N GLY J 333 -42.55 -7.41 1.19
CA GLY J 333 -41.53 -8.02 0.37
C GLY J 333 -40.25 -8.38 1.09
N LEU J 334 -40.05 -7.89 2.31
CA LEU J 334 -38.84 -8.23 3.06
C LEU J 334 -38.82 -9.71 3.43
N TYR J 335 -39.99 -10.30 3.71
CA TYR J 335 -40.04 -11.73 4.00
C TYR J 335 -39.60 -12.56 2.80
N GLU J 336 -40.03 -12.16 1.59
CA GLU J 336 -39.58 -12.85 0.39
C GLU J 336 -38.10 -12.65 0.15
N VAL J 337 -37.57 -11.48 0.51
CA VAL J 337 -36.14 -11.22 0.35
C VAL J 337 -35.32 -12.14 1.25
N LEU J 338 -35.73 -12.27 2.51
CA LEU J 338 -34.95 -13.00 3.49
C LEU J 338 -35.21 -14.49 3.49
N THR J 339 -36.19 -14.96 2.71
CA THR J 339 -36.45 -16.40 2.55
C THR J 339 -36.02 -16.93 1.19
N THR J 340 -35.52 -16.07 0.30
CA THR J 340 -35.06 -16.49 -1.01
C THR J 340 -33.63 -16.07 -1.31
N SER J 341 -32.97 -15.38 -0.38
CA SER J 341 -31.60 -14.91 -0.59
C SER J 341 -30.76 -15.28 0.64
N TRP J 342 -29.77 -16.16 0.44
CA TRP J 342 -28.86 -16.48 1.52
C TRP J 342 -27.95 -15.30 1.85
N HIS J 343 -27.67 -14.44 0.86
CA HIS J 343 -26.75 -13.34 1.09
C HIS J 343 -27.34 -12.28 2.01
N ALA J 344 -28.64 -12.03 1.92
CA ALA J 344 -29.28 -11.09 2.84
C ALA J 344 -29.23 -11.60 4.28
N GLN J 345 -29.54 -12.88 4.47
CA GLN J 345 -29.45 -13.48 5.80
C GLN J 345 -28.02 -13.42 6.31
N LEU J 346 -27.04 -13.69 5.45
CA LEU J 346 -25.65 -13.62 5.86
C LEU J 346 -25.27 -12.19 6.25
N ALA J 347 -25.75 -11.20 5.49
CA ALA J 347 -25.47 -9.81 5.82
C ALA J 347 -25.98 -9.46 7.22
N ILE J 348 -27.26 -9.74 7.47
CA ILE J 348 -27.85 -9.41 8.77
C ILE J 348 -27.13 -10.15 9.88
N ASN J 349 -26.95 -11.47 9.70
CA ASN J 349 -26.38 -12.29 10.75
C ASN J 349 -24.94 -11.90 11.03
N LEU J 350 -24.14 -11.63 9.98
CA LEU J 350 -22.75 -11.26 10.18
C LEU J 350 -22.62 -9.89 10.85
N ALA J 351 -23.44 -8.92 10.44
CA ALA J 351 -23.37 -7.60 11.06
C ALA J 351 -23.72 -7.69 12.54
N LEU J 352 -24.86 -8.33 12.85
CA LEU J 352 -25.26 -8.44 14.25
C LEU J 352 -24.31 -9.32 15.04
N PHE J 353 -23.67 -10.28 14.37
CA PHE J 353 -22.74 -11.19 15.02
C PHE J 353 -21.45 -10.47 15.39
N GLY J 354 -20.93 -9.63 14.49
CA GLY J 354 -19.78 -8.82 14.83
C GLY J 354 -20.08 -7.80 15.92
N SER J 355 -21.25 -7.17 15.83
CA SER J 355 -21.63 -6.25 16.90
C SER J 355 -21.74 -6.96 18.23
N LEU J 356 -22.31 -8.18 18.22
CA LEU J 356 -22.38 -8.98 19.43
C LEU J 356 -21.00 -9.33 19.96
N SER J 357 -20.07 -9.65 19.06
CA SER J 357 -18.71 -9.95 19.49
C SER J 357 -18.06 -8.75 20.17
N ILE J 358 -18.27 -7.55 19.63
CA ILE J 358 -17.71 -6.36 20.25
C ILE J 358 -18.37 -6.10 21.61
N ILE J 359 -19.68 -6.29 21.70
CA ILE J 359 -20.39 -6.13 22.97
C ILE J 359 -19.87 -7.14 23.99
N VAL J 360 -19.62 -8.37 23.55
CA VAL J 360 -19.03 -9.40 24.42
C VAL J 360 -17.68 -8.94 24.91
N ALA J 361 -16.85 -8.43 24.00
CA ALA J 361 -15.52 -7.95 24.38
C ALA J 361 -15.62 -6.88 25.46
N HIS J 362 -16.56 -5.94 25.30
CA HIS J 362 -16.72 -4.89 26.30
C HIS J 362 -17.14 -5.47 27.66
N HIS J 363 -18.21 -6.27 27.65
CA HIS J 363 -18.74 -6.80 28.91
C HIS J 363 -17.78 -7.76 29.59
N MET J 364 -16.82 -8.33 28.84
CA MET J 364 -15.85 -9.25 29.43
C MET J 364 -14.98 -8.54 30.46
N TYR J 365 -14.16 -7.58 30.02
CA TYR J 365 -13.32 -6.87 30.97
C TYR J 365 -14.13 -6.01 31.91
N ALA J 366 -15.27 -5.48 31.44
CA ALA J 366 -16.07 -4.62 32.30
C ALA J 366 -16.54 -5.37 33.55
N MET J 367 -17.01 -6.60 33.36
CA MET J 367 -17.48 -7.45 34.45
C MET J 367 -16.83 -8.81 34.27
N PRO J 368 -15.64 -9.02 34.83
CA PRO J 368 -14.93 -10.28 34.63
C PRO J 368 -15.75 -11.47 35.10
N PRO J 369 -16.09 -12.38 34.20
CA PRO J 369 -17.00 -13.48 34.56
C PRO J 369 -16.31 -14.77 35.01
N TYR J 370 -14.98 -14.79 35.05
CA TYR J 370 -14.27 -16.01 35.41
C TYR J 370 -13.39 -15.75 36.63
N PRO J 371 -13.18 -16.77 37.47
CA PRO J 371 -12.30 -16.60 38.63
C PRO J 371 -10.86 -16.38 38.21
N TYR J 372 -10.21 -15.39 38.84
CA TYR J 372 -8.80 -15.09 38.62
C TYR J 372 -8.49 -14.77 37.16
N ILE J 373 -9.44 -14.17 36.45
CA ILE J 373 -9.20 -13.71 35.10
C ILE J 373 -8.99 -12.19 35.04
N ALA J 374 -9.53 -11.44 36.00
CA ALA J 374 -9.33 -9.99 36.01
C ALA J 374 -7.89 -9.64 36.34
N ILE J 375 -7.23 -10.43 37.18
CA ILE J 375 -5.84 -10.17 37.54
C ILE J 375 -4.86 -10.78 36.55
N ASP J 376 -5.33 -11.56 35.57
CA ASP J 376 -4.49 -12.02 34.48
C ASP J 376 -4.63 -11.01 33.34
N TYR J 377 -3.84 -9.95 33.42
CA TYR J 377 -3.91 -8.87 32.43
C TYR J 377 -3.67 -9.35 31.01
N PRO J 378 -2.69 -10.23 30.71
CA PRO J 378 -2.57 -10.72 29.33
C PRO J 378 -3.83 -11.35 28.81
N THR J 379 -4.53 -12.14 29.63
CA THR J 379 -5.76 -12.77 29.19
C THR J 379 -6.83 -11.74 28.87
N GLN J 380 -7.00 -10.74 29.74
CA GLN J 380 -8.02 -9.72 29.50
C GLN J 380 -7.72 -8.94 28.23
N LEU J 381 -6.48 -8.49 28.07
CA LEU J 381 -6.12 -7.72 26.88
C LEU J 381 -6.31 -8.54 25.62
N SER J 382 -5.86 -9.79 25.64
CA SER J 382 -5.97 -10.64 24.46
C SER J 382 -7.42 -10.92 24.12
N LEU J 383 -8.24 -11.22 25.13
CA LEU J 383 -9.65 -11.51 24.88
C LEU J 383 -10.36 -10.31 24.28
N PHE J 384 -10.14 -9.12 24.87
CA PHE J 384 -10.79 -7.93 24.32
C PHE J 384 -10.35 -7.67 22.89
N THR J 385 -9.05 -7.66 22.64
CA THR J 385 -8.56 -7.32 21.31
C THR J 385 -9.03 -8.35 20.29
N HIS J 386 -8.97 -9.63 20.62
CA HIS J 386 -9.40 -10.68 19.70
C HIS J 386 -10.87 -10.54 19.37
N HIS J 387 -11.71 -10.33 20.38
CA HIS J 387 -13.14 -10.27 20.12
C HIS J 387 -13.52 -9.01 19.34
N VAL J 388 -12.84 -7.89 19.61
CA VAL J 388 -13.12 -6.68 18.83
C VAL J 388 -12.69 -6.86 17.39
N TRP J 389 -11.54 -7.53 17.16
CA TRP J 389 -11.09 -7.79 15.80
C TRP J 389 -12.09 -8.69 15.06
N ILE J 390 -12.55 -9.74 15.72
CA ILE J 390 -13.52 -10.64 15.10
C ILE J 390 -14.81 -9.88 14.79
N GLY J 391 -15.23 -9.01 15.70
CA GLY J 391 -16.44 -8.22 15.46
C GLY J 391 -16.30 -7.31 14.26
N GLY J 392 -15.18 -6.61 14.15
CA GLY J 392 -14.97 -5.73 13.02
C GLY J 392 -14.96 -6.49 11.70
N PHE J 393 -14.24 -7.63 11.67
CA PHE J 393 -14.21 -8.44 10.46
C PHE J 393 -15.61 -8.92 10.08
N CYS J 394 -16.39 -9.38 11.07
CA CYS J 394 -17.73 -9.89 10.78
C CYS J 394 -18.65 -8.78 10.30
N ILE J 395 -18.48 -7.57 10.83
CA ILE J 395 -19.31 -6.45 10.38
C ILE J 395 -18.98 -6.10 8.93
N VAL J 396 -17.69 -6.06 8.59
CA VAL J 396 -17.32 -5.81 7.20
C VAL J 396 -17.88 -6.90 6.29
N GLY J 397 -17.87 -8.14 6.77
CA GLY J 397 -18.43 -9.23 5.99
C GLY J 397 -19.93 -9.09 5.80
N GLY J 398 -20.65 -8.65 6.83
CA GLY J 398 -22.07 -8.39 6.68
C GLY J 398 -22.35 -7.33 5.63
N ALA J 399 -21.55 -6.26 5.65
CA ALA J 399 -21.71 -5.24 4.61
C ALA J 399 -21.42 -5.79 3.23
N ALA J 400 -20.38 -6.63 3.12
CA ALA J 400 -20.03 -7.23 1.84
C ALA J 400 -21.16 -8.08 1.31
N HIS J 401 -21.78 -8.88 2.17
CA HIS J 401 -22.84 -9.76 1.69
C HIS J 401 -24.15 -9.02 1.46
N GLY J 402 -24.38 -7.90 2.15
CA GLY J 402 -25.46 -7.03 1.74
C GLY J 402 -25.27 -6.50 0.33
N ALA J 403 -24.05 -6.07 0.02
CA ALA J 403 -23.75 -5.63 -1.34
C ALA J 403 -23.92 -6.77 -2.35
N ILE J 404 -23.49 -7.98 -1.98
CA ILE J 404 -23.64 -9.13 -2.86
C ILE J 404 -25.11 -9.42 -3.12
N PHE J 405 -25.94 -9.34 -2.07
CA PHE J 405 -27.38 -9.52 -2.27
C PHE J 405 -27.94 -8.47 -3.21
N PHE J 406 -27.54 -7.22 -3.03
CA PHE J 406 -28.05 -6.16 -3.90
C PHE J 406 -27.66 -6.41 -5.35
N VAL J 407 -26.43 -6.85 -5.59
CA VAL J 407 -25.99 -7.09 -6.96
C VAL J 407 -26.71 -8.29 -7.57
N ARG J 408 -26.79 -9.40 -6.83
CA ARG J 408 -27.21 -10.68 -7.38
C ARG J 408 -28.69 -10.98 -7.14
N ASP J 409 -29.10 -11.03 -5.87
CA ASP J 409 -30.40 -11.56 -5.50
C ASP J 409 -31.48 -10.50 -5.38
N TYR J 410 -31.18 -9.25 -5.69
CA TYR J 410 -32.18 -8.19 -5.58
C TYR J 410 -33.05 -8.16 -6.82
N ASN J 411 -34.36 -8.25 -6.63
CA ASN J 411 -35.33 -8.17 -7.70
C ASN J 411 -36.08 -6.85 -7.58
N ALA J 412 -35.98 -6.01 -8.61
CA ALA J 412 -36.63 -4.71 -8.57
C ALA J 412 -38.15 -4.84 -8.57
N ALA J 413 -38.67 -5.79 -9.36
CA ALA J 413 -40.13 -5.95 -9.44
C ALA J 413 -40.73 -6.35 -8.10
N ASN J 414 -40.07 -7.28 -7.39
CA ASN J 414 -40.60 -7.76 -6.12
C ASN J 414 -40.47 -6.75 -4.99
N ASN J 415 -39.75 -5.66 -5.21
CA ASN J 415 -39.51 -4.67 -4.16
C ASN J 415 -39.98 -3.30 -4.59
N TYR J 416 -41.19 -3.21 -5.13
CA TYR J 416 -41.74 -1.94 -5.59
C TYR J 416 -42.20 -1.10 -4.42
N ASN J 417 -41.57 0.06 -4.22
CA ASN J 417 -41.95 1.05 -3.23
C ASN J 417 -41.88 0.54 -1.80
N ASN J 418 -41.08 -0.50 -1.54
CA ASN J 418 -40.86 -0.97 -0.18
C ASN J 418 -39.66 -0.23 0.42
N LEU J 419 -39.19 -0.69 1.58
CA LEU J 419 -38.11 0.01 2.25
C LEU J 419 -36.82 -0.02 1.43
N ILE J 420 -36.50 -1.17 0.84
CA ILE J 420 -35.27 -1.28 0.06
C ILE J 420 -35.32 -0.34 -1.13
N ASP J 421 -36.46 -0.30 -1.82
CA ASP J 421 -36.60 0.59 -2.98
C ASP J 421 -36.45 2.04 -2.56
N ARG J 422 -37.13 2.44 -1.48
CA ARG J 422 -37.09 3.84 -1.06
C ARG J 422 -35.70 4.24 -0.58
N VAL J 423 -34.94 3.30 -0.02
CA VAL J 423 -33.57 3.62 0.38
C VAL J 423 -32.70 3.89 -0.85
N ILE J 424 -32.82 3.05 -1.88
CA ILE J 424 -32.06 3.27 -3.10
C ILE J 424 -32.48 4.57 -3.78
N ARG J 425 -33.76 4.93 -3.67
CA ARG J 425 -34.26 6.11 -4.37
C ARG J 425 -33.68 7.41 -3.83
N HIS J 426 -33.23 7.43 -2.57
CA HIS J 426 -32.61 8.62 -2.00
C HIS J 426 -31.22 8.32 -1.44
N ARG J 427 -30.50 7.39 -2.09
CA ARG J 427 -29.16 7.04 -1.65
C ARG J 427 -28.23 8.25 -1.65
N ASP J 428 -28.46 9.18 -2.57
CA ASP J 428 -27.63 10.37 -2.64
C ASP J 428 -27.69 11.12 -1.33
N ALA J 429 -28.90 11.40 -0.86
CA ALA J 429 -29.06 12.15 0.38
C ALA J 429 -28.35 11.48 1.54
N ILE J 430 -28.54 10.16 1.67
CA ILE J 430 -27.91 9.41 2.75
C ILE J 430 -26.40 9.54 2.68
N ILE J 431 -25.83 9.30 1.49
CA ILE J 431 -24.39 9.28 1.35
C ILE J 431 -23.80 10.67 1.51
N SER J 432 -24.48 11.70 1.00
CA SER J 432 -23.97 13.07 1.15
C SER J 432 -23.99 13.51 2.61
N HIS J 433 -25.07 13.21 3.33
CA HIS J 433 -25.11 13.61 4.73
C HIS J 433 -24.14 12.79 5.58
N LEU J 434 -23.95 11.52 5.25
CA LEU J 434 -22.94 10.72 5.94
C LEU J 434 -21.54 11.23 5.64
N ASN J 435 -21.31 11.69 4.41
CA ASN J 435 -20.05 12.34 4.07
C ASN J 435 -19.83 13.59 4.92
N TRP J 436 -20.86 14.43 5.04
CA TRP J 436 -20.72 15.64 5.84
C TRP J 436 -20.44 15.29 7.30
N VAL J 437 -21.15 14.28 7.83
CA VAL J 437 -20.93 13.88 9.21
C VAL J 437 -19.52 13.35 9.41
N CYS J 438 -19.03 12.57 8.45
CA CYS J 438 -17.67 12.05 8.56
C CYS J 438 -16.65 13.17 8.54
N ILE J 439 -16.84 14.16 7.65
CA ILE J 439 -15.91 15.28 7.60
C ILE J 439 -15.97 16.08 8.91
N PHE J 440 -17.18 16.32 9.41
CA PHE J 440 -17.33 17.07 10.67
C PHE J 440 -16.62 16.35 11.81
N LEU J 441 -16.89 15.04 11.96
CA LEU J 441 -16.32 14.28 13.06
C LEU J 441 -14.80 14.18 12.94
N GLY J 442 -14.30 13.94 11.74
CA GLY J 442 -12.86 13.83 11.56
C GLY J 442 -12.16 15.16 11.78
N CYS J 443 -12.62 16.21 11.11
CA CYS J 443 -12.14 17.55 11.39
C CYS J 443 -12.06 17.80 12.88
N HIS J 444 -13.17 17.61 13.58
CA HIS J 444 -13.20 17.94 15.00
C HIS J 444 -12.27 17.04 15.81
N SER J 445 -12.54 15.75 15.86
CA SER J 445 -11.72 14.90 16.71
C SER J 445 -10.23 15.06 16.38
N PHE J 446 -9.85 14.77 15.14
CA PHE J 446 -8.44 14.73 14.80
C PHE J 446 -7.82 16.11 14.86
N GLY J 447 -8.56 17.17 14.51
CA GLY J 447 -7.97 18.49 14.50
C GLY J 447 -7.84 19.07 15.89
N LEU J 448 -8.61 18.50 16.82
CA LEU J 448 -8.45 18.89 18.19
C LEU J 448 -7.17 18.19 18.63
N TYR J 449 -6.97 16.94 18.20
CA TYR J 449 -5.69 16.29 18.52
C TYR J 449 -4.51 17.09 17.97
N VAL J 450 -4.61 17.54 16.71
CA VAL J 450 -3.51 18.26 16.08
C VAL J 450 -3.33 19.64 16.70
N HIS J 451 -4.44 20.29 17.10
CA HIS J 451 -4.36 21.55 17.80
C HIS J 451 -3.64 21.39 19.13
N ASN J 452 -3.96 20.32 19.87
CA ASN J 452 -3.22 20.05 21.10
C ASN J 452 -1.74 19.86 20.81
N ASP J 453 -1.42 19.10 19.75
CA ASP J 453 -0.04 18.84 19.41
C ASP J 453 0.72 20.12 19.06
N THR J 454 0.11 20.99 18.25
CA THR J 454 0.78 22.22 17.83
C THR J 454 0.83 23.26 18.95
N MET J 455 -0.15 23.26 19.85
CA MET J 455 -0.06 24.14 21.02
C MET J 455 1.04 23.70 21.95
N ARG J 456 1.19 22.39 22.15
CA ARG J 456 2.28 21.88 22.97
C ARG J 456 3.63 22.15 22.32
N ALA J 457 3.71 22.00 21.00
CA ALA J 457 4.97 22.24 20.31
C ALA J 457 5.35 23.72 20.31
N LEU J 458 4.38 24.61 20.42
CA LEU J 458 4.62 26.05 20.45
C LEU J 458 4.78 26.59 21.86
N GLY J 459 4.79 25.72 22.87
CA GLY J 459 4.98 26.19 24.23
C GLY J 459 3.77 26.90 24.82
N ARG J 460 2.58 26.63 24.30
CA ARG J 460 1.34 27.21 24.82
C ARG J 460 0.53 26.08 25.45
N SER J 461 0.84 25.78 26.71
CA SER J 461 0.19 24.67 27.39
C SER J 461 -1.23 24.98 27.84
N GLN J 462 -1.58 26.26 27.97
CA GLN J 462 -2.91 26.66 28.41
C GLN J 462 -3.91 26.75 27.27
N ASP J 463 -3.46 26.53 26.03
CA ASP J 463 -4.34 26.59 24.87
C ASP J 463 -4.74 25.21 24.37
N LEU J 464 -4.39 24.15 25.10
CA LEU J 464 -4.72 22.80 24.69
C LEU J 464 -6.18 22.48 25.01
N PHE J 465 -6.63 21.35 24.46
CA PHE J 465 -7.93 20.78 24.84
C PHE J 465 -7.72 19.72 25.93
N SER J 466 -7.23 20.18 27.08
CA SER J 466 -6.86 19.33 28.19
C SER J 466 -7.73 19.64 29.40
N ASP J 467 -7.50 18.90 30.49
CA ASP J 467 -8.25 19.12 31.71
C ASP J 467 -7.82 20.40 32.42
N ASN J 468 -6.52 20.70 32.41
CA ASN J 468 -5.97 21.92 32.97
C ASN J 468 -5.99 23.07 31.96
N ALA J 469 -6.84 22.97 30.94
CA ALA J 469 -6.93 23.92 29.84
C ALA J 469 -8.38 23.92 29.38
N ILE J 470 -8.62 24.36 28.14
CA ILE J 470 -9.95 24.22 27.56
C ILE J 470 -10.38 22.77 27.73
N ALA J 471 -11.43 22.55 28.51
CA ALA J 471 -11.82 21.22 28.96
C ALA J 471 -13.11 20.80 28.29
N LEU J 472 -13.13 19.57 27.77
CA LEU J 472 -14.31 18.99 27.14
C LEU J 472 -14.71 17.79 27.99
N LYS J 473 -15.49 18.05 29.03
CA LYS J 473 -15.88 17.00 29.96
C LYS J 473 -17.00 16.16 29.35
N PRO J 474 -16.84 14.84 29.28
CA PRO J 474 -17.95 13.99 28.83
C PRO J 474 -19.04 13.89 29.87
N ILE J 475 -19.84 14.96 29.99
CA ILE J 475 -20.83 15.03 31.07
C ILE J 475 -21.91 13.96 30.92
N PHE J 476 -22.30 13.65 29.68
CA PHE J 476 -23.35 12.66 29.47
C PHE J 476 -22.93 11.28 29.96
N ALA J 477 -21.68 10.90 29.70
CA ALA J 477 -21.20 9.58 30.14
C ALA J 477 -21.00 9.55 31.65
N GLN J 478 -20.55 10.66 32.24
CA GLN J 478 -20.39 10.72 33.68
C GLN J 478 -21.74 10.66 34.39
N PHE J 479 -22.77 11.26 33.78
CA PHE J 479 -24.12 11.15 34.33
C PHE J 479 -24.57 9.69 34.36
N ILE J 480 -24.32 8.96 33.28
CA ILE J 480 -24.68 7.54 33.24
C ILE J 480 -23.88 6.75 34.28
N GLN J 481 -22.59 7.06 34.41
CA GLN J 481 -21.78 6.39 35.42
C GLN J 481 -22.34 6.63 36.83
N ASN J 482 -22.75 7.85 37.12
CA ASN J 482 -23.37 8.15 38.41
C ASN J 482 -24.67 7.38 38.58
N LEU J 483 -25.46 7.27 37.51
CA LEU J 483 -26.74 6.58 37.62
C LEU J 483 -26.55 5.10 37.95
N HIS J 484 -25.50 4.48 37.41
CA HIS J 484 -25.30 3.05 37.65
C HIS J 484 -24.78 2.80 39.06
N THR J 485 -23.86 3.63 39.54
CA THR J 485 -23.33 3.44 40.88
C THR J 485 -24.38 3.71 41.96
N LEU J 486 -25.44 4.44 41.62
CA LEU J 486 -26.56 4.65 42.53
C LEU J 486 -27.70 3.66 42.32
N ALA J 487 -27.61 2.82 41.30
CA ALA J 487 -28.70 1.88 41.00
C ALA J 487 -28.99 0.91 42.14
N PRO J 488 -28.01 0.26 42.77
CA PRO J 488 -28.33 -0.68 43.86
C PRO J 488 -28.99 0.04 45.03
N GLY J 489 -30.25 -0.31 45.28
CA GLY J 489 -31.01 0.26 46.36
C GLY J 489 -31.94 1.38 45.96
N SER J 490 -31.75 1.97 44.78
CA SER J 490 -32.60 3.05 44.30
C SER J 490 -33.41 2.64 43.08
N THR J 491 -32.75 2.22 42.01
CA THR J 491 -33.45 1.70 40.84
C THR J 491 -33.34 0.20 40.71
N ALA J 492 -32.29 -0.42 41.23
CA ALA J 492 -32.23 -1.86 41.35
C ALA J 492 -32.25 -2.21 42.84
N PRO J 493 -33.41 -2.09 43.50
CA PRO J 493 -33.43 -2.19 44.96
C PRO J 493 -33.00 -3.54 45.49
N ASN J 494 -33.07 -4.60 44.68
CA ASN J 494 -32.67 -5.93 45.11
C ASN J 494 -31.22 -6.23 44.77
N ALA J 495 -30.48 -5.27 44.25
CA ALA J 495 -29.04 -5.40 44.03
C ALA J 495 -28.28 -5.02 45.28
N LEU J 496 -27.17 -5.70 45.52
CA LEU J 496 -26.28 -5.37 46.62
C LEU J 496 -25.09 -4.53 46.18
N THR J 497 -24.72 -4.59 44.90
CA THR J 497 -23.57 -3.86 44.39
C THR J 497 -23.83 -3.53 42.93
N THR J 498 -23.14 -2.50 42.43
CA THR J 498 -23.27 -2.11 41.03
C THR J 498 -22.88 -3.28 40.13
N VAL J 499 -23.36 -3.21 38.88
CA VAL J 499 -23.08 -4.27 37.92
C VAL J 499 -21.58 -4.37 37.67
N SER J 500 -20.91 -3.23 37.50
CA SER J 500 -19.48 -3.19 37.29
C SER J 500 -18.90 -2.05 38.09
N TYR J 501 -17.73 -2.29 38.68
CA TYR J 501 -17.02 -1.24 39.40
C TYR J 501 -16.44 -0.19 38.47
N ALA J 502 -16.47 -0.42 37.15
CA ALA J 502 -16.04 0.60 36.20
C ALA J 502 -16.89 1.85 36.30
N PHE J 503 -18.19 1.70 36.60
CA PHE J 503 -19.06 2.84 36.76
C PHE J 503 -18.81 3.60 38.04
N GLY J 504 -18.11 2.99 39.00
CA GLY J 504 -17.86 3.63 40.28
C GLY J 504 -17.93 2.64 41.42
N GLY J 505 -17.41 3.03 42.58
CA GLY J 505 -17.39 2.15 43.72
C GLY J 505 -16.01 2.00 44.33
N ASP J 506 -15.71 0.80 44.82
CA ASP J 506 -14.43 0.54 45.48
C ASP J 506 -13.45 -0.12 44.51
N VAL J 507 -12.17 -0.05 44.87
CA VAL J 507 -11.13 -0.73 44.11
C VAL J 507 -11.11 -2.19 44.54
N ILE J 508 -11.30 -3.09 43.58
CA ILE J 508 -11.34 -4.52 43.84
C ILE J 508 -9.98 -5.10 43.47
N SER J 509 -9.26 -5.62 44.46
CA SER J 509 -7.94 -6.18 44.27
C SER J 509 -7.90 -7.62 44.75
N VAL J 510 -7.24 -8.49 43.99
CA VAL J 510 -7.06 -9.89 44.34
C VAL J 510 -5.57 -10.15 44.36
N GLY J 511 -5.04 -10.47 45.54
CA GLY J 511 -3.62 -10.71 45.67
C GLY J 511 -2.77 -9.50 45.33
N SER J 512 -3.17 -8.33 45.80
CA SER J 512 -2.49 -7.04 45.58
C SER J 512 -2.53 -6.59 44.13
N LYS J 513 -3.30 -7.26 43.27
CA LYS J 513 -3.45 -6.86 41.87
C LYS J 513 -4.87 -6.38 41.64
N ILE J 514 -5.00 -5.24 40.96
CA ILE J 514 -6.32 -4.65 40.75
C ILE J 514 -7.12 -5.49 39.77
N ALA J 515 -8.32 -5.88 40.18
CA ALA J 515 -9.25 -6.59 39.29
C ALA J 515 -10.12 -5.61 38.51
N MET J 516 -10.80 -4.71 39.22
CA MET J 516 -11.61 -3.69 38.58
C MET J 516 -11.58 -2.44 39.45
N MET J 517 -11.82 -1.29 38.82
CA MET J 517 -11.75 -0.02 39.52
C MET J 517 -12.50 1.01 38.70
N PRO J 518 -13.15 2.01 39.34
CA PRO J 518 -13.83 3.07 38.59
C PRO J 518 -12.98 3.68 37.48
N ILE J 519 -13.49 3.62 36.25
CA ILE J 519 -12.78 4.15 35.09
C ILE J 519 -13.22 5.60 34.93
N SER J 520 -12.35 6.53 35.35
CA SER J 520 -12.67 7.94 35.25
C SER J 520 -12.66 8.39 33.79
N LEU J 521 -13.62 9.24 33.43
CA LEU J 521 -13.73 9.77 32.08
C LEU J 521 -13.45 11.27 32.14
N GLY J 522 -12.44 11.71 31.38
CA GLY J 522 -12.09 13.11 31.32
C GLY J 522 -12.04 13.61 29.89
N THR J 523 -11.31 14.71 29.66
CA THR J 523 -11.22 15.25 28.30
C THR J 523 -10.46 14.30 27.37
N ALA J 524 -9.57 13.48 27.92
CA ALA J 524 -8.85 12.52 27.10
C ALA J 524 -9.79 11.46 26.54
N ASP J 525 -10.76 11.02 27.34
CA ASP J 525 -11.72 10.03 26.88
C ASP J 525 -12.73 10.63 25.90
N PHE J 526 -13.05 11.91 26.06
CA PHE J 526 -13.91 12.60 25.10
C PHE J 526 -13.32 12.54 23.70
N LEU J 527 -12.05 12.91 23.57
CA LEU J 527 -11.41 12.96 22.26
C LEU J 527 -11.33 11.58 21.63
N VAL J 528 -10.93 10.57 22.41
CA VAL J 528 -10.78 9.23 21.85
C VAL J 528 -12.13 8.63 21.51
N HIS J 529 -13.17 8.92 22.29
CA HIS J 529 -14.50 8.44 21.96
C HIS J 529 -15.01 9.06 20.67
N HIS J 530 -14.75 10.36 20.47
CA HIS J 530 -15.15 10.98 19.22
C HIS J 530 -14.31 10.48 18.05
N ILE J 531 -13.05 10.10 18.30
CA ILE J 531 -12.26 9.44 17.27
C ILE J 531 -12.89 8.11 16.89
N HIS J 532 -13.35 7.35 17.89
CA HIS J 532 -14.04 6.09 17.62
C HIS J 532 -15.28 6.33 16.77
N ALA J 533 -16.09 7.32 17.15
CA ALA J 533 -17.29 7.64 16.41
C ALA J 533 -16.97 8.01 14.97
N PHE J 534 -15.93 8.83 14.78
CA PHE J 534 -15.55 9.26 13.44
C PHE J 534 -15.09 8.09 12.58
N THR J 535 -14.24 7.23 13.12
CA THR J 535 -13.75 6.09 12.34
C THR J 535 -14.89 5.14 12.00
N ILE J 536 -15.78 4.89 12.96
CA ILE J 536 -16.93 4.03 12.70
C ILE J 536 -17.80 4.63 11.61
N HIS J 537 -18.00 5.95 11.65
CA HIS J 537 -18.84 6.61 10.66
C HIS J 537 -18.21 6.53 9.26
N VAL J 538 -16.88 6.65 9.17
CA VAL J 538 -16.26 6.56 7.85
C VAL J 538 -16.34 5.13 7.31
N THR J 539 -16.15 4.14 8.18
CA THR J 539 -16.30 2.75 7.73
C THR J 539 -17.72 2.50 7.26
N VAL J 540 -18.72 3.00 8.00
CA VAL J 540 -20.11 2.88 7.59
C VAL J 540 -20.33 3.59 6.26
N LEU J 541 -19.67 4.73 6.07
CA LEU J 541 -19.82 5.47 4.81
C LEU J 541 -19.34 4.64 3.63
N ILE J 542 -18.15 4.06 3.76
CA ILE J 542 -17.60 3.27 2.66
C ILE J 542 -18.50 2.07 2.38
N LEU J 543 -18.91 1.35 3.43
CA LEU J 543 -19.69 0.14 3.22
C LEU J 543 -21.08 0.44 2.69
N LEU J 544 -21.72 1.50 3.19
CA LEU J 544 -23.06 1.86 2.74
C LEU J 544 -23.03 2.41 1.32
N LYS J 545 -21.98 3.15 0.97
CA LYS J 545 -21.81 3.58 -0.42
C LYS J 545 -21.63 2.38 -1.33
N GLY J 546 -20.91 1.36 -0.86
CA GLY J 546 -20.78 0.14 -1.64
C GLY J 546 -22.09 -0.58 -1.84
N VAL J 547 -22.89 -0.67 -0.77
CA VAL J 547 -24.16 -1.40 -0.86
C VAL J 547 -25.16 -0.66 -1.72
N LEU J 548 -25.29 0.65 -1.51
CA LEU J 548 -26.33 1.41 -2.19
C LEU J 548 -26.01 1.61 -3.67
N TYR J 549 -24.75 1.86 -4.00
CA TYR J 549 -24.32 2.07 -5.38
C TYR J 549 -23.80 0.80 -6.02
N SER J 550 -24.23 -0.36 -5.54
CA SER J 550 -23.78 -1.64 -6.09
C SER J 550 -24.47 -1.97 -7.41
N ARG J 551 -25.67 -1.46 -7.66
CA ARG J 551 -26.43 -1.78 -8.84
C ARG J 551 -26.27 -0.77 -9.97
N ASN J 552 -26.27 0.52 -9.64
CA ASN J 552 -26.15 1.56 -10.65
C ASN J 552 -25.65 2.84 -9.99
N SER J 553 -25.32 3.82 -10.82
CA SER J 553 -24.85 5.12 -10.36
C SER J 553 -24.99 6.10 -11.51
N ARG J 554 -24.56 7.34 -11.28
CA ARG J 554 -24.50 8.31 -12.38
C ARG J 554 -23.33 8.01 -13.30
N LEU J 555 -22.25 7.43 -12.76
CA LEU J 555 -21.13 7.02 -13.60
C LEU J 555 -21.50 5.84 -14.47
N ILE J 556 -21.84 4.71 -13.84
CA ILE J 556 -22.15 3.48 -14.56
C ILE J 556 -23.60 3.13 -14.30
N PRO J 557 -24.51 3.46 -15.22
CA PRO J 557 -25.94 3.18 -14.99
C PRO J 557 -26.28 1.69 -14.98
N ASP J 558 -25.37 0.83 -15.42
CA ASP J 558 -25.58 -0.62 -15.46
C ASP J 558 -24.48 -1.35 -14.71
N LYS J 559 -24.16 -0.86 -13.51
CA LYS J 559 -23.13 -1.49 -12.71
C LYS J 559 -23.53 -2.88 -12.23
N ALA J 560 -24.83 -3.16 -12.14
CA ALA J 560 -25.26 -4.49 -11.73
C ALA J 560 -24.95 -5.54 -12.78
N ASN J 561 -24.90 -5.14 -14.06
CA ASN J 561 -24.55 -6.07 -15.12
C ASN J 561 -23.08 -6.45 -15.12
N LEU J 562 -22.24 -5.71 -14.42
CA LEU J 562 -20.82 -6.04 -14.29
C LEU J 562 -20.54 -6.97 -13.12
N GLY J 563 -21.54 -7.26 -12.29
CA GLY J 563 -21.37 -8.17 -11.18
C GLY J 563 -20.94 -7.48 -9.90
N PHE J 564 -20.83 -8.28 -8.85
CA PHE J 564 -20.37 -7.77 -7.57
C PHE J 564 -18.87 -7.53 -7.56
N ARG J 565 -18.11 -8.42 -8.21
CA ARG J 565 -16.65 -8.39 -8.17
C ARG J 565 -16.13 -8.12 -9.57
N PHE J 566 -15.72 -6.88 -9.84
CA PHE J 566 -15.06 -6.52 -11.08
C PHE J 566 -14.10 -5.38 -10.79
N PRO J 567 -13.00 -5.27 -11.53
CA PRO J 567 -12.00 -4.25 -11.19
C PRO J 567 -12.46 -2.83 -11.49
N CYS J 568 -13.17 -2.63 -12.59
CA CYS J 568 -13.46 -1.28 -13.08
C CYS J 568 -14.47 -1.38 -14.21
N ASP J 569 -14.75 -0.25 -14.83
CA ASP J 569 -15.40 -0.20 -16.13
C ASP J 569 -14.48 0.32 -17.22
N GLY J 570 -13.32 0.87 -16.87
CA GLY J 570 -12.36 1.35 -17.84
C GLY J 570 -11.73 2.66 -17.44
N PRO J 571 -10.72 3.10 -18.20
CA PRO J 571 -10.09 4.40 -17.91
C PRO J 571 -10.95 5.59 -18.28
N GLY J 572 -12.10 5.38 -18.92
CA GLY J 572 -12.94 6.47 -19.33
C GLY J 572 -13.70 7.07 -18.16
N ARG J 573 -14.49 8.10 -18.48
CA ARG J 573 -15.19 8.90 -17.48
C ARG J 573 -14.20 9.54 -16.50
N GLY J 574 -12.99 9.82 -16.98
CA GLY J 574 -11.91 10.26 -16.14
C GLY J 574 -11.22 9.15 -15.37
N GLY J 575 -11.73 7.92 -15.45
CA GLY J 575 -11.21 6.82 -14.67
C GLY J 575 -12.26 6.21 -13.78
N THR J 576 -12.54 4.92 -13.97
CA THR J 576 -13.59 4.23 -13.22
C THR J 576 -13.01 3.06 -12.43
N CYS J 577 -11.88 3.30 -11.75
CA CYS J 577 -11.34 2.29 -10.86
C CYS J 577 -12.33 1.97 -9.75
N GLN J 578 -12.19 0.78 -9.18
CA GLN J 578 -12.76 0.45 -7.87
C GLN J 578 -14.22 0.90 -7.72
N VAL J 579 -15.00 0.85 -8.75
CA VAL J 579 -16.36 1.27 -8.61
C VAL J 579 -17.21 0.13 -8.14
N SER J 580 -16.67 -1.05 -7.95
CA SER J 580 -17.48 -2.16 -7.62
C SER J 580 -18.02 -1.98 -6.31
N ALA J 581 -18.46 -3.06 -5.74
CA ALA J 581 -19.00 -3.00 -4.46
C ALA J 581 -18.05 -3.79 -3.69
N TRP J 582 -17.19 -4.53 -4.35
CA TRP J 582 -16.21 -5.29 -3.69
C TRP J 582 -15.10 -4.40 -3.35
N ASP J 583 -14.86 -3.42 -4.21
CA ASP J 583 -13.75 -2.51 -3.98
C ASP J 583 -14.13 -1.58 -2.85
N HIS J 584 -15.32 -1.78 -2.30
CA HIS J 584 -15.76 -0.95 -1.22
C HIS J 584 -15.65 -1.76 0.01
N VAL J 585 -15.65 -3.06 -0.13
CA VAL J 585 -15.46 -3.90 0.99
C VAL J 585 -13.98 -3.98 1.18
N PHE J 586 -13.20 -3.66 0.17
CA PHE J 586 -11.75 -3.62 0.32
C PHE J 586 -11.30 -2.37 1.10
N LEU J 587 -11.79 -1.20 0.68
CA LEU J 587 -11.50 0.04 1.39
C LEU J 587 -12.10 0.03 2.80
N GLY J 588 -13.30 -0.55 2.95
CA GLY J 588 -13.90 -0.65 4.26
C GLY J 588 -13.14 -1.57 5.18
N LEU J 589 -12.51 -2.60 4.63
CA LEU J 589 -11.61 -3.43 5.43
C LEU J 589 -10.45 -2.62 5.94
N PHE J 590 -9.87 -1.78 5.08
CA PHE J 590 -8.79 -0.90 5.53
C PHE J 590 -9.26 0.00 6.68
N TRP J 591 -10.43 0.61 6.51
CA TRP J 591 -10.89 1.57 7.52
C TRP J 591 -11.34 0.86 8.80
N MET J 592 -11.86 -0.36 8.69
CA MET J 592 -12.14 -1.17 9.87
C MET J 592 -10.86 -1.49 10.62
N TYR J 593 -9.79 -1.80 9.90
CA TYR J 593 -8.50 -2.01 10.55
C TYR J 593 -8.10 -0.76 11.32
N ASN J 594 -8.22 0.40 10.69
CA ASN J 594 -7.87 1.66 11.36
C ASN J 594 -8.70 1.85 12.63
N SER J 595 -10.02 1.68 12.52
CA SER J 595 -10.90 1.94 13.65
C SER J 595 -10.63 0.97 14.80
N ILE J 596 -10.50 -0.32 14.49
CA ILE J 596 -10.28 -1.32 15.53
C ILE J 596 -8.91 -1.14 16.16
N SER J 597 -7.90 -0.76 15.36
CA SER J 597 -6.59 -0.50 15.93
C SER J 597 -6.64 0.65 16.92
N ILE J 598 -7.36 1.72 16.59
CA ILE J 598 -7.50 2.83 17.52
C ILE J 598 -8.25 2.39 18.77
N VAL J 599 -9.29 1.57 18.59
CA VAL J 599 -10.08 1.11 19.73
C VAL J 599 -9.22 0.29 20.69
N ILE J 600 -8.45 -0.66 20.16
CA ILE J 600 -7.63 -1.50 21.02
C ILE J 600 -6.48 -0.72 21.63
N PHE J 601 -5.94 0.26 20.91
CA PHE J 601 -4.93 1.13 21.51
C PHE J 601 -5.50 1.93 22.68
N HIS J 602 -6.69 2.49 22.49
CA HIS J 602 -7.36 3.20 23.59
C HIS J 602 -7.57 2.29 24.78
N PHE J 603 -8.07 1.07 24.53
CA PHE J 603 -8.29 0.14 25.63
C PHE J 603 -7.00 -0.18 26.35
N SER J 604 -5.96 -0.56 25.61
CA SER J 604 -4.70 -0.95 26.23
C SER J 604 -4.13 0.19 27.07
N TRP J 605 -4.02 1.38 26.50
CA TRP J 605 -3.41 2.48 27.23
C TRP J 605 -4.26 2.89 28.42
N LYS J 606 -5.58 3.01 28.23
CA LYS J 606 -6.43 3.45 29.33
C LYS J 606 -6.41 2.45 30.47
N MET J 607 -6.49 1.15 30.17
CA MET J 607 -6.47 0.15 31.23
C MET J 607 -5.14 0.17 31.96
N GLN J 608 -4.02 0.14 31.21
CA GLN J 608 -2.71 0.12 31.83
C GLN J 608 -2.46 1.38 32.67
N SER J 609 -3.02 2.52 32.26
CA SER J 609 -2.71 3.78 32.91
C SER J 609 -3.66 4.15 34.03
N ASP J 610 -4.91 3.68 33.99
CA ASP J 610 -5.92 4.15 34.91
C ASP J 610 -6.81 3.05 35.49
N VAL J 611 -6.52 1.78 35.23
CA VAL J 611 -7.26 0.71 35.91
C VAL J 611 -6.30 -0.30 36.52
N TRP J 612 -5.46 -0.90 35.69
CA TRP J 612 -4.59 -1.99 36.13
C TRP J 612 -3.44 -1.45 36.97
N GLY J 613 -2.89 -2.33 37.80
CA GLY J 613 -1.78 -1.99 38.65
C GLY J 613 -1.80 -2.81 39.91
N THR J 614 -1.16 -2.28 40.95
CA THR J 614 -1.08 -2.92 42.24
C THR J 614 -1.60 -1.98 43.32
N VAL J 615 -2.09 -2.55 44.41
CA VAL J 615 -2.63 -1.80 45.54
C VAL J 615 -1.75 -2.08 46.75
N SER J 616 -1.24 -1.00 47.36
CA SER J 616 -0.42 -1.12 48.54
C SER J 616 -1.27 -1.58 49.73
N PRO J 617 -0.65 -2.15 50.77
CA PRO J 617 -1.44 -2.59 51.93
C PRO J 617 -2.23 -1.47 52.60
N THR J 618 -1.78 -0.23 52.52
CA THR J 618 -2.49 0.89 53.08
C THR J 618 -3.56 1.45 52.15
N GLY J 619 -3.68 0.93 50.93
CA GLY J 619 -4.70 1.36 50.00
C GLY J 619 -4.25 2.31 48.92
N ALA J 620 -2.95 2.48 48.71
CA ALA J 620 -2.45 3.36 47.66
C ALA J 620 -2.38 2.58 46.34
N VAL J 621 -2.93 3.18 45.30
CA VAL J 621 -3.04 2.54 43.99
C VAL J 621 -1.91 3.06 43.10
N SER J 622 -1.10 2.14 42.59
CA SER J 622 -0.06 2.45 41.63
C SER J 622 -0.30 1.65 40.36
N HIS J 623 -0.37 2.34 39.23
CA HIS J 623 -0.75 1.71 37.98
C HIS J 623 0.48 1.26 37.19
N ILE J 624 0.22 0.57 36.07
CA ILE J 624 1.31 0.02 35.26
C ILE J 624 2.15 1.14 34.68
N THR J 625 1.50 2.17 34.12
CA THR J 625 2.21 3.30 33.53
C THR J 625 2.26 4.52 34.43
N GLY J 626 1.22 4.77 35.22
CA GLY J 626 1.25 5.86 36.18
C GLY J 626 0.35 7.03 35.86
N GLY J 627 -0.77 6.76 35.20
CA GLY J 627 -1.74 7.81 34.93
C GLY J 627 -1.34 8.79 33.85
N ASN J 628 -0.46 8.41 32.94
CA ASN J 628 -0.04 9.29 31.86
C ASN J 628 -1.10 9.43 30.76
N PHE J 629 -2.16 8.62 30.80
CA PHE J 629 -3.20 8.70 29.78
C PHE J 629 -3.93 10.04 29.83
N ALA J 630 -4.17 10.56 31.04
CA ALA J 630 -5.01 11.75 31.17
C ALA J 630 -4.38 12.96 30.49
N GLN J 631 -3.05 13.10 30.57
CA GLN J 631 -2.39 14.29 30.08
C GLN J 631 -1.59 14.11 28.81
N SER J 632 -1.24 12.86 28.45
CA SER J 632 -0.39 12.62 27.30
C SER J 632 -1.07 11.86 26.18
N SER J 633 -2.33 11.45 26.33
CA SER J 633 -3.07 10.82 25.26
C SER J 633 -3.87 11.82 24.44
N ILE J 634 -3.67 13.12 24.67
CA ILE J 634 -4.41 14.16 23.98
C ILE J 634 -3.66 14.73 22.79
N THR J 635 -2.42 14.29 22.56
CA THR J 635 -1.63 14.72 21.41
C THR J 635 -1.12 13.49 20.67
N ILE J 636 -0.93 13.65 19.36
CA ILE J 636 -0.42 12.55 18.55
C ILE J 636 1.02 12.23 18.95
N ASN J 637 1.80 13.25 19.31
CA ASN J 637 3.15 12.99 19.83
C ASN J 637 3.09 12.21 21.12
N GLY J 638 2.07 12.47 21.94
CA GLY J 638 1.90 11.69 23.16
C GLY J 638 1.64 10.23 22.87
N TRP J 639 0.75 9.95 21.91
CA TRP J 639 0.49 8.56 21.52
C TRP J 639 1.75 7.92 20.96
N LEU J 640 2.51 8.66 20.15
CA LEU J 640 3.72 8.11 19.56
C LEU J 640 4.77 7.78 20.61
N ARG J 641 4.93 8.66 21.60
CA ARG J 641 6.03 8.54 22.56
C ARG J 641 5.65 7.74 23.81
N ASP J 642 4.66 8.23 24.56
CA ASP J 642 4.32 7.64 25.83
C ASP J 642 3.56 6.33 25.71
N PHE J 643 3.03 5.99 24.53
CA PHE J 643 2.39 4.70 24.33
C PHE J 643 3.17 3.81 23.38
N LEU J 644 3.35 4.22 22.13
CA LEU J 644 3.98 3.33 21.16
C LEU J 644 5.45 3.12 21.49
N TRP J 645 6.21 4.21 21.55
CA TRP J 645 7.64 4.11 21.85
C TRP J 645 7.88 3.52 23.23
N SER J 646 7.09 3.95 24.22
CA SER J 646 7.34 3.54 25.61
C SER J 646 7.03 2.06 25.81
N GLN J 647 5.85 1.61 25.35
CA GLN J 647 5.43 0.23 25.57
C GLN J 647 5.97 -0.73 24.52
N ALA J 648 6.64 -0.23 23.49
CA ALA J 648 7.34 -1.10 22.56
C ALA J 648 8.73 -1.49 23.06
N ALA J 649 9.11 -1.01 24.25
CA ALA J 649 10.42 -1.35 24.81
C ALA J 649 10.52 -2.84 25.08
N GLN J 650 9.44 -3.45 25.57
CA GLN J 650 9.47 -4.87 25.91
C GLN J 650 9.59 -5.73 24.66
N VAL J 651 9.00 -5.31 23.55
CA VAL J 651 9.08 -6.10 22.32
C VAL J 651 10.48 -6.07 21.74
N VAL J 652 11.10 -4.89 21.70
CA VAL J 652 12.42 -4.76 21.08
C VAL J 652 13.52 -5.34 21.96
N GLN J 653 13.30 -5.42 23.28
CA GLN J 653 14.28 -5.96 24.20
C GLN J 653 13.97 -7.40 24.58
N SER J 654 13.17 -8.10 23.76
CA SER J 654 12.78 -9.48 24.05
C SER J 654 13.77 -10.51 23.52
N TYR J 655 14.77 -10.09 22.75
CA TYR J 655 15.72 -11.05 22.18
C TYR J 655 16.55 -11.70 23.27
N GLY J 656 16.74 -13.01 23.16
CA GLY J 656 17.43 -13.77 24.17
C GLY J 656 16.58 -14.23 25.33
N SER J 657 15.36 -13.71 25.46
CA SER J 657 14.46 -14.09 26.52
C SER J 657 13.39 -15.05 25.98
N SER J 658 12.48 -15.46 26.86
CA SER J 658 11.40 -16.34 26.46
C SER J 658 10.34 -15.65 25.62
N LEU J 659 10.38 -14.33 25.52
CA LEU J 659 9.45 -13.57 24.69
C LEU J 659 10.05 -13.22 23.34
N SER J 660 11.19 -13.82 22.98
CA SER J 660 11.84 -13.49 21.71
C SER J 660 10.96 -13.80 20.51
N ALA J 661 10.10 -14.82 20.63
CA ALA J 661 9.16 -15.11 19.55
C ALA J 661 8.28 -13.91 19.25
N TYR J 662 7.93 -13.14 20.28
CA TYR J 662 7.12 -11.95 20.05
C TYR J 662 7.89 -10.90 19.25
N GLY J 663 9.18 -10.73 19.53
CA GLY J 663 9.98 -9.82 18.72
C GLY J 663 10.12 -10.29 17.29
N LEU J 664 10.31 -11.60 17.10
CA LEU J 664 10.41 -12.15 15.75
C LEU J 664 9.11 -11.94 14.98
N ILE J 665 7.96 -12.17 15.63
CA ILE J 665 6.68 -11.96 14.96
C ILE J 665 6.43 -10.48 14.74
N PHE J 666 6.90 -9.62 15.65
CA PHE J 666 6.86 -8.18 15.43
C PHE J 666 7.55 -7.80 14.13
N LEU J 667 8.79 -8.28 13.96
CA LEU J 667 9.55 -7.96 12.74
C LEU J 667 8.89 -8.57 11.52
N GLY J 668 8.43 -9.82 11.61
CA GLY J 668 7.81 -10.47 10.47
C GLY J 668 6.51 -9.82 10.06
N ALA J 669 5.73 -9.34 11.03
CA ALA J 669 4.51 -8.64 10.72
C ALA J 669 4.79 -7.29 10.09
N HIS J 670 5.84 -6.60 10.55
CA HIS J 670 6.28 -5.40 9.85
C HIS J 670 6.63 -5.72 8.40
N PHE J 671 7.36 -6.82 8.18
CA PHE J 671 7.75 -7.22 6.85
C PHE J 671 6.54 -7.51 5.97
N ILE J 672 5.54 -8.21 6.52
CA ILE J 672 4.35 -8.56 5.74
C ILE J 672 3.53 -7.32 5.43
N TRP J 673 3.41 -6.41 6.40
CA TRP J 673 2.67 -5.18 6.16
C TRP J 673 3.32 -4.35 5.07
N ALA J 674 4.65 -4.24 5.09
CA ALA J 674 5.35 -3.54 4.02
C ALA J 674 5.25 -4.28 2.69
N PHE J 675 5.22 -5.62 2.74
CA PHE J 675 5.07 -6.43 1.55
C PHE J 675 3.73 -6.15 0.87
N SER J 676 2.69 -5.92 1.67
CA SER J 676 1.37 -5.64 1.12
C SER J 676 1.39 -4.43 0.19
N LEU J 677 2.20 -3.43 0.50
CA LEU J 677 2.21 -2.19 -0.27
C LEU J 677 2.68 -2.39 -1.69
N MET J 678 3.44 -3.46 -1.96
CA MET J 678 3.77 -3.78 -3.34
C MET J 678 2.52 -4.07 -4.16
N PHE J 679 1.59 -4.84 -3.60
CA PHE J 679 0.36 -5.14 -4.31
C PHE J 679 -0.61 -3.97 -4.27
N LEU J 680 -0.61 -3.20 -3.18
CA LEU J 680 -1.57 -2.11 -3.06
C LEU J 680 -1.21 -0.92 -3.94
N PHE J 681 0.08 -0.66 -4.13
CA PHE J 681 0.50 0.54 -4.85
C PHE J 681 0.72 0.31 -6.33
N SER J 682 1.03 -0.92 -6.75
CA SER J 682 1.41 -1.20 -8.12
C SER J 682 0.19 -1.64 -8.94
N GLY J 683 0.44 -2.00 -10.20
CA GLY J 683 -0.61 -2.40 -11.10
C GLY J 683 -0.23 -3.63 -11.88
N ARG J 684 -1.24 -4.22 -12.54
CA ARG J 684 -1.07 -5.53 -13.16
C ARG J 684 -0.19 -5.47 -14.41
N GLY J 685 -0.24 -4.37 -15.17
CA GLY J 685 0.47 -4.33 -16.44
C GLY J 685 1.97 -4.46 -16.29
N TYR J 686 2.55 -3.78 -15.28
CA TYR J 686 3.98 -3.87 -15.06
C TYR J 686 4.40 -5.30 -14.76
N TRP J 687 3.64 -5.99 -13.90
CA TRP J 687 4.00 -7.35 -13.53
C TRP J 687 3.80 -8.31 -14.69
N GLN J 688 2.77 -8.09 -15.51
CA GLN J 688 2.60 -8.93 -16.69
C GLN J 688 3.77 -8.74 -17.67
N GLU J 689 4.22 -7.50 -17.86
CA GLU J 689 5.30 -7.27 -18.79
C GLU J 689 6.64 -7.77 -18.24
N LEU J 690 6.81 -7.79 -16.92
CA LEU J 690 8.00 -8.40 -16.34
C LEU J 690 7.97 -9.92 -16.47
N ILE J 691 6.79 -10.52 -16.25
CA ILE J 691 6.60 -11.94 -16.46
C ILE J 691 6.86 -12.28 -17.93
N GLU J 692 6.63 -11.33 -18.83
CA GLU J 692 6.94 -11.57 -20.24
C GLU J 692 8.43 -11.85 -20.44
N SER J 693 9.30 -11.04 -19.84
CA SER J 693 10.73 -11.26 -19.98
C SER J 693 11.18 -12.51 -19.24
N ILE J 694 10.59 -12.78 -18.08
CA ILE J 694 10.91 -14.02 -17.36
C ILE J 694 10.53 -15.24 -18.20
N VAL J 695 9.37 -15.17 -18.85
CA VAL J 695 8.93 -16.24 -19.74
C VAL J 695 9.85 -16.35 -20.95
N TRP J 696 10.37 -15.22 -21.43
CA TRP J 696 11.35 -15.28 -22.50
C TRP J 696 12.58 -16.07 -22.07
N ALA J 697 13.07 -15.81 -20.86
CA ALA J 697 14.21 -16.56 -20.35
C ALA J 697 13.90 -18.05 -20.25
N HIS J 698 12.71 -18.36 -19.72
CA HIS J 698 12.32 -19.77 -19.59
C HIS J 698 12.23 -20.46 -20.95
N ASN J 699 11.65 -19.78 -21.93
CA ASN J 699 11.57 -20.33 -23.29
C ASN J 699 12.96 -20.50 -23.89
N LYS J 700 13.86 -19.56 -23.62
CA LYS J 700 15.24 -19.69 -24.07
C LYS J 700 15.89 -20.92 -23.46
N LEU J 701 15.53 -21.28 -22.23
CA LEU J 701 16.03 -22.50 -21.61
C LEU J 701 15.05 -23.67 -21.71
N LYS J 702 14.02 -23.56 -22.55
CA LYS J 702 13.08 -24.65 -22.82
C LYS J 702 12.38 -25.13 -21.56
N VAL J 703 12.08 -24.22 -20.63
CA VAL J 703 11.51 -24.60 -19.36
C VAL J 703 10.27 -23.76 -19.08
N ALA J 704 9.68 -23.21 -20.14
CA ALA J 704 8.43 -22.47 -19.97
C ALA J 704 7.30 -23.43 -19.65
N PRO J 705 6.54 -23.20 -18.58
CA PRO J 705 5.44 -24.12 -18.24
C PRO J 705 4.33 -24.07 -19.27
N SER J 706 3.64 -25.19 -19.42
CA SER J 706 2.48 -25.23 -20.30
C SER J 706 1.36 -24.35 -19.79
N ILE J 707 1.13 -24.34 -18.48
CA ILE J 707 0.18 -23.41 -17.88
C ILE J 707 0.81 -22.02 -17.91
N GLN J 708 0.31 -21.17 -18.79
CA GLN J 708 0.94 -19.88 -19.03
C GLN J 708 0.89 -19.03 -17.77
N PRO J 709 2.03 -18.54 -17.27
CA PRO J 709 2.02 -17.71 -16.05
C PRO J 709 1.50 -16.32 -16.34
N ARG J 710 0.48 -15.92 -15.60
CA ARG J 710 -0.12 -14.60 -15.73
C ARG J 710 -0.08 -13.88 -14.39
N ALA J 711 0.10 -12.57 -14.44
CA ALA J 711 0.06 -11.77 -13.22
C ALA J 711 -1.33 -11.84 -12.59
N LEU J 712 -1.37 -11.69 -11.27
CA LEU J 712 -2.63 -11.77 -10.55
C LEU J 712 -3.60 -10.71 -11.07
N SER J 713 -4.86 -11.11 -11.21
CA SER J 713 -5.88 -10.17 -11.69
C SER J 713 -5.96 -8.95 -10.77
N ILE J 714 -6.54 -7.88 -11.31
CA ILE J 714 -6.62 -6.62 -10.57
C ILE J 714 -7.32 -6.83 -9.24
N THR J 715 -8.48 -7.50 -9.27
CA THR J 715 -9.21 -7.76 -8.04
C THR J 715 -8.40 -8.65 -7.11
N GLN J 716 -7.73 -9.67 -7.64
CA GLN J 716 -6.90 -10.51 -6.79
C GLN J 716 -5.69 -9.76 -6.27
N GLY J 717 -5.12 -8.86 -7.06
CA GLY J 717 -4.04 -8.03 -6.54
C GLY J 717 -4.49 -7.19 -5.36
N ARG J 718 -5.68 -6.58 -5.46
CA ARG J 718 -6.23 -5.84 -4.34
C ARG J 718 -6.50 -6.73 -3.15
N ALA J 719 -7.03 -7.93 -3.38
CA ALA J 719 -7.32 -8.85 -2.28
C ALA J 719 -6.04 -9.29 -1.58
N VAL J 720 -4.99 -9.60 -2.33
CA VAL J 720 -3.71 -9.97 -1.74
C VAL J 720 -3.15 -8.80 -0.94
N GLY J 721 -3.23 -7.59 -1.51
CA GLY J 721 -2.73 -6.43 -0.80
C GLY J 721 -3.44 -6.20 0.52
N VAL J 722 -4.77 -6.27 0.52
CA VAL J 722 -5.51 -6.01 1.75
C VAL J 722 -5.31 -7.13 2.75
N ALA J 723 -5.22 -8.38 2.29
CA ALA J 723 -5.00 -9.49 3.21
C ALA J 723 -3.64 -9.37 3.87
N HIS J 724 -2.60 -9.06 3.09
CA HIS J 724 -1.28 -8.89 3.68
C HIS J 724 -1.23 -7.68 4.59
N TYR J 725 -1.89 -6.59 4.23
CA TYR J 725 -1.92 -5.40 5.08
C TYR J 725 -2.56 -5.71 6.42
N LEU J 726 -3.72 -6.37 6.39
CA LEU J 726 -4.40 -6.72 7.63
C LEU J 726 -3.56 -7.68 8.46
N LEU J 727 -2.98 -8.69 7.82
CA LEU J 727 -2.18 -9.65 8.56
C LEU J 727 -0.98 -8.97 9.21
N GLY J 728 -0.27 -8.13 8.46
CA GLY J 728 0.90 -7.47 9.01
C GLY J 728 0.56 -6.53 10.15
N GLY J 729 -0.46 -5.69 9.95
CA GLY J 729 -0.82 -4.75 11.00
C GLY J 729 -1.33 -5.44 12.25
N ILE J 730 -2.23 -6.41 12.08
CA ILE J 730 -2.80 -7.10 13.22
C ILE J 730 -1.75 -7.93 13.92
N GLY J 731 -0.82 -8.53 13.17
CA GLY J 731 0.26 -9.28 13.80
C GLY J 731 1.23 -8.40 14.55
N THR J 732 1.52 -7.21 14.01
CA THR J 732 2.38 -6.28 14.72
C THR J 732 1.75 -5.85 16.04
N THR J 733 0.46 -5.49 15.99
CA THR J 733 -0.23 -5.13 17.23
C THR J 733 -0.33 -6.33 18.18
N TRP J 734 -0.50 -7.53 17.62
CA TRP J 734 -0.58 -8.74 18.41
C TRP J 734 0.69 -8.99 19.19
N ALA J 735 1.83 -8.97 18.49
CA ALA J 735 3.11 -9.16 19.16
C ALA J 735 3.40 -8.06 20.16
N PHE J 736 3.13 -6.80 19.79
CA PHE J 736 3.36 -5.68 20.69
C PHE J 736 2.55 -5.83 21.96
N PHE J 737 1.24 -6.05 21.83
CA PHE J 737 0.37 -6.19 22.99
C PHE J 737 0.79 -7.35 23.86
N LEU J 738 1.05 -8.52 23.25
CA LEU J 738 1.34 -9.71 24.03
C LEU J 738 2.65 -9.57 24.79
N ALA J 739 3.71 -9.13 24.10
CA ALA J 739 4.99 -8.96 24.78
C ALA J 739 4.90 -7.93 25.89
N ARG J 740 4.25 -6.78 25.61
CA ARG J 740 4.16 -5.74 26.61
C ARG J 740 3.38 -6.21 27.84
N ILE J 741 2.23 -6.85 27.63
CA ILE J 741 1.37 -7.19 28.75
C ILE J 741 1.81 -8.47 29.45
N ILE J 742 2.67 -9.27 28.83
CA ILE J 742 3.25 -10.42 29.54
C ILE J 742 4.46 -10.00 30.34
N SER J 743 5.29 -9.09 29.81
CA SER J 743 6.44 -8.61 30.55
C SER J 743 6.02 -7.87 31.82
N VAL J 744 5.01 -7.01 31.72
CA VAL J 744 4.59 -6.21 32.87
C VAL J 744 3.14 -6.54 33.25
N VAL K 2 -12.93 29.26 -17.16
CA VAL K 2 -12.79 27.89 -17.63
C VAL K 2 -12.00 27.86 -18.93
N TYR K 3 -11.51 29.01 -19.35
CA TYR K 3 -10.71 29.15 -20.56
C TYR K 3 -9.44 29.91 -20.23
N LYS K 4 -8.52 29.92 -21.20
CA LYS K 4 -7.37 30.81 -21.21
C LYS K 4 -6.32 30.49 -20.15
N PHE K 5 -6.58 29.56 -19.24
CA PHE K 5 -5.52 29.24 -18.30
C PHE K 5 -4.48 28.37 -18.99
N PRO K 6 -4.84 27.17 -19.51
CA PRO K 6 -3.79 26.45 -20.26
C PRO K 6 -3.67 27.03 -21.66
N LYS K 7 -3.03 28.20 -21.72
CA LYS K 7 -2.83 28.88 -23.00
C LYS K 7 -2.08 28.00 -23.99
N PHE K 8 -1.23 27.11 -23.50
CA PHE K 8 -0.42 26.24 -24.34
C PHE K 8 -1.18 25.02 -24.84
N SER K 9 -2.40 24.76 -24.35
CA SER K 9 -3.14 23.57 -24.72
C SER K 9 -4.62 23.93 -24.88
N LYS K 10 -5.13 23.86 -26.10
CA LYS K 10 -6.55 24.11 -26.33
C LYS K 10 -7.40 22.93 -25.87
N ALA K 11 -6.85 21.71 -25.93
CA ALA K 11 -7.60 20.54 -25.49
C ALA K 11 -7.94 20.62 -24.01
N LEU K 12 -7.01 21.11 -23.19
CA LEU K 12 -7.29 21.29 -21.77
C LEU K 12 -8.19 22.47 -21.52
N ALA K 13 -8.02 23.56 -22.28
CA ALA K 13 -8.81 24.77 -22.06
C ALA K 13 -10.29 24.54 -22.32
N GLU K 14 -10.65 23.50 -23.07
CA GLU K 14 -12.04 23.17 -23.32
C GLU K 14 -12.60 22.18 -22.32
N ASP K 15 -11.81 21.75 -21.34
CA ASP K 15 -12.29 20.84 -20.31
C ASP K 15 -13.22 21.59 -19.37
N PRO K 16 -14.46 21.14 -19.18
CA PRO K 16 -15.39 21.84 -18.29
C PRO K 16 -15.19 21.54 -16.82
N SER K 17 -14.24 20.67 -16.47
CA SER K 17 -14.06 20.19 -15.11
C SER K 17 -12.83 20.84 -14.48
N THR K 18 -12.62 20.52 -13.20
CA THR K 18 -11.44 20.97 -12.48
C THR K 18 -10.16 20.28 -12.96
N ARG K 19 -10.30 19.22 -13.76
CA ARG K 19 -9.13 18.54 -14.32
C ARG K 19 -8.29 19.47 -15.18
N ARG K 20 -8.92 20.48 -15.79
CA ARG K 20 -8.17 21.43 -16.61
C ARG K 20 -7.16 22.20 -15.77
N ILE K 21 -7.55 22.63 -14.57
CA ILE K 21 -6.63 23.36 -13.70
C ILE K 21 -5.50 22.45 -13.25
N TRP K 22 -5.82 21.22 -12.85
CA TRP K 22 -4.80 20.29 -12.37
C TRP K 22 -3.82 19.95 -13.48
N TYR K 23 -4.31 19.66 -14.68
CA TYR K 23 -3.44 19.32 -15.79
C TYR K 23 -2.72 20.53 -16.36
N GLY K 24 -3.26 21.74 -16.16
CA GLY K 24 -2.55 22.93 -16.60
C GLY K 24 -1.25 23.13 -15.86
N ILE K 25 -1.24 22.80 -14.56
CA ILE K 25 -0.01 22.91 -13.78
C ILE K 25 1.01 21.87 -14.24
N ALA K 26 0.55 20.63 -14.40
CA ALA K 26 1.45 19.50 -14.58
C ALA K 26 1.95 19.35 -16.01
N THR K 27 1.45 20.16 -16.95
CA THR K 27 1.91 20.12 -18.33
C THR K 27 2.52 21.44 -18.77
N ALA K 28 2.78 22.36 -17.84
CA ALA K 28 3.28 23.67 -18.22
C ALA K 28 4.70 23.63 -18.76
N HIS K 29 5.52 22.70 -18.27
CA HIS K 29 6.91 22.62 -18.68
C HIS K 29 7.17 21.58 -19.76
N ASP K 30 6.15 20.82 -20.17
CA ASP K 30 6.28 19.89 -21.29
C ASP K 30 6.06 20.69 -22.57
N PHE K 31 7.09 21.44 -22.95
CA PHE K 31 6.96 22.36 -24.08
C PHE K 31 6.71 21.63 -25.40
N GLU K 32 7.25 20.42 -25.54
CA GLU K 32 7.10 19.68 -26.79
C GLU K 32 5.66 19.31 -27.08
N SER K 33 4.80 19.26 -26.07
CA SER K 33 3.40 18.88 -26.24
C SER K 33 2.47 20.08 -26.36
N HIS K 34 3.01 21.29 -26.38
CA HIS K 34 2.17 22.49 -26.39
C HIS K 34 1.62 22.74 -27.80
N ASP K 35 0.51 23.47 -27.84
CA ASP K 35 -0.13 23.80 -29.11
C ASP K 35 0.70 24.80 -29.89
N ALA K 36 0.67 24.66 -31.22
CA ALA K 36 1.41 25.53 -32.14
C ALA K 36 2.88 25.59 -31.77
N MET K 37 3.52 24.43 -31.85
CA MET K 37 4.85 24.23 -31.30
C MET K 37 5.83 23.93 -32.44
N THR K 38 6.97 24.62 -32.43
CA THR K 38 8.06 24.34 -33.35
C THR K 38 9.33 24.06 -32.55
N GLU K 39 10.35 23.56 -33.26
CA GLU K 39 11.60 23.23 -32.57
C GLU K 39 12.38 24.48 -32.16
N SER K 40 12.37 25.50 -33.02
CA SER K 40 13.08 26.73 -32.71
C SER K 40 12.53 27.39 -31.44
N LYS K 41 11.20 27.49 -31.36
CA LYS K 41 10.58 28.03 -30.16
C LYS K 41 10.88 27.17 -28.95
N LEU K 42 10.96 25.85 -29.14
CA LEU K 42 11.27 24.95 -28.04
C LEU K 42 12.65 25.25 -27.46
N TYR K 43 13.66 25.31 -28.32
CA TYR K 43 15.01 25.54 -27.84
C TYR K 43 15.15 26.95 -27.25
N GLN K 44 14.51 27.94 -27.86
CA GLN K 44 14.59 29.30 -27.33
C GLN K 44 13.94 29.41 -25.95
N LYS K 45 12.77 28.79 -25.78
CA LYS K 45 12.10 28.81 -24.48
C LYS K 45 12.91 28.07 -23.44
N ILE K 46 13.50 26.93 -23.81
CA ILE K 46 14.35 26.20 -22.88
C ILE K 46 15.55 27.04 -22.47
N PHE K 47 16.14 27.76 -23.43
CA PHE K 47 17.28 28.64 -23.15
C PHE K 47 16.90 29.73 -22.14
N ALA K 48 15.77 30.39 -22.38
CA ALA K 48 15.33 31.44 -21.45
C ALA K 48 15.01 30.87 -20.08
N SER K 49 14.39 29.68 -20.04
CA SER K 49 14.10 29.04 -18.77
C SER K 49 15.38 28.68 -18.02
N HIS K 50 16.41 28.26 -18.75
CA HIS K 50 17.71 28.01 -18.13
C HIS K 50 18.25 29.29 -17.49
N PHE K 51 18.15 30.40 -18.20
CA PHE K 51 18.61 31.67 -17.64
C PHE K 51 17.86 32.02 -16.36
N GLY K 52 16.54 31.91 -16.39
CA GLY K 52 15.75 32.18 -15.20
C GLY K 52 16.11 31.25 -14.05
N HIS K 53 16.40 29.99 -14.36
CA HIS K 53 16.75 29.02 -13.34
C HIS K 53 18.08 29.36 -12.68
N ILE K 54 19.09 29.72 -13.48
CA ILE K 54 20.37 30.11 -12.90
C ILE K 54 20.21 31.37 -12.07
N ALA K 55 19.35 32.29 -12.51
CA ALA K 55 19.06 33.47 -11.70
C ALA K 55 18.44 33.08 -10.37
N ILE K 56 17.53 32.11 -10.37
CA ILE K 56 16.92 31.64 -9.13
C ILE K 56 17.98 31.05 -8.20
N ILE K 57 18.88 30.25 -8.75
CA ILE K 57 19.93 29.63 -7.93
C ILE K 57 20.79 30.71 -7.29
N PHE K 58 21.20 31.70 -8.08
CA PHE K 58 22.06 32.76 -7.55
C PHE K 58 21.32 33.60 -6.51
N LEU K 59 20.04 33.85 -6.72
CA LEU K 59 19.25 34.58 -5.72
C LEU K 59 19.15 33.79 -4.42
N TRP K 60 18.99 32.47 -4.52
CA TRP K 60 18.94 31.64 -3.32
C TRP K 60 20.25 31.69 -2.55
N THR K 61 21.38 31.61 -3.27
CA THR K 61 22.68 31.71 -2.61
C THR K 61 22.87 33.09 -1.98
N ALA K 62 22.44 34.14 -2.68
CA ALA K 62 22.54 35.49 -2.14
C ALA K 62 21.69 35.65 -0.89
N GLY K 63 20.52 35.02 -0.87
CA GLY K 63 19.69 35.07 0.32
C GLY K 63 20.33 34.37 1.50
N ASN K 64 20.95 33.21 1.25
CA ASN K 64 21.67 32.53 2.32
C ASN K 64 22.79 33.41 2.87
N LEU K 65 23.56 34.02 1.97
CA LEU K 65 24.65 34.90 2.40
C LEU K 65 24.13 36.07 3.22
N PHE K 66 23.07 36.72 2.73
CA PHE K 66 22.53 37.88 3.43
C PHE K 66 22.00 37.52 4.81
N HIS K 67 21.31 36.39 4.91
CA HIS K 67 20.73 36.02 6.19
C HIS K 67 21.79 35.56 7.19
N VAL K 68 22.87 34.96 6.71
CA VAL K 68 23.98 34.68 7.61
C VAL K 68 24.65 35.97 8.05
N ALA K 69 24.79 36.94 7.14
CA ALA K 69 25.44 38.20 7.48
C ALA K 69 24.60 39.03 8.45
N TRP K 70 23.27 38.95 8.35
CA TRP K 70 22.39 39.84 9.10
C TRP K 70 21.97 39.24 10.44
N GLN K 71 21.49 38.00 10.44
CA GLN K 71 20.95 37.38 11.63
C GLN K 71 21.81 36.23 12.16
N GLY K 72 22.91 35.91 11.50
CA GLY K 72 23.77 34.85 11.95
C GLY K 72 24.76 35.32 13.00
N ASN K 73 25.64 34.39 13.37
CA ASN K 73 26.74 34.66 14.29
C ASN K 73 28.05 34.24 13.66
N PHE K 74 28.25 34.63 12.40
CA PHE K 74 29.44 34.21 11.67
C PHE K 74 30.71 34.75 12.34
N GLU K 75 30.71 36.03 12.71
CA GLU K 75 31.90 36.63 13.30
C GLU K 75 32.25 35.98 14.63
N ALA K 76 31.24 35.72 15.47
CA ALA K 76 31.49 35.02 16.72
C ALA K 76 31.96 33.59 16.48
N TRP K 77 31.41 32.94 15.46
CA TRP K 77 31.81 31.57 15.15
C TRP K 77 33.24 31.49 14.67
N ILE K 78 33.77 32.58 14.10
CA ILE K 78 35.16 32.58 13.63
C ILE K 78 36.11 32.38 14.80
N LEU K 79 35.86 33.06 15.92
CA LEU K 79 36.76 33.03 17.05
C LEU K 79 36.67 31.75 17.86
N ASN K 80 35.59 30.97 17.70
CA ASN K 80 35.41 29.72 18.44
C ASN K 80 34.55 28.78 17.62
N PRO K 81 35.12 28.17 16.58
CA PRO K 81 34.32 27.34 15.67
C PRO K 81 33.88 26.02 16.27
N LEU K 82 34.53 25.54 17.33
CA LEU K 82 34.22 24.24 17.90
C LEU K 82 33.19 24.29 19.01
N LYS K 83 32.87 25.48 19.52
CA LYS K 83 31.89 25.63 20.59
C LYS K 83 30.67 26.43 20.17
N VAL K 84 30.84 27.44 19.32
CA VAL K 84 29.73 28.27 18.87
C VAL K 84 28.98 27.52 17.78
N ARG K 85 27.65 27.45 17.92
CA ARG K 85 26.82 26.78 16.93
C ARG K 85 26.37 27.79 15.88
N PRO K 86 26.62 27.54 14.60
CA PRO K 86 26.22 28.50 13.56
C PRO K 86 24.71 28.72 13.53
N ILE K 87 24.31 29.94 13.22
CA ILE K 87 22.91 30.34 13.14
C ILE K 87 22.55 30.59 11.68
N ALA K 88 21.45 29.98 11.23
CA ALA K 88 21.03 30.15 9.85
C ALA K 88 20.32 31.49 9.64
N HIS K 89 19.21 31.71 10.35
CA HIS K 89 18.46 32.94 10.24
C HIS K 89 17.57 33.08 11.47
N ALA K 90 17.09 34.30 11.69
CA ALA K 90 16.24 34.57 12.83
C ALA K 90 14.81 34.07 12.56
N ILE K 91 14.03 33.98 13.63
CA ILE K 91 12.66 33.49 13.58
C ILE K 91 11.73 34.59 14.07
N TRP K 92 10.67 34.85 13.31
CA TRP K 92 9.57 35.70 13.76
C TRP K 92 8.28 34.98 13.41
N ASP K 93 7.69 34.29 14.39
CA ASP K 93 6.46 33.53 14.20
C ASP K 93 5.47 33.97 15.27
N PRO K 94 4.34 34.55 14.89
CA PRO K 94 3.39 35.05 15.91
C PRO K 94 2.78 33.95 16.77
N HIS K 95 2.84 32.70 16.33
CA HIS K 95 2.22 31.60 17.07
C HIS K 95 3.06 31.13 18.24
N PHE K 96 4.28 31.62 18.38
CA PHE K 96 5.14 31.18 19.47
C PHE K 96 4.56 31.59 20.82
N GLY K 97 4.65 30.69 21.80
CA GLY K 97 4.46 31.05 23.18
C GLY K 97 5.74 31.60 23.76
N GLN K 98 5.67 31.98 25.03
CA GLN K 98 6.87 32.46 25.71
C GLN K 98 7.90 31.34 25.82
N ALA K 99 7.45 30.11 26.06
CA ALA K 99 8.36 28.99 26.17
C ALA K 99 9.09 28.72 24.87
N ALA K 100 8.38 28.78 23.74
CA ALA K 100 9.02 28.56 22.44
C ALA K 100 10.02 29.67 22.14
N TYR K 101 9.66 30.92 22.44
CA TYR K 101 10.60 32.02 22.26
C TYR K 101 11.86 31.80 23.09
N LYS K 102 11.69 31.40 24.35
CA LYS K 102 12.84 31.20 25.23
C LYS K 102 13.72 30.04 24.73
N ALA K 103 13.10 28.96 24.26
CA ALA K 103 13.87 27.79 23.84
C ALA K 103 14.61 28.07 22.54
N PHE K 104 13.97 28.74 21.59
CA PHE K 104 14.63 29.05 20.33
C PHE K 104 15.51 30.29 20.42
N LEU K 105 15.51 30.98 21.54
CA LEU K 105 16.27 32.21 21.68
C LEU K 105 17.77 31.93 21.57
N LYS K 106 18.42 32.61 20.64
CA LYS K 106 19.86 32.52 20.45
C LYS K 106 20.39 33.94 20.30
N THR K 107 21.21 34.36 21.26
CA THR K 107 21.73 35.72 21.34
C THR K 107 20.61 36.74 21.52
N SER K 108 20.18 37.38 20.43
CA SER K 108 19.24 38.49 20.52
C SER K 108 17.82 38.16 20.08
N SER K 109 17.63 37.08 19.31
CA SER K 109 16.32 36.75 18.77
C SER K 109 16.25 35.25 18.57
N PRO K 110 15.05 34.66 18.58
CA PRO K 110 14.95 33.24 18.22
C PRO K 110 15.49 33.01 16.82
N ALA K 111 16.24 31.92 16.67
CA ALA K 111 16.94 31.67 15.42
C ALA K 111 17.10 30.16 15.23
N ASN K 112 17.40 29.79 13.99
CA ASN K 112 17.59 28.40 13.61
C ASN K 112 19.08 28.12 13.43
N LEU K 113 19.55 27.03 14.02
CA LEU K 113 20.91 26.59 13.77
C LEU K 113 21.09 26.24 12.29
N ALA K 114 22.26 26.52 11.74
CA ALA K 114 22.53 26.28 10.33
C ALA K 114 23.13 24.89 10.16
N LEU K 115 22.42 24.03 9.44
CA LEU K 115 22.88 22.67 9.17
C LEU K 115 23.41 22.51 7.75
N SER K 116 23.50 23.61 7.00
CA SER K 116 23.98 23.54 5.62
C SER K 116 25.50 23.56 5.53
N GLY K 117 26.20 23.80 6.64
CA GLY K 117 27.64 23.87 6.60
C GLY K 117 28.20 25.05 5.83
N VAL K 118 27.39 26.09 5.62
CA VAL K 118 27.85 27.25 4.86
C VAL K 118 28.90 28.03 5.67
N TYR K 119 28.80 28.02 6.99
CA TYR K 119 29.77 28.73 7.81
C TYR K 119 31.17 28.19 7.57
N GLU K 120 31.33 26.87 7.62
CA GLU K 120 32.65 26.27 7.40
C GLU K 120 33.13 26.47 5.98
N TRP K 121 32.22 26.36 5.01
CA TRP K 121 32.60 26.54 3.60
C TRP K 121 33.09 27.97 3.35
N TRP K 122 32.34 28.96 3.84
CA TRP K 122 32.73 30.34 3.63
C TRP K 122 33.96 30.72 4.42
N TYR K 123 34.11 30.16 5.63
CA TYR K 123 35.32 30.38 6.41
C TYR K 123 36.55 29.82 5.72
N THR K 124 36.41 28.64 5.10
CA THR K 124 37.54 28.02 4.43
C THR K 124 38.01 28.83 3.24
N ILE K 125 37.07 29.40 2.48
CA ILE K 125 37.42 30.12 1.26
C ILE K 125 37.83 31.56 1.58
N GLY K 126 37.94 31.86 2.87
CA GLY K 126 38.50 33.14 3.28
C GLY K 126 37.51 34.25 3.51
N MET K 127 36.49 34.00 4.32
CA MET K 127 35.55 35.04 4.77
C MET K 127 35.62 35.16 6.28
N ARG K 128 35.84 36.39 6.76
CA ARG K 128 36.02 36.63 8.18
C ARG K 128 35.10 37.70 8.74
N THR K 129 34.25 38.31 7.92
CA THR K 129 33.46 39.46 8.36
C THR K 129 32.04 39.32 7.82
N ASN K 130 31.08 39.87 8.57
CA ASN K 130 29.71 39.97 8.11
C ASN K 130 29.56 40.98 6.97
N ASN K 131 30.61 41.74 6.67
CA ASN K 131 30.63 42.59 5.49
C ASN K 131 31.16 41.87 4.26
N ASP K 132 31.94 40.78 4.45
CA ASP K 132 32.32 39.95 3.32
C ASP K 132 31.13 39.18 2.77
N LEU K 133 30.27 38.68 3.66
CA LEU K 133 29.06 38.00 3.23
C LEU K 133 28.11 38.94 2.52
N TYR K 134 27.99 40.18 3.01
CA TYR K 134 27.11 41.16 2.38
C TYR K 134 27.58 41.49 0.97
N GLN K 135 28.90 41.60 0.78
CA GLN K 135 29.44 41.82 -0.56
C GLN K 135 29.08 40.67 -1.48
N GLY K 136 29.18 39.43 -0.98
CA GLY K 136 28.81 38.29 -1.79
C GLY K 136 27.33 38.29 -2.17
N SER K 137 26.47 38.65 -1.22
CA SER K 137 25.04 38.74 -1.52
C SER K 137 24.77 39.82 -2.57
N PHE K 138 25.40 40.98 -2.43
CA PHE K 138 25.23 42.05 -3.42
C PHE K 138 25.67 41.59 -4.80
N PHE K 139 26.85 40.97 -4.88
CA PHE K 139 27.37 40.50 -6.16
C PHE K 139 26.49 39.43 -6.77
N LEU K 140 25.95 38.54 -5.94
CA LEU K 140 25.10 37.48 -6.47
C LEU K 140 23.77 38.01 -6.96
N ILE K 141 23.22 39.03 -6.29
CA ILE K 141 22.00 39.65 -6.81
C ILE K 141 22.29 40.36 -8.13
N LEU K 142 23.47 40.98 -8.24
CA LEU K 142 23.86 41.56 -9.52
C LEU K 142 23.95 40.50 -10.62
N LEU K 143 24.53 39.34 -10.30
CA LEU K 143 24.62 38.25 -11.27
C LEU K 143 23.24 37.74 -11.66
N SER K 144 22.34 37.64 -10.69
CA SER K 144 20.97 37.24 -10.98
C SER K 144 20.30 38.23 -11.94
N SER K 145 20.53 39.52 -11.71
CA SER K 145 20.01 40.53 -12.63
C SER K 145 20.60 40.36 -14.03
N LEU K 146 21.90 40.08 -14.10
CA LEU K 146 22.53 39.79 -15.39
C LEU K 146 21.84 38.63 -16.10
N LEU K 147 21.60 37.55 -15.38
CA LEU K 147 21.03 36.35 -16.00
C LEU K 147 19.59 36.59 -16.42
N LEU K 148 18.82 37.33 -15.61
CA LEU K 148 17.45 37.66 -16.01
C LEU K 148 17.44 38.54 -17.26
N PHE K 149 18.35 39.51 -17.32
CA PHE K 149 18.44 40.34 -18.51
C PHE K 149 18.81 39.52 -19.74
N ALA K 150 19.74 38.58 -19.59
CA ALA K 150 20.11 37.71 -20.71
C ALA K 150 18.94 36.85 -21.16
N GLY K 151 18.20 36.30 -20.20
CA GLY K 151 17.04 35.49 -20.54
C GLY K 151 15.99 36.28 -21.30
N TRP K 152 15.73 37.53 -20.87
CA TRP K 152 14.82 38.38 -21.62
C TRP K 152 15.39 38.69 -23.00
N LEU K 153 16.68 38.98 -23.08
CA LEU K 153 17.28 39.41 -24.33
C LEU K 153 17.23 38.31 -25.39
N HIS K 154 17.47 37.07 -24.99
CA HIS K 154 17.52 35.99 -25.97
C HIS K 154 16.15 35.47 -26.36
N LEU K 155 15.09 36.16 -25.97
CA LEU K 155 13.77 35.97 -26.55
C LEU K 155 13.39 37.10 -27.49
N GLN K 156 14.25 38.11 -27.61
CA GLN K 156 13.99 39.21 -28.52
C GLN K 156 14.21 38.76 -29.96
N PRO K 157 13.55 39.42 -30.93
CA PRO K 157 13.60 38.90 -32.31
C PRO K 157 15.00 38.74 -32.89
N SER K 158 15.84 39.76 -32.79
CA SER K 158 17.16 39.69 -33.42
C SER K 158 18.18 38.92 -32.59
N PHE K 159 17.83 38.46 -31.40
CA PHE K 159 18.78 37.79 -30.52
C PHE K 159 18.35 36.36 -30.17
N ARG K 160 17.37 35.81 -30.88
CA ARG K 160 16.92 34.45 -30.63
C ARG K 160 17.78 33.49 -31.45
N PRO K 161 18.51 32.58 -30.82
CA PRO K 161 19.38 31.67 -31.57
C PRO K 161 18.57 30.68 -32.39
N SER K 162 19.19 30.20 -33.48
CA SER K 162 18.55 29.25 -34.37
C SER K 162 18.85 27.82 -33.93
N LEU K 163 18.27 26.86 -34.64
CA LEU K 163 18.49 25.44 -34.31
C LEU K 163 19.93 25.03 -34.55
N ASP K 164 20.56 25.57 -35.59
CA ASP K 164 21.95 25.23 -35.89
C ASP K 164 22.86 25.62 -34.74
N TRP K 165 22.66 26.82 -34.17
CA TRP K 165 23.46 27.23 -33.02
C TRP K 165 23.21 26.35 -31.82
N PHE K 166 21.95 25.98 -31.58
CA PHE K 166 21.62 25.13 -30.44
C PHE K 166 22.18 23.72 -30.61
N LYS K 167 22.24 23.21 -31.84
CA LYS K 167 22.71 21.87 -32.12
C LYS K 167 24.17 21.83 -32.53
N ALA K 168 24.89 22.95 -32.40
CA ALA K 168 26.32 23.00 -32.69
C ALA K 168 27.03 22.31 -31.53
N ASN K 169 27.24 21.00 -31.68
CA ASN K 169 27.80 20.21 -30.58
C ASN K 169 29.26 20.57 -30.33
N GLU K 170 30.06 20.66 -31.39
CA GLU K 170 31.51 20.82 -31.22
C GLU K 170 31.83 22.15 -30.54
N TYR K 171 31.20 23.23 -30.98
CA TYR K 171 31.44 24.54 -30.37
C TYR K 171 31.07 24.53 -28.90
N ARG K 172 29.89 23.99 -28.58
CA ARG K 172 29.43 24.00 -27.19
C ARG K 172 30.32 23.13 -26.32
N LEU K 173 30.77 21.99 -26.82
CA LEU K 173 31.68 21.15 -26.04
C LEU K 173 33.02 21.83 -25.82
N ASN K 174 33.63 22.37 -26.88
CA ASN K 174 34.89 23.08 -26.71
C ASN K 174 34.76 24.15 -25.64
N HIS K 175 33.72 24.97 -25.76
CA HIS K 175 33.59 26.10 -24.83
C HIS K 175 33.24 25.61 -23.43
N HIS K 176 32.24 24.74 -23.29
CA HIS K 176 31.89 24.22 -21.98
C HIS K 176 33.10 23.64 -21.28
N LEU K 177 33.74 22.64 -21.88
CA LEU K 177 34.91 22.03 -21.26
C LEU K 177 35.95 23.09 -20.94
N SER K 178 36.58 23.66 -21.97
CA SER K 178 37.71 24.56 -21.72
C SER K 178 37.27 25.75 -20.89
N GLY K 179 36.44 26.64 -21.45
CA GLY K 179 36.01 27.81 -20.73
C GLY K 179 35.38 27.46 -19.39
N LEU K 180 34.21 26.84 -19.37
CA LEU K 180 33.51 26.64 -18.12
C LEU K 180 34.41 25.90 -17.14
N PHE K 181 34.73 24.63 -17.41
CA PHE K 181 35.41 23.84 -16.39
C PHE K 181 36.82 24.37 -16.14
N GLY K 182 37.66 24.42 -17.18
CA GLY K 182 39.05 24.78 -16.96
C GLY K 182 39.23 26.20 -16.47
N VAL K 183 38.57 27.17 -17.12
CA VAL K 183 38.76 28.56 -16.72
C VAL K 183 38.12 28.84 -15.38
N SER K 184 36.98 28.21 -15.06
CA SER K 184 36.43 28.40 -13.72
C SER K 184 37.33 27.78 -12.66
N SER K 185 37.96 26.65 -12.97
CA SER K 185 38.94 26.08 -12.05
C SER K 185 40.17 26.98 -11.93
N LEU K 186 40.59 27.60 -13.04
CA LEU K 186 41.74 28.51 -13.00
C LEU K 186 41.43 29.73 -12.15
N ALA K 187 40.25 30.30 -12.34
CA ALA K 187 39.83 31.44 -11.52
C ALA K 187 39.66 31.04 -10.06
N TRP K 188 39.16 29.82 -9.82
CA TRP K 188 39.03 29.37 -8.44
C TRP K 188 40.39 29.13 -7.80
N THR K 189 41.36 28.65 -8.57
CA THR K 189 42.72 28.55 -8.05
C THR K 189 43.28 29.93 -7.75
N GLY K 190 43.01 30.89 -8.63
CA GLY K 190 43.45 32.26 -8.38
C GLY K 190 42.87 32.81 -7.08
N HIS K 191 41.56 32.63 -6.88
CA HIS K 191 40.96 33.07 -5.62
C HIS K 191 41.52 32.29 -4.44
N LEU K 192 41.54 30.96 -4.54
CA LEU K 192 42.08 30.12 -3.47
C LEU K 192 43.42 30.65 -3.02
N VAL K 193 44.38 30.73 -3.93
CA VAL K 193 45.71 31.24 -3.58
C VAL K 193 45.55 32.64 -2.99
N HIS K 194 45.16 33.60 -3.84
CA HIS K 194 45.27 35.01 -3.50
C HIS K 194 44.58 35.36 -2.18
N VAL K 195 43.33 34.94 -2.03
CA VAL K 195 42.54 35.31 -0.86
C VAL K 195 42.67 34.22 0.20
N ALA K 196 42.26 32.99 -0.14
CA ALA K 196 42.09 31.98 0.88
C ALA K 196 43.42 31.61 1.55
N ILE K 197 44.50 31.49 0.78
CA ILE K 197 45.74 31.00 1.39
C ILE K 197 46.25 31.99 2.44
N PRO K 198 46.38 33.29 2.13
CA PRO K 198 46.81 34.23 3.20
C PRO K 198 45.80 34.38 4.30
N GLU K 199 44.50 34.32 4.01
CA GLU K 199 43.50 34.48 5.06
C GLU K 199 43.56 33.34 6.07
N SER K 200 43.91 32.14 5.63
CA SER K 200 44.17 31.05 6.58
C SER K 200 45.44 31.28 7.36
N ARG K 201 46.30 32.19 6.91
CA ARG K 201 47.55 32.51 7.59
C ARG K 201 47.51 33.89 8.24
N GLY K 202 46.32 34.46 8.40
CA GLY K 202 46.15 35.70 9.12
C GLY K 202 46.29 36.96 8.29
N ILE K 203 46.72 36.86 7.04
CA ILE K 203 46.88 38.01 6.17
C ILE K 203 45.57 38.25 5.43
N HIS K 204 45.02 39.45 5.54
CA HIS K 204 43.76 39.78 4.90
C HIS K 204 44.03 40.26 3.48
N VAL K 205 43.42 39.59 2.51
CA VAL K 205 43.51 39.96 1.10
C VAL K 205 42.10 40.24 0.63
N GLY K 206 41.72 41.52 0.63
CA GLY K 206 40.41 41.94 0.20
C GLY K 206 40.43 42.60 -1.18
N TRP K 207 39.30 43.21 -1.52
CA TRP K 207 39.20 43.93 -2.80
C TRP K 207 39.94 45.25 -2.80
N ASP K 208 40.78 45.54 -1.81
CA ASP K 208 41.62 46.73 -1.83
C ASP K 208 43.10 46.38 -1.99
N ASN K 209 43.65 45.57 -1.09
CA ASN K 209 45.06 45.19 -1.14
C ASN K 209 45.24 43.80 -1.76
N PHE K 210 44.77 43.64 -2.99
CA PHE K 210 45.02 42.41 -3.72
C PHE K 210 45.92 42.61 -4.93
N LEU K 211 46.02 43.83 -5.43
CA LEU K 211 46.98 44.16 -6.48
C LEU K 211 48.36 44.47 -5.92
N THR K 212 48.51 44.50 -4.59
CA THR K 212 49.78 44.81 -3.96
C THR K 212 50.25 43.78 -2.96
N VAL K 213 49.44 42.76 -2.64
CA VAL K 213 49.83 41.70 -1.71
C VAL K 213 50.18 40.48 -2.55
N LEU K 214 51.45 40.10 -2.53
CA LEU K 214 51.91 38.98 -3.34
C LEU K 214 51.42 37.67 -2.75
N PRO K 215 50.73 36.83 -3.52
CA PRO K 215 50.36 35.51 -2.99
C PRO K 215 51.55 34.64 -2.63
N HIS K 216 52.68 34.82 -3.31
CA HIS K 216 53.92 34.14 -2.97
C HIS K 216 55.03 35.17 -2.89
N PRO K 217 55.98 34.99 -1.97
CA PRO K 217 57.06 35.99 -1.84
C PRO K 217 57.85 36.19 -3.12
N GLU K 218 58.07 35.14 -3.91
CA GLU K 218 58.81 35.28 -5.15
C GLU K 218 57.98 35.92 -6.26
N GLY K 219 56.66 35.73 -6.23
CA GLY K 219 55.77 36.53 -7.04
C GLY K 219 55.83 36.31 -8.54
N LEU K 220 55.37 35.14 -9.00
CA LEU K 220 55.21 34.84 -10.42
C LEU K 220 56.54 34.64 -11.13
N THR K 221 57.65 34.92 -10.44
CA THR K 221 58.96 34.63 -11.02
C THR K 221 59.19 33.14 -11.21
N PRO K 222 58.92 32.26 -10.24
CA PRO K 222 59.13 30.82 -10.49
C PRO K 222 58.26 30.27 -11.60
N PHE K 223 57.04 30.77 -11.77
CA PHE K 223 56.16 30.24 -12.80
C PHE K 223 56.74 30.45 -14.19
N PHE K 224 57.13 31.68 -14.50
CA PHE K 224 57.73 31.96 -15.81
C PHE K 224 59.11 31.35 -15.92
N SER K 225 59.88 31.35 -14.83
CA SER K 225 61.22 30.76 -14.84
C SER K 225 61.20 29.24 -14.89
N GLY K 226 60.05 28.61 -14.64
CA GLY K 226 59.96 27.17 -14.62
C GLY K 226 60.33 26.52 -13.31
N ASN K 227 60.78 27.31 -12.32
CA ASN K 227 61.12 26.78 -11.00
C ASN K 227 59.85 26.59 -10.17
N TRP K 228 58.96 25.75 -10.68
CA TRP K 228 57.65 25.57 -10.08
C TRP K 228 57.71 24.94 -8.70
N LYS K 229 58.85 24.33 -8.34
CA LYS K 229 59.01 23.79 -7.00
C LYS K 229 58.98 24.86 -5.93
N ALA K 230 59.30 26.11 -6.29
CA ALA K 230 59.35 27.19 -5.30
C ALA K 230 57.99 27.44 -4.68
N TYR K 231 56.90 27.18 -5.42
CA TYR K 231 55.57 27.36 -4.88
C TYR K 231 55.19 26.27 -3.88
N ALA K 232 55.98 25.20 -3.79
CA ALA K 232 55.72 24.13 -2.84
C ALA K 232 56.63 24.17 -1.63
N GLN K 233 57.68 24.99 -1.65
CA GLN K 233 58.61 25.05 -0.53
C GLN K 233 57.95 25.73 0.67
N ASN K 234 58.32 25.24 1.85
CA ASN K 234 57.85 25.77 3.13
C ASN K 234 56.32 25.73 3.22
N PRO K 235 55.73 24.55 3.32
CA PRO K 235 54.28 24.45 3.49
C PRO K 235 53.88 24.78 4.93
N ASP K 236 52.57 24.76 5.18
CA ASP K 236 52.07 24.98 6.53
C ASP K 236 52.54 23.86 7.45
N THR K 237 53.02 24.22 8.63
CA THR K 237 53.55 23.25 9.57
C THR K 237 52.40 22.48 10.23
N ALA K 238 52.77 21.54 11.10
CA ALA K 238 51.80 20.74 11.82
C ALA K 238 51.25 21.45 13.05
N SER K 239 51.75 22.64 13.37
CA SER K 239 51.25 23.43 14.48
C SER K 239 50.57 24.71 14.01
N HIS K 240 50.08 24.74 12.77
CA HIS K 240 49.47 25.94 12.22
C HIS K 240 48.04 26.08 12.74
N ILE K 241 47.73 27.27 13.26
CA ILE K 241 46.37 27.60 13.68
C ILE K 241 45.67 28.28 12.52
N PHE K 242 44.56 27.70 12.08
CA PHE K 242 43.86 28.22 10.91
C PHE K 242 43.37 29.63 11.16
N GLY K 243 43.53 30.48 10.16
CA GLY K 243 43.15 31.88 10.29
C GLY K 243 44.15 32.75 11.01
N SER K 244 45.29 32.19 11.43
CA SER K 244 46.31 32.92 12.15
C SER K 244 47.68 32.60 11.57
N GLY K 245 48.61 33.52 11.74
CA GLY K 245 49.95 33.36 11.22
C GLY K 245 50.87 32.47 12.02
N GLU K 246 50.39 31.92 13.13
CA GLU K 246 51.23 31.09 13.98
C GLU K 246 51.44 29.72 13.33
N GLY K 247 52.70 29.39 13.06
CA GLY K 247 53.01 28.10 12.45
C GLY K 247 52.64 27.98 11.00
N SER K 248 52.44 29.10 10.30
CA SER K 248 52.03 29.06 8.91
C SER K 248 53.25 28.88 8.00
N GLY K 249 52.99 28.85 6.70
CA GLY K 249 54.05 28.75 5.71
C GLY K 249 53.89 29.75 4.59
N THR K 250 54.67 29.60 3.53
CA THR K 250 54.57 30.48 2.37
C THR K 250 54.18 29.76 1.09
N ALA K 251 54.10 28.43 1.10
CA ALA K 251 53.76 27.68 -0.10
C ALA K 251 52.30 27.92 -0.50
N ILE K 252 52.05 27.77 -1.80
CA ILE K 252 50.70 27.94 -2.32
C ILE K 252 50.19 26.71 -3.06
N LEU K 253 51.07 25.86 -3.59
CA LEU K 253 50.68 24.64 -4.28
C LEU K 253 51.56 23.51 -3.78
N THR K 254 50.97 22.55 -3.07
CA THR K 254 51.74 21.48 -2.45
C THR K 254 51.02 20.15 -2.59
N PHE K 255 51.78 19.07 -2.43
CA PHE K 255 51.22 17.77 -2.09
C PHE K 255 51.47 17.52 -0.61
N LEU K 256 50.41 17.36 0.13
CA LEU K 256 50.59 16.94 1.51
C LEU K 256 49.77 15.71 1.84
N GLY K 257 48.57 15.58 1.26
CA GLY K 257 47.72 14.45 1.54
C GLY K 257 47.15 14.51 2.94
N GLY K 258 46.12 13.73 3.22
CA GLY K 258 45.58 13.75 4.56
C GLY K 258 44.89 15.06 4.87
N PHE K 259 44.88 15.40 6.15
CA PHE K 259 44.10 16.53 6.64
C PHE K 259 44.98 17.50 7.42
N HIS K 260 44.47 18.72 7.57
CA HIS K 260 45.10 19.69 8.44
C HIS K 260 45.07 19.17 9.87
N PRO K 261 46.18 19.26 10.61
CA PRO K 261 46.19 18.72 11.99
C PRO K 261 45.22 19.42 12.92
N GLN K 262 44.84 20.67 12.64
CA GLN K 262 43.96 21.44 13.51
C GLN K 262 42.51 21.40 13.05
N THR K 263 42.24 21.74 11.79
CA THR K 263 40.88 21.76 11.29
C THR K 263 40.36 20.38 10.87
N LYS K 264 41.25 19.38 10.78
CA LYS K 264 40.88 18.04 10.34
C LYS K 264 40.19 18.08 8.97
N SER K 265 40.78 18.86 8.06
CA SER K 265 40.25 19.02 6.71
C SER K 265 41.42 19.12 5.74
N LEU K 266 41.10 19.04 4.45
CA LEU K 266 42.13 19.05 3.42
C LEU K 266 42.90 20.37 3.46
N TRP K 267 44.18 20.28 3.10
CA TRP K 267 45.02 21.47 3.05
C TRP K 267 44.54 22.41 1.95
N LEU K 268 44.51 23.71 2.26
CA LEU K 268 44.13 24.69 1.25
C LEU K 268 45.10 24.69 0.09
N THR K 269 46.39 24.50 0.37
CA THR K 269 47.37 24.40 -0.70
C THR K 269 47.18 23.14 -1.54
N ASP K 270 46.67 22.07 -0.93
CA ASP K 270 46.32 20.87 -1.69
C ASP K 270 45.20 21.15 -2.68
N MET K 271 44.17 21.86 -2.23
CA MET K 271 43.00 22.10 -3.08
C MET K 271 43.31 23.10 -4.19
N ALA K 272 44.15 24.11 -3.90
CA ALA K 272 44.57 25.03 -4.95
C ALA K 272 45.35 24.31 -6.04
N HIS K 273 46.27 23.43 -5.65
CA HIS K 273 47.01 22.63 -6.62
C HIS K 273 46.07 21.72 -7.40
N HIS K 274 45.09 21.12 -6.71
CA HIS K 274 44.11 20.27 -7.37
C HIS K 274 43.35 21.04 -8.45
N HIS K 275 42.88 22.24 -8.11
CA HIS K 275 42.09 23.01 -9.07
C HIS K 275 42.97 23.53 -10.21
N LEU K 276 44.23 23.84 -9.93
CA LEU K 276 45.13 24.23 -11.02
C LEU K 276 45.36 23.08 -11.99
N ALA K 277 45.58 21.88 -11.47
CA ALA K 277 45.75 20.72 -12.34
C ALA K 277 44.49 20.45 -13.14
N ILE K 278 43.33 20.52 -12.49
CA ILE K 278 42.06 20.31 -13.18
C ILE K 278 41.85 21.36 -14.25
N ALA K 279 42.21 22.61 -13.96
CA ALA K 279 42.07 23.69 -14.92
C ALA K 279 42.92 23.44 -16.15
N VAL K 280 44.19 23.06 -15.94
CA VAL K 280 45.08 22.80 -17.08
C VAL K 280 44.53 21.64 -17.90
N LEU K 281 44.11 20.56 -17.23
CA LEU K 281 43.62 19.40 -17.95
C LEU K 281 42.37 19.72 -18.77
N PHE K 282 41.43 20.47 -18.18
CA PHE K 282 40.19 20.75 -18.89
C PHE K 282 40.39 21.77 -20.00
N ILE K 283 41.27 22.75 -19.80
CA ILE K 283 41.58 23.69 -20.87
C ILE K 283 42.22 22.94 -22.04
N VAL K 284 43.11 22.00 -21.75
CA VAL K 284 43.70 21.19 -22.82
C VAL K 284 42.62 20.37 -23.53
N ALA K 285 41.76 19.72 -22.75
CA ALA K 285 40.74 18.85 -23.32
C ALA K 285 39.66 19.62 -24.07
N GLY K 286 39.57 20.93 -23.87
CA GLY K 286 38.58 21.73 -24.55
C GLY K 286 38.92 22.09 -25.98
N HIS K 287 40.08 21.66 -26.48
CA HIS K 287 40.48 21.91 -27.85
C HIS K 287 40.26 20.70 -28.75
N MET K 288 39.53 19.70 -28.27
CA MET K 288 39.45 18.43 -28.99
C MET K 288 38.62 18.56 -30.26
N TYR K 289 37.48 19.23 -30.20
CA TYR K 289 36.51 19.18 -31.27
C TYR K 289 36.71 20.32 -32.26
N ARG K 290 36.28 20.09 -33.50
CA ARG K 290 36.59 20.97 -34.60
C ARG K 290 35.71 22.21 -34.59
N THR K 291 36.32 23.33 -34.96
CA THR K 291 35.63 24.62 -35.07
C THR K 291 36.18 25.29 -36.33
N ASN K 292 35.98 26.61 -36.43
CA ASN K 292 36.21 27.35 -37.67
C ASN K 292 37.66 27.38 -38.13
N TRP K 293 38.57 26.67 -37.45
CA TRP K 293 39.99 26.76 -37.78
C TRP K 293 40.58 25.41 -38.19
N LEU K 294 39.78 24.57 -38.85
CA LEU K 294 40.21 23.42 -39.65
C LEU K 294 40.84 22.29 -38.86
N ILE K 295 41.05 22.43 -37.55
CA ILE K 295 41.64 21.37 -36.75
C ILE K 295 40.66 21.00 -35.64
N GLY K 296 40.71 19.74 -35.24
CA GLY K 296 39.84 19.22 -34.22
C GLY K 296 39.15 17.96 -34.70
N HIS K 297 38.05 17.63 -34.04
CA HIS K 297 37.33 16.40 -34.31
C HIS K 297 35.89 16.70 -34.73
N GLN K 298 35.37 15.88 -35.64
CA GLN K 298 33.96 15.86 -35.97
C GLN K 298 33.38 14.60 -35.35
N MET K 299 32.56 14.78 -34.32
CA MET K 299 32.11 13.65 -33.52
C MET K 299 31.23 12.69 -34.30
N LYS K 300 30.59 13.15 -35.37
CA LYS K 300 29.87 12.24 -36.24
C LYS K 300 30.81 11.19 -36.81
N LEU K 301 32.00 11.62 -37.27
CA LEU K 301 32.97 10.68 -37.81
C LEU K 301 33.48 9.73 -36.73
N ILE K 302 33.73 10.26 -35.53
CA ILE K 302 34.22 9.42 -34.43
C ILE K 302 33.19 8.34 -34.10
N LEU K 303 31.92 8.73 -33.99
CA LEU K 303 30.87 7.76 -33.69
C LEU K 303 30.71 6.74 -34.80
N GLU K 304 30.74 7.19 -36.06
CA GLU K 304 30.52 6.28 -37.17
C GLU K 304 31.67 5.30 -37.35
N ALA K 305 32.91 5.73 -37.05
CA ALA K 305 34.06 4.87 -37.27
C ALA K 305 34.24 3.81 -36.19
N HIS K 306 33.44 3.86 -35.12
CA HIS K 306 33.63 2.96 -33.98
C HIS K 306 32.69 1.77 -34.10
N ARG K 307 33.06 0.84 -34.99
CA ARG K 307 32.37 -0.44 -35.13
C ARG K 307 33.42 -1.52 -34.98
N PRO K 308 33.30 -2.41 -34.00
CA PRO K 308 34.27 -3.49 -33.85
C PRO K 308 34.37 -4.32 -35.11
N PRO K 309 35.58 -4.67 -35.55
CA PRO K 309 35.72 -5.32 -36.85
C PRO K 309 35.14 -6.72 -36.90
N GLY K 310 35.34 -7.52 -35.85
CA GLY K 310 34.72 -8.84 -35.83
C GLY K 310 33.20 -8.75 -35.87
N GLY K 311 32.64 -7.79 -35.14
CA GLY K 311 31.22 -7.51 -35.20
C GLY K 311 30.48 -8.12 -34.03
N ARG K 312 30.27 -7.33 -32.99
CA ARG K 312 29.47 -7.74 -31.84
C ARG K 312 28.56 -6.64 -31.34
N LEU K 313 28.76 -5.39 -31.76
CA LEU K 313 27.87 -4.28 -31.47
C LEU K 313 27.02 -3.89 -32.66
N GLY K 314 26.88 -4.79 -33.62
CA GLY K 314 26.11 -4.48 -34.82
C GLY K 314 26.92 -3.62 -35.76
N ILE K 315 26.34 -2.48 -36.15
CA ILE K 315 27.04 -1.53 -37.01
C ILE K 315 27.75 -0.44 -36.23
N GLY K 316 27.75 -0.53 -34.89
CA GLY K 316 28.45 0.45 -34.09
C GLY K 316 27.59 1.61 -33.64
N HIS K 317 28.16 2.82 -33.69
CA HIS K 317 27.51 4.04 -33.22
C HIS K 317 27.18 4.99 -34.36
N ILE K 318 26.86 4.45 -35.55
CA ILE K 318 26.73 5.28 -36.74
C ILE K 318 25.58 6.27 -36.61
N GLY K 319 24.43 5.81 -36.12
CA GLY K 319 23.25 6.63 -36.03
C GLY K 319 23.09 7.38 -34.73
N LEU K 320 24.09 7.33 -33.85
CA LEU K 320 23.95 7.94 -32.53
C LEU K 320 24.06 9.46 -32.58
N TYR K 321 24.83 10.01 -33.51
CA TYR K 321 25.02 11.46 -33.54
C TYR K 321 23.69 12.18 -33.81
N GLU K 322 23.00 11.77 -34.88
CA GLU K 322 21.71 12.39 -35.19
C GLU K 322 20.66 12.03 -34.15
N THR K 323 20.78 10.86 -33.52
CA THR K 323 19.84 10.48 -32.48
C THR K 323 19.94 11.39 -31.27
N ILE K 324 21.17 11.62 -30.78
CA ILE K 324 21.35 12.46 -29.60
C ILE K 324 21.09 13.93 -29.94
N THR K 325 21.58 14.39 -31.10
CA THR K 325 21.46 15.80 -31.44
C THR K 325 20.00 16.22 -31.55
N ASN K 326 19.16 15.39 -32.17
CA ASN K 326 17.78 15.74 -32.43
C ASN K 326 16.85 15.45 -31.25
N SER K 327 17.36 14.86 -30.17
CA SER K 327 16.54 14.52 -29.01
C SER K 327 17.06 15.28 -27.79
N LEU K 328 16.17 16.03 -27.14
CA LEU K 328 16.50 16.71 -25.90
C LEU K 328 16.32 15.84 -24.68
N HIS K 329 15.63 14.69 -24.81
CA HIS K 329 15.46 13.79 -23.69
C HIS K 329 16.63 12.84 -23.53
N PHE K 330 17.29 12.45 -24.63
CA PHE K 330 18.53 11.69 -24.53
C PHE K 330 19.60 12.49 -23.80
N GLN K 331 19.80 13.75 -24.22
CA GLN K 331 20.78 14.61 -23.57
C GLN K 331 20.42 14.87 -22.12
N LEU K 332 19.14 15.10 -21.84
CA LEU K 332 18.71 15.32 -20.47
C LEU K 332 18.95 14.10 -19.61
N GLY K 333 18.67 12.91 -20.13
CA GLY K 333 18.94 11.69 -19.39
C GLY K 333 20.42 11.50 -19.11
N LEU K 334 21.26 11.75 -20.11
CA LEU K 334 22.70 11.64 -19.91
C LEU K 334 23.18 12.63 -18.84
N ALA K 335 22.72 13.88 -18.93
CA ALA K 335 23.12 14.89 -17.96
C ALA K 335 22.66 14.53 -16.57
N LEU K 336 21.43 14.02 -16.44
CA LEU K 336 20.90 13.66 -15.13
C LEU K 336 21.66 12.48 -14.54
N ALA K 337 22.01 11.49 -15.37
CA ALA K 337 22.78 10.36 -14.86
C ALA K 337 24.16 10.81 -14.39
N ALA K 338 24.81 11.67 -15.18
CA ALA K 338 26.12 12.18 -14.78
C ALA K 338 26.03 13.00 -13.50
N LEU K 339 25.00 13.83 -13.38
CA LEU K 339 24.83 14.64 -12.17
C LEU K 339 24.54 13.76 -10.97
N GLY K 340 23.74 12.70 -11.14
CA GLY K 340 23.47 11.81 -10.04
C GLY K 340 24.73 11.11 -9.55
N VAL K 341 25.55 10.62 -10.48
CA VAL K 341 26.82 10.01 -10.09
C VAL K 341 27.72 11.04 -9.41
N ALA K 342 27.72 12.27 -9.94
CA ALA K 342 28.58 13.31 -9.37
C ALA K 342 28.17 13.67 -7.95
N THR K 343 26.88 13.80 -7.70
CA THR K 343 26.44 14.15 -6.35
C THR K 343 26.54 12.97 -5.39
N SER K 344 26.40 11.73 -5.89
CA SER K 344 26.76 10.59 -5.07
C SER K 344 28.23 10.66 -4.68
N LEU K 345 29.08 11.05 -5.63
CA LEU K 345 30.51 11.22 -5.33
C LEU K 345 30.73 12.30 -4.28
N THR K 346 30.01 13.43 -4.40
CA THR K 346 30.13 14.49 -3.41
C THR K 346 29.76 13.98 -2.03
N ALA K 347 28.64 13.26 -1.93
CA ALA K 347 28.22 12.72 -0.63
C ALA K 347 29.26 11.75 -0.09
N GLN K 348 29.79 10.87 -0.93
CA GLN K 348 30.71 9.85 -0.46
C GLN K 348 32.10 10.40 -0.14
N HIS K 349 32.46 11.56 -0.69
CA HIS K 349 33.80 12.09 -0.46
C HIS K 349 33.85 13.24 0.54
N MET K 350 32.76 13.97 0.73
CA MET K 350 32.78 15.08 1.67
C MET K 350 32.66 14.63 3.13
N TYR K 351 32.37 13.35 3.37
CA TYR K 351 32.44 12.81 4.72
C TYR K 351 33.74 12.07 4.99
N ALA K 352 34.26 11.35 3.99
CA ALA K 352 35.53 10.66 4.17
C ALA K 352 36.70 11.64 4.08
N LEU K 353 36.59 12.64 3.22
CA LEU K 353 37.64 13.65 3.02
C LEU K 353 37.00 15.01 3.20
N PRO K 354 36.76 15.43 4.45
CA PRO K 354 36.14 16.73 4.70
C PRO K 354 37.00 17.85 4.16
N PRO K 355 36.45 18.70 3.29
CA PRO K 355 37.24 19.75 2.66
C PRO K 355 37.21 21.10 3.36
N TYR K 356 36.34 21.29 4.35
CA TYR K 356 36.14 22.58 4.99
C TYR K 356 36.57 22.53 6.45
N ALA K 357 37.12 23.64 6.91
CA ALA K 357 37.67 23.71 8.26
C ALA K 357 36.58 23.51 9.30
N PHE K 358 36.87 22.65 10.28
CA PHE K 358 36.00 22.37 11.42
C PHE K 358 34.65 21.78 11.02
N LEU K 359 34.53 21.29 9.79
CA LEU K 359 33.32 20.61 9.37
C LEU K 359 33.23 19.18 9.88
N ALA K 360 34.37 18.56 10.18
CA ALA K 360 34.37 17.18 10.67
C ALA K 360 33.71 17.09 12.04
N SER K 361 33.85 18.10 12.88
CA SER K 361 33.28 18.11 14.22
C SER K 361 31.86 18.62 14.26
N ASN K 362 31.29 18.99 13.11
CA ASN K 362 29.90 19.45 13.03
C ASN K 362 29.04 18.26 12.59
N PHE K 363 28.78 17.38 13.56
CA PHE K 363 28.08 16.14 13.25
C PHE K 363 26.70 16.34 12.65
N PRO K 364 25.82 17.20 13.19
CA PRO K 364 24.51 17.39 12.55
C PRO K 364 24.60 17.85 11.10
N THR K 365 25.52 18.77 10.80
CA THR K 365 25.67 19.22 9.42
C THR K 365 26.27 18.14 8.54
N GLN K 366 27.18 17.32 9.08
CA GLN K 366 27.69 16.19 8.32
C GLN K 366 26.56 15.25 7.90
N ALA K 367 25.73 14.86 8.87
CA ALA K 367 24.62 13.97 8.57
C ALA K 367 23.64 14.61 7.59
N ALA K 368 23.31 15.88 7.80
CA ALA K 368 22.38 16.57 6.92
C ALA K 368 22.93 16.65 5.49
N LEU K 369 24.21 16.98 5.35
CA LEU K 369 24.80 17.10 4.02
C LEU K 369 24.81 15.75 3.30
N TYR K 370 25.22 14.69 4.00
CA TYR K 370 25.27 13.39 3.35
C TYR K 370 23.87 12.93 2.94
N THR K 371 22.89 13.09 3.83
CA THR K 371 21.53 12.68 3.51
C THR K 371 20.97 13.49 2.35
N HIS K 372 21.17 14.81 2.37
CA HIS K 372 20.68 15.67 1.31
C HIS K 372 21.25 15.27 -0.03
N HIS K 373 22.57 15.08 -0.09
CA HIS K 373 23.19 14.77 -1.37
C HIS K 373 22.82 13.37 -1.86
N GLN K 374 22.66 12.41 -0.96
CA GLN K 374 22.26 11.07 -1.41
C GLN K 374 20.82 11.08 -1.93
N TYR K 375 19.93 11.82 -1.28
CA TYR K 375 18.56 11.91 -1.78
C TYR K 375 18.53 12.60 -3.14
N ILE K 376 19.30 13.68 -3.29
CA ILE K 376 19.37 14.35 -4.59
C ILE K 376 19.94 13.41 -5.64
N ALA K 377 20.90 12.57 -5.25
CA ALA K 377 21.48 11.61 -6.19
C ALA K 377 20.44 10.60 -6.67
N GLY K 378 19.65 10.07 -5.75
CA GLY K 378 18.60 9.14 -6.13
C GLY K 378 17.59 9.79 -7.06
N PHE K 379 17.19 11.03 -6.73
CA PHE K 379 16.25 11.74 -7.58
C PHE K 379 16.81 11.93 -8.99
N LEU K 380 18.08 12.32 -9.08
CA LEU K 380 18.68 12.56 -10.39
C LEU K 380 18.79 11.28 -11.19
N MET K 381 19.12 10.17 -10.54
CA MET K 381 19.22 8.90 -11.27
C MET K 381 17.85 8.47 -11.80
N VAL K 382 16.82 8.58 -10.96
CA VAL K 382 15.48 8.22 -11.42
C VAL K 382 15.04 9.12 -12.56
N GLY K 383 15.41 10.40 -12.48
CA GLY K 383 15.07 11.31 -13.57
C GLY K 383 15.79 10.98 -14.86
N ALA K 384 17.05 10.57 -14.76
CA ALA K 384 17.80 10.15 -15.95
C ALA K 384 17.12 8.97 -16.62
N PHE K 385 16.72 7.97 -15.82
CA PHE K 385 16.07 6.81 -16.43
C PHE K 385 14.69 7.15 -16.98
N ALA K 386 13.95 8.03 -16.29
CA ALA K 386 12.65 8.45 -16.78
C ALA K 386 12.78 9.18 -18.12
N HIS K 387 13.79 10.03 -18.25
CA HIS K 387 13.96 10.73 -19.51
C HIS K 387 14.51 9.83 -20.61
N GLY K 388 15.26 8.78 -20.25
CA GLY K 388 15.58 7.76 -21.24
C GLY K 388 14.33 7.08 -21.76
N ALA K 389 13.40 6.75 -20.86
CA ALA K 389 12.13 6.17 -21.28
C ALA K 389 11.34 7.12 -22.17
N ILE K 390 11.34 8.41 -21.82
CA ILE K 390 10.64 9.41 -22.63
C ILE K 390 11.27 9.50 -24.02
N PHE K 391 12.61 9.45 -24.09
CA PHE K 391 13.28 9.42 -25.38
C PHE K 391 12.85 8.22 -26.20
N PHE K 392 12.77 7.05 -25.56
CA PHE K 392 12.31 5.87 -26.27
C PHE K 392 10.90 6.06 -26.82
N VAL K 393 10.01 6.66 -26.02
CA VAL K 393 8.63 6.82 -26.43
C VAL K 393 8.50 7.78 -27.59
N ARG K 394 9.10 8.97 -27.47
CA ARG K 394 8.75 10.08 -28.34
C ARG K 394 9.87 10.59 -29.24
N ASP K 395 11.13 10.21 -29.00
CA ASP K 395 12.23 10.71 -29.80
C ASP K 395 12.98 9.63 -30.57
N TYR K 396 12.88 8.36 -30.16
CA TYR K 396 13.64 7.30 -30.80
C TYR K 396 13.08 6.98 -32.18
N ASP K 397 13.96 6.91 -33.17
CA ASP K 397 13.58 6.55 -34.54
C ASP K 397 14.34 5.30 -34.95
N PRO K 398 13.68 4.15 -35.12
CA PRO K 398 14.41 2.93 -35.51
C PRO K 398 15.11 3.04 -36.84
N ALA K 399 14.59 3.84 -37.78
CA ALA K 399 15.21 3.96 -39.09
C ALA K 399 16.59 4.59 -39.02
N VAL K 400 16.75 5.60 -38.17
CA VAL K 400 18.04 6.27 -38.04
C VAL K 400 19.08 5.33 -37.44
N ASN K 401 18.66 4.51 -36.47
CA ASN K 401 19.55 3.60 -35.78
C ASN K 401 19.67 2.24 -36.46
N THR K 402 19.30 2.15 -37.73
CA THR K 402 19.37 0.90 -38.49
C THR K 402 19.93 1.19 -39.87
N ARG K 403 20.88 0.36 -40.31
CA ARG K 403 21.48 0.47 -41.63
C ARG K 403 21.39 -0.87 -42.32
N ASN K 404 20.51 -0.97 -43.32
CA ASN K 404 20.35 -2.17 -44.13
C ASN K 404 20.01 -3.39 -43.28
N GLY K 405 19.01 -3.25 -42.40
CA GLY K 405 18.57 -4.34 -41.58
C GLY K 405 19.34 -4.47 -40.27
N GLU K 406 20.67 -4.32 -40.34
CA GLU K 406 21.48 -4.37 -39.14
C GLU K 406 21.22 -3.15 -38.26
N LYS K 407 21.25 -3.36 -36.95
CA LYS K 407 20.92 -2.32 -35.98
C LYS K 407 22.17 -1.83 -35.27
N ASN K 408 22.15 -0.55 -34.89
CA ASN K 408 23.31 0.07 -34.26
C ASN K 408 23.36 -0.30 -32.80
N VAL K 409 24.27 0.34 -32.05
CA VAL K 409 24.52 -0.05 -30.67
C VAL K 409 23.30 0.22 -29.80
N LEU K 410 22.53 1.27 -30.11
CA LEU K 410 21.37 1.59 -29.28
C LEU K 410 20.16 0.75 -29.66
N ALA K 411 19.93 0.56 -30.96
CA ALA K 411 18.79 -0.24 -31.40
C ALA K 411 18.92 -1.70 -30.98
N ARG K 412 20.15 -2.19 -30.80
CA ARG K 412 20.34 -3.57 -30.33
C ARG K 412 19.98 -3.76 -28.88
N MET K 413 19.84 -2.68 -28.11
CA MET K 413 19.40 -2.80 -26.72
C MET K 413 17.94 -3.22 -26.63
N LEU K 414 17.17 -3.01 -27.69
CA LEU K 414 15.78 -3.44 -27.75
C LEU K 414 15.62 -4.84 -28.30
N GLU K 415 16.70 -5.47 -28.77
CA GLU K 415 16.63 -6.83 -29.26
C GLU K 415 16.82 -7.84 -28.13
N HIS K 416 17.85 -7.66 -27.31
CA HIS K 416 18.03 -8.47 -26.10
C HIS K 416 17.46 -7.79 -24.87
N LYS K 417 16.40 -7.00 -25.03
CA LYS K 417 15.76 -6.37 -23.89
C LYS K 417 15.23 -7.41 -22.91
N GLU K 418 14.70 -8.52 -23.43
CA GLU K 418 14.22 -9.59 -22.56
C GLU K 418 15.38 -10.20 -21.77
N ALA K 419 16.54 -10.37 -22.41
CA ALA K 419 17.70 -10.87 -21.70
C ALA K 419 18.12 -9.91 -20.59
N ILE K 420 18.16 -8.62 -20.90
CA ILE K 420 18.56 -7.62 -19.90
C ILE K 420 17.60 -7.64 -18.72
N ILE K 421 16.30 -7.63 -19.00
CA ILE K 421 15.31 -7.58 -17.94
C ILE K 421 15.33 -8.87 -17.12
N SER K 422 15.46 -10.01 -17.79
CA SER K 422 15.51 -11.28 -17.09
C SER K 422 16.71 -11.37 -16.17
N HIS K 423 17.87 -10.89 -16.62
CA HIS K 423 19.05 -10.97 -15.77
C HIS K 423 19.02 -9.94 -14.65
N LEU K 424 18.45 -8.75 -14.88
CA LEU K 424 18.23 -7.82 -13.79
C LEU K 424 17.30 -8.43 -12.75
N SER K 425 16.23 -9.10 -13.20
CA SER K 425 15.32 -9.76 -12.28
C SER K 425 16.03 -10.87 -11.51
N TRP K 426 16.88 -11.64 -12.19
CA TRP K 426 17.61 -12.70 -11.50
C TRP K 426 18.54 -12.14 -10.44
N VAL K 427 19.28 -11.07 -10.77
CA VAL K 427 20.18 -10.48 -9.79
C VAL K 427 19.40 -9.93 -8.60
N SER K 428 18.28 -9.25 -8.88
CA SER K 428 17.47 -8.69 -7.81
C SER K 428 16.94 -9.79 -6.90
N LEU K 429 16.41 -10.87 -7.49
CA LEU K 429 15.88 -11.98 -6.69
C LEU K 429 16.99 -12.65 -5.90
N PHE K 430 18.15 -12.86 -6.52
CA PHE K 430 19.30 -13.48 -5.85
C PHE K 430 19.69 -12.67 -4.61
N LEU K 431 19.94 -11.37 -4.81
CA LEU K 431 20.37 -10.53 -3.71
C LEU K 431 19.30 -10.42 -2.64
N GLY K 432 18.04 -10.23 -3.04
CA GLY K 432 16.98 -10.09 -2.04
C GLY K 432 16.81 -11.36 -1.23
N PHE K 433 16.66 -12.49 -1.91
CA PHE K 433 16.52 -13.77 -1.24
C PHE K 433 17.62 -13.98 -0.22
N HIS K 434 18.88 -13.76 -0.62
CA HIS K 434 19.96 -14.19 0.26
C HIS K 434 20.29 -13.16 1.32
N THR K 435 20.20 -11.86 1.00
CA THR K 435 20.37 -10.85 2.03
C THR K 435 19.29 -10.97 3.10
N LEU K 436 18.03 -11.13 2.67
CA LEU K 436 16.96 -11.31 3.64
C LEU K 436 17.13 -12.62 4.40
N GLY K 437 17.60 -13.67 3.73
CA GLY K 437 17.80 -14.94 4.41
C GLY K 437 18.84 -14.84 5.50
N ILE K 438 19.98 -14.21 5.20
CA ILE K 438 21.03 -14.06 6.20
C ILE K 438 20.56 -13.15 7.34
N TYR K 439 19.87 -12.06 7.01
CA TYR K 439 19.38 -11.16 8.04
C TYR K 439 18.38 -11.84 8.96
N VAL K 440 17.44 -12.61 8.39
CA VAL K 440 16.45 -13.30 9.20
C VAL K 440 17.08 -14.45 9.98
N HIS K 441 18.09 -15.11 9.40
CA HIS K 441 18.82 -16.12 10.15
C HIS K 441 19.48 -15.52 11.37
N ASN K 442 20.12 -14.36 11.20
CA ASN K 442 20.71 -13.68 12.35
C ASN K 442 19.64 -13.25 13.35
N ASP K 443 18.51 -12.74 12.86
CA ASP K 443 17.40 -12.37 13.74
C ASP K 443 16.97 -13.55 14.61
N VAL K 444 16.68 -14.68 13.98
CA VAL K 444 16.15 -15.83 14.71
C VAL K 444 17.22 -16.39 15.65
N VAL K 445 18.46 -16.48 15.18
CA VAL K 445 19.52 -17.08 15.98
C VAL K 445 19.83 -16.21 17.21
N VAL K 446 19.90 -14.90 17.04
CA VAL K 446 20.15 -14.01 18.17
C VAL K 446 18.95 -14.02 19.12
N ALA K 447 17.73 -14.01 18.57
CA ALA K 447 16.54 -14.02 19.41
C ALA K 447 16.51 -15.24 20.30
N PHE K 448 16.89 -16.39 19.78
CA PHE K 448 16.93 -17.62 20.57
C PHE K 448 18.09 -17.65 21.56
N GLY K 449 18.82 -16.55 21.71
CA GLY K 449 19.83 -16.44 22.74
C GLY K 449 21.16 -17.10 22.42
N GLN K 450 21.43 -17.38 21.15
CA GLN K 450 22.67 -18.06 20.74
C GLN K 450 23.34 -17.28 19.62
N PRO K 451 23.84 -16.08 19.92
CA PRO K 451 24.40 -15.23 18.85
C PRO K 451 25.61 -15.83 18.16
N GLU K 452 26.25 -16.85 18.75
CA GLU K 452 27.43 -17.46 18.13
C GLU K 452 27.11 -18.18 16.83
N LYS K 453 25.85 -18.56 16.61
CA LYS K 453 25.45 -19.25 15.40
C LYS K 453 25.11 -18.29 14.26
N GLN K 454 25.43 -17.01 14.41
CA GLN K 454 25.17 -16.03 13.36
C GLN K 454 26.06 -16.31 12.15
N ILE K 455 25.54 -15.95 10.98
CA ILE K 455 26.33 -15.99 9.75
C ILE K 455 26.90 -14.60 9.54
N LEU K 456 28.19 -14.44 9.79
CA LEU K 456 28.88 -13.16 9.68
C LEU K 456 30.01 -13.31 8.69
N VAL K 457 29.88 -12.66 7.52
CA VAL K 457 30.85 -12.75 6.45
C VAL K 457 31.74 -11.51 6.52
N GLU K 458 33.04 -11.73 6.69
CA GLU K 458 33.98 -10.62 6.74
C GLU K 458 34.13 -10.03 5.34
N PRO K 459 33.92 -8.73 5.17
CA PRO K 459 34.07 -8.13 3.84
C PRO K 459 35.52 -8.05 3.40
N LEU K 460 36.09 -9.21 3.04
CA LEU K 460 37.52 -9.25 2.73
C LEU K 460 37.84 -8.48 1.46
N PHE K 461 36.93 -8.49 0.48
CA PHE K 461 37.20 -7.78 -0.77
C PHE K 461 37.31 -6.28 -0.53
N ALA K 462 36.43 -5.72 0.30
CA ALA K 462 36.49 -4.30 0.59
C ALA K 462 37.63 -3.96 1.54
N GLU K 463 37.90 -4.84 2.51
CA GLU K 463 39.05 -4.64 3.38
C GLU K 463 40.35 -4.76 2.60
N TRP K 464 40.36 -5.57 1.54
CA TRP K 464 41.51 -5.64 0.66
C TRP K 464 41.78 -4.29 0.01
N ILE K 465 40.73 -3.60 -0.41
CA ILE K 465 40.89 -2.28 -1.01
C ILE K 465 41.41 -1.28 0.02
N GLN K 466 40.90 -1.34 1.25
CA GLN K 466 41.37 -0.44 2.29
C GLN K 466 42.86 -0.65 2.56
N ALA K 467 43.30 -1.89 2.61
CA ALA K 467 44.72 -2.18 2.79
C ALA K 467 45.54 -1.69 1.61
N ALA K 468 44.97 -1.77 0.40
CA ALA K 468 45.69 -1.31 -0.78
C ALA K 468 45.97 0.19 -0.73
N SER K 469 45.11 0.95 -0.07
CA SER K 469 45.29 2.39 0.07
C SER K 469 46.11 2.76 1.30
N GLY K 470 46.57 1.78 2.08
CA GLY K 470 47.48 2.05 3.18
C GLY K 470 46.96 1.72 4.56
N LYS K 471 45.75 1.19 4.72
CA LYS K 471 45.21 0.92 6.06
C LYS K 471 45.85 -0.36 6.59
N THR K 472 46.65 -0.22 7.64
CA THR K 472 47.27 -1.36 8.30
C THR K 472 46.43 -1.76 9.51
N LEU K 473 45.26 -2.32 9.20
CA LEU K 473 44.31 -2.71 10.23
C LEU K 473 43.86 -4.16 10.03
N TYR K 474 43.92 -4.64 8.80
CA TYR K 474 43.47 -5.99 8.46
C TYR K 474 44.63 -6.94 8.21
N ASN K 475 45.87 -6.49 8.43
CA ASN K 475 47.05 -7.34 8.30
C ASN K 475 47.12 -7.98 6.93
N PHE K 476 47.00 -7.16 5.89
CA PHE K 476 47.09 -7.64 4.51
C PHE K 476 48.45 -7.39 3.88
N ASP K 477 49.14 -6.30 4.25
CA ASP K 477 50.49 -6.02 3.76
C ASP K 477 50.54 -6.02 2.24
N LEU K 478 49.59 -5.31 1.63
CA LEU K 478 49.33 -5.52 0.21
C LEU K 478 50.06 -4.56 -0.73
N LEU K 479 49.68 -3.28 -0.75
CA LEU K 479 50.34 -2.35 -1.65
C LEU K 479 50.91 -1.14 -0.93
N LEU K 480 50.06 -0.42 -0.21
CA LEU K 480 50.49 0.73 0.59
C LEU K 480 50.57 0.40 2.07
N ALA K 481 50.00 -0.73 2.49
CA ALA K 481 50.30 -1.28 3.81
C ALA K 481 51.70 -1.86 3.88
N SER K 482 52.38 -2.01 2.74
CA SER K 482 53.76 -2.46 2.69
C SER K 482 54.67 -1.29 2.36
N SER K 483 55.80 -1.19 3.06
CA SER K 483 56.77 -0.16 2.79
C SER K 483 57.75 -0.52 1.69
N ASN K 484 57.72 -1.76 1.20
CA ASN K 484 58.63 -2.22 0.16
C ASN K 484 57.98 -2.33 -1.20
N SER K 485 56.65 -2.25 -1.28
CA SER K 485 55.98 -2.34 -2.56
C SER K 485 56.30 -1.14 -3.43
N PRO K 486 56.36 -1.31 -4.75
CA PRO K 486 56.66 -0.18 -5.63
C PRO K 486 55.66 0.95 -5.53
N ALA K 487 54.41 0.64 -5.15
CA ALA K 487 53.41 1.69 -4.98
C ALA K 487 53.77 2.63 -3.84
N SER K 488 54.41 2.10 -2.79
CA SER K 488 54.76 2.93 -1.64
C SER K 488 56.07 3.69 -1.87
N VAL K 489 57.09 3.03 -2.43
CA VAL K 489 58.35 3.71 -2.66
C VAL K 489 58.17 4.87 -3.64
N ALA K 490 57.21 4.75 -4.55
CA ALA K 490 57.03 5.78 -5.58
C ALA K 490 56.57 7.10 -4.99
N SER K 491 55.65 7.07 -4.01
CA SER K 491 55.11 8.30 -3.43
C SER K 491 55.55 8.49 -1.98
N SER K 492 56.61 7.80 -1.55
CA SER K 492 57.08 7.95 -0.18
C SER K 492 57.54 9.36 0.13
N GLN K 493 57.81 10.17 -0.89
CA GLN K 493 58.29 11.52 -0.71
C GLN K 493 57.30 12.58 -1.12
N LEU K 494 56.10 12.21 -1.58
CA LEU K 494 55.15 13.17 -2.12
C LEU K 494 53.90 13.31 -1.26
N TRP K 495 53.13 12.24 -1.08
CA TRP K 495 51.88 12.37 -0.34
C TRP K 495 51.55 11.19 0.56
N LEU K 496 52.39 10.16 0.66
CA LEU K 496 52.09 9.07 1.59
C LEU K 496 52.14 9.50 3.05
N PRO K 497 53.14 10.25 3.53
CA PRO K 497 53.15 10.58 4.96
C PRO K 497 51.88 11.28 5.42
N GLY K 498 51.34 12.18 4.61
CA GLY K 498 50.05 12.77 4.93
C GLY K 498 48.90 11.80 4.80
N TRP K 499 48.90 11.00 3.73
CA TRP K 499 47.79 10.09 3.49
C TRP K 499 47.77 8.96 4.51
N LEU K 500 48.94 8.37 4.81
CA LEU K 500 48.98 7.28 5.77
C LEU K 500 48.59 7.75 7.16
N SER K 501 49.02 8.96 7.55
CA SER K 501 48.68 9.49 8.86
C SER K 501 47.18 9.73 9.01
N ALA K 502 46.46 9.93 7.90
CA ALA K 502 45.03 10.17 7.96
C ALA K 502 44.23 8.87 7.84
N ILE K 503 44.63 7.97 6.94
CA ILE K 503 43.90 6.72 6.77
C ILE K 503 44.04 5.84 8.01
N ASN K 504 45.20 5.86 8.66
CA ASN K 504 45.43 5.08 9.87
C ASN K 504 45.19 5.93 11.11
N ASP K 505 43.94 6.37 11.26
CA ASP K 505 43.52 7.17 12.39
C ASP K 505 42.08 6.80 12.73
N GLY K 506 41.84 6.50 14.01
CA GLY K 506 40.52 6.05 14.42
C GLY K 506 39.48 7.14 14.54
N LYS K 507 39.89 8.40 14.55
CA LYS K 507 38.96 9.51 14.71
C LYS K 507 38.43 10.05 13.39
N ASN K 508 38.99 9.60 12.27
CA ASN K 508 38.54 10.06 10.96
C ASN K 508 37.35 9.24 10.47
N SER K 509 36.72 9.73 9.42
CA SER K 509 35.80 8.92 8.61
C SER K 509 36.45 8.41 7.34
N LEU K 510 37.73 8.71 7.14
CA LEU K 510 38.48 8.23 5.98
C LEU K 510 38.63 6.72 6.07
N PHE K 511 37.92 6.00 5.21
CA PHE K 511 37.99 4.53 5.15
C PHE K 511 37.63 3.92 6.51
N LEU K 512 36.37 4.11 6.88
CA LEU K 512 35.91 3.62 8.17
C LEU K 512 36.10 2.11 8.27
N PRO K 513 36.55 1.61 9.42
CA PRO K 513 36.69 0.15 9.58
C PRO K 513 35.34 -0.53 9.37
N ILE K 514 35.39 -1.69 8.72
CA ILE K 514 34.18 -2.39 8.31
C ILE K 514 34.18 -3.81 8.85
N GLY K 515 32.98 -4.36 9.02
CA GLY K 515 32.82 -5.71 9.48
C GLY K 515 31.66 -6.40 8.79
N PRO K 516 31.18 -7.50 9.36
CA PRO K 516 30.07 -8.24 8.73
C PRO K 516 28.81 -7.41 8.55
N GLY K 517 28.51 -6.49 9.47
CA GLY K 517 27.37 -5.61 9.28
C GLY K 517 27.50 -4.76 8.04
N ASP K 518 28.71 -4.24 7.80
CA ASP K 518 28.96 -3.49 6.57
C ASP K 518 28.75 -4.36 5.34
N PHE K 519 29.20 -5.61 5.40
CA PHE K 519 28.99 -6.56 4.30
C PHE K 519 27.51 -6.71 4.00
N LEU K 520 26.71 -7.02 5.03
CA LEU K 520 25.29 -7.26 4.81
C LEU K 520 24.58 -6.01 4.31
N VAL K 521 24.90 -4.84 4.88
CA VAL K 521 24.21 -3.64 4.46
C VAL K 521 24.63 -3.23 3.05
N HIS K 522 25.89 -3.52 2.67
CA HIS K 522 26.29 -3.25 1.29
C HIS K 522 25.57 -4.15 0.32
N HIS K 523 25.32 -5.40 0.72
CA HIS K 523 24.52 -6.28 -0.15
C HIS K 523 23.08 -5.81 -0.24
N ALA K 524 22.53 -5.28 0.86
CA ALA K 524 21.20 -4.67 0.80
C ALA K 524 21.18 -3.47 -0.15
N ILE K 525 22.22 -2.65 -0.10
CA ILE K 525 22.33 -1.50 -0.99
C ILE K 525 22.42 -1.96 -2.44
N ALA K 526 23.19 -3.01 -2.70
CA ALA K 526 23.29 -3.56 -4.05
C ALA K 526 21.95 -4.08 -4.54
N LEU K 527 21.20 -4.74 -3.65
CA LEU K 527 19.86 -5.21 -4.01
C LEU K 527 18.95 -4.03 -4.36
N GLY K 528 18.99 -2.97 -3.56
CA GLY K 528 18.17 -1.81 -3.85
C GLY K 528 18.52 -1.16 -5.18
N LEU K 529 19.82 -1.00 -5.43
CA LEU K 529 20.26 -0.43 -6.70
C LEU K 529 19.81 -1.29 -7.87
N HIS K 530 19.99 -2.61 -7.75
CA HIS K 530 19.62 -3.50 -8.84
C HIS K 530 18.13 -3.50 -9.09
N THR K 531 17.31 -3.46 -8.03
CA THR K 531 15.87 -3.48 -8.23
C THR K 531 15.37 -2.16 -8.82
N THR K 532 15.89 -1.03 -8.34
CA THR K 532 15.52 0.26 -8.94
C THR K 532 15.94 0.30 -10.41
N THR K 533 17.15 -0.18 -10.71
CA THR K 533 17.59 -0.25 -12.10
C THR K 533 16.70 -1.18 -12.91
N LEU K 534 16.28 -2.30 -12.33
CA LEU K 534 15.39 -3.22 -13.04
C LEU K 534 14.08 -2.54 -13.42
N ILE K 535 13.47 -1.86 -12.46
CA ILE K 535 12.19 -1.18 -12.74
C ILE K 535 12.39 -0.13 -13.82
N LEU K 536 13.43 0.70 -13.68
CA LEU K 536 13.63 1.80 -14.62
C LEU K 536 13.99 1.30 -16.01
N VAL K 537 14.88 0.31 -16.10
CA VAL K 537 15.30 -0.22 -17.39
C VAL K 537 14.13 -0.95 -18.05
N LYS K 538 13.34 -1.70 -17.28
CA LYS K 538 12.17 -2.36 -17.84
C LYS K 538 11.18 -1.34 -18.39
N GLY K 539 10.95 -0.25 -17.66
CA GLY K 539 10.06 0.78 -18.16
C GLY K 539 10.60 1.47 -19.40
N ALA K 540 11.92 1.69 -19.45
CA ALA K 540 12.51 2.35 -20.60
C ALA K 540 12.45 1.47 -21.85
N LEU K 541 12.86 0.21 -21.72
CA LEU K 541 12.90 -0.68 -22.87
C LEU K 541 11.49 -1.07 -23.32
N ASP K 542 10.61 -1.37 -22.37
CA ASP K 542 9.23 -1.71 -22.67
C ASP K 542 8.35 -0.49 -22.94
N ALA K 543 8.96 0.70 -23.03
CA ALA K 543 8.18 1.91 -23.25
C ALA K 543 7.50 1.90 -24.61
N ARG K 544 8.19 1.39 -25.64
CA ARG K 544 7.64 1.42 -26.99
C ARG K 544 6.66 0.28 -27.27
N GLY K 545 6.54 -0.67 -26.37
CA GLY K 545 5.57 -1.74 -26.54
C GLY K 545 6.02 -3.02 -25.87
N SER K 546 5.07 -3.92 -25.69
CA SER K 546 5.31 -5.23 -25.08
C SER K 546 4.32 -6.22 -25.67
N LYS K 547 4.20 -7.40 -25.06
CA LYS K 547 3.20 -8.35 -25.52
C LYS K 547 1.80 -7.92 -25.11
N LEU K 548 1.67 -7.35 -23.90
CA LEU K 548 0.38 -6.88 -23.44
C LEU K 548 -0.08 -5.63 -24.17
N MET K 549 0.84 -4.87 -24.75
CA MET K 549 0.50 -3.63 -25.44
C MET K 549 1.55 -3.36 -26.52
N PRO K 550 1.43 -4.03 -27.66
CA PRO K 550 2.45 -3.87 -28.71
C PRO K 550 2.38 -2.54 -29.46
N ASP K 551 1.54 -1.62 -29.01
CA ASP K 551 1.48 -0.28 -29.59
C ASP K 551 1.55 0.79 -28.50
N LYS K 552 2.32 0.52 -27.44
CA LYS K 552 2.39 1.45 -26.32
C LYS K 552 2.97 2.80 -26.72
N LYS K 553 3.80 2.83 -27.77
CA LYS K 553 4.36 4.10 -28.22
C LYS K 553 3.30 5.02 -28.77
N ASP K 554 2.20 4.48 -29.28
CA ASP K 554 1.12 5.31 -29.81
C ASP K 554 0.30 5.99 -28.72
N PHE K 555 0.47 5.59 -27.47
CA PHE K 555 -0.27 6.17 -26.36
C PHE K 555 0.55 7.16 -25.55
N GLY K 556 1.83 7.33 -25.88
CA GLY K 556 2.66 8.30 -25.20
C GLY K 556 3.38 7.74 -23.99
N TYR K 557 4.17 8.61 -23.37
CA TYR K 557 4.95 8.20 -22.19
C TYR K 557 4.05 7.97 -20.99
N SER K 558 3.08 8.84 -20.75
CA SER K 558 2.22 8.78 -19.57
C SER K 558 0.77 8.68 -20.01
N PHE K 559 0.16 7.54 -19.75
CA PHE K 559 -1.27 7.33 -19.92
C PHE K 559 -1.74 6.43 -18.79
N PRO K 560 -3.02 6.49 -18.42
CA PRO K 560 -3.48 5.72 -17.25
C PRO K 560 -3.30 4.21 -17.41
N CYS K 561 -3.81 3.64 -18.49
CA CYS K 561 -3.85 2.21 -18.68
C CYS K 561 -4.24 1.92 -20.12
N ASP K 562 -4.54 0.65 -20.40
CA ASP K 562 -5.18 0.25 -21.64
C ASP K 562 -6.52 -0.41 -21.40
N GLY K 563 -7.06 -0.33 -20.19
CA GLY K 563 -8.36 -0.89 -19.90
C GLY K 563 -8.29 -2.20 -19.14
N PRO K 564 -9.44 -2.70 -18.69
CA PRO K 564 -9.47 -4.00 -18.00
C PRO K 564 -9.34 -5.19 -18.92
N GLY K 565 -9.34 -4.99 -20.23
CA GLY K 565 -9.26 -6.10 -21.16
C GLY K 565 -7.89 -6.76 -21.15
N ARG K 566 -7.83 -7.93 -21.77
CA ARG K 566 -6.62 -8.73 -21.87
C ARG K 566 -6.06 -9.07 -20.49
N GLY K 567 -6.94 -9.26 -19.51
CA GLY K 567 -6.55 -9.61 -18.17
C GLY K 567 -6.35 -8.45 -17.22
N GLY K 568 -6.30 -7.22 -17.72
CA GLY K 568 -6.04 -6.08 -16.87
C GLY K 568 -4.71 -5.43 -17.16
N THR K 569 -4.68 -4.10 -17.31
CA THR K 569 -3.50 -3.37 -17.74
C THR K 569 -3.23 -2.18 -16.83
N CYS K 570 -3.31 -2.41 -15.52
CA CYS K 570 -2.97 -1.36 -14.57
C CYS K 570 -1.49 -1.06 -14.62
N ASP K 571 -1.15 0.23 -14.55
CA ASP K 571 0.24 0.68 -14.43
C ASP K 571 1.11 0.13 -15.57
N ILE K 572 0.58 0.16 -16.80
CA ILE K 572 1.28 -0.41 -17.94
C ILE K 572 2.16 0.59 -18.66
N SER K 573 1.99 1.88 -18.41
CA SER K 573 2.76 2.89 -19.12
C SER K 573 4.18 2.99 -18.57
N ALA K 574 5.05 3.66 -19.32
CA ALA K 574 6.41 3.88 -18.88
C ALA K 574 6.48 4.85 -17.71
N TRP K 575 5.54 5.79 -17.64
CA TRP K 575 5.47 6.70 -16.50
C TRP K 575 5.21 5.92 -15.22
N ASP K 576 4.39 4.87 -15.30
CA ASP K 576 4.12 4.04 -14.14
C ASP K 576 5.36 3.31 -13.67
N ALA K 577 6.28 2.99 -14.58
CA ALA K 577 7.55 2.39 -14.16
C ALA K 577 8.38 3.36 -13.34
N PHE K 578 8.46 4.62 -13.78
CA PHE K 578 9.06 5.66 -12.95
C PHE K 578 8.35 5.74 -11.61
N TYR K 579 7.02 5.70 -11.63
CA TYR K 579 6.25 5.86 -10.39
C TYR K 579 6.55 4.75 -9.41
N LEU K 580 6.68 3.51 -9.91
CA LEU K 580 7.01 2.38 -9.06
C LEU K 580 8.46 2.42 -8.59
N ALA K 581 9.36 2.88 -9.47
CA ALA K 581 10.78 2.93 -9.12
C ALA K 581 11.10 4.05 -8.15
N MET K 582 10.22 5.05 -8.02
CA MET K 582 10.45 6.08 -7.03
C MET K 582 10.41 5.51 -5.61
N PHE K 583 9.49 4.57 -5.37
CA PHE K 583 9.44 3.91 -4.06
C PHE K 583 10.73 3.16 -3.79
N TRP K 584 11.25 2.45 -4.79
CA TRP K 584 12.48 1.69 -4.61
C TRP K 584 13.70 2.60 -4.45
N MET K 585 13.72 3.73 -5.16
CA MET K 585 14.78 4.71 -4.94
C MET K 585 14.73 5.25 -3.52
N LEU K 586 13.53 5.59 -3.04
CA LEU K 586 13.40 6.09 -1.68
C LEU K 586 13.86 5.04 -0.68
N ASN K 587 13.49 3.77 -0.91
CA ASN K 587 13.91 2.70 -0.01
C ASN K 587 15.41 2.50 -0.03
N THR K 588 16.03 2.53 -1.21
CA THR K 588 17.47 2.34 -1.31
C THR K 588 18.23 3.50 -0.66
N ILE K 589 17.79 4.73 -0.90
CA ILE K 589 18.43 5.87 -0.27
C ILE K 589 18.20 5.82 1.25
N GLY K 590 17.04 5.35 1.67
CA GLY K 590 16.81 5.17 3.10
C GLY K 590 17.77 4.17 3.71
N TRP K 591 18.00 3.06 3.03
CA TRP K 591 18.97 2.07 3.52
C TRP K 591 20.37 2.68 3.58
N VAL K 592 20.77 3.39 2.54
CA VAL K 592 22.11 3.99 2.49
C VAL K 592 22.28 4.99 3.63
N THR K 593 21.28 5.86 3.80
CA THR K 593 21.39 6.91 4.82
C THR K 593 21.27 6.35 6.22
N PHE K 594 20.43 5.31 6.42
CA PHE K 594 20.38 4.62 7.70
C PHE K 594 21.73 4.03 8.05
N TYR K 595 22.36 3.35 7.09
CA TYR K 595 23.68 2.76 7.32
C TYR K 595 24.69 3.84 7.68
N TRP K 596 24.76 4.90 6.87
CA TRP K 596 25.71 5.97 7.12
C TRP K 596 25.49 6.61 8.48
N HIS K 597 24.24 6.95 8.79
CA HIS K 597 23.95 7.66 10.03
C HIS K 597 24.22 6.79 11.24
N TRP K 598 23.84 5.51 11.21
CA TRP K 598 24.11 4.65 12.35
C TRP K 598 25.60 4.43 12.54
N LYS K 599 26.32 4.19 11.44
CA LYS K 599 27.77 4.02 11.55
C LYS K 599 28.42 5.25 12.16
N HIS K 600 28.02 6.44 11.72
CA HIS K 600 28.65 7.66 12.21
C HIS K 600 28.17 8.02 13.62
N LEU K 601 26.93 7.69 13.98
CA LEU K 601 26.49 7.90 15.36
C LEU K 601 27.28 7.02 16.32
N THR K 602 27.53 5.77 15.94
CA THR K 602 28.36 4.91 16.78
C THR K 602 29.80 5.39 16.82
N LEU K 603 30.32 5.87 15.68
CA LEU K 603 31.69 6.38 15.65
C LEU K 603 31.85 7.62 16.53
N TRP K 604 30.89 8.55 16.46
CA TRP K 604 31.00 9.79 17.22
C TRP K 604 30.77 9.54 18.70
N GLN K 605 29.78 8.72 19.05
CA GLN K 605 29.52 8.41 20.46
C GLN K 605 30.60 7.52 21.05
N GLY K 606 31.33 6.77 20.23
CA GLY K 606 32.39 5.91 20.69
C GLY K 606 32.02 4.44 20.79
N ASN K 607 30.72 4.12 20.80
CA ASN K 607 30.27 2.74 20.93
C ASN K 607 30.17 2.06 19.57
N GLN K 608 31.29 2.05 18.85
CA GLN K 608 31.33 1.35 17.56
C GLN K 608 31.10 -0.13 17.71
N VAL K 609 31.30 -0.68 18.91
CA VAL K 609 30.96 -2.08 19.15
C VAL K 609 29.45 -2.30 19.10
N GLN K 610 28.64 -1.27 19.36
CA GLN K 610 27.20 -1.42 19.26
C GLN K 610 26.78 -1.67 17.82
N PHE K 611 27.38 -0.96 16.86
CA PHE K 611 27.05 -1.20 15.46
C PHE K 611 27.60 -2.55 15.00
N ASN K 612 28.86 -2.84 15.34
CA ASN K 612 29.51 -4.04 14.82
C ASN K 612 28.80 -5.31 15.27
N GLU K 613 28.09 -5.27 16.39
CA GLU K 613 27.38 -6.43 16.92
C GLU K 613 25.92 -6.46 16.53
N SER K 614 25.22 -5.32 16.64
CA SER K 614 23.78 -5.28 16.41
C SER K 614 23.39 -5.02 14.96
N SER K 615 24.34 -4.68 14.09
CA SER K 615 24.00 -4.35 12.71
C SER K 615 23.83 -5.59 11.82
N ASN K 616 24.08 -6.79 12.36
CA ASN K 616 23.99 -8.01 11.58
C ASN K 616 22.58 -8.58 11.55
N TYR K 617 21.65 -8.05 12.35
CA TYR K 617 20.29 -8.56 12.37
C TYR K 617 19.32 -7.39 12.42
N ILE K 618 18.11 -7.61 11.90
CA ILE K 618 17.17 -6.52 11.67
C ILE K 618 16.73 -5.88 12.99
N MET K 619 16.41 -6.71 13.99
CA MET K 619 16.01 -6.17 15.28
C MET K 619 17.10 -5.31 15.89
N GLY K 620 18.36 -5.62 15.59
CA GLY K 620 19.44 -4.73 16.02
C GLY K 620 19.26 -3.33 15.47
N TRP K 621 18.99 -3.24 14.16
CA TRP K 621 18.70 -1.93 13.57
C TRP K 621 17.51 -1.27 14.24
N LEU K 622 16.39 -1.99 14.31
CA LEU K 622 15.15 -1.39 14.80
C LEU K 622 15.29 -0.91 16.23
N ARG K 623 16.02 -1.65 17.07
CA ARG K 623 16.12 -1.30 18.48
C ARG K 623 17.20 -0.28 18.76
N ASP K 624 18.38 -0.42 18.14
CA ASP K 624 19.52 0.39 18.52
C ASP K 624 19.69 1.64 17.66
N TYR K 625 19.13 1.69 16.45
CA TYR K 625 19.19 2.92 15.68
C TYR K 625 17.90 3.70 15.89
N LEU K 626 16.78 3.15 15.41
CA LEU K 626 15.53 3.91 15.39
C LEU K 626 14.99 4.13 16.79
N TRP K 627 14.68 3.03 17.50
CA TRP K 627 14.07 3.15 18.81
C TRP K 627 15.00 3.86 19.80
N LEU K 628 16.30 3.60 19.70
CA LEU K 628 17.23 4.21 20.64
C LEU K 628 17.39 5.70 20.39
N ASN K 629 17.69 6.10 19.16
CA ASN K 629 17.98 7.50 18.88
C ASN K 629 16.74 8.35 18.67
N SER K 630 15.55 7.75 18.63
CA SER K 630 14.33 8.54 18.51
C SER K 630 13.88 9.14 19.83
N SER K 631 14.50 8.76 20.94
CA SER K 631 14.11 9.30 22.24
C SER K 631 14.30 10.80 22.35
N PRO K 632 15.46 11.38 22.00
CA PRO K 632 15.57 12.85 22.08
C PRO K 632 14.60 13.58 21.17
N LEU K 633 14.28 13.01 20.01
CA LEU K 633 13.43 13.69 19.04
C LEU K 633 11.99 13.78 19.54
N ILE K 634 11.43 12.65 20.01
CA ILE K 634 10.03 12.66 20.41
C ILE K 634 9.82 13.50 21.66
N ASN K 635 10.86 13.64 22.50
CA ASN K 635 10.78 14.53 23.64
C ASN K 635 11.27 15.94 23.28
N GLY K 636 10.77 16.45 22.16
CA GLY K 636 11.02 17.83 21.79
C GLY K 636 9.98 18.71 22.43
N TYR K 637 8.84 18.10 22.75
CA TYR K 637 7.81 18.73 23.56
C TYR K 637 7.01 17.62 24.22
N ASN K 638 6.82 17.73 25.53
CA ASN K 638 6.10 16.77 26.33
C ASN K 638 5.07 17.52 27.17
N PRO K 639 4.20 16.81 27.89
CA PRO K 639 3.24 17.51 28.77
C PRO K 639 3.90 18.33 29.87
N PHE K 640 5.23 18.34 29.92
CA PHE K 640 5.97 19.09 30.92
C PHE K 640 6.71 20.30 30.36
N GLY K 641 7.07 20.28 29.08
CA GLY K 641 7.79 21.41 28.51
C GLY K 641 8.14 21.15 27.07
N MET K 642 9.16 21.86 26.59
CA MET K 642 9.62 21.71 25.21
C MET K 642 11.07 22.18 25.13
N ASN K 643 11.71 21.82 24.01
CA ASN K 643 13.10 22.15 23.74
C ASN K 643 13.20 22.80 22.37
N SER K 644 14.40 23.21 21.98
CA SER K 644 14.63 23.71 20.63
C SER K 644 14.42 22.61 19.58
N LEU K 645 14.36 21.35 20.01
CA LEU K 645 14.05 20.23 19.13
C LEU K 645 12.56 20.03 18.93
N SER K 646 11.73 20.93 19.47
CA SER K 646 10.28 20.78 19.33
C SER K 646 9.85 20.86 17.87
N VAL K 647 10.49 21.73 17.09
CA VAL K 647 10.14 21.85 15.68
C VAL K 647 10.45 20.54 14.94
N TRP K 648 11.48 19.83 15.37
CA TRP K 648 11.82 18.58 14.70
C TRP K 648 10.82 17.47 15.02
N ALA K 649 10.30 17.44 16.25
CA ALA K 649 9.23 16.49 16.56
C ALA K 649 7.96 16.79 15.78
N TRP K 650 7.63 18.08 15.65
CA TRP K 650 6.48 18.47 14.86
C TRP K 650 6.67 18.07 13.40
N MET K 651 7.87 18.26 12.86
CA MET K 651 8.16 17.83 11.49
C MET K 651 8.12 16.31 11.35
N PHE K 652 8.54 15.59 12.40
CA PHE K 652 8.43 14.13 12.42
C PHE K 652 6.98 13.69 12.24
N LEU K 653 6.09 14.24 13.07
CA LEU K 653 4.68 13.89 12.97
C LEU K 653 4.09 14.35 11.64
N PHE K 654 4.51 15.52 11.16
CA PHE K 654 4.05 16.02 9.88
C PHE K 654 4.44 15.08 8.74
N GLY K 655 5.67 14.59 8.76
CA GLY K 655 6.09 13.64 7.75
C GLY K 655 5.30 12.34 7.81
N HIS K 656 5.04 11.85 9.02
CA HIS K 656 4.20 10.66 9.13
C HIS K 656 2.82 10.90 8.54
N LEU K 657 2.23 12.06 8.83
CA LEU K 657 0.90 12.38 8.32
C LEU K 657 0.88 12.46 6.80
N VAL K 658 1.89 13.13 6.21
CA VAL K 658 1.93 13.23 4.75
C VAL K 658 2.17 11.87 4.12
N TRP K 659 2.99 11.04 4.75
CA TRP K 659 3.21 9.68 4.29
C TRP K 659 1.90 8.90 4.23
N ALA K 660 1.09 8.99 5.30
CA ALA K 660 -0.15 8.24 5.31
C ALA K 660 -1.21 8.83 4.37
N THR K 661 -1.18 10.15 4.14
CA THR K 661 -2.05 10.71 3.12
C THR K 661 -1.65 10.21 1.73
N GLY K 662 -0.35 10.05 1.49
CA GLY K 662 0.08 9.37 0.29
C GLY K 662 -0.47 7.97 0.22
N PHE K 663 -0.47 7.26 1.35
CA PHE K 663 -1.09 5.94 1.39
C PHE K 663 -2.55 6.00 0.95
N MET K 664 -3.31 6.99 1.45
CA MET K 664 -4.65 7.27 0.93
C MET K 664 -4.66 7.29 -0.60
N PHE K 665 -3.85 8.17 -1.18
CA PHE K 665 -3.94 8.42 -2.61
C PHE K 665 -3.45 7.24 -3.44
N LEU K 666 -2.67 6.35 -2.83
CA LEU K 666 -2.13 5.20 -3.54
C LEU K 666 -3.02 3.98 -3.44
N ILE K 667 -3.58 3.69 -2.25
CA ILE K 667 -4.39 2.49 -2.08
C ILE K 667 -5.77 2.67 -2.69
N SER K 668 -6.47 3.72 -2.29
CA SER K 668 -7.79 4.04 -2.85
C SER K 668 -7.64 4.69 -4.21
N TRP K 669 -8.28 4.11 -5.22
CA TRP K 669 -8.19 4.60 -6.58
C TRP K 669 -9.45 5.38 -6.93
N ARG K 670 -9.57 5.77 -8.19
CA ARG K 670 -10.66 6.63 -8.64
C ARG K 670 -11.95 5.82 -8.68
N GLY K 671 -12.99 6.42 -9.12
CA GLY K 671 -14.17 5.63 -9.23
C GLY K 671 -14.87 5.52 -7.95
N TYR K 672 -14.10 5.53 -6.88
CA TYR K 672 -14.71 5.50 -5.60
C TYR K 672 -14.83 6.92 -5.15
N TRP K 673 -14.09 7.81 -5.81
CA TRP K 673 -14.08 9.15 -5.40
C TRP K 673 -14.88 9.97 -6.33
N GLN K 674 -15.21 9.44 -7.48
CA GLN K 674 -16.09 10.15 -8.40
C GLN K 674 -17.55 10.08 -7.94
N GLU K 675 -18.00 8.92 -7.46
CA GLU K 675 -19.37 8.80 -6.98
C GLU K 675 -19.59 9.63 -5.73
N LEU K 676 -18.61 9.63 -4.82
CA LEU K 676 -18.71 10.48 -3.63
C LEU K 676 -18.79 11.95 -4.01
N ILE K 677 -17.99 12.36 -5.00
CA ILE K 677 -18.03 13.74 -5.46
C ILE K 677 -19.37 14.06 -6.10
N GLU K 678 -19.96 13.09 -6.80
CA GLU K 678 -21.31 13.27 -7.35
C GLU K 678 -22.34 13.47 -6.24
N THR K 679 -22.22 12.70 -5.16
CA THR K 679 -23.12 12.90 -4.03
C THR K 679 -22.94 14.30 -3.42
N ILE K 680 -21.70 14.75 -3.28
CA ILE K 680 -21.45 16.09 -2.76
C ILE K 680 -22.03 17.15 -3.69
N VAL K 681 -21.91 16.93 -5.01
CA VAL K 681 -22.45 17.85 -6.00
C VAL K 681 -23.97 17.95 -5.85
N TRP K 682 -24.63 16.81 -5.71
CA TRP K 682 -26.07 16.83 -5.50
C TRP K 682 -26.42 17.57 -4.22
N ALA K 683 -25.67 17.33 -3.15
CA ALA K 683 -25.96 18.00 -1.88
C ALA K 683 -25.83 19.51 -2.01
N HIS K 684 -24.78 19.99 -2.70
CA HIS K 684 -24.63 21.42 -2.90
C HIS K 684 -25.74 21.98 -3.79
N GLU K 685 -26.10 21.25 -4.84
CA GLU K 685 -27.11 21.76 -5.76
C GLU K 685 -28.51 21.78 -5.15
N ARG K 686 -28.78 20.95 -4.15
CA ARG K 686 -30.13 20.82 -3.60
C ARG K 686 -30.27 21.42 -2.21
N THR K 687 -29.40 22.35 -1.83
CA THR K 687 -29.49 22.97 -0.52
C THR K 687 -29.72 24.47 -0.65
N PRO K 688 -30.65 25.04 0.09
CA PRO K 688 -30.87 26.49 0.03
C PRO K 688 -29.73 27.25 0.69
N LEU K 689 -29.63 28.53 0.34
CA LEU K 689 -28.65 29.48 0.87
C LEU K 689 -27.25 29.18 0.35
N ALA K 690 -27.10 28.06 -0.35
CA ALA K 690 -25.86 27.72 -1.03
C ALA K 690 -26.06 27.49 -2.52
N ASN K 691 -27.31 27.39 -2.98
CA ASN K 691 -27.58 27.36 -4.42
C ASN K 691 -27.17 28.66 -5.09
N LEU K 692 -27.11 29.76 -4.34
CA LEU K 692 -26.69 31.04 -4.90
C LEU K 692 -25.24 31.00 -5.40
N VAL K 693 -24.43 30.08 -4.87
CA VAL K 693 -23.04 29.93 -5.25
C VAL K 693 -22.90 28.62 -6.02
N ARG K 694 -22.37 28.71 -7.24
CA ARG K 694 -22.17 27.54 -8.09
C ARG K 694 -20.77 27.59 -8.70
N TRP K 695 -20.20 26.40 -8.89
CA TRP K 695 -18.86 26.29 -9.46
C TRP K 695 -18.87 26.64 -10.95
N LYS K 696 -17.72 27.11 -11.43
CA LYS K 696 -17.54 27.31 -12.86
C LYS K 696 -16.96 26.07 -13.53
N ASP K 697 -16.06 25.37 -12.84
CA ASP K 697 -15.51 24.11 -13.30
C ASP K 697 -16.20 22.98 -12.55
N LYS K 698 -16.69 21.98 -13.29
CA LYS K 698 -17.38 20.87 -12.67
C LYS K 698 -16.42 20.08 -11.80
N PRO K 699 -16.68 19.94 -10.50
CA PRO K 699 -15.75 19.18 -9.64
C PRO K 699 -15.77 17.70 -9.99
N VAL K 700 -14.60 17.16 -10.31
CA VAL K 700 -14.43 15.76 -10.64
C VAL K 700 -13.26 15.21 -9.85
N ALA K 701 -13.23 13.88 -9.72
CA ALA K 701 -12.13 13.22 -9.02
C ALA K 701 -10.85 13.34 -9.83
N LEU K 702 -9.72 13.29 -9.11
CA LEU K 702 -8.42 13.37 -9.77
C LEU K 702 -8.23 12.19 -10.70
N SER K 703 -7.57 12.43 -11.83
CA SER K 703 -7.34 11.37 -12.79
C SER K 703 -6.41 10.31 -12.22
N ILE K 704 -6.38 9.15 -12.87
CA ILE K 704 -5.61 8.02 -12.38
C ILE K 704 -4.13 8.37 -12.29
N VAL K 705 -3.58 8.95 -13.36
CA VAL K 705 -2.18 9.35 -13.36
C VAL K 705 -1.95 10.48 -12.35
N GLN K 706 -2.87 11.44 -12.29
CA GLN K 706 -2.73 12.52 -11.31
C GLN K 706 -2.79 11.98 -9.89
N ALA K 707 -3.67 11.01 -9.64
CA ALA K 707 -3.75 10.42 -8.32
C ALA K 707 -2.45 9.69 -7.96
N ARG K 708 -1.89 8.96 -8.92
CA ARG K 708 -0.59 8.32 -8.68
C ARG K 708 0.49 9.34 -8.36
N LEU K 709 0.51 10.44 -9.12
CA LEU K 709 1.50 11.49 -8.85
C LEU K 709 1.31 12.11 -7.48
N VAL K 710 0.07 12.37 -7.09
CA VAL K 710 -0.20 13.02 -5.81
C VAL K 710 0.16 12.10 -4.66
N GLY K 711 -0.18 10.82 -4.78
CA GLY K 711 0.22 9.85 -3.76
C GLY K 711 1.72 9.72 -3.67
N LEU K 712 2.41 9.68 -4.82
CA LEU K 712 3.86 9.63 -4.80
C LEU K 712 4.47 10.88 -4.18
N ALA K 713 3.90 12.05 -4.47
CA ALA K 713 4.41 13.29 -3.90
C ALA K 713 4.24 13.32 -2.39
N HIS K 714 3.07 12.89 -1.90
CA HIS K 714 2.87 12.80 -0.46
C HIS K 714 3.83 11.81 0.18
N PHE K 715 3.96 10.63 -0.43
CA PHE K 715 4.87 9.61 0.07
C PHE K 715 6.29 10.16 0.18
N THR K 716 6.76 10.80 -0.89
CA THR K 716 8.14 11.28 -0.92
C THR K 716 8.36 12.45 0.04
N ILE K 717 7.42 13.40 0.09
CA ILE K 717 7.58 14.55 0.98
C ILE K 717 7.55 14.09 2.43
N GLY K 718 6.61 13.22 2.79
CA GLY K 718 6.59 12.69 4.14
C GLY K 718 7.85 11.93 4.48
N TYR K 719 8.32 11.08 3.56
CA TYR K 719 9.56 10.33 3.73
C TYR K 719 10.72 11.27 4.05
N VAL K 720 10.91 12.28 3.20
CA VAL K 720 12.05 13.18 3.33
C VAL K 720 11.94 13.97 4.63
N LEU K 721 10.75 14.49 4.92
CA LEU K 721 10.58 15.32 6.12
C LEU K 721 10.81 14.52 7.39
N THR K 722 10.20 13.33 7.48
CA THR K 722 10.36 12.55 8.70
C THR K 722 11.81 12.10 8.88
N TYR K 723 12.50 11.72 7.80
CA TYR K 723 13.88 11.29 7.99
C TYR K 723 14.79 12.46 8.31
N ALA K 724 14.58 13.62 7.68
CA ALA K 724 15.39 14.78 8.01
C ALA K 724 15.22 15.17 9.48
N ALA K 725 13.97 15.21 9.94
CA ALA K 725 13.70 15.50 11.33
C ALA K 725 14.40 14.50 12.24
N PHE K 726 14.27 13.20 11.92
CA PHE K 726 14.87 12.18 12.78
C PHE K 726 16.38 12.32 12.82
N VAL K 727 17.04 12.40 11.66
CA VAL K 727 18.50 12.41 11.66
C VAL K 727 19.03 13.63 12.38
N ILE K 728 18.46 14.81 12.09
CA ILE K 728 18.95 16.03 12.70
C ILE K 728 18.72 16.02 14.20
N ALA K 729 17.48 15.72 14.62
CA ALA K 729 17.16 15.77 16.04
C ALA K 729 17.93 14.71 16.81
N SER K 730 18.08 13.51 16.25
CA SER K 730 18.81 12.45 16.94
C SER K 730 20.27 12.84 17.11
N THR K 731 20.91 13.34 16.06
CA THR K 731 22.30 13.76 16.18
C THR K 731 22.45 14.86 17.22
N ILE K 732 21.57 15.86 17.17
CA ILE K 732 21.69 17.00 18.09
C ILE K 732 21.46 16.55 19.54
N GLY K 733 20.42 15.76 19.78
CA GLY K 733 20.07 15.36 21.13
C GLY K 733 20.95 14.27 21.72
N LYS K 734 21.63 13.51 20.87
CA LYS K 734 22.53 12.47 21.39
C LYS K 734 23.94 13.01 21.58
N LEU K 735 24.48 13.71 20.59
CA LEU K 735 25.83 14.25 20.67
C LEU K 735 25.82 15.71 21.13
N GLY K 736 25.16 15.97 22.26
CA GLY K 736 25.11 17.31 22.82
C GLY K 736 24.43 18.33 21.92
N LYS L 4 -50.94 13.68 -10.46
CA LYS L 4 -49.83 13.03 -9.77
C LYS L 4 -48.51 13.35 -10.46
N LEU L 5 -48.48 13.20 -11.78
CA LEU L 5 -47.28 13.44 -12.58
C LEU L 5 -47.59 14.47 -13.67
N LYS L 6 -46.52 15.09 -14.17
CA LYS L 6 -46.67 16.17 -15.14
C LYS L 6 -47.33 15.68 -16.43
N GLN L 7 -46.91 14.52 -16.92
CA GLN L 7 -47.43 13.96 -18.15
C GLN L 7 -47.98 12.56 -17.91
N SER L 8 -49.02 12.20 -18.67
CA SER L 8 -49.66 10.90 -18.49
C SER L 8 -48.81 9.75 -19.01
N ASP L 9 -47.85 10.02 -19.89
CA ASP L 9 -47.01 8.98 -20.46
C ASP L 9 -45.76 8.68 -19.63
N PHE L 10 -45.53 9.44 -18.56
CA PHE L 10 -44.39 9.15 -17.70
C PHE L 10 -44.58 7.79 -17.03
N PRO L 11 -43.51 7.02 -16.86
CA PRO L 11 -43.62 5.78 -16.08
C PRO L 11 -44.01 6.09 -14.65
N LYS L 12 -44.72 5.15 -14.02
CA LYS L 12 -45.20 5.39 -12.67
C LYS L 12 -44.04 5.32 -11.69
N PHE L 13 -43.18 6.34 -11.71
CA PHE L 13 -42.02 6.43 -10.85
C PHE L 13 -42.28 7.44 -9.75
N GLU L 14 -41.85 7.12 -8.54
CA GLU L 14 -42.07 7.97 -7.39
C GLU L 14 -41.01 9.05 -7.21
N GLY L 15 -40.08 9.15 -8.16
CA GLY L 15 -39.05 10.17 -8.08
C GLY L 15 -37.89 9.76 -7.20
N SER L 16 -36.67 9.99 -7.66
CA SER L 16 -35.47 9.62 -6.94
C SER L 16 -34.50 10.80 -6.94
N THR L 17 -33.71 10.90 -5.86
CA THR L 17 -32.65 11.91 -5.83
C THR L 17 -31.43 11.39 -6.56
N GLY L 18 -31.64 10.90 -7.78
CA GLY L 18 -30.56 10.43 -8.63
C GLY L 18 -30.84 10.81 -10.07
N GLY L 19 -31.89 11.60 -10.27
CA GLY L 19 -32.25 12.08 -11.59
C GLY L 19 -31.31 13.17 -12.06
N TRP L 20 -31.79 13.95 -13.02
CA TRP L 20 -30.93 14.97 -13.59
C TRP L 20 -30.80 16.16 -12.65
N LEU L 21 -29.81 17.00 -12.93
CA LEU L 21 -29.47 18.14 -12.10
C LEU L 21 -29.50 19.41 -12.94
N SER L 22 -28.94 20.50 -12.42
CA SER L 22 -28.95 21.76 -13.14
C SER L 22 -28.28 21.66 -14.51
N ALA L 23 -27.43 20.66 -14.71
CA ALA L 23 -26.79 20.47 -16.02
C ALA L 23 -27.83 20.18 -17.10
N ALA L 24 -28.80 19.31 -16.81
CA ALA L 24 -29.84 19.02 -17.81
C ALA L 24 -30.97 20.02 -17.70
N LYS L 25 -30.59 21.29 -17.61
CA LYS L 25 -31.48 22.43 -17.81
C LYS L 25 -30.83 23.56 -18.58
N ASN L 26 -29.50 23.54 -18.73
CA ASN L 26 -28.76 24.57 -19.45
C ASN L 26 -27.72 24.03 -20.41
N GLU L 27 -27.43 22.73 -20.39
CA GLU L 27 -26.49 22.13 -21.32
C GLU L 27 -27.14 21.14 -22.27
N GLU L 28 -27.77 20.09 -21.75
CA GLU L 28 -28.45 19.10 -22.57
C GLU L 28 -29.18 18.08 -21.70
N LYS L 29 -30.29 17.55 -22.19
CA LYS L 29 -31.00 16.47 -21.53
C LYS L 29 -31.39 15.43 -22.57
N TYR L 30 -31.55 14.19 -22.12
CA TYR L 30 -31.84 13.07 -23.00
C TYR L 30 -33.18 12.46 -22.64
N VAL L 31 -34.00 12.18 -23.65
CA VAL L 31 -35.32 11.60 -23.48
C VAL L 31 -35.37 10.29 -24.25
N ILE L 32 -35.89 9.25 -23.61
CA ILE L 32 -36.09 7.95 -24.22
C ILE L 32 -37.59 7.67 -24.25
N ILE L 33 -38.09 7.29 -25.43
CA ILE L 33 -39.51 6.98 -25.60
C ILE L 33 -39.63 5.53 -26.06
N TRP L 34 -40.71 4.89 -25.63
CA TRP L 34 -40.99 3.53 -26.05
C TRP L 34 -42.45 3.23 -25.76
N THR L 35 -42.97 2.21 -26.46
CA THR L 35 -44.33 1.73 -26.27
C THR L 35 -44.27 0.31 -25.72
N SER L 36 -45.01 0.05 -24.65
CA SER L 36 -45.01 -1.24 -23.99
C SER L 36 -46.42 -1.82 -24.03
N LYS L 37 -46.51 -3.14 -24.22
CA LYS L 37 -47.78 -3.82 -24.19
C LYS L 37 -48.32 -4.00 -22.77
N ASP L 38 -47.43 -4.10 -21.80
CA ASP L 38 -47.81 -4.38 -20.41
C ASP L 38 -47.18 -3.33 -19.49
N ALA L 39 -47.85 -3.11 -18.35
CA ALA L 39 -47.34 -2.20 -17.34
C ALA L 39 -46.29 -2.90 -16.47
N SER L 40 -45.21 -3.31 -17.13
CA SER L 40 -44.16 -4.07 -16.48
C SER L 40 -43.41 -3.19 -15.48
N LEU L 41 -42.91 -3.82 -14.42
CA LEU L 41 -42.12 -3.13 -13.41
C LEU L 41 -40.64 -3.27 -13.76
N PHE L 42 -39.97 -2.14 -13.93
CA PHE L 42 -38.59 -2.11 -14.35
C PHE L 42 -37.78 -1.24 -13.41
N GLU L 43 -36.47 -1.40 -13.45
CA GLU L 43 -35.55 -0.68 -12.57
C GLU L 43 -35.00 0.55 -13.30
N MET L 44 -35.11 1.70 -12.66
CA MET L 44 -34.60 2.93 -13.25
C MET L 44 -33.07 2.89 -13.30
N PRO L 45 -32.46 3.45 -14.35
CA PRO L 45 -31.00 3.59 -14.35
C PRO L 45 -30.47 4.49 -13.25
N THR L 46 -31.31 5.37 -12.71
CA THR L 46 -30.89 6.32 -11.69
C THR L 46 -31.17 5.80 -10.28
N GLY L 47 -32.43 5.50 -9.99
CA GLY L 47 -32.82 5.11 -8.65
C GLY L 47 -33.34 3.69 -8.53
N GLY L 48 -34.64 3.54 -8.28
CA GLY L 48 -35.20 2.24 -8.02
C GLY L 48 -36.20 1.75 -9.05
N THR L 49 -37.30 1.17 -8.58
CA THR L 49 -38.26 0.51 -9.44
C THR L 49 -39.34 1.49 -9.90
N ALA L 50 -39.63 1.46 -11.21
CA ALA L 50 -40.72 2.22 -11.80
C ALA L 50 -41.62 1.26 -12.55
N LYS L 51 -42.84 1.73 -12.83
CA LYS L 51 -43.84 0.93 -13.53
C LYS L 51 -44.11 1.52 -14.90
N MET L 52 -44.02 0.68 -15.93
CA MET L 52 -44.30 1.12 -17.28
C MET L 52 -45.78 1.43 -17.44
N ASN L 53 -46.10 2.15 -18.52
CA ASN L 53 -47.47 2.36 -18.94
C ASN L 53 -47.80 1.38 -20.06
N ALA L 54 -49.04 0.87 -20.04
CA ALA L 54 -49.49 -0.01 -21.12
C ALA L 54 -49.75 0.82 -22.36
N GLY L 55 -48.69 1.36 -22.96
CA GLY L 55 -48.81 2.28 -24.08
C GLY L 55 -47.56 3.13 -24.23
N ASN L 56 -47.76 4.43 -24.49
CA ASN L 56 -46.62 5.32 -24.67
C ASN L 56 -45.91 5.58 -23.33
N ASN L 57 -44.59 5.46 -23.35
CA ASN L 57 -43.77 5.73 -22.18
C ASN L 57 -42.66 6.70 -22.56
N VAL L 58 -42.45 7.71 -21.72
CA VAL L 58 -41.44 8.74 -21.97
C VAL L 58 -40.66 8.99 -20.69
N ALA L 59 -39.33 8.92 -20.77
CA ALA L 59 -38.47 9.14 -19.62
C ALA L 59 -37.35 10.10 -20.00
N TYR L 60 -36.97 10.96 -19.05
CA TYR L 60 -35.91 11.94 -19.24
C TYR L 60 -34.72 11.60 -18.35
N PHE L 61 -33.52 11.75 -18.90
CA PHE L 61 -32.29 11.45 -18.18
C PHE L 61 -31.25 12.52 -18.49
N ALA L 62 -30.17 12.51 -17.70
CA ALA L 62 -29.10 13.49 -17.84
C ALA L 62 -27.98 13.03 -18.75
N ARG L 63 -27.90 11.74 -19.07
CA ARG L 63 -26.82 11.21 -19.87
C ARG L 63 -27.38 10.28 -20.95
N LYS L 64 -26.66 10.21 -22.08
CA LYS L 64 -26.99 9.25 -23.11
C LYS L 64 -26.80 7.82 -22.61
N GLU L 65 -25.79 7.60 -21.76
CA GLU L 65 -25.53 6.27 -21.24
C GLU L 65 -26.68 5.77 -20.38
N GLN L 66 -27.31 6.66 -19.60
CA GLN L 66 -28.44 6.25 -18.78
C GLN L 66 -29.61 5.80 -19.65
N CYS L 67 -29.91 6.58 -20.70
CA CYS L 67 -30.99 6.19 -21.61
C CYS L 67 -30.68 4.88 -22.30
N LEU L 68 -29.42 4.68 -22.71
CA LEU L 68 -29.07 3.44 -23.39
C LEU L 68 -29.07 2.24 -22.44
N ALA L 69 -28.72 2.45 -21.17
CA ALA L 69 -28.85 1.37 -20.20
C ALA L 69 -30.31 1.01 -19.99
N LEU L 70 -31.18 2.01 -19.91
CA LEU L 70 -32.61 1.73 -19.82
C LEU L 70 -33.09 0.97 -21.04
N GLY L 71 -32.64 1.37 -22.23
CA GLY L 71 -33.05 0.67 -23.44
C GLY L 71 -32.56 -0.76 -23.48
N SER L 72 -31.32 -1.00 -23.03
CA SER L 72 -30.81 -2.36 -22.95
C SER L 72 -31.63 -3.20 -21.98
N GLN L 73 -32.07 -2.59 -20.88
CA GLN L 73 -32.98 -3.28 -19.97
C GLN L 73 -34.31 -3.58 -20.66
N LEU L 74 -34.79 -2.65 -21.49
CA LEU L 74 -36.06 -2.85 -22.17
C LEU L 74 -36.04 -4.05 -23.11
N ARG L 75 -34.86 -4.35 -23.68
CA ARG L 75 -34.76 -5.50 -24.57
C ARG L 75 -35.10 -6.80 -23.86
N GLY L 76 -34.86 -6.87 -22.55
CA GLY L 76 -35.27 -8.03 -21.78
C GLY L 76 -36.77 -8.18 -21.64
N PHE L 77 -37.52 -7.10 -21.85
CA PHE L 77 -38.97 -7.13 -21.85
C PHE L 77 -39.53 -7.31 -23.26
N LYS L 78 -38.70 -7.71 -24.21
CA LYS L 78 -39.08 -7.85 -25.62
C LYS L 78 -39.54 -6.51 -26.19
N ILE L 79 -38.99 -5.41 -25.68
CA ILE L 79 -39.28 -4.07 -26.18
C ILE L 79 -38.12 -3.64 -27.05
N THR L 80 -38.42 -3.21 -28.27
CA THR L 80 -37.39 -2.96 -29.27
C THR L 80 -37.53 -1.57 -29.88
N ASN L 81 -38.75 -1.02 -29.86
CA ASN L 81 -39.05 0.24 -30.51
C ASN L 81 -38.60 1.46 -29.70
N TYR L 82 -37.78 1.28 -28.68
CA TYR L 82 -37.34 2.42 -27.88
C TYR L 82 -36.41 3.32 -28.70
N LYS L 83 -36.59 4.62 -28.53
CA LYS L 83 -35.80 5.60 -29.28
C LYS L 83 -35.34 6.70 -28.32
N ILE L 84 -34.08 7.12 -28.48
CA ILE L 84 -33.44 8.06 -27.57
C ILE L 84 -33.15 9.35 -28.34
N PHE L 85 -33.48 10.49 -27.71
CA PHE L 85 -33.27 11.80 -28.30
C PHE L 85 -32.42 12.67 -27.38
N ARG L 86 -31.74 13.63 -27.97
CA ARG L 86 -30.98 14.63 -27.23
C ARG L 86 -31.69 15.97 -27.33
N ILE L 87 -31.94 16.61 -26.20
CA ILE L 87 -32.60 17.90 -26.14
C ILE L 87 -31.62 18.91 -25.58
N TYR L 88 -31.35 19.96 -26.36
CA TYR L 88 -30.48 21.05 -25.95
C TYR L 88 -31.26 21.95 -24.99
N PRO L 89 -30.67 23.04 -24.49
CA PRO L 89 -31.38 23.87 -23.49
C PRO L 89 -32.77 24.29 -23.95
N PRO L 90 -32.96 24.71 -25.23
CA PRO L 90 -34.33 24.84 -25.72
C PRO L 90 -34.81 23.56 -26.38
N LEU L 91 -36.02 23.53 -26.91
CA LEU L 91 -36.56 22.32 -27.52
C LEU L 91 -35.85 22.08 -28.85
N ASP L 92 -34.62 21.57 -28.75
CA ASP L 92 -33.80 21.18 -29.90
C ASP L 92 -33.66 19.66 -29.84
N ILE L 93 -34.61 18.96 -30.45
CA ILE L 93 -34.68 17.51 -30.38
C ILE L 93 -33.86 16.91 -31.51
N THR L 94 -33.01 15.93 -31.18
CA THR L 94 -32.20 15.23 -32.16
C THR L 94 -32.27 13.75 -31.87
N LEU L 95 -32.74 12.96 -32.83
CA LEU L 95 -32.77 11.52 -32.67
C LEU L 95 -31.35 10.96 -32.64
N LEU L 96 -31.06 10.12 -31.66
CA LEU L 96 -29.69 9.64 -31.44
C LEU L 96 -29.53 8.15 -31.69
N HIS L 97 -30.26 7.30 -30.96
CA HIS L 97 -29.85 5.90 -30.92
C HIS L 97 -30.27 5.14 -32.19
N PRO L 98 -31.56 5.06 -32.53
CA PRO L 98 -31.85 4.44 -33.84
C PRO L 98 -31.64 5.44 -34.96
N PHE L 99 -30.37 5.74 -35.23
CA PHE L 99 -30.02 6.88 -36.07
C PHE L 99 -30.60 6.75 -37.47
N ASP L 100 -30.50 5.57 -38.07
CA ASP L 100 -31.10 5.30 -39.38
C ASP L 100 -32.29 4.35 -39.28
N GLY L 101 -32.89 4.22 -38.08
CA GLY L 101 -33.99 3.32 -37.88
C GLY L 101 -33.59 1.88 -37.66
N VAL L 102 -32.32 1.54 -37.85
CA VAL L 102 -31.80 0.20 -37.63
C VAL L 102 -30.77 0.28 -36.52
N PHE L 103 -30.81 -0.69 -35.61
CA PHE L 103 -29.87 -0.70 -34.50
C PHE L 103 -28.44 -0.81 -35.04
N PRO L 104 -27.46 -0.20 -34.35
CA PRO L 104 -26.09 -0.18 -34.87
C PRO L 104 -25.47 -1.56 -35.03
N GLU L 105 -25.99 -2.57 -34.32
CA GLU L 105 -25.44 -3.92 -34.43
C GLU L 105 -25.80 -4.60 -35.74
N LYS L 106 -26.85 -4.14 -36.42
CA LYS L 106 -27.29 -4.71 -37.68
C LYS L 106 -26.83 -3.82 -38.82
N VAL L 107 -26.23 -4.44 -39.85
CA VAL L 107 -25.72 -3.67 -40.98
C VAL L 107 -26.86 -3.09 -41.79
N ASN L 108 -26.77 -1.80 -42.08
CA ASN L 108 -27.75 -1.11 -42.91
C ASN L 108 -27.03 -0.40 -44.05
N GLN L 109 -27.60 -0.50 -45.24
CA GLN L 109 -27.06 0.22 -46.38
C GLN L 109 -27.21 1.73 -46.16
N GLY L 110 -26.28 2.48 -46.71
CA GLY L 110 -26.25 3.92 -46.52
C GLY L 110 -25.34 4.39 -45.41
N ARG L 111 -24.58 3.50 -44.79
CA ARG L 111 -23.62 3.86 -43.75
C ARG L 111 -22.22 3.83 -44.33
N SER L 112 -21.45 4.89 -44.07
CA SER L 112 -20.08 4.92 -44.54
C SER L 112 -19.12 4.68 -43.37
N PRO L 113 -18.00 4.01 -43.61
CA PRO L 113 -17.05 3.74 -42.52
C PRO L 113 -16.39 5.02 -42.04
N VAL L 114 -16.41 5.23 -40.72
CA VAL L 114 -15.81 6.39 -40.08
C VAL L 114 -14.72 5.90 -39.16
N GLY L 115 -13.52 6.45 -39.31
CA GLY L 115 -12.40 6.04 -38.48
C GLY L 115 -11.80 4.71 -38.86
N LYS L 116 -11.84 4.34 -40.13
CA LYS L 116 -11.28 3.08 -40.60
C LYS L 116 -9.90 3.30 -41.19
N ARG L 117 -8.93 2.51 -40.73
CA ARG L 117 -7.57 2.53 -41.25
C ARG L 117 -7.33 1.26 -42.06
N ASP L 118 -6.77 1.41 -43.26
CA ASP L 118 -6.56 0.28 -44.15
C ASP L 118 -5.24 -0.43 -43.86
N ALA L 119 -5.03 -0.78 -42.59
CA ALA L 119 -3.84 -1.50 -42.14
C ALA L 119 -4.11 -1.98 -40.72
N SER L 120 -3.26 -2.87 -40.24
CA SER L 120 -3.38 -3.38 -38.88
C SER L 120 -2.71 -2.38 -37.92
N ILE L 121 -2.59 -2.78 -36.65
CA ILE L 121 -1.97 -1.92 -35.66
C ILE L 121 -0.50 -1.68 -35.99
N GLY L 122 0.18 -2.72 -36.50
CA GLY L 122 1.61 -2.62 -36.76
C GLY L 122 1.99 -1.60 -37.81
N GLY L 123 1.03 -1.14 -38.60
CA GLY L 123 1.30 -0.14 -39.62
C GLY L 123 1.23 1.30 -39.15
N ASN L 124 1.04 1.54 -37.85
CA ASN L 124 0.95 2.89 -37.36
C ASN L 124 2.31 3.59 -37.45
N PRO L 125 2.34 4.88 -37.75
CA PRO L 125 3.62 5.58 -37.88
C PRO L 125 4.33 5.75 -36.56
N ASN L 126 5.66 5.84 -36.63
CA ASN L 126 6.46 6.02 -35.42
C ASN L 126 6.22 7.41 -34.83
N PRO L 127 6.06 7.51 -33.51
CA PRO L 127 5.77 8.83 -32.91
C PRO L 127 6.85 9.87 -33.16
N ALA L 128 8.12 9.46 -33.28
CA ALA L 128 9.19 10.43 -33.50
C ALA L 128 9.02 11.15 -34.83
N SER L 129 8.34 10.54 -35.80
CA SER L 129 8.04 11.18 -37.07
C SER L 129 6.78 12.04 -37.00
N LEU L 130 6.10 12.07 -35.86
CA LEU L 130 4.90 12.87 -35.63
C LEU L 130 5.15 13.94 -34.57
N LYS L 131 6.30 14.59 -34.65
CA LYS L 131 6.71 15.61 -33.68
C LYS L 131 6.56 16.99 -34.29
N PHE L 132 5.89 17.89 -33.56
CA PHE L 132 5.66 19.27 -33.97
C PHE L 132 4.79 19.34 -35.24
N GLN L 133 3.60 18.76 -35.13
CA GLN L 133 2.56 18.96 -36.16
C GLN L 133 1.21 19.20 -35.49
N ILE M 2 0.25 -23.08 -48.46
CA ILE M 2 -0.33 -23.48 -47.18
C ILE M 2 -1.75 -23.98 -47.38
N GLN M 3 -2.18 -24.85 -46.47
CA GLN M 3 -3.52 -25.45 -46.55
C GLN M 3 -3.96 -25.84 -45.15
N LYS M 4 -5.13 -26.47 -45.07
CA LYS M 4 -5.65 -26.93 -43.79
C LYS M 4 -4.71 -27.96 -43.18
N GLY M 5 -4.39 -27.76 -41.89
CA GLY M 5 -3.50 -28.65 -41.19
C GLY M 5 -2.02 -28.31 -41.31
N SER M 6 -1.67 -27.34 -42.15
CA SER M 6 -0.28 -26.96 -42.31
C SER M 6 0.20 -26.21 -41.07
N THR M 7 1.51 -26.26 -40.84
CA THR M 7 2.13 -25.56 -39.73
C THR M 7 2.86 -24.33 -40.25
N VAL M 8 2.55 -23.16 -39.66
CA VAL M 8 3.08 -21.89 -40.13
C VAL M 8 3.66 -21.13 -38.94
N ARG M 9 4.60 -20.24 -39.26
CA ARG M 9 5.18 -19.33 -38.28
C ARG M 9 4.57 -17.95 -38.48
N ILE M 10 4.15 -17.32 -37.39
CA ILE M 10 3.51 -16.02 -37.44
C ILE M 10 4.57 -14.95 -37.62
N LEU M 11 4.41 -14.11 -38.65
CA LEU M 11 5.32 -13.02 -38.92
C LEU M 11 4.74 -11.66 -38.53
N ARG M 12 3.51 -11.62 -38.03
CA ARG M 12 2.93 -10.36 -37.57
C ARG M 12 3.55 -9.97 -36.24
N LYS M 13 4.11 -8.76 -36.18
CA LYS M 13 4.84 -8.35 -34.97
C LYS M 13 3.90 -8.08 -33.81
N GLU M 14 2.74 -7.49 -34.06
CA GLU M 14 1.79 -7.17 -32.99
C GLU M 14 0.90 -8.37 -32.67
N SER M 15 1.53 -9.53 -32.49
CA SER M 15 0.81 -10.78 -32.30
C SER M 15 1.30 -11.47 -31.03
N TYR M 16 0.36 -12.02 -30.27
CA TYR M 16 0.72 -12.84 -29.12
C TYR M 16 1.42 -14.13 -29.54
N TRP M 17 1.37 -14.50 -30.82
CA TRP M 17 2.02 -15.70 -31.29
C TRP M 17 3.12 -15.38 -32.31
N TYR M 18 3.68 -14.18 -32.27
CA TYR M 18 4.78 -13.82 -33.15
C TYR M 18 5.96 -14.74 -32.90
N ASN M 19 6.61 -15.15 -33.99
CA ASN M 19 7.73 -16.10 -34.00
C ASN M 19 7.33 -17.49 -33.56
N GLU M 20 6.06 -17.73 -33.24
CA GLU M 20 5.59 -19.04 -32.81
C GLU M 20 4.95 -19.78 -33.98
N SER M 21 4.71 -21.07 -33.77
CA SER M 21 4.14 -21.93 -34.79
C SER M 21 2.69 -22.27 -34.45
N GLY M 22 1.82 -22.22 -35.46
CA GLY M 22 0.44 -22.58 -35.29
C GLY M 22 -0.01 -23.51 -36.40
N THR M 23 -1.25 -23.98 -36.27
CA THR M 23 -1.84 -24.91 -37.22
C THR M 23 -2.92 -24.17 -38.02
N VAL M 24 -2.83 -24.25 -39.34
CA VAL M 24 -3.79 -23.56 -40.20
C VAL M 24 -5.11 -24.33 -40.17
N VAL M 25 -6.19 -23.63 -39.84
CA VAL M 25 -7.51 -24.25 -39.80
C VAL M 25 -8.15 -24.24 -41.18
N VAL M 26 -8.09 -23.10 -41.87
CA VAL M 26 -8.66 -22.98 -43.20
C VAL M 26 -8.07 -21.73 -43.85
N VAL M 27 -7.76 -21.84 -45.15
CA VAL M 27 -7.32 -20.71 -45.94
C VAL M 27 -8.48 -20.34 -46.86
N ASP M 28 -9.05 -19.17 -46.65
CA ASP M 28 -10.19 -18.73 -47.45
C ASP M 28 -9.74 -18.43 -48.88
N GLN M 29 -10.55 -18.84 -49.85
CA GLN M 29 -10.26 -18.62 -51.25
C GLN M 29 -10.93 -17.38 -51.81
N SER M 30 -11.67 -16.63 -50.98
CA SER M 30 -12.34 -15.42 -51.43
C SER M 30 -11.34 -14.26 -51.44
N LYS M 31 -11.85 -13.04 -51.60
CA LYS M 31 -11.02 -11.85 -51.69
C LYS M 31 -10.87 -11.14 -50.35
N VAL M 32 -10.90 -11.89 -49.25
CA VAL M 32 -10.73 -11.28 -47.94
C VAL M 32 -9.28 -10.89 -47.71
N ARG M 33 -9.08 -9.95 -46.80
CA ARG M 33 -7.75 -9.41 -46.56
C ARG M 33 -6.87 -10.37 -45.76
N TYR M 34 -7.45 -11.09 -44.82
CA TYR M 34 -6.72 -12.01 -43.93
C TYR M 34 -7.39 -13.37 -44.00
N PRO M 35 -7.07 -14.17 -45.02
CA PRO M 35 -7.78 -15.43 -45.22
C PRO M 35 -7.31 -16.57 -44.33
N VAL M 36 -6.02 -16.57 -43.96
CA VAL M 36 -5.46 -17.71 -43.25
C VAL M 36 -5.94 -17.68 -41.80
N LEU M 37 -6.56 -18.77 -41.38
CA LEU M 37 -7.02 -18.94 -40.00
C LEU M 37 -6.12 -19.96 -39.32
N VAL M 38 -5.46 -19.53 -38.23
CA VAL M 38 -4.45 -20.33 -37.56
C VAL M 38 -4.90 -20.58 -36.13
N ARG M 39 -4.77 -21.81 -35.67
CA ARG M 39 -5.10 -22.20 -34.30
C ARG M 39 -3.81 -22.48 -33.53
N PHE M 40 -3.73 -21.97 -32.31
CA PHE M 40 -2.54 -22.11 -31.47
C PHE M 40 -2.88 -22.87 -30.20
N THR M 41 -1.85 -23.43 -29.58
CA THR M 41 -2.03 -24.15 -28.32
C THR M 41 -2.04 -23.21 -27.13
N LYS M 42 -1.37 -22.07 -27.23
CA LYS M 42 -1.27 -21.10 -26.14
C LYS M 42 -2.32 -20.02 -26.33
N VAL M 43 -3.20 -19.85 -25.34
CA VAL M 43 -4.17 -18.78 -25.39
C VAL M 43 -3.46 -17.45 -25.18
N ASN M 44 -3.99 -16.40 -25.82
CA ASN M 44 -3.41 -15.07 -25.68
C ASN M 44 -3.89 -14.45 -24.38
N TYR M 45 -3.62 -13.16 -24.19
CA TYR M 45 -4.01 -12.49 -22.96
C TYR M 45 -5.53 -12.33 -22.85
N ALA M 46 -6.24 -12.35 -23.98
CA ALA M 46 -7.69 -12.25 -23.97
C ALA M 46 -8.38 -13.61 -23.85
N GLY M 47 -7.62 -14.71 -23.90
CA GLY M 47 -8.16 -16.04 -23.77
C GLY M 47 -8.38 -16.76 -25.09
N THR M 48 -8.34 -16.06 -26.21
CA THR M 48 -8.54 -16.70 -27.50
C THR M 48 -7.29 -17.48 -27.90
N ASN M 49 -7.49 -18.49 -28.75
CA ASN M 49 -6.40 -19.33 -29.23
C ASN M 49 -6.39 -19.44 -30.75
N THR M 50 -7.07 -18.53 -31.44
CA THR M 50 -7.12 -18.57 -32.90
C THR M 50 -7.19 -17.15 -33.42
N ASN M 51 -6.72 -16.96 -34.66
CA ASN M 51 -6.71 -15.64 -35.27
C ASN M 51 -6.57 -15.78 -36.78
N ASN M 52 -7.07 -14.77 -37.49
CA ASN M 52 -6.96 -14.71 -38.94
C ASN M 52 -5.72 -13.92 -39.34
N PHE M 53 -4.91 -14.49 -40.23
CA PHE M 53 -3.67 -13.87 -40.66
C PHE M 53 -3.65 -13.72 -42.17
N GLY M 54 -2.87 -12.76 -42.65
CA GLY M 54 -2.69 -12.59 -44.07
C GLY M 54 -1.75 -13.62 -44.66
N LEU M 55 -1.67 -13.62 -46.00
CA LEU M 55 -0.82 -14.59 -46.67
C LEU M 55 0.65 -14.27 -46.49
N ASN M 56 1.00 -13.00 -46.32
CA ASN M 56 2.38 -12.58 -46.12
C ASN M 56 2.78 -12.52 -44.65
N GLU M 57 1.86 -12.80 -43.73
CA GLU M 57 2.15 -12.79 -42.31
C GLU M 57 2.33 -14.19 -41.74
N VAL M 58 2.31 -15.22 -42.57
CA VAL M 58 2.52 -16.60 -42.13
C VAL M 58 3.60 -17.22 -43.01
N GLU M 59 4.47 -18.01 -42.40
CA GLU M 59 5.54 -18.69 -43.09
C GLU M 59 5.46 -20.17 -42.74
N GLU M 60 5.29 -21.01 -43.75
CA GLU M 60 5.11 -22.44 -43.53
C GLU M 60 6.39 -23.07 -42.99
N VAL M 61 6.24 -23.93 -42.00
CA VAL M 61 7.37 -24.68 -41.46
C VAL M 61 7.62 -25.90 -42.33
N VAL M 62 8.89 -26.22 -42.55
CA VAL M 62 9.28 -27.33 -43.42
C VAL M 62 8.70 -28.66 -42.92
N ASP N 25 44.83 -12.90 12.03
CA ASP N 25 45.18 -13.54 10.77
C ASP N 25 44.54 -12.83 9.58
N ILE N 26 43.66 -13.54 8.88
CA ILE N 26 43.01 -13.00 7.70
C ILE N 26 42.06 -11.88 8.11
N GLY N 27 42.29 -10.68 7.60
CA GLY N 27 41.43 -9.56 7.92
C GLY N 27 41.53 -9.07 9.35
N GLY N 28 42.62 -9.36 10.04
CA GLY N 28 42.78 -8.96 11.42
C GLY N 28 42.06 -9.84 12.42
N LEU N 29 41.40 -10.89 11.98
CA LEU N 29 40.69 -11.79 12.87
C LEU N 29 41.67 -12.73 13.57
N ASN N 30 41.19 -13.38 14.62
CA ASN N 30 41.97 -14.33 15.38
C ASN N 30 41.18 -15.62 15.56
N PRO N 31 41.85 -16.75 15.71
CA PRO N 31 41.13 -18.01 15.93
C PRO N 31 40.28 -17.95 17.19
N CYS N 32 39.10 -18.57 17.12
CA CYS N 32 38.20 -18.56 18.27
C CYS N 32 38.71 -19.38 19.43
N LYS N 33 39.64 -20.31 19.20
CA LYS N 33 40.22 -21.07 20.29
C LYS N 33 41.07 -20.21 21.21
N ASP N 34 41.55 -19.06 20.73
CA ASP N 34 42.37 -18.15 21.54
C ASP N 34 41.68 -16.81 21.75
N SER N 35 40.38 -16.73 21.53
CA SER N 35 39.62 -15.49 21.68
C SER N 35 39.02 -15.46 23.08
N GLU N 36 39.49 -14.52 23.90
CA GLU N 36 38.99 -14.43 25.27
C GLU N 36 37.50 -14.09 25.31
N VAL N 37 37.06 -13.20 24.42
CA VAL N 37 35.65 -12.80 24.40
C VAL N 37 34.75 -13.99 24.04
N PHE N 38 35.25 -14.91 23.23
CA PHE N 38 34.49 -16.12 22.93
C PHE N 38 34.24 -16.95 24.18
N GLN N 39 35.28 -17.15 24.99
CA GLN N 39 35.13 -17.88 26.24
C GLN N 39 34.25 -17.11 27.23
N LYS N 40 34.34 -15.77 27.21
CA LYS N 40 33.45 -14.98 28.06
C LYS N 40 32.00 -15.19 27.66
N ARG N 41 31.72 -15.22 26.36
CA ARG N 41 30.36 -15.49 25.88
C ARG N 41 29.88 -16.85 26.35
N LEU N 42 30.75 -17.87 26.21
CA LEU N 42 30.38 -19.22 26.65
C LEU N 42 30.09 -19.24 28.14
N ALA N 43 30.94 -18.60 28.94
CA ALA N 43 30.76 -18.59 30.38
C ALA N 43 29.49 -17.86 30.78
N LYS N 44 29.19 -16.74 30.13
CA LYS N 44 27.97 -16.00 30.45
C LYS N 44 26.72 -16.79 30.10
N THR N 45 26.72 -17.44 28.93
CA THR N 45 25.56 -18.25 28.56
C THR N 45 25.36 -19.41 29.53
N VAL N 46 26.45 -20.09 29.89
CA VAL N 46 26.35 -21.20 30.83
C VAL N 46 25.87 -20.72 32.19
N LYS N 47 26.37 -19.55 32.64
CA LYS N 47 25.95 -19.01 33.93
C LYS N 47 24.47 -18.67 33.93
N LYS N 48 23.98 -18.05 32.85
CA LYS N 48 22.55 -17.77 32.75
C LYS N 48 21.73 -19.04 32.78
N LEU N 49 22.17 -20.06 32.04
CA LEU N 49 21.42 -21.32 32.01
C LEU N 49 21.42 -21.99 33.39
N GLU N 50 22.54 -21.93 34.10
CA GLU N 50 22.60 -22.53 35.44
C GLU N 50 21.74 -21.76 36.43
N ASN N 51 21.73 -20.42 36.33
CA ASN N 51 20.85 -19.63 37.18
C ASN N 51 19.39 -19.97 36.93
N ARG N 52 19.03 -20.17 35.66
CA ARG N 52 17.68 -20.65 35.35
C ARG N 52 17.45 -22.04 35.93
N LEU N 53 18.47 -22.89 35.89
CA LEU N 53 18.36 -24.25 36.41
C LEU N 53 18.14 -24.26 37.92
N LYS N 54 18.62 -23.22 38.62
CA LYS N 54 18.55 -23.22 40.08
C LYS N 54 17.11 -23.14 40.59
N LYS N 55 16.20 -22.58 39.80
CA LYS N 55 14.84 -22.32 40.27
C LYS N 55 13.89 -23.49 40.06
N TYR N 56 14.39 -24.63 39.60
CA TYR N 56 13.60 -25.85 39.49
C TYR N 56 14.09 -26.88 40.50
N GLU N 57 13.39 -28.01 40.58
CA GLU N 57 13.58 -28.98 41.65
C GLU N 57 13.99 -30.34 41.10
N GLU N 58 15.01 -30.93 41.72
CA GLU N 58 15.40 -32.34 41.59
C GLU N 58 15.55 -32.72 40.11
N GLY N 59 15.33 -34.00 39.80
CA GLY N 59 15.47 -34.49 38.44
C GLY N 59 14.20 -34.34 37.63
N THR N 60 13.55 -33.20 37.78
CA THR N 60 12.29 -32.95 37.08
C THR N 60 12.56 -32.57 35.64
N PRO N 61 11.65 -32.85 34.73
CA PRO N 61 11.89 -32.64 33.30
C PRO N 61 12.41 -31.24 32.99
N PRO N 62 11.95 -30.17 33.66
CA PRO N 62 12.56 -28.86 33.41
C PRO N 62 14.06 -28.83 33.66
N GLN N 63 14.52 -29.45 34.74
CA GLN N 63 15.95 -29.46 35.02
C GLN N 63 16.70 -30.29 33.98
N ILE N 64 16.11 -31.39 33.53
CA ILE N 64 16.73 -32.21 32.49
C ILE N 64 16.86 -31.40 31.21
N ALA N 65 15.82 -30.65 30.84
CA ALA N 65 15.86 -29.83 29.63
C ALA N 65 16.91 -28.74 29.74
N ILE N 66 17.01 -28.08 30.88
CA ILE N 66 18.01 -27.02 31.05
C ILE N 66 19.42 -27.61 31.02
N GLN N 67 19.60 -28.79 31.62
CA GLN N 67 20.90 -29.45 31.59
C GLN N 67 21.27 -29.83 30.17
N GLN N 68 20.31 -30.31 29.38
CA GLN N 68 20.56 -30.60 27.98
C GLN N 68 20.94 -29.34 27.22
N GLN N 69 20.28 -28.22 27.54
CA GLN N 69 20.64 -26.94 26.93
C GLN N 69 22.08 -26.57 27.25
N ILE N 70 22.49 -26.75 28.52
CA ILE N 70 23.86 -26.43 28.91
C ILE N 70 24.85 -27.31 28.17
N THR N 71 24.56 -28.61 28.09
CA THR N 71 25.45 -29.54 27.41
C THR N 71 25.57 -29.20 25.93
N GLN N 72 24.45 -28.89 25.28
CA GLN N 72 24.49 -28.53 23.86
C GLN N 72 25.24 -27.22 23.64
N THR N 73 25.07 -26.24 24.54
CA THR N 73 25.81 -24.99 24.42
C THR N 73 27.31 -25.23 24.53
N LYS N 74 27.73 -26.04 25.51
CA LYS N 74 29.14 -26.34 25.65
C LYS N 74 29.69 -27.08 24.44
N GLN N 75 28.93 -28.05 23.92
CA GLN N 75 29.37 -28.79 22.75
C GLN N 75 29.50 -27.89 21.54
N ARG N 76 28.52 -27.00 21.33
CA ARG N 76 28.58 -26.08 20.19
C ARG N 76 29.77 -25.14 20.29
N PHE N 77 30.01 -24.59 21.48
CA PHE N 77 31.15 -23.70 21.64
C PHE N 77 32.46 -24.42 21.42
N THR N 78 32.57 -25.65 21.96
CA THR N 78 33.79 -26.44 21.77
C THR N 78 34.02 -26.76 20.29
N ARG N 79 32.95 -27.13 19.58
CA ARG N 79 33.08 -27.44 18.16
C ARG N 79 33.47 -26.21 17.35
N TYR N 80 32.89 -25.06 17.67
CA TYR N 80 33.26 -23.83 16.97
C TYR N 80 34.71 -23.45 17.25
N ALA N 81 35.17 -23.68 18.48
CA ALA N 81 36.57 -23.38 18.82
C ALA N 81 37.52 -24.24 17.99
N ASP N 82 37.24 -25.53 17.88
CA ASP N 82 38.09 -26.47 17.15
C ASP N 82 37.57 -26.67 15.74
N SER N 83 37.44 -25.57 14.99
CA SER N 83 36.86 -25.65 13.66
C SER N 83 37.54 -24.75 12.63
N ASN N 84 38.74 -24.26 12.93
CA ASN N 84 39.44 -23.31 12.06
C ASN N 84 38.55 -22.10 11.78
N LEU N 85 37.87 -21.62 12.82
CA LEU N 85 36.96 -20.49 12.72
C LEU N 85 37.64 -19.24 13.27
N LEU N 86 37.53 -18.15 12.53
CA LEU N 86 38.13 -16.87 12.93
C LEU N 86 37.08 -16.02 13.61
N CYS N 87 37.43 -15.49 14.77
CA CYS N 87 36.53 -14.67 15.56
C CYS N 87 37.02 -13.23 15.57
N GLY N 88 36.09 -12.29 15.53
CA GLY N 88 36.41 -10.88 15.57
C GLY N 88 36.58 -10.38 16.98
N ASN N 89 36.40 -9.06 17.15
CA ASN N 89 36.48 -8.45 18.46
C ASN N 89 35.24 -8.66 19.29
N ASP N 90 34.17 -9.20 18.70
CA ASP N 90 32.94 -9.49 19.41
C ASP N 90 32.83 -10.94 19.87
N GLY N 91 33.83 -11.77 19.58
CA GLY N 91 33.78 -13.17 19.95
C GLY N 91 32.73 -13.97 19.23
N LEU N 92 32.55 -13.72 17.94
CA LEU N 92 31.61 -14.48 17.12
C LEU N 92 32.32 -14.98 15.88
N PRO N 93 32.02 -16.20 15.43
CA PRO N 93 32.72 -16.76 14.27
C PRO N 93 32.43 -15.96 13.01
N HIS N 94 33.49 -15.50 12.35
CA HIS N 94 33.39 -14.79 11.08
C HIS N 94 33.73 -15.74 9.94
N LEU N 95 33.00 -15.60 8.83
CA LEU N 95 33.17 -16.48 7.68
C LEU N 95 34.13 -15.85 6.68
N ILE N 96 35.11 -16.64 6.25
CA ILE N 96 36.11 -16.22 5.28
C ILE N 96 35.69 -16.80 3.94
N THR N 97 35.05 -15.98 3.11
CA THR N 97 34.48 -16.43 1.85
C THR N 97 35.18 -15.80 0.64
N ASP N 98 36.45 -15.45 0.78
CA ASP N 98 37.19 -14.90 -0.36
C ASP N 98 37.51 -15.98 -1.39
N GLY N 99 37.48 -17.25 -1.00
CA GLY N 99 37.71 -18.32 -1.94
C GLY N 99 38.82 -19.27 -1.53
N ARG N 100 39.57 -18.92 -0.49
CA ARG N 100 40.68 -19.76 -0.06
C ARG N 100 40.18 -21.09 0.48
N TRP N 101 40.89 -22.16 0.12
CA TRP N 101 40.48 -23.50 0.53
C TRP N 101 40.74 -23.75 2.01
N SER N 102 41.56 -22.92 2.66
CA SER N 102 41.80 -23.09 4.10
C SER N 102 40.51 -23.00 4.88
N HIS N 103 39.74 -21.94 4.66
CA HIS N 103 38.38 -21.85 5.17
C HIS N 103 37.36 -22.30 4.12
N GLY N 104 37.59 -23.49 3.54
CA GLY N 104 36.72 -23.97 2.48
C GLY N 104 35.44 -24.60 2.96
N SER N 105 35.38 -25.02 4.22
CA SER N 105 34.17 -25.64 4.76
C SER N 105 33.13 -24.61 5.20
N GLU N 106 33.46 -23.32 5.15
CA GLU N 106 32.52 -22.30 5.56
C GLU N 106 31.57 -21.92 4.43
N PHE N 107 32.11 -21.68 3.24
CA PHE N 107 31.30 -21.29 2.10
C PHE N 107 31.44 -22.25 0.92
N LEU N 108 32.66 -22.65 0.56
CA LEU N 108 32.89 -23.32 -0.71
C LEU N 108 32.21 -24.68 -0.75
N LEU N 109 32.42 -25.51 0.27
CA LEU N 109 31.78 -26.82 0.30
C LEU N 109 30.26 -26.72 0.40
N PRO N 110 29.68 -25.90 1.28
CA PRO N 110 28.23 -25.70 1.21
C PRO N 110 27.77 -25.13 -0.11
N SER N 111 28.60 -24.30 -0.76
CA SER N 111 28.24 -23.78 -2.07
C SER N 111 28.13 -24.91 -3.09
N ILE N 112 29.10 -25.83 -3.08
CA ILE N 112 29.04 -26.97 -4.00
C ILE N 112 27.83 -27.84 -3.70
N LEU N 113 27.56 -28.07 -2.41
CA LEU N 113 26.41 -28.90 -2.04
C LEU N 113 25.10 -28.28 -2.53
N PHE N 114 24.93 -26.97 -2.30
CA PHE N 114 23.71 -26.33 -2.76
C PHE N 114 23.63 -26.33 -4.28
N LEU N 115 24.75 -26.08 -4.96
CA LEU N 115 24.70 -26.08 -6.41
C LEU N 115 24.26 -27.43 -6.93
N TYR N 116 24.77 -28.50 -6.34
CA TYR N 116 24.34 -29.84 -6.73
C TYR N 116 22.84 -30.03 -6.51
N ILE N 117 22.36 -29.68 -5.31
CA ILE N 117 20.95 -29.94 -4.98
C ILE N 117 20.02 -29.09 -5.85
N SER N 118 20.35 -27.81 -6.00
CA SER N 118 19.49 -26.91 -6.78
C SER N 118 19.53 -27.25 -8.26
N GLY N 119 20.70 -27.64 -8.78
CA GLY N 119 20.74 -28.13 -10.15
C GLY N 119 19.92 -29.38 -10.34
N TRP N 120 19.94 -30.27 -9.34
CA TRP N 120 19.07 -31.44 -9.37
C TRP N 120 17.60 -31.02 -9.48
N ILE N 121 17.17 -30.09 -8.63
CA ILE N 121 15.77 -29.66 -8.62
C ILE N 121 15.40 -29.04 -9.96
N GLY N 122 16.23 -28.10 -10.45
CA GLY N 122 15.94 -27.46 -11.71
C GLY N 122 15.94 -28.42 -12.87
N TRP N 123 16.88 -29.37 -12.88
CA TRP N 123 16.95 -30.34 -13.96
C TRP N 123 15.72 -31.23 -14.00
N VAL N 124 15.29 -31.73 -12.83
CA VAL N 124 14.13 -32.62 -12.83
C VAL N 124 12.88 -31.84 -13.19
N GLY N 125 12.76 -30.59 -12.75
CA GLY N 125 11.63 -29.77 -13.14
C GLY N 125 11.58 -29.53 -14.64
N ARG N 126 12.73 -29.17 -15.22
CA ARG N 126 12.79 -28.91 -16.66
C ARG N 126 12.51 -30.18 -17.45
N LYS N 127 13.06 -31.32 -17.00
CA LYS N 127 12.82 -32.57 -17.70
C LYS N 127 11.34 -32.96 -17.64
N TYR N 128 10.69 -32.77 -16.50
CA TYR N 128 9.27 -33.06 -16.41
C TYR N 128 8.46 -32.13 -17.29
N ILE N 129 8.81 -30.84 -17.32
CA ILE N 129 8.10 -29.89 -18.16
C ILE N 129 8.22 -30.27 -19.63
N ARG N 130 9.43 -30.63 -20.07
CA ARG N 130 9.63 -30.98 -21.47
C ARG N 130 9.03 -32.34 -21.81
N THR N 131 8.90 -33.23 -20.83
CA THR N 131 8.38 -34.56 -21.10
C THR N 131 6.86 -34.55 -21.26
N VAL N 132 6.15 -33.92 -20.31
CA VAL N 132 4.70 -33.79 -20.43
C VAL N 132 4.29 -32.69 -21.38
N GLY N 133 5.24 -31.93 -21.92
CA GLY N 133 4.93 -30.95 -22.93
C GLY N 133 4.68 -31.53 -24.31
N GLN N 134 4.95 -32.82 -24.49
CA GLN N 134 4.72 -33.50 -25.76
C GLN N 134 3.58 -34.51 -25.68
N THR N 135 2.67 -34.34 -24.73
CA THR N 135 1.50 -35.20 -24.59
C THR N 135 0.25 -34.44 -25.04
N SER N 136 -0.88 -35.15 -25.04
CA SER N 136 -2.11 -34.57 -25.54
C SER N 136 -2.58 -33.40 -24.69
N ASN N 137 -2.44 -33.50 -23.37
CA ASN N 137 -2.94 -32.49 -22.44
C ASN N 137 -1.80 -32.05 -21.53
N PRO N 138 -0.89 -31.22 -22.04
CA PRO N 138 0.26 -30.78 -21.21
C PRO N 138 -0.15 -30.02 -19.97
N THR N 139 -1.21 -29.22 -20.03
CA THR N 139 -1.61 -28.41 -18.89
C THR N 139 -2.25 -29.26 -17.79
N GLU N 140 -2.94 -30.34 -18.16
CA GLU N 140 -3.54 -31.20 -17.15
C GLU N 140 -2.48 -31.88 -16.29
N LYS N 141 -1.38 -32.30 -16.90
CA LYS N 141 -0.31 -32.99 -16.19
C LYS N 141 0.54 -32.06 -15.35
N GLU N 142 0.18 -30.79 -15.23
CA GLU N 142 0.90 -29.85 -14.38
C GLU N 142 0.20 -29.56 -13.06
N ILE N 143 -1.13 -29.72 -13.01
CA ILE N 143 -1.87 -29.57 -11.76
C ILE N 143 -2.09 -30.96 -11.17
N ILE N 144 -2.13 -31.96 -12.02
CA ILE N 144 -2.26 -33.37 -11.60
C ILE N 144 -1.00 -34.07 -12.09
N ILE N 145 0.00 -34.18 -11.21
CA ILE N 145 1.31 -34.67 -11.60
C ILE N 145 1.22 -36.16 -11.93
N ASP N 146 1.91 -36.56 -12.99
CA ASP N 146 2.08 -37.98 -13.32
C ASP N 146 3.14 -38.52 -12.37
N VAL N 147 2.67 -39.00 -11.20
CA VAL N 147 3.61 -39.43 -10.15
C VAL N 147 4.56 -40.51 -10.63
N PRO N 148 4.16 -41.52 -11.41
CA PRO N 148 5.18 -42.45 -11.94
C PRO N 148 6.27 -41.76 -12.74
N LEU N 149 5.88 -40.92 -13.72
CA LEU N 149 6.88 -40.22 -14.51
C LEU N 149 7.66 -39.22 -13.67
N ALA N 150 6.99 -38.58 -12.71
CA ALA N 150 7.69 -37.65 -11.82
C ALA N 150 8.76 -38.36 -11.03
N ILE N 151 8.44 -39.52 -10.46
CA ILE N 151 9.43 -40.29 -9.71
C ILE N 151 10.55 -40.76 -10.62
N SER N 152 10.20 -41.15 -11.85
CA SER N 152 11.22 -41.58 -12.81
C SER N 152 12.21 -40.46 -13.09
N ILE N 153 11.71 -39.24 -13.28
CA ILE N 153 12.59 -38.11 -13.62
C ILE N 153 13.38 -37.65 -12.41
N MET N 154 12.74 -37.62 -11.22
CA MET N 154 13.36 -37.03 -10.04
C MET N 154 14.60 -37.79 -9.60
N THR N 155 14.54 -39.13 -9.62
CA THR N 155 15.70 -39.93 -9.23
C THR N 155 16.78 -39.96 -10.30
N SER N 156 16.53 -39.37 -11.46
CA SER N 156 17.51 -39.29 -12.54
C SER N 156 18.29 -37.98 -12.53
N GLY N 157 18.06 -37.11 -11.55
CA GLY N 157 18.73 -35.84 -11.47
C GLY N 157 20.12 -35.88 -10.87
N PHE N 158 20.57 -37.04 -10.38
CA PHE N 158 21.92 -37.15 -9.83
C PHE N 158 22.99 -36.95 -10.88
N LEU N 159 22.65 -37.09 -12.16
CA LEU N 159 23.56 -36.84 -13.26
C LEU N 159 23.32 -35.50 -13.93
N TRP N 160 22.66 -34.57 -13.24
CA TRP N 160 22.35 -33.29 -13.86
C TRP N 160 23.59 -32.54 -14.36
N PRO N 161 24.74 -32.51 -13.67
CA PRO N 161 25.90 -31.86 -14.30
C PRO N 161 26.32 -32.53 -15.59
N PHE N 162 26.23 -33.86 -15.65
CA PHE N 162 26.60 -34.57 -16.87
C PHE N 162 25.52 -34.46 -17.93
N ALA N 163 24.24 -34.53 -17.54
CA ALA N 163 23.15 -34.39 -18.50
C ALA N 163 23.13 -33.00 -19.12
N ALA N 164 23.39 -31.97 -18.31
CA ALA N 164 23.43 -30.61 -18.83
C ALA N 164 24.57 -30.43 -19.81
N TRP N 165 25.76 -30.93 -19.48
CA TRP N 165 26.85 -30.92 -20.46
C TRP N 165 26.87 -32.20 -21.28
N GLN N 166 25.68 -32.62 -21.71
CA GLN N 166 25.49 -33.52 -22.84
C GLN N 166 24.32 -33.09 -23.70
N GLU N 167 23.45 -32.22 -23.20
CA GLU N 167 22.35 -31.63 -23.94
C GLU N 167 22.72 -30.27 -24.51
N PHE N 168 23.59 -29.52 -23.82
CA PHE N 168 24.12 -28.29 -24.37
C PHE N 168 24.99 -28.56 -25.59
N LEU N 169 25.76 -29.65 -25.56
CA LEU N 169 26.60 -29.99 -26.70
C LEU N 169 25.76 -30.35 -27.92
N SER N 170 24.63 -31.02 -27.72
CA SER N 170 23.76 -31.42 -28.82
C SER N 170 22.81 -30.32 -29.26
N GLY N 171 22.86 -29.15 -28.62
CA GLY N 171 21.99 -28.06 -28.99
C GLY N 171 20.56 -28.19 -28.52
N ASP N 172 20.26 -29.16 -27.67
CA ASP N 172 18.92 -29.40 -27.17
C ASP N 172 18.60 -28.62 -25.91
N LEU N 173 19.55 -27.83 -25.40
CA LEU N 173 19.33 -27.08 -24.16
C LEU N 173 18.79 -25.68 -24.40
N ILE N 174 19.06 -25.09 -25.56
CA ILE N 174 18.75 -23.69 -25.81
C ILE N 174 17.87 -23.58 -27.06
N ALA N 175 16.80 -22.78 -26.96
CA ALA N 175 16.04 -22.39 -28.13
C ALA N 175 16.74 -21.25 -28.85
N SER N 176 16.42 -21.08 -30.15
CA SER N 176 17.14 -20.14 -30.99
C SER N 176 16.29 -18.97 -31.45
N ASP N 177 15.21 -19.21 -32.20
CA ASP N 177 14.40 -18.11 -32.70
C ASP N 177 12.90 -18.40 -32.70
N GLU N 178 12.46 -19.55 -32.21
CA GLU N 178 11.04 -19.78 -31.99
C GLU N 178 10.53 -19.04 -30.76
N THR N 179 11.44 -18.50 -29.96
CA THR N 179 11.04 -17.71 -28.80
C THR N 179 10.38 -16.41 -29.27
N ILE N 180 9.36 -16.00 -28.53
CA ILE N 180 8.56 -14.85 -28.91
C ILE N 180 9.24 -13.56 -28.45
N THR N 181 9.00 -12.48 -29.20
CA THR N 181 9.57 -11.18 -28.88
C THR N 181 8.49 -10.13 -29.01
N THR N 182 8.60 -9.07 -28.20
CA THR N 182 7.64 -7.98 -28.24
C THR N 182 7.81 -7.18 -29.54
N SER N 183 6.96 -6.16 -29.70
CA SER N 183 6.97 -5.39 -30.94
C SER N 183 8.29 -4.67 -31.21
N PRO N 184 8.88 -3.93 -30.25
CA PRO N 184 10.14 -3.27 -30.62
C PRO N 184 11.36 -4.18 -30.53
N GLU O 44 35.18 11.15 -47.11
CA GLU O 44 34.48 10.99 -45.84
C GLU O 44 34.06 9.54 -45.63
N SER O 45 32.92 9.36 -44.97
CA SER O 45 32.34 8.04 -44.70
C SER O 45 33.33 7.17 -43.90
N THR O 46 33.56 7.63 -42.67
CA THR O 46 34.43 6.89 -41.75
C THR O 46 33.84 5.54 -41.35
N TYR O 47 32.56 5.30 -41.61
CA TYR O 47 31.96 4.01 -41.31
C TYR O 47 32.60 2.92 -42.16
N TRP O 48 32.86 1.76 -41.56
CA TRP O 48 33.53 0.68 -42.24
C TRP O 48 33.00 -0.66 -41.73
N GLU O 49 33.09 -1.66 -42.60
CA GLU O 49 32.66 -3.02 -42.24
C GLU O 49 33.66 -4.09 -42.67
N GLY O 50 34.74 -3.73 -43.33
CA GLY O 50 35.69 -4.72 -43.83
C GLY O 50 36.64 -5.22 -42.76
N LYS O 51 37.90 -5.42 -43.12
CA LYS O 51 38.91 -5.87 -42.18
C LYS O 51 39.56 -4.72 -41.42
N ALA O 52 39.77 -3.59 -42.09
CA ALA O 52 40.38 -2.42 -41.49
C ALA O 52 39.62 -1.18 -41.92
N PRO O 53 39.61 -0.14 -41.09
CA PRO O 53 38.95 1.11 -41.47
C PRO O 53 39.72 1.82 -42.56
N PRO O 54 39.06 2.68 -43.34
CA PRO O 54 39.78 3.46 -44.35
C PRO O 54 40.75 4.43 -43.69
N SER O 55 41.78 4.81 -44.45
CA SER O 55 42.83 5.67 -43.92
C SER O 55 42.33 7.07 -43.54
N VAL O 56 41.12 7.44 -43.97
CA VAL O 56 40.59 8.76 -43.64
C VAL O 56 40.33 8.91 -42.14
N VAL O 57 40.17 7.81 -41.40
CA VAL O 57 39.93 7.90 -39.97
C VAL O 57 41.16 8.33 -39.20
N LEU O 58 42.32 8.33 -39.83
CA LEU O 58 43.56 8.75 -39.20
C LEU O 58 43.80 10.25 -39.29
N GLY O 59 42.94 10.99 -40.00
CA GLY O 59 43.12 12.40 -40.19
C GLY O 59 44.03 12.68 -41.37
N PRO O 60 43.96 13.90 -41.91
CA PRO O 60 44.78 14.22 -43.09
C PRO O 60 46.19 14.64 -42.70
N PHE O 61 46.76 13.96 -41.73
CA PHE O 61 48.18 13.99 -41.42
C PHE O 61 48.76 12.59 -41.25
N LEU O 62 48.01 11.67 -40.64
CA LEU O 62 48.42 10.29 -40.55
C LEU O 62 47.94 9.45 -41.72
N SER O 63 46.97 9.96 -42.51
CA SER O 63 46.51 9.21 -43.67
C SER O 63 47.59 9.04 -44.72
N LYS O 64 48.65 9.86 -44.67
CA LYS O 64 49.68 9.86 -45.69
C LYS O 64 51.03 9.38 -45.16
N ILE O 65 51.10 8.93 -43.93
CA ILE O 65 52.35 8.37 -43.39
C ILE O 65 52.43 6.91 -43.82
N PRO O 66 53.53 6.48 -44.43
CA PRO O 66 53.71 5.05 -44.71
C PRO O 66 53.74 4.25 -43.43
N SER O 67 53.21 3.02 -43.49
CA SER O 67 53.19 2.16 -42.32
C SER O 67 54.60 1.82 -41.85
N GLY O 68 55.55 1.72 -42.78
CA GLY O 68 56.93 1.48 -42.42
C GLY O 68 57.56 2.61 -41.64
N VAL O 69 56.93 3.77 -41.63
CA VAL O 69 57.36 4.87 -40.79
C VAL O 69 56.64 4.87 -39.45
N LEU O 70 55.31 4.67 -39.47
CA LEU O 70 54.53 4.71 -38.25
C LEU O 70 54.91 3.57 -37.30
N GLY O 71 55.13 2.37 -37.83
CA GLY O 71 55.42 1.21 -37.02
C GLY O 71 56.65 1.39 -36.15
N PRO O 72 57.81 1.52 -36.78
CA PRO O 72 59.04 1.78 -36.00
C PRO O 72 58.93 3.03 -35.14
N ALA O 73 58.27 4.08 -35.62
CA ALA O 73 58.07 5.26 -34.79
C ALA O 73 57.24 4.94 -33.57
N SER O 74 56.19 4.13 -33.73
CA SER O 74 55.37 3.74 -32.59
C SER O 74 56.17 2.92 -31.58
N LEU O 75 56.98 1.98 -32.06
CA LEU O 75 57.80 1.18 -31.15
C LEU O 75 58.82 2.04 -30.41
N VAL O 76 59.46 2.97 -31.12
CA VAL O 76 60.42 3.85 -30.51
C VAL O 76 59.75 4.74 -29.47
N ALA O 77 58.57 5.26 -29.79
CA ALA O 77 57.84 6.11 -28.84
C ALA O 77 57.44 5.32 -27.60
N LEU O 78 56.98 4.08 -27.78
CA LEU O 78 56.62 3.25 -26.64
C LEU O 78 57.82 2.98 -25.75
N ILE O 79 58.96 2.62 -26.35
CA ILE O 79 60.16 2.35 -25.56
C ILE O 79 60.62 3.59 -24.82
N VAL O 80 60.63 4.74 -25.51
CA VAL O 80 61.07 5.98 -24.90
C VAL O 80 60.14 6.37 -23.76
N GLY O 81 58.83 6.24 -23.96
CA GLY O 81 57.90 6.59 -22.90
C GLY O 81 57.99 5.66 -21.70
N SER O 82 58.15 4.37 -21.94
CA SER O 82 58.33 3.43 -20.83
C SER O 82 59.60 3.74 -20.06
N TYR O 83 60.70 4.05 -20.77
CA TYR O 83 61.93 4.38 -20.07
C TYR O 83 61.80 5.68 -19.28
N CYS O 84 61.12 6.68 -19.86
CA CYS O 84 60.93 7.94 -19.14
C CYS O 84 60.08 7.75 -17.89
N THR O 85 59.02 6.95 -17.99
CA THR O 85 58.21 6.65 -16.83
C THR O 85 59.01 5.90 -15.76
N HIS O 86 59.82 4.92 -16.18
CA HIS O 86 60.62 4.15 -15.25
C HIS O 86 61.82 4.93 -14.71
N GLU O 87 62.17 6.05 -15.33
CA GLU O 87 63.26 6.87 -14.80
C GLU O 87 62.73 7.96 -13.88
N SER O 88 61.56 8.52 -14.18
CA SER O 88 60.94 9.47 -13.27
C SER O 88 60.47 8.79 -12.00
N ASN O 89 59.90 7.58 -12.13
CA ASN O 89 59.42 6.82 -10.98
C ASN O 89 60.05 5.43 -10.99
N ILE O 90 59.55 4.54 -10.14
CA ILE O 90 59.91 3.12 -10.17
C ILE O 90 61.39 2.93 -9.86
N PHE O 91 62.26 3.29 -10.81
CA PHE O 91 63.70 3.13 -10.57
C PHE O 91 64.22 4.19 -9.62
N ASN O 92 63.76 5.43 -9.77
CA ASN O 92 64.11 6.52 -8.86
C ASN O 92 62.82 7.13 -8.34
N THR O 93 62.68 7.17 -7.01
CA THR O 93 61.46 7.69 -6.40
C THR O 93 61.31 9.17 -6.70
N LEU O 94 60.06 9.58 -6.93
CA LEU O 94 59.79 10.96 -7.28
C LEU O 94 59.98 11.87 -6.08
N THR O 95 60.36 13.12 -6.35
CA THR O 95 60.57 14.12 -5.32
C THR O 95 60.24 15.48 -5.93
N VAL O 96 59.98 16.46 -5.06
CA VAL O 96 59.64 17.80 -5.52
C VAL O 96 60.75 18.37 -6.39
N ASP O 97 62.01 18.13 -5.99
CA ASP O 97 63.15 18.68 -6.70
C ASP O 97 63.47 17.95 -7.99
N THR O 98 62.83 16.80 -8.25
CA THR O 98 63.12 15.97 -9.43
C THR O 98 61.81 15.68 -10.15
N ILE O 99 61.47 16.51 -11.14
CA ILE O 99 60.28 16.33 -11.96
C ILE O 99 60.62 16.08 -13.41
N TYR O 100 61.61 16.79 -13.95
CA TYR O 100 62.19 16.50 -15.26
C TYR O 100 61.14 16.49 -16.39
N PRO O 101 60.75 17.68 -16.86
CA PRO O 101 59.78 17.76 -17.97
C PRO O 101 60.09 16.83 -19.13
N ALA O 102 61.35 16.46 -19.36
CA ALA O 102 61.65 15.50 -20.41
C ALA O 102 61.01 14.14 -20.10
N TYR O 103 61.18 13.66 -18.87
CA TYR O 103 60.56 12.40 -18.48
C TYR O 103 59.05 12.52 -18.47
N VAL O 104 58.51 13.64 -18.05
CA VAL O 104 57.09 13.82 -18.07
C VAL O 104 56.57 13.88 -19.50
N LEU O 105 57.11 14.79 -20.26
CA LEU O 105 56.71 14.86 -21.62
C LEU O 105 56.96 13.54 -22.26
N GLY O 106 58.00 12.85 -21.85
CA GLY O 106 58.34 11.59 -22.45
C GLY O 106 57.24 10.64 -22.17
N SER O 107 57.00 10.42 -20.88
CA SER O 107 55.95 9.53 -20.46
C SER O 107 54.68 9.76 -21.25
N PHE O 108 54.42 11.01 -21.65
CA PHE O 108 53.24 11.19 -22.49
C PHE O 108 53.27 10.46 -23.85
N LEU O 109 54.38 9.92 -24.29
CA LEU O 109 54.58 9.18 -25.50
C LEU O 109 54.09 7.76 -25.40
N THR O 110 53.90 7.27 -24.17
CA THR O 110 53.35 5.93 -23.96
C THR O 110 51.89 5.93 -24.36
N PRO O 111 51.06 6.82 -23.78
CA PRO O 111 49.68 6.85 -24.29
C PRO O 111 49.68 7.08 -25.79
N ILE O 112 50.50 8.00 -26.26
CA ILE O 112 50.58 8.29 -27.69
C ILE O 112 50.97 7.06 -28.48
N SER O 113 52.08 6.42 -28.10
CA SER O 113 52.51 5.21 -28.77
C SER O 113 51.33 4.33 -29.15
N TRP O 114 50.39 4.12 -28.24
CA TRP O 114 49.21 3.33 -28.52
C TRP O 114 48.60 3.85 -29.77
N GLY O 115 48.41 5.15 -29.92
CA GLY O 115 47.72 5.62 -31.10
C GLY O 115 48.55 5.44 -32.36
N LEU O 116 49.86 5.65 -32.24
CA LEU O 116 50.75 5.54 -33.39
C LEU O 116 50.75 4.14 -33.96
N HIS O 117 50.82 3.11 -33.11
CA HIS O 117 50.84 1.77 -33.69
C HIS O 117 49.46 1.34 -34.16
N VAL O 118 48.39 1.84 -33.54
CA VAL O 118 47.06 1.58 -34.11
C VAL O 118 46.98 2.14 -35.53
N ALA O 119 47.46 3.37 -35.71
CA ALA O 119 47.50 3.98 -37.03
C ALA O 119 48.43 3.22 -37.97
N ALA O 120 49.53 2.70 -37.44
CA ALA O 120 50.45 1.92 -38.27
C ALA O 120 49.79 0.66 -38.80
N TRP O 121 49.05 -0.05 -37.95
CA TRP O 121 48.31 -1.21 -38.41
C TRP O 121 47.25 -0.83 -39.44
N ILE O 122 46.54 0.27 -39.19
CA ILE O 122 45.51 0.70 -40.13
C ILE O 122 46.12 1.02 -41.49
N GLN O 123 47.26 1.70 -41.50
CA GLN O 123 47.93 2.00 -42.76
C GLN O 123 48.45 0.74 -43.44
N LYS O 124 49.00 -0.21 -42.67
CA LYS O 124 49.52 -1.43 -43.27
C LYS O 124 48.41 -2.24 -43.93
N MET O 125 47.24 -2.33 -43.28
CA MET O 125 46.15 -3.10 -43.86
C MET O 125 45.51 -2.41 -45.05
N ASN O 126 45.71 -1.10 -45.20
CA ASN O 126 45.14 -0.34 -46.31
C ASN O 126 46.13 -0.16 -47.45
N LYS O 127 47.15 -1.01 -47.53
CA LYS O 127 48.17 -0.96 -48.59
C LYS O 127 48.85 0.41 -48.63
N ALA O 128 49.42 0.79 -47.48
CA ALA O 128 50.12 2.06 -47.35
C ALA O 128 51.35 1.90 -46.47
N MET P 1 13.60 53.67 12.63
CA MET P 1 13.27 52.27 12.46
C MET P 1 14.53 51.41 12.47
N SER P 2 14.63 50.55 13.49
CA SER P 2 15.80 49.68 13.64
C SER P 2 15.72 48.50 12.65
N LEU P 3 16.84 47.78 12.54
CA LEU P 3 16.87 46.61 11.67
C LEU P 3 16.10 45.44 12.25
N ASP P 4 15.88 45.41 13.56
CA ASP P 4 15.17 44.30 14.19
C ASP P 4 13.66 44.41 14.04
N LEU P 5 13.16 45.54 13.56
CA LEU P 5 11.73 45.68 13.23
C LEU P 5 11.41 45.12 11.84
N LEU P 6 12.42 44.88 11.01
CA LEU P 6 12.18 44.35 9.68
C LEU P 6 11.48 42.99 9.67
N PRO P 7 11.82 42.03 10.54
CA PRO P 7 11.03 40.78 10.55
C PRO P 7 9.55 41.01 10.81
N SER P 8 9.21 41.81 11.82
CA SER P 8 7.81 42.07 12.12
C SER P 8 7.13 42.89 11.03
N PHE P 9 7.89 43.65 10.24
CA PHE P 9 7.29 44.36 9.13
C PHE P 9 7.06 43.46 7.92
N PHE P 10 7.98 42.53 7.66
CA PHE P 10 8.00 41.77 6.42
C PHE P 10 7.30 40.42 6.50
N VAL P 11 7.51 39.67 7.58
CA VAL P 11 6.92 38.32 7.67
C VAL P 11 5.40 38.35 7.56
N PRO P 12 4.67 39.20 8.29
CA PRO P 12 3.22 39.28 8.03
C PRO P 12 2.92 39.73 6.62
N LEU P 13 3.61 40.77 6.16
CA LEU P 13 3.44 41.28 4.81
C LEU P 13 3.54 40.16 3.79
N VAL P 14 4.69 39.51 3.70
CA VAL P 14 4.88 38.44 2.74
C VAL P 14 3.84 37.36 2.99
N GLY P 15 3.94 36.70 4.14
CA GLY P 15 3.25 35.45 4.40
C GLY P 15 1.75 35.54 4.48
N LEU P 16 1.17 36.73 4.51
CA LEU P 16 -0.28 36.86 4.47
C LEU P 16 -0.75 37.68 3.28
N VAL P 17 -0.18 38.86 3.04
CA VAL P 17 -0.64 39.70 1.96
C VAL P 17 -0.31 39.07 0.61
N LEU P 18 0.92 38.59 0.43
CA LEU P 18 1.28 38.00 -0.85
C LEU P 18 0.41 36.79 -1.19
N PRO P 19 0.10 35.86 -0.28
CA PRO P 19 -0.92 34.86 -0.61
C PRO P 19 -2.23 35.45 -1.05
N LEU P 20 -2.73 36.50 -0.40
CA LEU P 20 -4.05 37.02 -0.76
C LEU P 20 -4.06 37.55 -2.19
N PHE P 21 -3.11 38.43 -2.52
CA PHE P 21 -3.08 39.00 -3.86
C PHE P 21 -2.75 37.94 -4.91
N SER P 22 -1.85 37.00 -4.58
CA SER P 22 -1.53 35.93 -5.52
C SER P 22 -2.73 35.05 -5.79
N ILE P 23 -3.51 34.72 -4.75
CA ILE P 23 -4.74 33.94 -4.94
C ILE P 23 -5.73 34.72 -5.78
N ILE P 24 -5.88 36.01 -5.52
CA ILE P 24 -6.79 36.83 -6.33
C ILE P 24 -6.40 36.76 -7.80
N GLY P 25 -5.12 37.02 -8.08
CA GLY P 25 -4.67 37.04 -9.45
C GLY P 25 -4.77 35.68 -10.14
N LEU P 26 -4.36 34.62 -9.43
CA LEU P 26 -4.40 33.28 -10.01
C LEU P 26 -5.84 32.82 -10.26
N PHE P 27 -6.73 33.06 -9.30
CA PHE P 27 -8.13 32.70 -9.50
C PHE P 27 -8.74 33.46 -10.66
N LEU P 28 -8.48 34.77 -10.73
CA LEU P 28 -8.99 35.56 -11.85
C LEU P 28 -8.46 35.04 -13.17
N TYR P 29 -7.16 34.70 -13.22
CA TYR P 29 -6.56 34.25 -14.47
C TYR P 29 -7.12 32.90 -14.90
N ILE P 30 -7.17 31.93 -13.98
CA ILE P 30 -7.64 30.59 -14.33
C ILE P 30 -9.14 30.51 -14.53
N GLU P 31 -9.89 31.53 -14.10
CA GLU P 31 -11.32 31.56 -14.34
C GLU P 31 -11.71 32.47 -15.49
N LYS P 32 -10.74 32.93 -16.29
CA LYS P 32 -11.04 33.80 -17.42
C LYS P 32 -11.77 33.02 -18.51
N GLU P 33 -12.26 33.76 -19.50
CA GLU P 33 -12.90 33.17 -20.66
C GLU P 33 -12.26 33.70 -21.93
N ASN P 34 -12.87 33.41 -23.09
CA ASN P 34 -12.33 33.89 -24.36
C ASN P 34 -13.42 34.56 -25.19
N MET Q 1 -10.12 -46.93 -5.46
CA MET Q 1 -8.85 -46.28 -5.17
C MET Q 1 -8.12 -45.89 -6.45
N LYS Q 2 -8.88 -45.64 -7.52
CA LYS Q 2 -8.30 -45.18 -8.77
C LYS Q 2 -8.33 -43.66 -8.87
N ASP Q 3 -9.42 -43.04 -8.42
CA ASP Q 3 -9.54 -41.59 -8.41
C ASP Q 3 -8.98 -40.98 -7.13
N PHE Q 4 -8.97 -41.73 -6.02
CA PHE Q 4 -8.31 -41.24 -4.81
C PHE Q 4 -6.81 -41.08 -5.03
N LEU Q 5 -6.19 -42.06 -5.68
CA LEU Q 5 -4.77 -41.93 -6.00
C LEU Q 5 -4.53 -40.82 -7.01
N LYS Q 6 -5.49 -40.57 -7.90
CA LYS Q 6 -5.38 -39.41 -8.79
C LYS Q 6 -5.54 -38.11 -8.01
N TYR Q 7 -6.42 -38.10 -6.99
CA TYR Q 7 -6.55 -36.92 -6.15
C TYR Q 7 -5.25 -36.65 -5.39
N LEU Q 8 -4.62 -37.70 -4.87
CA LEU Q 8 -3.35 -37.55 -4.18
C LEU Q 8 -2.25 -37.09 -5.13
N SER Q 9 -2.45 -37.23 -6.43
CA SER Q 9 -1.49 -36.78 -7.43
C SER Q 9 -1.69 -35.33 -7.83
N THR Q 10 -2.66 -34.64 -7.24
CA THR Q 10 -2.87 -33.24 -7.55
C THR Q 10 -1.73 -32.39 -7.00
N ALA Q 11 -1.60 -31.18 -7.54
CA ALA Q 11 -0.53 -30.28 -7.13
C ALA Q 11 -0.54 -29.95 -5.65
N PRO Q 12 -1.67 -29.62 -4.99
CA PRO Q 12 -1.60 -29.22 -3.59
C PRO Q 12 -1.19 -30.35 -2.67
N VAL Q 13 -1.79 -31.52 -2.85
CA VAL Q 13 -1.49 -32.66 -1.99
C VAL Q 13 -0.03 -33.08 -2.17
N LEU Q 14 0.43 -33.13 -3.42
CA LEU Q 14 1.82 -33.52 -3.66
C LEU Q 14 2.79 -32.49 -3.12
N LEU Q 15 2.48 -31.20 -3.28
CA LEU Q 15 3.36 -30.16 -2.73
C LEU Q 15 3.38 -30.22 -1.20
N THR Q 16 2.22 -30.42 -0.58
CA THR Q 16 2.17 -30.53 0.87
C THR Q 16 2.96 -31.73 1.37
N ALA Q 17 2.81 -32.88 0.72
CA ALA Q 17 3.57 -34.06 1.11
C ALA Q 17 5.06 -33.85 0.93
N TRP Q 18 5.46 -33.27 -0.20
CA TRP Q 18 6.88 -33.07 -0.47
C TRP Q 18 7.49 -32.06 0.48
N LEU Q 19 6.78 -30.97 0.78
CA LEU Q 19 7.30 -29.98 1.71
C LEU Q 19 7.31 -30.49 3.13
N THR Q 20 6.32 -31.30 3.51
CA THR Q 20 6.33 -31.92 4.84
C THR Q 20 7.51 -32.87 4.98
N PHE Q 21 7.75 -33.70 3.96
CA PHE Q 21 8.92 -34.59 3.97
C PHE Q 21 10.23 -33.80 4.00
N THR Q 22 10.29 -32.69 3.25
CA THR Q 22 11.50 -31.89 3.18
C THR Q 22 11.80 -31.23 4.51
N ALA Q 23 10.80 -30.55 5.09
CA ALA Q 23 10.96 -29.98 6.41
C ALA Q 23 11.29 -31.06 7.42
N GLY Q 24 10.72 -32.26 7.26
CA GLY Q 24 11.00 -33.34 8.19
C GLY Q 24 12.46 -33.75 8.18
N PHE Q 25 13.02 -34.00 7.00
CA PHE Q 25 14.41 -34.46 7.02
C PHE Q 25 15.36 -33.32 7.37
N VAL Q 26 15.00 -32.07 7.04
CA VAL Q 26 15.82 -30.95 7.47
C VAL Q 26 15.83 -30.83 9.00
N ILE Q 27 14.65 -30.88 9.61
CA ILE Q 27 14.55 -30.77 11.06
C ILE Q 27 15.27 -31.93 11.75
N GLU Q 28 15.19 -33.12 11.16
CA GLU Q 28 15.85 -34.25 11.81
C GLU Q 28 17.36 -34.23 11.65
N ILE Q 29 17.87 -33.74 10.50
CA ILE Q 29 19.30 -33.50 10.38
C ILE Q 29 19.74 -32.51 11.43
N ASN Q 30 18.97 -31.42 11.61
CA ASN Q 30 19.35 -30.42 12.60
C ASN Q 30 19.15 -30.89 14.04
N ARG Q 31 18.35 -31.94 14.26
CA ARG Q 31 18.28 -32.51 15.60
C ARG Q 31 19.47 -33.42 15.87
N PHE Q 32 19.82 -34.28 14.92
CA PHE Q 32 20.90 -35.23 15.17
C PHE Q 32 22.27 -34.59 15.09
N TYR Q 33 22.43 -33.56 14.25
CA TYR Q 33 23.68 -32.79 14.18
C TYR Q 33 23.33 -31.32 14.29
N PRO Q 34 23.07 -30.84 15.49
CA PRO Q 34 22.66 -29.44 15.68
C PRO Q 34 23.85 -28.49 15.61
N ASP Q 35 23.51 -27.20 15.46
CA ASP Q 35 24.48 -26.11 15.54
C ASP Q 35 25.62 -26.28 14.53
N ALA Q 36 25.28 -26.64 13.30
CA ALA Q 36 26.27 -26.85 12.25
C ALA Q 36 26.44 -25.54 11.49
N LEU Q 37 27.49 -24.79 11.83
CA LEU Q 37 27.77 -23.53 11.15
C LEU Q 37 28.59 -23.70 9.89
N THR Q 38 29.50 -24.66 9.87
CA THR Q 38 30.33 -24.94 8.71
C THR Q 38 30.12 -26.37 8.25
N PHE Q 39 30.72 -26.71 7.11
CA PHE Q 39 30.64 -28.07 6.61
C PHE Q 39 31.31 -29.02 7.59
N PRO Q 40 30.71 -30.18 7.88
CA PRO Q 40 31.31 -31.09 8.87
C PRO Q 40 32.70 -31.55 8.51
N PHE Q 41 32.98 -31.75 7.22
CA PHE Q 41 34.31 -32.17 6.79
C PHE Q 41 35.31 -31.02 6.92
N VAL R 2 -51.85 7.93 3.57
CA VAL R 2 -51.19 9.14 3.09
C VAL R 2 -49.69 8.89 2.90
N SER R 3 -49.08 9.66 2.01
CA SER R 3 -47.64 9.61 1.77
C SER R 3 -47.10 11.03 1.82
N PHE R 4 -46.02 11.22 2.59
CA PHE R 4 -45.46 12.55 2.79
C PHE R 4 -44.20 12.78 1.96
N ILE R 5 -43.86 11.87 1.06
CA ILE R 5 -42.76 12.06 0.12
C ILE R 5 -43.29 11.77 -1.28
N LYS R 6 -43.17 12.74 -2.17
CA LYS R 6 -43.67 12.64 -3.53
C LYS R 6 -42.64 13.27 -4.46
N PRO R 7 -42.68 12.94 -5.75
CA PRO R 7 -41.76 13.57 -6.70
C PRO R 7 -41.94 15.08 -6.71
N TYR R 8 -40.83 15.79 -6.88
CA TYR R 8 -40.84 17.24 -6.78
C TYR R 8 -41.53 17.85 -8.00
N ARG R 9 -42.59 18.62 -7.75
CA ARG R 9 -43.32 19.33 -8.80
C ARG R 9 -43.80 18.38 -9.89
N GLN R 10 -44.19 17.17 -9.50
CA GLN R 10 -44.75 16.17 -10.40
C GLN R 10 -43.77 15.78 -11.50
N ASP R 11 -42.46 15.88 -11.22
CA ASP R 11 -41.43 15.45 -12.16
C ASP R 11 -40.64 14.32 -11.55
N PRO R 12 -40.89 13.07 -11.94
CA PRO R 12 -40.18 11.93 -11.33
C PRO R 12 -38.74 11.79 -11.79
N PHE R 13 -38.25 12.67 -12.65
CA PHE R 13 -36.90 12.54 -13.20
C PHE R 13 -35.93 13.58 -12.66
N VAL R 14 -36.39 14.52 -11.84
CA VAL R 14 -35.48 15.46 -11.19
C VAL R 14 -34.70 14.72 -10.10
N GLY R 15 -33.48 15.19 -9.85
CA GLY R 15 -32.72 14.66 -8.75
C GLY R 15 -33.11 15.31 -7.44
N HIS R 16 -34.39 15.25 -7.11
CA HIS R 16 -34.93 15.93 -5.95
C HIS R 16 -36.23 15.26 -5.52
N LEU R 17 -36.63 15.52 -4.29
CA LEU R 17 -37.85 14.94 -3.73
C LEU R 17 -38.58 15.99 -2.93
N ALA R 18 -39.90 15.84 -2.84
CA ALA R 18 -40.75 16.73 -2.06
C ALA R 18 -41.01 16.08 -0.70
N THR R 19 -40.04 16.22 0.17
CA THR R 19 -40.10 15.67 1.52
C THR R 19 -40.70 16.68 2.47
N PRO R 20 -41.06 16.27 3.71
CA PRO R 20 -41.61 17.23 4.67
C PRO R 20 -40.60 18.26 5.16
N ILE R 21 -39.44 18.32 4.52
CA ILE R 21 -38.41 19.29 4.84
C ILE R 21 -38.09 20.19 3.65
N THR R 22 -38.07 19.64 2.43
CA THR R 22 -37.79 20.47 1.27
C THR R 22 -38.97 21.38 0.94
N THR R 23 -40.19 20.86 1.03
CA THR R 23 -41.39 21.59 0.60
C THR R 23 -42.44 21.64 1.71
N SER R 24 -42.02 21.89 2.94
CA SER R 24 -42.96 22.10 4.02
C SER R 24 -43.26 23.58 4.17
N ALA R 25 -44.46 23.88 4.67
CA ALA R 25 -44.86 25.28 4.84
C ALA R 25 -43.90 26.02 5.76
N PHE R 26 -43.41 25.34 6.80
CA PHE R 26 -42.41 25.95 7.66
C PHE R 26 -41.15 26.31 6.88
N THR R 27 -40.68 25.37 6.05
CA THR R 27 -39.50 25.64 5.24
C THR R 27 -39.76 26.80 4.29
N ARG R 28 -40.93 26.83 3.66
CA ARG R 28 -41.26 27.91 2.74
C ARG R 28 -41.20 29.26 3.43
N ALA R 29 -41.91 29.41 4.54
CA ALA R 29 -41.95 30.70 5.23
C ALA R 29 -40.58 31.07 5.78
N TYR R 30 -39.88 30.11 6.39
CA TYR R 30 -38.59 30.40 7.00
C TYR R 30 -37.56 30.85 5.96
N LEU R 31 -37.55 30.19 4.80
CA LEU R 31 -36.61 30.61 3.76
C LEU R 31 -37.06 31.88 3.07
N LYS R 32 -38.37 32.18 3.07
CA LYS R 32 -38.84 33.42 2.47
C LYS R 32 -38.69 34.62 3.39
N VAL R 33 -38.43 34.41 4.68
CA VAL R 33 -38.12 35.54 5.57
C VAL R 33 -36.63 35.79 5.70
N LEU R 34 -35.79 34.90 5.14
CA LEU R 34 -34.35 35.11 5.19
C LEU R 34 -33.96 36.21 4.20
N PRO R 35 -32.88 36.95 4.50
CA PRO R 35 -32.48 38.06 3.61
C PRO R 35 -32.18 37.63 2.20
N ALA R 36 -31.66 36.42 2.01
CA ALA R 36 -31.30 35.97 0.67
C ALA R 36 -32.53 35.79 -0.22
N TYR R 37 -33.70 35.51 0.37
CA TYR R 37 -34.90 35.27 -0.40
C TYR R 37 -36.07 36.16 0.00
N ARG R 38 -35.88 37.07 0.95
CA ARG R 38 -36.99 37.92 1.38
C ARG R 38 -37.41 38.84 0.25
N PRO R 39 -38.71 38.91 -0.07
CA PRO R 39 -39.16 39.79 -1.14
C PRO R 39 -39.05 41.26 -0.74
N GLY R 40 -38.91 42.11 -1.76
CA GLY R 40 -38.86 43.54 -1.54
C GLY R 40 -37.52 44.08 -1.10
N LEU R 41 -36.43 43.31 -1.24
CA LEU R 41 -35.11 43.74 -0.83
C LEU R 41 -34.23 43.95 -2.06
N THR R 42 -33.55 45.09 -2.10
CA THR R 42 -32.53 45.32 -3.11
C THR R 42 -31.31 44.47 -2.77
N PRO R 43 -30.44 44.18 -3.76
CA PRO R 43 -29.26 43.36 -3.45
C PRO R 43 -28.36 43.97 -2.41
N LEU R 44 -28.27 45.31 -2.39
CA LEU R 44 -27.50 45.98 -1.34
C LEU R 44 -28.09 45.72 0.03
N SER R 45 -29.42 45.73 0.16
CA SER R 45 -30.05 45.46 1.45
C SER R 45 -29.82 44.02 1.88
N ARG R 46 -29.94 43.07 0.95
CA ARG R 46 -29.66 41.68 1.27
C ARG R 46 -28.24 41.51 1.75
N GLY R 47 -27.28 42.09 1.03
CA GLY R 47 -25.90 42.03 1.45
C GLY R 47 -25.67 42.65 2.81
N ALA R 48 -26.30 43.81 3.05
CA ALA R 48 -26.12 44.49 4.32
C ALA R 48 -26.63 43.66 5.49
N GLU R 49 -27.82 43.08 5.33
CA GLU R 49 -28.37 42.26 6.41
C GLU R 49 -27.53 41.01 6.64
N ILE R 50 -27.12 40.35 5.56
CA ILE R 50 -26.29 39.15 5.70
C ILE R 50 -24.98 39.47 6.38
N GLY R 51 -24.33 40.57 5.96
CA GLY R 51 -23.09 40.97 6.58
C GLY R 51 -23.26 41.32 8.05
N PHE R 52 -24.33 42.02 8.39
CA PHE R 52 -24.57 42.36 9.79
C PHE R 52 -24.68 41.10 10.64
N THR R 53 -25.54 40.17 10.22
CA THR R 53 -25.71 38.93 11.01
C THR R 53 -24.40 38.16 11.08
N HIS R 54 -23.66 38.09 9.97
CA HIS R 54 -22.48 37.25 9.92
C HIS R 54 -21.34 37.82 10.75
N GLY R 55 -21.09 39.13 10.67
CA GLY R 55 -20.12 39.75 11.55
C GLY R 55 -20.52 39.64 13.02
N TYR R 56 -21.82 39.79 13.28
CA TYR R 56 -22.32 39.72 14.65
C TYR R 56 -22.01 38.36 15.27
N PHE R 57 -22.27 37.27 14.55
CA PHE R 57 -21.95 35.97 15.12
C PHE R 57 -20.52 35.54 14.87
N LEU R 58 -19.76 36.26 14.03
CA LEU R 58 -18.38 35.90 13.77
C LEU R 58 -17.43 36.46 14.81
N ILE R 59 -17.76 37.62 15.38
CA ILE R 59 -16.87 38.17 16.42
C ILE R 59 -16.81 37.25 17.64
N GLY R 60 -17.86 36.44 17.85
CA GLY R 60 -17.97 35.61 19.02
C GLY R 60 -16.82 34.63 19.21
N PRO R 61 -16.67 33.68 18.28
CA PRO R 61 -15.61 32.67 18.43
C PRO R 61 -14.21 33.27 18.49
N PHE R 62 -13.95 34.34 17.74
CA PHE R 62 -12.62 34.95 17.77
C PHE R 62 -12.32 35.58 19.12
N TYR R 63 -13.30 36.30 19.70
CA TYR R 63 -13.08 36.92 20.99
C TYR R 63 -13.00 35.88 22.10
N THR R 64 -13.86 34.86 22.06
CA THR R 64 -13.93 33.91 23.16
C THR R 64 -12.73 32.99 23.19
N TYR R 65 -12.33 32.45 22.03
CA TYR R 65 -11.31 31.40 21.99
C TYR R 65 -10.03 31.82 21.29
N GLY R 66 -9.82 33.11 21.06
CA GLY R 66 -8.67 33.57 20.33
C GLY R 66 -7.35 33.30 21.04
N PRO R 67 -6.26 33.84 20.49
CA PRO R 67 -4.96 33.69 21.16
C PRO R 67 -4.77 34.63 22.34
N LEU R 68 -5.65 35.61 22.51
CA LEU R 68 -5.56 36.60 23.58
C LEU R 68 -6.81 36.60 24.44
N ARG R 69 -7.29 35.41 24.81
CA ARG R 69 -8.49 35.31 25.63
C ARG R 69 -8.25 35.91 27.01
N SER R 70 -9.35 36.04 27.75
CA SER R 70 -9.30 36.50 29.13
C SER R 70 -10.58 36.03 29.81
N VAL R 71 -10.43 35.31 30.93
CA VAL R 71 -11.61 34.85 31.65
C VAL R 71 -12.39 36.03 32.20
N GLU R 72 -11.71 37.15 32.47
CA GLU R 72 -12.37 38.41 32.77
C GLU R 72 -12.49 39.22 31.48
N PHE R 73 -13.09 40.40 31.57
CA PHE R 73 -13.24 41.24 30.39
C PHE R 73 -11.97 42.05 30.17
N SER R 74 -11.42 41.97 28.95
CA SER R 74 -10.23 42.70 28.56
C SER R 74 -10.53 43.47 27.29
N LEU R 75 -10.15 44.75 27.26
CA LEU R 75 -10.30 45.53 26.04
C LEU R 75 -9.42 45.00 24.93
N THR R 76 -8.24 44.48 25.28
CA THR R 76 -7.35 43.92 24.26
C THR R 76 -7.95 42.68 23.62
N SER R 77 -8.57 41.82 24.42
CA SER R 77 -9.24 40.63 23.86
C SER R 77 -10.36 41.03 22.92
N LEU R 78 -11.17 42.01 23.32
CA LEU R 78 -12.26 42.47 22.47
C LEU R 78 -11.74 43.08 21.18
N ALA R 79 -10.68 43.88 21.27
CA ALA R 79 -10.09 44.48 20.08
C ALA R 79 -9.52 43.42 19.15
N ALA R 80 -8.86 42.40 19.71
CA ALA R 80 -8.31 41.32 18.91
C ALA R 80 -9.42 40.56 18.19
N GLY R 81 -10.49 40.22 18.91
CA GLY R 81 -11.60 39.53 18.28
C GLY R 81 -12.27 40.37 17.20
N LEU R 82 -12.45 41.66 17.47
CA LEU R 82 -13.06 42.55 16.49
C LEU R 82 -12.20 42.66 15.23
N LEU R 83 -10.88 42.82 15.40
CA LEU R 83 -10.01 42.91 14.24
C LEU R 83 -9.98 41.62 13.44
N ALA R 84 -9.95 40.47 14.13
CA ALA R 84 -9.99 39.20 13.43
C ALA R 84 -11.28 39.02 12.66
N ALA R 85 -12.41 39.38 13.27
CA ALA R 85 -13.69 39.28 12.58
C ALA R 85 -13.74 40.20 11.36
N ILE R 86 -13.23 41.42 11.51
CA ILE R 86 -13.26 42.36 10.39
C ILE R 86 -12.37 41.87 9.25
N THR R 87 -11.20 41.33 9.58
CA THR R 87 -10.33 40.82 8.52
C THR R 87 -10.92 39.59 7.85
N LEU R 88 -11.60 38.73 8.62
CA LEU R 88 -12.28 37.59 8.00
C LEU R 88 -13.39 38.06 7.08
N LEU R 89 -14.13 39.10 7.49
CA LEU R 89 -15.14 39.68 6.61
C LEU R 89 -14.51 40.26 5.35
N LEU R 90 -13.33 40.86 5.48
CA LEU R 90 -12.63 41.36 4.31
C LEU R 90 -12.25 40.22 3.36
N ILE R 91 -11.77 39.11 3.91
CA ILE R 91 -11.42 37.96 3.07
C ILE R 91 -12.67 37.42 2.36
N LEU R 92 -13.78 37.33 3.09
CA LEU R 92 -15.03 36.86 2.49
C LEU R 92 -15.52 37.82 1.41
N THR R 93 -15.34 39.13 1.63
CA THR R 93 -15.73 40.11 0.62
C THR R 93 -14.85 40.01 -0.62
N VAL R 94 -13.56 39.74 -0.44
CA VAL R 94 -12.68 39.52 -1.58
C VAL R 94 -13.14 38.31 -2.38
N GLY R 95 -13.48 37.23 -1.68
CA GLY R 95 -14.00 36.06 -2.35
C GLY R 95 -15.29 36.34 -3.11
N LEU R 96 -16.20 37.09 -2.49
CA LEU R 96 -17.44 37.47 -3.15
C LEU R 96 -17.16 38.28 -4.40
N SER R 97 -16.24 39.24 -4.31
CA SER R 97 -15.94 40.11 -5.43
C SER R 97 -15.37 39.31 -6.61
N ILE R 98 -14.41 38.43 -6.34
CA ILE R 98 -13.82 37.67 -7.44
C ILE R 98 -14.82 36.67 -8.02
N TYR R 99 -15.66 36.07 -7.15
CA TYR R 99 -16.68 35.16 -7.64
C TYR R 99 -17.66 35.87 -8.57
N GLY R 100 -18.13 37.05 -8.16
CA GLY R 100 -19.01 37.82 -9.03
C GLY R 100 -18.34 38.29 -10.29
N GLN R 101 -17.04 38.61 -10.22
CA GLN R 101 -16.30 39.02 -11.39
C GLN R 101 -16.23 37.90 -12.42
N VAL R 102 -15.98 36.67 -11.96
CA VAL R 102 -15.80 35.57 -12.90
C VAL R 102 -17.09 34.84 -13.26
N THR R 103 -18.20 35.12 -12.57
CA THR R 103 -19.41 34.34 -12.79
C THR R 103 -20.35 34.98 -13.82
N TYR R 104 -20.78 36.21 -13.58
CA TYR R 104 -21.83 36.84 -14.36
C TYR R 104 -21.26 37.84 -15.37
N ASP R 105 -21.95 37.99 -16.51
CA ASP R 105 -21.82 39.17 -17.37
C ASP R 105 -23.21 39.70 -17.75
N VAL R 106 -23.84 40.42 -16.82
CA VAL R 106 -25.16 41.00 -17.01
C VAL R 106 -25.24 42.25 -16.13
N TYR R 107 -26.00 43.25 -16.60
CA TYR R 107 -26.33 44.41 -15.78
C TYR R 107 -27.81 44.56 -15.49
N ASP R 108 -28.69 43.86 -16.21
CA ASP R 108 -30.13 43.92 -15.94
C ASP R 108 -30.72 42.59 -16.38
N ASN R 109 -31.14 41.78 -15.40
CA ASN R 109 -31.63 40.43 -15.67
C ASN R 109 -33.15 40.44 -15.72
N ALA R 110 -33.73 39.25 -15.93
CA ALA R 110 -35.15 39.00 -16.13
C ALA R 110 -35.67 39.62 -17.41
N LEU R 111 -34.83 40.33 -18.16
CA LEU R 111 -35.17 40.87 -19.47
C LEU R 111 -34.37 40.20 -20.57
N ILE R 112 -33.04 40.18 -20.47
CA ILE R 112 -32.18 39.64 -21.52
C ILE R 112 -32.64 38.24 -21.93
N VAL R 113 -33.09 37.45 -20.96
CA VAL R 113 -33.60 36.12 -21.27
C VAL R 113 -34.80 36.21 -22.20
N LYS R 114 -35.73 37.11 -21.90
CA LYS R 114 -36.91 37.28 -22.75
C LYS R 114 -36.52 37.85 -24.12
N LEU R 115 -35.57 38.78 -24.14
CA LEU R 115 -35.12 39.37 -25.40
C LEU R 115 -34.55 38.31 -26.32
N VAL R 116 -33.74 37.40 -25.77
CA VAL R 116 -33.14 36.37 -26.61
C VAL R 116 -34.10 35.21 -26.86
N ARG R 117 -35.14 35.05 -26.04
CA ARG R 117 -36.20 34.10 -26.37
C ARG R 117 -37.18 34.66 -27.38
N GLN R 118 -37.16 35.97 -27.63
CA GLN R 118 -38.06 36.61 -28.58
C GLN R 118 -37.33 37.12 -29.82
N MET R 119 -36.30 37.95 -29.64
CA MET R 119 -35.62 38.59 -30.75
C MET R 119 -34.40 37.81 -31.23
N VAL R 120 -34.32 36.52 -30.91
CA VAL R 120 -33.25 35.62 -31.34
C VAL R 120 -31.92 36.00 -30.69
N GLY R 121 -31.05 35.00 -30.53
CA GLY R 121 -29.79 35.20 -29.84
C GLY R 121 -28.58 34.69 -30.60
N SER R 122 -28.56 34.89 -31.92
CA SER R 122 -27.51 34.32 -32.76
C SER R 122 -26.18 35.04 -32.53
N GLU R 123 -25.59 34.85 -31.35
CA GLU R 123 -24.33 35.47 -30.99
C GLU R 123 -23.47 34.42 -30.30
N ARG R 124 -22.40 34.88 -29.64
CA ARG R 124 -21.48 33.98 -28.95
C ARG R 124 -22.10 33.29 -27.75
N THR R 125 -23.34 33.63 -27.40
CA THR R 125 -24.10 32.98 -26.33
C THR R 125 -23.46 33.17 -24.97
N GLN R 126 -24.10 32.60 -23.93
CA GLN R 126 -23.64 32.62 -22.54
C GLN R 126 -23.78 34.01 -21.92
N ASP R 127 -24.10 35.02 -22.74
CA ASP R 127 -24.47 36.34 -22.24
C ASP R 127 -25.85 36.75 -22.72
N LEU R 128 -26.11 36.67 -24.02
CA LEU R 128 -27.45 36.84 -24.56
C LEU R 128 -28.26 35.62 -24.20
N PRO R 129 -27.93 34.45 -24.75
CA PRO R 129 -28.64 33.22 -24.39
C PRO R 129 -28.19 32.68 -23.04
N GLN R 130 -28.67 31.49 -22.69
CA GLN R 130 -28.33 30.83 -21.43
C GLN R 130 -28.84 31.65 -20.24
N ILE R 131 -27.90 32.21 -19.47
CA ILE R 131 -28.21 33.04 -18.30
C ILE R 131 -28.95 32.21 -17.26
N LYS R 132 -28.22 31.72 -16.26
CA LYS R 132 -28.81 30.93 -15.18
C LYS R 132 -29.34 31.87 -14.10
N GLY R 133 -30.60 31.67 -13.72
CA GLY R 133 -31.21 32.48 -12.68
C GLY R 133 -31.69 33.83 -13.18
N THR R 134 -32.85 34.28 -12.68
CA THR R 134 -33.43 35.55 -13.06
C THR R 134 -33.42 36.57 -11.92
N SER R 135 -32.78 36.24 -10.80
CA SER R 135 -32.73 37.17 -9.67
C SER R 135 -31.82 38.35 -9.98
N GLU R 136 -32.07 39.45 -9.27
CA GLU R 136 -31.20 40.62 -9.39
C GLU R 136 -29.82 40.36 -8.80
N LEU R 137 -29.66 39.34 -7.96
CA LEU R 137 -28.36 38.96 -7.46
C LEU R 137 -27.49 38.31 -8.53
N ASP R 138 -28.06 37.94 -9.67
CA ASP R 138 -27.35 37.21 -10.71
C ASP R 138 -26.85 38.14 -11.82
N THR R 139 -26.44 39.35 -11.46
CA THR R 139 -25.90 40.32 -12.40
C THR R 139 -24.56 40.83 -11.86
N VAL R 140 -23.77 41.43 -12.76
CA VAL R 140 -22.52 42.03 -12.35
C VAL R 140 -22.78 43.19 -11.38
N LEU R 141 -23.75 44.04 -11.72
CA LEU R 141 -24.10 45.14 -10.82
C LEU R 141 -24.72 44.62 -9.54
N GLY R 142 -25.61 43.63 -9.64
CA GLY R 142 -26.28 43.12 -8.44
C GLY R 142 -25.32 42.49 -7.46
N TRP R 143 -24.40 41.66 -7.97
CA TRP R 143 -23.44 41.00 -7.08
C TRP R 143 -22.45 41.98 -6.49
N GLN R 144 -22.07 43.03 -7.25
CA GLN R 144 -21.17 44.05 -6.71
C GLN R 144 -21.80 44.77 -5.53
N LYS R 145 -23.06 45.18 -5.67
CA LYS R 145 -23.75 45.81 -4.57
C LYS R 145 -23.99 44.84 -3.42
N PHE R 146 -24.21 43.56 -3.74
CA PHE R 146 -24.34 42.55 -2.69
C PHE R 146 -23.06 42.44 -1.87
N SER R 147 -21.91 42.40 -2.54
CA SER R 147 -20.63 42.33 -1.84
C SER R 147 -20.37 43.59 -1.03
N GLU R 148 -20.68 44.76 -1.60
CA GLU R 148 -20.52 46.01 -0.88
C GLU R 148 -21.36 46.03 0.39
N GLY R 149 -22.63 45.62 0.28
CA GLY R 149 -23.49 45.55 1.44
C GLY R 149 -23.00 44.55 2.46
N PHE R 150 -22.54 43.38 2.00
CA PHE R 150 -22.01 42.39 2.92
C PHE R 150 -20.84 42.96 3.71
N PHE R 151 -19.96 43.68 3.03
CA PHE R 151 -18.75 44.20 3.67
C PHE R 151 -19.10 45.29 4.68
N SER R 152 -19.93 46.26 4.28
CA SER R 152 -20.32 47.34 5.18
C SER R 152 -21.11 46.81 6.38
N GLY R 153 -22.11 45.95 6.12
CA GLY R 153 -22.88 45.37 7.19
C GLY R 153 -22.06 44.49 8.10
N GLY R 154 -21.06 43.81 7.55
CA GLY R 154 -20.17 43.03 8.41
C GLY R 154 -19.41 43.91 9.37
N LEU R 155 -18.86 45.01 8.87
CA LEU R 155 -18.17 45.94 9.77
C LEU R 155 -19.11 46.45 10.86
N ILE R 156 -20.30 46.90 10.45
CA ILE R 156 -21.23 47.49 11.41
C ILE R 156 -21.69 46.45 12.44
N GLY R 157 -22.01 45.25 11.98
CA GLY R 157 -22.46 44.22 12.90
C GLY R 157 -21.38 43.75 13.84
N SER R 158 -20.13 43.66 13.36
CA SER R 158 -19.03 43.32 14.25
C SER R 158 -18.85 44.38 15.33
N ILE R 159 -18.93 45.66 14.95
CA ILE R 159 -18.80 46.72 15.94
C ILE R 159 -19.95 46.66 16.95
N VAL R 160 -21.17 46.44 16.47
CA VAL R 160 -22.32 46.38 17.35
C VAL R 160 -22.20 45.20 18.32
N ALA R 161 -21.74 44.06 17.83
CA ALA R 161 -21.57 42.89 18.68
C ALA R 161 -20.46 43.11 19.70
N ALA R 162 -19.39 43.80 19.31
CA ALA R 162 -18.34 44.13 20.27
C ALA R 162 -18.88 45.04 21.38
N VAL R 163 -19.68 46.04 20.99
CA VAL R 163 -20.29 46.92 21.99
C VAL R 163 -21.19 46.13 22.93
N GLY R 164 -22.01 45.24 22.37
CA GLY R 164 -22.88 44.43 23.20
C GLY R 164 -22.12 43.52 24.14
N ILE R 165 -21.03 42.91 23.66
CA ILE R 165 -20.22 42.05 24.49
C ILE R 165 -19.59 42.85 25.64
N ALA R 166 -19.09 44.04 25.34
CA ALA R 166 -18.52 44.89 26.38
C ALA R 166 -19.57 45.27 27.42
N LEU R 167 -20.76 45.64 26.96
CA LEU R 167 -21.82 46.01 27.90
C LEU R 167 -22.22 44.83 28.78
N TYR R 168 -22.35 43.64 28.17
CA TYR R 168 -22.73 42.46 28.94
C TYR R 168 -21.65 42.09 29.95
N SER R 169 -20.38 42.20 29.57
CA SER R 169 -19.31 41.83 30.48
C SER R 169 -19.11 42.87 31.58
N THR R 170 -19.46 44.12 31.32
CA THR R 170 -19.23 45.18 32.30
C THR R 170 -20.41 45.32 33.27
N TYR R 171 -21.63 45.48 32.75
CA TYR R 171 -22.78 45.83 33.56
C TYR R 171 -23.56 44.62 34.05
N LEU R 172 -23.08 43.42 33.81
CA LEU R 172 -23.76 42.22 34.30
C LEU R 172 -22.84 41.37 35.17
N MET S 1 27.77 43.55 12.49
CA MET S 1 26.43 44.10 12.31
C MET S 1 26.39 45.02 11.09
N ILE S 2 25.49 44.72 10.16
CA ILE S 2 25.33 45.54 8.96
C ILE S 2 24.40 46.69 9.27
N TYR S 3 24.56 47.79 8.55
CA TYR S 3 23.83 49.01 8.82
C TYR S 3 22.48 49.02 8.10
N ASP S 4 21.68 50.05 8.40
CA ASP S 4 20.42 50.23 7.70
C ASP S 4 20.64 50.55 6.23
N SER S 5 21.68 51.33 5.92
CA SER S 5 21.99 51.65 4.54
C SER S 5 22.34 50.40 3.74
N GLN S 6 23.13 49.50 4.35
CA GLN S 6 23.52 48.28 3.66
C GLN S 6 22.30 47.41 3.33
N VAL S 7 21.40 47.24 4.29
CA VAL S 7 20.21 46.43 4.07
C VAL S 7 19.26 47.13 3.10
N TYR S 8 19.13 48.46 3.23
CA TYR S 8 18.20 49.19 2.39
C TYR S 8 18.58 49.11 0.91
N ILE S 9 19.85 49.33 0.60
CA ILE S 9 20.27 49.29 -0.80
C ILE S 9 20.22 47.87 -1.34
N ALA S 10 20.47 46.87 -0.50
CA ALA S 10 20.28 45.49 -0.93
C ALA S 10 18.83 45.20 -1.25
N LEU S 11 17.91 45.77 -0.46
CA LEU S 11 16.49 45.63 -0.76
C LEU S 11 16.14 46.34 -2.07
N VAL S 12 16.71 47.53 -2.29
CA VAL S 12 16.44 48.26 -3.52
C VAL S 12 16.97 47.49 -4.73
N ILE S 13 18.18 46.94 -4.62
CA ILE S 13 18.74 46.15 -5.71
C ILE S 13 17.91 44.89 -5.93
N ALA S 14 17.39 44.31 -4.85
CA ALA S 14 16.51 43.14 -4.98
C ALA S 14 15.24 43.50 -5.73
N VAL S 15 14.71 44.71 -5.51
CA VAL S 15 13.55 45.15 -6.27
C VAL S 15 13.86 45.21 -7.75
N VAL S 16 15.03 45.75 -8.11
CA VAL S 16 15.43 45.84 -9.51
C VAL S 16 15.51 44.45 -10.12
N ALA S 17 16.07 43.49 -9.38
CA ALA S 17 16.10 42.11 -9.85
C ALA S 17 14.70 41.52 -9.97
N SER S 18 13.74 42.05 -9.21
CA SER S 18 12.37 41.56 -9.32
C SER S 18 11.71 42.06 -10.61
N VAL S 19 11.92 43.34 -10.94
CA VAL S 19 11.36 43.88 -12.18
C VAL S 19 11.99 43.20 -13.38
N LEU S 20 13.25 42.81 -13.29
CA LEU S 20 13.87 42.03 -14.35
C LEU S 20 13.28 40.63 -14.42
N ALA S 21 12.81 40.10 -13.29
CA ALA S 21 12.24 38.75 -13.29
C ALA S 21 10.87 38.72 -13.94
N ILE S 22 10.01 39.70 -13.64
CA ILE S 22 8.70 39.73 -14.28
C ILE S 22 8.83 40.00 -15.77
N ARG S 23 9.80 40.83 -16.16
CA ARG S 23 10.02 41.05 -17.59
C ARG S 23 10.40 39.75 -18.29
N LEU S 24 11.25 38.94 -17.66
CA LEU S 24 11.53 37.60 -18.20
C LEU S 24 10.29 36.71 -18.11
N GLY S 25 9.55 36.80 -17.01
CA GLY S 25 8.35 35.99 -16.87
C GLY S 25 7.29 36.33 -17.89
N ALA S 26 7.05 37.63 -18.11
CA ALA S 26 6.07 38.04 -19.11
C ALA S 26 6.56 37.77 -20.53
N THR S 27 7.88 37.80 -20.74
CA THR S 27 8.41 37.53 -22.07
C THR S 27 8.33 36.05 -22.41
N LEU S 28 8.39 35.18 -21.40
CA LEU S 28 8.10 33.75 -21.59
C LEU S 28 6.61 33.49 -21.78
N TYR S 29 5.87 34.58 -21.90
CA TYR S 29 4.45 34.59 -22.28
C TYR S 29 3.54 34.13 -21.14
N ASN S 30 2.25 34.42 -21.31
CA ASN S 30 1.21 34.06 -20.35
C ASN S 30 1.25 32.58 -20.01
N UNK T 1 -35.67 50.30 -19.97
CA UNK T 1 -35.65 48.84 -19.84
C UNK T 1 -34.68 48.23 -20.84
N UNK T 2 -34.63 48.81 -22.04
CA UNK T 2 -33.73 48.33 -23.08
C UNK T 2 -33.55 49.37 -24.18
N UNK T 3 -33.97 49.02 -25.39
CA UNK T 3 -33.89 49.91 -26.53
C UNK T 3 -34.86 49.45 -27.60
N UNK T 4 -34.56 49.77 -28.87
CA UNK T 4 -35.37 49.35 -30.01
C UNK T 4 -36.83 49.73 -29.84
N UNK T 5 -37.72 48.94 -30.45
CA UNK T 5 -39.17 49.19 -30.37
C UNK T 5 -39.97 48.01 -30.90
N UNK T 6 -41.14 48.33 -31.45
CA UNK T 6 -42.03 47.35 -32.10
C UNK T 6 -42.49 46.24 -31.16
N UNK T 7 -41.66 45.21 -31.00
CA UNK T 7 -42.06 44.02 -30.26
C UNK T 7 -41.93 44.18 -28.74
N UNK T 8 -42.18 45.39 -28.25
CA UNK T 8 -42.16 45.65 -26.82
C UNK T 8 -43.42 45.09 -26.16
N UNK T 9 -44.43 44.83 -26.99
CA UNK T 9 -45.70 44.29 -26.51
C UNK T 9 -45.51 42.87 -25.98
N UNK T 10 -44.82 42.04 -26.75
CA UNK T 10 -44.55 40.67 -26.34
C UNK T 10 -43.51 40.63 -25.23
N UNK T 11 -42.66 41.64 -25.20
CA UNK T 11 -41.61 41.74 -24.18
C UNK T 11 -42.21 42.10 -22.82
N UNK T 12 -43.03 43.15 -22.80
CA UNK T 12 -43.66 43.59 -21.56
C UNK T 12 -44.69 42.56 -21.08
N UNK T 13 -45.19 41.75 -22.00
CA UNK T 13 -46.11 40.68 -21.66
C UNK T 13 -45.39 39.58 -20.89
N UNK T 14 -44.28 39.13 -21.45
CA UNK T 14 -43.46 38.09 -20.81
C UNK T 14 -42.82 38.62 -19.53
N UNK T 15 -42.52 39.92 -19.52
CA UNK T 15 -41.89 40.54 -18.36
C UNK T 15 -42.83 40.51 -17.15
N UNK T 16 -44.04 41.02 -17.33
CA UNK T 16 -45.02 41.06 -16.26
C UNK T 16 -45.44 39.64 -15.84
N UNK T 17 -45.35 38.70 -16.78
CA UNK T 17 -45.69 37.31 -16.50
C UNK T 17 -44.58 36.62 -15.73
N UNK T 18 -43.33 36.89 -16.10
CA UNK T 18 -42.19 36.28 -15.45
C UNK T 18 -41.90 36.94 -14.10
N UNK T 19 -42.08 38.25 -14.03
CA UNK T 19 -41.90 38.98 -12.78
C UNK T 19 -42.94 38.53 -11.76
N UNK T 20 -44.13 38.20 -12.25
CA UNK T 20 -45.18 37.67 -11.40
C UNK T 20 -44.82 36.26 -10.94
N UNK T 21 -44.67 35.35 -11.91
CA UNK T 21 -44.40 33.94 -11.64
C UNK T 21 -43.23 33.73 -10.68
N UNK T 22 -42.20 34.56 -10.81
CA UNK T 22 -41.04 34.46 -9.95
C UNK T 22 -41.37 34.90 -8.53
N UNK T 23 -42.07 36.03 -8.41
CA UNK T 23 -42.37 36.61 -7.11
C UNK T 23 -43.64 36.04 -6.48
N UNK T 24 -44.67 35.81 -7.31
CA UNK T 24 -45.95 35.33 -6.81
C UNK T 24 -45.83 33.91 -6.26
N UNK T 25 -45.90 32.93 -7.17
CA UNK T 25 -45.84 31.53 -6.77
C UNK T 25 -44.44 31.17 -6.29
N UNK T 26 -43.68 30.47 -7.14
CA UNK T 26 -42.39 29.92 -6.77
C UNK T 26 -42.53 29.11 -5.49
N UNK T 27 -42.55 29.80 -4.34
CA UNK T 27 -42.69 29.17 -3.03
C UNK T 27 -41.64 28.09 -2.84
N UNK T 28 -40.52 28.28 -3.53
CA UNK T 28 -39.43 27.31 -3.59
C UNK T 28 -38.37 27.89 -4.51
N UNK T 29 -38.21 29.20 -4.44
CA UNK T 29 -37.24 29.92 -5.26
C UNK T 29 -35.83 29.37 -5.03
N UNK T 30 -35.62 28.81 -3.85
CA UNK T 30 -34.35 28.18 -3.49
C UNK T 30 -34.06 26.99 -4.40
N UNK T 31 -35.12 26.33 -4.87
CA UNK T 31 -34.97 25.16 -5.74
C UNK T 31 -35.63 25.41 -7.09
N UNK T 32 -34.99 26.24 -7.90
CA UNK T 32 -35.53 26.60 -9.21
C UNK T 32 -34.88 25.78 -10.33
N UNK T 33 -33.73 25.19 -10.04
CA UNK T 33 -33.03 24.35 -11.00
C UNK T 33 -33.53 22.91 -10.93
N UNK T 34 -34.71 22.73 -10.31
CA UNK T 34 -35.31 21.42 -10.17
C UNK T 34 -36.68 21.38 -10.84
N UNK T 35 -36.87 22.24 -11.84
CA UNK T 35 -38.11 22.29 -12.60
C UNK T 35 -37.82 22.68 -14.05
N UNK T 36 -38.77 22.43 -14.93
CA UNK T 36 -38.60 22.73 -16.35
C UNK T 36 -39.94 22.94 -17.06
N UNK T 37 -39.87 23.45 -18.28
CA UNK T 37 -41.06 23.64 -19.10
C UNK T 37 -40.75 23.24 -20.54
N UNK T 38 -39.57 22.66 -20.74
CA UNK T 38 -39.14 22.23 -22.06
C UNK T 38 -39.29 20.72 -22.21
N UNK T 39 -40.52 20.24 -22.15
CA UNK T 39 -40.81 18.83 -22.34
C UNK T 39 -41.54 18.61 -23.65
N UNK T 40 -41.18 17.55 -24.37
CA UNK T 40 -41.77 17.26 -25.66
C UNK T 40 -42.81 16.15 -25.56
N UNK T 41 -43.75 16.15 -26.48
CA UNK T 41 -44.79 15.12 -26.52
C UNK T 41 -44.27 13.87 -27.20
N UNK T 42 -44.85 12.72 -26.86
CA UNK T 42 -44.44 11.45 -27.45
C UNK T 42 -44.75 11.42 -28.94
N UNK T 43 -45.81 12.13 -29.34
CA UNK T 43 -46.21 12.19 -30.73
C UNK T 43 -45.17 12.91 -31.58
N UNK T 44 -44.68 14.04 -31.08
CA UNK T 44 -43.68 14.83 -31.79
C UNK T 44 -42.34 14.11 -31.87
N UNK T 45 -41.99 13.41 -30.79
CA UNK T 45 -40.73 12.68 -30.73
C UNK T 45 -40.77 11.46 -31.65
N UNK T 46 -41.89 10.74 -31.64
CA UNK T 46 -42.03 9.54 -32.46
C UNK T 46 -42.08 9.89 -33.95
N UNK T 47 -42.46 11.13 -34.25
CA UNK T 47 -42.56 11.58 -35.64
C UNK T 47 -41.20 11.90 -36.23
N UNK T 48 -40.41 12.68 -35.50
CA UNK T 48 -39.06 13.05 -35.94
C UNK T 48 -38.18 11.83 -36.05
N UNK T 49 -38.47 10.83 -35.23
CA UNK T 49 -37.68 9.61 -35.17
C UNK T 49 -37.82 8.77 -36.45
N UNK T 50 -39.05 8.39 -36.77
CA UNK T 50 -39.32 7.59 -37.97
C UNK T 50 -38.90 8.34 -39.23
N UNK T 51 -38.86 9.66 -39.14
CA UNK T 51 -38.38 10.51 -40.23
C UNK T 51 -36.90 10.29 -40.45
N UNK T 52 -36.11 10.52 -39.41
CA UNK T 52 -34.65 10.33 -39.47
C UNK T 52 -34.30 8.86 -39.64
N UNK T 53 -35.26 7.99 -39.36
CA UNK T 53 -35.07 6.56 -39.52
C UNK T 53 -34.89 6.18 -40.98
N UNK T 54 -36.00 6.10 -41.71
CA UNK T 54 -36.00 5.65 -43.10
C UNK T 54 -35.17 6.54 -44.01
N UNK T 55 -35.12 7.84 -43.70
CA UNK T 55 -34.37 8.79 -44.52
C UNK T 55 -32.87 8.54 -44.42
N SER U 2 -12.86 15.13 -27.00
CA SER U 2 -13.45 13.82 -27.20
C SER U 2 -12.38 12.79 -27.56
N HIS U 3 -12.60 11.55 -27.15
CA HIS U 3 -11.63 10.50 -27.43
C HIS U 3 -11.67 10.11 -28.90
N THR U 4 -10.63 9.42 -29.33
CA THR U 4 -10.47 8.99 -30.72
C THR U 4 -10.59 7.48 -30.81
N VAL U 5 -11.44 7.00 -31.71
CA VAL U 5 -11.66 5.57 -31.92
C VAL U 5 -11.35 5.26 -33.38
N LYS U 6 -10.45 4.32 -33.60
CA LYS U 6 -10.05 3.91 -34.94
C LYS U 6 -10.37 2.43 -35.15
N ILE U 7 -10.75 2.10 -36.38
CA ILE U 7 -11.06 0.73 -36.78
C ILE U 7 -10.02 0.31 -37.80
N TYR U 8 -9.54 -0.94 -37.67
CA TYR U 8 -8.48 -1.46 -38.51
C TYR U 8 -9.02 -2.64 -39.31
N ASP U 9 -8.44 -2.85 -40.50
CA ASP U 9 -8.96 -3.83 -41.44
C ASP U 9 -8.84 -5.27 -40.95
N THR U 10 -8.26 -5.51 -39.77
CA THR U 10 -8.29 -6.82 -39.15
C THR U 10 -9.69 -7.18 -38.64
N CYS U 11 -10.61 -6.20 -38.66
CA CYS U 11 -12.00 -6.44 -38.32
C CYS U 11 -12.55 -7.67 -39.03
N ILE U 12 -13.19 -8.55 -38.25
CA ILE U 12 -13.87 -9.71 -38.78
C ILE U 12 -15.38 -9.54 -38.76
N GLY U 13 -15.86 -8.37 -38.36
CA GLY U 13 -17.29 -8.10 -38.38
C GLY U 13 -18.12 -8.97 -37.47
N CYS U 14 -17.61 -9.26 -36.27
CA CYS U 14 -18.32 -10.11 -35.32
C CYS U 14 -19.30 -9.33 -34.45
N THR U 15 -19.36 -8.00 -34.61
CA THR U 15 -20.32 -7.09 -33.99
C THR U 15 -20.21 -7.01 -32.47
N GLN U 16 -19.26 -7.71 -31.84
CA GLN U 16 -19.19 -7.70 -30.39
C GLN U 16 -18.82 -6.33 -29.84
N CYS U 17 -18.09 -5.53 -30.61
CA CYS U 17 -17.75 -4.18 -30.15
C CYS U 17 -18.99 -3.29 -30.13
N VAL U 18 -19.80 -3.36 -31.18
CA VAL U 18 -20.95 -2.47 -31.29
C VAL U 18 -21.96 -2.75 -30.18
N ARG U 19 -22.23 -4.03 -29.92
CA ARG U 19 -23.21 -4.38 -28.90
C ARG U 19 -22.65 -4.29 -27.48
N ALA U 20 -21.39 -3.86 -27.33
CA ALA U 20 -20.81 -3.62 -26.01
C ALA U 20 -20.65 -2.14 -25.70
N CYS U 21 -20.78 -1.26 -26.69
CA CYS U 21 -20.64 0.17 -26.46
C CYS U 21 -21.78 0.68 -25.60
N PRO U 22 -21.51 1.31 -24.45
CA PRO U 22 -22.60 1.80 -23.61
C PRO U 22 -23.19 3.13 -24.04
N THR U 23 -22.56 3.83 -24.99
CA THR U 23 -23.01 5.16 -25.39
C THR U 23 -23.32 5.27 -26.87
N ASP U 24 -23.48 4.14 -27.56
CA ASP U 24 -23.82 4.10 -28.98
C ASP U 24 -22.84 4.94 -29.81
N VAL U 25 -21.59 4.52 -29.78
CA VAL U 25 -20.54 5.16 -30.57
C VAL U 25 -20.23 4.36 -31.82
N LEU U 26 -20.21 3.05 -31.71
CA LEU U 26 -19.86 2.17 -32.83
C LEU U 26 -21.10 1.64 -33.53
N GLU U 27 -20.95 1.37 -34.82
CA GLU U 27 -22.01 0.78 -35.62
C GLU U 27 -21.38 -0.07 -36.71
N MET U 28 -22.17 -0.99 -37.24
CA MET U 28 -21.71 -1.92 -38.26
C MET U 28 -22.10 -1.39 -39.64
N VAL U 29 -21.12 -1.33 -40.54
CA VAL U 29 -21.33 -0.76 -41.87
C VAL U 29 -20.88 -1.80 -42.89
N PRO U 30 -21.42 -1.73 -44.12
CA PRO U 30 -21.04 -2.71 -45.15
C PRO U 30 -19.57 -2.62 -45.49
N TRP U 31 -19.00 -3.77 -45.85
CA TRP U 31 -17.59 -3.88 -46.17
C TRP U 31 -17.40 -5.11 -47.06
N ASP U 32 -16.21 -5.19 -47.69
CA ASP U 32 -15.88 -6.32 -48.53
C ASP U 32 -14.51 -6.89 -48.20
N GLY U 33 -14.00 -6.62 -47.01
CA GLY U 33 -12.70 -7.12 -46.59
C GLY U 33 -12.72 -8.32 -45.68
N CYS U 34 -13.90 -8.89 -45.40
CA CYS U 34 -13.99 -10.04 -44.52
C CYS U 34 -15.20 -10.88 -44.93
N LYS U 35 -15.29 -12.07 -44.33
CA LYS U 35 -16.35 -13.00 -44.67
C LYS U 35 -17.73 -12.43 -44.35
N ALA U 36 -17.86 -11.79 -43.18
CA ALA U 36 -19.15 -11.26 -42.77
C ALA U 36 -19.61 -10.09 -43.64
N GLY U 37 -18.72 -9.49 -44.41
CA GLY U 37 -19.10 -8.37 -45.24
C GLY U 37 -19.46 -7.12 -44.48
N GLN U 38 -18.95 -6.98 -43.25
CA GLN U 38 -19.27 -5.85 -42.40
C GLN U 38 -18.02 -5.43 -41.65
N ILE U 39 -17.95 -4.14 -41.32
CA ILE U 39 -16.85 -3.61 -40.53
C ILE U 39 -17.41 -2.59 -39.54
N ALA U 40 -16.80 -2.53 -38.37
CA ALA U 40 -17.21 -1.55 -37.37
C ALA U 40 -16.83 -0.14 -37.81
N SER U 41 -17.65 0.82 -37.40
CA SER U 41 -17.40 2.23 -37.67
C SER U 41 -17.59 3.00 -36.37
N ALA U 42 -16.98 4.19 -36.31
CA ALA U 42 -17.07 5.05 -35.14
C ALA U 42 -17.52 6.45 -35.58
N PRO U 43 -18.79 6.60 -35.93
CA PRO U 43 -19.28 7.90 -36.41
C PRO U 43 -19.76 8.84 -35.31
N ARG U 44 -19.81 8.40 -34.06
CA ARG U 44 -20.34 9.19 -32.96
C ARG U 44 -19.35 9.22 -31.80
N THR U 45 -18.09 9.49 -32.11
CA THR U 45 -17.06 9.53 -31.09
C THR U 45 -17.25 10.68 -30.09
N GLU U 46 -18.10 11.65 -30.40
CA GLU U 46 -18.41 12.70 -29.43
C GLU U 46 -19.09 12.14 -28.20
N ASP U 47 -19.75 10.99 -28.31
CA ASP U 47 -20.34 10.29 -27.18
C ASP U 47 -19.41 9.26 -26.55
N CYS U 48 -18.22 9.07 -27.13
CA CYS U 48 -17.28 8.10 -26.59
C CYS U 48 -16.86 8.50 -25.18
N VAL U 49 -16.98 7.55 -24.25
CA VAL U 49 -16.64 7.81 -22.86
C VAL U 49 -15.26 7.29 -22.48
N GLY U 50 -14.68 6.42 -23.29
CA GLY U 50 -13.38 5.86 -23.00
C GLY U 50 -13.37 4.64 -22.10
N CYS U 51 -14.53 4.03 -21.85
CA CYS U 51 -14.59 2.87 -20.97
C CYS U 51 -13.88 1.66 -21.55
N LYS U 52 -13.65 1.65 -22.86
CA LYS U 52 -12.90 0.59 -23.55
C LYS U 52 -13.59 -0.77 -23.45
N ARG U 53 -14.91 -0.79 -23.23
CA ARG U 53 -15.66 -2.03 -23.37
C ARG U 53 -15.60 -2.54 -24.81
N CYS U 54 -15.43 -1.63 -25.77
CA CYS U 54 -15.43 -2.02 -27.17
C CYS U 54 -14.28 -2.98 -27.48
N GLU U 55 -13.10 -2.70 -26.96
CA GLU U 55 -11.93 -3.52 -27.25
C GLU U 55 -11.73 -4.64 -26.24
N THR U 56 -12.53 -4.69 -25.18
CA THR U 56 -12.57 -5.88 -24.35
C THR U 56 -13.34 -7.01 -25.01
N ALA U 57 -14.23 -6.69 -25.95
CA ALA U 57 -15.01 -7.68 -26.68
C ALA U 57 -14.42 -7.99 -28.04
N CYS U 58 -13.24 -7.46 -28.36
CA CYS U 58 -12.63 -7.68 -29.66
C CYS U 58 -11.91 -9.02 -29.69
N PRO U 59 -12.25 -9.92 -30.62
CA PRO U 59 -11.58 -11.23 -30.65
C PRO U 59 -10.31 -11.26 -31.49
N THR U 60 -10.12 -10.27 -32.37
CA THR U 60 -8.94 -10.25 -33.22
C THR U 60 -7.68 -10.14 -32.36
N ASP U 61 -6.53 -10.47 -32.96
CA ASP U 61 -5.34 -10.74 -32.17
C ASP U 61 -4.90 -9.55 -31.34
N PHE U 62 -4.36 -8.50 -31.98
CA PHE U 62 -4.24 -7.24 -31.25
C PHE U 62 -5.29 -6.24 -31.67
N LEU U 63 -6.57 -6.57 -31.46
CA LEU U 63 -7.65 -5.60 -31.58
C LEU U 63 -7.87 -5.12 -33.01
N SER U 64 -9.12 -4.78 -33.34
CA SER U 64 -9.41 -4.05 -34.55
C SER U 64 -10.06 -2.71 -34.26
N VAL U 65 -10.53 -2.49 -33.04
CA VAL U 65 -10.99 -1.19 -32.57
C VAL U 65 -10.02 -0.71 -31.49
N ARG U 66 -9.53 0.51 -31.65
CA ARG U 66 -8.56 1.08 -30.73
C ARG U 66 -9.08 2.43 -30.24
N VAL U 67 -9.06 2.62 -28.93
CA VAL U 67 -9.55 3.85 -28.31
C VAL U 67 -8.34 4.63 -27.79
N TYR U 68 -8.14 5.84 -28.32
CA TYR U 68 -7.08 6.72 -27.88
C TYR U 68 -7.71 7.86 -27.08
N LEU U 69 -7.43 7.88 -25.78
CA LEU U 69 -7.97 8.92 -24.92
C LEU U 69 -7.38 10.27 -25.29
N GLY U 70 -8.23 11.30 -25.34
CA GLY U 70 -7.80 12.62 -25.70
C GLY U 70 -8.42 13.71 -24.85
N GLY U 71 -8.85 14.79 -25.49
CA GLY U 71 -9.47 15.88 -24.74
C GLY U 71 -10.75 15.44 -24.07
N GLU U 72 -11.01 16.01 -22.90
CA GLU U 72 -12.15 15.63 -22.09
C GLU U 72 -13.33 16.56 -22.32
N THR U 73 -14.53 16.01 -22.19
CA THR U 73 -15.77 16.76 -22.34
C THR U 73 -16.75 16.22 -21.32
N THR U 74 -17.77 17.03 -21.00
CA THR U 74 -18.79 16.58 -20.05
C THR U 74 -19.45 15.28 -20.49
N ARG U 75 -19.52 15.04 -21.81
CA ARG U 75 -20.01 13.76 -22.29
C ARG U 75 -18.97 12.67 -22.11
N SER U 76 -17.70 12.97 -22.42
CA SER U 76 -16.64 11.97 -22.31
C SER U 76 -16.25 11.70 -20.86
N LEU U 77 -16.48 12.65 -19.96
CA LEU U 77 -16.19 12.45 -18.55
C LEU U 77 -17.31 11.74 -17.82
N GLY U 78 -18.43 11.46 -18.49
CA GLY U 78 -19.55 10.79 -17.84
C GLY U 78 -20.16 11.60 -16.71
N LEU U 79 -20.30 12.91 -16.90
CA LEU U 79 -20.80 13.79 -15.86
C LEU U 79 -22.31 13.93 -16.01
N ALA U 80 -23.06 13.42 -15.05
CA ALA U 80 -24.50 13.66 -14.99
C ALA U 80 -24.83 15.03 -14.42
N TYR U 81 -23.83 15.76 -13.93
CA TYR U 81 -24.02 17.09 -13.39
C TYR U 81 -23.25 18.12 -14.21
C1 XAT V . 50.41 -50.17 2.94
C2 XAT V . 51.77 -50.68 3.40
C3 XAT V . 51.58 -51.54 4.63
C4 XAT V . 50.99 -52.85 4.14
C5 XAT V . 49.67 -52.67 3.39
C6 XAT V . 49.34 -51.27 2.83
C7 XAT V . 48.58 -51.36 1.51
C8 XAT V . 47.32 -50.97 1.46
C9 XAT V . 46.55 -51.06 0.21
C10 XAT V . 45.23 -51.15 0.27
C11 XAT V . 44.41 -51.23 -0.94
C12 XAT V . 43.18 -51.72 -0.81
C13 XAT V . 42.28 -51.85 -1.96
C14 XAT V . 41.02 -52.25 -1.73
C15 XAT V . 40.06 -52.39 -2.81
C16 XAT V . 50.58 -49.49 1.58
C17 XAT V . 49.91 -49.11 3.91
C18 XAT V . 49.11 -53.79 2.48
C19 XAT V . 47.26 -51.06 -1.11
C20 XAT V . 42.76 -51.56 -3.35
O3 XAT V . 52.84 -51.78 5.26
O4 XAT V . 48.72 -51.80 4.01
C21 XAT V . 28.69 -51.88 -8.66
C22 XAT V . 27.40 -52.23 -9.38
C23 XAT V . 27.66 -53.38 -10.32
C24 XAT V . 27.71 -54.60 -9.42
C25 XAT V . 28.86 -54.49 -8.41
C26 XAT V . 29.44 -53.10 -8.10
C27 XAT V . 29.99 -52.97 -6.69
C28 XAT V . 31.30 -52.85 -6.60
C29 XAT V . 32.03 -52.70 -5.33
C30 XAT V . 33.36 -52.82 -5.36
C31 XAT V . 34.19 -52.69 -4.17
C32 XAT V . 35.50 -52.79 -4.36
C33 XAT V . 36.46 -52.66 -3.25
C34 XAT V . 37.77 -52.64 -3.53
C35 XAT V . 38.77 -52.50 -2.49
C36 XAT V . 28.36 -50.91 -7.52
C37 XAT V . 29.61 -51.16 -9.63
C38 XAT V . 28.92 -55.39 -7.16
C39 XAT V . 31.30 -52.40 -4.05
C40 XAT V . 35.99 -52.55 -1.83
O23 XAT V . 26.57 -53.52 -11.24
O24 XAT V . 30.10 -54.04 -8.95
C1 XAT W . 8.21 -56.03 -3.06
C2 XAT W . 7.19 -55.21 -3.83
C3 XAT W . 5.83 -55.49 -3.24
C4 XAT W . 5.78 -54.72 -1.94
C5 XAT W . 6.93 -55.08 -0.98
C6 XAT W . 8.16 -55.82 -1.54
C7 XAT W . 9.43 -55.41 -0.83
C8 XAT W . 10.26 -56.37 -0.39
C9 XAT W . 11.53 -56.10 0.32
C10 XAT W . 12.61 -55.63 -0.33
C11 XAT W . 13.85 -55.42 0.41
C12 XAT W . 14.95 -54.96 -0.18
C13 XAT W . 16.20 -54.79 0.58
C14 XAT W . 17.30 -54.32 -0.01
C15 XAT W . 18.55 -54.19 0.74
C16 XAT W . 9.61 -55.74 -3.60
C17 XAT W . 7.94 -57.49 -3.38
C18 XAT W . 7.33 -54.12 0.16
C19 XAT W . 11.62 -56.41 1.78
C20 XAT W . 16.24 -55.19 2.03
O3 XAT W . 4.79 -55.05 -4.13
O4 XAT W . 7.13 -56.47 -0.77
C21 XAT W . 30.08 -51.06 4.91
C22 XAT W . 31.42 -51.19 5.59
C23 XAT W . 31.57 -52.58 6.19
C24 XAT W . 31.81 -53.50 5.02
C25 XAT W . 30.60 -53.52 4.08
C26 XAT W . 29.67 -52.29 4.08
C27 XAT W . 28.94 -52.05 2.77
C28 XAT W . 27.67 -52.45 2.81
C29 XAT W . 26.70 -52.35 1.71
C30 XAT W . 25.51 -52.93 1.88
C31 XAT W . 24.44 -52.91 0.89
C32 XAT W . 23.28 -53.44 1.26
C33 XAT W . 22.10 -53.49 0.36
C34 XAT W . 20.92 -53.82 0.89
C35 XAT W . 19.70 -53.93 0.11
C36 XAT W . 30.07 -49.81 4.04
C37 XAT W . 29.02 -50.89 6.00
C38 XAT W . 30.68 -54.18 2.70
C39 XAT W . 27.05 -51.62 0.44
C40 XAT W . 22.23 -53.18 -1.10
O23 XAT W . 32.70 -52.63 7.07
O24 XAT W . 29.33 -53.50 4.73
C1 A1L1G X . 30.62 -65.29 -11.37
C5 A1L1G X . 29.57 -63.52 -12.81
C4 A1L1G X . 32.32 -66.25 -12.95
C3 A1L1G X . 30.03 -65.80 -13.76
C2 A1L1G X . 29.73 -65.36 -8.92
C10 A1L1G X . 32.85 -66.15 -10.52
C11 A1L1G X . 32.11 -65.47 -11.66
C12 A1L1G X . 28.22 -65.43 -12.05
C14 A1L1G X . 22.31 -65.14 8.03
C17 A1L1G X . 21.70 -62.36 8.89
C18 A1L1G X . 22.02 -66.82 10.35
C19 A1L1G X . 24.46 -66.38 10.08
C20 A1L1G X . 22.51 -63.26 9.77
C21 A1L1G X . 22.54 -62.89 11.22
C22 A1L1G X . 23.57 -63.76 11.93
C23 A1L1G X . 23.18 -65.22 11.83
C24 A1L1G X . 23.11 -65.74 10.38
C25 A1L1G X . 22.81 -64.64 9.36
C26 A1L1G X . 21.39 -66.38 5.55
C27 A1L1G X . 22.96 -65.87 0.28
C28 A1L1G X . 29.10 -63.47 -2.70
C29 A1L1G X . 23.01 -65.02 6.91
C30 A1L1G X . 22.59 -65.48 5.65
C31 A1L1G X . 23.28 -65.12 4.51
C32 A1L1G X . 22.79 -64.99 3.23
C33 A1L1G X . 23.39 -64.34 2.17
C34 A1L1G X . 23.82 -64.87 0.95
C35 A1L1G X . 25.01 -64.50 0.32
C36 A1L1G X . 25.43 -64.79 -0.97
C37 A1L1G X . 26.68 -64.70 -1.55
C38 A1L1G X . 27.09 -64.91 -2.84
C39 A1L1G X . 28.25 -64.42 -3.46
C40 A1L1G X . 28.66 -64.78 -4.76
C41 A1L1G X . 29.66 -64.22 -5.51
C42 A1L1G X . 30.37 -64.78 -6.55
C43 A1L1G X . 30.85 -63.20 -8.38
C44 A1L1G X . 30.30 -64.48 -7.90
C45 A1L1G X . 30.20 -65.34 -10.13
C6 A1L1G X . 29.62 -65.01 -12.49
C8 A1L1G X . 31.49 -65.67 -14.09
O13 A1L1G X . 20.23 -65.62 5.82
O15 A1L1G X . 23.82 -63.62 9.24
O16 A1L1G X . 23.65 -63.37 13.30
O7 A1L1G X . 31.80 -66.37 -15.29
O9 A1L1G X . 32.72 -64.18 -11.91
C1 XAT Y . 26.02 -45.79 7.21
C2 XAT Y . 26.83 -44.79 8.02
C3 XAT Y . 26.82 -45.18 9.48
C4 XAT Y . 27.71 -46.40 9.55
C5 XAT Y . 26.94 -47.57 8.93
C6 XAT Y . 25.97 -47.22 7.78
C7 XAT Y . 25.79 -48.35 6.78
C8 XAT Y . 24.57 -48.85 6.85
C9 XAT Y . 24.04 -49.96 6.03
C10 XAT Y . 22.79 -50.32 6.33
C11 XAT Y . 22.05 -51.38 5.66
C12 XAT Y . 20.76 -51.46 5.99
C13 XAT Y . 19.89 -52.49 5.43
C14 XAT Y . 18.72 -52.72 6.02
C15 XAT Y . 17.83 -53.75 5.49
C16 XAT Y . 26.57 -45.84 5.79
C17 XAT Y . 24.59 -45.27 7.11
C18 XAT Y . 27.56 -48.95 8.74
C19 XAT Y . 24.83 -50.62 4.96
C20 XAT Y . 20.31 -53.25 4.21
O3 XAT Y . 27.30 -44.11 10.29
O4 XAT Y . 25.52 -47.50 9.11
C21 XAT Y . 7.64 -60.72 3.01
C22 XAT Y . 6.87 -61.95 2.58
C23 XAT Y . 7.71 -63.18 2.74
C24 XAT Y . 7.78 -63.41 4.24
C25 XAT Y . 8.68 -62.33 4.83
C26 XAT Y . 8.67 -60.96 4.13
C27 XAT Y . 8.95 -59.80 5.06
C28 XAT Y . 10.10 -59.19 4.81
C29 XAT Y . 10.62 -58.04 5.57
C30 XAT Y . 11.85 -57.64 5.27
C31 XAT Y . 12.51 -56.53 5.92
C32 XAT Y . 13.76 -56.28 5.51
C33 XAT Y . 14.56 -55.19 6.08
C34 XAT Y . 15.79 -54.99 5.57
C35 XAT Y . 16.66 -53.95 6.09
C36 XAT Y . 6.66 -59.64 3.46
C37 XAT Y . 8.38 -60.18 1.79
C38 XAT Y . 8.87 -62.17 6.35
C39 XAT Y . 9.80 -57.35 6.62
C40 XAT Y . 14.04 -54.35 7.19
O23 XAT Y . 7.11 -64.31 2.09
O24 XAT Y . 9.75 -61.91 3.98
MG CLA Z . 2.59 -66.53 0.55
CHA CLA Z . 5.07 -68.14 -1.28
CHB CLA Z . 0.77 -69.40 0.59
CHC CLA Z . 0.20 -64.91 2.41
CHD CLA Z . 4.53 -63.56 0.47
NA CLA Z . 2.89 -68.44 -0.24
C1A CLA Z . 3.99 -68.92 -0.97
C2A CLA Z . 3.80 -70.39 -1.34
C3A CLA Z . 2.39 -70.72 -0.81
C4A CLA Z . 1.97 -69.44 -0.09
CMA CLA Z . 1.44 -71.10 -1.91
CAA CLA Z . 4.84 -71.28 -0.69
CBA CLA Z . 5.05 -70.93 0.76
CGA CLA Z . 6.20 -71.72 1.32
O1A CLA Z . 7.32 -71.88 0.84
O2A CLA Z . 5.90 -72.32 2.51
NB CLA Z . 0.84 -67.07 1.38
C1B CLA Z . 0.26 -68.29 1.27
C2B CLA Z . -1.06 -68.29 1.98
C3B CLA Z . -1.23 -67.02 2.50
C4B CLA Z . -0.03 -66.22 2.11
CMB CLA Z . -1.94 -69.45 2.04
CAB CLA Z . -2.33 -66.48 3.25
CBB CLA Z . -2.24 -65.86 4.44
NC CLA Z . 2.41 -64.58 1.29
C1C CLA Z . 1.33 -64.14 2.03
C2C CLA Z . 1.52 -62.74 2.38
C3C CLA Z . 2.74 -62.35 1.85
C4C CLA Z . 3.30 -63.52 1.15
CMC CLA Z . 0.57 -61.96 3.18
CAC CLA Z . 3.38 -61.03 1.94
CBC CLA Z . 2.69 -59.99 1.08
ND CLA Z . 4.35 -65.91 -0.25
C1D CLA Z . 5.04 -64.67 -0.17
C2D CLA Z . 6.32 -64.81 -0.90
C3D CLA Z . 6.38 -66.11 -1.36
C4D CLA Z . 5.13 -66.76 -0.91
CMD CLA Z . 7.32 -63.75 -1.08
CAD CLA Z . 7.14 -67.09 -2.11
OBD CLA Z . 8.20 -66.96 -2.71
CBD CLA Z . 6.35 -68.44 -2.03
CGD CLA Z . 6.11 -69.04 -3.38
O1D CLA Z . 5.02 -69.28 -3.91
O2D CLA Z . 7.24 -69.34 -4.07
CED CLA Z . 7.25 -70.51 -4.89
C1 CLA Z . 6.98 -72.44 3.46
MG CLA AA . 14.64 -72.67 -0.95
CHA CLA AA . 16.50 -72.50 -3.86
CHB CLA AA . 12.98 -75.38 -2.16
CHC CLA AA . 12.89 -72.85 2.00
CHD CLA AA . 16.40 -69.86 0.29
NA CLA AA . 14.74 -73.75 -2.74
C1A CLA AA . 15.59 -73.53 -3.83
C2A CLA AA . 15.33 -74.55 -4.94
C3A CLA AA . 14.13 -75.36 -4.40
C4A CLA AA . 13.93 -74.81 -3.00
CMA CLA AA . 12.91 -75.19 -5.27
CAA CLA AA . 16.53 -75.46 -5.12
CBA CLA AA . 17.26 -75.72 -3.82
CGA CLA AA . 17.04 -77.10 -3.32
O1A CLA AA . 16.04 -77.59 -2.79
O2A CLA AA . 18.15 -77.90 -3.48
NB CLA AA . 13.21 -73.89 -0.21
C1B CLA AA . 12.68 -74.95 -0.86
C2B CLA AA . 11.67 -75.63 0.02
C3B CLA AA . 11.64 -74.92 1.20
C4B CLA AA . 12.61 -73.80 1.06
CMB CLA AA . 10.92 -76.81 -0.39
CAB CLA AA . 10.84 -75.14 2.38
CBB CLA AA . 9.97 -74.27 2.89
NC CLA AA . 14.64 -71.54 0.81
C1C CLA AA . 13.82 -71.78 1.89
C2C CLA AA . 14.07 -70.79 2.94
C3C CLA AA . 15.08 -69.96 2.46
C4C CLA AA . 15.43 -70.44 1.12
CMC CLA AA . 13.37 -70.74 4.22
CAC CLA AA . 15.67 -68.81 3.16
CBC CLA AA . 16.90 -69.19 3.97
ND CLA AA . 16.07 -71.40 -1.59
C1D CLA AA . 16.72 -70.30 -0.98
C2D CLA AA . 17.73 -69.76 -1.91
C3D CLA AA . 17.69 -70.55 -3.04
C4D CLA AA . 16.64 -71.57 -2.78
CMD CLA AA . 18.59 -68.60 -1.64
CAD CLA AA . 18.23 -70.81 -4.36
OBD CLA AA . 19.07 -70.18 -4.99
CBD CLA AA . 17.51 -72.08 -4.91
CGD CLA AA . 16.88 -71.84 -6.26
O1D CLA AA . 15.68 -71.79 -6.53
O2D CLA AA . 17.79 -71.66 -7.26
CED CLA AA . 17.45 -72.11 -8.56
MG CLA BA . 11.91 -58.42 -5.40
CHA CLA BA . 9.58 -59.67 -7.63
CHB CLA BA . 12.41 -55.73 -7.44
CHC CLA BA . 14.09 -57.13 -3.08
CHD CLA BA . 11.30 -61.19 -3.29
NA CLA BA . 11.13 -57.83 -7.25
C1A CLA BA . 10.15 -58.48 -8.00
C2A CLA BA . 9.84 -57.71 -9.27
C3A CLA BA . 10.87 -56.57 -9.27
C4A CLA BA . 11.52 -56.69 -7.89
CMA CLA BA . 11.88 -56.74 -10.39
CAA CLA BA . 8.43 -57.12 -9.18
CBA CLA BA . 8.14 -56.56 -7.80
CGA CLA BA . 8.51 -55.11 -7.73
O1A CLA BA . 8.15 -54.21 -8.48
O2A CLA BA . 9.35 -54.80 -6.69
NB CLA BA . 13.04 -56.75 -5.29
C1B CLA BA . 13.07 -55.75 -6.21
C2B CLA BA . 13.96 -54.66 -5.73
C3B CLA BA . 14.44 -55.04 -4.49
C4B CLA BA . 13.86 -56.39 -4.21
CMB CLA BA . 14.19 -53.44 -6.51
CAB CLA BA . 15.33 -54.38 -3.56
CBB CLA BA . 16.29 -53.51 -3.87
NC CLA BA . 12.61 -59.07 -3.55
C1C CLA BA . 13.51 -58.39 -2.77
C2C CLA BA . 13.77 -59.12 -1.55
C3C CLA BA . 12.95 -60.26 -1.59
C4C CLA BA . 12.22 -60.21 -2.84
CMC CLA BA . 14.69 -58.71 -0.49
CAC CLA BA . 12.84 -61.30 -0.56
CBC CLA BA . 11.81 -60.90 0.47
ND CLA BA . 10.79 -60.09 -5.43
C1D CLA BA . 10.63 -61.15 -4.49
C2D CLA BA . 9.66 -62.13 -5.02
C3D CLA BA . 9.23 -61.62 -6.24
C4D CLA BA . 9.96 -60.34 -6.42
CMD CLA BA . 9.27 -63.36 -4.34
CAD CLA BA . 8.39 -61.80 -7.41
OBD CLA BA . 7.66 -62.74 -7.72
CBD CLA BA . 8.55 -60.55 -8.31
CGD CLA BA . 8.99 -60.92 -9.69
O1D CLA BA . 9.72 -61.86 -10.02
O2D CLA BA . 8.50 -60.12 -10.67
CED CLA BA . 9.16 -60.16 -11.94
C1 CLA BA . 9.82 -53.43 -6.64
C2 CLA BA . 10.49 -53.25 -5.33
C3 CLA BA . 10.79 -52.07 -4.76
C4 CLA BA . 10.47 -50.77 -5.41
C5 CLA BA . 11.46 -52.01 -3.44
C6 CLA BA . 10.51 -51.55 -2.33
C7 CLA BA . 11.15 -51.68 -0.97
C8 CLA BA . 10.14 -51.46 0.16
C9 CLA BA . 9.54 -50.07 0.06
C10 CLA BA . 10.78 -51.66 1.52
C11 CLA BA . 9.84 -52.33 2.49
C12 CLA BA . 10.58 -53.22 3.47
C13 CLA BA . 9.63 -53.89 4.47
C14 CLA BA . 8.35 -54.35 3.81
C15 CLA BA . 9.32 -52.97 5.64
MG CLA CA . 18.56 -49.36 -2.10
CHA CLA CA . 17.75 -48.09 -5.23
CHB CLA CA . 15.37 -50.50 -1.75
CHC CLA CA . 19.41 -50.58 0.98
CHD CLA CA . 21.86 -48.14 -2.52
NA CLA CA . 16.86 -49.30 -3.32
C1A CLA CA . 16.73 -48.75 -4.60
C2A CLA CA . 15.30 -48.93 -5.13
C3A CLA CA . 14.58 -49.67 -3.98
C4A CLA CA . 15.67 -49.85 -2.93
CMA CLA CA . 13.42 -48.86 -3.45
CAA CLA CA . 15.27 -49.78 -6.37
CBA CLA CA . 13.89 -49.81 -7.01
CGA CLA CA . 13.70 -48.58 -7.84
O1A CLA CA . 14.40 -48.16 -8.76
O2A CLA CA . 12.59 -47.87 -7.48
NB CLA CA . 17.60 -50.42 -0.70
C1B CLA CA . 16.28 -50.69 -0.69
C2B CLA CA . 15.86 -51.21 0.65
C3B CLA CA . 17.00 -51.24 1.43
C4B CLA CA . 18.12 -50.73 0.58
CMB CLA CA . 14.49 -51.58 0.97
CAB CLA CA . 17.18 -51.63 2.80
CBB CLA CA . 16.49 -51.12 3.82
NC CLA CA . 20.33 -49.37 -0.99
C1C CLA CA . 20.45 -49.94 0.24
C2C CLA CA . 21.81 -49.78 0.74
C3C CLA CA . 22.51 -49.08 -0.25
C4C CLA CA . 21.57 -48.84 -1.33
CMC CLA CA . 22.29 -50.25 2.04
CAC CLA CA . 23.92 -48.68 -0.22
CBC CLA CA . 24.18 -47.48 0.66
ND CLA CA . 19.60 -48.30 -3.47
C1D CLA CA . 20.96 -47.87 -3.53
C2D CLA CA . 21.18 -47.12 -4.79
C3D CLA CA . 19.98 -47.17 -5.47
C4D CLA CA . 19.04 -47.93 -4.62
CMD CLA CA . 22.44 -46.48 -5.17
CAD CLA CA . 19.25 -46.77 -6.66
OBD CLA CA . 19.62 -46.07 -7.60
CBD CLA CA . 17.83 -47.39 -6.57
CGD CLA CA . 16.76 -46.35 -6.69
O1D CLA CA . 16.21 -45.71 -5.78
O2D CLA CA . 16.37 -46.09 -7.98
CED CLA CA . 16.47 -44.75 -8.43
C1 CLA CA . 12.81 -46.50 -7.08
C2 CLA CA . 11.49 -45.97 -6.65
C3 CLA CA . 11.36 -44.95 -5.79
C4 CLA CA . 12.54 -44.27 -5.19
C5 CLA CA . 10.01 -44.45 -5.40
C6 CLA CA . 9.70 -44.67 -3.94
C7 CLA CA . 9.40 -46.13 -3.66
C8 CLA CA . 9.16 -46.40 -2.18
C9 CLA CA . 7.80 -45.88 -1.77
C10 CLA CA . 10.25 -45.77 -1.32
MG CLA DA . 35.97 -55.34 2.13
CHA CLA DA . 38.38 -54.13 4.32
CHB CLA DA . 34.50 -52.26 2.08
CHC CLA DA . 33.63 -56.55 -0.07
CHD CLA DA . 37.53 -58.51 2.24
NA CLA DA . 36.39 -53.51 3.06
C1A CLA DA . 37.45 -53.21 3.94
C2A CLA DA . 37.39 -51.75 4.40
C3A CLA DA . 36.09 -51.21 3.74
C4A CLA DA . 35.62 -52.39 2.89
CMA CLA DA . 35.07 -50.80 4.77
CAA CLA DA . 38.60 -50.98 3.90
CBA CLA DA . 38.76 -51.05 2.38
CGA CLA DA . 39.66 -52.18 2.00
O1A CLA DA . 40.86 -52.31 2.21
O2A CLA DA . 38.99 -53.16 1.32
NB CLA DA . 34.35 -54.56 1.21
C1B CLA DA . 33.96 -53.26 1.26
C2B CLA DA . 32.84 -53.04 0.31
C3B CLA DA . 32.58 -54.25 -0.30
C4B CLA DA . 33.54 -55.23 0.27
CMB CLA DA . 32.19 -51.74 0.13
CAB CLA DA . 31.61 -54.60 -1.29
CBB CLA DA . 30.31 -54.27 -1.26
NC CLA DA . 35.65 -57.19 1.26
C1C CLA DA . 34.62 -57.48 0.39
C2C CLA DA . 34.69 -58.88 -0.03
C3C CLA DA . 35.79 -59.43 0.62
C4C CLA DA . 36.39 -58.37 1.43
CMC CLA DA . 33.76 -59.52 -0.94
CAC CLA DA . 36.28 -60.81 0.52
CBC CLA DA . 37.43 -60.95 -0.45
ND CLA DA . 37.58 -56.18 3.01
C1D CLA DA . 38.11 -57.50 2.98
C2D CLA DA . 39.31 -57.56 3.86
C3D CLA DA . 39.46 -56.30 4.39
C4D CLA DA . 38.36 -55.48 3.84
CMD CLA DA . 40.12 -58.76 4.07
CAD CLA DA . 40.25 -55.45 5.27
OBD CLA DA . 41.25 -55.71 5.91
CBD CLA DA . 39.57 -54.04 5.25
CGD CLA DA . 39.15 -53.61 6.64
O1D CLA DA . 38.83 -52.48 7.02
O2D CLA DA . 39.13 -54.63 7.54
CED CLA DA . 38.13 -54.59 8.56
C1 CLA DA . 39.77 -54.27 0.82
C2 CLA DA . 38.82 -55.18 0.14
C3 CLA DA . 39.20 -56.23 -0.59
C4 CLA DA . 40.63 -56.59 -0.78
C5 CLA DA . 38.20 -57.11 -1.25
C6 CLA DA . 38.21 -56.99 -2.76
C7 CLA DA . 37.02 -56.20 -3.25
C8 CLA DA . 35.80 -57.09 -3.53
C9 CLA DA . 36.21 -58.42 -4.10
C10 CLA DA . 34.83 -56.39 -4.48
C11 CLA DA . 35.35 -56.39 -5.90
C12 CLA DA . 34.28 -56.04 -6.90
C13 CLA DA . 34.84 -55.95 -8.31
C14 CLA DA . 35.99 -54.96 -8.38
C15 CLA DA . 33.76 -55.57 -9.33
C16 CLA DA . 32.94 -56.78 -9.70
C17 CLA DA . 33.01 -57.06 -11.19
C18 CLA DA . 32.14 -56.12 -11.99
C19 CLA DA . 32.18 -56.48 -13.47
C20 CLA DA . 30.71 -56.18 -11.50
MG CLA EA . 44.03 -46.73 -4.09
CHA CLA EA . 44.65 -46.76 -0.68
CHB CLA EA . 46.87 -44.92 -4.61
CHC CLA EA . 43.39 -46.80 -7.48
CHD CLA EA . 41.02 -48.52 -3.50
NA CLA EA . 45.50 -45.98 -2.83
C1A CLA EA . 45.60 -46.10 -1.44
C2A CLA EA . 46.84 -45.41 -0.90
C3A CLA EA . 47.47 -44.76 -2.15
C4A CLA EA . 46.58 -45.26 -3.30
CMA CLA EA . 47.49 -43.26 -2.07
CAA CLA EA . 47.80 -46.40 -0.27
CBA CLA EA . 48.22 -47.47 -1.26
CGA CLA EA . 49.71 -47.63 -1.24
O1A CLA EA . 50.40 -48.41 -1.90
O2A CLA EA . 50.33 -46.78 -0.36
NB CLA EA . 44.94 -45.98 -5.73
C1B CLA EA . 46.12 -45.30 -5.73
C2B CLA EA . 46.53 -45.02 -7.13
C3B CLA EA . 45.55 -45.54 -7.95
C4B CLA EA . 44.52 -46.16 -7.07
CMB CLA EA . 47.76 -44.31 -7.49
CAB CLA EA . 45.46 -45.54 -9.39
CBB CLA EA . 45.38 -46.63 -10.16
NC CLA EA . 42.49 -47.53 -5.27
C1C CLA EA . 42.44 -47.44 -6.63
C2C CLA EA . 41.24 -48.12 -7.13
C3C CLA EA . 40.56 -48.60 -6.00
C4C CLA EA . 41.36 -48.22 -4.84
CMC CLA EA . 40.87 -48.24 -8.53
CAC CLA EA . 39.30 -49.36 -5.97
CBC CLA EA . 39.54 -50.85 -6.08
ND CLA EA . 43.04 -47.54 -2.52
C1D CLA EA . 41.80 -48.20 -2.41
C2D CLA EA . 41.52 -48.48 -0.97
C3D CLA EA . 42.61 -47.99 -0.28
C4D CLA EA . 43.51 -47.39 -1.28
CMD CLA EA . 40.35 -49.17 -0.46
CAD CLA EA . 43.22 -47.80 1.03
OBD CLA EA . 42.86 -48.21 2.13
CBD CLA EA . 44.51 -46.96 0.81
CGD CLA EA . 44.45 -45.65 1.55
O1D CLA EA . 44.14 -44.54 1.09
O2D CLA EA . 44.78 -45.73 2.87
CED CLA EA . 46.14 -46.05 3.18
C1 CLA EA . 51.73 -46.56 -0.56
MG CLA FA . 25.29 -46.88 -8.01
CHA CLA FA . 22.16 -47.95 -9.04
CHB CLA FA . 25.41 -44.72 -10.62
CHC CLA FA . 28.22 -45.62 -6.72
CHD CLA FA . 25.13 -49.19 -5.32
NA CLA FA . 24.01 -46.48 -9.60
C1A CLA FA . 22.75 -47.01 -9.84
C2A CLA FA . 22.15 -46.43 -11.12
C3A CLA FA . 23.32 -45.62 -11.73
C4A CLA FA . 24.34 -45.58 -10.58
CMA CLA FA . 23.89 -46.31 -12.94
CAA CLA FA . 20.97 -45.52 -10.82
CBA CLA FA . 21.27 -44.47 -9.78
CGA CLA FA . 20.07 -43.58 -9.62
O1A CLA FA . 18.98 -43.65 -10.18
O2A CLA FA . 20.26 -42.57 -8.71
NB CLA FA . 26.60 -45.48 -8.60
C1B CLA FA . 26.40 -44.61 -9.62
C2B CLA FA . 27.41 -43.51 -9.56
C3B CLA FA . 28.21 -43.76 -8.46
C4B CLA FA . 27.70 -45.01 -7.84
CMB CLA FA . 27.45 -42.43 -10.55
CAB CLA FA . 29.32 -43.04 -7.91
CBB CLA FA . 29.56 -41.73 -8.03
NC CLA FA . 26.48 -47.37 -6.35
C1C CLA FA . 27.66 -46.73 -6.04
C2C CLA FA . 28.22 -47.33 -4.83
C3C CLA FA . 27.34 -48.32 -4.42
C4C CLA FA . 26.26 -48.35 -5.39
CMC CLA FA . 29.46 -46.89 -4.18
CAC CLA FA . 27.47 -49.20 -3.25
CBC CLA FA . 28.24 -50.46 -3.56
ND CLA FA . 24.04 -48.32 -7.33
C1D CLA FA . 24.08 -49.19 -6.20
C2D CLA FA . 22.84 -49.99 -6.17
C3D CLA FA . 22.05 -49.54 -7.21
C4D CLA FA . 22.85 -48.50 -7.91
CMD CLA FA . 22.54 -51.02 -5.16
CAD CLA FA . 20.80 -49.68 -7.93
OBD CLA FA . 19.86 -50.46 -7.73
CBD CLA FA . 20.82 -48.65 -9.10
CGD CLA FA . 20.55 -49.28 -10.43
O1D CLA FA . 21.33 -49.44 -11.38
O2D CLA FA . 19.26 -49.72 -10.57
CED CLA FA . 18.73 -49.82 -11.89
C1 CLA FA . 19.86 -42.84 -7.35
C2 CLA FA . 18.92 -41.77 -6.96
C3 CLA FA . 18.37 -41.70 -5.73
C4 CLA FA . 17.42 -40.63 -5.37
C5 CLA FA . 18.68 -42.72 -4.69
C6 CLA FA . 17.46 -43.13 -3.88
MG CLA GA . 26.23 -63.02 -11.27
CHA CLA GA . 25.88 -62.48 -14.66
CHB CLA GA . 24.57 -65.98 -11.57
CHC CLA GA . 26.71 -63.56 -7.92
CHD CLA GA . 27.80 -59.86 -10.98
NA CLA GA . 25.39 -64.04 -12.88
C1A CLA GA . 25.36 -63.66 -14.23
C2A CLA GA . 24.64 -64.70 -15.08
C3A CLA GA . 24.09 -65.70 -14.04
C4A CLA GA . 24.74 -65.24 -12.73
CMA CLA GA . 22.59 -65.66 -13.99
CAA CLA GA . 25.62 -65.38 -16.01
CBA CLA GA . 26.82 -65.99 -15.30
CGA CLA GA . 26.54 -67.37 -14.81
O1A CLA GA . 25.94 -68.29 -15.39
O2A CLA GA . 27.02 -67.62 -13.55
NB CLA GA . 25.71 -64.48 -9.99
C1B CLA GA . 25.08 -65.64 -10.31
C2B CLA GA . 24.97 -66.51 -9.11
C3B CLA GA . 25.58 -65.84 -8.08
C4B CLA GA . 26.06 -64.54 -8.62
CMB CLA GA . 24.35 -67.83 -9.16
CAB CLA GA . 25.77 -66.23 -6.70
CBB CLA GA . 24.82 -66.74 -5.91
NC CLA GA . 27.10 -61.91 -9.74
C1C CLA GA . 27.20 -62.33 -8.43
C2C CLA GA . 27.88 -61.31 -7.64
C3C CLA GA . 28.18 -60.25 -8.50
C4C CLA GA . 27.69 -60.64 -9.82
CMC CLA GA . 28.16 -61.40 -6.19
CAC CLA GA . 28.86 -59.00 -8.17
CBC CLA GA . 30.32 -59.03 -8.58
ND CLA GA . 26.82 -61.52 -12.49
C1D CLA GA . 27.40 -60.25 -12.23
C2D CLA GA . 27.50 -59.50 -13.51
C3D CLA GA . 26.95 -60.32 -14.47
C4D CLA GA . 26.51 -61.54 -13.79
CMD CLA GA . 28.08 -58.16 -13.64
CAD CLA GA . 26.62 -60.47 -15.88
OBD CLA GA . 26.87 -59.74 -16.83
CBD CLA GA . 25.83 -61.82 -16.01
CGD CLA GA . 24.38 -61.55 -16.29
O1D CLA GA . 23.55 -61.14 -15.48
O2D CLA GA . 23.95 -61.80 -17.56
CED CLA GA . 22.53 -61.81 -17.71
C1 CLA GA . 26.61 -68.85 -12.92
C2 CLA GA . 26.93 -68.70 -11.47
C3 CLA GA . 27.60 -69.63 -10.76
C4 CLA GA . 28.09 -70.89 -11.36
C5 CLA GA . 27.89 -69.41 -9.32
C6 CLA GA . 29.38 -69.38 -9.02
C7 CLA GA . 29.65 -68.87 -7.62
MG CLA HA . 24.19 -70.22 -1.75
CHA CLA HA . 22.83 -72.09 -4.34
CHB CLA HA . 26.84 -69.41 -3.72
CHC CLA HA . 25.52 -68.45 0.87
CHD CLA HA . 21.38 -71.06 0.25
NA CLA HA . 24.71 -70.68 -3.72
C1A CLA HA . 24.01 -71.47 -4.64
C2A CLA HA . 24.76 -71.54 -5.98
C3A CLA HA . 26.02 -70.69 -5.74
C4A CLA HA . 25.87 -70.22 -4.29
CMA CLA HA . 27.29 -71.48 -5.93
CAA CLA HA . 23.95 -70.96 -7.12
CBA CLA HA . 24.55 -71.37 -8.46
CGA CLA HA . 24.35 -72.83 -8.69
O1A CLA HA . 23.33 -73.42 -9.04
O2A CLA HA . 25.49 -73.57 -8.47
NB CLA HA . 25.83 -69.09 -1.49
C1B CLA HA . 26.83 -68.92 -2.40
C2B CLA HA . 27.95 -68.15 -1.79
C3B CLA HA . 27.58 -67.87 -0.49
C4B CLA HA . 26.24 -68.47 -0.28
CMB CLA HA . 29.16 -67.81 -2.53
CAB CLA HA . 28.34 -67.17 0.52
CBB CLA HA . 27.86 -66.25 1.36
NC CLA HA . 23.56 -69.84 0.21
C1C CLA HA . 24.27 -69.09 1.11
C2C CLA HA . 23.54 -69.04 2.37
C3C CLA HA . 22.36 -69.76 2.20
C4C CLA HA . 22.38 -70.25 0.83
CMC CLA HA . 24.02 -68.34 3.58
CAC CLA HA . 21.31 -69.99 3.19
CBC CLA HA . 21.49 -71.30 3.92
ND CLA HA . 22.51 -71.34 -1.91
C1D CLA HA . 21.43 -71.58 -1.02
C2D CLA HA . 20.45 -72.47 -1.69
C3D CLA HA . 20.95 -72.72 -2.95
C4D CLA HA . 22.22 -71.97 -3.05
CMD CLA HA . 19.22 -72.96 -1.05
CAD CLA HA . 20.75 -73.40 -4.21
OBD CLA HA . 19.86 -74.18 -4.56
CBD CLA HA . 21.92 -72.98 -5.16
CGD CLA HA . 22.64 -74.19 -5.68
O1D CLA HA . 22.38 -74.84 -6.70
O2D CLA HA . 23.70 -74.58 -4.91
CED CLA HA . 23.88 -75.98 -4.73
MG CLA IA . 17.97 -59.66 13.05
CHA CLA IA . 18.39 -59.51 16.49
CHB CLA IA . 18.51 -63.02 13.14
CHC CLA IA . 17.49 -59.77 9.65
CHD CLA IA . 17.47 -56.16 13.00
NA CLA IA . 18.36 -61.03 14.58
C1A CLA IA . 18.49 -60.76 15.96
C2A CLA IA . 18.77 -62.06 16.73
C3A CLA IA . 18.88 -63.13 15.62
C4A CLA IA . 18.55 -62.35 14.35
CMA CLA IA . 20.26 -63.74 15.56
CAA CLA IA . 17.61 -62.39 17.64
CBA CLA IA . 16.56 -63.22 16.93
CGA CLA IA . 15.21 -62.99 17.54
O1A CLA IA . 14.90 -62.27 18.49
O2A CLA IA . 14.20 -63.68 16.93
NB CLA IA . 17.95 -61.12 11.67
C1B CLA IA . 18.25 -62.43 11.89
C2B CLA IA . 18.28 -63.18 10.60
C3B CLA IA . 17.99 -62.27 9.61
C4B CLA IA . 17.79 -60.95 10.27
CMB CLA IA . 18.57 -64.61 10.53
CAB CLA IA . 17.90 -62.43 8.18
CBB CLA IA . 18.68 -63.20 7.43
NC CLA IA . 17.55 -58.21 11.60
C1C CLA IA . 17.39 -58.49 10.27
C2C CLA IA . 17.10 -57.26 9.53
C3C CLA IA . 17.10 -56.23 10.48
C4C CLA IA . 17.39 -56.85 11.77
CMC CLA IA . 16.87 -57.18 8.10
CAC CLA IA . 16.87 -54.79 10.23
CBC CLA IA . 15.48 -54.35 10.65
ND CLA IA . 17.94 -58.14 14.38
C1D CLA IA . 17.73 -56.73 14.22
C2D CLA IA . 17.84 -56.09 15.55
C3D CLA IA . 18.09 -57.10 16.45
C4D CLA IA . 18.14 -58.36 15.67
CMD CLA IA . 17.68 -54.65 15.78
CAD CLA IA . 18.35 -57.45 17.85
OBD CLA IA . 18.41 -56.71 18.83
CBD CLA IA . 18.52 -59.00 17.92
CGD CLA IA . 19.84 -59.37 18.53
O1D CLA IA . 20.05 -59.77 19.67
O2D CLA IA . 20.90 -59.23 17.68
CED CLA IA . 22.17 -59.70 18.13
C1 CLA IA . 12.86 -63.27 17.24
C2 CLA IA . 12.01 -63.70 16.11
C3 CLA IA . 11.30 -64.85 16.12
C4 CLA IA . 11.32 -65.77 17.28
C5 CLA IA . 10.46 -65.23 14.95
C6 CLA IA . 9.12 -65.82 15.35
C7 CLA IA . 8.31 -66.16 14.11
MG CLA JA . 17.81 -48.85 10.10
CHA CLA JA . 18.81 -48.38 13.39
CHB CLA JA . 15.06 -50.56 11.19
CHC CLA JA . 16.78 -49.17 6.84
CHD CLA JA . 20.69 -47.11 9.02
NA CLA JA . 17.08 -49.39 11.99
C1A CLA JA . 17.64 -49.08 13.24
C2A CLA JA . 16.78 -49.65 14.37
C3A CLA JA . 15.69 -50.46 13.63
C4A CLA JA . 15.93 -50.11 12.16
CMA CLA JA . 15.84 -51.94 13.88
CAA CLA JA . 16.15 -48.53 15.18
CBA CLA JA . 15.47 -47.50 14.31
CGA CLA JA . 14.52 -46.67 15.11
O1A CLA JA . 13.62 -45.94 14.70
O2A CLA JA . 14.71 -46.78 16.46
NB CLA JA . 16.23 -49.72 9.18
C1B CLA JA . 15.19 -50.32 9.81
C2B CLA JA . 14.16 -50.74 8.80
C3B CLA JA . 14.65 -50.36 7.57
C4B CLA JA . 15.97 -49.70 7.80
CMB CLA JA . 12.93 -51.42 9.17
CAB CLA JA . 14.08 -50.50 6.25
CBB CLA JA . 12.80 -50.33 5.93
NC CLA JA . 18.61 -48.26 8.27
C1C CLA JA . 18.02 -48.50 7.05
C2C CLA JA . 18.83 -47.94 5.98
C3C CLA JA . 19.95 -47.35 6.59
C4C CLA JA . 19.79 -47.56 8.03
CMC CLA JA . 18.48 -48.01 4.56
CAC CLA JA . 21.07 -46.62 5.96
CBC CLA JA . 21.88 -47.37 4.93
ND CLA JA . 19.41 -47.96 10.94
C1D CLA JA . 20.53 -47.29 10.37
C2D CLA JA . 21.41 -46.84 11.48
C3D CLA JA . 20.80 -47.22 12.65
C4D CLA JA . 19.56 -47.92 12.26
CMD CLA JA . 22.67 -46.11 11.30
CAD CLA JA . 20.87 -47.23 14.11
OBD CLA JA . 21.71 -46.76 14.85
CBD CLA JA . 19.58 -47.98 14.62
CGD CLA JA . 19.93 -49.17 15.46
O1D CLA JA . 20.52 -50.19 15.11
O2D CLA JA . 19.52 -49.07 16.75
CED CLA JA . 20.12 -48.05 17.57
C1 CLA JA . 13.73 -46.14 17.30
O6 SQD KA . 10.07 -68.80 0.06
C44 SQD KA . 8.78 -68.98 0.63
C45 SQD KA . 8.65 -68.38 2.03
C46 SQD KA . 7.18 -68.41 2.41
O47 SQD KA . 9.37 -69.17 2.98
C7 SQD KA . 10.20 -68.36 3.85
O49 SQD KA . 11.15 -67.74 3.37
C8 SQD KA . 9.87 -68.28 5.32
C9 SQD KA . 11.11 -67.99 6.15
C10 SQD KA . 11.38 -66.49 6.27
C11 SQD KA . 10.31 -65.79 7.10
C12 SQD KA . 10.51 -66.07 8.58
C13 SQD KA . 9.89 -64.96 9.44
C14 SQD KA . 8.39 -64.84 9.19
O48 SQD KA . 6.73 -67.12 2.80
C23 SQD KA . 5.47 -66.99 3.51
O10 SQD KA . 4.87 -68.00 3.83
C24 SQD KA . 4.93 -65.63 3.86
C25 SQD KA . 3.79 -65.75 4.86
C26 SQD KA . 3.42 -64.38 5.40
C27 SQD KA . 2.29 -64.48 6.42
C1 SQD KA . 10.10 -69.49 -1.19
C2 SQD KA . 11.44 -69.29 -1.88
O2 SQD KA . 11.21 -68.80 -3.20
C3 SQD KA . 12.13 -70.63 -1.97
O3 SQD KA . 12.22 -71.14 -0.63
C4 SQD KA . 11.26 -71.56 -2.78
O4 SQD KA . 11.05 -70.99 -4.07
C5 SQD KA . 9.93 -71.73 -2.07
C6 SQD KA . 9.74 -73.17 -1.58
O5 SQD KA . 9.88 -70.88 -0.92
S SQD KA . 8.36 -73.82 -2.24
O7 SQD KA . 8.69 -74.61 -3.39
O8 SQD KA . 7.64 -74.76 -1.11
O9 SQD KA . 7.45 -72.76 -2.60
C1 A1L1G LA . 8.02 82.69 8.01
C5 A1L1G LA . 8.51 85.16 8.14
C4 A1L1G LA . 7.72 82.24 10.44
C3 A1L1G LA . 9.69 83.56 9.65
C2 A1L1G LA . 7.97 81.43 5.73
C10 A1L1G LA . 6.18 81.16 8.81
C11 A1L1G LA . 7.01 82.40 9.11
C12 A1L1G LA . 10.23 83.62 7.21
C14 A1L1G LA . 7.47 71.24 -9.79
C17 A1L1G LA . 6.45 68.47 -9.28
C18 A1L1G LA . 4.93 72.57 -10.65
C19 A1L1G LA . 6.57 72.37 -12.52
C20 A1L1G LA . 6.01 69.24 -10.49
C21 A1L1G LA . 4.74 68.78 -11.14
C22 A1L1G LA . 4.68 69.40 -12.53
C23 A1L1G LA . 4.57 70.91 -12.43
C24 A1L1G LA . 5.65 71.59 -11.57
C25 A1L1G LA . 6.49 70.62 -10.74
C26 A1L1G LA . 9.68 72.23 -8.30
C27 A1L1G LA . 10.25 74.27 -2.91
C28 A1L1G LA . 5.83 78.22 1.17
C29 A1L1G LA . 7.25 71.75 -8.58
C30 A1L1G LA . 8.26 72.40 -7.86
C31 A1L1G LA . 7.99 73.19 -6.76
C32 A1L1G LA . 8.83 73.54 -5.71
C33 A1L1G LA . 8.48 73.45 -4.39
C34 A1L1G LA . 8.84 74.28 -3.32
C35 A1L1G LA . 7.95 75.10 -2.64
C36 A1L1G LA . 8.28 76.07 -1.69
C37 A1L1G LA . 7.56 76.61 -0.63
C38 A1L1G LA . 8.00 77.22 0.53
C39 A1L1G LA . 7.28 78.08 1.39
C40 A1L1G LA . 7.89 78.80 2.42
C41 A1L1G LA . 7.33 79.21 3.63
C42 A1L1G LA . 6.60 80.36 3.88
C43 A1L1G LA . 5.58 82.08 5.35
C44 A1L1G LA . 6.74 81.24 4.95
C45 A1L1G LA . 7.96 82.05 6.87
C6 A1L1G LA . 9.11 83.75 8.25
C8 A1L1G LA . 8.65 83.42 10.74
O13 A1L1G LA . 10.47 71.86 -7.19
O15 A1L1G LA . 7.05 69.50 -11.47
O16 A1L1G LA . 3.55 68.89 -13.23
O7 A1L1G LA . 9.28 83.22 12.00
O9 A1L1G LA . 6.14 83.53 9.27
C8 A1L1F MA . -17.64 59.89 -0.57
C5 A1L1F MA . -15.22 61.66 -0.15
C4 A1L1F MA . -17.14 58.51 -0.19
C6 A1L1F MA . -15.97 60.95 0.96
C10 A1L1F MA . -15.09 57.22 0.51
C11 A1L1F MA . -15.66 58.56 0.06
C2 A1L1F MA . -14.07 59.02 3.16
C3 A1L1F MA . -17.43 60.82 0.60
C1 A1L1F MA . -15.42 59.57 1.14
C12 A1L1F MA . -15.83 61.72 2.27
C14 A1L1F MA . -4.44 55.59 19.10
C17 A1L1F MA . -4.59 52.93 19.84
C18 A1L1F MA . -2.83 57.22 20.84
C19 A1L1F MA . -5.02 57.22 21.96
C20 A1L1F MA . -4.71 53.87 21.03
C21 A1L1F MA . -3.93 53.50 22.27
C22 A1L1F MA . -4.06 54.61 23.28
C23 A1L1F MA . -3.22 55.75 22.77
C24 A1L1F MA . -3.86 56.35 21.54
C25 A1L1F MA . -4.36 55.29 20.56
C26 A1L1F MA . -4.42 56.05 16.33
C27 A1L1F MA . -7.21 57.56 12.36
C28 A1L1F MA . -13.73 57.90 9.82
C29 A1L1F MA . -5.61 55.93 18.58
C30 A1L1F MA . -5.67 56.21 17.14
C31 A1L1F MA . -6.81 56.58 16.58
C32 A1L1F MA . -6.92 56.85 15.16
C33 A1L1F MA . -8.12 57.14 14.69
C34 A1L1F MA . -8.37 57.42 13.29
C35 A1L1F MA . -9.62 57.54 12.83
C36 A1L1F MA . -9.89 57.81 11.44
C37 A1L1F MA . -11.09 57.59 10.92
C38 A1L1F MA . -11.30 57.87 9.50
C39 A1L1F MA . -12.51 58.01 8.97
C40 A1L1F MA . -12.65 58.28 7.53
C41 A1L1F MA . -13.79 58.53 6.91
C42 A1L1F MA . -13.64 58.75 5.48
C43 A1L1F MA . -16.01 58.53 4.80
C44 A1L1F MA . -14.57 58.76 4.52
C45 A1L1F MA . -2.85 57.88 16.95
C47 A1L1F MA . -2.64 59.36 17.05
C48 A1L1F MA . -1.21 59.65 17.47
C49 A1L1F MA . -0.39 60.18 16.31
C50 A1L1F MA . -1.27 60.66 15.16
C51 A1L1F MA . -0.87 60.00 13.86
C52 A1L1F MA . -2.11 59.57 13.08
C53 A1L1F MA . -1.83 58.35 12.22
C54 A1L1F MA . -19.50 58.92 -1.80
C56 A1L1F MA . -19.93 59.41 -3.15
C57 A1L1F MA . -14.77 59.29 2.16
O13 A1L1F MA . -3.89 57.34 16.10
O15 A1L1F MA . -5.66 54.93 21.00
O16 A1L1F MA . -3.55 54.16 24.53
O46 A1L1F MA . -2.17 57.09 17.58
O55 A1L1F MA . -19.56 57.75 -1.49
O7 A1L1F MA . -19.03 59.87 -0.80
O9 A1L1F MA . -15.05 58.95 -1.16
C1 XAT NA . 3.09 58.99 3.85
C2 XAT NA . 3.20 58.52 5.29
C3 XAT NA . 1.89 58.70 6.02
C4 XAT NA . 0.95 57.66 5.46
C5 XAT NA . 0.75 57.77 3.94
C6 XAT NA . 1.79 58.57 3.13
C7 XAT NA . 1.97 58.00 1.73
C8 XAT NA . 2.00 58.83 0.68
C9 XAT NA . 2.20 58.34 -0.69
C10 XAT NA . 3.33 58.68 -1.32
C11 XAT NA . 3.62 58.25 -2.68
C12 XAT NA . 4.71 58.74 -3.26
C13 XAT NA . 5.04 58.37 -4.65
C14 XAT NA . 6.20 58.78 -5.19
C15 XAT NA . 6.53 58.39 -6.56
C16 XAT NA . 4.23 58.41 3.06
C17 XAT NA . 3.27 60.49 3.81
C18 XAT NA . 0.17 56.61 3.14
C19 XAT NA . 1.16 57.50 -1.38
C20 XAT NA . 4.09 57.54 -5.45
O3 XAT NA . 2.10 58.45 7.41
O4 XAT NA . 0.49 59.09 3.47
C21 XAT NA . 12.07 55.83 -17.48
C22 XAT NA . 12.20 55.39 -18.93
C23 XAT NA . 10.94 55.70 -19.71
C24 XAT NA . 10.93 57.21 -19.83
C25 XAT NA . 10.65 57.83 -18.46
C26 XAT NA . 11.15 57.04 -17.24
C27 XAT NA . 11.51 57.93 -16.05
C28 XAT NA . 10.75 57.76 -14.97
C29 XAT NA . 10.92 58.50 -13.71
C30 XAT NA . 10.06 58.20 -12.73
C31 XAT NA . 10.06 58.83 -11.41
C32 XAT NA . 9.06 58.47 -10.62
C33 XAT NA . 8.88 58.97 -9.25
C34 XAT NA . 7.85 58.49 -8.55
C35 XAT NA . 7.57 58.92 -7.18
C36 XAT NA . 13.45 56.18 -16.95
C37 XAT NA . 11.54 54.66 -16.66
C38 XAT NA . 10.71 59.34 -18.21
C39 XAT NA . 12.00 59.51 -13.53
C40 XAT NA . 9.81 60.00 -8.68
O23 XAT NA . 11.01 55.10 -21.01
O24 XAT NA . 9.78 57.06 -17.63
C1 XAT OA . -6.75 69.54 4.90
C2 XAT OA . -6.66 68.96 6.30
C3 XAT OA . -7.69 67.86 6.42
C4 XAT OA . -7.11 66.68 5.67
C5 XAT OA . -6.85 66.98 4.18
C6 XAT OA . -6.67 68.47 3.77
C7 XAT OA . -5.71 68.69 2.60
C8 XAT OA . -4.38 68.62 2.66
C9 XAT OA . -3.54 68.88 1.47
C10 XAT OA . -2.22 68.86 1.63
C11 XAT OA . -1.29 69.12 0.53
C12 XAT OA . 0.00 68.99 0.79
C13 XAT OA . 1.03 69.25 -0.22
C14 XAT OA . 2.32 69.13 0.14
C15 XAT OA . 3.38 69.40 -0.81
C16 XAT OA . -5.68 70.63 4.80
C17 XAT OA . -8.09 70.25 4.76
C18 XAT OA . -6.07 65.97 3.34
C19 XAT OA . -4.16 69.16 0.15
C20 XAT OA . 0.66 69.66 -1.61
O3 XAT OA . -7.89 67.53 7.79
O4 XAT OA . -7.88 67.72 3.53
C21 XAT OA . 13.71 70.29 -7.37
C22 XAT OA . 14.73 70.67 -8.43
C23 XAT OA . 14.63 72.13 -8.77
C24 XAT OA . 15.22 72.85 -7.57
C25 XAT OA . 14.29 72.67 -6.37
C26 XAT OA . 13.45 71.40 -6.32
C27 XAT OA . 13.14 70.92 -4.90
C28 XAT OA . 11.85 70.89 -4.62
C29 XAT OA . 11.30 70.47 -3.31
C30 XAT OA . 9.97 70.38 -3.24
C31 XAT OA . 9.23 69.99 -2.05
C32 XAT OA . 7.92 70.05 -2.17
C33 XAT OA . 6.98 69.73 -1.09
C34 XAT OA . 5.67 69.70 -1.39
C35 XAT OA . 4.65 69.41 -0.40
C36 XAT OA . 14.16 69.02 -6.65
C37 XAT OA . 12.41 69.96 -8.07
C38 XAT OA . 14.70 73.11 -4.95
C39 XAT OA . 12.18 70.18 -2.13
C40 XAT OA . 7.45 69.45 0.30
O23 XAT OA . 15.40 72.42 -9.94
O24 XAT OA . 12.90 72.67 -6.68
C1 XAT PA . 11.16 68.95 -12.49
C2 XAT PA . 10.41 70.07 -11.80
C3 XAT PA . 10.62 71.36 -12.58
C4 XAT PA . 9.86 71.24 -13.90
C5 XAT PA . 9.88 69.87 -14.59
C6 XAT PA . 10.58 68.68 -13.90
C7 XAT PA . 9.80 67.40 -14.18
C8 XAT PA . 10.39 66.23 -14.40
C9 XAT PA . 9.64 65.00 -14.71
C10 XAT PA . 9.29 64.08 -13.80
C11 XAT PA . 8.58 62.88 -14.24
C12 XAT PA . 8.09 61.98 -13.39
C13 XAT PA . 7.41 60.77 -13.88
C14 XAT PA . 7.01 59.84 -12.99
C15 XAT PA . 6.36 58.60 -13.42
C16 XAT PA . 11.15 67.74 -11.58
C17 XAT PA . 12.63 69.35 -12.67
C18 XAT PA . 8.66 69.42 -15.41
C19 XAT PA . 9.27 64.76 -16.15
C20 XAT PA . 7.21 60.56 -15.35
O3 XAT PA . 10.09 72.45 -11.82
O4 XAT PA . 11.16 69.40 -15.00
C21 XAT PA . 4.48 45.94 -12.51
C22 XAT PA . 3.81 45.06 -13.56
C23 XAT PA . 2.48 44.55 -13.07
C24 XAT PA . 1.58 45.76 -13.08
C25 XAT PA . 2.00 46.78 -12.01
C26 XAT PA . 3.51 46.86 -11.71
C27 XAT PA . 4.04 48.23 -11.27
C28 XAT PA . 4.11 49.34 -12.01
C29 XAT PA . 4.66 50.59 -11.46
C30 XAT PA . 4.58 51.72 -12.19
C31 XAT PA . 5.13 52.99 -11.72
C32 XAT PA . 4.88 54.10 -12.41
C33 XAT PA . 5.45 55.38 -11.98
C34 XAT PA . 5.55 56.38 -12.88
C35 XAT PA . 6.14 57.65 -12.50
C36 XAT PA . 5.57 46.72 -13.24
C37 XAT PA . 5.19 45.05 -11.51
C38 XAT PA . 1.19 48.07 -11.83
C39 XAT PA . 5.30 50.61 -10.10
C40 XAT PA . 5.92 55.58 -10.57
O23 XAT PA . 1.98 43.55 -13.96
O24 XAT PA . 2.57 46.20 -10.84
C1 A1L1G QA . -17.79 53.44 3.32
C5 A1L1G QA . -19.85 53.91 4.67
C4 A1L1G QA . -18.88 53.17 1.07
C3 A1L1G QA . -19.83 52.01 3.05
C2 A1L1G QA . -15.48 53.65 4.50
C10 A1L1G QA . -16.63 54.21 1.21
C11 A1L1G QA . -17.96 54.03 1.92
C12 A1L1G QA . -18.49 51.88 5.16
C14 A1L1G QA . -4.80 48.09 19.20
C17 A1L1G QA . -1.94 48.89 19.24
C18 A1L1G QA . -5.17 49.95 21.96
C19 A1L1G QA . -6.15 47.66 21.87
C20 A1L1G QA . -2.64 48.56 20.53
C21 A1L1G QA . -2.05 49.14 21.78
C22 A1L1G QA . -2.60 48.62 23.10
C23 A1L1G QA . -4.00 48.02 22.99
C24 A1L1G QA . -4.85 48.47 21.80
C25 A1L1G QA . -4.06 48.16 20.52
C26 A1L1G QA . -6.97 46.68 17.90
C27 A1L1G QA . -9.96 47.77 13.64
C28 A1L1G QA . -12.56 53.94 10.07
C29 A1L1G QA . -5.90 48.74 18.83
C30 A1L1G QA . -6.84 48.18 17.96
C31 A1L1G QA . -7.64 48.96 17.14
C32 A1L1G QA . -8.29 48.58 15.99
C33 A1L1G QA . -8.55 49.36 14.88
C34 A1L1G QA . -9.50 49.15 13.87
C35 A1L1G QA . -10.03 50.17 13.07
C36 A1L1G QA . -10.91 50.06 12.02
C37 A1L1G QA . -11.75 51.00 11.43
C38 A1L1G QA . -11.68 51.64 10.21
C39 A1L1G QA . -12.59 52.53 9.64
C40 A1L1G QA . -13.53 52.15 8.66
C41 A1L1G QA . -14.53 52.92 8.10
C42 A1L1G QA . -15.08 52.78 6.85
C43 A1L1G QA . -15.75 55.13 6.49
C44 A1L1G QA . -15.42 53.79 5.96
C45 A1L1G QA . -16.62 53.51 3.91
C6 A1L1G QA . -18.98 52.81 4.04
C8 A1L1G QA . -20.16 52.80 1.79
O13 A1L1G QA . -6.07 46.16 16.97
O15 A1L1G QA . -3.03 47.16 20.66
O16 A1L1G QA . -2.63 49.70 24.03
O7 A1L1G QA . -20.98 52.01 0.93
O9 A1L1G QA . -18.62 55.32 2.02
O1 LHG RA . -11.85 42.18 -6.11
C1 LHG RA . -10.82 42.71 -6.90
C2 LHG RA . -11.44 43.36 -8.12
O2 LHG RA . -10.43 43.85 -8.95
C3 LHG RA . -12.37 44.52 -7.71
O3 LHG RA . -12.08 44.91 -6.40
P LHG RA . -11.04 46.16 -6.18
O4 LHG RA . -10.51 46.61 -7.50
O5 LHG RA . -11.78 47.31 -5.52
O6 LHG RA . -9.79 45.67 -5.19
C4 LHG RA . -8.86 46.64 -4.72
C5 LHG RA . -7.43 46.13 -4.99
C6 LHG RA . -7.29 44.72 -4.43
O7 LHG RA . -7.21 46.10 -6.38
C7 LHG RA . -5.90 45.74 -6.77
O9 LHG RA . -5.72 44.69 -7.26
C8 LHG RA . -4.73 46.73 -6.55
C9 LHG RA . -3.36 46.08 -6.90
O8 LHG RA . -8.05 44.62 -3.27
C23 LHG RA . -7.30 44.73 -2.10
O10 LHG RA . -6.91 45.80 -1.74
C24 LHG RA . -7.00 43.47 -1.25
C25 LHG RA . -7.04 43.76 0.24
C26 LHG RA . -5.98 44.37 0.83
C27 LHG RA . -6.00 44.67 2.37
C28 LHG RA . -4.62 44.42 3.04
C29 LHG RA . -4.20 42.93 3.03
C30 LHG RA . -4.08 42.34 4.46
C31 LHG RA . -5.21 41.35 4.80
C32 LHG RA . -5.08 40.02 4.00
C33 LHG RA . -4.40 38.90 4.80
C34 LHG RA . -5.37 37.71 5.08
C35 LHG RA . -4.67 36.36 5.07
C36 LHG RA . -4.62 35.72 3.68
C37 LHG RA . -5.43 34.42 3.59
C38 LHG RA . -5.03 33.55 2.39
MG CLA SA . 3.87 61.30 -13.41
CHA CLA SA . 3.74 62.10 -16.78
CHB CLA SA . 2.09 58.46 -14.02
CHC CLA SA . 4.24 60.45 -10.12
CHD CLA SA . 5.60 64.34 -12.82
NA CLA SA . 3.06 60.43 -15.13
C1A CLA SA . 3.14 60.92 -16.45
C2A CLA SA . 2.43 59.97 -17.41
C3A CLA SA . 1.78 58.92 -16.48
C4A CLA SA . 2.36 59.27 -15.10
CMA CLA SA . 0.28 59.01 -16.50
CAA CLA SA . 3.48 59.30 -18.27
CBA CLA SA . 4.68 58.86 -17.46
CGA CLA SA . 5.33 57.64 -18.03
O1A CLA SA . 5.09 57.09 -19.11
O2A CLA SA . 6.28 57.10 -17.22
NB CLA SA . 3.32 59.72 -12.29
C1B CLA SA . 2.53 58.70 -12.71
C2B CLA SA . 2.16 57.85 -11.54
C3B CLA SA . 2.75 58.40 -10.44
C4B CLA SA . 3.51 59.61 -10.90
CMB CLA SA . 1.30 56.67 -11.67
CAB CLA SA . 2.73 57.98 -9.06
CBB CLA SA . 2.90 56.73 -8.63
NC CLA SA . 4.77 62.23 -11.78
C1C CLA SA . 4.84 61.67 -10.53
C2C CLA SA . 5.60 62.55 -9.66
C3C CLA SA . 5.92 63.68 -10.39
C4C CLA SA . 5.41 63.47 -11.73
CMC CLA SA . 5.91 62.27 -8.26
CAC CLA SA . 6.70 64.85 -9.93
CBC CLA SA . 8.19 64.61 -10.04
ND CLA SA . 4.50 62.90 -14.48
C1D CLA SA . 5.19 64.09 -14.11
C2D CLA SA . 5.39 64.92 -15.32
C3D CLA SA . 4.88 64.20 -16.38
C4D CLA SA . 4.34 62.95 -15.80
CMD CLA SA . 6.03 66.24 -15.32
CAD CLA SA . 4.63 64.16 -17.81
OBD CLA SA . 4.90 64.99 -18.68
CBD CLA SA . 3.90 62.81 -18.10
CGD CLA SA . 2.56 63.00 -18.77
O1D CLA SA . 1.56 63.55 -18.29
O2D CLA SA . 2.49 62.49 -20.03
CED CLA SA . 2.78 63.37 -21.12
C1 CLA SA . 6.30 55.66 -17.12
C2 CLA SA . 7.39 55.30 -16.18
C3 CLA SA . 7.56 54.04 -15.73
C4 CLA SA . 6.66 52.93 -16.13
C5 CLA SA . 8.67 53.71 -14.79
C6 CLA SA . 8.25 53.79 -13.33
C7 CLA SA . 9.17 54.69 -12.55
C8 CLA SA . 9.99 53.91 -11.52
C9 CLA SA . 9.09 52.98 -10.73
C10 CLA SA . 10.75 54.85 -10.59
C11 CLA SA . 9.94 55.27 -9.38
C12 CLA SA . 10.72 55.06 -8.10
C13 CLA SA . 10.38 56.12 -7.06
C14 CLA SA . 11.51 57.13 -6.96
C15 CLA SA . 10.10 55.48 -5.70
C16 CLA SA . 10.03 56.51 -4.59
C17 CLA SA . 9.88 55.85 -3.25
C18 CLA SA . 9.53 56.83 -2.13
C19 CLA SA . 10.78 57.31 -1.42
C20 CLA SA . 8.73 58.02 -2.63
MG CLA TA . 1.02 53.57 -4.50
CHA CLA TA . -1.49 52.41 -6.61
CHB CLA TA . -1.20 53.66 -1.93
CHC CLA TA . 3.59 54.50 -2.42
CHD CLA TA . 3.26 53.53 -7.24
NA CLA TA . -1.01 53.13 -4.33
C1A CLA TA . -1.88 52.64 -5.32
C2A CLA TA . -3.29 52.46 -4.77
C3A CLA TA . -3.20 53.08 -3.36
C4A CLA TA . -1.69 53.30 -3.16
CMA CLA TA . -3.96 54.37 -3.33
CAA CLA TA . -3.63 50.98 -4.69
CBA CLA TA . -2.64 50.23 -3.80
CGA CLA TA . -3.01 48.79 -3.68
O1A CLA TA . -4.12 48.26 -3.81
O2A CLA TA . -1.95 47.99 -3.37
NB CLA TA . 1.15 54.05 -2.56
C1B CLA TA . 0.15 53.91 -1.65
C2B CLA TA . 0.69 54.06 -0.27
C3B CLA TA . 2.04 54.30 -0.40
C4B CLA TA . 2.36 54.31 -1.86
CMB CLA TA . -0.15 53.95 0.91
CAB CLA TA . 3.04 54.54 0.63
CBB CLA TA . 4.21 53.90 0.74
NC CLA TA . 3.05 53.97 -4.80
C1C CLA TA . 3.91 54.34 -3.80
C2C CLA TA . 5.25 54.55 -4.35
C3C CLA TA . 5.16 54.26 -5.71
C4C CLA TA . 3.78 53.90 -5.98
CMC CLA TA . 6.41 54.95 -3.56
CAC CLA TA . 6.25 54.32 -6.70
CBC CLA TA . 6.76 52.94 -7.07
ND CLA TA . 0.98 53.10 -6.46
C1D CLA TA . 1.96 53.16 -7.48
C2D CLA TA . 1.35 52.73 -8.76
C3D CLA TA . 0.04 52.40 -8.47
C4D CLA TA . -0.14 52.68 -7.04
CMD CLA TA . 2.04 52.64 -10.04
CAD CLA TA . -1.24 51.94 -9.01
OBD CLA TA . -1.52 51.61 -10.14
CBD CLA TA . -2.24 51.95 -7.82
CGD CLA TA . -3.44 52.82 -8.11
O1D CLA TA . -3.66 53.96 -7.70
O2D CLA TA . -4.36 52.25 -8.93
CED CLA TA . -5.33 53.08 -9.54
C1 CLA TA . -2.13 47.07 -2.28
MG CLA UA . -12.12 53.89 16.00
CHA CLA UA . -10.90 51.21 17.86
CHB CLA UA . -10.35 56.05 17.95
CHC CLA UA . -13.41 56.51 14.19
CHD CLA UA . -13.93 51.61 13.99
NA CLA UA . -10.82 53.65 17.63
C1A CLA UA . -10.45 52.45 18.26
C2A CLA UA . -9.49 52.73 19.41
C3A CLA UA . -9.33 54.27 19.40
C4A CLA UA . -10.23 54.71 18.25
CMA CLA UA . -9.73 54.90 20.70
CAA CLA UA . -8.15 52.05 19.23
CBA CLA UA . -7.93 51.06 20.35
CGA CLA UA . -8.04 51.77 21.66
O1A CLA UA . -7.58 52.87 21.97
O2A CLA UA . -8.74 51.06 22.60
NB CLA UA . -11.92 55.90 16.07
C1B CLA UA . -11.14 56.59 16.93
C2B CLA UA . -11.22 58.05 16.63
C3B CLA UA . -12.08 58.19 15.57
C4B CLA UA . -12.54 56.82 15.19
CMB CLA UA . -10.48 59.06 17.39
CAB CLA UA . -12.53 59.36 14.86
CBB CLA UA . -11.78 60.41 14.51
NC CLA UA . -13.42 54.03 14.38
C1C CLA UA . -13.82 55.20 13.80
C2C CLA UA . -14.74 54.93 12.69
C3C CLA UA . -14.89 53.54 12.64
C4C CLA UA . -14.06 52.99 13.70
CMC CLA UA . -15.36 55.94 11.85
CAC CLA UA . -15.71 52.77 11.70
CBC CLA UA . -17.14 52.65 12.17
ND CLA UA . -12.37 51.89 15.87
C1D CLA UA . -13.15 51.09 14.99
C2D CLA UA . -12.98 49.66 15.36
C3D CLA UA . -12.13 49.66 16.45
C4D CLA UA . -11.78 51.06 16.74
CMD CLA UA . -13.61 48.54 14.67
CAD CLA UA . -11.43 48.83 17.42
OBD CLA UA . -11.41 47.62 17.54
CBD CLA UA . -10.64 49.80 18.35
CGD CLA UA . -11.04 49.60 19.79
O1D CLA UA . -10.92 48.57 20.47
O2D CLA UA . -11.59 50.70 20.39
CED CLA UA . -11.92 50.61 21.78
C1 CLA UA . -8.34 51.27 23.96
MG CLA VA . -6.44 54.87 1.07
CHA CLA VA . -9.09 57.07 0.70
CHB CLA VA . -5.16 56.85 3.52
CHC CLA VA . -4.01 52.52 1.63
CHD CLA VA . -7.75 52.93 -1.58
NA CLA VA . -7.03 56.67 1.93
C1A CLA VA . -8.19 57.41 1.66
C2A CLA VA . -8.24 58.67 2.52
C3A CLA VA . -6.81 58.72 3.09
C4A CLA VA . -6.29 57.30 2.87
CMA CLA VA . -6.04 59.65 2.19
CAA CLA VA . -9.24 58.49 3.64
CBA CLA VA . -8.93 59.38 4.83
CGA CLA VA . -10.10 60.27 5.12
O1A CLA VA . -11.28 59.97 5.26
O2A CLA VA . -9.75 61.59 5.22
NB CLA VA . -4.89 54.71 2.34
C1B CLA VA . -4.57 55.59 3.33
C2B CLA VA . -3.46 55.04 4.16
C3B CLA VA . -3.13 53.82 3.63
C4B CLA VA . -4.02 53.59 2.45
CMB CLA VA . -2.88 55.76 5.29
CAB CLA VA . -2.11 52.89 4.04
CBB CLA VA . -2.28 51.59 4.27
NC CLA VA . -5.95 53.07 0.15
C1C CLA VA . -4.90 52.27 0.53
C2C CLA VA . -4.85 51.08 -0.31
C3C CLA VA . -5.91 51.19 -1.22
C4C CLA VA . -6.59 52.44 -0.92
CMC CLA VA . -3.87 50.01 -0.20
CAC CLA VA . -6.28 50.24 -2.27
CBC CLA VA . -7.35 49.27 -1.81
ND CLA VA . -7.98 54.97 -0.23
C1D CLA VA . -8.41 54.10 -1.27
C2D CLA VA . -9.64 54.66 -1.89
C3D CLA VA . -9.96 55.79 -1.15
C4D CLA VA . -8.90 55.93 -0.14
CMD CLA VA . -10.36 54.05 -3.01
CAD CLA VA . -10.87 56.91 -0.98
OBD CLA VA . -11.88 57.19 -1.62
CBD CLA VA . -10.35 57.75 0.22
CGD CLA VA . -10.04 59.17 -0.19
O1D CLA VA . -9.71 59.56 -1.31
O2D CLA VA . -10.12 60.09 0.81
CED CLA VA . -11.38 60.36 1.42
C1 CLA VA . -10.73 62.46 5.81
MG CLA WA . -9.79 66.10 -4.17
CHA CLA WA . -12.72 65.02 -5.67
CHB CLA WA . -9.93 68.99 -5.94
CHC CLA WA . -7.01 67.22 -2.47
CHD CLA WA . -9.64 63.04 -2.37
NA CLA WA . -11.12 66.85 -5.57
C1A CLA WA . -12.31 66.27 -6.06
C2A CLA WA . -12.99 67.19 -7.07
C3A CLA WA . -11.92 68.28 -7.32
C4A CLA WA . -10.93 68.06 -6.19
CMA CLA WA . -11.27 68.11 -8.66
CAA CLA WA . -14.16 67.97 -6.50
CBA CLA WA . -15.42 67.18 -6.18
CGA CLA WA . -15.63 67.21 -4.69
O1A CLA WA . -16.30 66.43 -4.00
O2A CLA WA . -14.99 68.24 -4.07
NB CLA WA . -8.68 67.78 -4.20
C1B CLA WA . -8.93 68.87 -4.96
C2B CLA WA . -7.95 69.95 -4.66
C3B CLA WA . -7.12 69.45 -3.67
C4B CLA WA . -7.56 68.06 -3.39
CMB CLA WA . -7.96 71.24 -5.33
CAB CLA WA . -5.99 70.03 -2.99
CBB CLA WA . -5.17 70.97 -3.47
NC CLA WA . -8.54 65.26 -2.71
C1C CLA WA . -7.46 65.89 -2.17
C2C CLA WA . -6.82 65.03 -1.17
C3C CLA WA . -7.57 63.85 -1.13
C4C CLA WA . -8.65 64.00 -2.11
CMC CLA WA . -5.64 65.39 -0.39
CAC CLA WA . -7.32 62.68 -0.28
CBC CLA WA . -8.01 62.80 1.05
ND CLA WA . -10.86 64.39 -4.03
C1D CLA WA . -10.68 63.20 -3.26
C2D CLA WA . -11.76 62.25 -3.59
C3D CLA WA . -12.58 62.89 -4.51
C4D CLA WA . -11.97 64.22 -4.74
CMD CLA WA . -11.92 60.92 -3.04
CAD CLA WA . -13.76 62.80 -5.34
OBD CLA WA . -14.55 61.87 -5.46
CBD CLA WA . -13.88 64.15 -6.10
CGD CLA WA . -13.88 63.93 -7.59
O1D CLA WA . -12.96 64.18 -8.37
O2D CLA WA . -15.03 63.39 -8.07
CED CLA WA . -14.92 62.44 -9.13
C1 CLA WA . -14.23 67.91 -2.89
MG CLA XA . -0.94 74.10 -2.51
CHA CLA XA . -1.44 75.65 -5.58
CHB CLA XA . -4.30 74.08 -1.98
CHC CLA XA . -0.37 72.81 0.62
CHD CLA XA . 2.55 74.14 -3.12
NA CLA XA . -2.59 74.72 -3.63
C1A CLA XA . -2.59 75.36 -4.88
C2A CLA XA . -4.02 75.65 -5.34
C3A CLA XA . -4.90 75.00 -4.24
C4A CLA XA . -3.87 74.56 -3.19
CMA CLA XA . -5.93 75.95 -3.68
CAA CLA XA . -4.32 75.04 -6.70
CBA CLA XA . -4.74 76.13 -7.65
CGA CLA XA . -3.91 76.15 -8.89
O1A CLA XA . -3.64 77.10 -9.62
O2A CLA XA . -3.40 74.92 -9.22
NB CLA XA . -2.11 73.56 -0.96
C1B CLA XA . -3.47 73.63 -0.93
C2B CLA XA . -3.97 73.16 0.39
C3B CLA XA . -2.86 72.80 1.12
C4B CLA XA . -1.66 73.04 0.27
CMB CLA XA . -5.38 73.12 0.74
CAB CLA XA . -2.76 72.29 2.47
CBB CLA XA . -3.29 72.85 3.55
NC CLA XA . 0.77 73.54 -1.47
C1C CLA XA . 0.78 73.03 -0.20
C2C CLA XA . 2.15 72.77 0.24
C3C CLA XA . 2.97 73.15 -0.83
C4C CLA XA . 2.10 73.63 -1.89
CMC CLA XA . 2.51 72.24 1.54
CAC CLA XA . 4.44 73.08 -0.86
CBC CLA XA . 5.05 74.26 -0.15
ND CLA XA . 0.31 74.63 -4.02
C1D CLA XA . 1.73 74.62 -4.12
C2D CLA XA . 2.12 75.20 -5.42
C3D CLA XA . 0.95 75.64 -6.01
C4D CLA XA . -0.14 75.27 -5.09
CMD CLA XA . 3.50 75.32 -5.90
CAD CLA XA . 0.35 76.26 -7.18
OBD CLA XA . 0.88 76.65 -8.22
CBD CLA XA . -1.17 76.36 -6.89
CGD CLA XA . -1.64 77.79 -6.81
O1D CLA XA . -2.44 78.28 -6.01
O2D CLA XA . -1.07 78.61 -7.74
CED CLA XA . -1.76 79.82 -8.06
C1 CLA XA . -3.35 74.62 -10.63
MG CLA YA . 5.80 56.21 8.16
CHA CLA YA . 6.76 56.38 11.49
CHB CLA YA . 8.03 58.67 7.40
CHC CLA YA . 5.14 55.71 4.84
CHD CLA YA . 3.54 53.62 8.98
NA CLA YA . 7.11 57.37 9.29
C1A CLA YA . 7.39 57.27 10.67
C2A CLA YA . 8.44 58.30 11.07
C3A CLA YA . 8.58 59.19 9.82
C4A CLA YA . 7.87 58.37 8.74
CMA CLA YA . 7.94 60.55 10.01
CAA CLA YA . 9.74 57.59 11.40
CBA CLA YA . 10.29 56.74 10.27
CGA CLA YA . 9.84 55.32 10.35
O1A CLA YA . 10.19 54.44 11.15
O2A CLA YA . 8.94 54.99 9.38
NB CLA YA . 6.39 57.09 6.45
C1B CLA YA . 7.44 57.96 6.35
C2B CLA YA . 7.91 58.04 4.95
C3B CLA YA . 7.11 57.21 4.20
C4B CLA YA . 6.12 56.60 5.15
CMB CLA YA . 9.03 58.89 4.54
CAB CLA YA . 7.14 56.90 2.79
CBB CLA YA . 7.35 57.78 1.80
NC CLA YA . 4.47 54.98 7.12
C1C CLA YA . 4.33 54.97 5.77
C2C CLA YA . 3.32 54.00 5.37
C3C CLA YA . 2.90 53.37 6.53
C4C CLA YA . 3.64 53.98 7.63
CMC CLA YA . 2.89 53.77 3.99
CAC CLA YA . 1.89 52.30 6.65
CBC CLA YA . 0.48 52.81 6.44
ND CLA YA . 5.16 55.26 9.83
C1D CLA YA . 4.25 54.20 10.02
C2D CLA YA . 4.22 53.84 11.45
C3D CLA YA . 5.17 54.62 12.06
C4D CLA YA . 5.74 55.49 11.01
CMD CLA YA . 3.37 52.80 12.04
CAD CLA YA . 5.81 54.99 13.31
OBD CLA YA . 5.60 54.58 14.44
CBD CLA YA . 6.90 56.06 12.97
CGD CLA YA . 6.82 57.22 13.95
O1D CLA YA . 6.84 57.14 15.18
O2D CLA YA . 6.71 58.46 13.40
CED CLA YA . 7.41 59.51 14.07
C1 CLA YA . 8.93 53.61 8.91
C2 CLA YA . 7.82 53.49 7.94
C3 CLA YA . 7.71 52.47 7.07
C4 CLA YA . 8.71 51.38 6.99
C5 CLA YA . 6.57 52.40 6.12
C6 CLA YA . 6.98 52.01 4.71
C7 CLA YA . 5.88 51.21 4.03
C8 CLA YA . 6.03 51.19 2.51
C9 CLA YA . 5.05 50.21 1.90
C10 CLA YA . 7.46 50.85 2.11
MG CLA ZA . 10.86 76.29 4.77
CHA CLA ZA . 13.72 77.39 6.41
CHB CLA ZA . 12.81 74.67 2.49
CHC CLA ZA . 8.01 75.09 3.28
CHD CLA ZA . 8.89 77.93 7.20
NA CLA ZA . 12.94 76.10 4.51
C1A CLA ZA . 13.96 76.63 5.30
C2A CLA ZA . 15.33 76.24 4.74
C3A CLA ZA . 15.00 75.48 3.44
C4A CLA ZA . 13.47 75.39 3.46
CMA CLA ZA . 15.51 76.21 2.22
CAA CLA ZA . 16.06 75.33 5.71
CBA CLA ZA . 17.27 74.67 5.08
NB CLA ZA . 10.48 75.14 3.17
C1B CLA ZA . 11.42 74.52 2.40
C2B CLA ZA . 10.75 73.62 1.41
C3B CLA ZA . 9.39 73.73 1.63
C4B CLA ZA . 9.21 74.71 2.74
CMB CLA ZA . 11.49 72.80 0.46
CAB CLA ZA . 8.27 73.09 0.99
CBB CLA ZA . 8.19 72.82 -0.32
NC CLA ZA . 8.83 76.51 5.17
C1C CLA ZA . 7.84 75.94 4.41
C2C CLA ZA . 6.53 76.29 4.95
C3C CLA ZA . 6.77 77.09 6.08
C4C CLA ZA . 8.22 77.22 6.20
CMC CLA ZA . 5.25 75.85 4.39
CAC CLA ZA . 5.77 77.68 6.99
CBC CLA ZA . 4.93 78.78 6.36
ND CLA ZA . 11.16 77.43 6.42
C1D CLA ZA . 10.26 78.04 7.33
C2D CLA ZA . 11.04 78.78 8.35
C3D CLA ZA . 12.38 78.56 8.05
C4D CLA ZA . 12.39 77.72 6.84
CMD CLA ZA . 10.46 79.55 9.45
CAD CLA ZA . 13.75 78.83 8.41
OBD CLA ZA . 14.21 79.50 9.33
CBD CLA ZA . 14.65 78.08 7.38
CGD CLA ZA . 15.59 79.01 6.66
O1D CLA ZA . 16.68 78.76 6.15
O2D CLA ZA . 15.12 80.30 6.56
CED CLA ZA . 14.39 80.66 5.40
MG CLA AB . -1.84 32.58 11.45
CHA CLA AB . -3.37 33.45 14.44
CHB CLA AB . 0.03 35.41 11.58
CHC CLA AB . -0.26 31.60 8.56
CHD CLA AB . -3.72 29.58 11.43
NA CLA AB . -1.71 34.17 12.80
C1A CLA AB . -2.43 34.35 14.00
C2A CLA AB . -2.01 35.64 14.68
C3A CLA AB . -1.12 36.32 13.63
C4A CLA AB . -0.89 35.23 12.60
CMA CLA AB . -1.78 37.54 13.03
CAA CLA AB . -1.13 35.31 15.88
CBA CLA AB . -1.84 35.39 17.21
CGA CLA AB . -1.68 36.74 17.83
O1A CLA AB . -1.08 37.05 18.86
O2A CLA AB . -2.32 37.71 17.12
NB CLA AB . -0.43 33.39 10.26
C1B CLA AB . 0.30 34.49 10.55
C2B CLA AB . 1.45 34.62 9.59
C3B CLA AB . 1.36 33.54 8.74
C4B CLA AB . 0.16 32.75 9.15
CMB CLA AB . 2.40 35.72 9.66
CAB CLA AB . 2.17 33.12 7.62
CBB CLA AB . 3.36 33.60 7.26
NC CLA AB . -2.01 30.93 10.20
C1C CLA AB . -1.30 30.74 9.05
C2C CLA AB . -1.69 29.50 8.40
C3C CLA AB . -2.63 28.89 9.23
C4C CLA AB . -2.82 29.80 10.37
CMC CLA AB . -1.14 29.00 7.13
CAC CLA AB . -3.32 27.62 9.01
CBC CLA AB . -2.45 26.42 9.34
ND CLA AB . -3.23 31.68 12.60
C1D CLA AB . -3.93 30.45 12.48
C2D CLA AB . -4.89 30.31 13.60
C3D CLA AB . -4.74 31.46 14.36
C4D CLA AB . -3.68 32.26 13.71
CMD CLA AB . -5.80 29.18 13.79
CAD CLA AB . -5.19 32.19 15.52
OBD CLA AB . -6.11 31.95 16.29
CBD CLA AB . -4.31 33.47 15.62
CGD CLA AB . -5.16 34.70 15.59
O1D CLA AB . -4.90 35.82 16.04
O2D CLA AB . -6.37 34.51 14.98
CED CLA AB . -6.96 35.62 14.32
C1 CLA AB . -3.55 38.22 17.69
C2 CLA AB . -4.34 38.77 16.57
C3 CLA AB . -4.86 40.00 16.58
C4 CLA AB . -4.69 40.91 17.74
C5 CLA AB . -5.65 40.51 15.42
C6 CLA AB . -5.08 40.05 14.09
C7 CLA AB . -6.14 40.12 13.01
C8 CLA AB . -5.54 40.29 11.62
C9 CLA AB . -4.54 39.19 11.33
C10 CLA AB . -4.86 41.66 11.48
C11 CLA AB . -4.70 42.03 10.03
C12 CLA AB . -4.75 43.52 9.82
C13 CLA AB . -5.15 43.85 8.39
C14 CLA AB . -4.08 44.70 7.72
C15 CLA AB . -6.50 44.56 8.33
C16 CLA AB . -6.86 44.98 6.92
C17 CLA AB . -7.80 46.17 6.91
C18 CLA AB . -9.20 45.80 7.35
C19 CLA AB . -9.55 46.46 8.68
C20 CLA AB . -10.22 46.19 6.30
O1 LHG BB . -2.04 36.36 -25.17
C1 LHG BB . -1.94 36.75 -23.83
C2 LHG BB . -1.91 38.27 -23.78
O2 LHG BB . -3.21 38.76 -23.89
C3 LHG BB . -1.06 38.81 -24.93
O3 LHG BB . -0.29 39.88 -24.45
P LHG BB . 1.14 39.55 -23.71
O4 LHG BB . 1.62 38.18 -24.11
O5 LHG BB . 2.16 40.58 -24.14
O6 LHG BB . 0.95 39.63 -22.05
C4 LHG BB . 0.74 38.41 -21.34
C5 LHG BB . 0.07 38.75 -19.99
C6 LHG BB . -0.25 40.22 -19.93
O7 LHG BB . -1.11 37.99 -19.85
C7 LHG BB . -1.31 37.49 -18.56
O9 LHG BB . -2.38 37.61 -18.04
C8 LHG BB . -0.16 36.80 -17.80
C9 LHG BB . -0.62 36.17 -16.46
C10 LHG BB . 0.54 35.44 -15.73
O8 LHG BB . -0.84 40.49 -18.69
C23 LHG BB . -0.05 41.26 -17.84
O10 LHG BB . -0.31 42.40 -17.64
C24 LHG BB . 1.18 40.63 -17.14
C11 LHG BB . 0.62 33.93 -16.08
C12 LHG BB . 0.17 33.01 -14.90
C13 LHG BB . 0.91 31.64 -14.90
C14 LHG BB . 1.68 31.39 -13.58
C15 LHG BB . 3.09 30.79 -13.81
C16 LHG BB . 4.10 31.21 -12.72
C17 LHG BB . 4.37 30.09 -11.71
C18 LHG BB . 4.78 30.63 -10.35
C19 LHG BB . 5.02 29.51 -9.34
C25 LHG BB . 1.15 40.80 -15.63
C26 LHG BB . 0.11 40.31 -14.91
C27 LHG BB . 0.10 40.51 -13.36
C28 LHG BB . 1.19 39.64 -12.67
C29 LHG BB . 1.40 40.02 -11.19
C30 LHG BB . 1.68 41.54 -11.00
C31 LHG BB . 3.16 41.82 -10.70
C32 LHG BB . 3.74 40.84 -9.66
C33 LHG BB . 5.26 40.70 -9.78
C34 LHG BB . 6.00 42.02 -9.43
C35 LHG BB . 7.51 41.81 -9.26
C36 LHG BB . 8.30 43.13 -9.30
C37 LHG BB . 8.11 43.98 -8.03
C38 LHG BB . 8.38 43.17 -6.75
MG CLA CB . 1.91 45.37 9.46
CHA CLA CB . 3.71 47.09 11.88
CHB CLA CB . 1.18 42.94 11.76
CHC CLA CB . -0.09 43.86 7.13
CHD CLA CB . 2.67 47.93 7.15
NA CLA CB . 2.42 45.06 11.47
C1A CLA CB . 3.16 45.92 12.31
C2A CLA CB . 3.27 45.33 13.71
C3A CLA CB . 2.64 43.93 13.57
C4A CLA CB . 2.02 43.97 12.17
CMA CLA CB . 3.68 42.84 13.68
CAA CLA CB . 2.47 46.22 14.64
CBA CLA CB . 2.33 45.69 16.04
CGA CLA CB . 1.13 46.33 16.66
O1A CLA CB . 0.82 47.53 16.68
O2A CLA CB . 0.28 45.45 17.25
NB CLA CB . 0.76 43.72 9.45
C1B CLA CB . 0.56 42.87 10.49
C2B CLA CB . -0.39 41.79 10.10
C3B CLA CB . -0.76 42.04 8.80
C4B CLA CB . -0.02 43.27 8.36
CMB CLA CB . -0.81 40.72 11.00
CAB CLA CB . -1.66 41.31 7.94
CBB CLA CB . -1.33 40.76 6.77
NC CLA CB . 1.43 45.80 7.48
C1C CLA CB . 0.59 45.03 6.71
C2C CLA CB . 0.47 45.63 5.39
C3C CLA CB . 1.24 46.80 5.39
C4C CLA CB . 1.83 46.89 6.72
CMC CLA CB . -0.34 45.09 4.29
CAC CLA CB . 1.43 47.74 4.29
CBC CLA CB . 2.73 47.52 3.54
ND CLA CB . 3.01 47.06 9.42
C1D CLA CB . 3.22 48.03 8.41
C2D CLA CB . 4.09 49.11 8.95
C3D CLA CB . 4.31 48.80 10.27
C4D CLA CB . 3.59 47.52 10.52
CMD CLA CB . 4.57 50.26 8.19
CAD CLA CB . 4.96 49.17 11.51
OBD CLA CB . 5.73 50.10 11.74
CBD CLA CB . 4.53 48.14 12.59
CGD CLA CB . 5.69 47.51 13.31
O1D CLA CB . 5.97 47.56 14.51
O2D CLA CB . 6.51 46.80 12.48
CED CLA CB . 7.92 46.96 12.68
C1 CLA CB . -1.12 45.83 17.29
C2 CLA CB . -1.90 44.59 17.02
C3 CLA CB . -2.10 44.14 15.77
C4 CLA CB . -2.88 42.90 15.50
C5 CLA CB . -1.58 44.84 14.57
C6 CLA CB . -2.67 45.05 13.56
C7 CLA CB . -2.10 45.26 12.18
C8 CLA CB . -1.37 46.58 12.06
C9 CLA CB . -2.25 47.72 12.55
C10 CLA CB . -0.91 46.80 10.62
C11 CLA CB . -1.23 48.17 10.08
C12 CLA CB . -2.21 48.10 8.93
C13 CLA CB . -1.62 48.67 7.65
C14 CLA CB . -0.59 49.74 7.95
C15 CLA CB . -2.71 49.23 6.74
C16 CLA CB . -3.55 48.13 6.14
C17 CLA CB . -4.32 48.60 4.94
C1 XAT DB . 28.64 73.17 -3.50
C2 XAT DB . 28.94 74.49 -2.81
C3 XAT DB . 30.43 74.77 -2.88
C4 XAT DB . 30.71 75.16 -4.31
C5 XAT DB . 30.32 74.07 -5.33
C6 XAT DB . 29.32 73.00 -4.88
C7 XAT DB . 28.42 72.55 -6.02
C8 XAT DB . 28.60 71.32 -6.51
C9 XAT DB . 27.77 70.82 -7.63
C10 XAT DB . 28.29 69.88 -8.43
C11 XAT DB . 27.54 69.33 -9.55
C12 XAT DB . 28.19 68.53 -10.38
C13 XAT DB . 27.53 67.92 -11.55
C14 XAT DB . 28.19 66.99 -12.24
C15 XAT DB . 27.61 66.32 -13.40
C16 XAT DB . 27.13 73.04 -3.66
C17 XAT DB . 29.09 72.01 -2.60
C18 XAT DB . 30.18 74.39 -6.81
C19 XAT DB . 26.39 71.35 -7.85
C20 XAT DB . 26.14 68.32 -11.94
O3 XAT DB . 30.76 75.84 -2.00
O4 XAT DB . 30.73 72.74 -4.97
C21 XAT DB . 25.30 57.06 -21.89
C22 XAT DB . 25.05 56.27 -23.16
C23 XAT DB . 24.76 57.20 -24.31
C24 XAT DB . 26.11 57.80 -24.65
C25 XAT DB . 26.64 58.67 -23.50
C26 XAT DB . 26.14 58.33 -22.08
C27 XAT DB . 27.17 58.64 -21.00
C28 XAT DB . 26.86 59.65 -20.18
C29 XAT DB . 27.74 60.08 -19.08
C30 XAT DB . 27.32 61.12 -18.34
C31 XAT DB . 28.07 61.65 -17.22
C32 XAT DB . 27.57 62.76 -16.66
C33 XAT DB . 28.21 63.43 -15.50
C34 XAT DB . 27.65 64.54 -15.03
C35 XAT DB . 28.22 65.25 -13.88
C36 XAT DB . 26.00 56.15 -20.88
C37 XAT DB . 23.95 57.46 -21.29
C38 XAT DB . 28.08 59.18 -23.46
C39 XAT DB . 29.04 59.39 -18.80
C40 XAT DB . 29.44 62.86 -14.88
O23 XAT DB . 24.26 56.47 -25.42
O24 XAT DB . 25.63 59.45 -22.84
C1 XAT EB . 36.66 58.73 -15.05
C2 XAT EB . 37.60 59.09 -13.91
C3 XAT EB . 36.79 59.26 -12.64
C4 XAT EB . 36.43 57.87 -12.19
C5 XAT EB . 35.64 57.09 -13.25
C6 XAT EB . 35.70 57.56 -14.72
C7 XAT EB . 35.63 56.38 -15.67
C8 XAT EB . 34.80 56.42 -16.71
C9 XAT EB . 34.65 55.29 -17.64
C10 XAT EB . 35.28 55.26 -18.83
C11 XAT EB . 35.06 54.11 -19.69
C12 XAT EB . 35.93 53.73 -20.62
C13 XAT EB . 35.63 52.56 -21.48
C14 XAT EB . 36.60 51.95 -22.17
C15 XAT EB . 36.31 50.80 -23.03
C16 XAT EB . 37.49 58.41 -16.28
C17 XAT EB . 35.83 59.96 -15.38
C18 XAT EB . 35.52 55.55 -13.18
C19 XAT EB . 33.76 54.16 -17.26
C20 XAT EB . 34.22 52.06 -21.58
O3 XAT EB . 37.57 59.91 -11.64
O4 XAT EB . 34.57 57.80 -13.87
C21 XAT EB . 39.03 41.41 -31.71
C22 XAT EB . 38.87 40.69 -33.04
C23 XAT EB . 37.41 40.62 -33.41
C24 XAT EB . 37.05 42.03 -33.85
C25 XAT EB . 37.17 43.02 -32.69
C26 XAT EB . 38.13 42.64 -31.53
C27 XAT EB . 38.76 43.85 -30.87
C28 XAT EB . 38.34 44.13 -29.64
C29 XAT EB . 38.85 45.28 -28.86
C30 XAT EB . 38.12 45.72 -27.83
C31 XAT EB . 38.53 46.84 -27.00
C32 XAT EB . 37.63 47.39 -26.19
C33 XAT EB . 37.96 48.53 -25.33
C34 XAT EB . 37.00 49.11 -24.60
C35 XAT EB . 37.29 50.25 -23.74
C36 XAT EB . 40.49 41.83 -31.56
C37 XAT EB . 38.72 40.42 -30.59
C38 XAT EB . 37.14 44.53 -32.90
C39 XAT EB . 40.16 45.91 -29.21
C40 XAT EB . 39.36 49.04 -25.27
O23 XAT EB . 37.22 39.71 -34.49
O24 XAT EB . 36.70 42.52 -31.43
C1 XAT FB . 27.91 68.66 -29.49
C2 XAT FB . 26.51 68.89 -30.07
C3 XAT FB . 26.39 68.24 -31.42
C4 XAT FB . 26.34 66.75 -31.14
C5 XAT FB . 27.68 66.27 -30.57
C6 XAT FB . 28.54 67.29 -29.80
C7 XAT FB . 29.38 66.67 -28.70
C8 XAT FB . 30.68 66.58 -28.97
C9 XAT FB . 31.67 66.02 -28.04
C10 XAT FB . 32.85 65.66 -28.54
C11 XAT FB . 33.93 65.11 -27.72
C12 XAT FB . 34.91 64.47 -28.35
C13 XAT FB . 36.06 63.91 -27.63
C14 XAT FB . 36.97 63.19 -28.28
C15 XAT FB . 38.13 62.65 -27.58
C16 XAT FB . 27.83 68.84 -27.97
C17 XAT FB . 28.84 69.74 -30.02
C18 XAT FB . 27.85 64.87 -29.98
C19 XAT FB . 31.36 65.88 -26.58
C20 XAT FB . 36.21 64.16 -26.15
O3 XAT FB . 25.18 68.66 -32.06
O4 XAT FB . 28.83 66.89 -31.15
C21 XAT FB . 49.08 59.68 -22.97
C22 XAT FB . 50.08 59.18 -21.94
C23 XAT FB . 49.35 58.53 -20.79
C24 XAT FB . 48.86 57.20 -21.33
C25 XAT FB . 47.80 57.41 -22.41
C26 XAT FB . 47.88 58.74 -23.21
C27 XAT FB . 47.40 58.59 -24.63
C28 XAT FB . 46.24 59.20 -24.89
C29 XAT FB . 45.54 59.22 -26.18
C30 XAT FB . 44.28 59.65 -26.14
C31 XAT FB . 43.37 59.78 -27.27
C32 XAT FB . 42.24 60.39 -26.94
C33 XAT FB . 41.14 60.70 -27.87
C34 XAT FB . 40.13 61.40 -27.39
C35 XAT FB . 38.99 61.83 -28.18
C36 XAT FB . 49.80 59.89 -24.29
C37 XAT FB . 48.54 61.02 -22.51
C38 XAT FB . 47.28 56.27 -23.27
C39 XAT FB . 46.20 58.78 -27.45
C40 XAT FB . 41.19 60.26 -29.32
O23 XAT FB . 50.23 58.31 -19.69
O24 XAT FB . 46.91 58.51 -22.16
C8 A1L1F GB . 8.88 48.43 -15.68
C5 A1L1F GB . 9.76 45.46 -16.70
C4 A1L1F GB . 9.66 49.58 -16.29
C6 A1L1F GB . 9.58 46.79 -17.42
C10 A1L1F GB . 10.77 49.77 -18.51
C11 A1L1F GB . 10.83 49.11 -17.14
C2 A1L1F GB . 13.01 46.36 -17.46
C3 A1L1F GB . 8.41 47.52 -16.79
C1 A1L1F GB . 10.84 47.60 -17.30
C12 A1L1F GB . 9.31 46.54 -18.90
C14 A1L1F GB . 29.41 53.25 -13.60
C17 A1L1F GB . 31.59 52.75 -11.82
C18 A1L1F GB . 29.63 55.98 -14.45
C19 A1L1F GB . 27.93 55.91 -12.64
C20 A1L1F GB . 30.78 54.00 -11.46
C21 A1L1F GB . 31.56 55.25 -11.04
C22 A1L1F GB . 30.59 56.38 -10.84
C23 A1L1F GB . 30.18 56.84 -12.22
C24 A1L1F GB . 29.41 55.77 -12.97
C25 A1L1F GB . 29.85 54.32 -12.64
C26 A1L1F GB . 28.89 51.02 -15.40
C27 A1L1F GB . 25.06 48.11 -16.98
C28 A1L1F GB . 18.57 47.82 -14.62
C29 A1L1F GB . 28.61 52.28 -13.17
C30 A1L1F GB . 28.16 51.25 -14.11
C31 A1L1F GB . 27.08 50.53 -13.80
C32 A1L1F GB . 26.57 49.51 -14.71
C33 A1L1F GB . 25.26 49.61 -14.89
C34 A1L1F GB . 24.46 48.73 -15.76
C35 A1L1F GB . 23.18 48.56 -15.43
C36 A1L1F GB . 22.27 47.76 -16.23
C37 A1L1F GB . 21.02 47.71 -15.78
C38 A1L1F GB . 19.95 47.00 -16.47
C39 A1L1F GB . 18.75 47.07 -15.90
C40 A1L1F GB . 17.58 46.43 -16.52
C41 A1L1F GB . 16.62 47.26 -16.87
C42 A1L1F GB . 15.38 46.80 -17.50
C43 A1L1F GB . 14.21 47.28 -15.39
C44 A1L1F GB . 14.24 46.82 -16.81
C45 A1L1F GB . 30.11 48.87 -15.48
C47 A1L1F GB . 31.30 48.03 -15.09
C48 A1L1F GB . 31.12 46.62 -15.65
C49 A1L1F GB . 31.97 46.39 -16.89
C50 A1L1F GB . 31.29 45.42 -17.84
C51 A1L1F GB . 32.27 44.76 -18.79
C52 A1L1F GB . 31.53 43.88 -19.78
C53 A1L1F GB . 32.49 43.21 -20.74
C54 A1L1F GB . 7.98 49.64 -13.80
C56 A1L1F GB . 8.93 49.12 -12.77
C57 A1L1F GB . 11.94 47.00 -17.37
O13 A1L1F GB . 30.07 50.27 -15.13
O15 A1L1F GB . 29.36 53.98 -11.33
O16 A1L1F GB . 31.23 57.43 -10.13
O46 A1L1F GB . 29.18 48.39 -16.09
O55 A1L1F GB . 7.38 50.69 -13.64
O7 A1L1F GB . 7.72 48.89 -15.01
O9 A1L1F GB . 12.03 49.52 -16.49
MG CLA HB . 46.95 46.60 -39.52
CHA CLA HB . 45.04 49.47 -39.92
CHB CLA HB . 48.48 47.22 -42.50
CHC CLA HB . 48.85 43.77 -39.08
CHD CLA HB . 45.32 46.00 -36.45
NA CLA HB . 46.77 48.12 -40.95
C1A CLA HB . 45.92 49.23 -40.94
C2A CLA HB . 46.13 50.09 -42.17
C3A CLA HB . 47.19 49.33 -43.00
C4A CLA HB . 47.53 48.13 -42.10
CMA CLA HB . 46.69 48.91 -44.35
CAA CLA HB . 46.68 51.46 -41.79
CBA CLA HB . 47.91 51.31 -40.92
CGA CLA HB . 48.58 52.63 -40.70
NB CLA HB . 48.40 45.68 -40.58
C1B CLA HB . 48.88 46.07 -41.78
C2B CLA HB . 49.90 45.11 -42.27
C3B CLA HB . 50.01 44.12 -41.30
C4B CLA HB . 49.05 44.48 -40.22
CMB CLA HB . 50.59 45.28 -43.55
CAB CLA HB . 50.84 42.94 -41.21
CBB CLA HB . 51.83 42.59 -42.02
NC CLA HB . 47.06 45.15 -38.02
C1C CLA HB . 47.92 44.09 -38.04
C2C CLA HB . 47.75 43.29 -36.83
C3C CLA HB . 46.74 43.91 -36.08
C4C CLA HB . 46.31 45.09 -36.84
CMC CLA HB . 48.50 42.08 -36.51
CAC CLA HB . 46.22 43.49 -34.78
CBC CLA HB . 45.02 42.56 -34.89
ND CLA HB . 45.53 47.47 -38.40
C1D CLA HB . 44.93 47.11 -37.16
C2D CLA HB . 43.90 48.11 -36.80
C3D CLA HB . 43.90 49.04 -37.82
C4D CLA HB . 44.93 48.60 -38.79
CMD CLA HB . 43.06 48.06 -35.60
CAD CLA HB . 43.31 50.26 -38.34
OBD CLA HB . 42.43 50.96 -37.87
CBD CLA HB . 44.00 50.56 -39.71
CGD CLA HB . 43.02 50.61 -40.84
O1D CLA HB . 42.28 49.70 -41.22
O2D CLA HB . 42.96 51.81 -41.49
CED CLA HB . 42.39 51.83 -42.80
MG CLA IB . 45.32 58.89 -38.75
CHA CLA IB . 42.29 60.49 -39.21
CHB CLA IB . 46.17 59.57 -41.97
CHC CLA IB . 48.35 57.35 -38.21
CHD CLA IB . 44.40 58.21 -35.39
NA CLA IB . 44.36 59.87 -40.32
C1A CLA IB . 43.10 60.48 -40.31
C2A CLA IB . 42.77 61.10 -41.67
C3A CLA IB . 43.98 60.71 -42.55
C4A CLA IB . 44.92 60.01 -41.57
CMA CLA IB . 43.59 59.83 -43.70
CAA CLA IB . 42.65 62.60 -41.57
CBA CLA IB . 43.92 63.23 -41.05
CGA CLA IB . 43.65 64.60 -40.50
O1A CLA IB . 42.74 65.37 -40.79
O2A CLA IB . 44.56 64.98 -39.56
NB CLA IB . 46.95 58.52 -39.88
C1B CLA IB . 47.11 58.90 -41.18
C2B CLA IB . 48.47 58.48 -41.65
C3B CLA IB . 49.08 57.86 -40.60
C4B CLA IB . 48.13 57.87 -39.46
CMB CLA IB . 48.94 58.75 -43.02
CAB CLA IB . 50.38 57.27 -40.50
CBB CLA IB . 51.53 57.87 -40.83
NC CLA IB . 46.20 57.94 -37.10
C1C CLA IB . 47.44 57.37 -37.11
C2C CLA IB . 47.74 56.80 -35.80
C3C CLA IB . 46.64 57.05 -35.00
C4C CLA IB . 45.67 57.77 -35.82
CMC CLA IB . 48.99 56.11 -35.45
CAC CLA IB . 46.46 56.66 -33.59
CBC CLA IB . 47.10 57.64 -32.63
ND CLA IB . 43.73 59.21 -37.53
C1D CLA IB . 43.50 58.89 -36.17
C2D CLA IB . 42.15 59.39 -35.80
C3D CLA IB . 41.63 59.99 -36.93
C4D CLA IB . 42.67 59.86 -37.97
CMD CLA IB . 41.55 59.24 -34.47
CAD CLA IB . 40.51 60.71 -37.51
OBD CLA IB . 39.43 61.01 -37.01
CBD CLA IB . 40.91 61.05 -38.98
CGD CLA IB . 39.94 60.50 -40.00
O1D CLA IB . 40.03 59.43 -40.60
O2D CLA IB . 38.89 61.31 -40.26
CED CLA IB . 38.49 61.45 -41.63
C1 CLA IB . 44.20 66.13 -38.75
MG CLA JB . 35.57 47.55 -33.17
CHA CLA JB . 34.81 46.81 -36.47
CHB CLA JB . 32.50 46.44 -32.22
CHC CLA JB . 36.45 48.16 -29.92
CHD CLA JB . 38.74 48.74 -34.24
NA CLA JB . 33.93 46.76 -34.21
C1A CLA JB . 33.81 46.51 -35.58
C2A CLA JB . 32.44 45.93 -35.91
C3A CLA JB . 31.70 45.98 -34.57
C4A CLA JB . 32.77 46.41 -33.57
CMA CLA JB . 30.58 46.99 -34.61
CAA CLA JB . 32.56 44.50 -36.41
CBA CLA JB . 33.45 43.65 -35.53
CGA CLA JB . 32.63 42.93 -34.50
O1A CLA JB . 31.48 42.47 -34.60
O2A CLA JB . 33.28 42.80 -33.31
NB CLA JB . 34.65 47.34 -31.41
C1B CLA JB . 33.41 46.83 -31.21
C2B CLA JB . 33.09 46.78 -29.75
C3B CLA JB . 34.21 47.27 -29.10
C4B CLA JB . 35.21 47.63 -30.14
CMB CLA JB . 31.82 46.29 -29.23
CAB CLA JB . 34.49 47.44 -27.70
CBB CLA JB . 33.60 47.66 -26.72
NC CLA JB . 37.27 48.34 -32.26
C1C CLA JB . 37.41 48.50 -30.90
C2C CLA JB . 38.72 49.07 -30.60
C3C CLA JB . 39.38 49.22 -31.83
C4C CLA JB . 38.47 48.76 -32.86
CMC CLA JB . 39.20 49.41 -29.27
CAC CLA JB . 40.73 49.76 -32.04
CBC CLA JB . 41.76 48.66 -32.15
ND CLA JB . 36.59 47.77 -34.91
C1D CLA JB . 37.88 48.28 -35.22
C2D CLA JB . 38.09 48.22 -36.68
C3D CLA JB . 36.95 47.65 -37.21
C4D CLA JB . 36.04 47.39 -36.07
CMD CLA JB . 39.31 48.68 -37.36
CAD CLA JB . 36.27 47.21 -38.41
OBD CLA JB . 36.64 47.22 -39.58
CBD CLA JB . 34.86 46.67 -37.97
CGD CLA JB . 33.74 47.46 -38.59
O1D CLA JB . 33.69 48.67 -38.76
O2D CLA JB . 32.67 46.70 -38.97
CED CLA JB . 31.43 47.37 -39.21
C1 CLA JB . 32.48 42.90 -32.11
C2 CLA JB . 33.45 43.09 -31.00
C3 CLA JB . 33.22 42.66 -29.75
C4 CLA JB . 31.96 41.96 -29.39
C5 CLA JB . 34.22 42.86 -28.66
C6 CLA JB . 34.66 41.54 -28.07
C7 CLA JB . 35.71 41.74 -26.99
C8 CLA JB . 37.04 41.11 -27.38
C9 CLA JB . 37.13 39.71 -26.83
C10 CLA JB . 38.20 41.99 -26.91
C11 CLA JB . 39.11 41.32 -25.90
C12 CLA JB . 40.10 42.29 -25.30
C13 CLA JB . 41.14 42.74 -26.32
C14 CLA JB . 41.77 41.55 -27.02
C15 CLA JB . 42.23 43.58 -25.66
C16 CLA JB . 41.63 44.73 -24.88
C17 CLA JB . 42.54 45.21 -23.79
C18 CLA JB . 43.40 46.42 -24.19
C19 CLA JB . 44.70 46.01 -24.84
C20 CLA JB . 42.63 47.37 -25.08
MG CLA KB . 32.25 46.40 -22.21
CHA CLA KB . 29.17 45.25 -23.35
CHB CLA KB . 33.82 44.54 -24.59
CHC CLA KB . 35.26 47.68 -21.15
CHD CLA KB . 30.57 48.36 -19.80
NA CLA KB . 31.58 45.11 -23.71
C1A CLA KB . 30.25 44.78 -24.04
C2A CLA KB . 30.22 43.81 -25.23
C3A CLA KB . 31.71 43.57 -25.55
C4A CLA KB . 32.45 44.47 -24.56
CMA CLA KB . 32.11 42.12 -25.35
CAA CLA KB . 29.53 44.43 -26.43
CBA CLA KB . 29.26 43.43 -27.53
CGA CLA KB . 27.84 42.95 -27.46
O1A CLA KB . 26.97 43.28 -26.65
O2A CLA KB . 27.51 42.05 -28.43
NB CLA KB . 34.17 46.24 -22.82
C1B CLA KB . 34.61 45.31 -23.71
C2B CLA KB . 36.09 45.20 -23.65
C3B CLA KB . 36.50 46.09 -22.67
C4B CLA KB . 35.28 46.75 -22.13
CMB CLA KB . 36.84 44.28 -24.48
CAB CLA KB . 37.82 46.39 -22.15
CBB CLA KB . 38.99 46.16 -22.75
NC CLA KB . 32.81 47.76 -20.73
C1C CLA KB . 34.09 48.15 -20.48
C2C CLA KB . 34.11 49.15 -19.40
C3C CLA KB . 32.79 49.33 -19.00
C4C CLA KB . 31.97 48.47 -19.85
CMC CLA KB . 35.33 49.77 -18.87
CAC CLA KB . 32.31 50.23 -17.95
CBC CLA KB . 31.67 51.47 -18.53
ND CLA KB . 30.36 46.66 -21.56
C1D CLA KB . 29.80 47.53 -20.58
C2D CLA KB . 28.33 47.37 -20.57
C3D CLA KB . 28.04 46.49 -21.61
C4D CLA KB . 29.33 46.12 -22.22
CMD CLA KB . 27.42 48.03 -19.65
CAD CLA KB . 27.00 45.77 -22.32
OBD CLA KB . 25.80 45.69 -22.07
CBD CLA KB . 27.68 45.05 -23.51
CGD CLA KB . 27.25 43.60 -23.58
O1D CLA KB . 26.15 43.17 -23.93
O2D CLA KB . 28.19 42.71 -23.20
CED CLA KB . 27.83 41.32 -23.22
C1 CLA KB . 28.49 41.06 -28.80
C2 CLA KB . 28.02 39.74 -28.31
C3 CLA KB . 28.58 39.13 -27.25
C4 CLA KB . 29.70 39.75 -26.49
C5 CLA KB . 28.10 37.80 -26.76
C6 CLA KB . 28.00 37.75 -25.25
C7 CLA KB . 28.57 36.46 -24.69
C8 CLA KB . 28.33 36.35 -23.20
C9 CLA KB . 28.97 37.53 -22.47
C10 CLA KB . 28.88 35.04 -22.64
MG CLA LB . 34.19 64.27 -14.24
CHA CLA LB . 34.76 65.37 -11.00
CHB CLA LB . 32.92 61.35 -13.02
CHC CLA LB . 33.61 63.23 -17.46
CHD CLA LB . 35.47 67.33 -15.47
NA CLA LB . 33.91 63.51 -12.32
C1A CLA LB . 34.20 64.12 -11.10
C2A CLA LB . 33.82 63.22 -9.92
C3A CLA LB . 33.30 61.93 -10.60
C4A CLA LB . 33.36 62.27 -12.09
CMA CLA LB . 34.13 60.72 -10.24
CAA CLA LB . 32.72 63.85 -9.09
CBA CLA LB . 31.50 64.19 -9.93
CGA CLA LB . 31.53 65.61 -10.39
O1A CLA LB . 31.66 66.64 -9.72
O2A CLA LB . 31.43 65.73 -11.75
NB CLA LB . 33.42 62.61 -15.08
C1B CLA LB . 32.94 61.52 -14.42
C2B CLA LB . 32.44 60.50 -15.38
C3B CLA LB . 32.64 61.03 -16.65
C4B CLA LB . 33.26 62.38 -16.47
CMB CLA LB . 31.87 59.23 -14.97
CAB CLA LB . 32.34 60.49 -17.94
CBB CLA LB . 32.64 59.25 -18.35
NC CLA LB . 34.50 65.13 -16.12
C1C CLA LB . 34.19 64.53 -17.31
C2C CLA LB . 34.54 65.41 -18.42
C3C CLA LB . 35.06 66.57 -17.85
C4C CLA LB . 35.03 66.39 -16.41
CMC CLA LB . 34.35 65.08 -19.83
CAC CLA LB . 35.55 67.76 -18.57
CBC CLA LB . 34.53 68.87 -18.60
ND CLA LB . 34.98 65.97 -13.48
C1D CLA LB . 35.45 67.15 -14.09
C2D CLA LB . 35.90 68.10 -13.04
C3D CLA LB . 35.67 67.45 -11.84
C4D CLA LB . 35.08 66.14 -12.17
CMD CLA LB . 36.47 69.42 -13.28
CAD CLA LB . 35.76 67.53 -10.39
OBD CLA LB . 36.22 68.43 -9.68
CBD CLA LB . 35.17 66.21 -9.82
CGD CLA LB . 36.15 65.48 -8.96
O1D CLA LB . 35.92 64.81 -7.95
O2D CLA LB . 37.45 65.59 -9.38
CED CLA LB . 38.29 64.45 -9.24
C1 CLA LB . 31.70 67.05 -12.29
C2 CLA LB . 31.48 66.99 -13.76
C3 CLA LB . 31.77 68.01 -14.57
C4 CLA LB . 32.32 69.28 -14.06
C5 CLA LB . 31.54 67.95 -16.04
C6 CLA LB . 30.73 66.73 -16.49
C7 CLA LB . 30.53 66.77 -17.98
C8 CLA LB . 29.61 65.66 -18.48
C9 CLA LB . 30.38 64.35 -18.60
C10 CLA LB . 29.01 66.03 -19.82
C11 CLA LB . 27.51 65.78 -19.85
C12 CLA LB . 26.79 66.55 -18.75
MG CLA MB . 22.68 67.10 -8.49
CHA CLA MB . 25.30 67.48 -6.24
CHB CLA MB . 20.61 68.74 -6.34
CHC CLA MB . 20.12 66.70 -10.75
CHD CLA MB . 24.85 65.30 -10.64
NA CLA MB . 22.94 67.98 -6.61
C1A CLA MB . 24.11 68.04 -5.84
C2A CLA MB . 23.86 68.77 -4.52
C3A CLA MB . 22.36 69.11 -4.57
C4A CLA MB . 21.92 68.59 -5.93
CMA CLA MB . 21.59 68.44 -3.45
CAA CLA MB . 24.69 70.04 -4.43
CBA CLA MB . 24.26 70.91 -3.25
CGA CLA MB . 24.52 70.18 -1.96
O1A CLA MB . 23.81 70.11 -0.96
O2A CLA MB . 25.72 69.53 -1.96
NB CLA MB . 20.74 67.60 -8.53
C1B CLA MB . 20.08 68.29 -7.56
C2B CLA MB . 18.66 68.48 -7.96
C3B CLA MB . 18.51 67.90 -9.20
C4B CLA MB . 19.83 67.35 -9.59
CMB CLA MB . 17.69 69.17 -7.11
CAB CLA MB . 17.35 67.81 -10.05
CBB CLA MB . 16.73 68.85 -10.62
NC CLA MB . 22.54 66.20 -10.36
C1C CLA MB . 21.39 66.15 -11.12
C2C CLA MB . 21.63 65.46 -12.37
C3C CLA MB . 22.97 65.05 -12.33
C4C CLA MB . 23.53 65.50 -11.06
CMC CLA MB . 20.64 65.25 -13.42
CAC CLA MB . 23.69 64.30 -13.39
CBC CLA MB . 24.18 65.21 -14.48
ND CLA MB . 24.62 66.55 -8.53
C1D CLA MB . 25.38 65.78 -9.45
C2D CLA MB . 26.76 65.61 -8.93
C3D CLA MB . 26.78 66.27 -7.71
C4D CLA MB . 25.43 66.82 -7.50
CMD CLA MB . 27.83 64.88 -9.60
CAD CLA MB . 27.59 66.64 -6.56
OBD CLA MB . 28.78 66.45 -6.35
CBD CLA MB . 26.64 67.37 -5.57
CGD CLA MB . 26.51 66.62 -4.26
O1D CLA MB . 25.48 66.26 -3.70
O2D CLA MB . 27.71 66.31 -3.68
CED CLA MB . 27.71 66.09 -2.27
C1 CLA MB . 26.32 69.30 -0.66
MG CLA NB . 24.35 50.86 -19.82
CHA CLA NB . 24.79 49.02 -22.72
CHB CLA NB . 21.10 49.85 -19.68
CHC CLA NB . 24.07 52.42 -16.79
CHD CLA NB . 27.71 51.96 -20.08
NA CLA NB . 23.16 49.65 -21.03
C1A CLA NB . 23.53 48.95 -22.18
C2A CLA NB . 22.36 48.15 -22.74
C3A CLA NB . 21.17 48.68 -21.92
C4A CLA NB . 21.84 49.43 -20.77
CMA CLA NB . 20.34 49.61 -22.77
CAA CLA NB . 22.57 46.67 -22.46
CBA CLA NB . 22.99 46.43 -21.03
CGA CLA NB . 22.97 44.98 -20.66
O1A CLA NB . 23.41 44.01 -21.27
O2A CLA NB . 22.39 44.76 -19.44
NB CLA NB . 22.86 51.11 -18.49
C1B CLA NB . 21.62 50.57 -18.59
C2B CLA NB . 20.84 50.87 -17.35
C3B CLA NB . 21.67 51.60 -16.52
C4B CLA NB . 22.97 51.76 -17.25
CMB CLA NB . 19.46 50.42 -17.18
CAB CLA NB . 21.48 52.15 -15.20
CBB CLA NB . 20.44 51.96 -14.38
NC CLA NB . 25.65 52.01 -18.66
C1C CLA NB . 25.32 52.55 -17.45
C2C CLA NB . 26.47 53.27 -16.91
C3C CLA NB . 27.51 53.15 -17.84
C4C CLA NB . 26.97 52.36 -18.94
CMC CLA NB . 26.49 53.96 -15.62
CAC CLA NB . 28.86 53.70 -17.74
CBC CLA NB . 28.96 55.07 -18.39
ND CLA NB . 25.91 50.62 -21.08
C1D CLA NB . 27.24 51.14 -21.09
C2D CLA NB . 27.95 50.64 -22.28
C3D CLA NB . 27.07 49.80 -22.93
C4D CLA NB . 25.81 49.83 -22.15
CMD CLA NB . 29.33 50.98 -22.63
CAD CLA NB . 26.84 48.93 -24.07
OBD CLA NB . 27.60 48.63 -24.99
CBD CLA NB . 25.37 48.41 -23.98
CGD CLA NB . 24.56 48.82 -25.18
O1D CLA NB . 23.66 49.66 -25.22
O2D CLA NB . 24.91 48.19 -26.33
CED CLA NB . 24.14 48.48 -27.50
C1 CLA NB . 23.23 44.21 -18.40
C2 CLA NB . 22.35 43.87 -17.25
C3 CLA NB . 22.65 44.21 -15.98
C4 CLA NB . 21.75 43.86 -14.84
C5 CLA NB . 23.91 44.94 -15.66
C6 CLA NB . 24.42 44.73 -14.25
C7 CLA NB . 25.92 44.87 -14.22
C8 CLA NB . 26.47 45.32 -12.86
C9 CLA NB . 25.43 46.08 -12.07
C10 CLA NB . 27.73 46.16 -13.05
C11 CLA NB . 28.12 46.89 -11.79
MG CLA OB . 28.93 62.11 -31.59
CHA CLA OB . 25.85 61.68 -33.11
CHB CLA OB . 30.34 62.82 -34.60
CHC CLA OB . 31.92 62.65 -29.99
CHD CLA OB . 27.41 61.41 -28.47
NA CLA OB . 28.18 62.21 -33.53
C1A CLA OB . 26.86 62.03 -33.96
C2A CLA OB . 26.76 62.22 -35.47
C3A CLA OB . 28.22 62.45 -35.92
C4A CLA OB . 28.99 62.51 -34.61
CMA CLA OB . 28.71 61.34 -36.81
CAA CLA OB . 25.94 63.46 -35.78
CBA CLA OB . 26.27 64.63 -34.85
CGA CLA OB . 27.44 65.41 -35.36
O1A CLA OB . 27.63 65.85 -36.49
O2A CLA OB . 28.40 65.63 -34.41
NB CLA OB . 30.77 62.65 -32.18
C1B CLA OB . 31.15 62.88 -33.47
C2B CLA OB . 32.61 63.20 -33.51
C3B CLA OB . 33.07 63.15 -32.21
C4B CLA OB . 31.90 62.80 -31.35
CMB CLA OB . 33.30 63.48 -34.77
CAB CLA OB . 34.38 63.37 -31.68
CBB CLA OB . 35.53 62.96 -32.23
NC CLA OB . 29.55 62.01 -29.59
C1C CLA OB . 30.82 62.27 -29.17
C2C CLA OB . 30.90 62.14 -27.71
C3C CLA OB . 29.62 61.79 -27.28
C4C CLA OB . 28.78 61.74 -28.47
CMC CLA OB . 32.09 62.32 -26.89
CAC CLA OB . 29.19 61.57 -25.89
CBC CLA OB . 28.54 62.80 -25.29
ND CLA OB . 27.10 61.59 -30.89
C1D CLA OB . 26.61 61.32 -29.59
C2D CLA OB . 25.18 60.98 -29.66
C3D CLA OB . 24.83 61.09 -31.00
C4D CLA OB . 26.06 61.49 -31.71
CMD CLA OB . 24.35 60.61 -28.52
CAD CLA OB . 23.77 60.98 -31.99
OBD CLA OB . 22.60 60.63 -31.84
CBD CLA OB . 24.39 61.37 -33.37
CGD CLA OB . 24.24 60.27 -34.38
O1D CLA OB . 24.91 59.23 -34.46
O2D CLA OB . 23.26 60.49 -35.30
CED CLA OB . 23.32 59.74 -36.52
C1 CLA OB . 29.60 66.31 -34.84
C2 CLA OB . 30.47 66.47 -33.65
C3 CLA OB . 31.60 67.20 -33.65
C4 CLA OB . 32.08 67.91 -34.85
C5 CLA OB . 32.42 67.32 -32.41
C6 CLA OB . 32.85 68.75 -32.13
C7 CLA OB . 33.59 68.84 -30.81
MG CLA PB . 40.81 64.60 -32.08
CHA CLA PB . 39.74 65.12 -35.34
CHB CLA PB . 38.10 66.28 -30.91
CHC CLA PB . 42.00 64.17 -28.89
CHD CLA PB . 43.61 62.84 -33.34
NA CLA PB . 39.18 65.51 -33.00
C1A CLA PB . 38.90 65.63 -34.37
C2A CLA PB . 37.59 66.38 -34.60
C3A CLA PB . 37.08 66.69 -33.18
C4A CLA PB . 38.18 66.12 -32.28
CMA CLA PB . 36.89 68.17 -32.95
CAA CLA PB . 36.58 65.52 -35.33
CBA CLA PB . 35.34 66.31 -35.72
CGA CLA PB . 35.69 67.37 -36.72
O1A CLA PB . 36.73 67.48 -37.39
O2A CLA PB . 34.71 68.31 -36.86
NB CLA PB . 40.15 65.08 -30.25
C1B CLA PB . 39.04 65.82 -29.97
C2B CLA PB . 38.97 66.13 -28.52
C3B CLA PB . 40.07 65.53 -27.94
C4B CLA PB . 40.84 64.86 -29.02
CMB CLA PB . 37.90 66.92 -27.92
CAB CLA PB . 40.49 65.53 -26.56
CBB CLA PB . 40.64 64.44 -25.80
NC CLA PB . 42.49 63.66 -31.28
C1C CLA PB . 42.78 63.60 -29.93
C2C CLA PB . 44.02 62.87 -29.73
C3C CLA PB . 44.48 62.48 -30.99
C4C CLA PB . 43.50 62.97 -31.96
CMC CLA PB . 44.66 62.64 -28.43
CAC CLA PB . 45.70 61.73 -31.31
CBC CLA PB . 46.92 62.62 -31.45
ND CLA PB . 41.55 64.07 -33.88
C1D CLA PB . 42.72 63.35 -34.26
C2D CLA PB . 42.78 63.29 -35.74
C3D CLA PB . 41.68 63.97 -36.21
C4D CLA PB . 40.94 64.43 -35.01
CMD CLA PB . 43.86 62.64 -36.49
CAD CLA PB . 40.94 64.41 -37.37
OBD CLA PB . 41.18 64.27 -38.56
CBD CLA PB . 39.67 65.17 -36.84
CGD CLA PB . 39.65 66.60 -37.33
O1D CLA PB . 39.94 67.61 -36.68
O2D CLA PB . 39.27 66.75 -38.62
CED CLA PB . 39.42 68.04 -39.21
C1 CLA PB . 35.16 69.68 -36.98
MG CLA QB . 50.51 52.69 -21.54
CHA CLA QB . 52.89 52.93 -19.03
CHB CLA QB . 51.81 55.44 -23.05
CHC CLA QB . 48.26 52.28 -24.11
CHD CLA QB . 49.22 49.79 -19.96
NA CLA QB . 52.07 53.98 -21.08
C1A CLA QB . 52.96 53.91 -19.99
C2A CLA QB . 53.97 55.06 -20.03
C3A CLA QB . 53.52 55.90 -21.25
C4A CLA QB . 52.39 55.06 -21.84
CMA CLA QB . 53.06 57.28 -20.83
CAA CLA QB . 55.39 54.55 -20.24
NB CLA QB . 50.11 53.67 -23.25
C1B CLA QB . 50.76 54.77 -23.70
C2B CLA QB . 50.21 55.19 -25.02
C3B CLA QB . 49.20 54.30 -25.33
C4B CLA QB . 49.12 53.33 -24.21
CMB CLA QB . 50.70 56.34 -25.76
CAB CLA QB . 48.34 54.24 -26.47
CBB CLA QB . 47.01 54.44 -26.44
NC CLA QB . 48.99 51.31 -21.94
C1C CLA QB . 48.18 51.33 -23.04
C2C CLA QB . 47.25 50.21 -23.00
C3C CLA QB . 47.51 49.50 -21.83
C4C CLA QB . 48.62 50.19 -21.17
CMC CLA QB . 46.24 49.95 -24.03
CAC CLA QB . 46.85 48.28 -21.36
CBC CLA QB . 45.44 48.52 -20.84
ND CLA QB . 50.84 51.63 -19.85
C1D CLA QB . 50.26 50.43 -19.33
C2D CLA QB . 50.95 50.07 -18.08
C3D CLA QB . 51.97 51.00 -17.91
C4D CLA QB . 51.87 51.92 -19.06
CMD CLA QB . 50.59 48.93 -17.23
CAD CLA QB . 53.06 51.44 -17.07
OBD CLA QB . 53.43 51.02 -15.98
CBD CLA QB . 53.73 52.64 -17.80
CGD CLA QB . 53.91 53.85 -16.93
O1D CLA QB . 54.88 54.62 -16.89
O2D CLA QB . 52.86 54.09 -16.10
CED CLA QB . 52.73 55.42 -15.58
C1A DGD RB . 43.31 53.16 -35.30
C2A DGD RB . 43.08 51.85 -34.58
C3A DGD RB . 44.26 51.51 -33.69
C4A DGD RB . 44.16 52.25 -32.37
O1A DGD RB . 42.58 54.10 -35.07
C1B DGD RB . 47.32 50.51 -36.69
C2B DGD RB . 48.18 49.83 -35.67
C3B DGD RB . 48.30 48.34 -35.98
C4B DGD RB . 49.35 48.10 -37.04
C5B DGD RB . 50.28 46.95 -36.67
C6B DGD RB . 51.17 46.60 -37.86
O1B DGD RB . 47.44 50.30 -37.88
O1G DGD RB . 44.38 53.32 -36.27
C1G DGD RB . 45.68 53.71 -35.85
C2G DGD RB . 46.68 52.79 -36.53
O2G DGD RB . 46.31 51.45 -36.26
C3G DGD RB . 46.62 53.05 -38.01
O3G DGD RB . 46.10 54.37 -38.19
C1D DGD RB . 45.25 54.43 -39.33
C2D DGD RB . 44.08 55.33 -39.00
O2D DGD RB . 43.36 54.80 -37.89
C3D DGD RB . 43.17 55.41 -40.21
O3D DGD RB . 42.07 56.26 -39.94
C4D DGD RB . 44.00 55.94 -41.36
O4D DGD RB . 44.49 57.23 -40.99
C5D DGD RB . 45.18 55.02 -41.60
O5D DGD RB . 46.87 54.49 -43.22
C6D DGD RB . 46.01 55.52 -42.78
O6D DGD RB . 45.96 54.97 -40.43
C1E DGD RB . 47.83 54.96 -44.18
C2E DGD RB . 47.46 54.45 -45.56
O2E DGD RB . 46.19 54.97 -45.95
C3E DGD RB . 47.42 52.93 -45.54
O3E DGD RB . 47.23 52.43 -46.86
C4E DGD RB . 48.71 52.35 -44.97
O4E DGD RB . 49.75 52.51 -45.93
C5E DGD RB . 49.10 53.05 -43.67
O6E DGD RB . 49.12 54.46 -43.86
C6E DGD RB . 50.48 52.58 -43.21
O5E DGD RB . 51.50 53.14 -44.05
C1 XAT SB . 14.00 -53.31 20.27
C2 XAT SB . 14.34 -52.56 21.54
C3 XAT SB . 15.83 -52.28 21.61
C4 XAT SB . 16.10 -51.23 20.56
C5 XAT SB . 15.88 -51.82 19.16
C6 XAT SB . 14.86 -52.96 19.03
C7 XAT SB . 14.13 -52.95 17.70
C8 XAT SB . 14.31 -53.99 16.89
C9 XAT SB . 13.65 -54.13 15.59
C10 XAT SB . 13.93 -55.20 14.85
C11 XAT SB . 13.33 -55.44 13.54
C12 XAT SB . 13.68 -56.54 12.90
C13 XAT SB . 13.11 -56.91 11.59
C14 XAT SB . 13.59 -57.99 10.96
C15 XAT SB . 13.06 -58.41 9.66
C16 XAT SB . 12.54 -53.04 19.94
C17 XAT SB . 14.13 -54.80 20.52
C18 XAT SB . 15.91 -50.94 17.90
C19 XAT SB . 12.66 -53.10 15.12
C20 XAT SB . 12.01 -56.09 10.98
O3 XAT SB . 16.16 -51.76 22.91
O4 XAT SB . 16.28 -53.19 19.02
C21 XAT SB . 14.00 -65.73 -0.68
C22 XAT SB . 13.67 -65.17 -2.05
C23 XAT SB . 12.38 -65.80 -2.51
C24 XAT SB . 11.26 -65.17 -1.71
C25 XAT SB . 11.46 -65.18 -0.19
C26 XAT SB . 12.86 -65.52 0.34
C27 XAT SB . 13.23 -64.75 1.60
C28 XAT SB . 13.12 -65.32 2.80
C29 XAT SB . 13.49 -64.59 4.03
C30 XAT SB . 12.68 -63.70 4.61
C31 XAT SB . 13.14 -63.05 5.84
C32 XAT SB . 12.76 -61.83 6.20
C33 XAT SB . 13.28 -61.29 7.48
C34 XAT SB . 12.95 -60.06 7.88
C35 XAT SB . 13.47 -59.57 9.16
C36 XAT SB . 15.27 -65.06 -0.16
C37 XAT SB . 14.27 -67.21 -0.79
C38 XAT SB . 10.70 -64.20 0.71
C39 XAT SB . 14.82 -64.89 4.66
C40 XAT SB . 14.17 -62.15 8.33
O23 XAT SB . 12.19 -65.54 -3.90
O24 XAT SB . 11.77 -66.46 0.36
C1 XAT TB . 14.12 -61.33 26.11
C2 XAT TB . 15.22 -61.29 27.15
C3 XAT TB . 15.04 -62.38 28.17
C4 XAT TB . 15.36 -63.67 27.43
C5 XAT TB . 14.30 -63.95 26.35
C6 XAT TB . 13.60 -62.73 25.73
C7 XAT TB . 13.22 -62.94 24.27
C8 XAT TB . 11.93 -63.09 24.02
C9 XAT TB . 11.39 -63.27 22.67
C10 XAT TB . 10.08 -63.53 22.54
C11 XAT TB . 9.44 -63.70 21.24
C12 XAT TB . 8.11 -63.67 21.25
C13 XAT TB . 7.30 -63.77 20.03
C14 XAT TB . 6.00 -63.50 20.14
C15 XAT TB . 5.07 -63.51 19.01
C16 XAT TB . 14.63 -60.64 24.83
C17 XAT TB . 12.94 -60.50 26.59
C18 XAT TB . 14.48 -65.08 25.33
C19 XAT TB . 12.27 -63.12 21.46
C20 XAT TB . 7.92 -64.15 18.71
O3 XAT TB . 15.94 -62.20 29.26
O4 XAT TB . 12.97 -63.58 26.71
C21 XAT TB . -4.55 -58.93 11.93
C22 XAT TB . -5.81 -58.83 11.09
C23 XAT TB . -6.14 -60.19 10.49
C24 XAT TB . -6.65 -61.01 11.65
C25 XAT TB . -5.57 -61.25 12.71
C26 XAT TB . -4.44 -60.20 12.80
C27 XAT TB . -3.90 -60.01 14.20
C28 XAT TB . -2.70 -60.53 14.45
C29 XAT TB . -2.01 -60.44 15.74
C30 XAT TB . -1.00 -61.27 15.95
C31 XAT TB . -0.20 -61.27 17.17
C32 XAT TB . 0.85 -62.10 17.18
C33 XAT TB . 1.77 -62.19 18.31
C34 XAT TB . 2.93 -62.83 18.13
C35 XAT TB . 3.91 -62.91 19.21
C36 XAT TB . -4.50 -57.71 12.85
C37 XAT TB . -3.34 -58.89 11.01
C38 XAT TB . -5.90 -61.83 14.09
C39 XAT TB . -2.41 -59.42 16.77
C40 XAT TB . 1.43 -61.56 19.63
O23 XAT TB . -7.16 -60.04 9.50
O24 XAT TB . -4.27 -61.49 12.18
C1 XAT UB . -24.51 -54.88 15.87
C2 XAT UB . -25.21 -54.05 14.81
C3 XAT UB . -26.62 -53.72 15.24
C4 XAT UB . -26.48 -52.69 16.35
C5 XAT UB . -25.75 -53.27 17.57
C6 XAT UB . -24.79 -54.45 17.33
C7 XAT UB . -23.59 -54.40 18.27
C8 XAT UB . -23.18 -55.51 18.85
C9 XAT UB . -22.02 -55.54 19.76
C10 XAT UB . -20.77 -55.59 19.27
C11 XAT UB . -19.62 -55.66 20.17
C12 XAT UB . -18.41 -55.81 19.65
C13 XAT UB . -17.22 -55.91 20.52
C14 XAT UB . -16.00 -55.98 19.97
C15 XAT UB . -14.79 -56.10 20.79
C16 XAT UB . -23.02 -54.83 15.60
C17 XAT UB . -24.93 -56.33 15.70
C18 XAT UB . -25.25 -52.37 18.70
C19 XAT UB . -22.24 -55.54 21.25
C20 XAT UB . -17.38 -55.95 22.01
O3 XAT UB . -27.35 -53.15 14.15
O4 XAT UB . -26.10 -54.62 17.90
C21 XAT UB . -3.11 -56.21 25.31
C22 XAT UB . -2.05 -56.56 26.33
C23 XAT UB . -2.51 -57.69 27.22
C24 XAT UB . -2.48 -58.92 26.34
C25 XAT UB . -3.59 -58.80 25.27
C26 XAT UB . -3.98 -57.39 24.82
C27 XAT UB . -4.47 -57.33 23.38
C28 XAT UB . -5.77 -57.07 23.24
C29 XAT UB . -6.52 -56.96 21.98
C30 XAT UB . -7.85 -56.97 22.08
C31 XAT UB . -8.80 -56.87 20.98
C32 XAT UB . -10.07 -56.86 21.36
C33 XAT UB . -11.23 -56.75 20.46
C34 XAT UB . -12.45 -56.57 21.01
C35 XAT UB . -13.65 -56.45 20.20
C36 XAT UB . -2.43 -55.58 24.11
C37 XAT UB . -4.03 -55.17 25.92
C38 XAT UB . -3.73 -59.82 24.13
C39 XAT UB . -5.81 -56.84 20.66
C40 XAT UB . -11.05 -56.82 18.98
O23 XAT UB . -1.60 -57.87 28.31
O24 XAT UB . -4.78 -58.15 25.73
C1 XAT VB . -15.11 -66.42 32.50
C2 XAT VB . -15.49 -65.66 33.77
C3 XAT VB . -14.78 -64.33 33.82
C4 XAT VB . -15.46 -63.48 32.78
C5 XAT VB . -15.20 -64.03 31.38
C6 XAT VB . -14.92 -65.54 31.25
C7 XAT VB . -15.41 -66.12 29.93
C8 XAT VB . -14.45 -66.40 29.04
C9 XAT VB . -14.71 -66.97 27.70
C10 XAT VB . -13.68 -66.99 26.85
C11 XAT VB . -13.78 -67.53 25.50
C12 XAT VB . -12.72 -67.43 24.70
C13 XAT VB . -12.73 -67.98 23.34
C14 XAT VB . -11.54 -68.16 22.74
C15 XAT VB . -11.42 -68.76 21.42
C16 XAT VB . -16.17 -67.49 32.22
C17 XAT VB . -13.80 -67.16 32.76
C18 XAT VB . -15.93 -63.49 30.15
C19 XAT VB . -16.07 -67.49 27.33
C20 XAT VB . -14.00 -68.35 22.66
O3 XAT VB . -14.92 -63.74 35.11
O4 XAT VB . -13.88 -64.56 31.18
C21 XAT VB . -4.55 -73.76 11.61
C22 XAT VB . -4.32 -74.24 10.18
C23 XAT VB . -5.63 -74.32 9.44
C24 XAT VB . -6.01 -72.88 9.18
C25 XAT VB . -6.37 -72.18 10.49
C26 XAT VB . -5.67 -72.70 11.76
C27 XAT VB . -5.47 -71.65 12.85
C28 XAT VB . -6.31 -71.75 13.87
C29 XAT VB . -6.28 -70.86 15.04
C30 XAT VB . -7.30 -70.97 15.91
C31 XAT VB . -7.39 -70.17 17.14
C32 XAT VB . -8.54 -70.24 17.81
C33 XAT VB . -8.74 -69.53 19.09
C34 XAT VB . -9.94 -69.58 19.67
C35 XAT VB . -10.18 -68.95 20.96
C36 XAT VB . -3.25 -73.17 12.15
C37 XAT VB . -4.92 -74.96 12.47
C38 XAT VB . -6.66 -70.68 10.58
C39 XAT VB . -5.15 -69.90 15.28
C40 XAT VB . -7.61 -68.79 19.73
O23 XAT VB . -5.46 -75.03 8.22
O24 XAT VB . -7.02 -73.03 11.44
C1 XAT WB . -4.55 -50.18 27.66
C2 XAT WB . -3.21 -50.14 28.39
C3 XAT WB . -3.42 -49.90 29.87
C4 XAT WB . -3.99 -51.19 30.42
C5 XAT WB . -5.37 -51.48 29.80
C6 XAT WB . -5.67 -50.89 28.42
C7 XAT WB . -6.59 -51.81 27.62
C8 XAT WB . -7.82 -51.39 27.36
C9 XAT WB . -8.78 -52.23 26.62
C10 XAT WB . -10.07 -51.90 26.66
C11 XAT WB . -11.08 -52.70 25.98
C12 XAT WB . -12.36 -52.37 26.16
C13 XAT WB . -13.44 -53.16 25.54
C14 XAT WB . -14.71 -52.86 25.82
C15 XAT WB . -15.79 -53.64 25.24
C16 XAT WB . -4.34 -50.84 26.31
C17 XAT WB . -4.99 -48.74 27.40
C18 XAT WB . -6.05 -52.84 30.01
C19 XAT WB . -8.31 -53.44 25.86
C20 XAT WB . -13.12 -54.29 24.61
O3 XAT WB . -2.16 -49.62 30.50
O4 XAT WB . -6.21 -50.34 29.63
C21 XAT WB . -26.21 -59.40 23.60
C22 XAT WB . -26.95 -60.39 22.70
C23 XAT WB . -28.23 -59.79 22.20
C24 XAT WB . -27.81 -58.74 21.19
C25 XAT WB . -27.11 -57.58 21.91
C26 XAT WB . -26.36 -57.91 23.21
C27 XAT WB . -25.15 -57.02 23.47
C28 XAT WB . -25.05 -56.50 24.68
C29 XAT WB . -23.94 -55.63 25.12
C30 XAT WB . -22.68 -55.87 24.76
C31 XAT WB . -21.64 -54.98 25.27
C32 XAT WB . -20.39 -55.05 24.82
C33 XAT WB . -19.38 -54.15 25.40
C34 XAT WB . -18.08 -54.29 25.04
C35 XAT WB . -17.05 -53.46 25.62
C36 XAT WB . -24.74 -59.75 23.58
C37 XAT WB . -26.74 -59.58 25.02
C38 XAT WB . -26.39 -56.46 21.13
C39 XAT WB . -24.24 -54.47 26.03
C40 XAT WB . -19.78 -53.09 26.38
O23 XAT WB . -29.01 -60.81 21.55
O24 XAT WB . -27.65 -57.26 23.19
MG CLA XB . -34.04 -62.77 19.43
CHA CLA XB . -32.00 -65.19 18.01
CHB CLA XB . -36.68 -64.92 19.29
CHC CLA XB . -36.00 -60.36 20.89
CHD CLA XB . -31.28 -60.56 19.51
NA CLA XB . -34.27 -64.74 18.75
C1A CLA XB . -33.30 -65.59 18.21
C2A CLA XB . -33.90 -66.95 17.85
C3A CLA XB . -35.40 -66.79 18.20
C4A CLA XB . -35.47 -65.39 18.80
CMA CLA XB . -36.27 -66.92 16.98
CAA CLA XB . -33.31 -68.11 18.63
CBA CLA XB . -32.63 -67.72 19.94
CGA CLA XB . -33.58 -67.77 21.08
O1A CLA XB . -34.71 -67.30 21.18
O2A CLA XB . -33.06 -68.44 22.17
NB CLA XB . -35.97 -62.66 20.01
C1B CLA XB . -36.90 -63.65 19.86
C2B CLA XB . -38.22 -63.19 20.37
C3B CLA XB . -38.03 -61.89 20.82
C4B CLA XB . -36.60 -61.54 20.59
CMB CLA XB . -39.42 -64.00 20.35
CAB CLA XB . -38.98 -60.97 21.40
CBB CLA XB . -38.85 -60.35 22.57
NC CLA XB . -33.70 -60.82 20.07
C1C CLA XB . -34.64 -60.01 20.64
C2C CLA XB . -34.06 -58.72 20.99
C3C CLA XB . -32.72 -58.76 20.60
C4C CLA XB . -32.50 -60.09 20.02
CMC CLA XB . -34.80 -57.63 21.62
CAC CLA XB . -31.72 -57.70 20.74
CBC CLA XB . -31.94 -56.53 19.81
ND CLA XB . -32.09 -62.79 18.88
C1D CLA XB . -31.06 -61.81 18.97
C2D CLA XB . -29.81 -62.38 18.42
C3D CLA XB . -30.11 -63.68 18.03
C4D CLA XB . -31.54 -63.88 18.35
CMD CLA XB . -28.54 -61.66 18.33
CAD CLA XB . -29.62 -64.90 17.43
OBD CLA XB . -28.50 -65.16 17.00
CBD CLA XB . -30.80 -65.91 17.42
CGD CLA XB . -31.09 -66.46 16.05
O1D CLA XB . -31.98 -66.09 15.27
O2D CLA XB . -30.28 -67.47 15.67
CED CLA XB . -30.86 -68.59 14.99
MG CLA YB . -24.75 -72.42 20.64
CHA CLA YB . -22.69 -73.64 18.11
CHB CLA YB . -27.27 -74.45 19.58
CHC CLA YB . -26.73 -71.20 23.18
CHD CLA YB . -22.08 -70.37 21.76
NA CLA YB . -24.93 -73.81 19.09
C1A CLA YB . -23.96 -74.19 18.15
C2A CLA YB . -24.50 -75.27 17.21
C3A CLA YB . -25.96 -75.46 17.67
C4A CLA YB . -26.08 -74.52 18.88
CMA CLA YB . -26.94 -75.13 16.59
CAA CLA YB . -23.72 -76.56 17.39
CBA CLA YB . -23.68 -76.99 18.85
CGA CLA YB . -22.63 -78.05 19.07
O1A CLA YB . -22.09 -78.77 18.23
O2A CLA YB . -22.28 -78.18 20.38
NB CLA YB . -26.63 -72.78 21.28
C1B CLA YB . -27.52 -73.63 20.69
C2B CLA YB . -28.83 -73.55 21.38
C3B CLA YB . -28.69 -72.64 22.40
C4B CLA YB . -27.29 -72.13 22.34
CMB CLA YB . -29.99 -74.34 20.99
CAB CLA YB . -29.66 -72.18 23.37
CBB CLA YB . -29.51 -72.23 24.70
NC CLA YB . -24.46 -71.03 22.17
C1C CLA YB . -25.40 -70.68 23.10
C2C CLA YB . -24.86 -69.70 24.02
C3C CLA YB . -23.54 -69.46 23.63
C4C CLA YB . -23.30 -70.31 22.47
CMC CLA YB . -25.61 -69.10 25.14
CAC CLA YB . -22.58 -68.55 24.27
CBC CLA YB . -21.59 -69.28 25.14
ND CLA YB . -22.86 -72.00 20.08
C1D CLA YB . -21.86 -71.15 20.64
C2D CLA YB . -20.62 -71.27 19.83
C3D CLA YB . -20.89 -72.19 18.84
C4D CLA YB . -22.29 -72.64 19.05
CMD CLA YB . -19.39 -70.52 20.09
CAD CLA YB . -20.37 -72.89 17.68
OBD CLA YB . -19.29 -72.79 17.13
CBD CLA YB . -21.50 -73.88 17.22
CGD CLA YB . -21.78 -73.77 15.74
O1D CLA YB . -21.01 -74.05 14.82
O2D CLA YB . -23.01 -73.30 15.42
CED CLA YB . -23.59 -73.78 14.20
C1 CLA YB . -20.91 -78.52 20.67
C2 CLA YB . -20.80 -78.68 22.14
C3 CLA YB . -19.65 -78.58 22.82
C4 CLA YB . -19.61 -78.75 24.31
C5 CLA YB . -18.35 -78.28 22.16
C6 CLA YB . -17.55 -77.23 22.89
C7 CLA YB . -16.06 -77.49 22.79
C8 CLA YB . -15.23 -76.30 23.25
C9 CLA YB . -13.81 -76.42 22.72
C10 CLA YB . -15.23 -76.19 24.77
C11 CLA YB . -14.16 -75.25 25.27
MG CLA ZB . -21.91 -58.56 14.28
CHA CLA ZB . -24.33 -59.30 11.92
CHB CLA ZB . -20.34 -56.55 12.03
CHC CLA ZB . -19.64 -57.74 16.70
CHD CLA ZB . -23.56 -60.72 16.56
NA CLA ZB . -22.29 -58.02 12.30
C1A CLA ZB . -23.36 -58.44 11.49
C2A CLA ZB . -23.28 -57.81 10.10
C3A CLA ZB . -21.90 -57.13 10.12
C4A CLA ZB . -21.47 -57.20 11.59
CMA CLA ZB . -20.95 -57.87 9.22
CAA CLA ZB . -24.39 -56.80 9.91
CBA CLA ZB . -24.55 -55.88 11.12
CGA CLA ZB . -23.69 -54.66 10.95
O1A CLA ZB . -23.57 -53.95 9.96
O2A CLA ZB . -22.98 -54.34 12.07
NB CLA ZB . -20.26 -57.42 14.32
C1B CLA ZB . -19.85 -56.57 13.34
C2B CLA ZB . -18.78 -55.67 13.85
C3B CLA ZB . -18.58 -56.00 15.17
C4B CLA ZB . -19.52 -57.12 15.49
CMB CLA ZB . -18.16 -54.65 13.01
CAB CLA ZB . -17.69 -55.45 16.17
CBB CLA ZB . -16.52 -54.86 15.94
NC CLA ZB . -21.65 -59.15 16.27
C1C CLA ZB . -20.64 -58.70 17.07
C2C CLA ZB . -20.73 -59.32 18.38
C3C CLA ZB . -21.85 -60.15 18.35
C4C CLA ZB . -22.42 -60.04 17.01
CMC CLA ZB . -19.82 -59.08 19.50
CAC CLA ZB . -22.38 -61.00 19.43
CBC CLA ZB . -23.54 -60.33 20.14
ND CLA ZB . -23.58 -59.70 14.33
C1D CLA ZB . -24.11 -60.59 15.30
C2D CLA ZB . -25.31 -61.26 14.74
C3D CLA ZB . -25.44 -60.80 13.45
C4D CLA ZB . -24.33 -59.84 13.24
CMD CLA ZB . -26.13 -62.22 15.48
CAD CLA ZB . -26.21 -60.84 12.22
OBD CLA ZB . -27.25 -61.44 11.96
CBD CLA ZB . -25.46 -59.95 11.18
CGD CLA ZB . -24.87 -60.76 10.08
O1D CLA ZB . -23.80 -61.37 10.10
O2D CLA ZB . -25.61 -60.82 8.94
CED CLA ZB . -24.89 -61.04 7.72
C1 CLA ZB . -21.93 -53.35 11.92
C2 CLA ZB . -21.41 -53.12 13.29
C3 CLA ZB . -20.75 -52.02 13.71
C4 CLA ZB . -20.45 -50.89 12.80
C5 CLA ZB . -20.31 -51.90 15.12
C6 CLA ZB . -21.04 -50.79 15.85
C7 CLA ZB . -21.10 -51.03 17.35
C8 CLA ZB . -21.80 -49.90 18.10
C9 CLA ZB . -21.39 -48.55 17.55
C10 CLA ZB . -21.49 -49.96 19.59
C11 CLA ZB . -21.84 -51.31 20.18
C12 CLA ZB . -21.23 -51.51 21.55
C13 CLA ZB . -22.27 -51.59 22.66
C14 CLA ZB . -23.56 -52.22 22.16
C15 CLA ZB . -22.55 -50.21 23.25
C16 CLA ZB . -22.61 -50.27 24.77
C17 CLA ZB . -24.04 -50.39 25.27
C18 CLA ZB . -24.34 -49.51 26.48
C19 CLA ZB . -23.09 -48.88 27.07
C20 CLA ZB . -25.36 -48.45 26.13
MG CLA AC . -13.06 -51.45 16.77
CHA CLA AC . -12.90 -50.21 13.53
CHB CLA AC . -16.47 -51.42 16.60
CHC CLA AC . -13.17 -52.72 19.96
CHD CLA AC . -9.53 -51.49 16.87
NA CLA AC . -14.43 -50.92 15.29
C1A CLA AC . -14.17 -50.43 14.00
C2A CLA AC . -15.46 -50.20 13.23
C3A CLA AC . -16.56 -50.57 14.24
C4A CLA AC . -15.79 -51.01 15.46
CMA CLA AC . -17.46 -49.39 14.54
CAA CLA AC . -15.50 -51.16 12.05
CBA CLA AC . -16.88 -51.32 11.47
CGA CLA AC . -17.11 -50.25 10.44
O1A CLA AC . -16.86 -50.28 9.24
O2A CLA AC . -17.65 -49.12 10.98
NB CLA AC . -14.53 -52.02 18.01
C1B CLA AC . -15.86 -51.84 17.80
C2B CLA AC . -16.62 -52.10 19.05
C3B CLA AC . -15.70 -52.47 20.01
C4B CLA AC . -14.35 -52.43 19.35
CMB CLA AC . -18.08 -51.97 19.13
CAB CLA AC . -15.86 -52.83 21.39
CBB CLA AC . -16.81 -52.40 22.22
NC CLA AC . -11.60 -52.01 18.15
C1C CLA AC . -11.87 -52.53 19.39
C2C CLA AC . -10.62 -52.84 20.08
C3C CLA AC . -9.60 -52.48 19.22
C4C CLA AC . -10.22 -51.98 18.00
CMC CLA AC . -10.54 -53.40 21.42
CAC CLA AC . -8.15 -52.61 19.44
CBC CLA AC . -7.56 -53.81 18.73
ND CLA AC . -11.52 -50.94 15.55
C1D CLA AC . -10.11 -51.00 15.73
C2D CLA AC . -9.46 -50.47 14.51
C3D CLA AC . -10.49 -50.13 13.65
C4D CLA AC . -11.74 -50.47 14.34
CMD CLA AC . -8.01 -50.33 14.33
CAD CLA AC . -10.83 -49.60 12.34
OBD CLA AC . -10.10 -49.18 11.45
CBD CLA AC . -12.39 -49.64 12.23
CGD CLA AC . -12.96 -48.28 11.99
O1D CLA AC . -12.65 -47.22 12.55
O2D CLA AC . -13.94 -48.23 11.05
CED CLA AC . -13.68 -48.83 9.79
C1 CLA AC . -17.79 -47.99 10.10
C2 CLA AC . -17.48 -46.78 10.91
C3 CLA AC . -18.30 -46.29 11.84
C4 CLA AC . -19.61 -46.91 12.16
C5 CLA AC . -17.94 -45.07 12.62
MG CLA BC . 0.68 -62.68 24.43
CHA CLA BC . 3.15 -62.13 26.80
CHB CLA BC . 0.66 -59.36 23.67
CHC CLA BC . -1.69 -63.31 22.01
CHD CLA BC . 0.78 -66.13 25.21
NA CLA BC . 1.73 -61.03 25.15
C1A CLA BC . 2.73 -61.01 26.16
C2A CLA BC . 3.26 -59.58 26.35
C3A CLA BC . 2.38 -58.73 25.40
C4A CLA BC . 1.53 -59.76 24.68
CMA CLA BC . 1.54 -57.72 26.16
CAA CLA BC . 4.73 -59.42 25.95
CBA CLA BC . 5.34 -60.49 25.04
CGA CLA BC . 4.53 -60.76 23.82
O1A CLA BC . 4.25 -60.01 22.90
O2A CLA BC . 4.01 -62.03 23.79
NB CLA BC . -0.31 -61.55 23.10
C1B CLA BC . -0.19 -60.21 22.94
C2B CLA BC . -1.11 -59.73 21.87
C3B CLA BC . -1.77 -60.84 21.40
C4B CLA BC . -1.28 -62.01 22.17
CMB CLA BC . -1.21 -58.33 21.46
CAB CLA BC . -2.78 -60.97 20.36
CBB CLA BC . -3.88 -60.23 20.27
NC CLA BC . -0.29 -64.41 23.76
C1C CLA BC . -1.22 -64.43 22.76
C2C CLA BC . -1.68 -65.80 22.55
C3C CLA BC . -0.99 -66.61 23.44
C4C CLA BC . -0.11 -65.72 24.20
CMC CLA BC . -2.69 -66.20 21.55
CAC CLA BC . -1.11 -68.06 23.62
CBC CLA BC . 0.03 -68.82 22.99
ND CLA BC . 1.65 -63.90 25.73
C1D CLA BC . 1.61 -65.30 25.93
C2D CLA BC . 2.58 -65.66 27.00
C3D CLA BC . 3.20 -64.48 27.36
C4D CLA BC . 2.59 -63.41 26.54
CMD CLA BC . 2.80 -67.01 27.49
CAD CLA BC . 4.18 -63.86 28.24
OBD CLA BC . 4.88 -64.35 29.11
CBD CLA BC . 4.21 -62.33 27.88
CGD CLA BC . 3.99 -61.44 29.06
O1D CLA BC . 4.65 -60.45 29.39
O2D CLA BC . 2.92 -61.80 29.82
CED CLA BC . 2.38 -60.81 30.70
C1 CLA BC . 4.82 -63.14 23.36
C2 CLA BC . 3.86 -64.10 22.76
C3 CLA BC . 4.07 -65.43 22.69
C4 CLA BC . 5.30 -66.07 23.21
C5 CLA BC . 3.06 -66.34 22.07
C6 CLA BC . 2.28 -65.68 20.95
C7 CLA BC . 1.70 -66.71 20.02
C8 CLA BC . 0.91 -66.09 18.86
C9 CLA BC . 0.00 -65.00 19.37
C10 CLA BC . 0.11 -67.16 18.13
C11 CLA BC . 0.45 -67.18 16.65
C12 CLA BC . -0.21 -66.03 15.91
C13 CLA BC . 0.56 -65.64 14.66
C14 CLA BC . 2.03 -65.45 14.97
C15 CLA BC . -0.03 -64.39 14.02
C16 CLA BC . 0.88 -63.81 12.95
C17 CLA BC . 0.74 -62.30 12.88
C18 CLA BC . 0.87 -61.78 11.46
C19 CLA BC . 0.73 -60.27 11.44
C20 CLA BC . 2.18 -62.20 10.84
MG CLA CC . 10.69 -60.36 17.07
CHA CLA CC . 11.46 -59.62 20.38
CHB CLA CC . 13.94 -59.83 16.20
CHC CLA CC . 9.91 -61.25 13.84
CHD CLA CC . 7.30 -60.74 17.98
NA CLA CC . 12.39 -59.80 18.13
C1A CLA CC . 12.52 -59.55 19.51
C2A CLA CC . 13.95 -59.16 19.87
C3A CLA CC . 14.65 -59.07 18.49
C4A CLA CC . 13.61 -59.62 17.53
CMA CLA CC . 15.00 -57.64 18.15
CAA CLA CC . 14.61 -60.18 20.76
CBA CLA CC . 16.11 -60.17 20.60
CGA CLA CC . 16.79 -60.15 21.94
O1A CLA CC . 17.43 -61.04 22.49
O2A CLA CC . 16.63 -58.95 22.58
NB CLA CC . 11.71 -60.48 15.34
C1B CLA CC . 13.06 -60.30 15.21
C2B CLA CC . 13.47 -60.67 13.82
C3B CLA CC . 12.34 -61.08 13.15
C4B CLA CC . 11.21 -60.96 14.11
CMB CLA CC . 14.85 -60.60 13.36
CAB CLA CC . 12.20 -61.53 11.80
CBB CLA CC . 11.78 -62.74 11.43
NC CLA CC . 8.92 -60.89 16.10
C1C CLA CC . 8.83 -61.22 14.77
C2C CLA CC . 7.45 -61.55 14.43
C3C CLA CC . 6.71 -61.39 15.60
C4C CLA CC . 7.64 -60.97 16.64
CMC CLA CC . 6.99 -61.95 13.10
CAC CLA CC . 5.25 -61.60 15.76
CBC CLA CC . 4.45 -60.40 15.33
ND CLA CC . 9.59 -60.25 18.75
C1D CLA CC . 8.19 -60.41 18.98
C2D CLA CC . 7.93 -60.18 20.42
C3D CLA CC . 9.15 -59.95 21.01
C4D CLA CC . 10.14 -59.96 19.92
CMD CLA CC . 6.61 -60.28 21.03
CAD CLA CC . 9.85 -59.65 22.25
OBD CLA CC . 9.42 -59.62 23.40
CBD CLA CC . 11.34 -59.38 21.88
CGD CLA CC . 11.72 -57.98 22.30
O1D CLA CC . 10.96 -57.10 22.73
O2D CLA CC . 13.04 -57.69 22.21
CED CLA CC . 13.69 -57.15 23.36
C1 CLA CC . 17.63 -57.95 22.32
MG CLA DC . -6.15 -52.03 10.88
CHA CLA DC . -9.49 -52.29 10.02
CHB CLA DC . -5.50 -50.57 7.89
CHC CLA DC . -2.89 -51.59 11.88
CHD CLA DC . -6.87 -53.65 13.96
NA CLA DC . -7.33 -51.54 9.23
C1A CLA DC . -8.70 -51.71 9.07
C2A CLA DC . -9.17 -51.20 7.71
C3A CLA DC . -7.85 -50.87 7.00
C4A CLA DC . -6.80 -50.97 8.10
CMA CLA DC . -7.62 -51.86 5.90
CAA CLA DC . -10.02 -49.95 7.89
CBA CLA DC . -9.19 -48.70 8.04
CGA CLA DC . -9.98 -47.60 8.67
O1A CLA DC . -11.12 -47.20 8.38
O2A CLA DC . -9.32 -46.97 9.68
NB CLA DC . -4.50 -51.22 10.04
C1B CLA DC . -4.45 -50.64 8.82
C2B CLA DC . -3.08 -50.10 8.59
C3B CLA DC . -2.34 -50.37 9.71
C4B CLA DC . -3.24 -51.11 10.66
CMB CLA DC . -2.69 -49.39 7.36
CAB CLA DC . -0.96 -50.08 10.00
CBB CLA DC . -0.55 -49.28 10.98
NC CLA DC . -5.08 -52.55 12.60
C1C CLA DC . -3.75 -52.27 12.80
C2C CLA DC . -3.33 -52.76 14.11
C3C CLA DC . -4.45 -53.35 14.69
C4C CLA DC . -5.54 -53.22 13.74
CMC CLA DC . -1.98 -52.63 14.66
CAC CLA DC . -4.54 -53.99 16.02
CBC CLA DC . -4.26 -55.47 15.97
ND CLA DC . -7.75 -52.85 11.81
C1D CLA DC . -7.92 -53.48 13.07
C2D CLA DC . -9.34 -53.87 13.23
C3D CLA DC . -9.99 -53.43 12.09
C4D CLA DC . -8.96 -52.80 11.24
CMD CLA DC . -9.89 -54.56 14.40
CAD CLA DC . -11.25 -53.35 11.38
OBD CLA DC . -12.36 -53.77 11.67
CBD CLA DC . -10.97 -52.61 10.04
CGD CLA DC . -11.34 -53.45 8.85
O1D CLA DC . -10.75 -54.44 8.42
O2D CLA DC . -12.46 -53.04 8.19
CED CLA DC . -12.91 -53.83 7.10
C1 CLA DC . -9.77 -45.64 10.03
MG CLA EC . -9.86 -69.06 11.04
CHA CLA EC . -9.62 -69.28 7.59
CHB CLA EC . -12.38 -71.35 10.99
CHC CLA EC . -9.93 -68.94 14.46
CHD CLA EC . -7.22 -66.70 11.01
NA CLA EC . -10.82 -70.11 9.52
C1A CLA EC . -10.58 -70.08 8.14
C2A CLA EC . -11.52 -71.01 7.39
C3A CLA EC . -12.51 -71.47 8.48
C4A CLA EC . -11.86 -70.96 9.77
CMA CLA EC . -13.87 -70.89 8.26
CAA CLA EC . -10.72 -72.20 6.87
CBA CLA EC . -9.63 -72.65 7.82
CGA CLA EC . -10.17 -73.60 8.84
O1A CLA EC . -10.88 -74.59 8.64
O2A CLA EC . -9.83 -73.29 10.13
NB CLA EC . -11.01 -69.91 12.45
C1B CLA EC . -11.87 -70.93 12.23
C2B CLA EC . -12.24 -71.58 13.52
C3B CLA EC . -11.56 -70.92 14.51
C4B CLA EC . -10.77 -69.84 13.84
CMB CLA EC . -13.17 -72.71 13.57
CAB CLA EC . -11.54 -71.14 15.93
CBB CLA EC . -12.54 -71.63 16.67
NC CLA EC . -8.80 -67.98 12.47
C1C CLA EC . -9.02 -68.06 13.82
C2C CLA EC . -8.12 -67.14 14.52
C3C CLA EC . -7.32 -66.54 13.55
C4C CLA EC . -7.75 -67.07 12.26
CMC CLA EC . -8.07 -66.95 15.97
CAC CLA EC . -6.26 -65.54 13.76
CBC CLA EC . -4.87 -66.14 13.63
ND CLA EC . -8.65 -68.18 9.68
C1D CLA EC . -7.62 -67.20 9.79
C2D CLA EC . -7.11 -66.88 8.44
C3D CLA EC . -7.84 -67.64 7.56
C4D CLA EC . -8.79 -68.43 8.38
CMD CLA EC . -6.04 -65.91 8.16
CAD CLA EC . -8.08 -67.99 6.16
OBD CLA EC . -7.53 -67.58 5.15
CBD CLA EC . -9.23 -69.04 6.15
CGD CLA EC . -10.42 -68.55 5.36
O1D CLA EC . -10.88 -67.41 5.35
O2D CLA EC . -11.03 -69.51 4.61
CED CLA EC . -12.31 -69.19 4.05
C1 CLA EC . -9.74 -74.41 11.04
C2 CLA EC . -9.67 -73.88 12.43
C3 CLA EC . -9.87 -74.65 13.52
C4 CLA EC . -10.20 -76.09 13.41
C5 CLA EC . -9.79 -74.08 14.89
C6 CLA EC . -9.04 -74.97 15.87
C7 CLA EC . -7.61 -74.50 16.07
C8 CLA EC . -7.01 -75.02 17.36
MG CLA FC . -15.02 -73.50 21.16
CHA CLA FC . -16.78 -75.28 18.74
CHB CLA FC . -12.15 -73.93 19.37
CHC CLA FC . -13.33 -71.77 23.59
CHD CLA FC . -18.04 -73.04 22.95
NA CLA FC . -14.57 -74.45 19.35
C1A CLA FC . -15.44 -75.13 18.48
C2A CLA FC . -14.69 -75.67 17.27
C3A CLA FC . -13.23 -75.23 17.51
C4A CLA FC . -13.30 -74.47 18.84
CMA CLA FC . -12.30 -76.41 17.59
CAA CLA FC . -15.21 -75.07 15.97
CBA CLA FC . -14.61 -75.73 14.75
CGA CLA FC . -14.84 -77.22 14.79
O1A CLA FC . -14.20 -78.08 15.41
O2A CLA FC . -15.90 -77.61 14.03
NB CLA FC . -13.12 -72.90 21.40
C1B CLA FC . -12.07 -73.22 20.59
C2B CLA FC . -10.80 -72.73 21.18
C3B CLA FC . -11.12 -72.12 22.37
C4B CLA FC . -12.60 -72.23 22.53
CMB CLA FC . -9.50 -72.94 20.55
CAB CLA FC . -10.26 -71.49 23.34
CBB CLA FC . -10.10 -71.91 24.60
NC CLA FC . -15.59 -72.59 22.95
C1C CLA FC . -14.73 -71.93 23.79
C2C CLA FC . -15.46 -71.43 24.95
C3C CLA FC . -16.79 -71.77 24.76
C4C CLA FC . -16.87 -72.49 23.50
CMC CLA FC . -14.86 -70.71 26.07
CAC CLA FC . -17.92 -71.48 25.67
CBC CLA FC . -18.05 -72.52 26.76
ND CLA FC . -16.96 -74.05 20.99
C1D CLA FC . -18.11 -73.77 21.78
C2D CLA FC . -19.29 -74.40 21.16
C3D CLA FC . -18.83 -75.02 20.01
C4D CLA FC . -17.38 -74.74 19.94
CMD CLA FC . -20.65 -74.35 21.70
CAD CLA FC . -19.18 -75.82 18.84
OBD CLA FC . -20.24 -76.34 18.54
CBD CLA FC . -17.89 -75.96 17.98
CGD CLA FC . -17.57 -77.39 17.69
O1D CLA FC . -17.92 -78.06 16.71
O2D CLA FC . -16.83 -77.99 18.66
CED CLA FC . -16.30 -79.29 18.39
MG CLA GC . -19.12 -59.74 32.74
CHA CLA GC . -19.10 -59.14 36.17
CHB CLA GC . -19.29 -63.09 33.33
CHC CLA GC . -19.23 -60.27 29.35
CHD CLA GC . -18.94 -56.25 32.18
NA CLA GC . -19.18 -60.90 34.48
C1A CLA GC . -19.17 -60.46 35.81
C2A CLA GC . -19.22 -61.65 36.77
C3A CLA GC . -19.23 -62.88 35.83
C4A CLA GC . -19.24 -62.26 34.44
CMA CLA GC . -18.04 -63.78 36.03
CAA CLA GC . -20.50 -61.63 37.60
NB CLA GC . -19.19 -61.36 31.56
C1B CLA GC . -19.32 -62.65 31.99
C2B CLA GC . -19.48 -63.57 30.84
C3B CLA GC . -19.46 -62.79 29.70
C4B CLA GC . -19.28 -61.38 30.15
CMB CLA GC . -19.64 -65.02 30.98
CAB CLA GC . -19.61 -63.19 28.32
CBB CLA GC . -18.76 -62.91 27.34
NC CLA GC . -19.08 -58.48 31.08
C1C CLA GC . -19.13 -58.92 29.78
C2C CLA GC . -19.09 -57.77 28.87
C3C CLA GC . -19.01 -56.63 29.67
C4C CLA GC . -19.00 -57.09 31.05
CMC CLA GC . -19.13 -57.85 27.41
CAC CLA GC . -18.95 -55.22 29.23
CBC CLA GC . -17.57 -54.78 28.84
ND CLA GC . -19.06 -58.05 33.84
C1D CLA GC . -18.97 -56.68 33.49
C2D CLA GC . -18.91 -55.86 34.73
C3D CLA GC . -18.96 -56.76 35.78
C4D CLA GC . -19.04 -58.10 35.18
CMD CLA GC . -18.83 -54.40 34.75
CAD CLA GC . -18.96 -56.92 37.23
OBD CLA GC . -18.91 -56.07 38.11
CBD CLA GC . -19.04 -58.45 37.51
CGD CLA GC . -17.87 -58.92 38.33
O1D CLA GC . -17.83 -59.90 39.09
O2D CLA GC . -16.76 -58.16 38.20
CED CLA GC . -15.81 -58.16 39.26
MG CLA HC . -1.56 -49.90 21.93
CHA CLA HC . 0.67 -47.30 22.42
CHB CLA HC . -3.99 -48.14 23.53
CHC CLA HC . -3.71 -52.55 21.47
CHD CLA HC . 1.01 -51.74 20.32
NA CLA HC . -1.63 -48.01 22.81
C1A CLA HC . -0.59 -47.07 22.91
C2A CLA HC . -1.07 -45.81 23.64
C3A CLA HC . -2.54 -46.12 23.99
C4A CLA HC . -2.75 -47.52 23.41
CMA CLA HC . -2.79 -46.09 25.48
CAA CLA HC . -0.99 -44.57 22.76
CBA CLA HC . -1.38 -44.88 21.32
CGA CLA HC . -2.46 -43.95 20.87
O1A CLA HC . -3.56 -43.75 21.40
O2A CLA HC . -2.15 -43.28 19.73
NB CLA HC . -3.48 -50.28 22.42
C1B CLA HC . -4.32 -49.42 23.06
C2B CLA HC . -5.67 -50.05 23.21
C3B CLA HC . -5.60 -51.29 22.64
C4B CLA HC . -4.20 -51.45 22.12
CMB CLA HC . -6.78 -49.37 23.87
CAB CLA HC . -6.61 -52.29 22.51
CBB CLA HC . -6.50 -53.58 22.84
NC CLA HC . -1.38 -51.78 21.04
C1C CLA HC . -2.39 -52.70 20.95
C2C CLA HC . -1.92 -53.90 20.27
C3C CLA HC . -0.58 -53.68 19.96
C4C CLA HC . -0.25 -52.35 20.44
CMC CLA HC . -2.73 -55.08 19.99
CAC CLA HC . 0.32 -54.60 19.25
CBC CLA HC . 0.23 -54.41 17.75
ND CLA HC . 0.37 -49.63 21.41
C1D CLA HC . 1.32 -50.47 20.77
C2D CLA HC . 2.62 -49.76 20.69
C3D CLA HC . 2.42 -48.53 21.30
C4D CLA HC . 1.02 -48.51 21.74
CMD CLA HC . 3.82 -50.30 20.07
CAD CLA HC . 3.01 -47.27 21.67
OBD CLA HC . 4.15 -46.84 21.44
CBD CLA HC . 1.93 -46.45 22.44
CGD CLA HC . 2.36 -46.16 23.86
O1D CLA HC . 1.70 -46.28 24.89
O2D CLA HC . 3.64 -45.70 23.97
CED CLA HC . 3.87 -44.30 23.82
C1 CLA HC . -3.23 -43.05 18.81
MG CLA IC . -13.99 -49.42 29.27
CHA CLA IC . -10.94 -48.56 30.70
CHB CLA IC . -15.31 -49.90 32.36
CHC CLA IC . -17.01 -50.15 27.80
CHD CLA IC . -12.58 -48.89 26.06
NA CLA IC . -13.22 -49.27 31.20
C1A CLA IC . -11.92 -48.89 31.59
C2A CLA IC . -11.80 -48.90 33.12
C3A CLA IC . -13.18 -49.36 33.61
C4A CLA IC . -13.99 -49.52 32.31
CMA CLA IC . -13.13 -50.64 34.40
CAA CLA IC . -11.50 -47.51 33.66
CBA CLA IC . -12.63 -46.53 33.38
CGA CLA IC . -12.38 -45.78 32.11
O1A CLA IC . -11.33 -45.30 31.69
O2A CLA IC . -13.50 -45.64 31.34
NB CLA IC . -15.81 -49.92 29.95
C1B CLA IC . -16.15 -50.08 31.25
C2B CLA IC . -17.59 -50.47 31.36
C3B CLA IC . -18.08 -50.55 30.08
C4B CLA IC . -16.96 -50.20 29.16
CMB CLA IC . -18.26 -50.71 32.63
CAB CLA IC . -19.39 -50.88 29.61
CBB CLA IC . -20.18 -50.07 28.89
NC CLA IC . -14.66 -49.52 27.29
C1C CLA IC . -15.94 -49.83 26.91
C2C CLA IC . -16.06 -49.79 25.46
C3C CLA IC . -14.80 -49.45 24.96
C4C CLA IC . -13.93 -49.27 26.11
CMC CLA IC . -17.29 -50.07 24.73
CAC CLA IC . -14.42 -49.27 23.55
CBC CLA IC . -13.63 -50.44 23.02
ND CLA IC . -12.19 -48.91 28.49
C1D CLA IC . -11.75 -48.72 27.15
C2D CLA IC . -10.32 -48.31 27.16
C3D CLA IC . -9.96 -48.23 28.49
C4D CLA IC . -11.16 -48.61 29.28
CMD CLA IC . -9.52 -48.04 25.98
CAD CLA IC . -8.90 -47.95 29.44
OBD CLA IC . -7.73 -47.62 29.23
CBD CLA IC . -9.50 -48.13 30.87
CGD CLA IC . -8.70 -49.10 31.69
O1D CLA IC . -8.78 -50.33 31.72
O2D CLA IC . -7.78 -48.48 32.50
CED CLA IC . -6.42 -48.87 32.41
C1 CLA IC . -13.38 -45.96 29.95
C2 CLA IC . -14.68 -45.58 29.32
C3 CLA IC . -14.86 -45.48 27.99
C4 CLA IC . -13.76 -45.73 27.03
C5 CLA IC . -16.18 -45.10 27.43
C6 CLA IC . -16.84 -46.19 26.61
C7 CLA IC . -18.35 -46.10 26.74
C8 CLA IC . -19.06 -46.45 25.43
C9 CLA IC . -18.51 -45.63 24.28
C10 CLA IC . -20.55 -46.22 25.57
C1A DGD JC . -18.77 -43.52 34.18
C2A DGD JC . -19.15 -42.25 33.47
C3A DGD JC . -20.65 -42.05 33.60
C4A DGD JC . -21.15 -41.02 32.60
O1A DGD JC . -19.63 -44.30 34.50
C1B DGD JC . -17.43 -46.74 32.28
C2B DGD JC . -18.89 -47.02 32.51
C3B DGD JC . -19.57 -47.06 31.16
C4B DGD JC . -19.34 -45.78 30.39
C5B DGD JC . -20.66 -45.08 30.08
C6B DGD JC . -21.84 -45.90 30.57
O1B DGD JC . -16.86 -47.19 31.30
O1G DGD JC . -17.39 -43.84 34.48
C1G DGD JC . -17.10 -44.93 35.34
C2G DGD JC . -16.92 -46.22 34.57
O2G DGD JC . -16.68 -45.91 33.20
C3G DGD JC . -15.70 -46.95 35.11
O3G DGD JC . -15.94 -47.33 36.45
C1D DGD JC . -15.09 -46.63 37.37
C2D DGD JC . -15.95 -46.18 38.53
O2D DGD JC . -16.97 -45.28 38.09
C3D DGD JC . -15.07 -45.46 39.52
O3D DGD JC . -15.84 -45.04 40.65
C4D DGD JC . -13.99 -46.43 39.95
O4D DGD JC . -14.61 -47.57 40.55
C5D DGD JC . -13.20 -46.88 38.74
O5D DGD JC . -11.17 -47.96 38.08
C6D DGD JC . -12.08 -47.83 39.15
O6D DGD JC . -14.09 -47.52 37.84
C1E DGD JC . -10.20 -48.99 38.33
C2E DGD JC . -8.85 -48.38 38.65
O2E DGD JC . -8.94 -47.62 39.86
C3E DGD JC . -8.41 -47.48 37.51
O3E DGD JC . -7.07 -47.03 37.76
C4E DGD JC . -8.45 -48.23 36.19
O4E DGD JC . -7.37 -49.17 36.14
C5E DGD JC . -9.77 -48.97 36.01
O6E DGD JC . -10.05 -49.78 37.15
C6E DGD JC . -9.25 -49.64 34.82
O5E DGD JC . -8.12 -50.35 35.35
C1 XAT KC . -25.28 -64.76 20.35
C2 XAT KC . -25.39 -65.34 18.94
C3 XAT KC . -24.06 -65.31 18.22
C4 XAT KC . -23.19 -66.32 18.95
C5 XAT KC . -22.84 -65.75 20.33
C6 XAT KC . -23.89 -64.87 21.01
C7 XAT KC . -23.88 -64.99 22.53
C8 XAT KC . -23.59 -63.86 23.16
C9 XAT KC . -23.50 -63.70 24.63
C10 XAT KC . -23.33 -62.44 25.05
C11 XAT KC . -23.20 -62.00 26.43
C12 XAT KC . -23.09 -60.68 26.59
C13 XAT KC . -22.94 -60.02 27.89
C14 XAT KC . -22.87 -58.68 27.92
C15 XAT KC . -22.71 -57.96 29.19
C16 XAT KC . -26.32 -65.44 21.24
C17 XAT KC . -25.66 -63.29 20.28
C18 XAT KC . -22.04 -66.58 21.35
C19 XAT KC . -23.61 -64.85 25.58
C20 XAT KC . -22.87 -60.82 29.16
O3 XAT KC . -24.22 -65.70 16.85
O4 XAT KC . -22.72 -64.33 20.38
C21 XAT KC . -21.15 -47.61 37.08
C22 XAT KC . -20.13 -46.79 37.85
C23 XAT KC . -19.63 -47.61 39.00
C24 XAT KC . -18.66 -48.62 38.39
C25 XAT KC . -19.31 -49.49 37.30
C26 XAT KC . -20.64 -49.01 36.70
C27 XAT KC . -20.78 -49.41 35.24
C28 XAT KC . -21.66 -50.36 34.94
C29 XAT KC . -21.85 -50.81 33.54
C30 XAT KC . -22.10 -52.10 33.32
C31 XAT KC . -22.30 -52.63 31.97
C32 XAT KC . -22.38 -53.95 31.83
C33 XAT KC . -22.56 -54.59 30.52
C34 XAT KC . -22.57 -55.93 30.45
C35 XAT KC . -22.74 -56.62 29.19
C36 XAT KC . -21.56 -46.86 35.83
C37 XAT KC . -22.39 -47.77 37.96
C38 XAT KC . -18.46 -50.25 36.28
C39 XAT KC . -21.79 -49.84 32.41
C40 XAT KC . -22.74 -53.76 29.29
O23 XAT KC . -18.92 -46.79 39.94
O24 XAT KC . -20.57 -50.06 37.68
C1 A1L1G LC . -59.11 -47.37 35.97
C5 A1L1G LC . -61.07 -45.85 35.55
C4 A1L1G LC . -58.51 -49.11 34.29
C3 A1L1G LC . -60.38 -47.53 33.82
C2 A1L1G LC . -58.19 -45.39 37.39
C10 A1L1G LC . -58.49 -49.72 36.72
C11 A1L1G LC . -58.25 -48.61 35.70
C12 A1L1G LC . -61.47 -48.28 35.95
C14 A1L1G LC . -48.44 -33.43 48.24
C17 A1L1G LC . -48.80 -30.53 48.60
C18 A1L1G LC . -46.73 -34.51 50.14
C19 A1L1G LC . -45.13 -33.89 48.32
C20 A1L1G LC . -47.45 -31.13 48.80
C21 A1L1G LC . -46.51 -30.33 49.66
C22 A1L1G LC . -45.17 -31.03 49.84
C23 A1L1G LC . -45.37 -32.45 50.32
C24 A1L1G LC . -46.14 -33.35 49.34
C25 A1L1G LC . -47.26 -32.59 48.62
C26 A1L1G LC . -50.16 -33.00 45.59
C27 A1L1G LC . -52.50 -36.53 42.33
C28 A1L1G LC . -55.77 -43.04 43.10
C29 A1L1G LC . -48.49 -34.10 47.10
C30 A1L1G LC . -49.63 -34.21 46.29
C31 A1L1G LC . -50.26 -35.44 46.14
C32 A1L1G LC . -50.78 -35.98 44.99
C33 A1L1G LC . -52.09 -36.34 44.75
C34 A1L1G LC . -52.62 -37.09 43.70
C35 A1L1G LC . -53.24 -38.33 43.86
C36 A1L1G LC . -53.80 -39.13 42.89
C37 A1L1G LC . -54.59 -40.26 42.99
C38 A1L1G LC . -55.56 -40.76 42.16
C39 A1L1G LC . -55.95 -42.10 41.97
C40 A1L1G LC . -56.50 -42.59 40.78
C41 A1L1G LC . -57.05 -43.84 40.52
C42 A1L1G LC . -58.00 -44.11 39.57
C43 A1L1G LC . -58.53 -46.53 39.60
C44 A1L1G LC . -58.23 -45.28 38.86
C45 A1L1G LC . -58.65 -46.40 36.72
C6 A1L1G LC . -60.49 -47.27 35.33
C8 A1L1G LC . -59.02 -48.02 33.38
O13 A1L1G LC . -49.41 -32.78 44.41
O15 A1L1G LC . -46.81 -31.65 47.60
O16 A1L1G LC . -44.38 -30.31 50.78
O7 A1L1G LC . -59.09 -48.50 32.04
O9 A1L1G LC . -56.86 -48.24 35.73
C1 XAT MC . -36.11 -66.61 48.97
C2 XAT MC . -36.28 -66.96 50.44
C3 XAT MC . -35.94 -65.77 51.31
C4 XAT MC . -37.08 -64.80 51.12
C5 XAT MC . -37.12 -64.27 49.69
C6 XAT MC . -36.53 -65.18 48.58
C7 XAT MC . -37.27 -65.01 47.27
C8 XAT MC . -36.58 -64.46 46.27
C9 XAT MC . -37.16 -64.23 44.94
C10 XAT MC . -36.55 -63.35 44.15
C11 XAT MC . -37.04 -63.02 42.81
C12 XAT MC . -36.54 -61.94 42.23
C13 XAT MC . -36.95 -61.52 40.89
C14 XAT MC . -36.72 -60.26 40.52
C15 XAT MC . -37.11 -59.77 39.21
C16 XAT MC . -36.91 -67.60 48.14
C17 XAT MC . -34.65 -66.79 48.58
C18 XAT MC . -38.30 -63.44 49.17
C19 XAT MC . -38.39 -64.97 44.49
C20 XAT MC . -37.62 -62.48 39.96
O3 XAT MC . -35.84 -66.17 52.68
O4 XAT MC . -35.84 -64.03 49.10
C21 XAT MC . -38.91 -51.56 29.33
C22 XAT MC . -39.90 -51.00 28.33
C23 XAT MC . -40.78 -52.12 27.79
C24 XAT MC . -41.73 -52.43 28.92
C25 XAT MC . -40.97 -53.02 30.11
C26 XAT MC . -39.49 -52.64 30.27
C27 XAT MC . -39.05 -52.60 31.72
C28 XAT MC . -38.26 -53.58 32.12
C29 XAT MC . -37.75 -53.68 33.50
C30 XAT MC . -37.55 -54.92 33.97
C31 XAT MC . -37.05 -55.18 35.32
C32 XAT MC . -37.18 -56.43 35.74
C33 XAT MC . -36.73 -56.87 37.08
C34 XAT MC . -37.16 -58.05 37.53
C35 XAT MC . -36.76 -58.54 38.84
C36 XAT MC . -38.38 -50.41 30.18
C37 XAT MC . -37.74 -52.16 28.57
C38 XAT MC . -41.65 -53.23 31.48
C39 XAT MC . -37.47 -52.47 34.32
C40 XAT MC . -35.84 -56.00 37.91
O23 XAT MC . -41.50 -51.68 26.64
O24 XAT MC . -39.92 -53.91 29.76
C1 XAT NC . -55.85 -36.80 30.24
C2 XAT NC . -56.94 -36.42 29.25
C3 XAT NC . -56.61 -36.98 27.89
C4 XAT NC . -56.87 -38.47 28.00
C5 XAT NC . -55.87 -39.11 28.98
C6 XAT NC . -55.27 -38.22 30.08
C7 XAT NC . -54.97 -38.99 31.36
C8 XAT NC . -53.67 -39.17 31.64
C9 XAT NC . -53.19 -39.90 32.82
C10 XAT NC . -51.89 -40.22 32.89
C11 XAT NC . -51.31 -40.93 34.01
C12 XAT NC . -50.05 -41.37 33.89
C13 XAT NC . -49.38 -42.10 34.98
C14 XAT NC . -48.15 -42.62 34.75
C15 XAT NC . -47.44 -43.36 35.80
C16 XAT NC . -56.40 -36.65 31.66
C17 XAT NC . -54.70 -35.80 30.11
C18 XAT NC . -56.06 -40.55 29.48
C19 XAT NC . -54.13 -40.25 33.95
C20 XAT NC . -50.04 -42.28 36.30
O3 XAT NC . -57.45 -36.40 26.88
O4 XAT NC . -54.54 -38.60 28.91
C21 XAT NC . -38.97 -49.24 41.77
C22 XAT NC . -38.44 -49.34 43.19
C23 XAT NC . -36.93 -49.47 43.18
C24 XAT NC . -36.42 -48.11 42.76
C25 XAT NC . -36.84 -47.75 41.33
C26 XAT NC . -38.12 -48.41 40.79
C27 XAT NC . -38.87 -47.51 39.82
C28 XAT NC . -39.45 -48.04 38.75
C29 XAT NC . -40.19 -47.23 37.77
C30 XAT NC . -41.51 -47.01 37.94
C31 XAT NC . -42.27 -46.23 36.98
C32 XAT NC . -43.56 -45.96 37.20
C33 XAT NC . -44.33 -45.18 36.21
C34 XAT NC . -45.51 -44.63 36.53
C35 XAT NC . -46.25 -43.87 35.52
C36 XAT NC . -40.37 -48.64 41.84
C37 XAT NC . -39.10 -50.66 41.20
C38 XAT NC . -36.66 -46.34 40.75
C39 XAT NC . -39.47 -46.68 36.59
C40 XAT NC . -43.78 -45.02 34.82
O23 XAT NC . -36.47 -49.78 44.49
O24 XAT NC . -36.81 -48.85 40.41
C1 XAT OC . -51.63 -49.63 48.35
C2 XAT OC . -51.49 -48.60 49.46
C3 XAT OC . -50.17 -47.87 49.32
C4 XAT OC . -50.35 -46.95 48.13
C5 XAT OC . -50.45 -47.79 46.85
C6 XAT OC . -51.06 -49.20 46.98
C7 XAT OC . -51.83 -49.63 45.74
C8 XAT OC . -51.25 -50.57 45.00
C9 XAT OC . -51.83 -51.14 43.77
C10 XAT OC . -51.03 -51.94 43.05
C11 XAT OC . -51.40 -52.61 41.81
C12 XAT OC . -50.43 -53.28 41.20
C13 XAT OC . -50.63 -54.05 39.96
C14 XAT OC . -49.62 -54.83 39.53
C15 XAT OC . -49.72 -55.66 38.34
C16 XAT OC . -53.11 -49.98 48.18
C17 XAT OC . -50.92 -50.90 48.76
C18 XAT OC . -50.80 -47.15 45.51
C19 XAT OC . -53.22 -50.83 43.35
C20 XAT OC . -51.94 -54.01 39.22
O3 XAT OC . -49.88 -47.11 50.50
O4 XAT OC . -49.64 -48.97 46.84
C21 XAT OC . -45.31 -64.76 30.16
C22 XAT OC . -45.22 -65.55 28.86
C23 XAT OC . -46.37 -65.19 27.93
C24 XAT OC . -46.08 -63.78 27.47
C25 XAT OC . -46.24 -62.80 28.65
C26 XAT OC . -45.93 -63.36 30.04
C27 XAT OC . -45.39 -62.32 31.01
C28 XAT OC . -46.23 -61.97 31.98
C29 XAT OC . -45.89 -60.99 33.03
C30 XAT OC . -46.89 -60.51 33.77
C31 XAT OC . -46.70 -59.56 34.87
C32 XAT OC . -47.77 -58.93 35.35
C33 XAT OC . -47.65 -58.00 36.48
C34 XAT OC . -48.75 -57.34 36.89
C35 XAT OC . -48.69 -56.44 38.04
C36 XAT OC . -43.90 -64.63 30.73
C37 XAT OC . -46.13 -65.57 31.16
C38 XAT OC . -45.88 -61.32 28.54
C39 XAT OC . -44.47 -60.57 33.29
C40 XAT OC . -46.35 -57.81 37.17
O23 XAT OC . -46.38 -66.08 26.81
O24 XAT OC . -47.27 -63.16 29.57
C1 A1L1G PC . -35.18 -42.77 19.20
C5 A1L1G PC . -33.05 -44.05 18.80
C4 A1L1G PC . -36.85 -42.68 17.38
C3 A1L1G PC . -35.05 -44.46 17.36
C2 A1L1G PC . -34.29 -42.22 21.58
C10 A1L1G PC . -37.12 -41.17 19.34
C11 A1L1G PC . -36.64 -42.53 18.87
C12 A1L1G PC . -33.75 -42.32 17.17
C14 A1L1G PC . -35.59 -43.16 40.06
C17 A1L1G PC . -32.75 -42.84 40.92
C18 A1L1G PC . -36.39 -40.65 41.90
C19 A1L1G PC . -37.70 -42.76 42.11
C20 A1L1G PC . -33.87 -42.73 41.91
C21 A1L1G PC . -33.61 -41.95 43.16
C22 A1L1G PC . -34.58 -42.40 44.22
C23 A1L1G PC . -36.03 -42.14 43.82
C24 A1L1G PC . -36.32 -42.12 42.31
C25 A1L1G PC . -35.28 -42.86 41.49
C26 A1L1G PC . -37.25 -43.65 37.72
C27 A1L1G PC . -36.66 -43.19 32.57
C28 A1L1G PC . -34.16 -39.06 26.99
C29 A1L1G PC . -35.60 -42.31 39.04
C30 A1L1G PC . -36.19 -42.58 37.81
C31 A1L1G PC . -35.82 -41.90 36.67
C32 A1L1G PC . -36.15 -42.16 35.35
C33 A1L1G PC . -35.42 -41.83 34.22
C34 A1L1G PC . -35.74 -42.09 32.88
C35 A1L1G PC . -35.21 -41.34 31.81
C36 A1L1G PC . -35.06 -41.72 30.50
C37 A1L1G PC . -34.88 -40.94 29.37
C38 A1L1G PC . -34.32 -41.24 28.14
C39 A1L1G PC . -34.43 -40.51 26.95
C40 A1L1G PC . -34.77 -41.08 25.71
C41 A1L1G PC . -34.05 -41.07 24.54
C42 A1L1G PC . -34.37 -40.42 23.37
C43 A1L1G PC . -33.71 -39.84 21.07
C44 A1L1G PC . -34.14 -40.84 22.07
C45 A1L1G PC . -34.71 -42.46 20.38
C6 A1L1G PC . -34.27 -43.39 18.13
C8 A1L1G PC . -36.43 -44.05 16.87
O13 A1L1G PC . -36.87 -44.63 36.78
O15 A1L1G PC . -34.60 -43.95 42.17
O16 A1L1G PC . -34.30 -41.71 45.44
O7 A1L1G PC . -36.45 -44.05 15.45
O9 A1L1G PC . -37.46 -43.56 19.47
MG CLA QC . -67.79 -41.44 33.30
CHA CLA QC . -67.89 -44.75 32.26
CHB CLA QC . -71.18 -41.26 33.06
CHC CLA QC . -67.63 -38.15 34.33
CHD CLA QC . -64.26 -41.63 33.43
NA CLA QC . -69.28 -42.80 32.77
C1A CLA QC . -69.12 -44.15 32.37
C2A CLA QC . -70.48 -44.79 32.06
C3A CLA QC . -71.49 -43.64 32.29
C4A CLA QC . -70.61 -42.47 32.75
CMA CLA QC . -72.25 -43.31 31.03
CAA CLA QC . -70.76 -45.93 33.03
CBA CLA QC . -70.60 -45.47 34.46
CGA CLA QC . -70.95 -46.58 35.40
O1A CLA QC . -71.82 -47.44 35.28
O2A CLA QC . -70.16 -46.60 36.52
NB CLA QC . -69.15 -39.98 33.64
C1B CLA QC . -70.50 -40.11 33.48
C2B CLA QC . -71.16 -38.82 33.82
C3B CLA QC . -70.17 -37.94 34.17
C4B CLA QC . -68.87 -38.66 34.07
CMB CLA QC . -72.61 -38.63 33.75
CAB CLA QC . -70.26 -36.56 34.59
CBB CLA QC . -69.88 -36.11 35.78
NC CLA QC . -66.23 -40.15 33.81
C1C CLA QC . -66.40 -38.85 34.21
C2C CLA QC . -65.09 -38.24 34.49
C3C CLA QC . -64.14 -39.22 34.22
C4C CLA QC . -64.86 -40.41 33.79
CMC CLA QC . -64.90 -36.87 34.95
CAC CLA QC . -62.67 -39.09 34.36
CBC CLA QC . -62.16 -39.77 35.61
ND CLA QC . -66.37 -42.83 32.99
C1D CLA QC . -64.95 -42.77 33.04
C2D CLA QC . -64.40 -44.08 32.65
C3D CLA QC . -65.49 -44.90 32.37
C4D CLA QC . -66.69 -44.06 32.58
CMD CLA QC . -62.98 -44.40 32.60
CAD CLA QC . -65.93 -46.21 31.94
OBD CLA QC . -65.27 -47.22 31.72
CBD CLA QC . -67.48 -46.14 31.83
CGD CLA QC . -67.94 -46.44 30.43
O1D CLA QC . -67.63 -45.85 29.39
O2D CLA QC . -68.79 -47.50 30.32
CED CLA QC . -69.14 -47.96 29.02
MG CLA RC . -63.36 -53.41 37.09
CHA CLA RC . -62.05 -55.93 35.09
CHB CLA RC . -66.51 -54.41 36.30
CHC CLA RC . -64.59 -50.99 39.20
CHD CLA RC . -60.06 -52.46 37.96
NA CLA RC . -64.13 -54.92 35.87
C1A CLA RC . -63.42 -55.88 35.13
C2A CLA RC . -64.39 -56.81 34.39
C3A CLA RC . -65.78 -56.24 34.72
C4A CLA RC . -65.48 -55.11 35.71
CMA CLA RC . -66.50 -55.74 33.49
CAA CLA RC . -64.26 -58.22 34.91
CBA CLA RC . -64.27 -58.25 36.43
CGA CLA RC . -63.83 -59.59 36.93
O1A CLA RC . -63.87 -60.02 38.09
O2A CLA RC . -63.34 -60.40 35.95
NB CLA RC . -65.20 -52.86 37.69
C1B CLA RC . -66.37 -53.34 37.20
C2B CLA RC . -67.51 -52.54 37.73
C3B CLA RC . -66.97 -51.58 38.55
C4B CLA RC . -65.49 -51.76 38.53
CMB CLA RC . -68.90 -52.81 37.38
CAB CLA RC . -67.61 -50.53 39.30
CBB CLA RC . -68.38 -49.57 38.78
NC CLA RC . -62.48 -51.97 38.31
C1C CLA RC . -63.17 -51.07 39.09
C2C CLA RC . -62.25 -50.23 39.83
C3C CLA RC . -60.97 -50.64 39.49
C4C CLA RC . -61.12 -51.74 38.54
CMC CLA RC . -62.65 -49.15 40.74
CAC CLA RC . -59.70 -50.09 39.99
CBC CLA RC . -59.19 -50.83 41.20
ND CLA RC . -61.48 -53.91 36.56
C1D CLA RC . -60.20 -53.47 37.03
C2D CLA RC . -59.14 -54.27 36.37
C3D CLA RC . -59.79 -55.21 35.59
C4D CLA RC . -61.24 -54.96 35.78
CMD CLA RC . -57.71 -54.06 36.56
CAD CLA RC . -59.65 -56.30 34.66
OBD CLA RC . -58.64 -56.76 34.14
CBD CLA RC . -61.08 -56.87 34.40
CGD CLA RC . -61.36 -57.06 32.93
O1D CLA RC . -60.92 -57.96 32.20
O2D CLA RC . -62.18 -56.14 32.36
CED CLA RC . -63.04 -56.59 31.31
C1 CLA RC . -62.95 -61.73 36.34
C2 CLA RC . -62.40 -62.39 35.13
MG CLA SC . -54.81 -43.59 28.68
CHA CLA SC . -57.28 -43.81 26.27
CHB CLA SC . -52.50 -42.95 26.26
CHC CLA SC . -52.42 -43.29 31.11
CHD CLA SC . -57.24 -44.31 31.16
NA CLA SC . -54.91 -43.41 26.60
C1A CLA SC . -56.03 -43.53 25.78
C2A CLA SC . -55.66 -43.33 24.31
C3A CLA SC . -54.12 -43.24 24.34
C4A CLA SC . -53.80 -43.18 25.82
CMA CLA SC . -53.48 -44.41 23.65
CAA CLA SC . -56.27 -42.05 23.77
CBA CLA SC . -56.12 -40.89 24.72
CGA CLA SC . -54.82 -40.16 24.49
O1A CLA SC . -54.36 -39.75 23.44
O2A CLA SC . -54.11 -39.97 25.64
NB CLA SC . -52.82 -43.28 28.68
C1B CLA SC . -52.09 -42.91 27.60
C2B CLA SC . -50.74 -42.45 28.03
C3B CLA SC . -50.70 -42.54 29.40
C4B CLA SC . -52.03 -43.06 29.83
CMB CLA SC . -49.73 -41.98 27.07
CAB CLA SC . -49.67 -42.21 30.35
CBB CLA SC . -48.36 -42.35 30.16
NC CLA SC . -54.82 -43.79 30.76
C1C CLA SC . -53.73 -43.64 31.56
C2C CLA SC . -54.09 -43.88 32.95
C3C CLA SC . -55.47 -44.14 32.97
C4C CLA SC . -55.92 -44.08 31.58
CMC CLA SC . -53.18 -43.83 34.08
CAC CLA SC . -56.30 -44.44 34.14
CBC CLA SC . -57.13 -43.25 34.57
ND CLA SC . -56.80 -43.90 28.77
C1D CLA SC . -57.67 -44.23 29.85
C2D CLA SC . -59.03 -44.45 29.33
C3D CLA SC . -58.95 -44.28 27.96
C4D CLA SC . -57.54 -43.97 27.67
CMD CLA SC . -60.18 -44.76 30.16
CAD CLA SC . -59.67 -44.27 26.69
OBD CLA SC . -60.86 -44.39 26.48
CBD CLA SC . -58.60 -44.06 25.58
CGD CLA SC . -58.46 -45.30 24.74
O1D CLA SC . -58.55 -46.47 25.12
O2D CLA SC . -58.19 -45.07 23.42
CED CLA SC . -57.42 -46.06 22.74
C1 CLA SC . -52.80 -39.39 25.50
C2 CLA SC . -52.27 -39.20 26.87
C3 CLA SC . -51.13 -38.53 27.15
C4 CLA SC . -50.31 -37.91 26.08
C5 CLA SC . -50.64 -38.39 28.54
C6 CLA SC . -50.71 -36.95 29.03
C7 CLA SC . -50.68 -36.88 30.54
C8 CLA SC . -50.92 -35.45 31.05
C9 CLA SC . -50.04 -34.47 30.31
C10 CLA SC . -50.67 -35.36 32.54
C11 CLA SC . -51.83 -35.91 33.35
MG CLA TC . -43.90 -40.39 31.59
CHA CLA TC . -43.29 -40.22 28.18
CHB CLA TC . -46.98 -39.03 31.10
CHC CLA TC . -44.52 -40.75 34.95
CHD CLA TC . -40.69 -41.80 32.05
NA CLA TC . -44.93 -39.73 29.90
C1A CLA TC . -44.52 -39.76 28.56
C2A CLA TC . -45.60 -39.19 27.63
C3A CLA TC . -46.72 -38.77 28.61
C4A CLA TC . -46.20 -39.21 29.98
CMA CLA TC . -46.97 -37.28 28.55
CAA CLA TC . -46.10 -40.28 26.70
CBA CLA TC . -47.12 -39.76 25.71
CGA CLA TC . -46.48 -38.81 24.75
O1A CLA TC . -45.51 -38.98 24.00
O2A CLA TC . -47.09 -37.58 24.75
NB CLA TC . -45.49 -40.07 32.77
C1B CLA TC . -46.60 -39.36 32.42
C2B CLA TC . -47.38 -38.98 33.63
C3B CLA TC . -46.69 -39.46 34.72
C4B CLA TC . -45.48 -40.15 34.19
CMB CLA TC . -48.61 -38.20 33.53
CAB CLA TC . -46.95 -39.37 36.13
CBB CLA TC . -48.11 -39.08 36.72
NC CLA TC . -42.79 -41.14 33.20
C1C CLA TC . -43.26 -41.21 34.49
C2C CLA TC . -42.24 -41.82 35.34
C3C CLA TC . -41.14 -42.09 34.53
C4C CLA TC . -41.50 -41.67 33.18
CMC CLA TC . -42.39 -42.06 36.78
CAC CLA TC . -39.87 -42.71 34.94
CBC CLA TC . -39.64 -44.06 34.30
ND CLA TC . -42.27 -40.79 30.47
C1D CLA TC . -41.02 -41.40 30.77
C2D CLA TC . -40.23 -41.53 29.53
C3D CLA TC . -41.05 -41.09 28.50
C4D CLA TC . -42.32 -40.67 29.13
CMD CLA TC . -38.87 -42.05 29.46
CAD CLA TC . -41.17 -40.84 27.09
OBD CLA TC . -40.33 -40.98 26.20
CBD CLA TC . -42.62 -40.36 26.82
CGD CLA TC . -42.66 -39.08 26.03
O1D CLA TC . -42.86 -37.94 26.45
O2D CLA TC . -42.43 -39.27 24.69
CED CLA TC . -42.34 -38.11 23.87
C1 CLA TC . -46.36 -36.48 24.20
C2 CLA TC . -46.78 -35.27 24.95
C3 CLA TC . -47.99 -34.69 24.80
C4 CLA TC . -49.00 -35.22 23.86
C5 CLA TC . -48.35 -33.49 25.60
C6 CLA TC . -49.48 -32.68 24.98
C7 CLA TC . -49.73 -31.42 25.79
C8 CLA TC . -50.46 -31.69 27.09
C9 CLA TC . -51.90 -32.07 26.83
C10 CLA TC . -50.39 -30.47 28.01
C11 CLA TC . -51.27 -30.64 29.23
MG CLA UC . -36.88 -55.48 41.79
CHA CLA UC . -34.34 -55.82 44.15
CHB CLA UC . -35.43 -52.62 40.66
CHC CLA UC . -39.35 -55.24 39.42
CHD CLA UC . -38.37 -58.44 43.04
NA CLA UC . -35.17 -54.41 42.33
C1A CLA UC . -34.23 -54.72 43.33
C2A CLA UC . -33.12 -53.68 43.39
C3A CLA UC . -33.54 -52.64 42.33
C4A CLA UC . -34.79 -53.25 41.71
CMA CLA UC . -33.80 -51.29 42.95
CAA CLA UC . -31.77 -54.28 43.01
CBA CLA UC . -31.88 -55.30 41.90
CGA CLA UC . -31.59 -54.69 40.57
O1A CLA UC . -30.66 -53.94 40.24
O2A CLA UC . -32.52 -55.02 39.62
NB CLA UC . -37.32 -54.17 40.33
C1B CLA UC . -36.59 -53.08 40.01
C2B CLA UC . -37.20 -52.38 38.83
C3B CLA UC . -38.32 -53.12 38.47
C4B CLA UC . -38.40 -54.27 39.43
CMB CLA UC . -36.65 -51.17 38.23
CAB CLA UC . -39.28 -52.93 37.42
CBB CLA UC . -39.79 -51.76 37.03
NC CLA UC . -38.55 -56.64 41.33
C1C CLA UC . -39.42 -56.36 40.31
C2C CLA UC . -40.47 -57.38 40.26
C3C CLA UC . -40.21 -58.28 41.28
C4C CLA UC . -38.99 -57.80 41.95
CMC CLA UC . -41.57 -57.40 39.29
CAC CLA UC . -40.99 -59.47 41.64
CBC CLA UC . -40.62 -60.68 40.82
ND CLA UC . -36.51 -56.85 43.23
C1D CLA UC . -37.20 -58.01 43.65
C2D CLA UC . -36.48 -58.63 44.79
C3D CLA UC . -35.37 -57.84 45.02
C4D CLA UC . -35.44 -56.74 44.03
CMD CLA UC . -36.91 -59.85 45.49
CAD CLA UC . -34.19 -57.62 45.83
OBD CLA UC . -33.76 -58.28 46.77
CBD CLA UC . -33.50 -56.33 45.30
CGD CLA UC . -33.35 -55.28 46.37
O1D CLA UC . -32.31 -54.75 46.76
O2D CLA UC . -34.53 -54.92 46.95
CED CLA UC . -34.46 -54.01 48.05
C1 CLA UC . -32.03 -55.71 38.45
C2 CLA UC . -31.90 -57.15 38.81
C3 CLA UC . -31.89 -58.13 37.90
C4 CLA UC . -32.00 -57.86 36.44
C5 CLA UC . -31.77 -59.56 38.31
MG CLA VC . -37.18 -45.04 27.44
CHA CLA VC . -40.15 -44.19 25.85
CHB CLA VC . -35.47 -44.40 24.56
CHC CLA VC . -34.25 -45.66 29.10
CHD CLA VC . -39.02 -45.79 30.37
NA CLA VC . -37.75 -44.42 25.52
C1A CLA VC . -39.03 -44.10 25.06
C2A CLA VC . -39.00 -43.70 23.59
C3A CLA VC . -37.55 -44.02 23.18
C4A CLA VC . -36.85 -44.29 24.51
CMA CLA VC . -37.49 -45.24 22.31
CAA CLA VC . -39.30 -42.21 23.43
CBA CLA VC . -38.09 -41.34 23.69
CGA CLA VC . -38.48 -39.91 23.86
O1A CLA VC . -38.88 -39.10 23.03
O2A CLA VC . -38.33 -39.50 25.16
NB CLA VC . -35.23 -45.07 26.92
C1B CLA VC . -34.73 -44.66 25.72
C2B CLA VC . -33.25 -44.57 25.80
C3B CLA VC . -32.89 -44.93 27.08
C4B CLA VC . -34.15 -45.26 27.81
CMB CLA VC . -32.40 -44.18 24.67
CAB CLA VC . -31.58 -44.99 27.68
CBB CLA VC . -31.20 -44.35 28.78
NC CLA VC . -36.73 -45.66 29.38
C1C CLA VC . -35.45 -45.86 29.84
C2C CLA VC . -35.49 -46.28 31.24
C3C CLA VC . -36.84 -46.31 31.60
C4C CLA VC . -37.61 -45.92 30.43
CMC CLA VC . -34.31 -46.56 32.06
CAC CLA VC . -37.39 -46.67 32.92
CBC CLA VC . -37.39 -48.17 33.15
ND CLA VC . -39.11 -45.03 28.04
C1D CLA VC . -39.73 -45.37 29.26
C2D CLA VC . -41.19 -45.17 29.14
C3D CLA VC . -41.41 -44.69 27.86
C4D CLA VC . -40.08 -44.65 27.21
CMD CLA VC . -42.17 -45.41 30.21
CAD CLA VC . -42.39 -44.26 26.89
OBD CLA VC . -43.61 -44.13 26.99
CBD CLA VC . -41.61 -43.92 25.58
CGD CLA VC . -42.11 -44.71 24.40
O1D CLA VC . -41.67 -45.77 23.96
O2D CLA VC . -43.18 -44.15 23.77
CED CLA VC . -43.61 -44.75 22.54
C1 CLA VC . -38.12 -38.10 25.42
C2 CLA VC . -37.57 -38.05 26.79
C3 CLA VC . -38.25 -37.61 27.87
C4 CLA VC . -37.63 -37.60 29.22
C5 CLA VC . -39.64 -37.09 27.76
C6 CLA VC . -40.53 -37.60 28.87
C7 CLA VC . -41.04 -36.45 29.73
C8 CLA VC . -42.17 -36.89 30.65
C9 CLA VC . -43.32 -35.90 30.58
C10 CLA VC . -41.68 -37.05 32.08
C11 CLA VC . -42.83 -37.14 33.07
C12 CLA VC . -42.35 -37.20 34.50
C13 CLA VC . -43.48 -36.81 35.46
C14 CLA VC . -43.21 -37.37 36.85
MG CLA WC . -48.14 -58.56 28.36
CHA CLA WC . -47.89 -59.31 24.98
CHB CLA WC . -51.34 -59.73 28.39
CHC CLA WC . -48.30 -57.88 31.72
CHD CLA WC . -44.80 -57.39 28.28
NA CLA WC . -49.39 -59.38 26.90
C1A CLA WC . -49.10 -59.61 25.55
C2A CLA WC . -50.30 -60.23 24.83
C3A CLA WC . -51.41 -60.23 25.91
C4A CLA WC . -50.69 -59.75 27.17
CMA CLA WC . -52.54 -59.31 25.54
CAA CLA WC . -49.98 -61.65 24.40
CBA CLA WC . -49.21 -62.41 25.46
CGA CLA WC . -50.14 -63.06 26.44
O1A CLA WC . -51.08 -63.81 26.21
O2A CLA WC . -49.88 -62.72 27.75
NB CLA WC . -49.56 -58.74 29.77
C1B CLA WC . -50.79 -59.30 29.60
C2B CLA WC . -51.49 -59.39 30.91
C3B CLA WC . -50.64 -58.86 31.85
C4B CLA WC . -49.40 -58.45 31.14
CMB CLA WC . -52.83 -59.95 31.05
CAB CLA WC . -50.80 -58.71 33.28
CBB CLA WC . -51.91 -58.26 33.89
NC CLA WC . -46.79 -57.75 29.74
C1C CLA WC . -47.08 -57.55 31.06
C2C CLA WC . -45.93 -56.96 31.72
C3C CLA WC . -44.92 -56.84 30.76
C4C CLA WC . -45.48 -57.35 29.52
CMC CLA WC . -45.87 -56.59 33.14
CAC CLA WC . -43.56 -56.31 30.95
CBC CLA WC . -42.54 -57.41 31.12
ND CLA WC . -46.65 -58.36 27.01
C1D CLA WC . -45.33 -57.85 27.10
C2D CLA WC . -44.69 -57.93 25.77
C3D CLA WC . -45.62 -58.47 24.91
C4D CLA WC . -46.82 -58.72 25.74
CMD CLA WC . -43.32 -57.49 25.48
CAD CLA WC . -45.92 -58.89 23.56
OBD CLA WC . -45.22 -58.86 22.56
CBD CLA WC . -47.39 -59.43 23.57
CGD CLA WC . -48.27 -58.66 22.62
O1D CLA WC . -48.82 -57.57 22.83
O2D CLA WC . -48.45 -59.25 21.41
CED CLA WC . -49.24 -58.55 20.45
C1 CLA WC . -50.75 -63.31 28.74
C2 CLA WC . -50.29 -62.82 30.06
C3 CLA WC . -50.76 -63.33 31.21
C4 CLA WC . -51.76 -64.43 31.24
C5 CLA WC . -50.29 -62.82 32.54
C6 CLA WC . -50.02 -63.93 33.53
C7 CLA WC . -49.24 -63.41 34.72
MG CLA XC . -55.03 -58.04 39.11
CHA CLA XC . -56.91 -59.77 36.78
CHB CLA XC . -52.27 -59.81 38.20
CHC CLA XC . -53.22 -56.34 41.50
CHD CLA XC . -57.94 -56.22 40.03
NA CLA XC . -54.67 -59.53 37.69
C1A CLA XC . -55.59 -60.12 36.81
C2A CLA XC . -54.91 -61.18 35.94
C3A CLA XC . -53.43 -61.13 36.39
C4A CLA XC . -53.44 -60.08 37.51
CMA CLA XC . -52.95 -62.47 36.90
CAA CLA XC . -55.01 -60.84 34.47
CBA CLA XC . -55.54 -62.02 33.68
CGA CLA XC . -54.62 -63.18 33.87
O1A CLA XC . -53.40 -63.23 33.73
O2A CLA XC . -55.29 -64.32 34.26
NB CLA XC . -53.11 -58.05 39.72
C1B CLA XC . -52.14 -58.88 39.26
C2B CLA XC . -50.89 -58.67 40.03
C3B CLA XC . -51.15 -57.69 40.95
C4B CLA XC . -52.57 -57.29 40.77
CMB CLA XC . -49.65 -59.42 39.77
CAB CLA XC . -50.30 -57.10 41.97
CBB CLA XC . -49.62 -57.78 42.89
NC CLA XC . -55.49 -56.54 40.48
C1C CLA XC . -54.59 -55.98 41.36
C2C CLA XC . -55.25 -54.97 42.18
C3C CLA XC . -56.59 -54.94 41.77
C4C CLA XC . -56.73 -55.93 40.71
CMC CLA XC . -54.59 -54.17 43.21
CAC CLA XC . -57.66 -54.07 42.30
CBC CLA XC . -58.32 -54.68 43.53
ND CLA XC . -56.97 -57.93 38.56
C1D CLA XC . -58.07 -57.16 39.04
C2D CLA XC . -59.29 -57.55 38.30
C3D CLA XC . -58.91 -58.55 37.43
C4D CLA XC . -57.46 -58.75 37.63
CMD CLA XC . -60.61 -56.96 38.51
CAD CLA XC . -59.34 -59.48 36.40
OBD CLA XC . -60.45 -59.65 35.90
CBD CLA XC . -58.09 -60.31 35.98
CGD CLA XC . -58.27 -61.77 36.25
O1D CLA XC . -57.72 -62.45 37.11
O2D CLA XC . -59.18 -62.38 35.42
CED CLA XC . -59.08 -63.80 35.26
C1 CLA XC . -54.72 -65.58 33.82
C2 CLA XC . -53.83 -66.06 34.91
MG CLA YC . -51.46 -42.05 47.69
CHA CLA YC . -50.61 -40.84 50.84
CHB CLA YC . -53.21 -44.59 49.13
CHC CLA YC . -52.36 -43.13 44.55
CHD CLA YC . -49.65 -39.37 46.24
NA CLA YC . -51.82 -42.60 49.67
C1A CLA YC . -51.40 -41.97 50.84
C2A CLA YC . -51.91 -42.71 52.08
C3A CLA YC . -52.67 -43.92 51.50
C4A CLA YC . -52.58 -43.71 49.99
CMA CLA YC . -52.06 -45.23 51.93
CAA CLA YC . -52.85 -41.83 52.89
CBA CLA YC . -54.23 -41.83 52.29
CGA CLA YC . -54.96 -40.55 52.62
O1A CLA YC . -56.10 -40.20 52.31
O2A CLA YC . -54.19 -39.70 53.36
NB CLA YC . -52.59 -43.56 46.98
C1B CLA YC . -53.20 -44.51 47.73
C2B CLA YC . -53.86 -45.50 46.85
C3B CLA YC . -53.63 -45.12 45.55
C4B CLA YC . -52.81 -43.87 45.61
CMB CLA YC . -54.61 -46.66 47.36
CAB CLA YC . -54.06 -45.74 44.33
CBB CLA YC . -53.30 -46.02 43.27
NC CLA YC . -51.06 -41.38 45.76
C1C CLA YC . -51.53 -41.97 44.62
C2C CLA YC . -51.07 -41.23 43.45
C3C CLA YC . -50.29 -40.17 43.92
C4C CLA YC . -50.30 -40.26 45.37
CMC CLA YC . -51.38 -41.57 42.06
CAC CLA YC . -49.63 -39.13 43.12
CBC CLA YC . -48.36 -39.59 42.45
ND CLA YC . -50.32 -40.51 48.32
C1D CLA YC . -49.64 -39.47 47.61
C2D CLA YC . -48.98 -38.57 48.60
C3D CLA YC . -49.31 -39.06 49.84
C4D CLA YC . -50.16 -40.25 49.62
CMD CLA YC . -48.16 -37.42 48.24
CAD CLA YC . -49.16 -38.90 51.28
OBD CLA YC . -48.49 -38.09 51.90
CBD CLA YC . -50.03 -40.01 51.96
CGD CLA YC . -49.24 -40.82 52.94
O1D CLA YC . -48.31 -41.60 52.70
O2D CLA YC . -49.63 -40.66 54.23
CED CLA YC . -48.63 -40.80 55.25
C1 CLA YC . -54.51 -38.29 53.26
C8 A1L1F ZC . 40.53 -37.28 -0.47
C5 A1L1F ZC . 40.28 -39.75 -2.27
C4 A1L1F ZC . 41.92 -36.74 -0.72
C6 A1L1F ZC . 40.46 -38.33 -2.75
C10 A1L1F ZC . 44.08 -37.20 -1.88
C11 A1L1F ZC . 42.69 -37.73 -1.56
C2 A1L1F ZC . 43.15 -38.09 -5.00
C3 A1L1F ZC . 39.78 -37.35 -1.79
C1 A1L1F ZC . 41.93 -38.02 -2.82
C12 A1L1F ZC . 39.86 -38.16 -4.14
C14 A1L1F ZC . 49.70 -39.11 -22.41
C17 A1L1F ZC . 51.44 -37.13 -23.67
C18 A1L1F ZC . 48.69 -40.94 -24.33
C19 A1L1F ZC . 47.07 -39.07 -24.28
C20 A1L1F ZC . 50.12 -37.35 -24.38
C21 A1L1F ZC . 50.11 -37.33 -25.91
C22 A1L1F ZC . 48.77 -37.78 -26.42
C23 A1L1F ZC . 48.67 -39.26 -26.14
C24 A1L1F ZC . 48.49 -39.46 -24.65
C25 A1L1F ZC . 49.48 -38.64 -23.82
C26 A1L1F ZC . 50.27 -40.01 -19.68
C27 A1L1F ZC . 48.87 -38.92 -14.67
C28 A1L1F ZC . 44.71 -34.99 -10.88
C29 A1L1F ZC . 49.31 -38.35 -21.40
C30 A1L1F ZC . 49.47 -38.78 -20.00
C31 A1L1F ZC . 48.89 -38.07 -19.03
C32 A1L1F ZC . 48.93 -38.43 -17.62
C33 A1L1F ZC . 48.25 -37.62 -16.81
C34 A1L1F ZC . 48.11 -37.85 -15.36
C35 A1L1F ZC . 47.23 -37.08 -14.70
C36 A1L1F ZC . 46.91 -37.22 -13.28
C37 A1L1F ZC . 46.81 -36.26 -12.37
C38 A1L1F ZC . 46.42 -36.77 -11.06
C39 A1L1F ZC . 45.42 -36.19 -10.35
C40 A1L1F ZC . 45.05 -36.81 -9.07
C41 A1L1F ZC . 44.01 -36.44 -8.33
C42 A1L1F ZC . 43.87 -37.28 -7.14
C43 A1L1F ZC . 42.26 -35.84 -5.94
C44 A1L1F ZC . 43.10 -37.06 -6.07
C45 A1L1F ZC . 52.66 -40.39 -19.17
C47 A1L1F ZC . 52.99 -39.90 -17.79
C48 A1L1F ZC . 54.34 -39.22 -17.83
C49 A1L1F ZC . 55.47 -40.23 -17.87
C50 A1L1F ZC . 56.58 -39.77 -18.81
C51 A1L1F ZC . 57.17 -40.96 -19.56
C52 A1L1F ZC . 57.67 -42.03 -18.59
C53 A1L1F ZC . 59.18 -42.08 -18.60
C54 A1L1F ZC . 39.54 -37.07 1.66
C56 A1L1F ZC . 38.26 -36.76 2.37
C57 A1L1F ZC . 42.53 -38.02 -3.92
O13 A1L1F ZC . 51.63 -39.74 -19.96
O15 A1L1F ZC . 48.88 -37.34 -23.68
O16 A1L1F ZC . 48.65 -37.56 -27.82
O46 A1L1F ZC . 53.25 -41.35 -19.65
O55 A1L1F ZC . 40.35 -37.89 2.09
O7 A1L1F ZC . 39.86 -36.40 0.42
O9 A1L1F ZC . 42.84 -38.95 -0.82
C1 XAT AD . 78.28 -12.03 -21.64
C2 XAT AD . 79.00 -11.68 -20.34
C3 XAT AD . 79.12 -10.18 -20.23
C4 XAT AD . 77.74 -9.68 -19.89
C5 XAT AD . 76.70 -10.03 -20.96
C6 XAT AD . 77.01 -11.20 -21.91
C7 XAT AD . 75.78 -11.98 -22.34
C8 XAT AD . 75.40 -11.84 -23.61
C9 XAT AD . 74.23 -12.55 -24.17
C10 XAT AD . 73.08 -12.65 -23.49
C11 XAT AD . 71.97 -13.35 -24.14
C12 XAT AD . 70.94 -13.83 -23.45
C13 XAT AD . 69.86 -14.51 -24.20
C14 XAT AD . 68.74 -14.89 -23.59
C15 XAT AD . 67.68 -15.54 -24.35
C16 XAT AD . 77.92 -13.51 -21.62
C17 XAT AD . 79.25 -11.83 -22.81
C18 XAT AD . 75.19 -9.94 -20.67
C19 XAT AD . 74.33 -13.13 -25.54
C20 XAT AD . 70.04 -14.77 -25.67
O3 XAT AD . 80.04 -9.84 -19.20
O4 XAT AD . 77.12 -9.81 -22.30
C21 XAT AD . 57.28 -19.43 -28.40
C22 XAT AD . 56.36 -19.49 -29.62
C23 XAT AD . 54.91 -19.34 -29.20
C24 XAT AD . 54.76 -17.90 -28.78
C25 XAT AD . 55.57 -17.61 -27.52
C26 XAT AD . 56.83 -18.47 -27.29
C27 XAT AD . 57.92 -17.73 -26.53
C28 XAT AD . 58.55 -18.36 -25.54
C29 XAT AD . 59.62 -17.70 -24.76
C30 XAT AD . 60.89 -17.94 -25.06
C31 XAT AD . 61.96 -17.31 -24.30
C32 XAT AD . 63.21 -17.36 -24.75
C33 XAT AD . 64.28 -16.70 -23.97
C34 XAT AD . 65.42 -16.35 -24.57
C35 XAT AD . 66.48 -15.71 -23.80
C36 XAT AD . 58.67 -19.03 -28.89
C37 XAT AD . 57.38 -20.83 -27.81
C38 XAT AD . 55.77 -16.19 -26.98
C39 XAT AD . 59.28 -16.80 -23.61
C40 XAT AD . 64.08 -16.44 -22.50
O23 XAT AD . 54.06 -19.63 -30.31
O24 XAT AD . 55.59 -18.69 -26.57
C1 XAT BD . 60.36 -21.17 -16.35
C2 XAT BD . 61.40 -21.14 -15.24
C3 XAT BD . 61.88 -19.74 -14.96
C4 XAT BD . 60.71 -19.02 -14.32
C5 XAT BD . 59.55 -18.87 -15.32
C6 XAT BD . 59.42 -19.95 -16.41
C7 XAT BD . 57.97 -20.23 -16.76
C8 XAT BD . 57.63 -20.39 -18.04
C9 XAT BD . 56.22 -20.68 -18.39
C10 XAT BD . 55.91 -21.90 -18.85
C11 XAT BD . 54.56 -22.27 -19.23
C12 XAT BD . 54.22 -23.55 -19.25
C13 XAT BD . 52.85 -23.95 -19.64
C14 XAT BD . 52.33 -25.11 -19.25
C15 XAT BD . 50.98 -25.46 -19.67
C16 XAT BD . 59.51 -22.42 -16.17
C17 XAT BD . 61.07 -21.30 -17.68
C18 XAT BD . 58.17 -18.36 -14.88
C19 XAT BD . 55.19 -19.61 -18.24
C20 XAT BD . 52.04 -23.03 -20.51
O3 XAT BD . 62.98 -19.78 -14.05
O4 XAT BD . 59.94 -18.63 -16.67
C21 XAT BD . 39.64 -32.00 -20.95
C22 XAT BD . 38.63 -32.74 -21.82
C23 XAT BD . 38.40 -31.97 -23.10
C24 XAT BD . 39.63 -32.22 -23.93
C25 XAT BD . 40.87 -31.64 -23.24
C26 XAT BD . 40.83 -31.41 -21.72
C27 XAT BD . 42.21 -31.53 -21.07
C28 XAT BD . 42.83 -30.39 -20.73
C29 XAT BD . 44.17 -30.39 -20.12
C30 XAT BD . 44.88 -29.25 -20.13
C31 XAT BD . 46.22 -29.16 -19.56
C32 XAT BD . 46.96 -28.09 -19.86
C33 XAT BD . 48.32 -27.90 -19.33
C34 XAT BD . 49.00 -26.81 -19.69
C35 XAT BD . 50.36 -26.54 -19.21
C36 XAT BD . 40.17 -32.98 -19.90
C37 XAT BD . 38.93 -30.88 -20.22
C38 XAT BD . 42.28 -32.03 -23.67
C39 XAT BD . 44.73 -31.63 -19.47
C40 XAT BD . 48.92 -28.92 -18.42
O23 XAT BD . 37.24 -32.49 -23.79
O24 XAT BD . 40.68 -30.34 -22.66
C8 A1L1F CD . 56.22 -38.47 -13.88
C5 A1L1F CD . 58.96 -37.17 -13.57
C4 A1L1F CD . 55.48 -37.70 -14.95
C6 A1L1F CD . 58.43 -37.81 -14.86
C10 A1L1F CD . 55.59 -35.89 -16.66
C11 A1L1F CD . 56.22 -36.45 -15.38
C2 A1L1F CD . 58.91 -35.37 -17.32
C3 A1L1F CD . 57.50 -38.97 -14.51
C1 A1L1F CD . 57.68 -36.76 -15.63
C12 A1L1F CD . 59.57 -38.31 -15.69
C14 A1L1F CD . 63.59 -26.33 -33.57
C17 A1L1F CD . 61.13 -25.70 -34.77
C18 A1L1F CD . 65.21 -24.52 -35.65
C19 A1L1F CD . 65.90 -26.85 -35.31
C20 A1L1F CD . 62.16 -26.17 -35.78
C21 A1L1F CD . 62.35 -25.39 -37.07
C22 A1L1F CD . 63.30 -26.16 -37.98
C23 A1L1F CD . 64.69 -26.25 -37.36
C24 A1L1F CD . 64.80 -25.96 -35.86
C25 A1L1F CD . 63.52 -26.26 -35.07
C26 A1L1F CD . 64.40 -26.69 -30.75
C27 A1L1F CD . 62.37 -28.41 -26.30
C28 A1L1F CD . 58.50 -33.79 -23.89
C29 A1L1F CD . 63.21 -27.42 -32.91
C30 A1L1F CD . 63.32 -27.46 -31.44
C31 A1L1F CD . 62.48 -28.19 -30.72
C32 A1L1F CD . 62.56 -28.26 -29.27
C33 A1L1F CD . 61.76 -29.16 -28.69
C34 A1L1F CD . 61.72 -29.37 -27.24
C35 A1L1F CD . 61.09 -30.46 -26.78
C36 A1L1F CD . 61.02 -30.76 -25.35
C37 A1L1F CD . 60.23 -31.73 -24.91
C38 A1L1F CD . 60.19 -32.04 -23.49
C39 A1L1F CD . 59.40 -32.98 -22.99
C40 A1L1F CD . 59.45 -33.24 -21.55
C41 A1L1F CD . 58.90 -34.31 -20.97
C42 A1L1F CD . 59.08 -34.39 -19.51
C43 A1L1F CD . 57.88 -36.55 -19.38
C44 A1L1F CD . 58.64 -35.40 -18.77
C45 A1L1F CD . 64.77 -24.55 -29.60
C47 A1L1F CD . 64.96 -24.85 -28.14
C48 A1L1F CD . 66.28 -25.59 -27.93
C49 A1L1F CD . 66.96 -25.13 -26.65
C54 A1L1F CD . 55.91 -40.37 -12.43
C56 A1L1F CD . 55.33 -40.23 -11.06
C57 A1L1F CD . 58.29 -36.07 -16.49
O13 A1L1F CD . 63.92 -25.39 -30.40
O15 A1L1F CD . 62.86 -27.41 -35.60
O16 A1L1F CD . 63.40 -25.48 -39.23
O46 A1L1F CD . 65.33 -23.61 -30.13
O55 A1L1F CD . 56.80 -41.14 -12.68
O7 A1L1F CD . 55.39 -39.55 -13.50
O9 A1L1F CD . 56.11 -35.48 -14.34
C1 XAT DD . 55.23 -18.80 -10.43
C2 XAT DD . 55.94 -19.98 -9.78
C3 XAT DD . 55.20 -20.66 -8.63
C4 XAT DD . 54.35 -19.67 -7.85
C5 XAT DD . 53.23 -19.12 -8.74
C6 XAT DD . 53.72 -18.69 -10.13
C7 XAT DD . 52.73 -19.16 -11.19
C8 XAT DD . 52.02 -18.27 -11.88
C9 XAT DD . 51.06 -18.72 -12.90
C10 XAT DD . 50.53 -17.80 -13.71
C11 XAT DD . 49.55 -18.14 -14.75
C12 XAT DD . 49.04 -17.14 -15.43
C13 XAT DD . 48.05 -17.33 -16.50
C14 XAT DD . 47.72 -16.28 -17.26
C15 XAT DD . 46.75 -16.36 -18.34
C16 XAT DD . 55.42 -18.94 -11.93
C17 XAT DD . 55.91 -17.50 -10.01
C18 XAT DD . 51.82 -19.74 -8.77
C19 XAT DD . 50.67 -20.16 -13.00
C20 XAT DD . 47.41 -18.67 -16.73
O3 XAT DD . 54.36 -21.70 -9.17
O4 XAT DD . 53.34 -17.75 -9.11
C21 XAT DD . 40.14 -12.72 -27.48
C22 XAT DD . 39.87 -13.15 -28.92
C23 XAT DD . 39.88 -11.95 -29.84
C24 XAT DD . 41.34 -11.54 -29.91
C25 XAT DD . 41.84 -11.02 -28.57
C26 XAT DD . 41.15 -11.57 -27.31
C27 XAT DD . 42.11 -11.68 -26.13
C28 XAT DD . 41.70 -11.33 -24.90
C29 XAT DD . 42.64 -11.45 -23.78
C30 XAT DD . 42.82 -12.63 -23.20
C31 XAT DD . 43.75 -12.76 -22.09
C32 XAT DD . 44.00 -13.94 -21.54
C33 XAT DD . 44.96 -14.02 -20.43
C34 XAT DD . 45.37 -15.20 -19.96
C35 XAT DD . 46.33 -15.22 -18.87
C36 XAT DD . 40.66 -13.94 -26.72
C37 XAT DD . 38.83 -12.31 -26.84
C38 XAT DD . 43.32 -10.72 -28.30
C39 XAT DD . 43.36 -10.24 -23.27
C40 XAT DD . 45.48 -12.75 -19.83
O23 XAT DD . 39.43 -12.35 -31.14
O24 XAT DD . 40.88 -10.26 -27.82
C1 XAT ED . 59.30 -11.16 -36.75
C2 XAT ED . 58.87 -12.12 -37.86
C3 XAT ED . 59.73 -11.88 -39.09
C4 XAT ED . 61.09 -12.48 -38.76
C5 XAT ED . 61.75 -11.76 -37.56
C6 XAT ED . 60.83 -11.02 -36.57
C7 XAT ED . 61.35 -11.07 -35.15
C8 XAT ED . 61.72 -9.91 -34.62
C9 XAT ED . 62.26 -9.78 -33.25
C10 XAT ED . 62.83 -8.62 -32.92
C11 XAT ED . 63.39 -8.36 -31.60
C12 XAT ED . 64.07 -7.23 -31.44
C13 XAT ED . 64.68 -6.85 -30.15
C14 XAT ED . 65.53 -5.81 -30.12
C15 XAT ED . 66.16 -5.39 -28.88
C16 XAT ED . 58.68 -11.64 -35.44
C17 XAT ED . 58.73 -9.78 -37.04
C18 XAT ED . 62.96 -12.37 -36.85
C19 XAT ED . 62.14 -10.90 -32.26
C20 XAT ED . 64.35 -7.60 -28.90
O3 XAT ED . 59.16 -12.55 -40.22
O4 XAT ED . 61.61 -10.34 -37.56
C21 XAT ED . 75.76 1.05 -22.75
C22 XAT ED . 77.07 0.74 -22.05
C23 XAT ED . 76.78 0.28 -20.64
C24 XAT ED . 76.24 -1.13 -20.76
C25 XAT ED . 74.98 -1.22 -21.63
C26 XAT ED . 74.69 -0.06 -22.61
C27 XAT ED . 74.01 -0.53 -23.88
C28 XAT ED . 72.73 -0.26 -24.08
C29 XAT ED . 72.07 -0.71 -25.32
C30 XAT ED . 70.80 -1.10 -25.30
C31 XAT ED . 70.15 -1.55 -26.53
C32 XAT ED . 69.17 -2.44 -26.48
C33 XAT ED . 68.52 -2.90 -27.72
C34 XAT ED . 67.63 -3.89 -27.67
C35 XAT ED . 66.98 -4.35 -28.91
C36 XAT ED . 76.04 1.27 -24.24
C37 XAT ED . 75.19 2.34 -22.18
C38 XAT ED . 74.51 -2.57 -22.21
C39 XAT ED . 72.85 -0.73 -26.61
C40 XAT ED . 68.87 -2.25 -29.02
O23 XAT ED . 77.98 0.28 -19.87
O24 XAT ED . 73.98 -0.23 -21.36
MG CLA FD . 52.59 -42.97 -28.11
CHA CLA FD . 54.05 -41.46 -30.87
CHB CLA FD . 51.66 -45.61 -30.05
CHC CLA FD . 51.20 -44.44 -25.33
CHD CLA FD . 53.59 -40.21 -26.13
NA CLA FD . 52.83 -43.44 -30.14
C1A CLA FD . 53.47 -42.68 -31.12
C2A CLA FD . 53.44 -43.40 -32.47
C3A CLA FD . 52.64 -44.69 -32.18
C4A CLA FD . 52.35 -44.60 -30.68
CMA CLA FD . 51.38 -44.76 -33.00
CAA CLA FD . 54.85 -43.76 -32.93
CBA CLA FD . 55.62 -44.46 -31.83
CGA CLA FD . 57.08 -44.14 -31.93
O1A CLA FD . 57.77 -44.00 -32.94
O2A CLA FD . 57.68 -43.99 -30.71
NB CLA FD . 51.66 -44.72 -27.75
C1B CLA FD . 51.32 -45.65 -28.68
C2B CLA FD . 50.50 -46.73 -28.07
C3B CLA FD . 50.36 -46.40 -26.73
C4B CLA FD . 51.09 -45.12 -26.52
CMB CLA FD . 49.97 -47.86 -28.81
CAB CLA FD . 49.66 -47.11 -25.69
CBB CLA FD . 50.20 -47.52 -24.54
NC CLA FD . 52.43 -42.42 -26.11
C1C CLA FD . 51.82 -43.18 -25.14
C2C CLA FD . 51.90 -42.50 -23.85
C3C CLA FD . 52.57 -41.29 -24.07
C4C CLA FD . 52.91 -41.26 -25.49
CMC CLA FD . 51.36 -43.02 -22.59
CAC CLA FD . 52.91 -40.27 -23.08
CBC CLA FD . 54.36 -40.33 -22.66
ND CLA FD . 53.53 -41.20 -28.38
C1D CLA FD . 53.89 -40.17 -27.48
C2D CLA FD . 54.61 -39.10 -28.23
C3D CLA FD . 54.67 -39.54 -29.54
C4D CLA FD . 54.01 -40.86 -29.58
CMD CLA FD . 55.10 -37.86 -27.64
CAD CLA FD . 55.12 -39.24 -30.88
OBD CLA FD . 55.68 -38.24 -31.32
CBD CLA FD . 54.77 -40.48 -31.77
CGD CLA FD . 53.93 -40.13 -32.97
O1D CLA FD . 52.74 -39.83 -32.99
O2D CLA FD . 54.60 -40.17 -34.15
CED CLA FD . 53.83 -40.17 -35.35
C1 CLA FD . 59.11 -44.08 -30.67
MG CLA GD . 44.17 -31.27 -26.13
CHA CLA GD . 42.56 -32.75 -28.81
CHB CLA GD . 42.63 -28.33 -26.82
CHC CLA GD . 45.69 -29.89 -23.36
CHD CLA GD . 45.63 -34.41 -25.34
NA CLA GD . 42.87 -30.65 -27.62
C1A CLA GD . 42.30 -31.42 -28.65
C2A CLA GD . 41.38 -30.57 -29.52
C3A CLA GD . 41.61 -29.14 -28.99
C4A CLA GD . 42.43 -29.36 -27.72
CMA CLA GD . 42.33 -28.28 -29.99
CAA CLA GD . 39.92 -30.96 -29.33
CBA CLA GD . 39.49 -31.00 -27.87
CGA CLA GD . 39.06 -29.64 -27.39
O1A CLA GD . 38.32 -28.82 -27.93
O2A CLA GD . 39.62 -29.31 -26.18
NB CLA GD . 44.11 -29.47 -25.22
C1B CLA GD . 43.39 -28.41 -25.64
C2B CLA GD . 43.65 -27.23 -24.74
C3B CLA GD . 44.51 -27.67 -23.77
C4B CLA GD . 44.85 -29.09 -24.07
CMB CLA GD . 43.07 -25.92 -24.98
CAB CLA GD . 45.10 -26.94 -22.68
CBB CLA GD . 45.81 -25.82 -22.82
NC CLA GD . 45.48 -32.01 -24.66
C1C CLA GD . 46.01 -31.26 -23.65
C2C CLA GD . 46.89 -32.08 -22.82
C3C CLA GD . 46.83 -33.37 -23.36
C4C CLA GD . 45.95 -33.32 -24.51
CMC CLA GD . 47.65 -31.62 -21.67
CAC CLA GD . 47.55 -34.56 -22.88
CBC CLA GD . 46.70 -35.41 -21.97
ND CLA GD . 44.28 -33.13 -26.94
C1D CLA GD . 44.85 -34.34 -26.48
C2D CLA GD . 44.47 -35.43 -27.39
C3D CLA GD . 43.62 -34.88 -28.33
C4D CLA GD . 43.50 -33.45 -27.98
CMD CLA GD . 44.93 -36.82 -27.29
CAD CLA GD . 42.80 -35.11 -29.51
OBD CLA GD . 42.67 -36.13 -30.17
CBD CLA GD . 42.06 -33.78 -29.81
CGD CLA GD . 42.38 -33.34 -31.22
O1D CLA GD . 43.43 -32.83 -31.62
O2D CLA GD . 41.38 -33.55 -32.12
CED CLA GD . 41.76 -33.68 -33.50
C1 CLA GD . 39.45 -27.95 -25.70
C2 CLA GD . 40.20 -27.88 -24.42
C3 CLA GD . 40.17 -26.82 -23.59
C4 CLA GD . 39.37 -25.61 -23.88
C5 CLA GD . 40.97 -26.84 -22.33
C6 CLA GD . 40.13 -26.74 -21.07
C7 CLA GD . 40.88 -27.35 -19.91
C8 CLA GD . 40.13 -27.17 -18.59
C9 CLA GD . 40.52 -25.87 -17.94
C10 CLA GD . 40.40 -28.34 -17.65
C11 CLA GD . 41.88 -28.63 -17.54
C12 CLA GD . 42.22 -29.39 -16.27
C13 CLA GD . 41.49 -30.73 -16.22
MG CLA HD . 46.41 -21.39 -20.10
CHA CLA HD . 44.48 -19.77 -22.49
CHB CLA HD . 44.15 -23.93 -20.00
CHC CLA HD . 48.46 -23.05 -17.89
CHD CLA HD . 48.77 -18.77 -20.30
NA CLA HD . 44.60 -21.76 -21.07
C1A CLA HD . 43.98 -20.97 -22.06
C2A CLA HD . 42.68 -21.61 -22.51
C3A CLA HD . 42.55 -22.87 -21.63
C4A CLA HD . 43.85 -22.88 -20.84
CMA CLA HD . 41.34 -22.80 -20.73
CAA CLA HD . 42.80 -22.03 -23.97
CBA CLA HD . 41.52 -22.63 -24.51
CGA CLA HD . 40.57 -21.54 -24.88
O1A CLA HD . 40.82 -20.41 -25.29
O2A CLA HD . 39.26 -21.92 -24.74
NB CLA HD . 46.36 -23.19 -19.19
C1B CLA HD . 45.30 -24.04 -19.20
C2B CLA HD . 45.52 -25.13 -18.19
C3B CLA HD . 46.73 -24.88 -17.59
C4B CLA HD . 47.27 -23.64 -18.21
CMB CLA HD . 44.53 -26.18 -17.97
CAB CLA HD . 47.45 -25.57 -16.55
CBB CLA HD . 47.24 -26.82 -16.11
NC CLA HD . 48.26 -20.96 -19.23
C1C CLA HD . 48.92 -21.78 -18.35
C2C CLA HD . 50.20 -21.19 -17.97
C3C CLA HD . 50.28 -19.97 -18.65
C4C CLA HD . 49.07 -19.85 -19.44
CMC CLA HD . 51.16 -21.79 -17.05
CAC CLA HD . 51.39 -19.00 -18.59
CBC CLA HD . 52.15 -18.92 -19.91
ND CLA HD . 46.56 -19.59 -21.00
C1D CLA HD . 47.61 -18.63 -21.03
C2D CLA HD . 47.24 -17.53 -21.95
C3D CLA HD . 46.03 -17.91 -22.53
C4D CLA HD . 45.69 -19.22 -21.94
CMD CLA HD . 48.04 -16.33 -22.17
CAD CLA HD . 44.97 -17.55 -23.44
OBD CLA HD . 44.80 -16.50 -24.06
CBD CLA HD . 44.02 -18.77 -23.53
CGD CLA HD . 42.58 -18.35 -23.39
O1D CLA HD . 41.87 -17.82 -24.26
O2D CLA HD . 42.03 -18.59 -22.17
CED CLA HD . 40.63 -18.36 -22.03
C1 CLA HD . 38.51 -21.23 -23.71
C2 CLA HD . 37.79 -22.28 -22.95
C3 CLA HD . 36.92 -21.99 -21.98
C4 CLA HD . 36.20 -23.05 -21.21
C5 CLA HD . 36.63 -20.57 -21.60
C6 CLA HD . 37.49 -20.08 -20.45
C7 CLA HD . 37.34 -18.58 -20.29
C8 CLA HD . 38.28 -17.97 -19.25
C9 CLA HD . 39.16 -19.01 -18.58
C10 CLA HD . 37.51 -17.19 -18.19
C11 CLA HD . 36.17 -17.81 -17.85
C12 CLA HD . 35.69 -17.38 -16.48
C13 CLA HD . 34.23 -16.90 -16.52
C14 CLA HD . 33.28 -18.06 -16.74
C15 CLA HD . 34.03 -15.82 -17.58
C16 CLA HD . 34.72 -14.53 -17.19
C17 CLA HD . 34.58 -13.47 -18.26
C18 CLA HD . 35.63 -12.37 -18.11
C19 CLA HD . 35.29 -11.18 -18.98
C20 CLA HD . 35.76 -11.94 -16.66
MG CLA ID . 65.72 -19.84 -19.43
CHA CLA ID . 67.90 -18.20 -17.29
CHB CLA ID . 63.22 -17.70 -18.56
CHC CLA ID . 63.66 -21.42 -21.68
CHD CLA ID . 68.36 -22.05 -20.31
NA CLA ID . 65.60 -18.23 -18.13
C1A CLA ID . 66.63 -17.68 -17.34
C2A CLA ID . 66.11 -16.48 -16.54
C3A CLA ID . 64.62 -16.40 -16.91
C4A CLA ID . 64.45 -17.51 -17.94
CMA CLA ID . 63.73 -16.60 -15.70
CAA CLA ID . 66.83 -15.22 -17.04
CBA CLA ID . 66.69 -15.04 -18.54
CGA CLA ID . 67.87 -15.58 -19.28
O1A CLA ID . 69.06 -15.32 -19.11
O2A CLA ID . 67.54 -16.46 -20.26
NB CLA ID . 63.82 -19.60 -20.02
C1B CLA ID . 62.94 -18.69 -19.51
C2B CLA ID . 61.59 -18.88 -20.13
C3B CLA ID . 61.71 -19.94 -21.01
C4B CLA ID . 63.12 -20.40 -20.95
CMB CLA ID . 60.44 -18.06 -19.79
CAB CLA ID . 60.73 -20.55 -21.88
CBB CLA ID . 59.49 -20.89 -21.52
NC CLA ID . 65.98 -21.45 -20.75
C1C CLA ID . 64.99 -21.90 -21.58
C2C CLA ID . 65.52 -23.00 -22.40
C3C CLA ID . 66.84 -23.21 -22.00
C4C CLA ID . 67.12 -22.22 -20.95
CMC CLA ID . 64.74 -23.70 -23.42
CAC CLA ID . 67.78 -24.19 -22.53
CBC CLA ID . 68.79 -23.58 -23.47
ND CLA ID . 67.66 -20.14 -18.93
C1D CLA ID . 68.63 -21.08 -19.38
C2D CLA ID . 69.91 -20.82 -18.66
C3D CLA ID . 69.69 -19.73 -17.85
C4D CLA ID . 68.28 -19.33 -18.07
CMD CLA ID . 71.13 -21.60 -18.86
CAD CLA ID . 70.25 -18.81 -16.87
OBD CLA ID . 71.38 -18.79 -16.39
CBD CLA ID . 69.13 -17.78 -16.51
CGD CLA ID . 68.86 -17.72 -15.03
O1D CLA ID . 68.41 -16.78 -14.39
O2D CLA ID . 69.16 -18.88 -14.37
CED CLA ID . 68.35 -19.22 -13.24
C1 CLA ID . 68.62 -17.24 -20.82
C2 CLA ID . 68.05 -18.09 -21.91
C3 CLA ID . 68.81 -18.87 -22.70
C4 CLA ID . 70.28 -18.95 -22.53
C5 CLA ID . 68.21 -19.70 -23.78
C6 CLA ID . 66.71 -19.55 -23.89
C7 CLA ID . 66.22 -19.93 -25.27
MG CLA JD . 70.08 -8.49 -27.00
CHA CLA JD . 71.83 -8.34 -24.00
CHB CLA JD . 72.16 -6.14 -28.33
CHC CLA JD . 68.36 -8.73 -29.97
CHD CLA JD . 67.90 -10.87 -25.55
NA CLA JD . 71.73 -7.43 -26.26
C1A CLA JD . 72.31 -7.52 -24.98
C2A CLA JD . 73.51 -6.56 -24.86
C3A CLA JD . 73.53 -5.83 -26.22
C4A CLA JD . 72.40 -6.51 -27.02
CMA CLA JD . 73.29 -4.35 -26.07
CAA CLA JD . 74.81 -7.33 -24.63
CBA CLA JD . 75.62 -7.45 -25.90
NB CLA JD . 70.24 -7.62 -28.81
C1B CLA JD . 71.16 -6.67 -29.15
C2B CLA JD . 70.94 -6.25 -30.56
C3B CLA JD . 69.87 -6.98 -31.04
C4B CLA JD . 69.41 -7.86 -29.93
CMB CLA JD . 71.76 -5.25 -31.24
CAB CLA JD . 69.24 -6.96 -32.33
CBB CLA JD . 69.23 -7.97 -33.20
NC CLA JD . 68.44 -9.60 -27.63
C1C CLA JD . 67.91 -9.56 -28.90
C2C CLA JD . 66.78 -10.48 -28.99
C3C CLA JD . 66.63 -11.08 -27.74
C4C CLA JD . 67.68 -10.52 -26.90
CMC CLA JD . 65.97 -10.68 -30.20
CAC CLA JD . 65.63 -12.07 -27.35
CBC CLA JD . 66.20 -13.48 -27.30
ND CLA JD . 69.86 -9.43 -25.22
C1D CLA JD . 68.92 -10.37 -24.75
C2D CLA JD . 69.21 -10.69 -23.34
C3D CLA JD . 70.34 -9.96 -23.01
C4D CLA JD . 70.70 -9.18 -24.21
CMD CLA JD . 68.44 -11.63 -22.52
CAD CLA JD . 71.29 -9.62 -21.97
OBD CLA JD . 71.37 -10.05 -20.81
CBD CLA JD . 72.27 -8.56 -22.57
CGD CLA JD . 72.29 -7.28 -21.79
O1D CLA JD . 72.00 -6.16 -22.20
O2D CLA JD . 72.66 -7.43 -20.49
CED CLA JD . 73.06 -6.25 -19.78
MG CLA KD . 50.72 -14.28 -24.87
CHA CLA KD . 47.98 -16.04 -26.09
CHB CLA KD . 49.53 -11.43 -26.29
CHC CLA KD . 53.40 -12.58 -23.54
CHD CLA KD . 51.97 -17.29 -23.47
NA CLA KD . 49.02 -13.83 -26.00
C1A CLA KD . 47.99 -14.69 -26.40
C2A CLA KD . 46.94 -13.95 -27.21
C3A CLA KD . 47.51 -12.52 -27.34
C4A CLA KD . 48.77 -12.57 -26.48
CMA CLA KD . 47.82 -12.16 -28.77
CAA CLA KD . 45.60 -13.91 -26.48
CBA CLA KD . 45.76 -13.67 -24.99
CGA CLA KD . 45.93 -12.21 -24.69
O1A CLA KD . 45.53 -11.24 -25.34
O2A CLA KD . 46.60 -11.97 -23.53
NB CLA KD . 51.30 -12.36 -24.85
C1B CLA KD . 50.73 -11.35 -25.55
C2B CLA KD . 51.57 -10.12 -25.45
C3B CLA KD . 52.67 -10.44 -24.68
C4B CLA KD . 52.51 -11.87 -24.30
CMB CLA KD . 51.24 -8.87 -26.11
CAB CLA KD . 53.80 -9.65 -24.29
CBB CLA KD . 53.77 -8.38 -23.87
NC CLA KD . 52.37 -14.84 -23.72
C1C CLA KD . 53.33 -13.98 -23.28
C2C CLA KD . 54.33 -14.69 -22.49
C3C CLA KD . 53.94 -16.03 -22.48
C4C CLA KD . 52.71 -16.12 -23.26
CMC CLA KD . 55.50 -14.07 -21.86
CAC CLA KD . 54.64 -17.15 -21.82
CBC CLA KD . 55.83 -17.63 -22.61
ND CLA KD . 50.20 -16.24 -24.82
C1D CLA KD . 50.79 -17.36 -24.20
C2D CLA KD . 49.95 -18.55 -24.46
C3D CLA KD . 48.86 -18.10 -25.17
C4D CLA KD . 49.06 -16.65 -25.37
CMD CLA KD . 50.27 -19.90 -23.99
CAD CLA KD . 47.61 -18.46 -25.82
OBD CLA KD . 47.08 -19.57 -25.94
CBD CLA KD . 47.01 -17.15 -26.41
CGD CLA KD . 46.76 -17.28 -27.89
O1D CLA KD . 47.38 -16.75 -28.81
O2D CLA KD . 45.70 -18.08 -28.19
CED CLA KD . 45.76 -18.82 -29.41
C1 CLA KD . 47.09 -10.63 -23.32
C2 CLA KD . 48.46 -10.76 -22.77
C3 CLA KD . 49.00 -9.85 -21.93
C4 CLA KD . 50.37 -10.01 -21.40
C5 CLA KD . 48.24 -8.64 -21.51
C6 CLA KD . 49.05 -7.37 -21.59
MG CLA LD . 58.37 -26.87 -33.85
CHA CLA LD . 57.49 -25.53 -36.92
CHB CLA LD . 58.04 -30.01 -35.12
CHC CLA LD . 59.42 -28.14 -30.84
CHD CLA LD . 58.65 -23.59 -32.56
NA CLA LD . 57.83 -27.62 -35.72
C1A CLA LD . 57.51 -26.90 -36.88
C2A CLA LD . 57.17 -27.84 -38.03
C3A CLA LD . 57.18 -29.23 -37.37
C4A CLA LD . 57.73 -28.96 -35.97
CMA CLA LD . 55.80 -29.83 -37.33
CAA CLA LD . 58.20 -27.75 -39.15
CBA CLA LD . 59.62 -27.70 -38.62
CGA CLA LD . 60.16 -29.08 -38.38
O1A CLA LD . 60.22 -30.04 -39.15
O2A CLA LD . 60.63 -29.25 -37.10
NB CLA LD . 58.66 -28.72 -33.12
C1B CLA LD . 58.51 -29.87 -33.81
C2B CLA LD . 58.90 -31.03 -32.97
C3B CLA LD . 59.29 -30.52 -31.75
C4B CLA LD . 59.15 -29.03 -31.83
CMB CLA LD . 58.83 -32.41 -33.45
CAB CLA LD . 59.78 -31.17 -30.55
CBB CLA LD . 59.43 -32.38 -30.13
NC CLA LD . 58.92 -26.01 -32.02
C1C CLA LD . 59.31 -26.72 -30.92
C2C CLA LD . 59.61 -25.81 -29.83
C3C CLA LD . 59.40 -24.51 -30.31
C4C CLA LD . 58.96 -24.65 -31.70
CMC CLA LD . 60.05 -26.20 -28.50
CAC CLA LD . 59.57 -23.25 -29.58
CBC CLA LD . 60.83 -22.50 -30.00
ND CLA LD . 58.12 -24.98 -34.50
C1D CLA LD . 58.26 -23.72 -33.86
C2D CLA LD . 57.94 -22.65 -34.84
C3D CLA LD . 57.66 -23.29 -36.03
C4D CLA LD . 57.78 -24.74 -35.77
CMD CLA LD . 57.96 -21.22 -34.54
CAD CLA LD . 57.27 -23.14 -37.42
OBD CLA LD . 57.10 -22.10 -38.03
CBD CLA LD . 57.14 -24.56 -38.02
CGD CLA LD . 55.76 -24.84 -38.55
O1D CLA LD . 54.77 -25.22 -37.92
O2D CLA LD . 55.62 -24.64 -39.89
CED CLA LD . 54.95 -25.66 -40.65
C1 CLA LD . 61.38 -30.45 -36.84
C2 CLA LD . 61.75 -30.41 -35.39
C3 CLA LD . 62.50 -31.35 -34.81
C4 CLA LD . 63.03 -32.52 -35.56
C5 CLA LD . 62.85 -31.27 -33.36
C6 CLA LD . 64.34 -31.40 -33.11
C7 CLA LD . 64.63 -31.35 -31.62
MG CLA MD . 60.50 -37.16 -27.36
CHA CLA MD . 59.88 -38.22 -30.60
CHB CLA MD . 62.42 -34.61 -28.55
CHC CLA MD . 61.12 -36.19 -24.12
CHD CLA MD . 58.53 -39.85 -26.16
NA CLA MD . 61.03 -36.53 -29.28
C1A CLA MD . 60.67 -37.10 -30.51
C2A CLA MD . 61.29 -36.32 -31.67
C3A CLA MD . 62.07 -35.17 -30.98
C4A CLA MD . 61.83 -35.44 -29.49
CMA CLA MD . 63.54 -35.18 -31.32
CAA CLA MD . 60.26 -35.77 -32.64
CBA CLA MD . 60.92 -35.23 -33.89
CGA CLA MD . 61.71 -36.29 -34.59
O1A CLA MD . 62.69 -36.92 -34.19
O2A CLA MD . 61.24 -36.55 -35.85
NB CLA MD . 61.56 -35.68 -26.50
C1B CLA MD . 62.29 -34.74 -27.16
C2B CLA MD . 62.98 -33.86 -26.17
C3B CLA MD . 62.62 -34.29 -24.92
C4B CLA MD . 61.71 -35.46 -25.11
CMB CLA MD . 63.85 -32.76 -26.61
CAB CLA MD . 62.98 -33.84 -23.60
CBB CLA MD . 63.81 -32.85 -23.28
NC CLA MD . 59.91 -37.89 -25.48
C1C CLA MD . 60.28 -37.33 -24.29
C2C CLA MD . 59.69 -38.08 -23.19
C3C CLA MD . 58.97 -39.12 -23.77
C4C CLA MD . 59.11 -39.00 -25.21
CMC CLA MD . 59.86 -37.76 -21.77
CAC CLA MD . 58.20 -40.17 -23.06
CBC CLA MD . 59.07 -41.32 -22.60
ND CLA MD . 59.41 -38.68 -28.13
C1D CLA MD . 58.66 -39.72 -27.53
C2D CLA MD . 58.08 -40.59 -28.58
C3D CLA MD . 58.52 -40.05 -29.79
C4D CLA MD . 59.35 -38.88 -29.45
CMD CLA MD . 57.23 -41.75 -28.34
CAD CLA MD . 58.51 -40.17 -31.24
OBD CLA MD . 57.95 -41.00 -31.95
CBD CLA MD . 59.38 -39.01 -31.79
CGD CLA MD . 60.54 -39.54 -32.62
O1D CLA MD . 61.42 -40.32 -32.27
O2D CLA MD . 60.57 -39.05 -33.90
CED CLA MD . 60.72 -39.99 -34.96
C1 CLA MD . 62.24 -36.74 -36.87
MG CLA ND . 49.63 -37.49 -9.47
CHA CLA ND . 48.20 -36.82 -6.39
CHB CLA ND . 49.13 -34.27 -10.42
CHC CLA ND . 51.16 -38.20 -12.48
CHD CLA ND . 50.24 -40.82 -8.41
NA CLA ND . 48.75 -35.84 -8.55
C1A CLA ND . 48.22 -35.75 -7.25
C2A CLA ND . 47.67 -34.34 -6.98
C3A CLA ND . 47.98 -33.57 -8.29
C4A CLA ND . 48.65 -34.62 -9.17
CMA CLA ND . 46.75 -32.96 -8.93
CAA CLA ND . 48.23 -33.64 -5.77
NB CLA ND . 50.09 -36.43 -11.11
C1B CLA ND . 49.78 -35.12 -11.32
C2B CLA ND . 50.24 -34.70 -12.68
C3B CLA ND . 50.81 -35.80 -13.25
C4B CLA ND . 50.71 -36.93 -12.28
CMB CLA ND . 50.05 -33.35 -13.21
CAB CLA ND . 51.41 -35.96 -14.56
CBB CLA ND . 52.67 -36.29 -14.78
NC CLA ND . 50.48 -39.22 -10.31
C1C CLA ND . 51.03 -39.29 -11.55
C2C CLA ND . 51.52 -40.63 -11.82
C3C CLA ND . 51.29 -41.37 -10.66
C4C CLA ND . 50.65 -40.47 -9.71
CMC CLA ND . 52.14 -41.06 -13.08
CAC CLA ND . 51.61 -42.79 -10.44
CBC CLA ND . 53.06 -43.01 -10.04
ND CLA ND . 49.19 -38.66 -7.88
C1D CLA ND . 49.58 -39.99 -7.54
C2D CLA ND . 49.12 -40.29 -6.16
C3D CLA ND . 48.56 -39.12 -5.68
C4D CLA ND . 48.68 -38.12 -6.78
CMD CLA ND . 49.27 -41.57 -5.49
CAD CLA ND . 47.89 -38.47 -4.57
OBD CLA ND . 47.46 -38.95 -3.53
CBD CLA ND . 47.79 -36.95 -4.94
CGD CLA ND . 46.44 -36.34 -4.66
O1D CLA ND . 45.57 -36.07 -5.49
O2D CLA ND . 46.21 -36.06 -3.35
CED CLA ND . 47.27 -35.43 -2.62
MG CLA OD . 67.08 -38.69 -14.82
CHA CLA OD . 70.14 -37.62 -13.59
CHB CLA OD . 67.04 -36.10 -17.03
CHC CLA OD . 64.01 -39.78 -15.95
CHD CLA OD . 67.10 -41.31 -12.43
NA CLA OD . 68.41 -37.14 -15.24
C1A CLA OD . 69.64 -36.86 -14.63
C2A CLA OD . 70.30 -35.62 -15.26
C3A CLA OD . 69.27 -35.17 -16.32
C4A CLA OD . 68.15 -36.21 -16.21
CMA CLA OD . 68.77 -33.77 -16.05
CAA CLA OD . 71.64 -35.89 -15.92
CBA CLA OD . 71.93 -37.34 -16.31
CGA CLA OD . 71.00 -37.85 -17.36
O1A CLA OD . 69.99 -38.55 -17.23
O2A CLA OD . 71.37 -37.48 -18.62
NB CLA OD . 65.78 -38.06 -16.22
C1B CLA OD . 65.94 -36.98 -17.02
C2B CLA OD . 64.75 -36.82 -17.91
C3B CLA OD . 63.89 -37.86 -17.62
C4B CLA OD . 64.54 -38.66 -16.54
CMB CLA OD . 64.62 -35.75 -18.90
CAB CLA OD . 62.61 -38.20 -18.17
CBB CLA OD . 62.38 -38.41 -19.47
NC CLA OD . 65.81 -40.28 -14.30
C1C CLA OD . 64.61 -40.53 -14.90
C2C CLA OD . 64.00 -41.72 -14.30
C3C CLA OD . 64.86 -42.15 -13.30
C4C CLA OD . 66.00 -41.24 -13.30
CMC CLA OD . 62.70 -42.28 -14.72
CAC CLA OD . 64.66 -43.30 -12.41
CBC CLA OD . 65.36 -44.54 -12.92
ND CLA OD . 68.31 -39.40 -13.39
C1D CLA OD . 68.19 -40.47 -12.46
C2D CLA OD . 69.38 -40.49 -11.58
C3D CLA OD . 70.17 -39.41 -11.98
C4D CLA OD . 69.45 -38.76 -13.09
CMD CLA OD . 69.62 -41.46 -10.51
CAD CLA OD . 71.40 -38.67 -11.75
OBD CLA OD . 72.31 -38.88 -10.96
CBD CLA OD . 71.39 -37.47 -12.76
CGD CLA OD . 71.43 -36.14 -12.06
O1D CLA OD . 70.60 -35.23 -12.14
O2D CLA OD . 72.53 -35.95 -11.28
CED CLA OD . 72.91 -34.61 -10.98
C1 CLA OD . 72.10 -38.44 -19.38
MG CLA PD . 48.37 -4.16 -29.69
CHA CLA PD . 49.55 -5.03 -32.83
CHB CLA PD . 45.40 -3.21 -31.07
CHC CLA PD . 47.23 -3.36 -26.55
CHD CLA PD . 51.50 -5.05 -28.32
NA CLA PD . 47.61 -4.15 -31.65
C1A CLA PD . 48.26 -4.56 -32.83
C2A CLA PD . 47.33 -4.36 -34.03
C3A CLA PD . 46.10 -3.66 -33.44
C4A CLA PD . 46.36 -3.68 -31.94
CMA CLA PD . 45.92 -2.26 -33.97
CAA CLA PD . 46.85 -5.64 -34.72
CBA CLA PD . 47.40 -6.98 -34.25
CGA CLA PD . 46.86 -7.35 -32.91
O1A CLA PD . 45.84 -6.97 -32.36
O2A CLA PD . 47.64 -8.28 -32.28
NB CLA PD . 46.69 -3.32 -28.97
C1B CLA PD . 45.54 -3.15 -29.68
C2B CLA PD . 44.39 -2.88 -28.75
C3B CLA PD . 44.91 -2.92 -27.47
C4B CLA PD . 46.36 -3.21 -27.59
CMB CLA PD . 43.03 -2.66 -29.22
CAB CLA PD . 44.26 -2.75 -26.19
CBB CLA PD . 43.26 -1.91 -25.91
NC CLA PD . 49.21 -4.21 -27.79
C1C CLA PD . 48.57 -3.85 -26.64
C2C CLA PD . 49.45 -4.00 -25.49
C3C CLA PD . 50.67 -4.47 -25.98
C4C CLA PD . 50.51 -4.60 -27.43
CMC CLA PD . 49.09 -3.72 -24.10
CAC CLA PD . 51.89 -4.79 -25.22
CBC CLA PD . 52.83 -3.61 -25.12
ND CLA PD . 50.08 -5.02 -30.33
C1D CLA PD . 51.32 -5.27 -29.66
C2D CLA PD . 52.31 -5.74 -30.66
C3D CLA PD . 51.68 -5.69 -31.89
C4D CLA PD . 50.31 -5.20 -31.63
CMD CLA PD . 53.68 -6.14 -30.35
CAD CLA PD . 51.79 -5.93 -33.32
OBD CLA PD . 52.71 -6.42 -33.96
CBD CLA PD . 50.47 -5.40 -33.97
CGD CLA PD . 50.73 -4.23 -34.87
O1D CLA PD . 51.22 -3.14 -34.56
O2D CLA PD . 50.35 -4.42 -36.16
CED CLA PD . 50.99 -3.64 -37.17
C1 CLA PD . 48.25 -7.91 -31.03
C2 CLA PD . 47.31 -8.29 -29.95
C3 CLA PD . 47.60 -8.06 -28.66
C4 CLA PD . 48.87 -7.42 -28.27
C5 CLA PD . 46.67 -8.42 -27.55
C6 CLA PD . 46.50 -7.29 -26.56
C7 CLA PD . 45.42 -7.61 -25.55
C8 CLA PD . 45.11 -6.44 -24.62
C9 CLA PD . 46.25 -6.22 -23.66
C10 CLA PD . 43.82 -6.71 -23.85
C11 CLA PD . 43.12 -5.43 -23.45
C12 CLA PD . 41.61 -5.63 -23.41
C13 CLA PD . 41.01 -5.03 -22.14
C14 CLA PD . 39.58 -5.51 -21.95
C15 CLA PD . 41.04 -3.51 -22.18
C16 CLA PD . 40.43 -2.93 -20.92
C17 CLA PD . 39.74 -1.61 -21.19
C18 CLA PD . 39.54 -0.79 -19.92
C19 CLA PD . 38.93 -1.62 -18.82
C20 CLA PD . 40.86 -0.19 -19.47
C1 XAT QD . -84.30 -13.24 43.04
C2 XAT QD . -85.23 -14.12 42.23
C3 XAT QD . -84.48 -15.39 41.84
C4 XAT QD . -84.43 -16.21 43.10
C5 XAT QD . -83.61 -15.51 44.20
C6 XAT QD . -83.50 -13.98 44.12
C7 XAT QD . -83.45 -13.37 45.51
C8 XAT QD . -82.29 -12.81 45.85
C9 XAT QD . -82.04 -12.18 47.16
C10 XAT QD . -81.02 -11.33 47.26
C11 XAT QD . -80.66 -10.67 48.49
C12 XAT QD . -79.44 -10.15 48.54
C13 XAT QD . -78.93 -9.46 49.74
C14 XAT QD . -77.73 -8.87 49.69
C15 XAT QD . -77.21 -8.18 50.85
C16 XAT QD . -85.11 -12.11 43.67
C17 XAT QD . -83.30 -12.58 42.10
C18 XAT QD . -83.63 -15.99 45.65
C19 XAT QD . -82.89 -12.52 48.36
C20 XAT QD . -79.75 -9.43 50.99
O3 XAT QD . -85.20 -16.08 40.81
O4 XAT QD . -82.42 -14.86 43.74
C21 XAT QD . -67.72 -0.95 56.17
C22 XAT QD . -66.63 -1.08 57.23
C23 XAT QD . -67.23 -0.93 58.61
C24 XAT QD . -68.00 -2.22 58.86
C25 XAT QD . -69.14 -2.43 57.85
C26 XAT QD . -69.03 -1.69 56.50
C27 XAT QD . -69.65 -2.47 55.35
C28 XAT QD . -70.85 -2.13 54.89
C29 XAT QD . -71.45 -2.86 53.77
C30 XAT QD . -72.66 -3.41 53.89
C31 XAT QD . -73.24 -4.12 52.76
C32 XAT QD . -74.20 -5.01 52.93
C33 XAT QD . -74.74 -5.70 51.74
C34 XAT QD . -75.61 -6.72 51.89
C35 XAT QD . -76.14 -7.40 50.73
C36 XAT QD . -67.17 -1.44 54.84
C37 XAT QD . -68.04 0.54 56.02
C38 XAT QD . -69.84 -3.79 57.71
C39 XAT QD . -70.70 -2.99 52.48
C40 XAT QD . -74.32 -5.27 50.37
O23 XAT QD . -66.19 -0.78 59.57
O24 XAT QD . -69.89 -1.26 57.56
C1 XAT RD . -67.34 -29.90 40.25
C2 XAT RD . -67.68 -28.99 39.09
C3 XAT RD . -69.17 -29.05 38.84
C4 XAT RD . -69.81 -28.25 39.96
C5 XAT RD . -69.47 -28.81 41.35
C6 XAT RD . -68.24 -29.71 41.49
C7 XAT RD . -67.54 -29.54 42.82
C8 XAT RD . -67.64 -30.55 43.69
C9 XAT RD . -67.02 -30.55 45.01
C10 XAT RD . -67.45 -31.45 45.90
C11 XAT RD . -66.92 -31.58 47.25
C12 XAT RD . -67.55 -32.44 48.05
C13 XAT RD . -67.13 -32.71 49.43
C14 XAT RD . -67.85 -33.57 50.16
C15 XAT RD . -67.48 -33.91 51.53
C16 XAT RD . -65.88 -29.68 40.65
C17 XAT RD . -67.46 -31.36 39.80
C18 XAT RD . -69.70 -27.95 42.61
C19 XAT RD . -65.93 -29.58 45.36
C20 XAT RD . -65.89 -32.06 50.00
O3 XAT RD . -69.48 -28.46 37.57
O4 XAT RD . -69.59 -30.22 41.49
C21 XAT RD . -69.78 -40.57 62.63
C22 XAT RD . -70.12 -40.66 64.10
C23 XAT RD . -69.02 -39.99 64.91
C24 XAT RD . -69.21 -38.50 64.71
C25 XAT RD . -69.09 -38.09 63.23
C26 XAT RD . -69.30 -39.18 62.16
C27 XAT RD . -69.91 -38.65 60.88
C28 XAT RD . -69.14 -38.57 59.80
C29 XAT RD . -69.64 -38.08 58.51
C30 XAT RD . -68.77 -37.68 57.58
C31 XAT RD . -69.20 -37.22 56.27
C32 XAT RD . -68.34 -36.55 55.51
C33 XAT RD . -68.69 -36.09 54.15
C34 XAT RD . -67.88 -35.25 53.50
C35 XAT RD . -68.21 -34.82 52.15
C36 XAT RD . -71.01 -40.96 61.82
C37 XAT RD . -68.67 -41.57 62.32
C38 XAT RD . -69.56 -36.71 62.75
C39 XAT RD . -71.11 -38.08 58.22
C40 XAT RD . -69.95 -36.59 53.50
O23 XAT RD . -69.17 -40.31 66.29
O24 XAT RD . -67.99 -38.70 62.54
C1 XAT SD . -65.95 -24.04 52.29
C2 XAT SD . -65.68 -23.92 53.79
C3 XAT SD . -64.23 -24.18 54.07
C4 XAT SD . -63.50 -22.95 53.58
C5 XAT SD . -63.70 -22.69 52.08
C6 XAT SD . -64.94 -23.32 51.38
C7 XAT SD . -65.47 -22.45 50.25
C8 XAT SD . -65.56 -22.98 49.03
C9 XAT SD . -66.06 -22.27 47.83
C10 XAT SD . -67.02 -21.34 47.88
C11 XAT SD . -67.48 -20.69 46.65
C12 XAT SD . -68.31 -19.65 46.69
C13 XAT SD . -68.81 -19.01 45.46
C14 XAT SD . -69.57 -17.91 45.55
C15 XAT SD . -70.10 -17.25 44.36
C16 XAT SD . -67.33 -23.49 52.04
C17 XAT SD . -65.99 -25.52 51.93
C18 XAT SD . -63.37 -21.33 51.46
C19 XAT SD . -65.48 -22.64 46.49
C20 XAT SD . -68.48 -19.60 44.11
O3 XAT SD . -64.04 -24.34 55.48
O4 XAT SD . -63.60 -23.83 51.25
C21 XAT SD . -76.15 -9.86 37.08
C22 XAT SD . -75.73 -9.06 35.86
C23 XAT SD . -76.56 -7.79 35.82
C24 XAT SD . -75.96 -6.88 36.88
C25 XAT SD . -75.89 -7.52 38.28
C26 XAT SD . -76.04 -9.04 38.39
C27 XAT SD . -75.20 -9.62 39.52
C28 XAT SD . -75.79 -10.42 40.40
C29 XAT SD . -75.08 -11.04 41.54
C30 XAT SD . -74.21 -12.03 41.35
C31 XAT SD . -73.56 -12.66 42.49
C32 XAT SD . -72.82 -13.75 42.32
C33 XAT SD . -72.19 -14.41 43.49
C34 XAT SD . -71.35 -15.44 43.32
C35 XAT SD . -70.76 -16.10 44.49
C36 XAT SD . -75.29 -11.11 37.17
C37 XAT SD . -77.59 -10.30 36.91
C38 XAT SD . -74.92 -6.98 39.35
C39 XAT SD . -75.38 -10.57 42.93
C40 XAT SD . -72.54 -13.96 44.87
O23 XAT SD . -76.46 -7.18 34.54
O24 XAT SD . -77.10 -8.12 38.72
C1 XAT TD . -79.06 -17.10 57.71
C2 XAT TD . -78.65 -15.98 58.66
C3 XAT TD . -77.18 -15.67 58.56
C4 XAT TD . -77.01 -15.03 57.20
C5 XAT TD . -77.23 -16.07 56.11
C6 XAT TD . -78.22 -17.20 56.42
C7 XAT TD . -78.98 -17.71 55.20
C8 XAT TD . -78.61 -18.92 54.78
C9 XAT TD . -79.22 -19.61 53.64
C10 XAT TD . -78.51 -20.57 53.02
C11 XAT TD . -79.04 -21.33 51.90
C12 XAT TD . -78.37 -22.41 51.56
C13 XAT TD . -78.81 -23.30 50.47
C14 XAT TD . -78.24 -24.52 50.42
C15 XAT TD . -78.60 -25.54 49.45
C16 XAT TD . -80.52 -16.93 57.34
C17 XAT TD . -78.93 -18.44 58.44
C18 XAT TD . -77.25 -15.69 54.62
C19 XAT TD . -80.62 -19.27 53.21
C20 XAT TD . -79.84 -22.89 49.48
O3 XAT TD . -76.80 -14.76 59.59
O4 XAT TD . -76.80 -17.39 56.44
C21 XAT TD . -78.35 -36.58 42.81
C22 XAT TD . -78.47 -37.53 41.62
C23 XAT TD . -79.44 -36.99 40.62
C24 XAT TD . -78.72 -35.84 39.95
C25 XAT TD . -78.46 -34.70 40.95
C26 XAT TD . -78.36 -35.08 42.44
C27 XAT TD . -77.43 -34.19 43.22
C28 XAT TD . -78.00 -33.36 44.10
C29 XAT TD . -77.22 -32.43 44.94
C30 XAT TD . -77.89 -31.50 45.64
C31 XAT TD . -77.22 -30.54 46.51
C32 XAT TD . -77.99 -29.66 47.12
C33 XAT TD . -77.45 -28.64 48.05
C34 XAT TD . -78.32 -27.75 48.55
C35 XAT TD . -77.94 -26.69 49.49
C36 XAT TD . -77.05 -36.89 43.55
C37 XAT TD . -79.51 -36.85 43.76
C38 XAT TD . -77.55 -33.51 40.62
C39 XAT TD . -75.73 -32.54 45.03
C40 XAT TD . -76.00 -28.61 48.42
O23 XAT TD . -79.74 -38.00 39.64
O24 XAT TD . -79.53 -34.47 41.87
C1 XAT UD . -80.17 -7.18 43.14
C2 XAT UD . -81.60 -6.70 42.93
C3 XAT UD . -82.55 -7.66 43.61
C4 XAT UD . -82.42 -7.39 45.10
C5 XAT UD . -81.01 -7.66 45.60
C6 XAT UD . -79.85 -7.63 44.58
C7 XAT UD . -78.55 -7.14 45.19
C8 XAT UD . -77.60 -8.06 45.33
C9 XAT UD . -76.27 -7.78 45.92
C10 XAT UD . -75.47 -8.82 46.12
C11 XAT UD . -74.14 -8.71 46.70
C12 XAT UD . -73.43 -9.83 46.82
C13 XAT UD . -72.09 -9.83 47.42
C14 XAT UD . -71.49 -11.00 47.65
C15 XAT UD . -70.17 -11.05 48.28
C16 XAT UD . -79.21 -6.06 42.74
C17 XAT UD . -79.90 -8.35 42.21
C18 XAT UD . -80.55 -7.15 46.98
C19 XAT UD . -75.86 -6.39 46.30
C20 XAT UD . -71.42 -8.53 47.77
O3 XAT UD . -83.89 -7.43 43.18
O4 XAT UD . -80.40 -8.85 45.10
C21 XAT UD . -61.23 -17.60 54.92
C22 XAT UD . -60.06 -17.27 55.83
C23 XAT UD . -58.74 -17.45 55.12
C24 XAT UD . -58.71 -16.31 54.12
C25 XAT UD . -59.72 -16.56 53.00
C26 XAT UD . -61.02 -17.29 53.41
C27 XAT UD . -62.31 -17.01 52.62
C28 XAT UD . -62.90 -15.84 52.38
C29 XAT UD . -64.15 -15.80 51.61
C30 XAT UD . -64.60 -14.64 51.11
C31 XAT UD . -65.85 -14.61 50.37
C32 XAT UD . -66.33 -13.44 49.93
C33 XAT UD . -67.62 -13.42 49.22
C34 XAT UD . -68.21 -12.25 48.99
C35 XAT UD . -69.52 -12.20 48.34
C36 XAT UD . -62.46 -16.87 55.47
C37 XAT UD . -61.51 -19.09 55.04
C38 XAT UD . -59.80 -15.57 51.83
C39 XAT UD . -64.95 -17.06 51.41
C40 XAT UD . -68.28 -14.70 48.81
O23 XAT UD . -57.67 -17.33 56.05
O24 XAT UD . -59.95 -17.95 52.71
MG CLA VD . -88.52 -5.76 39.97
CHA CLA VD . -89.15 -9.17 40.11
CHB CLA VD . -91.84 -5.17 39.52
CHC CLA VD . -87.87 -2.39 39.96
CHD CLA VD . -85.08 -6.41 40.44
NA CLA VD . -90.20 -6.99 39.83
C1A CLA VD . -90.26 -8.40 39.93
C2A CLA VD . -91.69 -8.90 39.78
C3A CLA VD . -92.51 -7.60 39.52
C4A CLA VD . -91.46 -6.49 39.63
CMA CLA VD . -93.17 -7.61 38.15
CAA CLA VD . -92.17 -9.56 41.05
CBA CLA VD . -92.59 -11.00 40.82
CGA CLA VD . -92.67 -11.72 42.13
NB CLA VD . -89.65 -4.09 39.82
C1B CLA VD . -90.99 -4.06 39.60
C2B CLA VD . -91.44 -2.65 39.42
C3B CLA VD . -90.32 -1.86 39.54
C4B CLA VD . -89.16 -2.76 39.79
CMB CLA VD . -92.82 -2.28 39.16
CAB CLA VD . -90.20 -0.43 39.45
CBB CLA VD . -89.66 0.38 40.37
NC CLA VD . -86.79 -4.62 40.16
C1C CLA VD . -86.74 -3.25 40.13
C2C CLA VD . -85.38 -2.78 40.30
C3C CLA VD . -84.58 -3.92 40.43
C4C CLA VD . -85.47 -5.07 40.34
CMC CLA VD . -84.99 -1.37 40.33
CAC CLA VD . -83.12 -3.97 40.63
CBC CLA VD . -82.33 -3.57 39.40
ND CLA VD . -87.32 -7.37 40.16
C1D CLA VD . -85.92 -7.50 40.36
C2D CLA VD . -85.59 -8.94 40.46
C3D CLA VD . -86.78 -9.63 40.36
C4D CLA VD . -87.83 -8.60 40.20
CMD CLA VD . -84.22 -9.45 40.63
CAD CLA VD . -87.43 -10.93 40.35
OBD CLA VD . -86.93 -12.05 40.41
CBD CLA VD . -88.96 -10.67 40.22
CGD CLA VD . -89.57 -11.40 39.06
O1D CLA VD . -90.14 -10.91 38.07
O2D CLA VD . -89.46 -12.76 39.13
MG CLA WD . -90.70 -19.52 44.19
CHA CLA WD . -89.98 -16.58 45.89
CHB CLA WD . -87.59 -20.69 44.92
CHC CLA WD . -91.34 -22.30 42.27
CHD CLA WD . -93.89 -18.24 43.39
NA CLA WD . -89.09 -18.75 45.29
C1A CLA WD . -88.97 -17.51 45.92
C2A CLA WD . -87.59 -17.38 46.59
C3A CLA WD . -86.98 -18.79 46.45
C4A CLA WD . -87.94 -19.48 45.47
CMA CLA WD . -85.58 -18.83 45.92
CAA CLA WD . -87.68 -16.99 48.07
CBA CLA WD . -88.32 -18.08 48.91
CGA CLA WD . -89.77 -17.80 49.09
O1A CLA WD . -90.30 -16.86 49.71
O2A CLA WD . -90.58 -18.72 48.49
NB CLA WD . -89.68 -21.19 43.71
C1B CLA WD . -88.39 -21.43 44.03
C2B CLA WD . -87.90 -22.63 43.31
C3B CLA WD . -88.95 -23.09 42.55
C4B CLA WD . -90.10 -22.18 42.82
CMB CLA WD . -86.54 -23.13 43.47
CAB CLA WD . -89.04 -24.22 41.67
CBB CLA WD . -89.25 -24.16 40.35
NC CLA WD . -92.35 -20.18 43.10
C1C CLA WD . -92.40 -21.36 42.41
C2C CLA WD . -93.71 -21.51 41.79
C3C CLA WD . -94.43 -20.34 42.06
C4C CLA WD . -93.56 -19.51 42.89
CMC CLA WD . -94.13 -22.68 40.99
CAC CLA WD . -95.80 -20.03 41.64
CBC CLA WD . -96.83 -20.48 42.65
ND CLA WD . -91.78 -17.87 44.61
C1D CLA WD . -93.08 -17.45 44.18
C2D CLA WD . -93.34 -16.10 44.72
C3D CLA WD . -92.19 -15.72 45.39
C4D CLA WD . -91.24 -16.84 45.27
CMD CLA WD . -94.59 -15.36 44.54
CAD CLA WD . -91.55 -14.69 46.18
OBD CLA WD . -91.99 -13.63 46.60
CBD CLA WD . -90.08 -15.17 46.44
CGD CLA WD . -89.08 -14.27 45.78
O1D CLA WD . -88.58 -13.24 46.22
O2D CLA WD . -88.70 -14.69 44.54
CED CLA WD . -89.43 -14.18 43.41
C1 CLA WD . -91.96 -18.36 48.33
C2 CLA WD . -92.60 -19.42 47.51
MG CLA XD . -77.69 -14.21 37.12
CHA CLA XD . -79.92 -13.75 34.52
CHB CLA XD . -75.26 -15.03 34.88
CHC CLA XD . -75.51 -14.61 39.73
CHD CLA XD . -80.27 -13.40 39.40
NA CLA XD . -77.63 -14.35 35.03
C1A CLA XD . -78.67 -14.12 34.13
C2A CLA XD . -78.21 -14.34 32.69
C3A CLA XD . -76.77 -14.87 32.86
C4A CLA XD . -76.50 -14.74 34.36
CMA CLA XD . -76.69 -16.30 32.39
CAA CLA XD . -78.23 -13.04 31.90
CBA CLA XD . -77.59 -11.89 32.67
CGA CLA XD . -76.12 -11.83 32.35
O1A CLA XD . -75.58 -11.83 31.25
O2A CLA XD . -75.35 -11.76 33.47
NB CLA XD . -75.78 -14.83 37.28
C1B CLA XD . -74.91 -14.94 36.24
C2B CLA XD . -73.51 -14.97 36.73
C3B CLA XD . -73.57 -14.86 38.11
C4B CLA XD . -75.01 -14.76 38.48
CMB CLA XD . -72.37 -15.08 35.82
CAB CLA XD . -72.53 -14.81 39.11
CBB CLA XD . -71.31 -15.34 39.02
NC CLA XD . -77.87 -14.04 39.19
C1C CLA XD . -76.85 -14.27 40.08
C2C CLA XD . -77.33 -14.09 41.45
C3C CLA XD . -78.67 -13.72 41.35
C4C CLA XD . -79.00 -13.70 39.93
CMC CLA XD . -76.54 -14.27 42.67
CAC CLA XD . -79.60 -13.43 42.46
CBC CLA XD . -79.66 -11.95 42.77
ND CLA XD . -79.61 -13.58 37.05
C1D CLA XD . -80.58 -13.36 38.06
C2D CLA XD . -81.88 -13.05 37.43
C3D CLA XD . -81.68 -13.16 36.06
C4D CLA XD . -80.26 -13.53 35.89
CMD CLA XD . -83.10 -12.71 38.18
CAD CLA XD . -82.27 -13.06 34.73
OBD CLA XD . -83.37 -12.67 34.38
CBD CLA XD . -81.18 -13.54 33.72
CGD CLA XD . -81.58 -14.81 33.04
O1D CLA XD . -82.29 -15.71 33.51
O2D CLA XD . -81.09 -14.96 31.79
CED CLA XD . -81.48 -16.12 31.05
C1 CLA XD . -73.91 -11.70 33.25
C2 CLA XD . -73.29 -11.64 34.59
C3 CLA XD . -71.97 -11.58 34.82
C4 CLA XD . -70.99 -11.57 33.72
C5 CLA XD . -71.45 -11.52 36.21
C6 CLA XD . -70.96 -10.13 36.58
C7 CLA XD . -71.21 -9.84 38.05
C8 CLA XD . -70.75 -8.44 38.43
C9 CLA XD . -69.35 -8.16 37.91
MG CLA YD . -66.49 -15.47 40.38
CHA CLA YD . -65.76 -16.20 37.07
CHB CLA YD . -68.54 -12.96 39.37
CHC CLA YD . -67.25 -14.87 43.68
CHD CLA YD . -64.31 -18.08 41.37
NA CLA YD . -67.04 -14.72 38.51
C1A CLA YD . -66.64 -15.16 37.25
C2A CLA YD . -67.30 -14.34 36.15
C3A CLA YD . -68.10 -13.28 36.92
C4A CLA YD . -67.91 -13.67 38.38
CMA CLA YD . -67.61 -11.89 36.63
CAA CLA YD . -68.23 -15.22 35.32
CBA CLA YD . -68.73 -14.50 34.09
CGA CLA YD . -67.57 -13.85 33.40
O1A CLA YD . -66.54 -14.37 32.98
O2A CLA YD . -67.73 -12.51 33.23
NB CLA YD . -67.68 -14.18 41.34
C1B CLA YD . -68.43 -13.21 40.76
C2B CLA YD . -69.14 -12.42 41.81
C3B CLA YD . -68.78 -12.94 43.03
C4B CLA YD . -67.84 -14.08 42.75
CMB CLA YD . -70.02 -11.29 41.48
CAB CLA YD . -69.16 -12.57 44.36
CBB CLA YD . -69.19 -11.32 44.83
NC CLA YD . -65.89 -16.32 42.19
C1C CLA YD . -66.33 -15.93 43.43
C2C CLA YD . -65.71 -16.75 44.46
C3C CLA YD . -64.88 -17.66 43.81
C4C CLA YD . -64.99 -17.39 42.39
CMC CLA YD . -65.96 -16.61 45.90
CAC CLA YD . -64.03 -18.70 44.41
CBC CLA YD . -62.57 -18.31 44.43
ND CLA YD . -65.29 -16.84 39.50
C1D CLA YD . -64.42 -17.84 40.02
C2D CLA YD . -63.75 -18.54 38.91
C3D CLA YD . -64.24 -17.95 37.75
C4D CLA YD . -65.18 -16.91 38.17
CMD CLA YD . -62.79 -19.62 39.06
CAD CLA YD . -64.20 -17.94 36.30
OBD CLA YD . -63.58 -18.67 35.54
CBD CLA YD . -65.15 -16.80 35.81
CGD CLA YD . -64.42 -15.78 34.99
O1D CLA YD . -64.46 -14.56 35.10
O2D CLA YD . -63.61 -16.31 34.03
CED CLA YD . -64.17 -16.51 32.73
C1 CLA YD . -66.62 -11.79 32.65
MG CLA ZD . -65.99 -29.99 53.11
CHA CLA ZD . -63.83 -30.87 55.69
CHB CLA ZD . -63.51 -28.14 51.69
CHC CLA ZD . -68.14 -29.22 50.54
CHD CLA ZD . -68.51 -31.99 54.59
NA CLA ZD . -64.01 -29.56 53.65
C1A CLA ZD . -63.29 -30.02 54.76
C2A CLA ZD . -61.87 -29.45 54.77
C3A CLA ZD . -61.84 -28.51 53.55
C4A CLA ZD . -63.21 -28.73 52.90
CMA CLA ZD . -61.62 -27.07 53.94
CAA CLA ZD . -60.83 -30.54 54.67
CBA CLA ZD . -60.74 -31.11 53.27
CGA CLA ZD . -59.46 -30.70 52.63
O1A CLA ZD . -58.41 -30.36 53.17
O2A CLA ZD . -59.51 -30.71 51.26
NB CLA ZD . -65.86 -28.87 51.45
C1B CLA ZD . -64.73 -28.25 51.01
C2B CLA ZD . -64.99 -27.67 49.66
C3B CLA ZD . -66.30 -27.96 49.32
C4B CLA ZD . -66.87 -28.72 50.47
CMB CLA ZD . -63.97 -26.92 48.92
CAB CLA ZD . -67.06 -27.64 48.15
CBB CLA ZD . -67.13 -26.42 47.59
NC CLA ZD . -67.97 -30.49 52.68
C1C CLA ZD . -68.65 -30.04 51.58
C2C CLA ZD . -70.02 -30.56 51.60
C3C CLA ZD . -70.13 -31.38 52.73
C4C CLA ZD . -68.83 -31.32 53.40
CMC CLA ZD . -71.04 -30.29 50.58
CAC CLA ZD . -71.30 -32.12 53.18
CBC CLA ZD . -71.49 -33.43 52.45
ND CLA ZD . -66.21 -31.13 54.76
C1D CLA ZD . -67.28 -31.93 55.23
C2D CLA ZD . -66.87 -32.64 56.46
C3D CLA ZD . -65.56 -32.25 56.69
C4D CLA ZD . -65.19 -31.33 55.60
CMD CLA ZD . -67.73 -33.54 57.20
CAD CLA ZD . -64.40 -32.38 57.56
OBD CLA ZD . -64.25 -33.03 58.59
CBD CLA ZD . -63.26 -31.52 56.93
CGD CLA ZD . -62.69 -30.53 57.91
O1D CLA ZD . -61.87 -30.74 58.81
O2D CLA ZD . -63.16 -29.26 57.76
CED CLA ZD . -62.96 -28.35 58.83
C1 CLA ZD . -59.76 -31.99 50.66
C2 CLA ZD . -60.11 -31.74 49.24
C3 CLA ZD . -61.32 -31.28 48.86
C4 CLA ZD . -62.40 -30.99 49.84
C5 CLA ZD . -61.64 -31.03 47.43
C6 CLA ZD . -62.86 -31.80 46.96
C7 CLA ZD . -62.48 -32.83 45.92
C8 CLA ZD . -63.58 -33.87 45.73
C9 CLA ZD . -63.44 -34.97 46.76
C10 CLA ZD . -63.55 -34.46 44.32
C11 CLA ZD . -64.82 -35.21 44.02
C12 CLA ZD . -66.05 -34.32 44.13
C13 CLA ZD . -67.35 -35.05 43.82
C14 CLA ZD . -67.11 -36.31 43.02
C15 CLA ZD . -68.32 -34.11 43.11
C16 CLA ZD . -69.37 -34.86 42.30
C17 CLA ZD . -69.93 -33.99 41.19
C18 CLA ZD . -69.79 -34.61 39.81
C19 CLA ZD . -68.56 -35.48 39.69
C20 CLA ZD . -71.02 -35.41 39.44
MG CLA AE . -62.55 -23.55 37.72
CHA CLA AE . -64.74 -21.79 35.69
CHB CLA AE . -60.75 -24.45 34.98
CHC CLA AE . -60.23 -25.00 39.79
CHD CLA AE . -64.45 -22.59 40.54
NA CLA AE . -62.77 -23.22 35.67
C1A CLA AE . -63.73 -22.43 35.03
C2A CLA AE . -63.52 -22.44 33.51
C3A CLA AE . -62.44 -23.54 33.31
C4A CLA AE . -61.92 -23.75 34.74
CMA CLA AE . -63.01 -24.79 32.72
CAA CLA AE . -63.03 -21.09 33.02
CBA CLA AE . -61.80 -20.61 33.78
CGA CLA AE . -61.33 -19.29 33.25
O1A CLA AE . -61.79 -18.64 32.31
O2A CLA AE . -60.26 -18.78 33.93
NB CLA AE . -60.85 -24.59 37.42
C1B CLA AE . -60.20 -24.73 36.23
C2B CLA AE . -58.81 -25.21 36.45
C3B CLA AE . -58.66 -25.36 37.81
C4B CLA AE . -59.95 -24.98 38.45
CMB CLA AE . -57.86 -25.44 35.37
CAB CLA AE . -57.50 -25.81 38.56
CBB CLA AE . -56.89 -25.11 39.52
NC CLA AE . -62.42 -23.81 39.78
C1C CLA AE . -61.39 -24.46 40.41
C2C CLA AE . -61.62 -24.47 41.86
C3C CLA AE . -62.80 -23.76 42.07
C4C CLA AE . -63.29 -23.35 40.76
CMC CLA AE . -60.73 -25.08 42.84
CAC CLA AE . -63.43 -23.49 43.37
CBC CLA AE . -62.98 -22.18 43.96
ND CLA AE . -64.24 -22.52 38.09
C1D CLA AE . -64.91 -22.19 39.30
C2D CLA AE . -66.10 -21.36 38.99
C3D CLA AE . -66.06 -21.15 37.61
C4D CLA AE . -64.89 -21.89 37.11
CMD CLA AE . -67.04 -20.86 39.98
CAD CLA AE . -66.73 -20.55 36.47
OBD CLA AE . -67.76 -19.89 36.42
CBD CLA AE . -65.87 -20.90 35.21
CGD CLA AE . -66.69 -21.53 34.12
O1D CLA AE . -66.95 -22.73 33.96
O2D CLA AE . -67.20 -20.62 33.23
CED CLA AE . -68.13 -21.08 32.26
C1 CLA AE . -60.47 -18.43 35.31
C2 CLA AE . -59.58 -17.27 35.60
C3 CLA AE . -59.79 -16.43 36.64
C4 CLA AE . -58.90 -15.28 36.90
C5 CLA AE . -60.94 -16.63 37.58
C6 CLA AE . -61.86 -15.43 37.65
C7 CLA AE . -61.87 -14.83 39.03
C8 CLA AE . -62.90 -13.72 39.18
C9 CLA AE . -62.71 -12.67 38.10
C10 CLA AE . -62.82 -13.08 40.57
C11 CLA AE . -63.71 -13.79 41.55
C12 CLA AE . -63.22 -13.64 42.98
C13 CLA AE . -61.88 -14.33 43.16
MG CLA BE . -84.44 -25.75 48.80
CHA CLA BE . -86.94 -26.06 46.42
CHB CLA BE . -83.21 -28.80 47.92
CHC CLA BE . -81.98 -25.40 51.18
CHD CLA BE . -85.74 -22.58 49.68
NA CLA BE . -85.00 -27.18 47.40
C1A CLA BE . -86.07 -27.12 46.48
C2A CLA BE . -86.12 -28.39 45.63
C3A CLA BE . -84.93 -29.24 46.14
C4A CLA BE . -84.33 -28.36 47.23
CMA CLA BE . -85.37 -30.58 46.68
CAA CLA BE . -85.95 -28.10 44.16
CBA CLA BE . -86.06 -29.35 43.31
CGA CLA BE . -87.32 -30.09 43.63
O1A CLA BE . -87.49 -31.29 43.85
O2A CLA BE . -88.42 -29.27 43.67
NB CLA BE . -82.85 -26.84 49.38
C1B CLA BE . -82.56 -28.11 48.95
C2B CLA BE . -81.44 -28.67 49.76
C3B CLA BE . -81.09 -27.72 50.69
C4B CLA BE . -81.99 -26.55 50.46
CMB CLA BE . -80.93 -30.02 49.54
CAB CLA BE . -80.11 -27.73 51.74
CBB CLA BE . -79.78 -28.78 52.50
NC CLA BE . -83.96 -24.25 50.18
C1C CLA BE . -82.92 -24.31 51.06
C2C CLA BE . -82.87 -23.10 51.87
C3C CLA BE . -83.93 -22.30 51.44
C4C CLA BE . -84.60 -23.04 50.37
CMC CLA BE . -81.89 -22.83 52.92
CAC CLA BE . -84.30 -20.97 51.96
CBC CLA BE . -85.19 -21.06 53.17
ND CLA BE . -86.01 -24.58 48.30
C1D CLA BE . -86.41 -23.29 48.72
C2D CLA BE . -87.61 -22.88 47.96
C3D CLA BE . -87.87 -23.92 47.07
C4D CLA BE . -86.82 -24.94 47.30
CMD CLA BE . -88.34 -21.63 48.16
CAD CLA BE . -88.73 -24.40 46.01
OBD CLA BE . -89.75 -23.91 45.54
CBD CLA BE . -88.13 -25.77 45.53
CGD CLA BE . -89.15 -26.88 45.55
O1D CLA BE . -89.32 -27.73 46.42
O2D CLA BE . -89.94 -26.91 44.44
CED CLA BE . -91.35 -26.70 44.62
C1 CLA BE . -89.56 -29.67 42.90
C2 CLA BE . -89.54 -28.85 41.65
MG CLA CE . -76.21 -10.22 55.63
CHA CLA CE . -75.82 -8.74 58.74
CHB CLA CE . -79.14 -11.63 56.66
CHC CLA CE . -76.52 -11.73 52.55
CHD CLA CE . -73.09 -8.87 54.64
NA CLA CE . -77.30 -10.14 57.41
C1A CLA CE . -76.98 -9.47 58.60
C2A CLA CE . -78.05 -9.68 59.66
C3A CLA CE . -79.08 -10.60 58.97
C4A CLA CE . -78.48 -10.81 57.57
CMA CLA CE . -79.28 -11.90 59.70
CAA CLA CE . -78.70 -8.36 60.04
NB CLA CE . -77.56 -11.45 54.77
C1B CLA CE . -78.69 -11.91 55.37
C2B CLA CE . -79.42 -12.82 54.42
C3B CLA CE . -78.69 -12.85 53.25
C4B CLA CE . -77.50 -11.97 53.46
CMB CLA CE . -80.68 -13.47 54.78
CAB CLA CE . -78.92 -13.54 52.01
CBB CLA CE . -79.39 -14.79 51.89
NC CLA CE . -75.03 -10.24 53.90
C1C CLA CE . -75.36 -10.91 52.75
C2C CLA CE . -74.34 -10.70 51.74
C3C CLA CE . -73.34 -9.92 52.34
C4C CLA CE . -73.79 -9.64 53.69
CMC CLA CE . -74.35 -11.25 50.38
CAC CLA CE . -72.08 -9.45 51.72
CBC CLA CE . -72.14 -8.00 51.33
ND CLA CE . -74.80 -9.00 56.40
C1D CLA CE . -73.55 -8.55 55.91
C2D CLA CE . -72.88 -7.74 56.95
C3D CLA CE . -73.71 -7.76 58.05
C4D CLA CE . -74.88 -8.58 57.67
CMD CLA CE . -71.59 -7.07 56.79
CAD CLA CE . -73.93 -7.30 59.41
OBD CLA CE . -73.26 -6.53 60.09
CBD CLA CE . -75.23 -7.98 59.92
CGD CLA CE . -74.94 -8.90 61.08
O1D CLA CE . -73.84 -9.35 61.41
O2D CLA CE . -76.03 -9.26 61.80
CED CLA CE . -76.37 -8.46 62.94
MG CLA DE . -57.92 -20.96 48.17
CHA CLA DE . -54.49 -20.49 48.46
CHB CLA DE . -58.41 -17.63 48.65
CHC CLA DE . -61.29 -21.47 47.78
CHD CLA DE . -57.35 -24.44 47.73
NA CLA DE . -56.64 -19.34 48.51
C1A CLA DE . -55.24 -19.35 48.59
C2A CLA DE . -54.70 -17.94 48.84
C3A CLA DE . -55.97 -17.08 48.99
C4A CLA DE . -57.10 -18.07 48.68
CMA CLA DE . -56.10 -16.48 50.37
CAA CLA DE . -53.88 -17.48 47.65
CBA CLA DE . -53.94 -15.99 47.44
CGA CLA DE . -52.60 -15.51 46.96
O1A CLA DE . -52.30 -15.07 45.85
O2A CLA DE . -51.64 -15.61 47.91
NB CLA DE . -59.55 -19.78 48.24
C1B CLA DE . -59.54 -18.43 48.39
C2B CLA DE . -60.92 -17.90 48.26
C3B CLA DE . -61.75 -18.97 48.02
C4B CLA DE . -60.88 -20.18 48.01
CMB CLA DE . -61.24 -16.47 48.38
CAB CLA DE . -63.17 -18.98 47.81
CBB CLA DE . -64.06 -19.74 48.45
NC CLA DE . -59.10 -22.65 47.82
C1C CLA DE . -60.46 -22.62 47.69
C2C CLA DE . -60.95 -23.97 47.46
C3C CLA DE . -59.86 -24.82 47.44
C4C CLA DE . -58.68 -23.98 47.67
CMC CLA DE . -62.37 -24.29 47.26
CAC CLA DE . -59.87 -26.28 47.24
CBC CLA DE . -59.53 -26.66 45.82
ND CLA DE . -56.33 -22.22 48.06
C1D CLA DE . -56.24 -23.63 47.90
C2D CLA DE . -54.82 -24.03 47.95
C3D CLA DE . -54.09 -22.86 48.15
C4D CLA DE . -55.09 -21.76 48.23
CMD CLA DE . -54.31 -25.39 47.80
CAD CLA DE . -52.78 -22.26 48.33
OBD CLA DE . -51.68 -22.80 48.32
CBD CLA DE . -52.99 -20.74 48.55
CGD CLA DE . -52.43 -20.25 49.86
O1D CLA DE . -52.97 -20.27 50.97
O2D CLA DE . -51.18 -19.73 49.76
CED CLA DE . -50.08 -20.56 50.12
C1 CLA DE . -50.49 -14.74 47.79
C2 CLA DE . -50.67 -13.62 48.74
C3 CLA DE . -50.61 -13.75 50.08
C4 CLA DE . -50.33 -15.04 50.74
C5 CLA DE . -50.80 -12.57 50.98
C6 CLA DE . -52.12 -11.86 50.76
C7 CLA DE . -51.89 -10.46 50.23
C8 CLA DE . -51.29 -9.54 51.29
C9 CLA DE . -52.28 -9.29 52.41
C10 CLA DE . -50.84 -8.22 50.68
C11 CLA DE . -49.39 -7.92 50.99
MG CLA EE . -64.70 -9.53 52.02
CHA CLA EE . -62.01 -10.63 53.93
CHB CLA EE . -66.00 -7.97 54.75
CHC CLA EE . -67.25 -8.36 50.04
CHD CLA EE . -63.32 -11.21 49.22
NA CLA EE . -64.09 -9.37 54.01
C1A CLA EE . -62.94 -9.89 54.61
C2A CLA EE . -62.89 -9.53 56.09
C3A CLA EE . -64.25 -8.86 56.35
C4A CLA EE . -64.84 -8.70 54.94
CMA CLA EE . -65.14 -9.70 57.23
CAA CLA EE . -61.74 -8.57 56.39
CBA CLA EE . -61.66 -7.46 55.36
NB CLA EE . -66.35 -8.45 52.35
C1B CLA EE . -66.62 -7.78 53.50
C2B CLA EE . -67.71 -6.79 53.28
C3B CLA EE . -68.07 -6.88 51.95
C4B CLA EE . -67.22 -7.95 51.34
CMB CLA EE . -68.24 -5.90 54.32
CAB CLA EE . -69.07 -6.16 51.21
CBB CLA EE . -68.83 -5.41 50.12
NC CLA EE . -65.20 -9.77 50.00
C1C CLA EE . -66.30 -9.22 49.41
C2C CLA EE . -66.36 -9.60 48.01
C3C CLA EE . -65.23 -10.39 47.76
C4C CLA EE . -64.51 -10.49 49.03
CMC CLA EE . -67.40 -9.19 47.07
CAC CLA EE . -64.85 -11.03 46.49
CBC CLA EE . -65.38 -12.45 46.38
ND CLA EE . -63.05 -10.63 51.59
C1D CLA EE . -62.62 -11.28 50.40
C2D CLA EE . -61.34 -11.99 50.68
C3D CLA EE . -61.05 -11.75 52.01
C4D CLA EE . -62.15 -10.92 52.53
CMD CLA EE . -60.58 -12.73 49.68
CAD CLA EE . -60.12 -11.98 53.11
OBD CLA EE . -59.05 -12.58 53.10
CBD CLA EE . -60.73 -11.31 54.38
CGD CLA EE . -60.98 -12.31 55.46
O1D CLA EE . -62.05 -12.88 55.73
O2D CLA EE . -59.89 -12.58 56.23
CED CLA EE . -60.06 -13.44 57.36
MG CLA FE . -56.16 -24.50 26.78
CHA CLA FE . -57.19 -24.19 30.09
CHB CLA FE . -53.85 -22.05 27.27
CHC CLA FE . -55.16 -24.88 23.52
CHD CLA FE . -58.58 -27.03 26.33
NA CLA FE . -55.63 -23.32 28.42
C1A CLA FE . -56.17 -23.35 29.72
C2A CLA FE . -55.49 -22.31 30.62
C3A CLA FE . -54.50 -21.60 29.67
C4A CLA FE . -54.65 -22.37 28.35
CMA CLA FE . -54.81 -20.13 29.51
CAA CLA FE . -54.74 -22.99 31.75
CBA CLA FE . -54.62 -22.10 32.96
CGA CLA FE . -54.07 -22.89 34.11
O1A CLA FE . -53.11 -23.66 34.12
O2A CLA FE . -54.76 -22.68 35.27
NB CLA FE . -54.76 -23.64 25.62
C1B CLA FE . -53.91 -22.65 26.00
C2B CLA FE . -53.02 -22.28 24.86
C3B CLA FE . -53.38 -23.08 23.80
C4B CLA FE . -54.50 -23.96 24.27
CMB CLA FE . -51.99 -21.25 24.95
CAB CLA FE . -52.86 -23.13 22.46
CBB CLA FE . -53.57 -22.89 21.35
NC CLA FE . -56.78 -25.72 25.21
C1C CLA FE . -56.23 -25.71 23.96
C2C CLA FE . -56.90 -26.69 23.11
C3C CLA FE . -57.87 -27.30 23.89
C4C CLA FE . -57.78 -26.69 25.22
CMC CLA FE . -56.59 -26.94 21.71
CAC CLA FE . -58.81 -28.35 23.48
CBC CLA FE . -58.53 -29.70 24.10
ND CLA FE . -57.60 -25.40 27.87
C1D CLA FE . -58.50 -26.46 27.58
C2D CLA FE . -59.29 -26.78 28.78
C3D CLA FE . -58.85 -25.93 29.77
C4D CLA FE . -57.78 -25.10 29.15
CMD CLA FE . -60.33 -27.81 28.82
CAD CLA FE . -59.00 -25.50 31.15
OBD CLA FE . -59.79 -25.88 32.00
CBD CLA FE . -57.90 -24.41 31.41
CGD CLA FE . -58.48 -23.13 31.96
O1D CLA FE . -58.33 -22.66 33.09
O2D CLA FE . -59.24 -22.44 31.07
CED CLA FE . -59.20 -21.02 31.13
C1 CLA FE . -54.21 -23.30 36.46
C1 LMG GE . -56.49 -31.26 19.85
O1 LMG GE . -55.71 -30.60 20.83
C2 LMG GE . -57.93 -30.81 20.00
O2 LMG GE . -58.36 -30.99 21.35
C3 LMG GE . -58.74 -31.68 19.10
O3 LMG GE . -60.12 -31.36 19.25
C4 LMG GE . -58.30 -31.37 17.68
O4 LMG GE . -58.55 -30.01 17.42
C5 LMG GE . -56.81 -31.58 17.52
O5 LMG GE . -54.97 -31.08 16.06
C6 LMG GE . -56.39 -31.03 16.18
O6 LMG GE . -56.10 -30.89 18.54
C7 LMG GE . -54.45 -31.26 20.95
C8 LMG GE . -53.76 -30.74 22.21
C9 LMG GE . -52.44 -30.13 21.81
O7 LMG GE . -54.59 -29.76 22.81
C10 LMG GE . -54.39 -29.68 24.25
O9 LMG GE . -53.99 -30.64 24.85
C11 LMG GE . -54.68 -28.40 24.99
C12 LMG GE . -54.97 -28.72 26.45
C13 LMG GE . -54.48 -27.59 27.34
C14 LMG GE . -55.02 -27.75 28.75
C15 LMG GE . -54.38 -26.74 29.68
C16 LMG GE . -54.87 -26.94 31.11
O8 LMG GE . -51.85 -30.97 20.82
C28 LMG GE . -50.48 -30.78 20.42
O10 LMG GE . -50.25 -30.21 19.36
C29 LMG GE . -49.35 -31.28 21.27
C30 LMG GE . -48.31 -31.92 20.36
C31 LMG GE . -46.91 -31.68 20.91
C32 LMG GE . -46.93 -30.50 21.86
C33 LMG GE . -45.73 -30.54 22.80
C34 LMG GE . -46.10 -29.99 24.18
C35 LMG GE . -44.83 -29.74 24.99
C36 LMG GE . -45.02 -30.20 26.43
C1 XAT HE . 82.64 18.62 -30.09
C2 XAT HE . 83.50 18.25 -28.88
C3 XAT HE . 82.81 18.66 -27.59
C4 XAT HE . 81.66 17.68 -27.43
C5 XAT HE . 80.62 17.92 -28.53
C6 XAT HE . 81.12 18.49 -29.88
C7 XAT HE . 80.31 17.99 -31.07
C8 XAT HE . 79.70 18.93 -31.78
C9 XAT HE . 78.89 18.64 -32.97
C10 XAT HE . 78.70 19.63 -33.85
C11 XAT HE . 77.90 19.50 -35.06
C12 XAT HE . 77.90 20.53 -35.90
C13 XAT HE . 77.16 20.53 -37.16
C14 XAT HE . 77.26 21.59 -37.97
C15 XAT HE . 76.56 21.67 -39.25
C16 XAT HE . 83.06 17.74 -31.26
C17 XAT HE . 82.95 20.05 -30.48
C18 XAT HE . 79.43 16.97 -28.75
C19 XAT HE . 78.28 17.28 -33.19
C20 XAT HE . 76.28 19.37 -37.53
O3 XAT HE . 83.72 18.53 -26.49
O4 XAT HE . 80.44 19.29 -28.90
C21 XAT HE . 71.64 28.06 -48.80
C22 XAT HE . 70.16 27.84 -49.06
C23 XAT HE . 70.02 26.99 -50.30
C24 XAT HE . 70.39 25.58 -49.90
C25 XAT HE . 71.76 25.46 -49.19
C26 XAT HE . 72.43 26.75 -48.69
C27 XAT HE . 73.20 26.55 -47.41
C28 XAT HE . 74.53 26.44 -47.40
C29 XAT HE . 75.22 26.27 -46.11
C30 XAT HE . 75.34 25.06 -45.55
C31 XAT HE . 76.03 24.95 -44.27
C32 XAT HE . 75.70 23.96 -43.43
C33 XAT HE . 76.39 23.84 -42.14
C34 XAT HE . 76.08 22.84 -41.30
C35 XAT HE . 76.77 22.72 -40.02
C36 XAT HE . 71.80 28.86 -47.51
C37 XAT HE . 72.21 28.88 -49.95
C38 XAT HE . 72.08 24.25 -48.30
C39 XAT HE . 75.80 27.48 -45.43
C40 XAT HE . 77.45 24.84 -41.75
O23 XAT HE . 68.67 27.02 -50.75
O24 XAT HE . 72.84 26.06 -49.89
C1 A1L1G IE . 65.42 52.87 -22.02
C5 A1L1G IE . 64.66 55.27 -21.99
C4 A1L1G IE . 67.22 52.99 -20.30
C3 A1L1G IE . 67.10 54.72 -22.10
C2 A1L1G IE . 64.26 51.13 -23.57
C10 A1L1G IE . 65.66 51.04 -20.28
C11 A1L1G IE . 65.80 52.52 -20.58
C12 A1L1G IE . 65.62 54.32 -24.07
C14 A1L1G IE . 58.53 37.85 -34.79
C17 A1L1G IE . 55.70 36.93 -34.65
C18 A1L1G IE . 57.95 39.06 -37.72
C19 A1L1G IE . 59.92 37.55 -37.45
C20 A1L1G IE . 56.49 36.77 -35.92
C21 A1L1G IE . 55.73 36.67 -37.20
C22 A1L1G IE . 56.59 35.96 -38.22
C23 A1L1G IE . 57.87 36.72 -38.51
C24 A1L1G IE . 58.39 37.63 -37.39
C25 A1L1G IE . 57.90 37.22 -36.00
C26 A1L1G IE . 60.31 38.44 -32.58
C27 A1L1G IE . 63.21 42.70 -30.78
C28 A1L1G IE . 60.91 49.42 -28.26
C29 A1L1G IE . 59.15 39.04 -34.73
C30 A1L1G IE . 60.01 39.42 -33.69
C31 A1L1G IE . 60.62 40.66 -33.67
C32 A1L1G IE . 61.35 41.25 -32.66
C33 A1L1G IE . 61.09 42.44 -32.01
C34 A1L1G IE . 61.97 43.27 -31.34
C35 A1L1G IE . 61.76 44.65 -31.15
C36 A1L1G IE . 62.38 45.50 -30.27
C37 A1L1G IE . 61.90 46.62 -29.58
C38 A1L1G IE . 62.47 47.86 -29.39
C39 A1L1G IE . 62.24 48.77 -28.35
C40 A1L1G IE . 63.20 49.11 -27.38
C41 A1L1G IE . 63.01 49.68 -26.15
C42 A1L1G IE . 63.05 51.02 -25.80
C43 A1L1G IE . 62.42 52.74 -24.13
C44 A1L1G IE . 63.26 51.59 -24.54
C45 A1L1G IE . 64.86 51.98 -22.78
C6 A1L1G IE . 65.70 54.29 -22.53
C8 A1L1G IE . 67.40 54.46 -20.63
O13 A1L1G IE . 60.93 37.30 -33.11
O15 A1L1G IE . 57.58 35.81 -35.83
O16 A1L1G IE . 55.87 35.78 -39.43
O7 A1L1G IE . 68.74 54.85 -20.33
O9 A1L1G IE . 64.98 53.27 -19.66
C1 XAT JE . 68.65 36.83 -29.61
C2 XAT JE . 69.79 37.10 -28.66
C3 XAT JE . 69.25 37.47 -27.30
C4 XAT JE . 68.74 36.19 -26.70
C5 XAT JE . 67.67 35.50 -27.55
C6 XAT JE . 67.58 35.86 -29.05
C7 XAT JE . 67.15 34.67 -29.90
C8 XAT JE . 66.05 34.81 -30.64
C9 XAT JE . 65.48 33.75 -31.51
C10 XAT JE . 66.22 33.06 -32.39
C11 XAT JE . 65.60 32.06 -33.25
C12 XAT JE . 66.37 31.40 -34.13
C13 XAT JE . 65.84 30.38 -35.06
C14 XAT JE . 66.66 29.47 -35.59
C15 XAT JE . 66.20 28.48 -36.55
C16 XAT JE . 69.20 36.31 -30.92
C17 XAT JE . 67.99 38.16 -29.92
C18 XAT JE . 67.31 34.02 -27.32
C19 XAT JE . 64.01 33.49 -31.44
C20 XAT JE . 64.39 30.40 -35.45
O3 XAT JE . 70.31 38.01 -26.50
O4 XAT JE . 66.65 36.35 -28.06
C21 XAT JE . 64.78 19.84 -44.50
C22 XAT JE . 63.71 18.85 -44.90
C23 XAT JE . 64.37 17.62 -45.48
C24 XAT JE . 64.94 16.86 -44.30
C25 XAT JE . 65.94 17.69 -43.49
C26 XAT JE . 65.91 19.23 -43.65
C27 XAT JE . 66.30 19.95 -42.38
C28 XAT JE . 67.22 20.90 -42.50
C29 XAT JE . 67.73 21.74 -41.39
C30 XAT JE . 66.98 22.74 -40.91
C31 XAT JE . 67.48 23.59 -39.84
C32 XAT JE . 66.75 24.61 -39.41
C33 XAT JE . 67.25 25.52 -38.37
C34 XAT JE . 66.46 26.50 -37.89
C35 XAT JE . 66.96 27.44 -36.89
C36 XAT JE . 64.14 21.00 -43.76
C37 XAT JE . 65.39 20.41 -45.77
C38 XAT JE . 66.33 17.29 -42.06
C39 XAT JE . 69.09 21.47 -40.83
C40 XAT JE . 68.66 25.39 -37.88
O23 XAT JE . 63.40 16.82 -46.15
O24 XAT JE . 66.91 18.39 -44.27
C1 XAT KE . 78.90 32.52 -37.74
C2 XAT KE . 79.79 32.77 -36.54
C3 XAT KE . 81.22 32.44 -36.93
C4 XAT KE . 81.68 33.60 -37.79
C5 XAT KE . 80.79 33.82 -39.02
C6 XAT KE . 79.39 33.21 -39.04
C7 XAT KE . 78.39 34.08 -39.79
C8 XAT KE . 77.60 33.50 -40.70
C9 XAT KE . 76.60 34.22 -41.50
C10 XAT KE . 75.60 34.92 -40.95
C11 XAT KE . 74.62 35.59 -41.80
C12 XAT KE . 73.41 35.88 -41.34
C13 XAT KE . 72.44 36.55 -42.21
C14 XAT KE . 71.55 37.43 -41.70
C15 XAT KE . 70.60 38.11 -42.55
C16 XAT KE . 77.49 32.98 -37.41
C17 XAT KE . 78.83 31.02 -37.99
C18 XAT KE . 80.82 35.16 -39.78
C19 XAT KE . 76.69 34.12 -43.00
C20 XAT KE . 72.41 36.25 -43.68
O3 XAT KE . 82.04 32.35 -35.76
O4 XAT KE . 80.48 32.65 -39.77
C21 XAT KE . 61.16 46.91 -45.03
C22 XAT KE . 60.00 47.47 -45.85
C23 XAT KE . 59.82 46.71 -47.14
C24 XAT KE . 59.30 45.34 -46.71
C25 XAT KE . 60.44 44.58 -46.03
C26 XAT KE . 61.46 45.42 -45.24
C27 XAT KE . 62.11 44.68 -44.09
C28 XAT KE . 63.36 44.26 -44.30
C29 XAT KE . 64.17 43.55 -43.29
C30 XAT KE . 65.28 42.91 -43.71
C31 XAT KE . 66.16 42.20 -42.79
C32 XAT KE . 67.07 41.36 -43.28
C33 XAT KE . 67.98 40.63 -42.40
C34 XAT KE . 68.82 39.70 -42.90
C35 XAT KE . 69.75 39.00 -42.04
C36 XAT KE . 60.85 47.12 -43.55
C37 XAT KE . 62.41 47.71 -45.35
C38 XAT KE . 60.24 43.20 -45.40
C39 XAT KE . 63.77 43.54 -41.84
C40 XAT KE . 68.01 40.94 -40.93
O23 XAT KE . 58.85 47.36 -47.98
O24 XAT KE . 61.74 44.89 -46.55
C1 XAT LE . 68.18 30.76 -23.60
C2 XAT LE . 68.43 31.58 -22.34
C3 XAT LE . 69.79 31.28 -21.74
C4 XAT LE . 70.78 31.89 -22.71
C5 XAT LE . 70.76 31.11 -24.03
C6 XAT LE . 69.43 30.45 -24.44
C7 XAT LE . 69.28 30.43 -25.94
C8 XAT LE . 69.28 29.22 -26.52
C9 XAT LE . 69.17 29.05 -27.97
C10 XAT LE . 69.35 27.82 -28.47
C11 XAT LE . 69.31 27.56 -29.90
C12 XAT LE . 69.76 26.38 -30.33
C13 XAT LE . 69.79 26.07 -31.76
C14 XAT LE . 70.38 24.94 -32.17
C15 XAT LE . 70.44 24.64 -33.59
C16 XAT LE . 67.16 31.49 -24.46
C17 XAT LE . 67.54 29.43 -23.19
C18 XAT LE . 71.56 31.58 -25.25
C19 XAT LE . 68.89 30.21 -28.87
C20 XAT LE . 69.18 27.01 -32.76
O3 XAT LE . 69.93 31.88 -20.46
O4 XAT LE . 70.54 29.70 -23.89
C21 XAT LE . 71.96 19.50 -45.05
C22 XAT LE . 72.20 19.40 -46.56
C23 XAT LE . 72.99 20.60 -47.07
C24 XAT LE . 74.37 20.43 -46.49
C25 XAT LE . 74.32 20.67 -44.98
C26 XAT LE . 73.02 20.28 -44.26
C27 XAT LE . 73.25 19.84 -42.82
C28 XAT LE . 72.72 20.64 -41.90
C29 XAT LE . 72.84 20.41 -40.45
C30 XAT LE . 72.37 21.37 -39.64
C31 XAT LE . 72.42 21.30 -38.19
C32 XAT LE . 71.75 22.23 -37.53
C33 XAT LE . 71.72 22.31 -36.06
C34 XAT LE . 71.14 23.38 -35.49
C35 XAT LE . 71.08 23.57 -34.05
C36 XAT LE . 71.86 18.09 -44.48
C37 XAT LE . 70.61 20.18 -44.83
C38 XAT LE . 75.54 20.47 -44.07
C39 XAT LE . 73.43 19.14 -39.89
C40 XAT LE . 72.34 21.22 -35.23
O23 XAT LE . 73.06 20.56 -48.49
O24 XAT LE . 73.35 21.64 -44.57
MG CLA ME . 73.42 18.11 -53.79
CHA CLA ME . 72.36 21.33 -54.49
CHB CLA ME . 74.96 17.95 -56.82
CHC CLA ME . 74.53 14.95 -52.99
CHD CLA ME . 71.79 18.31 -50.65
NA CLA ME . 73.61 19.44 -55.38
C1A CLA ME . 73.10 20.74 -55.49
C2A CLA ME . 73.47 21.37 -56.83
C3A CLA ME . 74.20 20.23 -57.58
C4A CLA ME . 74.28 19.11 -56.54
CMA CLA ME . 73.45 19.79 -58.82
CAA CLA ME . 74.38 22.58 -56.64
CBA CLA ME . 75.66 22.49 -57.43
CGA CLA ME . 76.75 21.86 -56.62
O1A CLA ME . 76.88 21.82 -55.40
O2A CLA ME . 77.72 21.28 -57.39
NB CLA ME . 74.55 16.72 -54.71
C1B CLA ME . 75.09 16.84 -55.95
C2B CLA ME . 75.84 15.60 -56.31
C3B CLA ME . 75.72 14.75 -55.22
C4B CLA ME . 74.89 15.45 -54.21
CMB CLA ME . 76.53 15.42 -57.58
CAB CLA ME . 76.24 13.42 -55.02
CBB CLA ME . 77.47 13.01 -55.32
NC CLA ME . 73.18 16.86 -52.13
C1C CLA ME . 73.72 15.61 -52.01
C2C CLA ME . 73.37 15.02 -50.73
C3C CLA ME . 72.59 15.96 -50.05
C4C CLA ME . 72.48 17.12 -50.94
CMC CLA ME . 73.78 13.68 -50.28
CAC CLA ME . 71.99 15.84 -48.71
CBC CLA ME . 70.80 14.91 -48.68
ND CLA ME . 72.29 19.44 -52.78
C1D CLA ME . 71.69 19.40 -51.48
C2D CLA ME . 70.99 20.69 -51.25
C3D CLA ME . 71.21 21.46 -52.37
C4D CLA ME . 72.03 20.65 -53.29
CMD CLA ME . 70.23 21.01 -50.04
CAD CLA ME . 70.95 22.73 -53.04
OBD CLA ME . 70.27 23.68 -52.66
CBD CLA ME . 71.72 22.70 -54.39
CGD CLA ME . 70.82 22.99 -55.57
O1D CLA ME . 70.36 22.19 -56.39
O2D CLA ME . 70.52 24.31 -55.71
CED CLA ME . 70.82 24.93 -56.96
C1 CLA ME . 78.81 22.12 -57.81
C2 CLA ME . 78.88 22.06 -59.28
C3 CLA ME . 77.91 22.55 -60.08
MG CLA NE . 74.84 31.34 -53.76
CHA CLA NE . 72.21 33.52 -54.42
CHB CLA NE . 75.42 31.02 -57.09
CHC CLA NE . 77.43 29.20 -53.03
CHD CLA NE . 74.22 31.74 -50.29
NA CLA NE . 73.94 32.15 -55.46
C1A CLA NE . 72.86 33.04 -55.54
C2A CLA NE . 72.54 33.39 -56.99
C3A CLA NE . 73.55 32.55 -57.80
C4A CLA NE . 74.38 31.85 -56.73
CMA CLA NE . 72.86 31.56 -58.71
CAA CLA NE . 72.77 34.87 -57.26
CBA CLA NE . 74.06 35.35 -56.61
CGA CLA NE . 74.49 36.65 -57.19
O1A CLA NE . 73.95 37.76 -57.09
O2A CLA NE . 75.65 36.56 -57.91
NB CLA NE . 76.18 30.32 -54.84
C1B CLA NE . 76.26 30.31 -56.21
C2B CLA NE . 77.36 29.41 -56.64
C3B CLA NE . 77.93 28.90 -55.51
C4B CLA NE . 77.19 29.46 -54.34
CMB CLA NE . 77.71 29.18 -58.05
CAB CLA NE . 79.03 27.98 -55.36
CBB CLA NE . 78.94 26.75 -54.84
NC CLA NE . 75.66 30.60 -51.98
C1C CLA NE . 76.71 29.73 -51.92
C2C CLA NE . 77.03 29.42 -50.53
C3C CLA NE . 76.13 30.15 -49.74
C4C CLA NE . 75.27 30.89 -50.67
CMC CLA NE . 78.09 28.51 -50.09
CAC CLA NE . 76.04 30.16 -48.27
CBC CLA NE . 76.86 31.28 -47.67
ND CLA NE . 73.53 32.33 -52.57
C1D CLA NE . 73.40 32.43 -51.17
C2D CLA NE . 72.27 33.33 -50.85
C3D CLA NE . 71.76 33.76 -52.06
C4D CLA NE . 72.59 33.13 -53.10
CMD CLA NE . 71.82 33.64 -49.49
CAD CLA NE . 70.77 34.57 -52.73
OBD CLA NE . 69.86 35.26 -52.25
CBD CLA NE . 71.04 34.46 -54.27
CGD CLA NE . 69.83 34.04 -55.06
O1D CLA NE . 69.57 32.92 -55.50
O2D CLA NE . 68.95 35.05 -55.29
CED CLA NE . 69.33 36.04 -56.26
MG CLA OE . 63.80 23.97 -45.97
CHA CLA OE . 62.66 22.87 -49.05
CHB CLA OE . 60.63 23.78 -44.74
CHC CLA OE . 64.99 25.00 -42.92
CHD CLA OE . 67.08 24.16 -47.31
NA CLA OE . 61.96 23.42 -46.79
C1A CLA OE . 61.69 22.98 -48.10
C2A CLA OE . 60.21 22.68 -48.28
C3A CLA OE . 59.58 23.12 -46.94
C4A CLA OE . 60.80 23.46 -46.07
CMA CLA OE . 58.68 24.31 -47.13
CAA CLA OE . 59.98 21.20 -48.54
CBA CLA OE . 60.73 20.32 -47.56
CGA CLA OE . 59.92 20.06 -46.34
O1A CLA OE . 58.87 19.43 -46.23
O2A CLA OE . 60.43 20.66 -45.23
NB CLA OE . 62.96 24.38 -44.19
C1B CLA OE . 61.67 24.13 -43.85
C2B CLA OE . 61.48 24.30 -42.38
C3B CLA OE . 62.71 24.64 -41.86
C4B CLA OE . 63.66 24.70 -43.00
CMB CLA OE . 60.18 24.09 -41.74
CAB CLA OE . 63.14 24.92 -40.51
CBB CLA OE . 62.43 24.82 -39.39
NC CLA OE . 65.69 24.49 -45.25
C1C CLA OE . 65.95 24.91 -43.97
C2C CLA OE . 67.36 25.21 -43.83
C3C CLA OE . 67.96 24.95 -45.06
C4C CLA OE . 66.90 24.50 -45.95
CMC CLA OE . 68.00 25.69 -42.60
CAC CLA OE . 69.38 25.10 -45.42
CBC CLA OE . 70.12 23.78 -45.33
ND CLA OE . 64.73 23.57 -47.72
C1D CLA OE . 66.07 23.72 -48.15
C2D CLA OE . 66.17 23.33 -49.58
C3D CLA OE . 64.89 22.99 -49.96
C4D CLA OE . 64.03 23.17 -48.78
CMD CLA OE . 67.40 23.34 -50.36
CAD CLA OE . 64.05 22.52 -51.05
OBD CLA OE . 64.34 22.18 -52.20
CBD CLA OE . 62.58 22.48 -50.51
CGD CLA OE . 61.73 23.45 -51.29
O1D CLA OE . 62.11 24.44 -51.92
O2D CLA OE . 60.40 23.17 -51.26
CED CLA OE . 59.50 24.28 -51.31
C1 CLA OE . 59.83 20.38 -43.94
C2 CLA OE . 60.98 20.08 -43.06
C3 CLA OE . 60.93 19.86 -41.75
C4 CLA OE . 59.66 19.89 -40.98
C5 CLA OE . 62.19 19.55 -41.01
C6 CLA OE . 62.23 20.09 -39.59
C7 CLA OE . 62.42 18.96 -38.59
C8 CLA OE . 63.62 18.08 -38.91
C9 CLA OE . 63.59 16.84 -38.01
C10 CLA OE . 64.92 18.84 -38.72
C11 CLA OE . 66.09 17.94 -38.41
C12 CLA OE . 67.10 18.61 -37.50
C13 CLA OE . 68.38 19.00 -38.23
C14 CLA OE . 68.91 17.84 -39.04
C15 CLA OE . 69.44 19.52 -37.28
MG CLA PE . 61.27 25.17 -34.55
CHA CLA PE . 57.93 24.47 -35.17
CHB CLA PE . 62.18 22.68 -36.69
CHC CLA PE . 64.56 26.00 -34.01
CHD CLA PE . 60.26 27.70 -32.30
NA CLA PE . 60.21 23.81 -35.73
C1A CLA PE . 58.81 23.70 -35.87
C2A CLA PE . 58.44 22.60 -36.86
C3A CLA PE . 59.81 21.98 -37.24
C4A CLA PE . 60.82 22.89 -36.53
CMA CLA PE . 59.90 20.57 -36.76
CAA CLA PE . 57.79 23.21 -38.09
CBA CLA PE . 57.52 22.20 -39.17
CGA CLA PE . 56.30 21.41 -38.84
O1A CLA PE . 55.14 21.80 -38.73
O2A CLA PE . 56.56 20.08 -38.63
NB CLA PE . 63.02 24.51 -35.27
C1B CLA PE . 63.20 23.44 -36.07
C2B CLA PE . 64.65 23.12 -36.19
C3B CLA PE . 65.33 24.04 -35.44
C4B CLA PE . 64.30 24.94 -34.83
CMB CLA PE . 65.15 22.00 -37.01
CAB CLA PE . 66.74 24.21 -35.19
CBB CLA PE . 67.60 23.23 -34.94
NC CLA PE . 62.23 26.60 -33.37
C1C CLA PE . 63.59 26.77 -33.32
C2C CLA PE . 63.91 27.88 -32.42
C3C CLA PE . 62.70 28.35 -31.93
C4C CLA PE . 61.65 27.54 -32.52
CMC CLA PE . 65.27 28.35 -32.14
CAC CLA PE . 62.50 29.47 -30.99
CBC CLA PE . 61.89 30.68 -31.68
ND CLA PE . 59.54 25.92 -33.81
C1D CLA PE . 59.28 26.95 -32.89
C2D CLA PE . 57.80 27.07 -32.71
C3D CLA PE . 57.24 26.15 -33.57
C4D CLA PE . 58.37 25.46 -34.24
CMD CLA PE . 57.14 28.00 -31.80
CAD CLA PE . 56.01 25.55 -34.07
OBD CLA PE . 54.86 25.80 -33.77
CBD CLA PE . 56.42 24.47 -35.12
CGD CLA PE . 55.90 23.11 -34.78
O1D CLA PE . 56.13 22.44 -33.77
O2D CLA PE . 55.06 22.58 -35.73
C1 CLA PE . 55.61 19.36 -37.84
C2 CLA PE . 56.09 17.96 -37.76
C3 CLA PE . 57.30 17.64 -37.26
MG CLA QE . 67.60 42.96 -30.05
CHA CLA QE . 68.70 44.34 -27.06
CHB CLA QE . 65.94 40.55 -28.33
CHC CLA QE . 66.53 41.66 -33.04
CHD CLA QE . 69.36 45.49 -31.80
NA CLA QE . 67.39 42.52 -28.02
C1A CLA QE . 67.92 43.21 -26.92
C2A CLA QE . 67.50 42.56 -25.61
C3A CLA QE . 66.70 41.31 -26.05
C4A CLA QE . 66.67 41.45 -27.57
CMA CLA QE . 67.36 40.03 -25.60
CAA CLA QE . 66.61 43.48 -24.80
CBA CLA QE . 65.49 44.04 -25.64
CGA CLA QE . 65.73 45.51 -25.88
O1A CLA QE . 65.67 46.43 -25.07
O2A CLA QE . 66.05 45.80 -27.17
NB CLA QE . 66.48 41.38 -30.58
C1B CLA QE . 65.83 40.55 -29.73
C2B CLA QE . 64.99 39.59 -30.50
C3B CLA QE . 65.15 39.90 -31.84
C4B CLA QE . 66.10 41.04 -31.90
CMB CLA QE . 64.17 38.56 -29.85
CAB CLA QE . 64.57 39.30 -33.02
CBB CLA QE . 64.39 37.99 -33.22
NC CLA QE . 67.91 43.48 -32.05
C1C CLA QE . 67.37 42.81 -33.12
C2C CLA QE . 67.79 43.42 -34.37
C3C CLA QE . 68.59 44.52 -34.02
C4C CLA QE . 68.65 44.54 -32.56
CMC CLA QE . 67.42 42.97 -35.70
CAC CLA QE . 69.25 45.46 -34.94
CBC CLA QE . 68.45 46.75 -35.10
ND CLA QE . 68.75 44.56 -29.61
C1D CLA QE . 69.41 45.52 -30.42
C2D CLA QE . 70.11 46.49 -29.56
C3D CLA QE . 69.86 46.10 -28.25
C4D CLA QE . 69.02 44.89 -28.34
CMD CLA QE . 70.88 47.63 -30.05
CAD CLA QE . 70.06 46.37 -26.84
OBD CLA QE . 70.64 47.31 -26.30
CBD CLA QE . 69.37 45.23 -26.04
CGD CLA QE . 70.35 44.46 -25.20
O1D CLA QE . 70.33 44.30 -23.97
O2D CLA QE . 71.36 43.90 -25.91
CED CLA QE . 72.66 43.87 -25.32
C1 CLA QE . 65.10 45.42 -28.20
MG CLA RE . 57.27 49.06 -25.45
CHA CLA RE . 59.92 49.26 -23.22
CHB CLA RE . 55.48 51.22 -23.53
CHC CLA RE . 54.71 48.88 -27.75
CHD CLA RE . 59.12 46.71 -27.36
NA CLA RE . 57.67 50.07 -23.68
C1A CLA RE . 58.83 50.04 -22.91
C2A CLA RE . 58.70 50.94 -21.67
C3A CLA RE . 57.26 51.48 -21.77
C4A CLA RE . 56.75 50.91 -23.09
CMA CLA RE . 56.42 51.05 -20.60
CAA CLA RE . 59.70 52.09 -21.72
CBA CLA RE . 60.62 52.07 -20.51
CGA CLA RE . 61.50 53.28 -20.54
O1A CLA RE . 62.72 53.35 -20.41
O2A CLA RE . 60.80 54.44 -20.72
NB CLA RE . 55.46 49.92 -25.63
C1B CLA RE . 54.89 50.73 -24.71
C2B CLA RE . 53.49 51.05 -25.12
C3B CLA RE . 53.26 50.39 -26.31
C4B CLA RE . 54.51 49.67 -26.65
CMB CLA RE . 52.62 51.91 -24.32
CAB CLA RE . 52.09 50.36 -27.14
CBB CLA RE . 51.28 51.39 -27.41
NC CLA RE . 56.99 48.00 -27.24
C1C CLA RE . 55.88 48.11 -28.03
C2C CLA RE . 56.03 47.27 -29.21
C3C CLA RE . 57.26 46.63 -29.09
C4C CLA RE . 57.86 47.10 -27.85
CMC CLA RE . 55.05 47.15 -30.30
CAC CLA RE . 57.87 45.68 -30.04
CBC CLA RE . 57.40 44.26 -29.82
ND CLA RE . 59.08 48.17 -25.38
C1D CLA RE . 59.72 47.19 -26.21
C2D CLA RE . 61.04 46.86 -25.63
C3D CLA RE . 61.19 47.65 -24.51
C4D CLA RE . 59.93 48.43 -24.39
CMD CLA RE . 61.98 45.90 -26.20
CAD CLA RE . 62.04 48.02 -23.40
OBD CLA RE . 63.18 47.66 -23.14
CBD CLA RE . 61.24 49.03 -22.53
CGD CLA RE . 61.03 48.52 -21.13
O1D CLA RE . 59.97 48.17 -20.60
O2D CLA RE . 62.17 48.43 -20.39
CED CLA RE . 62.06 48.10 -19.01
C1 CLA RE . 60.19 55.02 -19.55
MG CLA SE . 54.12 30.62 -33.06
CHA CLA SE . 54.25 28.45 -35.76
CHB CLA SE . 50.74 30.21 -32.89
CHC CLA SE . 54.09 32.60 -30.26
CHD CLA SE . 57.62 31.10 -33.37
NA CLA SE . 52.75 29.51 -34.17
C1A CLA SE . 53.00 28.65 -35.24
C2A CLA SE . 51.71 28.03 -35.78
C3A CLA SE . 50.61 28.77 -34.98
C4A CLA SE . 51.40 29.55 -33.92
CMA CLA SE . 49.85 29.69 -35.90
CAA CLA SE . 51.67 26.54 -35.50
CBA CLA SE . 51.68 26.22 -34.02
CGA CLA SE . 52.00 24.76 -33.81
O1A CLA SE . 52.38 23.94 -34.66
O2A CLA SE . 51.86 24.35 -32.52
NB CLA SE . 52.69 31.29 -31.82
C1B CLA SE . 51.37 30.97 -31.89
C2B CLA SE . 50.64 31.58 -30.74
C3B CLA SE . 51.59 32.26 -29.99
C4B CLA SE . 52.89 32.08 -30.67
CMB CLA SE . 49.21 31.43 -30.54
CAB CLA SE . 51.45 33.02 -28.78
CBB CLA SE . 50.65 32.74 -27.74
NC CLA SE . 55.59 31.67 -32.02
C1C CLA SE . 55.35 32.42 -30.89
C2C CLA SE . 56.60 33.00 -30.41
C3C CLA SE . 57.60 32.58 -31.29
C4C CLA SE . 56.95 31.75 -32.31
CMC CLA SE . 56.73 33.84 -29.22
CAC CLA SE . 59.04 32.91 -31.22
CBC CLA SE . 59.37 34.20 -31.93
ND CLA SE . 55.63 29.98 -34.26
C1D CLA SE . 57.01 30.27 -34.29
C2D CLA SE . 57.64 29.53 -35.41
C3D CLA SE . 56.62 28.79 -35.99
C4D CLA SE . 55.40 29.12 -35.25
CMD CLA SE . 59.06 29.57 -35.74
CAD CLA SE . 56.26 27.85 -37.04
OBD CLA SE . 56.96 27.31 -37.88
CBD CLA SE . 54.73 27.62 -36.93
CGD CLA SE . 54.01 28.02 -38.19
O1D CLA SE . 53.75 29.17 -38.58
O2D CLA SE . 53.63 26.98 -38.99
CED CLA SE . 53.07 27.29 -40.26
C1 CLA SE . 52.78 24.90 -31.56
C2 CLA SE . 53.15 23.79 -30.64
C3 CLA SE . 54.13 23.91 -29.73
MG CLA TE . 60.70 39.90 -46.33
CHA CLA TE . 57.54 40.25 -47.72
CHB CLA TE . 62.04 39.80 -49.46
CHC CLA TE . 63.83 39.67 -44.92
CHD CLA TE . 59.25 40.04 -43.11
NA CLA TE . 59.90 40.00 -48.25
C1A CLA TE . 58.56 40.15 -48.63
C2A CLA TE . 58.40 40.18 -50.14
C3A CLA TE . 59.83 39.88 -50.66
C4A CLA TE . 60.67 39.90 -49.38
CMA CLA TE . 59.92 38.55 -51.35
CAA CLA TE . 57.97 41.56 -50.60
CBA CLA TE . 58.61 42.67 -49.78
CGA CLA TE . 59.98 42.99 -50.28
O1A CLA TE . 60.33 43.24 -51.44
O2A CLA TE . 60.94 42.99 -49.31
NB CLA TE . 62.57 39.67 -47.05
C1B CLA TE . 62.91 39.79 -48.36
C2B CLA TE . 64.39 39.92 -48.49
C3B CLA TE . 64.91 39.89 -47.22
C4B CLA TE . 63.76 39.73 -46.28
CMB CLA TE . 65.05 40.06 -49.79
CAB CLA TE . 66.28 39.99 -46.76
CBB CLA TE . 67.34 39.46 -47.37
NC CLA TE . 61.39 39.84 -44.37
C1C CLA TE . 62.71 39.72 -44.01
C2C CLA TE . 62.84 39.68 -42.56
C3C CLA TE . 61.55 39.82 -42.05
C4C CLA TE . 60.64 39.92 -43.19
CMC CLA TE . 64.09 39.56 -41.83
CAC CLA TE . 61.15 39.85 -40.63
CBC CLA TE . 60.83 41.27 -40.17
ND CLA TE . 58.87 40.16 -45.53
C1D CLA TE . 58.40 40.16 -44.19
C2D CLA TE . 56.92 40.29 -44.19
C3D CLA TE . 56.54 40.34 -45.52
C4D CLA TE . 57.79 40.24 -46.30
CMD CLA TE . 56.09 40.36 -42.99
CAD CLA TE . 55.44 40.46 -46.45
OBD CLA TE . 54.25 40.62 -46.24
CBD CLA TE . 56.04 40.34 -47.89
CGD CLA TE . 55.54 39.12 -48.59
O1D CLA TE . 55.35 38.00 -48.11
O2D CLA TE . 55.27 39.29 -49.92
CED CLA TE . 55.21 38.13 -50.75
C1 CLA TE . 62.24 43.44 -49.75
C2 CLA TE . 63.20 43.43 -48.63
C3 CLA TE . 64.46 43.88 -48.74
C4 CLA TE . 65.00 44.43 -50.01
C5 CLA TE . 65.39 43.87 -47.58
C6 CLA TE . 66.03 45.23 -47.38
C7 CLA TE . 66.19 45.54 -45.91
C8 CLA TE . 67.54 46.14 -45.57
C10 CLA TE . 67.86 45.96 -44.09
MG CLA UE . 72.91 39.21 -48.15
CHA CLA UE . 70.83 40.17 -50.78
CHB CLA UE . 74.56 37.09 -50.24
CHC CLA UE . 74.76 38.09 -45.47
CHD CLA UE . 71.14 41.38 -46.01
NA CLA UE . 72.73 38.77 -50.20
C1A CLA UE . 71.79 39.25 -51.12
C2A CLA UE . 72.05 38.62 -52.50
C3A CLA UE . 73.41 37.91 -52.33
C4A CLA UE . 73.59 37.90 -50.81
CMA CLA UE . 73.51 36.55 -52.94
CAA CLA UE . 72.11 39.61 -53.65
CBA CLA UE . 72.94 40.83 -53.32
CGA CLA UE . 72.32 42.04 -53.93
O1A CLA UE . 72.63 43.22 -53.82
O2A CLA UE . 71.24 41.73 -54.73
NB CLA UE . 74.35 37.82 -47.90
C1B CLA UE . 74.87 37.03 -48.87
C2B CLA UE . 75.89 36.12 -48.29
C3B CLA UE . 75.95 36.40 -46.95
C4B CLA UE . 74.99 37.51 -46.68
CMB CLA UE . 76.67 35.17 -49.09
CAB CLA UE . 76.80 35.85 -45.93
CBB CLA UE . 78.13 35.82 -45.97
NC CLA UE . 72.98 39.71 -46.13
C1C CLA UE . 73.83 39.15 -45.21
C2C CLA UE . 73.61 39.74 -43.90
C3C CLA UE . 72.55 40.64 -44.04
C4C CLA UE . 72.16 40.61 -45.44
CMC CLA UE . 74.36 39.39 -42.69
CAC CLA UE . 71.96 41.49 -42.99
CBC CLA UE . 72.37 42.94 -43.11
ND CLA UE . 71.47 40.61 -48.33
C1D CLA UE . 70.79 41.39 -47.35
C2D CLA UE . 69.73 42.16 -47.99
C3D CLA UE . 69.71 41.76 -49.31
C4D CLA UE . 70.78 40.75 -49.46
CMD CLA UE . 68.88 43.14 -47.31
CAD CLA UE . 69.11 41.95 -50.62
OBD CLA UE . 68.30 42.79 -51.00
CBD CLA UE . 69.70 40.85 -51.54
CGD CLA UE . 68.61 39.88 -51.86
O1D CLA UE . 67.96 39.20 -51.05
O2D CLA UE . 68.31 39.78 -53.19
CED CLA UE . 67.71 40.91 -53.82
MG CLA VE . 80.20 26.08 -36.55
CHA CLA VE . 82.95 25.58 -34.49
CHB CLA VE . 82.02 28.22 -38.47
CHC CLA VE . 77.44 26.52 -38.57
CHD CLA VE . 78.35 23.82 -34.55
NA CLA VE . 82.17 26.78 -36.47
C1A CLA VE . 83.16 26.44 -35.54
C2A CLA VE . 84.47 27.17 -35.85
C3A CLA VE . 84.13 28.02 -37.11
C4A CLA VE . 82.67 27.66 -37.39
CMA CLA VE . 84.31 29.50 -36.85
CAA CLA VE . 85.58 26.19 -36.20
NB CLA VE . 79.81 27.16 -38.20
C1B CLA VE . 80.68 27.98 -38.84
C2B CLA VE . 80.02 28.63 -40.01
C3B CLA VE . 78.73 28.15 -40.04
C4B CLA VE . 78.57 27.22 -38.88
CMB CLA VE . 80.69 29.57 -40.89
CAB CLA VE . 77.65 28.45 -40.95
CBB CLA VE . 77.00 29.61 -41.00
NC CLA VE . 78.26 25.31 -36.55
C1C CLA VE . 77.29 25.63 -37.46
C2C CLA VE . 76.06 24.91 -37.16
C3C CLA VE . 76.31 24.14 -36.03
C4C CLA VE . 77.70 24.39 -35.65
CMC CLA VE . 74.82 25.00 -37.93
CAC CLA VE . 75.39 23.23 -35.34
CBC CLA VE . 74.62 23.90 -34.23
ND CLA VE . 80.50 24.95 -34.90
C1D CLA VE . 79.65 24.07 -34.18
C2D CLA VE . 80.41 23.51 -33.03
C3D CLA VE . 81.67 24.06 -33.10
C4D CLA VE . 81.68 24.94 -34.28
CMD CLA VE . 79.86 22.57 -32.05
CAD CLA VE . 82.99 24.13 -32.49
OBD CLA VE . 83.41 23.57 -31.49
CBD CLA VE . 83.84 25.11 -33.36
CGD CLA VE . 84.36 26.26 -32.54
O1D CLA VE . 83.87 26.73 -31.52
O2D CLA VE . 85.52 26.80 -33.01
CED CLA VE . 86.75 26.19 -32.64
MG CLA WE . 62.03 32.86 -23.90
CHA CLA WE . 61.22 32.89 -20.52
CHB CLA WE . 63.67 29.91 -23.48
CHC CLA WE . 62.87 32.90 -27.24
CHD CLA WE . 60.30 35.92 -24.31
NA CLA WE . 62.37 31.61 -22.25
C1A CLA WE . 61.95 31.81 -20.93
C2A CLA WE . 62.41 30.65 -20.05
C3A CLA WE . 63.15 29.70 -21.02
C4A CLA WE . 63.06 30.45 -22.36
CMA CLA WE . 64.58 29.45 -20.61
CAA CLA WE . 61.23 29.95 -19.39
CBA CLA WE . 60.96 28.56 -19.90
CGA CLA WE . 60.12 27.85 -18.89
O1A CLA WE . 60.44 27.48 -17.75
O2A CLA WE . 58.84 27.61 -19.30
NB CLA WE . 63.08 31.65 -25.12
C1B CLA WE . 63.68 30.49 -24.76
C2B CLA WE . 64.35 29.87 -25.95
C3B CLA WE . 64.13 30.72 -27.01
C4B CLA WE . 63.32 31.86 -26.50
CMB CLA WE . 65.07 28.60 -25.85
CAB CLA WE . 64.52 30.66 -28.40
CBB CLA WE . 65.43 29.85 -28.95
NC CLA WE . 61.63 34.17 -25.49
C1C CLA WE . 62.07 33.98 -26.76
C2C CLA WE . 61.61 35.07 -27.61
C3C CLA WE . 60.89 35.94 -26.79
C4C CLA WE . 60.91 35.36 -25.45
CMC CLA WE . 61.90 35.15 -29.04
CAC CLA WE . 60.20 37.19 -27.17
CBC CLA WE . 61.09 38.22 -27.81
ND CLA WE . 60.94 34.12 -22.76
C1D CLA WE . 60.30 35.36 -23.05
C2D CLA WE . 59.70 35.88 -21.80
C3D CLA WE . 60.02 34.98 -20.81
C4D CLA WE . 60.80 33.91 -21.45
CMD CLA WE . 58.94 37.12 -21.71
CAD CLA WE . 59.88 34.65 -19.40
OBD CLA WE . 59.27 35.25 -18.51
CBD CLA WE . 60.68 33.34 -19.16
CGD CLA WE . 61.75 33.55 -18.12
O1D CLA WE . 61.61 34.12 -17.03
O2D CLA WE . 62.97 33.06 -18.42
CED CLA WE . 63.97 33.07 -17.40
C1 CLA WE . 57.78 28.12 -18.47
C2 CLA WE . 56.54 27.42 -18.88
C3 CLA WE . 55.37 28.04 -19.06
C4 CLA WE . 55.21 29.50 -18.87
C5 CLA WE . 54.16 27.28 -19.48
C6 CLA WE . 54.48 25.87 -19.92
MG CLA XE . 72.15 23.02 -28.17
CHA CLA XE . 72.37 24.72 -25.15
CHB CLA XE . 75.48 22.32 -28.03
CHC CLA XE . 71.85 21.29 -31.13
CHD CLA XE . 68.70 23.80 -28.29
NA CLA XE . 73.67 23.46 -26.80
C1A CLA XE . 73.56 24.18 -25.59
C2A CLA XE . 74.91 24.27 -24.89
C3A CLA XE . 75.88 23.54 -25.86
C4A CLA XE . 74.95 23.05 -26.99
CMA CLA XE . 76.97 24.43 -26.38
CAA CLA XE . 74.89 23.55 -23.56
CBA CLA XE . 74.58 22.07 -23.73
CGA CLA XE . 73.40 21.69 -22.91
O1A CLA XE . 73.27 21.69 -21.68
O2A CLA XE . 72.32 21.29 -23.66
NB CLA XE . 73.42 21.99 -29.36
C1B CLA XE . 74.75 21.82 -29.13
C2B CLA XE . 75.36 21.01 -30.23
C3B CLA XE . 74.34 20.72 -31.10
C4B CLA XE . 73.10 21.35 -30.57
CMB CLA XE . 76.76 20.64 -30.26
CAB CLA XE . 74.37 19.96 -32.33
CBB CLA XE . 73.67 18.85 -32.56
NC CLA XE . 70.57 22.62 -29.47
C1C CLA XE . 70.67 21.89 -30.62
C2C CLA XE . 69.36 21.80 -31.28
C3C CLA XE . 68.47 22.52 -30.48
C4C CLA XE . 69.24 23.03 -29.35
CMC CLA XE . 69.10 21.10 -32.53
CAC CLA XE . 67.03 22.73 -30.72
CBC CLA XE . 66.74 24.08 -31.32
ND CLA XE . 70.80 24.01 -27.04
C1D CLA XE . 69.42 24.25 -27.21
C2D CLA XE . 68.92 25.05 -26.06
C3D CLA XE . 70.01 25.25 -25.24
C4D CLA XE . 71.16 24.59 -25.89
CMD CLA XE . 67.53 25.50 -25.88
CAD CLA XE . 70.50 25.83 -24.00
OBD CLA XE . 69.89 26.45 -23.14
CBD CLA XE . 72.03 25.53 -23.92
CGD CLA XE . 72.82 26.80 -23.83
O1D CLA XE . 73.19 27.53 -24.75
O2D CLA XE . 73.13 27.17 -22.55
CED CLA XE . 73.28 28.57 -22.28
C1 A1L1G YE . -61.99 24.50 47.79
C5 A1L1G YE . -59.65 23.56 47.83
C4 A1L1G YE . -62.44 24.45 50.26
C3 A1L1G YE . -61.48 22.44 49.12
C2 A1L1G YE . -63.03 25.24 45.52
C10 A1L1G YE . -63.26 26.38 48.92
C11 A1L1G YE . -62.17 25.35 49.06
C12 A1L1G YE . -61.45 22.33 46.62
C14 A1L1G YE . -61.39 14.21 29.16
C17 A1L1G YE . -64.22 14.39 28.14
C18 A1L1G YE . -60.39 15.79 26.63
C19 A1L1G YE . -59.26 13.63 27.13
C20 A1L1G YE . -63.08 14.03 27.23
C21 A1L1G YE . -63.30 14.26 25.77
C22 A1L1G YE . -62.32 13.38 25.02
C23 A1L1G YE . -60.88 13.80 25.28
C24 A1L1G YE . -60.58 14.27 26.70
C25 A1L1G YE . -61.70 13.97 27.71
C26 A1L1G YE . -60.45 14.33 31.85
C27 A1L1G YE . -60.91 16.91 36.22
C28 A1L1G YE . -63.72 22.95 39.36
C29 A1L1G YE . -61.49 15.36 29.83
C30 A1L1G YE . -61.23 15.44 31.19
C31 A1L1G YE . -61.66 16.50 31.98
C32 A1L1G YE . -61.42 16.73 33.32
C33 A1L1G YE . -61.81 17.80 34.10
C34 A1L1G YE . -61.69 17.93 35.49
C35 A1L1G YE . -62.26 18.98 36.22
C36 A1L1G YE . -61.79 19.58 37.37
C37 A1L1G YE . -62.21 20.71 38.06
C38 A1L1G YE . -62.23 20.97 39.43
C39 A1L1G YE . -62.76 22.08 40.09
C40 A1L1G YE . -62.44 22.43 41.41
C41 A1L1G YE . -63.22 23.08 42.35
C42 A1L1G YE . -62.81 23.96 43.34
C43 A1L1G YE . -64.62 23.39 44.93
C44 A1L1G YE . -63.44 24.21 44.55
C45 A1L1G YE . -62.53 24.88 46.67
C6 A1L1G YE . -61.15 23.22 47.84
C8 A1L1G YE . -61.44 23.31 50.37
O13 A1L1G YE . -61.28 13.61 32.73
O15 A1L1G YE . -62.45 12.75 27.48
O16 A1L1G YE . -62.58 13.44 23.62
O7 A1L1G YE . -61.75 22.51 51.52
O9 A1L1G YE . -60.93 26.02 49.37
C1 XAT ZE . -25.48 29.26 33.65
C2 XAT ZE . -24.32 29.28 34.63
C3 XAT ZE . -24.36 28.07 35.53
C4 XAT ZE . -23.95 26.91 34.64
C5 XAT ZE . -25.00 26.66 33.55
C6 XAT ZE . -25.86 27.87 33.11
C7 XAT ZE . -26.29 27.80 31.66
C8 XAT ZE . -27.57 27.48 31.45
C9 XAT ZE . -28.16 27.38 30.11
C10 XAT ZE . -29.40 26.90 30.00
C11 XAT ZE . -30.08 26.79 28.72
C12 XAT ZE . -31.37 26.48 28.74
C13 XAT ZE . -32.18 26.37 27.52
C14 XAT ZE . -33.51 26.38 27.65
C15 XAT ZE . -34.41 26.31 26.50
C16 XAT ZE . -25.14 30.16 32.48
C17 XAT ZE . -26.71 29.85 34.33
C18 XAT ZE . -24.75 25.69 32.39
C19 XAT ZE . -27.40 27.83 28.89
C20 XAT ZE . -31.53 26.26 26.17
O3 XAT ZE . -23.43 28.21 36.60
O4 XAT ZE . -26.36 26.84 33.98
C21 XAT ZE . -45.63 28.30 20.59
C22 XAT ZE . -46.86 28.18 19.71
C23 XAT ZE . -46.70 27.02 18.76
C24 XAT ZE . -46.87 25.78 19.62
C25 XAT ZE . -45.71 25.66 20.63
C26 XAT ZE . -45.01 26.97 21.05
C27 XAT ZE . -44.45 26.93 22.46
C28 XAT ZE . -43.13 26.89 22.56
C29 XAT ZE . -42.40 26.88 23.83
C30 XAT ZE . -41.08 26.68 23.79
C31 XAT ZE . -40.23 26.66 24.96
C32 XAT ZE . -38.94 26.48 24.79
C33 XAT ZE . -37.99 26.47 25.90
C34 XAT ZE . -36.67 26.38 25.64
C35 XAT ZE . -35.71 26.42 26.74
C36 XAT ZE . -46.00 29.11 21.83
C37 XAT ZE . -44.57 29.08 19.84
C38 XAT ZE . -45.72 24.63 21.77
C39 XAT ZE . -43.10 27.10 25.13
C40 XAT ZE . -38.49 26.59 27.32
O23 XAT ZE . -47.74 27.05 17.77
O24 XAT ZE . -44.43 26.05 20.11
C1 XAT AF . -43.82 27.86 34.00
C2 XAT AF . -42.45 27.63 34.61
C3 XAT AF . -42.41 26.29 35.30
C4 XAT AF . -42.36 25.27 34.17
C5 XAT AF . -43.63 25.31 33.32
C6 XAT AF . -44.43 26.63 33.30
C7 XAT AF . -45.13 26.87 31.97
C8 XAT AF . -46.45 26.73 31.98
C9 XAT AF . -47.30 26.92 30.80
C10 XAT AF . -48.56 26.47 30.88
C11 XAT AF . -49.55 26.60 29.84
C12 XAT AF . -50.77 26.17 30.16
C13 XAT AF . -51.93 26.23 29.26
C14 XAT AF . -53.11 25.84 29.75
C15 XAT AF . -54.34 25.89 28.97
C16 XAT AF . -43.73 29.01 33.00
C17 XAT AF . -44.78 28.31 35.09
C18 XAT AF . -43.73 24.57 31.99
C19 XAT AF . -46.80 27.61 29.57
C20 XAT AF . -51.80 26.72 27.85
O3 XAT AF . -41.25 26.17 36.12
O4 XAT AF . -44.84 25.49 34.07
C21 XAT AF . -67.10 24.31 26.83
C22 XAT AF . -68.38 24.01 26.07
C23 XAT AF . -68.15 24.11 24.58
C24 XAT AF . -67.28 22.93 24.24
C25 XAT AF . -65.87 23.15 24.79
C26 XAT AF . -65.79 23.95 26.11
C27 XAT AF . -64.64 23.52 27.01
C28 XAT AF . -63.62 24.35 27.16
C29 XAT AF . -62.48 24.03 28.03
C30 XAT AF . -61.39 24.82 27.97
C31 XAT AF . -60.22 24.61 28.82
C32 XAT AF . -59.06 25.11 28.42
C33 XAT AF . -57.83 24.96 29.22
C34 XAT AF . -56.72 25.60 28.81
C35 XAT AF . -55.48 25.53 29.55
C36 XAT AF . -67.14 23.55 28.16
C37 XAT AF . -67.07 25.79 27.14
C38 XAT AF . -64.77 22.08 24.71
C39 XAT AF . -62.54 22.88 28.98
C40 XAT AF . -57.83 24.14 30.48
O23 XAT AF . -69.39 24.02 23.88
O24 XAT AF . -65.46 24.52 24.83
C8 A1L1F BF . -38.72 11.96 16.92
C5 A1L1F BF . -41.11 10.19 16.78
C4 A1L1F BF . -39.30 13.36 16.81
C6 A1L1F BF . -40.81 11.10 17.95
C10 A1L1F BF . -41.40 14.70 16.59
C11 A1L1F BF . -40.80 13.30 16.60
C2 A1L1F BF . -43.28 13.42 19.02
C3 A1L1F BF . -39.31 11.24 18.11
C1 A1L1F BF . -41.37 12.47 17.71
C12 A1L1F BF . -41.40 10.53 19.22
C14 A1L1F BF . -52.34 13.89 35.66
C17 A1L1F BF . -50.35 12.55 37.13
C18 A1L1F BF . -51.44 16.63 37.22
C19 A1L1F BF . -53.80 16.10 36.95
C20 A1L1F BF . -51.29 13.37 38.01
C21 A1L1F BF . -50.71 14.24 39.11
C22 A1L1F BF . -51.87 14.75 39.94
C23 A1L1F BF . -52.74 15.69 39.12
C24 A1L1F BF . -52.52 15.65 37.62
C25 A1L1F BF . -52.16 14.25 37.11
C26 A1L1F BF . -53.20 13.44 32.90
C27 A1L1F BF . -51.33 14.09 27.92
C28 A1L1F BF . -44.99 15.57 25.14
C29 A1L1F BF . -51.72 14.54 34.69
C30 A1L1F BF . -51.94 14.14 33.28
C31 A1L1F BF . -50.99 14.43 32.39
C32 A1L1F BF . -51.05 14.10 30.97
C33 A1L1F BF . -50.26 14.79 30.17
C34 A1L1F BF . -50.16 14.55 28.73
C35 A1L1F BF . -48.97 14.76 28.16
C36 A1L1F BF . -48.71 14.53 26.74
C37 A1L1F BF . -47.53 14.89 26.25
C38 A1L1F BF . -47.23 14.61 24.85
C39 A1L1F BF . -46.04 14.92 24.32
C40 A1L1F BF . -45.79 14.57 22.91
C41 A1L1F BF . -44.57 14.28 22.48
C42 A1L1F BF . -44.41 13.92 21.08
C43 A1L1F BF . -41.95 14.14 21.11
C44 A1L1F BF . -43.24 13.82 20.44
C45 A1L1F BF . -54.32 11.35 33.74
C47 A1L1F BF . -54.19 9.97 34.34
C48 A1L1F BF . -55.46 9.68 35.12
C49 A1L1F BF . -56.19 8.48 34.50
C50 A1L1F BF . -57.65 8.84 34.22
C51 A1L1F BF . -58.51 7.58 34.14
C52 A1L1F BF . -57.73 6.42 33.56
C53 A1L1F BF . -58.25 6.05 32.19
C54 A1L1F BF . -36.61 12.12 15.84
C56 A1L1F BF . -37.34 11.78 14.59
C57 A1L1F BF . -42.30 12.94 18.40
O13 A1L1F BF . -53.13 12.11 33.39
O15 A1L1F BF . -52.70 13.22 37.93
O16 A1L1F BF . -51.35 15.46 41.07
O46 A1L1F BF . -55.42 11.83 33.53
O55 A1L1F BF . -35.43 12.45 15.85
O7 A1L1F BF . -37.32 12.07 17.11
O9 A1L1F BF . -41.06 12.70 15.34
MG CLA CF . -60.59 8.28 25.08
CHA CLA CF . -58.43 8.29 22.37
CHB CLA CF . -62.70 6.23 23.38
CHC CLA CF . -62.64 8.23 27.84
CHD CLA CF . -58.33 10.37 26.83
NA CLA CF . -60.55 7.43 23.18
C1A CLA CF . -59.56 7.55 22.20
C2A CLA CF . -59.92 6.74 20.95
C3A CLA CF . -61.34 6.21 21.26
C4A CLA CF . -61.57 6.64 22.71
CMA CLA CF . -62.34 6.80 20.30
CAA CLA CF . -58.96 5.59 20.77
CBA CLA CF . -58.92 4.70 22.01
CGA CLA CF . -57.55 4.14 22.21
O1A CLA CF . -56.85 3.51 21.43
O2A CLA CF . -57.05 4.42 23.46
NB CLA CF . -62.34 7.41 25.53
C1B CLA CF . -63.04 6.56 24.71
C2B CLA CF . -64.25 6.06 25.43
C3B CLA CF . -64.23 6.62 26.69
C4B CLA CF . -63.02 7.49 26.77
CMB CLA CF . -65.21 5.14 24.82
CAB CLA CF . -65.15 6.47 27.79
CBB CLA CF . -66.47 6.71 27.72
NC CLA CF . -60.51 9.17 26.97
C1C CLA CF . -61.47 9.03 27.94
C2C CLA CF . -61.09 9.79 29.13
C3C CLA CF . -59.86 10.38 28.86
C4C CLA CF . -59.50 9.98 27.50
CMC CLA CF . -61.89 9.88 30.36
CAC CLA CF . -59.07 11.24 29.75
CBC CLA CF . -57.95 10.47 30.42
ND CLA CF . -58.81 9.19 24.73
C1D CLA CF . -57.98 10.02 25.54
C2D CLA CF . -56.78 10.40 24.76
C3D CLA CF . -56.90 9.77 23.54
C4D CLA CF . -58.17 9.02 23.58
CMD CLA CF . -55.71 11.26 25.26
CAD CLA CF . -56.30 9.53 22.24
OBD CLA CF . -55.25 9.96 21.78
CBD CLA CF . -57.25 8.58 21.46
CGD CLA CF . -57.71 9.19 20.16
O1D CLA CF . -57.99 10.38 19.94
O2D CLA CF . -57.81 8.31 19.13
CED CLA CF . -58.41 8.77 17.91
C1 CLA CF . -57.20 3.41 24.48
C2 CLA CF . -56.14 2.39 24.24
C3 CLA CF . -54.86 2.59 24.56
C4 CLA CF . -53.82 1.55 24.31
C5 CLA CF . -54.38 3.86 25.18
C6 CLA CF . -53.76 3.65 26.55
C7 CLA CF . -52.76 4.75 26.86
C8 CLA CF . -51.50 4.62 26.02
C9 CLA CF . -50.67 3.44 26.49
C10 CLA CF . -50.69 5.91 26.03
C11 CLA CF . -49.55 5.91 27.01
C12 CLA CF . -49.92 6.56 28.33
C13 CLA CF . -48.72 6.67 29.25
C14 CLA CF . -49.14 6.97 30.68
C15 CLA CF . -47.73 7.73 28.76
C16 CLA CF . -46.49 7.77 29.62
MG CLA DF . -62.12 21.81 22.45
CHA CLA DF . -64.14 20.37 20.03
CHB CLA DF . -61.84 24.62 20.53
CHC CLA DF . -60.19 23.24 24.92
CHD CLA DF . -62.51 18.92 24.44
NA CLA DF . -62.88 22.37 20.58
C1A CLA DF . -63.72 21.64 19.73
C2A CLA DF . -64.03 22.43 18.46
C3A CLA DF . -63.19 23.71 18.60
C4A CLA DF . -62.58 23.58 20.00
CMA CLA DF . -62.13 23.82 17.52
CAA CLA DF . -65.51 22.81 18.33
CBA CLA DF . -66.27 22.88 19.64
CGA CLA DF . -65.84 24.01 20.53
O1A CLA DF . -65.88 24.04 21.76
O2A CLA DF . -65.34 25.09 19.86
NB CLA DF . -61.22 23.59 22.70
C1B CLA DF . -61.21 24.61 21.79
C2B CLA DF . -60.39 25.75 22.31
C3B CLA DF . -59.92 25.37 23.55
C4B CLA DF . -60.44 23.99 23.80
CMB CLA DF . -60.18 26.98 21.55
CAB CLA DF . -59.08 26.05 24.49
CBB CLA DF . -59.13 27.36 24.78
NC CLA DF . -61.45 21.17 24.31
C1C CLA DF . -60.66 21.91 25.15
C2C CLA DF . -60.38 21.16 26.37
C3C CLA DF . -61.07 19.96 26.25
C4C CLA DF . -61.74 19.97 24.97
CMC CLA DF . -59.55 21.60 27.49
CAC CLA DF . -61.09 18.90 27.26
CBC CLA DF . -62.40 18.83 28.02
ND CLA DF . -63.01 20.01 22.30
C1D CLA DF . -63.11 18.92 23.20
C2D CLA DF . -63.92 17.85 22.57
C3D CLA DF . -64.32 18.34 21.33
C4D CLA DF . -63.76 19.70 21.23
CMD CLA DF . -64.19 16.54 23.18
CAD CLA DF . -65.06 18.09 20.12
OBD CLA DF . -65.64 17.06 19.75
CBD CLA DF . -65.01 19.39 19.26
CGD CLA DF . -64.44 19.13 17.89
O1D CLA DF . -63.26 19.20 17.54
O2D CLA DF . -65.39 18.79 16.96
CED CLA DF . -64.92 18.21 15.74
C1 CLA DF . -65.52 26.41 20.44
C2 CLA DF . -64.52 26.61 21.53
C3 CLA DF . -64.33 27.80 22.13
C4 CLA DF . -65.12 29.00 21.75
C5 CLA DF . -63.32 27.97 23.22
C6 CLA DF . -63.88 27.59 24.59
C7 CLA DF . -64.50 28.79 25.27
C8 CLA DF . -63.93 29.09 26.65
C9 CLA DF . -62.57 28.42 26.84
C10 CLA DF . -64.91 28.66 27.75
C11 CLA DF . -64.24 28.47 29.10
C12 CLA DF . -64.41 27.06 29.60
C13 CLA DF . -64.12 26.92 31.09
C14 CLA DF . -63.11 27.94 31.57
C15 CLA DF . -63.63 25.50 31.40
C16 CLA DF . -63.08 25.38 32.81
C17 CLA DF . -62.76 23.94 33.15
C18 CLA DF . -61.35 23.75 33.70
C19 CLA DF . -60.86 22.34 33.39
C20 CLA DF . -60.39 24.76 33.13
MG CLA EF . -56.22 31.08 26.84
CHA CLA EF . -57.15 32.62 23.86
CHB CLA EF . -59.37 29.84 27.17
CHC CLA EF . -55.21 29.46 29.69
CHD CLA EF . -52.97 32.42 26.45
NA CLA EF . -57.96 31.23 25.69
C1A CLA EF . -58.14 31.91 24.48
C2A CLA EF . -59.58 31.75 23.97
C3A CLA EF . -60.27 30.94 25.09
C4A CLA EF . -59.13 30.63 26.06
CMA CLA EF . -61.36 31.73 25.75
CAA CLA EF . -59.60 30.94 22.68
CBA CLA EF . -61.00 30.81 22.13
CGA CLA EF . -61.33 31.98 21.26
O1A CLA EF . -60.60 32.55 20.44
O2A CLA EF . -62.59 32.46 21.44
NB CLA EF . -57.11 29.84 28.15
C1B CLA EF . -58.42 29.50 28.15
C2B CLA EF . -58.74 28.71 29.37
C3B CLA EF . -57.57 28.60 30.09
C4B CLA EF . -56.52 29.32 29.32
CMB CLA EF . -60.08 28.22 29.64
CAB CLA EF . -57.28 27.95 31.35
CBB CLA EF . -58.13 27.81 32.37
NC CLA EF . -54.41 30.97 27.88
C1C CLA EF . -54.23 30.24 29.03
C2C CLA EF . -52.85 30.36 29.47
C3C CLA EF . -52.20 31.21 28.57
C4C CLA EF . -53.20 31.58 27.57
CMC CLA EF . -52.29 29.72 30.66
CAC CLA EF . -50.81 31.64 28.59
CBC CLA EF . -49.92 30.75 27.74
ND CLA EF . -55.24 32.30 25.55
C1D CLA EF . -53.91 32.76 25.50
C2D CLA EF . -53.72 33.61 24.30
C3D CLA EF . -54.94 33.58 23.64
C4D CLA EF . -55.85 32.74 24.44
CMD CLA EF . -52.49 34.28 23.94
CAD CLA EF . -55.68 34.04 22.47
OBD CLA EF . -55.33 34.77 21.56
CBD CLA EF . -57.12 33.43 22.58
CGD CLA EF . -58.19 34.49 22.53
O1D CLA EF . -58.97 34.72 21.62
O2D CLA EF . -58.25 35.26 23.65
CED CLA EF . -59.02 36.46 23.59
C1 CLA EF . -62.85 33.18 22.66
C2 CLA EF . -64.33 33.31 22.75
C3 CLA EF . -64.96 33.82 23.82
C4 CLA EF . -66.44 33.95 23.88
C5 CLA EF . -64.20 34.29 25.02
C6 CLA EF . -64.68 33.63 26.29
C7 CLA EF . -64.83 34.64 27.42
C8 CLA EF . -63.52 34.88 28.16
C9 CLA EF . -63.31 33.81 29.22
MG CLA FF . -38.37 23.10 31.20
CHA CLA FF . -35.73 23.82 33.34
CHB CLA FF . -39.57 26.26 31.61
CHC CLA FF . -40.89 22.37 28.98
CHD CLA FF . -37.14 19.80 30.86
NA CLA FF . -37.74 24.75 32.31
C1A CLA FF . -36.61 24.85 33.14
C2A CLA FF . -36.52 26.24 33.75
C3A CLA FF . -37.81 26.94 33.29
C4A CLA FF . -38.43 25.93 32.32
CMA CLA FF . -38.72 27.27 34.45
CAA CLA FF . -35.30 26.98 33.20
CBA CLA FF . -35.34 27.07 31.69
CGA CLA FF . -34.55 25.96 31.06
O1A CLA FF . -33.36 25.69 31.21
O2A CLA FF . -35.31 25.16 30.24
NB CLA FF . -39.96 24.11 30.47
C1B CLA FF . -40.23 25.42 30.71
C2B CLA FF . -41.38 25.86 29.85
C3B CLA FF . -41.76 24.76 29.11
C4B CLA FF . -40.86 23.63 29.49
CMB CLA FF . -41.90 27.23 29.88
CAB CLA FF . -42.80 24.60 28.11
CBB CLA FF . -43.97 25.23 28.09
NC CLA FF . -38.92 21.39 30.13
C1C CLA FF . -39.98 21.31 29.28
C2C CLA FF . -40.06 19.98 28.70
C3C CLA FF . -39.01 19.24 29.23
C4C CLA FF . -38.29 20.14 30.14
CMC CLA FF . -41.08 19.54 27.75
CAC CLA FF . -38.67 17.84 28.95
CBC CLA FF . -37.47 17.70 28.04
ND CLA FF . -36.82 22.01 31.89
C1D CLA FF . -36.44 20.66 31.68
C2D CLA FF . -35.20 20.38 32.45
C3D CLA FF . -34.87 21.57 33.08
C4D CLA FF . -35.92 22.54 32.71
CMD CLA FF . -34.51 19.10 32.47
CAD CLA FF . -33.93 22.25 33.95
OBD CLA FF . -32.88 21.85 34.44
CBD CLA FF . -34.48 23.70 34.18
CGD CLA FF . -34.72 24.00 35.63
O1D CLA FF . -34.21 24.91 36.30
O2D CLA FF . -35.58 23.14 36.24
CED CLA FF . -36.19 23.57 37.46
C1 CLA FF . -34.68 23.93 29.82
C2 CLA FF . -35.58 23.26 28.84
C3 CLA FF . -35.22 22.13 28.21
C4 CLA FF . -33.90 21.50 28.44
C5 CLA FF . -36.12 21.45 27.24
C6 CLA FF . -36.98 22.41 26.45
C7 CLA FF . -37.45 21.76 25.17
C8 CLA FF . -38.57 22.54 24.50
C9 CLA FF . -39.72 22.77 25.46
C10 CLA FF . -39.06 21.82 23.25
C11 CLA FF . -38.68 22.57 21.99
C12 CLA FF . -39.19 24.00 22.01
C13 CLA FF . -39.08 24.66 20.66
C14 CLA FF . -37.96 25.70 20.64
C15 CLA FF . -40.40 25.30 20.25
C16 CLA FF . -41.34 24.29 19.64
C17 CLA FF . -41.25 24.26 18.13
C18 CLA FF . -42.60 24.07 17.46
C19 CLA FF . -43.50 23.16 18.24
C20 CLA FF . -43.29 25.40 17.23
MG CLA GF . -28.98 31.09 25.13
CHA CLA GF . -28.47 31.52 28.54
CHB CLA GF . -25.93 32.45 24.51
CHC CLA GF . -29.48 30.50 21.79
CHD CLA GF . -32.17 29.72 25.86
NA CLA GF . -27.47 31.87 26.35
C1A CLA GF . -27.44 31.95 27.74
C2A CLA GF . -26.14 32.61 28.23
C3A CLA GF . -25.45 33.05 26.91
C4A CLA GF . -26.33 32.42 25.83
CMA CLA GF . -25.40 34.56 26.78
CAA CLA GF . -25.28 31.64 29.01
CBA CLA GF . -24.72 30.53 28.15
CGA CLA GF . -23.45 30.00 28.76
O1A CLA GF . -22.97 28.87 28.68
O2A CLA GF . -22.77 30.96 29.46
NB CLA GF . -27.95 31.49 23.46
C1B CLA GF . -26.65 31.91 23.43
C2B CLA GF . -26.09 31.72 22.06
C3B CLA GF . -27.09 31.18 21.29
C4B CLA GF . -28.28 31.02 22.17
CMB CLA GF . -24.71 32.08 21.70
CAB CLA GF . -27.07 30.79 19.91
CBB CLA GF . -27.83 31.32 18.95
NC CLA GF . -30.56 30.28 24.03
C1C CLA GF . -30.56 30.16 22.66
C2C CLA GF . -31.82 29.58 22.22
C3C CLA GF . -32.58 29.33 23.37
C4C CLA GF . -31.77 29.78 24.51
CMC CLA GF . -32.17 29.31 20.83
CAC CLA GF . -33.92 28.74 23.44
CBC CLA GF . -34.99 29.77 23.71
ND CLA GF . -30.10 30.66 26.77
C1D CLA GF . -31.41 30.13 26.93
C2D CLA GF . -31.75 30.10 28.37
C3D CLA GF . -30.64 30.60 29.04
C4D CLA GF . -29.65 30.95 27.99
CMD CLA GF . -33.01 29.62 28.92
CAD CLA GF . -30.07 30.96 30.32
OBD CLA GF . -30.55 30.85 31.45
CBD CLA GF . -28.65 31.56 30.04
CGD CLA GF . -28.47 32.96 30.57
O1D CLA GF . -28.41 33.99 29.91
O2D CLA GF . -28.35 33.03 31.92
CED CLA GF . -27.27 33.80 32.45
C1 CLA GF . -21.66 31.58 28.79
MG CLA HF . -49.05 33.86 21.48
CHA CLA HF . -52.18 32.96 20.32
CHB CLA HF . -48.90 36.33 19.14
CHC CLA HF . -46.04 34.84 22.79
CHD CLA HF . -49.24 31.25 23.87
NA CLA HF . -50.34 34.50 19.97
C1A CLA HF . -51.61 34.01 19.66
C2A CLA HF . -52.22 34.78 18.48
C3A CLA HF . -51.07 35.70 18.03
C4A CLA HF . -50.03 35.53 19.12
CMA CLA HF . -50.55 35.33 16.67
CAA CLA HF . -53.41 35.59 18.95
CBA CLA HF . -53.00 36.78 19.80
CGA CLA HF . -54.14 37.32 20.60
O1A CLA HF . -55.33 37.42 20.27
O2A CLA HF . -53.77 37.75 21.84
NB CLA HF . -47.71 35.28 21.03
C1B CLA HF . -47.86 36.25 20.09
C2B CLA HF . -46.74 37.23 20.17
C3B CLA HF . -45.93 36.81 21.19
C4B CLA HF . -46.52 35.57 21.76
CMB CLA HF . -46.64 38.37 19.27
CAB CLA HF . -44.72 37.39 21.71
CBB CLA HF . -44.53 38.70 21.93
NC CLA HF . -47.85 33.15 23.04
C1C CLA HF . -46.65 33.70 23.40
C2C CLA HF . -46.07 32.96 24.52
C3C CLA HF . -46.98 31.95 24.83
C4C CLA HF . -48.10 32.07 23.90
CMC CLA HF . -44.80 33.27 25.17
CAC CLA HF . -46.86 30.95 25.90
CBC CLA HF . -46.13 29.69 25.46
ND CLA HF . -50.35 32.40 22.01
C1D CLA HF . -50.30 31.39 23.01
C2D CLA HF . -51.55 30.59 22.94
C3D CLA HF . -52.31 31.15 21.93
C4D CLA HF . -51.51 32.27 21.38
CMD CLA HF . -51.85 29.46 23.80
CAD CLA HF . -53.54 31.08 21.16
OBD CLA HF . -54.46 30.29 21.24
CBD CLA HF . -53.51 32.26 20.13
CGD CLA HF . -53.70 31.76 18.72
O1D CLA HF . -52.83 31.53 17.87
O2D CLA HF . -55.01 31.55 18.38
CED CLA HF . -55.53 32.26 17.27
C1 CLA HF . -54.76 37.66 22.90
C2 CLA HF . -54.07 38.07 24.15
C3 CLA HF . -54.35 37.58 25.37
C4 CLA HF . -53.64 38.04 26.58
C5 CLA HF . -55.43 36.57 25.58
C6 CLA HF . -56.19 36.77 26.88
C7 CLA HF . -56.19 35.51 27.73
C8 CLA HF . -57.42 34.63 27.48
C9 CLA HF . -58.64 35.49 27.19
C10 CLA HF . -57.73 33.70 28.65
C11 CLA HF . -56.68 33.70 29.75
C12 CLA HF . -57.08 32.76 30.87
C13 CLA HF . -56.05 32.72 32.00
C14 CLA HF . -54.64 32.75 31.46
C15 CLA HF . -56.29 31.49 32.89
C16 CLA HF . -55.03 30.95 33.52
C17 CLA HF . -55.20 29.53 33.99
C18 CLA HF . -53.92 28.92 34.50
C19 CLA HF . -53.77 29.11 36.00
C20 CLA HF . -53.84 27.45 34.15
MG CLA IF . -47.81 17.46 17.06
CHA CLA IF . -48.08 18.50 13.77
CHB CLA IF . -49.28 14.49 16.24
CHC CLA IF . -47.48 16.45 20.33
CHD CLA IF . -46.32 20.57 17.88
NA CLA IF . -48.52 16.65 15.28
C1A CLA IF . -48.54 17.23 14.01
C2A CLA IF . -49.12 16.28 12.97
C3A CLA IF . -49.54 15.04 13.80
C4A CLA IF . -49.07 15.39 15.20
CMA CLA IF . -51.03 14.84 13.74
CAA CLA IF . -48.02 15.88 12.00
CBA CLA IF . -46.77 15.44 12.73
CGA CLA IF . -45.61 15.27 11.81
O1A CLA IF . -45.60 14.86 10.65
O2A CLA IF . -44.41 15.60 12.40
NB CLA IF . -48.24 15.78 18.07
C1B CLA IF . -48.91 14.70 17.58
C2B CLA IF . -49.27 13.78 18.69
C3B CLA IF . -48.76 14.32 19.85
C4B CLA IF . -48.10 15.59 19.47
CMB CLA IF . -50.01 12.53 18.47
CAB CLA IF . -48.81 13.85 21.21
CBB CLA IF . -48.65 12.59 21.61
NC CLA IF . -47.02 18.35 18.78
C1C CLA IF . -46.97 17.75 20.01
C2C CLA IF . -46.33 18.63 20.97
C3C CLA IF . -46.03 19.81 20.28
C4C CLA IF . -46.46 19.62 18.91
CMC CLA IF . -46.09 18.31 22.38
CAC CLA IF . -45.35 21.00 20.84
CBC CLA IF . -43.85 20.80 20.87
ND CLA IF . -47.30 19.17 16.11
C1D CLA IF . -46.72 20.38 16.56
C2D CLA IF . -46.62 21.33 15.42
C3D CLA IF . -47.14 20.65 14.33
C4D CLA IF . -47.54 19.32 14.81
CMD CLA IF . -46.09 22.68 15.50
CAD CLA IF . -47.44 20.71 12.90
OBD CLA IF . -47.25 21.62 12.10
CBD CLA IF . -48.08 19.35 12.52
CGD CLA IF . -49.50 19.54 12.08
O1D CLA IF . -50.31 20.36 12.52
O2D CLA IF . -49.91 18.69 11.09
CED CLA IF . -51.33 18.50 10.95
C1 CLA IF . -43.22 14.95 11.89
C2 CLA IF . -42.63 15.84 10.86
C3 CLA IF . -41.38 16.32 10.94
C4 CLA IF . -40.48 15.99 12.07
C5 CLA IF . -40.84 17.21 9.88
C6 CLA IF . -40.08 18.40 10.44
C7 CLA IF . -39.66 19.35 9.34
C8 CLA IF . -38.92 20.58 9.88
MG CLA JF . -50.88 9.37 25.83
CHA CLA JF . -52.14 7.88 22.96
CHB CLA JF . -47.98 10.05 24.20
CHC CLA JF . -49.65 10.77 28.71
CHD CLA JF . -53.89 8.55 27.51
NA CLA JF . -50.21 9.03 23.88
C1A CLA JF . -50.88 8.39 22.84
C2A CLA JF . -50.01 8.34 21.58
C3A CLA JF . -48.68 8.98 22.03
C4A CLA JF . -48.95 9.40 23.47
CMA CLA JF . -47.55 7.98 21.97
CAA CLA JF . -50.60 9.10 20.41
CBA CLA JF . -49.75 8.91 19.18
CGA CLA JF . -49.83 7.48 18.70
O1A CLA JF . -50.59 7.00 17.87
O2A CLA JF . -48.93 6.65 19.31
NB CLA JF . -49.13 10.23 26.37
C1B CLA JF . -48.09 10.46 25.53
C2B CLA JF . -47.03 11.24 26.24
C3B CLA JF . -47.49 11.46 27.52
C4B CLA JF . -48.83 10.81 27.63
CMB CLA JF . -45.78 11.65 25.61
CAB CLA JF . -46.79 12.16 28.57
CBB CLA JF . -47.23 12.50 29.79
NC CLA JF . -51.64 9.62 27.76
C1C CLA JF . -50.96 10.21 28.79
C2C CLA JF . -51.78 10.19 29.99
C3C CLA JF . -52.98 9.58 29.65
C4C CLA JF . -52.89 9.22 28.25
CMC CLA JF . -51.37 10.72 31.29
CAC CLA JF . -54.13 9.30 30.54
CBC CLA JF . -54.13 7.87 31.04
ND CLA JF . -52.65 8.51 25.39
C1D CLA JF . -53.80 8.22 26.18
C2D CLA JF . -54.79 7.51 25.34
C3D CLA JF . -54.21 7.35 24.10
C4D CLA JF . -52.87 7.98 24.19
CMD CLA JF . -56.11 7.07 25.82
CAD CLA JF . -54.36 6.83 22.76
OBD CLA JF . -55.31 6.26 22.24
CBD CLA JF . -53.02 7.10 22.01
CGD CLA JF . -52.35 5.81 21.62
O1D CLA JF . -51.49 5.19 22.26
O2D CLA JF . -52.78 5.29 20.43
CED CLA JF . -52.42 3.95 20.13
C1 CLA JF . -49.13 5.25 19.11
C2 CLA JF . -48.51 4.51 20.23
C3 CLA JF . -47.27 3.99 20.18
C4 CLA JF . -46.41 4.12 18.98
C5 CLA JF . -46.70 3.25 21.35
C6 CLA JF . -45.33 3.76 21.76
C7 CLA JF . -45.43 4.70 22.93
MG CLA KF . -57.37 18.09 40.74
CHA CLA KF . -57.18 18.07 44.21
CHB CLA KF . -56.50 14.80 40.67
CHC CLA KF . -57.60 18.16 37.31
CHD CLA KF . -58.16 21.54 40.85
NA CLA KF . -56.92 16.68 42.22
C1A CLA KF . -56.90 16.86 43.61
C2A CLA KF . -56.51 15.57 44.32
C3A CLA KF . -56.19 14.59 43.16
C4A CLA KF . -56.57 15.39 41.92
CMA CLA KF . -54.74 14.18 43.16
CAA CLA KF . -57.67 15.04 45.16
NB CLA KF . -57.04 16.76 39.27
C1B CLA KF . -56.82 15.42 39.45
C2B CLA KF . -56.93 14.70 38.15
C3B CLA KF . -57.24 15.65 37.21
C4B CLA KF . -57.32 16.96 37.90
CMB CLA KF . -56.74 13.27 38.02
CAB CLA KF . -57.47 15.51 35.78
CBB CLA KF . -56.58 15.02 34.92
NC CLA KF . -57.80 19.58 39.34
C1C CLA KF . -57.84 19.40 37.99
C2C CLA KF . -58.16 20.65 37.32
C3C CLA KF . -58.31 21.61 38.32
C4C CLA KF . -58.08 20.93 39.59
CMC CLA KF . -58.27 20.82 35.87
CAC CLA KF . -58.62 23.04 38.13
CBC CLA KF . -60.08 23.36 38.32
ND CLA KF . -57.70 19.49 42.15
C1D CLA KF . -58.00 20.88 42.05
C2D CLA KF . -58.08 21.45 43.42
C3D CLA KF . -57.79 20.41 44.29
C4D CLA KF . -57.54 19.22 43.44
CMD CLA KF . -58.42 22.84 43.72
CAD CLA KF . -57.64 19.99 45.67
OBD CLA KF . -57.84 20.63 46.71
CBD CLA KF . -57.18 18.50 45.66
CGD CLA KF . -55.82 18.33 46.28
O1D CLA KF . -54.96 17.48 46.00
O2D CLA KF . -55.52 19.23 47.26
CED CLA KF . -55.80 18.86 48.61
MG CLA LF . -41.40 41.59 19.46
CHA CLA LF . -43.83 41.15 17.00
CHB CLA LF . -39.01 40.62 17.25
CHC CLA LF . -39.06 41.97 21.94
CHD CLA LF . -43.96 42.44 21.75
NA CLA LF . -41.44 41.00 17.44
C1A CLA LF . -42.55 40.88 16.59
C2A CLA LF . -42.12 40.42 15.20
C3A CLA LF . -40.59 40.23 15.33
C4A CLA LF . -40.30 40.66 16.77
CMA CLA LF . -40.18 38.79 15.09
CAA CLA LF . -42.43 41.46 14.14
CBA CLA LF . -41.26 42.40 13.89
CGA CLA LF . -40.59 42.04 12.60
O1A CLA LF . -39.72 41.18 12.38
O2A CLA LF . -41.03 42.78 11.54
NB CLA LF . -39.41 41.37 19.57
C1B CLA LF . -38.60 40.96 18.55
C2B CLA LF . -37.19 40.89 19.03
C3B CLA LF . -37.19 41.27 20.35
C4B CLA LF . -38.61 41.58 20.71
CMB CLA LF . -36.08 40.46 18.18
CAB CLA LF . -36.10 41.35 21.28
CBB CLA LF . -35.72 42.47 21.91
NC CLA LF . -41.50 42.13 21.47
C1C CLA LF . -40.41 42.23 22.30
C2C CLA LF . -40.84 42.63 23.63
C3C CLA LF . -42.22 42.75 23.59
C4C CLA LF . -42.63 42.43 22.23
CMC CLA LF . -39.94 42.84 24.77
CAC CLA LF . -43.12 43.14 24.69
CBC CLA LF . -43.40 42.00 25.65
ND CLA LF . -43.42 41.79 19.44
C1D CLA LF . -44.35 42.14 20.46
C2D CLA LF . -45.71 42.13 19.90
C3D CLA LF . -45.57 41.77 18.57
C4D CLA LF . -44.13 41.55 18.34
CMD CLA LF . -46.93 42.46 20.64
CAD CLA LF . -46.26 41.49 17.31
OBD CLA LF . -47.45 41.56 17.05
CBD CLA LF . -45.16 41.08 16.27
CGD CLA LF . -45.46 39.73 15.67
O1D CLA LF . -46.02 39.49 14.60
O2D CLA LF . -45.05 38.67 16.43
CED CLA LF . -45.47 37.37 16.01
O6 SQD MF . -52.64 4.77 12.64
C44 SQD MF . -51.38 4.51 13.24
C45 SQD MF . -51.22 5.42 14.46
C46 SQD MF . -51.42 4.59 15.74
O47 SQD MF . -49.97 6.12 14.50
C7 SQD MF . -48.79 5.33 14.79
O49 SQD MF . -48.56 4.29 14.19
C8 SQD MF . -47.83 5.78 15.86
C9 SQD MF . -46.67 6.52 15.20
C10 SQD MF . -45.40 6.34 16.00
C11 SQD MF . -45.09 7.59 16.80
C12 SQD MF . -44.43 7.25 18.12
C13 SQD MF . -44.07 8.51 18.89
C14 SQD MF . -45.31 9.26 19.34
C15 SQD MF . -44.99 10.13 20.56
C16 SQD MF . -44.24 9.32 21.60
C17 SQD MF . -43.94 10.13 22.86
C18 SQD MF . -42.70 11.01 22.67
C19 SQD MF . -42.24 11.57 24.02
O48 SQD MF . -50.77 3.33 15.64
C23 SQD MF . -51.14 2.25 16.54
O10 SQD MF . -52.32 2.04 16.76
C24 SQD MF . -50.08 1.40 17.19
C25 SQD MF . -50.74 0.40 18.13
C26 SQD MF . -49.75 -0.64 18.64
C27 SQD MF . -48.69 -0.01 19.52
C28 SQD MF . -47.89 -1.07 20.28
C29 SQD MF . -47.14 -2.00 19.33
C30 SQD MF . -45.97 -2.67 20.05
C31 SQD MF . -45.05 -1.61 20.65
C32 SQD MF . -43.82 -2.24 21.29
C1 SQD MF . -53.59 3.79 13.05
C2 SQD MF . -54.99 4.41 13.04
O2 SQD MF . -55.01 5.54 13.92
C3 SQD MF . -56.01 3.38 13.51
O3 SQD MF . -57.33 3.88 13.30
C4 SQD MF . -55.84 2.06 12.77
O4 SQD MF . -56.64 1.05 13.40
C5 SQD MF . -54.39 1.61 12.77
C6 SQD MF . -54.23 0.31 11.99
O5 SQD MF . -53.56 2.64 12.21
S SQD MF . -54.43 -0.97 13.01
O7 SQD MF . -54.57 -0.49 14.36
O8 SQD MF . -55.76 -1.82 12.59
O9 SQD MF . -53.27 -1.82 12.96
MG CLA NF . 6.09 0.45 13.83
CHA CLA NF . 2.86 -0.57 14.54
CHB CLA NF . 5.40 0.31 10.52
CHC CLA NF . 9.13 1.88 13.22
CHD CLA NF . 6.75 0.55 17.29
NA CLA NF . 4.42 -0.16 12.73
C1A CLA NF . 3.15 -0.51 13.21
C2A CLA NF . 2.23 -0.88 12.04
C3A CLA NF . 3.20 -0.94 10.84
C4A CLA NF . 4.43 -0.20 11.37
CMA CLA NF . 3.51 -2.34 10.41
CAA CLA NF . 1.16 0.13 11.76
CBA CLA NF . 0.34 -0.30 10.56
CGA CLA NF . -0.63 0.75 10.13
O1A CLA NF . -1.29 0.80 9.10
O2A CLA NF . -0.78 1.78 11.01
NB CLA NF . 7.11 0.94 12.17
C1B CLA NF . 6.57 0.98 10.92
C2B CLA NF . 7.43 1.81 10.04
C3B CLA NF . 8.49 2.24 10.80
C4B CLA NF . 8.30 1.68 12.16
CMB CLA NF . 7.15 2.05 8.63
CAB CLA NF . 9.63 3.04 10.44
CBB CLA NF . 10.51 2.69 9.50
NC CLA NF . 7.69 1.01 15.03
C1C CLA NF . 8.86 1.54 14.57
C2C CLA NF . 9.75 1.82 15.69
C3C CLA NF . 9.07 1.47 16.85
C4C CLA NF . 7.77 0.96 16.43
CMC CLA NF . 11.09 2.37 15.53
CAC CLA NF . 9.53 1.53 18.22
CBC CLA NF . 9.68 0.15 18.79
ND CLA NF . 5.14 -0.05 15.54
C1D CLA NF . 5.51 0.10 16.90
C2D CLA NF . 4.39 -0.32 17.75
C3D CLA NF . 3.34 -0.54 16.91
C4D CLA NF . 3.84 -0.34 15.55
CMD CLA NF . 4.44 -0.40 19.20
CAD CLA NF . 2.00 -1.06 16.77
OBD CLA NF . 1.29 -1.66 17.56
CBD CLA NF . 1.57 -0.76 15.32
CGD CLA NF . 0.63 -1.77 14.79
O1D CLA NF . 0.64 -2.99 14.94
O2D CLA NF . -0.38 -1.17 14.10
CED CLA NF . -0.81 0.11 14.56
C1 CLA NF . -2.02 2.50 10.99
C2 CLA NF . -1.89 3.55 12.02
C3 CLA NF . -2.75 3.71 13.03
C4 CLA NF . -3.93 2.85 13.20
C5 CLA NF . -2.54 4.77 14.04
C6 CLA NF . -1.11 4.77 14.51
C7 CLA NF . -1.01 5.04 16.00
C8 CLA NF . -1.19 6.52 16.32
C9 CLA NF . 0.14 7.15 16.63
C10 CLA NF . -2.11 6.69 17.50
C11 CLA NF . -2.89 7.97 17.37
C12 CLA NF . -4.36 7.71 17.59
C13 CLA NF . -5.06 8.97 18.05
C14 CLA NF . -6.14 8.64 19.04
C15 CLA NF . -5.66 9.71 16.87
C16 CLA NF . -5.97 8.76 15.74
C17 CLA NF . -6.86 9.41 14.72
C18 CLA NF . -7.03 8.53 13.50
C19 CLA NF . -6.32 7.22 13.70
C20 CLA NF . -8.50 8.30 13.25
MG CLA OF . 8.92 -4.97 -4.17
CHA CLA OF . 10.40 -6.17 -7.06
CHB CLA OF . 10.11 -7.64 -2.45
CHC CLA OF . 7.72 -3.56 -1.27
CHD CLA OF . 7.66 -2.24 -6.02
NA CLA OF . 10.01 -6.64 -4.71
C1A CLA OF . 10.58 -6.95 -5.95
C2A CLA OF . 11.33 -8.28 -5.89
C3A CLA OF . 10.94 -8.84 -4.52
C4A CLA OF . 10.33 -7.63 -3.81
CMA CLA OF . 9.94 -9.96 -4.65
CAA CLA OF . 12.81 -7.95 -5.94
CBA CLA OF . 13.69 -9.18 -5.97
CGA CLA OF . 13.91 -9.71 -4.58
O1A CLA OF . 14.29 -9.10 -3.58
O2A CLA OF . 13.63 -11.04 -4.48
NB CLA OF . 8.94 -5.48 -2.23
C1B CLA OF . 9.52 -6.60 -1.72
C2B CLA OF . 9.41 -6.59 -0.25
C3B CLA OF . 8.74 -5.45 0.11
C4B CLA OF . 8.40 -4.73 -1.16
CMB CLA OF . 9.94 -7.70 0.56
CAB CLA OF . 8.33 -4.96 1.41
CBB CLA OF . 9.00 -5.16 2.54
NC CLA OF . 7.82 -3.24 -3.75
C1C CLA OF . 7.42 -2.87 -2.48
C2C CLA OF . 6.68 -1.62 -2.56
C3C CLA OF . 6.68 -1.22 -3.89
C4C CLA OF . 7.42 -2.24 -4.63
CMC CLA OF . 6.08 -0.93 -1.42
CAC CLA OF . 6.07 -0.02 -4.48
CBC CLA OF . 4.83 -0.35 -5.27
ND CLA OF . 8.83 -4.38 -6.10
C1D CLA OF . 8.33 -3.21 -6.72
C2D CLA OF . 8.64 -3.25 -8.16
C3D CLA OF . 9.45 -4.36 -8.35
C4D CLA OF . 9.56 -5.01 -7.04
CMD CLA OF . 8.20 -2.25 -9.13
CAD CLA OF . 10.16 -5.20 -9.31
OBD CLA OF . 10.20 -5.13 -10.53
CBD CLA OF . 10.90 -6.30 -8.48
CGD CLA OF . 10.77 -7.69 -9.04
O1D CLA OF . 9.74 -8.32 -9.28
O2D CLA OF . 11.97 -8.28 -9.31
CED CLA OF . 11.95 -9.60 -9.86
C1 CLA OF . 13.70 -11.61 -3.16
C2 CLA OF . 12.33 -11.53 -2.58
C3 CLA OF . 12.14 -11.24 -1.28
C4 CLA OF . 13.28 -10.98 -0.37
C5 CLA OF . 10.77 -11.16 -0.70
C6 CLA OF . 10.00 -12.47 -0.80
C7 CLA OF . 10.74 -13.59 -0.11
C8 CLA OF . 9.87 -14.30 0.91
C9 CLA OF . 10.27 -13.90 2.31
C10 CLA OF . 9.97 -15.82 0.75
C11 CLA OF . 9.16 -16.54 1.81
C12 CLA OF . 8.78 -17.95 1.39
C13 CLA OF . 7.91 -18.62 2.45
MG CLA PF . -3.50 7.26 9.66
CHA CLA PF . -0.20 7.67 10.59
CHB CLA PF . -4.34 9.96 11.54
CHC CLA PF . -6.72 6.96 8.55
CHD CLA PF . -2.60 4.36 7.84
NA CLA PF . -2.44 8.56 10.90
C1A CLA PF . -1.06 8.56 11.15
C2A CLA PF . -0.70 9.68 12.13
C3A CLA PF . -2.08 10.16 12.64
C4A CLA PF . -3.03 9.54 11.62
CMA CLA PF . -2.36 9.67 14.03
CAA CLA PF . 0.05 10.79 11.44
CBA CLA PF . 0.89 11.61 12.40
CGA CLA PF . 0.10 12.78 12.87
O1A CLA PF . -1.09 13.04 12.68
O2A CLA PF . 0.85 13.67 13.60
NB CLA PF . -5.23 8.18 10.10
C1B CLA PF . -5.28 9.43 10.66
C2B CLA PF . -6.50 10.15 10.22
C3B CLA PF . -7.17 9.31 9.37
C4B CLA PF . -6.39 8.05 9.29
CMB CLA PF . -6.80 11.51 10.68
CAB CLA PF . -8.41 9.47 8.66
CBB CLA PF . -9.27 10.48 8.79
NC CLA PF . -4.49 5.88 8.45
C1C CLA PF . -5.83 5.92 8.16
C2C CLA PF . -6.20 4.77 7.34
C3C CLA PF . -5.02 4.05 7.11
C4C CLA PF . -3.95 4.75 7.83
CMC CLA PF . -7.54 4.49 6.85
CAC CLA PF . -4.88 2.79 6.36
CBC CLA PF . -5.29 1.59 7.17
ND CLA PF . -1.82 6.26 9.19
C1D CLA PF . -1.58 5.07 8.47
C2D CLA PF . -0.13 4.78 8.47
C3D CLA PF . 0.46 5.80 9.22
C4D CLA PF . -0.65 6.65 9.69
CMD CLA PF . 0.52 3.68 7.77
CAD CLA PF . 1.69 6.38 9.73
OBD CLA PF . 2.85 6.13 9.45
CBD CLA PF . 1.28 7.50 10.73
CGD CLA PF . 1.61 7.15 12.15
O1D CLA PF . 0.91 6.52 12.95
O2D CLA PF . 2.83 7.59 12.57
CED CLA PF . 3.34 7.03 13.77
C1 CLA PF . 0.26 14.94 13.91
C2 CLA PF . 0.30 15.76 12.68
C3 CLA PF . 0.86 16.97 12.62
C4 CLA PF . 1.48 17.61 13.81
C5 CLA PF . 0.86 17.75 11.35
C6 CLA PF . -0.09 18.92 11.41
C7 CLA PF . -0.27 19.55 10.05
C8 CLA PF . -1.58 20.33 9.96
C9 CLA PF . -2.73 19.39 9.66
C10 CLA PF . -1.49 21.41 8.88
C11 CLA PF . -0.34 22.35 9.13
C12 CLA PF . -0.43 23.57 8.24
C13 CLA PF . 0.83 24.41 8.27
C14 CLA PF . 1.16 24.83 9.69
C15 CLA PF . 0.69 25.63 7.38
C16 CLA PF . 1.98 26.41 7.31
C17 CLA PF . 2.06 27.25 6.06
C18 CLA PF . 2.74 28.58 6.30
C19 CLA PF . 2.49 29.53 5.15
C20 CLA PF . 4.22 28.40 6.53
MG CLA QF . -5.29 -25.97 -3.51
CHA CLA QF . -2.85 -24.94 -5.75
CHB CLA QF . -3.71 -24.30 -1.01
CHC CLA QF . -7.73 -27.02 -1.33
CHD CLA QF . -6.83 -27.82 -6.10
NA CLA QF . -3.58 -24.78 -3.44
C1A CLA QF . -2.70 -24.47 -4.48
C2A CLA QF . -1.58 -23.56 -3.98
C3A CLA QF . -1.82 -23.47 -2.46
C4A CLA QF . -3.15 -24.20 -2.27
CMA CLA QF . -0.71 -24.13 -1.69
CAA CLA QF . -1.76 -22.18 -4.58
CBA CLA QF . -0.48 -21.38 -4.57
CGA CLA QF . 0.38 -21.84 -5.72
O1A CLA QF . 0.04 -22.10 -6.87
O2A CLA QF . 1.69 -21.99 -5.38
NB CLA QF . -5.62 -25.75 -1.53
C1B CLA QF . -4.90 -24.96 -0.70
C2B CLA QF . -5.53 -24.92 0.65
C3B CLA QF . -6.67 -25.70 0.57
C4B CLA QF . -6.74 -26.22 -0.82
CMB CLA QF . -4.97 -24.16 1.76
CAB CLA QF . -7.68 -26.00 1.56
CBB CLA QF . -7.49 -26.10 2.88
NC CLA QF . -6.98 -27.18 -3.69
C1C CLA QF . -7.84 -27.46 -2.67
C2C CLA QF . -8.91 -28.33 -3.16
C3C CLA QF . -8.65 -28.58 -4.51
C4C CLA QF . -7.43 -27.84 -4.84
CMC CLA QF . -10.01 -28.85 -2.35
CAC CLA QF . -9.44 -29.41 -5.43
CBC CLA QF . -8.89 -30.81 -5.54
ND CLA QF . -5.06 -26.22 -5.50
C1D CLA QF . -5.72 -27.07 -6.44
C2D CLA QF . -5.03 -27.00 -7.74
C3D CLA QF . -3.94 -26.18 -7.53
C4D CLA QF . -3.98 -25.76 -6.12
CMD CLA QF . -5.46 -27.69 -8.96
CAD CLA QF . -2.77 -25.56 -8.14
OBD CLA QF . -2.38 -25.59 -9.30
CBD CLA QF . -1.99 -24.83 -7.00
CGD CLA QF . -0.62 -25.44 -6.86
O1D CLA QF . 0.11 -25.82 -7.78
O2D CLA QF . -0.16 -25.58 -5.59
CED CLA QF . 1.22 -25.31 -5.38
C1 CLA QF . 2.61 -21.90 -6.49
C2 CLA QF . 3.76 -22.79 -6.17
C3 CLA QF . 4.85 -22.83 -6.96
C4 CLA QF . 4.96 -21.99 -8.17
C5 CLA QF . 6.00 -23.72 -6.64
C6 CLA QF . 6.30 -23.77 -5.16
C7 CLA QF . 7.09 -22.56 -4.73
C8 CLA QF . 7.69 -22.71 -3.33
C9 CLA QF . 8.22 -24.10 -3.12
C10 CLA QF . 6.66 -22.38 -2.26
MG CLA RF . -13.57 -26.17 0.83
CHA CLA RF . -14.89 -27.89 -1.88
CHB CLA RF . -16.13 -27.28 2.78
CHC CLA RF . -12.18 -24.53 3.52
CHD CLA RF . -11.03 -24.90 -1.27
NA CLA RF . -15.23 -27.39 0.48
C1A CLA RF . -15.60 -28.02 -0.72
C2A CLA RF . -16.90 -28.81 -0.53
C3A CLA RF . -17.33 -28.46 0.91
C4A CLA RF . -16.14 -27.67 1.46
CMA CLA RF . -18.57 -27.61 0.93
CAA CLA RF . -16.67 -30.30 -0.71
CBA CLA RF . -16.25 -31.00 0.58
CGA CLA RF . -15.76 -32.37 0.24
O1A CLA RF . -16.16 -33.13 -0.65
O2A CLA RF . -14.75 -32.81 1.05
NB CLA RF . -14.09 -25.91 2.77
C1B CLA RF . -15.11 -26.53 3.40
C2B CLA RF . -15.04 -26.30 4.86
C3B CLA RF . -13.92 -25.52 5.09
C4B CLA RF . -13.30 -25.27 3.75
CMB CLA RF . -16.02 -26.85 5.80
CAB CLA RF . -13.35 -24.99 6.30
CBB CLA RF . -14.01 -24.70 7.43
NC CLA RF . -11.90 -24.94 1.07
C1C CLA RF . -11.52 -24.38 2.26
C2C CLA RF . -10.31 -23.59 2.06
C3C CLA RF . -9.99 -23.68 0.71
C4C CLA RF . -10.99 -24.54 0.09
CMC CLA RF . -9.61 -22.84 3.11
CAC CLA RF . -8.85 -23.04 0.02
CBC CLA RF . -9.13 -21.60 -0.34
ND CLA RF . -12.99 -26.36 -1.09
C1D CLA RF . -11.94 -25.75 -1.84
C2D CLA RF . -12.04 -26.21 -3.25
C3D CLA RF . -13.12 -27.06 -3.31
C4D CLA RF . -13.70 -27.09 -1.95
CMD CLA RF . -11.10 -25.83 -4.31
CAD CLA RF . -13.94 -27.92 -4.15
OBD CLA RF . -13.79 -28.25 -5.32
CBD CLA RF . -15.13 -28.41 -3.27
CGD CLA RF . -16.45 -27.94 -3.79
O1D CLA RF . -17.08 -26.92 -3.47
O2D CLA RF . -17.00 -28.74 -4.75
CED CLA RF . -18.34 -28.46 -5.17
C1 CLA RF . -15.07 -33.09 2.43
C2 CLA RF . -14.76 -34.51 2.65
C3 CLA RF . -14.01 -34.95 3.68
C4 CLA RF . -13.72 -36.39 3.88
C5 CLA RF . -13.43 -34.00 4.68
C6 CLA RF . -11.98 -34.28 5.02
C7 CLA RF . -11.06 -33.96 3.86
C8 CLA RF . -9.63 -33.69 4.28
C9 CLA RF . -8.66 -34.26 3.27
C10 CLA RF . -9.31 -34.28 5.66
MG CLA SF . -21.95 -20.10 5.98
CHA CLA SF . -23.36 -19.12 8.95
CHB CLA SF . -19.46 -21.63 7.67
CHC CLA SF . -20.63 -21.10 3.00
CHD CLA SF . -24.55 -18.45 4.27
NA CLA SF . -21.52 -20.32 7.99
C1A CLA SF . -22.22 -19.83 9.06
C2A CLA SF . -21.58 -20.24 10.35
C3A CLA SF . -20.25 -20.85 9.92
C4A CLA SF . -20.40 -20.96 8.42
CMA CLA SF . -19.12 -19.93 10.28
CAA CLA SF . -22.42 -21.35 10.91
CBA CLA SF . -21.73 -21.96 12.08
CGA CLA SF . -22.41 -21.33 13.23
O1A CLA SF . -23.61 -21.31 13.45
O2A CLA SF . -21.60 -20.67 14.10
NB CLA SF . -20.39 -21.21 5.45
C1B CLA SF . -19.49 -21.76 6.29
C2B CLA SF . -18.47 -22.50 5.52
C3B CLA SF . -18.79 -22.37 4.20
C4B CLA SF . -20.01 -21.53 4.13
CMB CLA SF . -17.36 -23.18 6.17
CAB CLA SF . -18.13 -22.83 3.04
CBB CLA SF . -17.33 -23.90 3.01
NC CLA SF . -22.47 -19.78 4.00
C1C CLA SF . -21.77 -20.25 2.94
C2C CLA SF . -22.39 -19.78 1.72
C3C CLA SF . -23.52 -19.07 2.09
C4C CLA SF . -23.56 -19.08 3.52
CMC CLA SF . -21.89 -20.07 0.38
CAC CLA SF . -24.47 -18.38 1.23
CBC CLA SF . -24.24 -16.89 1.27
ND CLA SF . -23.54 -18.95 6.43
C1D CLA SF . -24.57 -18.39 5.63
C2D CLA SF . -25.55 -17.75 6.51
C3D CLA SF . -25.11 -17.97 7.79
C4D CLA SF . -23.89 -18.75 7.68
CMD CLA SF . -26.72 -17.03 6.05
CAD CLA SF . -25.35 -17.76 9.18
OBD CLA SF . -26.18 -17.08 9.72
CBD CLA SF . -24.29 -18.54 9.97
CGD CLA SF . -23.56 -17.58 10.86
O1D CLA SF . -22.98 -17.79 11.92
O2D CLA SF . -23.57 -16.31 10.43
CED CLA SF . -22.55 -15.48 10.97
C1 CLA SF . -20.39 -21.32 14.51
C2 CLA SF . -20.48 -21.76 15.91
C3 CLA SF . -21.07 -21.14 16.92
C4 CLA SF . -21.74 -19.82 16.84
C5 CLA SF . -21.02 -21.81 18.24
C6 CLA SF . -20.20 -23.07 18.06
C7 CLA SF . -20.15 -23.87 19.33
C8 CLA SF . -19.13 -24.98 19.17
C9 CLA SF . -19.60 -25.95 18.12
C10 CLA SF . -18.87 -25.69 20.48
C11 CLA SF . -20.13 -26.06 21.24
C12 CLA SF . -19.75 -26.49 22.64
C13 CLA SF . -20.98 -26.75 23.47
C14 CLA SF . -20.61 -27.31 24.82
C15 CLA SF . -21.90 -27.71 22.75
C16 CLA SF . -22.94 -28.26 23.69
C17 CLA SF . -23.09 -29.74 23.43
C18 CLA SF . -24.47 -30.23 23.81
C19 CLA SF . -25.34 -30.41 22.60
C20 CLA SF . -25.12 -29.25 24.75
MG CLA TF . -14.33 -19.94 10.76
CHA CLA TF . -13.39 -20.65 7.51
CHB CLA TF . -16.57 -17.64 9.61
CHC CLA TF . -15.31 -19.37 14.00
CHD CLA TF . -11.95 -22.30 11.91
NA CLA TF . -14.87 -19.27 8.86
C1A CLA TF . -14.37 -19.70 7.62
C2A CLA TF . -15.04 -18.95 6.47
C3A CLA TF . -15.94 -17.91 7.19
C4A CLA TF . -15.81 -18.30 8.66
CMA CLA TF . -15.44 -16.51 6.96
CAA CLA TF . -15.90 -19.87 5.63
CBA CLA TF . -15.40 -19.97 4.20
CGA CLA TF . -15.87 -18.80 3.40
O1A CLA TF . -16.68 -18.77 2.48
O2A CLA TF . -15.27 -17.62 3.77
NB CLA TF . -15.72 -18.78 11.63
C1B CLA TF . -16.52 -17.88 11.00
C2B CLA TF . -17.32 -17.12 12.00
C3B CLA TF . -16.97 -17.61 13.24
C4B CLA TF . -15.94 -18.66 13.02
CMB CLA TF . -18.28 -16.07 11.63
CAB CLA TF . -17.42 -17.23 14.54
CBB CLA TF . -17.96 -18.06 15.44
NC CLA TF . -13.73 -20.69 12.62
C1C CLA TF . -14.27 -20.32 13.82
C2C CLA TF . -13.62 -21.04 14.90
C3C CLA TF . -12.67 -21.88 14.31
C4C CLA TF . -12.74 -21.65 12.87
CMC CLA TF . -13.94 -20.90 16.32
CAC CLA TF . -11.74 -22.80 14.99
CBC CLA TF . -10.37 -22.19 15.15
ND CLA TF . -12.93 -21.15 9.97
C1D CLA TF . -12.03 -22.08 10.55
C2D CLA TF . -11.24 -22.73 9.48
C3D CLA TF . -11.72 -22.21 8.29
C4D CLA TF . -12.78 -21.25 8.65
CMD CLA TF . -10.18 -23.71 9.71
CAD CLA TF . -11.59 -22.21 6.84
OBD CLA TF . -10.82 -22.82 6.13
CBD CLA TF . -12.69 -21.24 6.29
CGD CLA TF . -12.11 -20.18 5.42
O1D CLA TF . -12.04 -20.17 4.18
O2D CLA TF . -11.60 -19.12 6.10
CED CLA TF . -10.55 -18.37 5.47
C1 CLA TF . -14.29 -17.08 2.86
C2 CLA TF . -13.52 -16.06 3.62
C3 CLA TF . -13.42 -14.78 3.23
C4 CLA TF . -14.06 -14.30 1.98
C5 CLA TF . -12.63 -13.80 4.01
C6 CLA TF . -11.66 -14.45 4.97
C7 CLA TF . -12.15 -14.40 6.40
C8 CLA TF . -11.23 -13.60 7.32
C9 CLA TF . -9.78 -13.83 6.95
C10 CLA TF . -11.45 -13.98 8.77
C11 CLA TF . -12.49 -13.09 9.43
C12 CLA TF . -12.74 -13.49 10.87
C13 CLA TF . -13.56 -14.77 10.96
C14 CLA TF . -14.88 -14.51 11.66
C15 CLA TF . -12.80 -15.88 11.68
C16 CLA TF . -12.32 -16.94 10.71
C17 CLA TF . -11.47 -17.99 11.41
C18 CLA TF . -10.11 -18.14 10.74
C19 CLA TF . -10.24 -18.21 9.23
C20 CLA TF . -9.42 -19.38 11.26
MG CLA UF . -1.90 -31.12 18.86
CHA CLA UF . 1.42 -31.72 19.60
CHB CLA UF . -1.07 -28.07 17.58
CHC CLA UF . -5.21 -30.59 18.07
CHD CLA UF . -2.75 -34.27 20.23
NA CLA UF . -0.10 -30.10 18.64
C1A CLA UF . 1.18 -30.51 19.00
C2A CLA UF . 2.22 -29.46 18.65
C3A CLA UF . 1.40 -28.30 18.06
C4A CLA UF . -0.03 -28.85 18.08
CMA CLA UF . 1.54 -27.03 18.86
CAA CLA UF . 3.18 -30.00 17.59
CBA CLA UF . 2.41 -30.48 16.37
CGA CLA UF . 3.33 -31.12 15.38
O1A CLA UF . 4.53 -30.90 15.19
O2A CLA UF . 2.71 -32.05 14.61
NB CLA UF . -2.94 -29.64 17.95
C1B CLA UF . -2.41 -28.45 17.56
C2B CLA UF . -3.51 -27.55 17.10
C3B CLA UF . -4.68 -28.25 17.22
C4B CLA UF . -4.34 -29.59 17.77
CMB CLA UF . -3.27 -26.19 16.62
CAB CLA UF . -6.03 -27.84 16.92
CBB CLA UF . -6.82 -28.42 16.01
NC CLA UF . -3.66 -32.23 19.11
C1C CLA UF . -4.90 -31.83 18.70
C2C CLA UF . -5.89 -32.87 19.01
C3C CLA UF . -5.19 -33.90 19.64
C4C CLA UF . -3.79 -33.49 19.70
CMC CLA UF . -7.31 -32.79 18.70
CAC CLA UF . -5.74 -35.17 20.13
CBC CLA UF . -5.47 -36.31 19.18
ND CLA UF . -0.97 -32.65 19.77
C1D CLA UF . -1.42 -33.89 20.28
C2D CLA UF . -0.27 -34.65 20.82
C3D CLA UF . 0.85 -33.86 20.59
C4D CLA UF . 0.36 -32.64 19.93
CMD CLA UF . -0.35 -35.97 21.45
CAD CLA UF . 2.28 -33.73 20.75
OBD CLA UF . 3.09 -34.50 21.28
CBD CLA UF . 2.69 -32.37 20.10
CGD CLA UF . 3.42 -31.49 21.07
O1D CLA UF . 3.04 -30.41 21.54
O2D CLA UF . 4.63 -31.97 21.45
CED CLA UF . 5.19 -31.49 22.67
C1 CLA UF . 3.34 -32.37 13.34
C2 CLA UF . 2.34 -33.11 12.55
C3 CLA UF . 2.58 -33.58 11.32
C4 CLA UF . 3.89 -33.41 10.65
C5 CLA UF . 1.53 -34.32 10.55
C6 CLA UF . 1.33 -33.76 9.15
MG CLA VF . 0.61 -20.88 19.63
CHA CLA VF . -2.31 -20.92 21.49
CHB CLA VF . -0.37 -23.73 18.04
CHC CLA VF . 3.38 -20.65 17.61
CHD CLA VF . 1.61 -17.95 21.33
NA CLA VF . -1.06 -22.12 19.78
C1A CLA VF . -2.18 -21.95 20.60
C2A CLA VF . -3.19 -23.05 20.37
C3A CLA VF . -2.45 -24.04 19.45
C4A CLA VF . -1.21 -23.25 19.02
CMA CLA VF . -2.07 -25.31 20.18
CAA CLA VF . -4.38 -22.44 19.65
CBA CLA VF . -4.42 -22.77 18.17
CGA CLA VF . -4.91 -21.55 17.43
O1A CLA VF . -4.69 -20.38 17.71
O2A CLA VF . -5.69 -21.83 16.34
NB CLA VF . 1.35 -21.98 18.11
C1B CLA VF . 0.80 -23.11 17.59
C2B CLA VF . 1.64 -23.62 16.47
C3B CLA VF . 2.71 -22.76 16.35
C4B CLA VF . 2.53 -21.70 17.39
CMB CLA VF . 1.29 -24.84 15.74
CAB CLA VF . 3.85 -22.74 15.45
CBB CLA VF . 4.23 -23.71 14.62
NC CLA VF . 2.22 -19.56 19.53
C1C CLA VF . 3.25 -19.66 18.62
C2C CLA VF . 4.19 -18.57 18.82
C3C CLA VF . 3.69 -17.79 19.88
C4C CLA VF . 2.45 -18.42 20.30
CMC CLA VF . 5.41 -18.36 18.05
CAC CLA VF . 4.28 -16.58 20.45
CBC CLA VF . 5.10 -16.88 21.69
ND CLA VF . -0.08 -19.72 21.13
C1D CLA VF . 0.42 -18.53 21.72
C2D CLA VF . -0.53 -18.07 22.75
C3D CLA VF . -1.60 -18.95 22.71
C4D CLA VF . -1.27 -19.95 21.67
CMD CLA VF . -0.34 -16.89 23.61
CAD CLA VF . -2.88 -19.31 23.28
OBD CLA VF . -3.51 -18.79 24.19
CBD CLA VF . -3.40 -20.55 22.48
CGD CLA VF . -3.80 -21.68 23.40
O1D CLA VF . -4.80 -21.74 24.12
O2D CLA VF . -2.93 -22.73 23.43
CED CLA VF . -3.26 -23.84 24.25
C1 CLA VF . -5.19 -21.44 15.03
C2 CLA VF . -5.41 -19.98 14.85
C3 CLA VF . -5.27 -19.36 13.67
C4 CLA VF . -4.87 -20.08 12.45
C5 CLA VF . -5.50 -17.89 13.55
C6 CLA VF . -4.25 -17.12 13.16
C7 CLA VF . -4.53 -15.64 13.10
C8 CLA VF . -3.63 -14.86 14.05
C9 CLA VF . -4.36 -14.53 15.33
C10 CLA VF . -3.14 -13.58 13.39
C11 CLA VF . -2.11 -12.87 14.26
C12 CLA VF . -0.79 -12.71 13.53
C13 CLA VF . 0.09 -13.94 13.67
C14 CLA VF . 0.71 -14.00 15.05
C15 CLA VF . 1.18 -14.01 12.61
C16 CLA VF . 1.36 -12.71 11.86
C17 CLA VF . 2.82 -12.35 11.67
C18 CLA VF . 3.52 -13.33 10.75
C19 CLA VF . 3.26 -13.01 9.30
C20 CLA VF . 5.01 -13.34 11.03
MG CLA WF . 9.49 -23.63 15.12
CHA CLA WF . 7.23 -25.76 16.66
CHB CLA WF . 10.69 -26.22 13.29
CHC CLA WF . 11.75 -21.47 13.67
CHD CLA WF . 8.30 -20.98 17.15
NA CLA WF . 8.99 -25.65 14.99
C1A CLA WF . 8.00 -26.35 15.70
C2A CLA WF . 7.99 -27.83 15.29
C3A CLA WF . 9.07 -27.92 14.18
C4A CLA WF . 9.62 -26.50 14.12
CMA CLA WF . 10.12 -28.94 14.52
CAA CLA WF . 6.65 -28.30 14.77
CBA CLA WF . 5.97 -27.29 13.85
CGA CLA WF . 4.51 -27.27 14.15
O1A CLA WF . 3.94 -26.77 15.13
O2A CLA WF . 3.74 -27.92 13.24
NB CLA WF . 10.89 -23.79 13.67
C1B CLA WF . 11.31 -24.97 13.15
C2B CLA WF . 12.58 -24.75 12.39
C3B CLA WF . 12.88 -23.41 12.49
C4B CLA WF . 11.80 -22.78 13.31
CMB CLA WF . 13.29 -25.82 11.70
CAB CLA WF . 13.98 -22.65 11.96
CBB CLA WF . 14.35 -22.63 10.69
NC CLA WF . 9.90 -21.59 15.34
C1C CLA WF . 10.83 -20.90 14.61
C2C CLA WF . 10.83 -19.50 14.98
C3C CLA WF . 9.90 -19.36 16.01
C4C CLA WF . 9.31 -20.68 16.21
CMC CLA WF . 11.69 -18.47 14.40
CAC CLA WF . 9.52 -18.12 16.71
CBC CLA WF . 8.42 -17.39 16.00
ND CLA WF . 8.10 -23.36 16.57
C1D CLA WF . 7.75 -22.22 17.34
C2D CLA WF . 6.69 -22.62 18.30
C3D CLA WF . 6.43 -23.95 18.08
C4D CLA WF . 7.35 -24.36 16.98
CMD CLA WF . 6.08 -21.72 19.28
CAD CLA WF . 5.66 -25.11 18.47
OBD CLA WF . 4.78 -25.22 19.32
CBD CLA WF . 6.14 -26.30 17.58
CGD CLA WF . 6.63 -27.45 18.42
O1D CLA WF . 7.80 -27.76 18.66
O2D CLA WF . 5.63 -28.19 18.97
CED CLA WF . 5.90 -28.89 20.18
C1 CLA WF . 2.32 -27.65 13.31
C2 CLA WF . 1.61 -28.93 13.13
C3 CLA WF . 0.31 -29.08 13.45
C4 CLA WF . -0.48 -27.97 14.02
C5 CLA WF . -0.39 -30.38 13.24
C6 CLA WF . -1.57 -30.26 12.31
C7 CLA WF . -1.26 -30.95 10.99
C8 CLA WF . -2.49 -31.67 10.43
C9 CLA WF . -2.16 -32.32 9.11
C10 CLA WF . -3.67 -30.72 10.29
C11 CLA WF . -4.83 -31.37 9.57
C12 CLA WF . -6.14 -30.69 9.87
C13 CLA WF . -7.23 -31.15 8.93
C14 CLA WF . -7.08 -30.50 7.57
C15 CLA WF . -8.63 -30.87 9.48
C16 CLA WF . -9.34 -32.15 9.83
C17 CLA WF . -10.59 -32.36 9.01
C18 CLA WF . -11.73 -31.45 9.47
C19 CLA WF . -12.47 -32.07 10.63
C20 CLA WF . -12.69 -31.19 8.33
MG CLA XF . -30.09 -34.71 11.48
CHA CLA XF . -32.49 -36.76 10.06
CHB CLA XF . -32.07 -32.00 10.91
CHC CLA XF . -27.77 -32.74 13.08
CHD CLA XF . -28.02 -37.53 11.96
NA CLA XF . -31.97 -34.45 10.61
C1A CLA XF . -32.82 -35.43 10.09
C2A CLA XF . -34.11 -34.82 9.55
C3A CLA XF . -33.87 -33.30 9.69
C4A CLA XF . -32.56 -33.22 10.47
CMA CLA XF . -33.77 -32.63 8.34
CAA CLA XF . -35.30 -35.23 10.40
CBA CLA XF . -34.97 -35.13 11.88
CGA CLA XF . -36.23 -34.99 12.69
O1A CLA XF . -37.40 -34.94 12.30
O2A CLA XF . -35.98 -34.89 14.03
NB CLA XF . -29.96 -32.74 11.92
C1B CLA XF . -30.87 -31.80 11.61
C2B CLA XF . -30.42 -30.46 12.11
C3B CLA XF . -29.20 -30.66 12.72
C4B CLA XF . -28.89 -32.12 12.60
CMB CLA XF . -31.19 -29.25 11.92
CAB CLA XF . -28.30 -29.74 13.37
CBB CLA XF . -28.03 -28.51 12.96
NC CLA XF . -28.22 -35.08 12.35
C1C CLA XF . -27.45 -34.12 12.95
C2C CLA XF . -26.23 -34.73 13.48
C3C CLA XF . -26.29 -36.09 13.13
C4C CLA XF . -27.54 -36.29 12.43
CMC CLA XF . -25.19 -34.01 14.19
CAC CLA XF . -25.28 -37.12 13.45
CBC CLA XF . -25.67 -37.94 14.65
ND CLA XF . -30.15 -36.69 11.08
C1D CLA XF . -29.24 -37.74 11.33
C2D CLA XF . -29.81 -39.01 10.84
C3D CLA XF . -31.06 -38.70 10.36
C4D CLA XF . -31.23 -37.24 10.53
CMD CLA XF . -29.14 -40.31 10.91
CAD CLA XF . -32.28 -39.20 9.73
OBD CLA XF . -32.57 -40.34 9.39
CBD CLA XF . -33.23 -37.97 9.54
CGD CLA XF . -33.66 -37.80 8.11
O1D CLA XF . -32.97 -37.93 7.09
O2D CLA XF . -34.97 -37.45 7.96
CED CLA XF . -35.79 -38.29 7.14
C1 CLA XF . -36.16 -36.10 14.80
C2 CLA XF . -35.32 -35.97 16.03
C3 CLA XF . -35.09 -36.99 16.85
C4 CLA XF . -35.64 -38.35 16.61
C5 CLA XF . -34.25 -36.82 18.07
C6 CLA XF . -33.05 -37.75 18.07
C7 CLA XF . -31.99 -37.26 19.05
C8 CLA XF . -30.64 -37.92 18.79
C9 CLA XF . -30.75 -39.43 18.91
C10 CLA XF . -29.58 -37.39 19.76
C11 CLA XF . -28.40 -36.81 19.01
MG CLA YF . -18.66 -34.60 -0.28
CHA CLA YF . -19.45 -32.62 -3.02
CHB CLA YF . -17.38 -36.97 -2.37
CHC CLA YF . -17.61 -36.37 2.46
CHD CLA YF . -20.01 -32.10 1.84
NA CLA YF . -18.49 -34.76 -2.36
C1A CLA YF . -18.85 -33.81 -3.32
C2A CLA YF . -18.53 -34.31 -4.73
C3A CLA YF . -18.07 -35.77 -4.49
C4A CLA YF . -17.94 -35.86 -2.97
CMA CLA YF . -19.06 -36.75 -5.05
CAA CLA YF . -17.37 -33.49 -5.24
CBA CLA YF . -16.32 -33.25 -4.17
CGA CLA YF . -15.12 -32.50 -4.63
O1A CLA YF . -14.62 -32.47 -5.76
O2A CLA YF . -14.54 -31.74 -3.65
NB CLA YF . -17.71 -36.35 -0.01
C1B CLA YF . -17.24 -37.16 -0.99
C2B CLA YF . -16.53 -38.33 -0.38
C3B CLA YF . -16.59 -38.17 0.98
C4B CLA YF . -17.34 -36.90 1.24
CMB CLA YF . -15.90 -39.38 -1.19
CAB CLA YF . -16.07 -38.98 2.06
CBB CLA YF . -14.90 -39.61 2.07
NC CLA YF . -18.81 -34.30 1.78
C1C CLA YF . -18.30 -35.15 2.72
C2C CLA YF . -18.53 -34.61 4.05
C3C CLA YF . -19.23 -33.42 3.88
C4C CLA YF . -19.39 -33.22 2.45
CMC CLA YF . -18.09 -35.24 5.29
CAC CLA YF . -19.66 -32.49 4.93
CBC CLA YF . -18.67 -31.38 5.16
ND CLA YF . -19.57 -32.80 -0.47
C1D CLA YF . -20.10 -31.89 0.48
C2D CLA YF . -20.70 -30.74 -0.24
C3D CLA YF . -20.45 -30.95 -1.58
C4D CLA YF . -19.75 -32.25 -1.67
CMD CLA YF . -21.37 -29.61 0.40
CAD CLA YF . -20.62 -30.44 -2.94
OBD CLA YF . -21.14 -29.41 -3.32
CBD CLA YF . -19.98 -31.51 -3.89
CGD CLA YF . -20.98 -31.99 -4.91
O1D CLA YF . -21.34 -33.16 -5.12
O2D CLA YF . -21.52 -31.00 -5.68
CED CLA YF . -21.09 -30.92 -7.04
C1 CLA YF . -13.45 -32.33 -2.90
C2 CLA YF . -13.09 -31.33 -1.87
C3 CLA YF . -12.15 -31.52 -0.92
C4 CLA YF . -11.36 -32.76 -0.80
C5 CLA YF . -11.87 -30.44 0.08
C6 CLA YF . -12.09 -30.83 1.52
C7 CLA YF . -12.42 -29.58 2.31
C8 CLA YF . -12.18 -29.76 3.80
C9 CLA YF . -13.49 -30.03 4.53
C10 CLA YF . -11.51 -28.53 4.39
C11 CLA YF . -10.82 -28.83 5.70
C12 CLA YF . -9.52 -28.07 5.83
C13 CLA YF . -9.32 -27.55 7.24
C14 CLA YF . -10.48 -26.65 7.63
C15 CLA YF . -7.99 -26.81 7.38
C16 CLA YF . -7.96 -25.58 6.50
C17 CLA YF . -6.60 -24.91 6.56
MG CLA ZF . -39.05 -30.15 16.82
CHA CLA ZF . -39.14 -30.23 13.35
CHB CLA ZF . -42.27 -29.04 16.86
CHC CLA ZF . -38.92 -30.13 20.24
CHD CLA ZF . -35.68 -31.21 16.70
NA CLA ZF . -40.46 -29.73 15.33
C1A CLA ZF . -40.30 -29.83 13.94
C2A CLA ZF . -41.59 -29.44 13.22
C3A CLA ZF . -42.53 -28.99 14.35
C4A CLA ZF . -41.73 -29.28 15.62
CMA CLA ZF . -42.89 -27.52 14.24
CAA CLA ZF . -42.17 -30.66 12.50
CBA CLA ZF . -42.39 -31.83 13.44
CGA CLA ZF . -41.22 -32.78 13.42
O1A CLA ZF . -40.86 -33.55 12.53
O2A CLA ZF . -40.50 -32.74 14.59
NB CLA ZF . -40.34 -29.66 18.28
C1B CLA ZF . -41.63 -29.25 18.10
C2B CLA ZF . -42.29 -29.06 19.41
C3B CLA ZF . -41.36 -29.36 20.38
C4B CLA ZF . -40.10 -29.76 19.68
CMB CLA ZF . -43.68 -28.63 19.56
CAB CLA ZF . -41.49 -29.34 21.82
CBB CLA ZF . -41.22 -30.34 22.65
NC CLA ZF . -37.57 -30.60 18.22
C1C CLA ZF . -37.73 -30.53 19.57
C2C CLA ZF . -36.50 -30.92 20.25
C3C CLA ZF . -35.57 -31.21 19.24
C4C CLA ZF . -36.26 -31.01 17.96
CMC CLA ZF . -36.32 -30.96 21.69
CAC CLA ZF . -34.19 -31.66 19.43
CBC CLA ZF . -34.03 -33.15 19.20
ND CLA ZF . -37.69 -30.65 15.41
C1D CLA ZF . -36.33 -31.05 15.49
C2D CLA ZF . -35.80 -31.25 14.12
C3D CLA ZF . -36.84 -30.95 13.26
C4D CLA ZF . -37.98 -30.58 14.11
CMD CLA ZF . -34.43 -31.67 13.81
CAD CLA ZF . -37.26 -30.86 11.88
OBD CLA ZF . -36.64 -31.09 10.84
CBD CLA ZF . -38.75 -30.37 11.89
CGD CLA ZF . -38.94 -29.07 11.14
O1D CLA ZF . -39.04 -27.94 11.62
O2D CLA ZF . -39.03 -29.22 9.79
CED CLA ZF . -39.60 -28.14 9.05
C1 CLA ZF . -39.76 -33.92 14.96
C2 CLA ZF . -39.27 -33.67 16.34
C3 CLA ZF . -39.07 -34.65 17.25
C4 CLA ZF . -39.32 -36.07 16.93
C5 CLA ZF . -38.58 -34.33 18.61
C6 CLA ZF . -37.70 -35.41 19.22
C7 CLA ZF . -37.25 -35.01 20.61
C8 CLA ZF . -36.70 -36.19 21.39
C9 CLA ZF . -35.61 -35.74 22.34
MG CLA AG . -30.91 -26.10 13.73
CHA CLA AG . -28.02 -24.83 12.29
CHB CLA AG . -29.31 -26.33 16.72
CHC CLA AG . -33.82 -27.23 15.14
CHD CLA AG . -32.53 -25.83 10.59
NA CLA AG . -28.97 -25.65 14.37
C1A CLA AG . -27.92 -25.11 13.62
C2A CLA AG . -26.67 -24.94 14.48
C3A CLA AG . -27.08 -25.53 15.84
C4A CLA AG . -28.56 -25.86 15.65
CMA CLA AG . -26.28 -26.78 16.15
CAA CLA AG . -26.32 -23.47 14.63
CBA CLA AG . -24.84 -23.31 14.93
CGA CLA AG . -24.64 -23.01 16.38
O1A CLA AG . -25.21 -22.17 17.08
O2A CLA AG . -23.69 -23.80 16.96
NB CLA AG . -31.47 -26.64 15.58
C1B CLA AG . -30.65 -26.69 16.67
C2B CLA AG . -31.41 -27.22 17.85
C3B CLA AG . -32.70 -27.48 17.41
C4B CLA AG . -32.74 -27.11 15.96
CMB CLA AG . -30.80 -27.40 19.16
CAB CLA AG . -33.83 -28.00 18.11
CBB CLA AG . -34.21 -27.69 19.35
NC CLA AG . -32.83 -26.46 12.99
C1C CLA AG . -33.87 -26.91 13.75
C2C CLA AG . -35.07 -27.05 12.92
C3C CLA AG . -34.71 -26.65 11.63
C4C CLA AG . -33.30 -26.28 11.68
CMC CLA AG . -36.36 -27.51 13.39
CAC CLA AG . -35.59 -26.62 10.45
CBC CLA AG . -36.14 -25.24 10.16
ND CLA AG . -30.44 -25.54 11.84
C1D CLA AG . -31.19 -25.49 10.64
C2D CLA AG . -30.32 -25.00 9.54
C3D CLA AG . -29.10 -24.73 10.12
C4D CLA AG . -29.22 -25.07 11.55
CMD CLA AG . -30.70 -24.85 8.14
CAD CLA AG . -27.74 -24.28 9.90
OBD CLA AG . -27.18 -23.95 8.86
CBD CLA AG . -27.02 -24.29 11.29
CGD CLA AG . -25.77 -25.11 11.27
O1D CLA AG . -24.70 -24.89 11.86
O2D CLA AG . -25.86 -26.23 10.51
CED CLA AG . -25.16 -27.40 10.95
C1 CLA AG . -24.05 -24.42 18.22
C2 CLA AG . -23.57 -25.82 18.14
C3 CLA AG . -23.73 -26.69 19.15
C4 CLA AG . -24.39 -26.31 20.43
C5 CLA AG . -23.22 -28.09 19.03
C6 CLA AG . -24.22 -29.14 19.50
C7 CLA AG . -25.45 -29.18 18.63
C8 CLA AG . -25.85 -30.60 18.25
C9 CLA AG . -25.46 -30.90 16.82
C10 CLA AG . -27.36 -30.81 18.47
C11 CLA AG . -28.17 -30.50 17.25
C12 CLA AG . -29.64 -30.79 17.47
C13 CLA AG . -30.25 -31.56 16.30
C14 CLA AG . -31.32 -30.74 15.61
C15 CLA AG . -30.81 -32.90 16.74
C16 CLA AG . -31.12 -33.79 15.55
C17 CLA AG . -30.46 -35.14 15.70
C18 CLA AG . -30.80 -36.08 14.54
C19 CLA AG . -32.26 -36.00 14.17
C20 CLA AG . -30.41 -37.50 14.88
MG CLA BG . -21.88 -30.97 32.59
CHA CLA BG . -18.91 -32.40 33.66
CHB CLA BG . -20.17 -29.16 30.28
CHC CLA BG . -24.86 -29.63 31.52
CHD CLA BG . -23.62 -32.83 35.05
NA CLA BG . -19.86 -30.82 32.08
C1A CLA BG . -18.78 -31.50 32.64
C2A CLA BG . -17.47 -31.08 31.98
C3A CLA BG . -17.90 -29.99 30.98
C4A CLA BG . -19.42 -29.98 31.09
CMA CLA BG . -17.30 -28.66 31.32
CAA CLA BG . -16.80 -32.25 31.27
CBA CLA BG . -17.54 -32.69 30.02
CGA CLA BG . -17.02 -34.02 29.57
O1A CLA BG . -16.21 -34.75 30.14
O2A CLA BG . -17.54 -34.42 28.38
NB CLA BG . -22.42 -29.63 31.19
C1B CLA BG . -21.57 -29.04 30.31
C2B CLA BG . -22.34 -28.21 29.34
C3B CLA BG . -23.68 -28.34 29.68
C4B CLA BG . -23.73 -29.25 30.86
CMB CLA BG . -21.71 -27.45 28.27
CAB CLA BG . -24.86 -27.77 29.09
CBB CLA BG . -24.96 -26.55 28.54
NC CLA BG . -23.87 -31.19 33.19
C1C CLA BG . -24.94 -30.54 32.62
C2C CLA BG . -26.17 -30.91 33.29
C3C CLA BG . -25.82 -31.82 34.29
C4C CLA BG . -24.38 -31.99 34.22
CMC CLA BG . -27.49 -30.40 32.94
CAC CLA BG . -26.73 -32.49 35.24
CBC CLA BG . -26.94 -31.67 36.50
ND CLA BG . -21.45 -32.32 34.03
C1D CLA BG . -22.26 -33.01 34.99
C2D CLA BG . -21.38 -33.88 35.80
C3D CLA BG . -20.09 -33.70 35.33
C4D CLA BG . -20.19 -32.70 34.25
CMD CLA BG . -21.86 -34.76 36.88
CAD CLA BG . -18.70 -34.07 35.48
OBD CLA BG . -18.18 -34.88 36.23
CBD CLA BG . -17.91 -33.24 34.42
CGD CLA BG . -16.85 -32.37 35.06
O1D CLA BG . -15.62 -32.46 34.97
O2D CLA BG . -17.37 -31.35 35.82
CED CLA BG . -16.49 -30.28 36.17
MG CLA CG . -31.83 -29.51 39.05
CHA CLA CG . -32.12 -31.66 41.75
CHB CLA CG . -31.09 -32.15 37.04
CHC CLA CG . -31.59 -27.35 36.40
CHD CLA CG . -32.54 -26.79 41.20
NA CLA CG . -31.64 -31.57 39.36
C1A CLA CG . -31.82 -32.27 40.56
C2A CLA CG . -31.61 -33.77 40.35
C3A CLA CG . -31.18 -33.87 38.88
C4A CLA CG . -31.32 -32.44 38.36
CMA CLA CG . -29.78 -34.39 38.73
CAA CLA CG . -32.91 -34.52 40.59
CBA CLA CG . -33.98 -34.02 39.64
CGA CLA CG . -35.36 -34.30 40.16
O1A CLA CG . -35.69 -34.94 41.17
O2A CLA CG . -36.34 -33.75 39.37
NB CLA CG . -31.40 -29.71 37.10
C1B CLA CG . -31.16 -30.88 36.44
C2B CLA CG . -30.96 -30.62 35.00
C3B CLA CG . -31.10 -29.27 34.80
C4B CLA CG . -31.38 -28.67 36.13
CMB CLA CG . -30.69 -31.71 34.05
CAB CLA CG . -31.02 -28.47 33.60
CBB CLA CG . -31.35 -28.85 32.37
NC CLA CG . -32.03 -27.45 38.85
C1C CLA CG . -31.90 -26.77 37.67
C2C CLA CG . -32.11 -25.34 37.88
C3C CLA CG . -32.38 -25.18 39.25
C4C CLA CG . -32.32 -26.50 39.85
CMC CLA CG . -32.05 -24.34 36.82
CAC CLA CG . -32.68 -23.93 39.96
CBC CLA CG . -34.14 -23.80 40.33
ND CLA CG . -32.26 -29.22 41.00
C1D CLA CG . -32.51 -28.05 41.76
C2D CLA CG . -32.72 -28.43 43.18
C3D CLA CG . -32.59 -29.81 43.23
C4D CLA CG . -32.29 -30.24 41.85
CMD CLA CG . -33.00 -27.50 44.26
CAD CLA CG . -32.60 -31.00 44.07
OBD CLA CG . -32.82 -31.10 45.28
CBD CLA CG . -32.30 -32.21 43.15
CGD CLA CG . -31.06 -32.97 43.57
O1D CLA CG . -30.94 -34.19 43.71
O2D CLA CG . -29.99 -32.18 43.83
CED CLA CG . -28.72 -32.81 44.01
C1 CLA CG . -37.43 -34.62 39.00
C2 CLA CG . -37.54 -34.53 37.52
C3 CLA CG . -38.68 -34.18 36.89
C4 CLA CG . -39.91 -33.83 37.63
C5 CLA CG . -38.73 -34.12 35.40
MG CLA DG . -19.81 -38.92 35.16
CHA CLA DG . -16.62 -40.26 35.50
CHB CLA DG . -18.69 -36.86 32.69
CHC CLA DG . -22.99 -37.69 34.82
CHD CLA DG . -20.95 -41.16 37.65
NA CLA DG . -17.94 -38.62 34.27
C1A CLA DG . -16.73 -39.28 34.54
C2A CLA DG . -15.61 -38.76 33.63
C3A CLA DG . -16.28 -37.64 32.81
C4A CLA DG . -17.75 -37.70 33.27
CMA CLA DG . -15.65 -36.29 33.06
CAA CLA DG . -15.13 -39.85 32.70
CBA CLA DG . -16.28 -40.73 32.24
CGA CLA DG . -16.29 -40.88 30.75
O1A CLA DG . -15.89 -41.83 30.07
O2A CLA DG . -16.81 -39.79 30.11
NB CLA DG . -20.68 -37.56 33.95
C1B CLA DG . -20.04 -36.80 33.03
C2B CLA DG . -21.00 -35.85 32.41
C3B CLA DG . -22.23 -36.07 33.01
C4B CLA DG . -22.03 -37.16 34.00
CMB CLA DG . -20.62 -34.88 31.39
CAB CLA DG . -23.49 -35.41 32.78
CBB CLA DG . -24.63 -36.02 32.43
NC CLA DG . -21.62 -39.33 36.09
C1C CLA DG . -22.80 -38.71 35.80
C2C CLA DG . -23.87 -39.24 36.63
C3C CLA DG . -23.30 -40.23 37.42
C4C CLA DG . -21.89 -40.30 37.07
CMC CLA DG . -25.26 -38.79 36.60
CAC CLA DG . -23.98 -41.07 38.43
CBC CLA DG . -24.18 -42.49 37.94
ND CLA DG . -19.01 -40.31 36.41
C1D CLA DG . -19.60 -41.19 37.35
C2D CLA DG . -18.54 -42.06 37.92
C3D CLA DG . -17.38 -41.72 37.27
C4D CLA DG . -17.73 -40.66 36.31
CMD CLA DG . -18.77 -43.05 38.97
CAD CLA DG . -15.95 -41.96 37.15
OBD CLA DG . -15.22 -42.69 37.82
CBD CLA DG . -15.44 -41.11 35.94
CGD CLA DG . -14.22 -40.31 36.29
O1D CLA DG . -13.05 -40.68 36.30
O2D CLA DG . -14.49 -39.01 36.64
CED CLA DG . -13.39 -38.09 36.67
MG CLA EG . -35.95 -14.90 39.67
CHA CLA EG . -35.26 -12.80 42.36
CHB CLA EG . -35.75 -17.60 41.73
CHC CLA EG . -36.77 -16.90 37.01
CHD CLA EG . -36.13 -12.05 37.58
NA CLA EG . -35.55 -15.13 41.71
C1A CLA EG . -35.30 -14.13 42.67
C2A CLA EG . -35.07 -14.75 44.05
C3A CLA EG . -35.15 -16.27 43.79
C4A CLA EG . -35.52 -16.37 42.31
CMA CLA EG . -33.87 -16.99 44.13
CAA CLA EG . -36.15 -14.31 45.02
CBA CLA EG . -37.41 -15.14 44.91
CGA CLA EG . -38.29 -14.68 43.79
O1A CLA EG . -38.24 -14.98 42.60
O2A CLA EG . -39.25 -13.81 44.21
NB CLA EG . -36.15 -16.88 39.40
C1B CLA EG . -36.12 -17.81 40.40
C2B CLA EG . -36.58 -19.12 39.88
C3B CLA EG . -36.88 -18.96 38.55
C4B CLA EG . -36.61 -17.52 38.22
CMB CLA EG . -36.65 -20.32 40.71
CAB CLA EG . -37.37 -19.97 37.64
CBB CLA EG . -38.08 -19.77 36.52
NC CLA EG . -36.33 -14.53 37.64
C1C CLA EG . -36.63 -15.50 36.73
C2C CLA EG . -36.83 -14.90 35.42
C3C CLA EG . -36.69 -13.53 35.59
C4C CLA EG . -36.37 -13.30 36.98
CMC CLA EG . -37.16 -15.64 34.20
CAC CLA EG . -36.82 -12.50 34.54
CBC CLA EG . -35.51 -11.85 34.17
ND CLA EG . -35.75 -12.89 39.85
C1D CLA EG . -35.85 -11.83 38.90
C2D CLA EG . -35.61 -10.54 39.59
C3D CLA EG . -35.39 -10.86 40.91
C4D CLA EG . -35.49 -12.33 41.02
CMD CLA EG . -35.63 -9.24 38.93
CAD CLA EG . -35.11 -10.34 42.25
OBD CLA EG . -34.97 -9.18 42.62
CBD CLA EG . -35.01 -11.56 43.21
CGD CLA EG . -33.71 -11.58 43.98
O1D CLA EG . -33.31 -10.74 44.77
O2D CLA EG . -32.91 -12.66 43.73
CED CLA EG . -32.09 -13.11 44.80
C1 CLA EG . -40.27 -14.35 45.08
C2 CLA EG . -40.95 -15.44 44.33
C3 CLA EG . -41.96 -15.21 43.48
C4 CLA EG . -42.50 -13.85 43.23
C5 CLA EG . -42.61 -16.33 42.76
C6 CLA EG . -42.83 -16.04 41.28
C7 CLA EG . -43.61 -17.17 40.63
C8 CLA EG . -43.96 -16.87 39.18
C9 CLA EG . -44.47 -15.47 39.02
C10 CLA EG . -44.99 -17.87 38.66
C11 CLA EG . -45.18 -17.77 37.17
MG CLA FG . -27.84 -10.65 33.25
CHA CLA FG . -24.54 -9.77 32.59
CHB CLA FG . -26.95 -11.59 36.41
CHC CLA FG . -31.11 -11.52 33.85
CHD CLA FG . -28.72 -9.60 29.99
NA CLA FG . -26.03 -10.68 34.30
C1A CLA FG . -24.77 -10.28 33.85
C2A CLA FG . -23.71 -10.46 34.94
C3A CLA FG . -24.50 -11.12 36.10
C4A CLA FG . -25.93 -11.14 35.59
CMA CLA FG . -24.00 -12.51 36.41
CAA CLA FG . -23.14 -9.13 35.38
CBA CLA FG . -23.18 -8.92 36.89
CGA CLA FG . -24.38 -8.12 37.27
O1A CLA FG . -24.57 -7.48 38.30
O2A CLA FG . -25.37 -8.13 36.34
NB CLA FG . -28.84 -11.42 34.83
C1B CLA FG . -28.30 -11.69 36.05
C2B CLA FG . -29.38 -12.18 36.97
C3B CLA FG . -30.55 -12.16 36.25
C4B CLA FG . -30.23 -11.68 34.87
CMB CLA FG . -29.12 -12.57 38.35
CAB CLA FG . -31.87 -12.54 36.66
CBB CLA FG . -32.93 -11.71 36.66
NC CLA FG . -29.59 -10.58 32.11
C1C CLA FG . -30.81 -11.01 32.54
C2C CLA FG . -31.80 -10.83 31.48
C3C CLA FG . -31.14 -10.26 30.40
C4C CLA FG . -29.74 -10.10 30.80
CMC CLA FG . -33.21 -11.19 31.58
CAC CLA FG . -31.72 -9.88 29.10
CBC CLA FG . -31.34 -10.76 27.94
ND CLA FG . -26.91 -9.88 31.63
C1D CLA FG . -27.39 -9.48 30.35
C2D CLA FG . -26.27 -8.97 29.55
C3D CLA FG . -25.15 -9.07 30.36
C4D CLA FG . -25.61 -9.64 31.65
CMD CLA FG . -26.37 -8.48 28.18
CAD CLA FG . -23.72 -8.85 30.47
OBD CLA FG . -22.94 -8.43 29.64
CBD CLA FG . -23.29 -9.30 31.90
CGD CLA FG . -22.25 -10.38 31.84
O1D CLA FG . -22.43 -11.59 31.95
O2D CLA FG . -20.98 -9.92 31.62
CED CLA FG . -19.95 -10.90 31.43
C1 CLA FG . -26.69 -7.78 36.80
C2 CLA FG . -27.61 -7.95 35.63
C3 CLA FG . -28.46 -6.99 35.24
C4 CLA FG . -28.58 -5.69 35.93
C5 CLA FG . -29.35 -7.21 34.06
C6 CLA FG . -30.80 -7.42 34.48
C7 CLA FG . -31.73 -7.26 33.29
C8 CLA FG . -33.14 -7.70 33.63
C9 CLA FG . -34.02 -7.64 32.40
MG CLA GG . -23.62 -17.48 28.70
CHA CLA GG . -20.73 -18.49 30.32
CHB CLA GG . -23.20 -14.34 29.96
CHC CLA GG . -26.43 -16.48 26.99
CHD CLA GG . -24.03 -20.76 27.46
NA CLA GG . -22.20 -16.59 29.95
C1A CLA GG . -21.06 -17.18 30.51
C2A CLA GG . -20.29 -16.16 31.34
C3A CLA GG . -21.20 -14.93 31.36
C4A CLA GG . -22.28 -15.29 30.34
CMA CLA GG . -21.78 -14.68 32.74
CAA CLA GG . -19.00 -15.83 30.60
CBA CLA GG . -19.05 -14.52 29.82
CGA CLA GG . -19.74 -14.67 28.51
O1A CLA GG . -20.25 -15.68 28.01
O2A CLA GG . -19.80 -13.51 27.78
NB CLA GG . -24.65 -15.75 28.55
C1B CLA GG . -24.25 -14.56 29.05
C2B CLA GG . -25.14 -13.48 28.55
C3B CLA GG . -26.06 -14.06 27.71
C4B CLA GG . -25.76 -15.53 27.70
CMB CLA GG . -24.95 -12.08 28.94
CAB CLA GG . -27.15 -13.49 26.95
CBB CLA GG . -27.89 -12.44 27.31
NC CLA GG . -24.98 -18.46 27.46
C1C CLA GG . -26.07 -17.85 26.87
C2C CLA GG . -26.80 -18.82 26.08
C3C CLA GG . -26.12 -20.04 26.20
C4C CLA GG . -24.98 -19.80 27.08
CMC CLA GG . -28.01 -18.53 25.31
CAC CLA GG . -26.48 -21.31 25.57
CBC CLA GG . -25.93 -21.42 24.17
ND CLA GG . -22.64 -19.23 28.79
C1D CLA GG . -22.93 -20.52 28.25
C2D CLA GG . -21.88 -21.47 28.70
C3D CLA GG . -21.01 -20.75 29.49
C4D CLA GG . -21.53 -19.37 29.53
CMD CLA GG . -21.82 -22.88 28.32
CAD CLA GG . -19.79 -20.76 30.28
OBD CLA GG . -18.99 -21.68 30.47
CBD CLA GG . -19.61 -19.34 30.89
CGD CLA GG . -19.69 -19.36 32.39
O1D CLA GG . -20.59 -19.86 33.09
O2D CLA GG . -18.63 -18.78 33.02
CED CLA GG . -18.80 -18.40 34.38
C1 CLA GG . -20.95 -12.65 27.96
C2 CLA GG . -21.82 -12.74 26.76
C3 CLA GG . -22.49 -11.66 26.31
C4 CLA GG . -22.38 -10.34 26.99
C5 CLA GG . -23.37 -11.69 25.11
C6 CLA GG . -24.26 -12.92 24.96
C7 CLA GG . -25.39 -12.60 24.00
C8 CLA GG . -26.23 -13.81 23.62
C9 CLA GG . -25.42 -14.80 22.80
C10 CLA GG . -27.47 -13.38 22.83
C11 CLA GG . -28.51 -12.74 23.72
C12 CLA GG . -29.18 -11.56 23.05
C13 CLA GG . -30.33 -11.02 23.88
C14 CLA GG . -31.66 -11.42 23.27
C15 CLA GG . -30.26 -9.50 24.03
C16 CLA GG . -28.91 -9.07 24.54
C17 CLA GG . -28.51 -7.71 24.00
C18 CLA GG . -27.01 -7.51 23.90
C19 CLA GG . -26.24 -8.82 23.88
C20 CLA GG . -26.51 -6.64 25.03
MG CLA HG . -43.22 -25.86 23.10
CHA CLA HG . -44.77 -25.21 20.06
CHB CLA HG . -46.26 -25.88 24.65
CHC CLA HG . -41.64 -26.47 26.10
CHD CLA HG . -40.08 -25.76 21.47
NA CLA HG . -45.18 -25.60 22.43
C1A CLA HG . -45.63 -25.34 21.12
C2A CLA HG . -47.14 -25.21 21.08
C3A CLA HG . -47.57 -25.37 22.56
C4A CLA HG . -46.25 -25.65 23.29
CMA CLA HG . -48.25 -24.13 23.09
CAA CLA HG . -47.76 -26.32 20.24
CBA CLA HG . -49.25 -26.12 20.05
CGA CLA HG . -50.00 -26.91 21.08
O1A CLA HG . -51.10 -26.68 21.59
O2A CLA HG . -49.33 -28.04 21.47
NB CLA HG . -43.82 -26.14 25.00
C1B CLA HG . -45.12 -26.13 25.43
C2B CLA HG . -45.16 -26.38 26.90
C3B CLA HG . -43.85 -26.55 27.32
C4B CLA HG . -43.00 -26.39 26.11
CMB CLA HG . -46.41 -26.43 27.66
CAB CLA HG . -43.30 -26.82 28.62
CBB CLA HG . -43.69 -26.24 29.76
NC CLA HG . -41.22 -26.08 23.67
C1C CLA HG . -40.81 -26.32 24.95
C2C CLA HG . -39.35 -26.42 24.99
C3C CLA HG . -38.90 -26.22 23.69
C4C CLA HG . -40.09 -26.01 22.85
CMC CLA HG . -38.55 -26.67 26.20
CAC CLA HG . -37.51 -26.24 23.22
CBC CLA HG . -37.16 -27.49 22.45
ND CLA HG . -42.51 -25.56 21.23
C1D CLA HG . -41.20 -25.55 20.70
C2D CLA HG . -41.27 -25.29 19.25
C3D CLA HG . -42.62 -25.15 18.94
C4D CLA HG . -43.36 -25.32 20.22
CMD CLA HG . -40.12 -25.21 18.36
CAD CLA HG . -43.61 -24.90 17.91
OBD CLA HG . -43.44 -24.68 16.71
CBD CLA HG . -45.00 -24.93 18.59
CGD CLA HG . -45.78 -23.67 18.36
O1D CLA HG . -46.72 -23.49 17.58
O2D CLA HG . -45.38 -22.62 19.13
CED CLA HG . -45.84 -21.31 18.78
MG CLA IG . -36.74 -11.61 18.80
CHA CLA IG . -38.72 -10.02 16.44
CHB CLA IG . -34.45 -12.30 16.38
CHC CLA IG . -34.69 -12.95 21.21
CHD CLA IG . -39.17 -10.89 21.26
NA CLA IG . -36.64 -11.24 16.75
C1A CLA IG . -37.56 -10.54 15.95
C2A CLA IG . -37.09 -10.49 14.49
C3A CLA IG . -35.84 -11.38 14.48
C4A CLA IG . -35.60 -11.67 15.96
CMA CLA IG . -36.06 -12.65 13.70
CAA CLA IG . -36.74 -9.06 14.12
CBA CLA IG . -35.58 -8.54 14.94
CGA CLA IG . -35.78 -7.11 15.33
O1A CLA IG . -36.78 -6.40 15.17
O2A CLA IG . -34.68 -6.57 15.93
NB CLA IG . -34.93 -12.48 18.80
C1B CLA IG . -34.13 -12.62 17.71
C2B CLA IG . -32.82 -13.20 18.11
C3B CLA IG . -32.87 -13.39 19.48
C4B CLA IG . -34.21 -12.93 19.93
CMB CLA IG . -31.75 -13.50 17.15
CAB CLA IG . -31.89 -13.93 20.38
CBB CLA IG . -30.57 -13.74 20.31
NC CLA IG . -36.93 -11.90 20.85
C1C CLA IG . -35.97 -12.47 21.64
C2C CLA IG . -36.42 -12.52 23.03
C3C CLA IG . -37.69 -11.92 23.05
C4C CLA IG . -37.99 -11.54 21.68
CMC CLA IG . -35.66 -13.07 24.14
CAC CLA IG . -38.55 -11.74 24.23
CBC CLA IG . -38.69 -10.30 24.65
ND CLA IG . -38.57 -10.74 18.89
C1D CLA IG . -39.45 -10.50 19.97
C2D CLA IG . -40.65 -9.78 19.46
C3D CLA IG . -40.41 -9.56 18.11
C4D CLA IG . -39.10 -10.17 17.81
CMD CLA IG . -41.79 -9.38 20.28
CAD CLA IG . -40.94 -9.03 16.87
OBD CLA IG . -42.00 -8.48 16.64
CBD CLA IG . -39.85 -9.26 15.77
CGD CLA IG . -40.40 -9.98 14.57
O1D CLA IG . -40.66 -11.18 14.47
O2D CLA IG . -40.61 -9.17 13.50
CED CLA IG . -41.00 -9.78 12.27
C1 CLA IG . -34.68 -5.13 16.08
C2 CLA IG . -33.44 -4.64 15.44
C3 CLA IG . -32.25 -4.61 16.05
C4 CLA IG . -32.08 -5.07 17.45
C5 CLA IG . -31.04 -4.10 15.36
C6 CLA IG . -31.25 -3.88 13.88
C7 CLA IG . -29.92 -3.62 13.19
C8 CLA IG . -30.07 -3.38 11.70
C9 CLA IG . -29.41 -4.51 10.92
C10 CLA IG . -29.46 -2.05 11.33
C11 CLA IG . -29.16 -1.91 9.85
C12 CLA IG . -28.81 -0.48 9.49
C13 CLA IG . -28.43 -0.33 8.02
C14 CLA IG . -28.18 1.12 7.69
C15 CLA IG . -29.50 -0.93 7.12
C16 CLA IG . -29.24 -0.58 5.66
C17 CLA IG . -30.29 -1.16 4.75
C18 CLA IG . -30.11 -0.71 3.31
C19 CLA IG . -31.27 -1.15 2.45
C20 CLA IG . -28.80 -1.23 2.75
MG CLA JG . -48.01 -12.03 20.29
CHA CLA JG . -50.85 -13.65 19.10
CHB CLA JG . -49.40 -9.02 19.53
CHC CLA JG . -45.17 -10.49 21.47
CHD CLA JG . -46.59 -15.19 21.03
NA CLA JG . -49.85 -11.46 19.48
C1A CLA JG . -50.91 -12.28 19.05
C2A CLA JG . -52.06 -11.45 18.51
C3A CLA JG . -51.58 -9.99 18.68
C4A CLA JG . -50.17 -10.15 19.27
CMA CLA JG . -51.54 -9.26 17.36
CAA CLA JG . -53.33 -11.68 19.32
CBA CLA JG . -53.61 -10.57 20.32
CGA CLA JG . -54.67 -11.00 21.28
O1A CLA JG . -55.41 -11.99 21.23
O2A CLA JG . -54.79 -10.16 22.36
NB CLA JG . -47.43 -10.12 20.52
C1B CLA JG . -48.10 -9.03 20.07
C2B CLA JG . -47.24 -7.82 20.19
C3B CLA JG . -46.04 -8.22 20.74
C4B CLA JG . -46.15 -9.70 20.96
CMB CLA JG . -47.71 -6.50 19.76
CAB CLA JG . -44.83 -7.51 21.08
CBB CLA JG . -44.55 -6.23 20.84
NC CLA JG . -46.22 -12.73 21.12
C1C CLA JG . -45.21 -11.91 21.56
C2C CLA JG . -44.13 -12.72 22.11
C3C CLA JG . -44.51 -14.06 21.96
C4C CLA JG . -45.84 -14.05 21.34
CMC CLA JG . -42.89 -12.20 22.68
CAC CLA JG . -43.78 -15.25 22.40
CBC CLA JG . -44.36 -15.82 23.67
ND CLA JG . -48.52 -13.98 20.11
C1D CLA JG . -47.84 -15.18 20.46
C2D CLA JG . -48.69 -16.34 20.10
C3D CLA JG . -49.85 -15.81 19.55
C4D CLA JG . -49.69 -14.34 19.59
CMD CLA JG . -48.31 -17.74 20.29
CAD CLA JG . -51.14 -16.11 18.96
OBD CLA JG . -51.65 -17.18 18.70
CBD CLA JG . -51.82 -14.73 18.67
CGD CLA JG . -52.23 -14.60 17.23
O1D CLA JG . -53.22 -15.09 16.68
O2D CLA JG . -51.38 -13.83 16.48
CED CLA JG . -51.52 -13.89 15.05
C1 CLA JG . -55.00 -10.77 23.65
C2 CLA JG . -54.71 -9.74 24.67
C3 CLA JG . -54.08 -10.00 25.82
C4 CLA JG . -53.60 -11.36 26.18
MG CLA KG . -45.80 -3.35 16.17
CHA CLA KG . -48.33 -5.60 15.36
CHB CLA KG . -47.76 -0.78 15.10
CHC CLA KG . -43.31 -1.17 17.07
CHD CLA KG . -43.81 -6.07 17.26
NA CLA KG . -47.72 -3.24 15.36
C1A CLA KG . -48.62 -4.29 15.10
C2A CLA KG . -49.92 -3.76 14.50
C3A CLA KG . -49.64 -2.26 14.30
C4A CLA KG . -48.29 -2.05 14.97
CMA CLA KG . -49.59 -1.94 12.83
CAA CLA KG . -51.08 -3.97 15.44
CBA CLA KG . -50.71 -3.74 16.89
CGA CLA KG . -51.60 -4.55 17.78
O1A CLA KG . -52.13 -5.64 17.56
O2A CLA KG . -51.82 -3.96 19.00
NB CLA KG . -45.56 -1.36 16.07
C1B CLA KG . -46.51 -0.47 15.68
C2B CLA KG . -46.04 0.92 15.94
C3B CLA KG . -44.78 0.82 16.49
C4B CLA KG . -44.46 -0.63 16.58
CMB CLA KG . -46.82 2.11 15.62
CAB CLA KG . -43.88 1.86 16.92
CBB CLA KG . -43.38 1.98 18.15
NC CLA KG . -43.90 -3.59 16.99
C1C CLA KG . -43.03 -2.56 17.27
C2C CLA KG . -41.79 -3.08 17.81
C3C CLA KG . -41.94 -4.47 17.90
C4C CLA KG . -43.26 -4.78 17.37
CMC CLA KG . -40.65 -2.25 18.22
CAC CLA KG . -40.94 -5.44 18.38
CBC CLA KG . -39.87 -5.74 17.37
ND CLA KG . -45.97 -5.37 16.31
C1D CLA KG . -45.07 -6.36 16.77
C2D CLA KG . -45.71 -7.68 16.62
C3D CLA KG . -46.96 -7.45 16.08
C4D CLA KG . -47.06 -5.99 15.90
CMD CLA KG . -45.10 -8.96 16.98
CAD CLA KG . -48.20 -8.05 15.61
OBD CLA KG . -48.54 -9.23 15.57
CBD CLA KG . -49.10 -6.87 15.12
CGD CLA KG . -49.46 -7.02 13.67
O1D CLA KG . -49.12 -6.30 12.73
O2D CLA KG . -50.26 -8.09 13.40
CED CLA KG . -50.79 -8.21 12.08
C1 CLA KG . -52.02 -4.86 20.11
MG CLA LG . -37.36 -1.53 10.05
CHA CLA LG . -38.42 -4.23 11.95
CHB CLA LG . -38.91 0.60 12.20
CHC CLA LG . -36.18 1.10 8.18
CHD CLA LG . -35.80 -3.80 7.81
NA CLA LG . -38.47 -1.80 11.80
C1A CLA LG . -38.79 -3.00 12.44
C2A CLA LG . -39.60 -2.74 13.70
C3A CLA LG . -39.83 -1.21 13.69
C4A CLA LG . -39.00 -0.75 12.48
CMA CLA LG . -41.29 -0.87 13.54
CAA CLA LG . -38.79 -3.11 14.94
CBA CLA LG . -37.33 -2.78 14.77
CGA CLA LG . -36.82 -1.90 15.87
O1A CLA LG . -37.48 -1.26 16.70
O2A CLA LG . -35.46 -1.83 15.93
NB CLA LG . -37.47 0.47 10.20
C1B CLA LG . -38.21 1.15 11.11
C2B CLA LG . -38.20 2.61 10.78
C3B CLA LG . -37.44 2.76 9.65
C4B CLA LG . -36.97 1.40 9.26
CMB CLA LG . -38.91 3.61 11.57
CAB CLA LG . -37.11 3.95 8.91
CBB CLA LG . -35.87 4.40 8.72
NC CLA LG . -36.20 -1.39 8.31
C1C CLA LG . -35.82 -0.20 7.75
C2C CLA LG . -34.98 -0.47 6.57
C3C CLA LG . -34.91 -1.85 6.45
C4C CLA LG . -35.66 -2.42 7.55
CMC CLA LG . -34.39 0.55 5.71
CAC CLA LG . -34.17 -2.61 5.42
CBC CLA LG . -35.03 -2.89 4.22
ND CLA LG . -37.17 -3.54 9.84
C1D CLA LG . -36.50 -4.34 8.87
C2D CLA LG . -36.70 -5.77 9.22
C3D CLA LG . -37.43 -5.78 10.38
C4D CLA LG . -37.68 -4.37 10.74
CMD CLA LG . -36.18 -6.89 8.42
CAD CLA LG . -38.06 -6.60 11.40
OBD CLA LG . -38.12 -7.83 11.49
CBD CLA LG . -38.70 -5.63 12.45
CGD CLA LG . -40.17 -5.86 12.60
O1D CLA LG . -40.97 -6.22 11.72
O2D CLA LG . -40.64 -5.64 13.85
CED CLA LG . -42.03 -5.88 14.09
C1 CLA LG . -34.88 -0.55 16.26
C2 CLA LG . -33.50 -0.55 15.69
C3 CLA LG . -32.66 0.51 15.75
C4 CLA LG . -31.31 0.44 15.15
C5 CLA LG . -33.05 1.78 16.41
C6 CLA LG . -32.39 3.00 15.79
C7 CLA LG . -32.86 4.27 16.46
C8 CLA LG . -32.07 5.50 16.01
C9 CLA LG . -32.52 6.73 16.77
C10 CLA LG . -32.22 5.73 14.51
MG CLA MG . -33.16 -12.89 11.74
CHA CLA MG . -31.35 -15.56 13.03
CHB CLA MG . -31.03 -10.70 13.24
CHC CLA MG . -35.12 -10.29 10.61
CHD CLA MG . -35.33 -15.19 10.15
NA CLA MG . -31.45 -13.13 12.91
C1A CLA MG . -30.85 -14.32 13.35
C2A CLA MG . -29.60 -14.01 14.18
C3A CLA MG . -29.44 -12.47 14.06
C4A CLA MG . -30.74 -12.05 13.36
CMA CLA MG . -29.26 -11.77 15.39
CAA CLA MG . -28.35 -14.69 13.65
CBA CLA MG . -27.23 -14.63 14.67
CGA CLA MG . -26.09 -15.51 14.23
O1A CLA MG . -25.35 -15.38 13.26
O2A CLA MG . -25.91 -16.57 15.06
NB CLA MG . -33.07 -10.88 11.85
C1B CLA MG . -32.17 -10.19 12.60
C2B CLA MG . -32.55 -8.74 12.64
C3B CLA MG . -33.70 -8.62 11.89
C4B CLA MG . -34.04 -9.99 11.38
CMB CLA MG . -31.75 -7.76 13.36
CAB CLA MG . -34.53 -7.47 11.58
CBB CLA MG . -34.29 -6.20 11.88
NC CLA MG . -34.88 -12.78 10.56
C1C CLA MG . -35.52 -11.61 10.21
C2C CLA MG . -36.69 -11.90 9.39
C3C CLA MG . -36.76 -13.29 9.27
C4C CLA MG . -35.61 -13.83 9.99
CMC CLA MG . -37.61 -10.89 8.85
CAC CLA MG . -37.76 -14.06 8.53
CBC CLA MG . -37.26 -14.54 7.18
ND CLA MG . -33.34 -14.89 11.56
C1D CLA MG . -34.28 -15.72 10.88
C2D CLA MG . -33.95 -17.14 11.11
C3D CLA MG . -32.86 -17.14 11.96
C4D CLA MG . -32.50 -15.72 12.19
CMD CLA MG . -34.71 -18.26 10.58
CAD CLA MG . -31.90 -17.95 12.69
OBD CLA MG . -31.81 -19.16 12.78
CBD CLA MG . -30.90 -16.97 13.38
CGD CLA MG . -30.86 -17.18 14.87
O1D CLA MG . -30.02 -17.81 15.52
O2D CLA MG . -31.91 -16.60 15.55
CED CLA MG . -32.24 -17.15 16.82
C1 CLA MG . -25.17 -17.69 14.52
C2 CLA MG . -26.12 -18.51 13.74
C3 CLA MG . -27.00 -19.35 14.31
C4 CLA MG . -27.09 -19.50 15.79
C5 CLA MG . -27.95 -20.15 13.50
C6 CLA MG . -27.84 -19.89 12.01
C7 CLA MG . -29.10 -20.33 11.31
C8 CLA MG . -29.01 -20.23 9.79
C9 CLA MG . -27.68 -20.73 9.30
C10 CLA MG . -29.23 -18.79 9.33
C11 CLA MG . -30.61 -18.59 8.76
C12 CLA MG . -30.93 -19.60 7.69
C13 CLA MG . -31.91 -19.05 6.65
C14 CLA MG . -33.05 -18.30 7.31
C15 CLA MG . -32.46 -20.14 5.76
C16 CLA MG . -33.40 -19.58 4.72
C17 CLA MG . -32.66 -18.97 3.54
C18 CLA MG . -33.37 -19.26 2.24
C19 CLA MG . -32.59 -18.71 1.06
C20 CLA MG . -33.60 -20.74 2.06
MG CLA NG . -20.85 -0.22 15.41
CHA CLA NG . -20.25 -0.06 18.82
CHB CLA NG . -24.14 0.47 15.98
CHC CLA NG . -21.35 -0.17 12.03
CHD CLA NG . -17.43 -1.00 14.90
NA CLA NG . -21.99 0.14 17.13
C1A CLA NG . -21.55 0.16 18.45
C2A CLA NG . -22.70 0.50 19.39
C3A CLA NG . -23.94 0.45 18.48
C4A CLA NG . -23.33 0.37 17.08
CMA CLA NG . -24.80 -0.74 18.80
CAA CLA NG . -22.46 1.93 19.80
CBA CLA NG . -23.69 2.62 20.33
CGA CLA NG . -23.30 4.02 20.69
O1A CLA NG . -22.17 4.54 20.67
O2A CLA NG . -24.36 4.78 21.08
NB CLA NG . -22.45 0.05 14.23
C1B CLA NG . -23.69 0.39 14.64
C2B CLA NG . -24.57 0.66 13.47
C3B CLA NG . -23.79 0.47 12.34
C4B CLA NG . -22.43 0.10 12.81
CMB CLA NG . -25.98 1.03 13.61
CAB CLA NG . -24.11 0.62 10.95
CBB CLA NG . -24.92 1.55 10.42
NC CLA NG . -19.60 -0.53 13.77
C1C CLA NG . -20.02 -0.46 12.47
C2C CLA NG . -18.90 -0.71 11.58
C3C CLA NG . -17.79 -0.96 12.38
C4C CLA NG . -18.25 -0.86 13.77
CMC CLA NG . -18.97 -0.67 10.11
CAC CLA NG . -16.41 -1.27 11.95
CBC CLA NG . -15.46 -0.11 12.15
ND CLA NG . -19.18 -0.45 16.53
C1D CLA NG . -17.84 -0.81 16.20
C2D CLA NG . -17.05 -0.91 17.45
C3D CLA NG . -17.92 -0.62 18.49
C4D CLA NG . -19.23 -0.35 17.86
CMD CLA NG . -15.64 -1.25 17.52
CAD CLA NG . -18.09 -0.46 19.92
OBD CLA NG . -17.25 -0.55 20.81
CBD CLA NG . -19.59 -0.15 20.17
CGD CLA NG . -20.22 -1.24 21.00
O1D CLA NG . -21.07 -2.06 20.63
O2D CLA NG . -19.79 -1.30 22.29
CED CLA NG . -20.08 -2.49 23.03
C1 CLA NG . -24.02 5.97 21.84
C2 CLA NG . -25.01 6.08 22.93
C3 CLA NG . -26.20 6.69 22.78
C4 CLA NG . -26.59 7.32 21.49
C5 CLA NG . -27.17 6.77 23.90
C6 CLA NG . -28.27 5.75 23.78
C7 CLA NG . -28.76 5.32 25.15
C8 CLA NG . -30.25 5.05 25.14
C9 CLA NG . -30.58 3.93 24.18
C10 CLA NG . -31.02 6.31 24.76
C11 CLA NG . -31.97 6.74 25.85
C12 CLA NG . -33.39 6.30 25.57
C13 CLA NG . -34.40 7.27 26.16
C14 CLA NG . -34.27 8.64 25.53
C15 CLA NG . -34.27 7.36 27.67
C16 CLA NG . -35.51 7.96 28.30
C17 CLA NG . -36.75 7.15 27.96
C18 CLA NG . -38.02 7.95 28.16
C19 CLA NG . -38.05 9.18 27.28
C20 CLA NG . -39.24 7.09 27.89
MG CLA OG . -23.46 -2.28 27.93
CHA CLA OG . -23.94 -1.20 24.69
CHB CLA OG . -26.51 -3.80 27.89
CHC CLA OG . -22.90 -3.36 31.13
CHD CLA OG . -20.25 -0.75 27.91
NA CLA OG . -24.97 -2.44 26.51
C1A CLA OG . -24.98 -1.93 25.21
C2A CLA OG . -26.29 -2.28 24.50
C3A CLA OG . -27.11 -3.03 25.57
C4A CLA OG . -26.14 -3.11 26.75
CMA CLA OG . -28.37 -2.28 25.93
CAA CLA OG . -26.05 -3.18 23.30
CBA CLA OG . -27.33 -3.40 22.54
CGA CLA OG . -27.02 -3.93 21.18
O1A CLA OG . -26.23 -3.50 20.35
O2A CLA OG . -27.75 -5.04 20.87
NB CLA OG . -24.50 -3.38 29.26
C1B CLA OG . -25.72 -3.93 29.05
C2B CLA OG . -26.16 -4.70 30.25
C3B CLA OG . -25.13 -4.58 31.18
C4B CLA OG . -24.08 -3.73 30.56
CMB CLA OG . -27.43 -5.41 30.33
CAB CLA OG . -25.00 -5.10 32.51
CBB CLA OG . -25.43 -6.29 32.95
NC CLA OG . -21.87 -2.07 29.27
C1C CLA OG . -21.86 -2.57 30.54
C2C CLA OG . -20.61 -2.22 31.20
C3C CLA OG . -19.85 -1.51 30.28
C4C CLA OG . -20.65 -1.42 29.07
CMC CLA OG . -20.26 -2.58 32.57
CAC CLA OG . -18.50 -0.93 30.46
CBC CLA OG . -18.53 0.44 31.08
ND CLA OG . -22.33 -1.18 26.68
C1D CLA OG . -21.02 -0.64 26.78
C2D CLA OG . -20.68 0.07 25.52
C3D CLA OG . -21.78 -0.10 24.70
C4D CLA OG . -22.76 -0.91 25.44
CMD CLA OG . -19.44 0.78 25.27
CAD CLA OG . -22.36 0.18 23.40
OBD CLA OG . -21.88 0.87 22.51
CBD CLA OG . -23.74 -0.54 23.33
CGD CLA OG . -24.87 0.38 22.99
O1D CLA OG . -25.80 0.18 22.21
O2D CLA OG . -24.82 1.58 23.63
CED CLA OG . -25.96 2.43 23.53
C1 CLA OG . -27.39 -5.71 19.64
C2 CLA OG . -27.98 -7.07 19.73
C3 CLA OG . -27.35 -8.15 19.25
C4 CLA OG . -26.02 -8.05 18.62
C5 CLA OG . -27.96 -9.51 19.34
C6 CLA OG . -29.46 -9.47 19.47
C7 CLA OG . -30.12 -9.31 18.11
C8 CLA OG . -31.63 -9.49 18.19
C9 CLA OG . -32.27 -9.12 16.86
C10 CLA OG . -32.21 -8.63 19.31
C11 CLA OG . -33.72 -8.72 19.36
C12 CLA OG . -34.26 -8.12 20.64
C13 CLA OG . -35.77 -8.24 20.72
C14 CLA OG . -36.42 -7.52 19.56
C15 CLA OG . -36.33 -7.71 22.04
C16 CLA OG . -35.27 -7.62 23.12
C17 CLA OG . -35.49 -8.64 24.21
C18 CLA OG . -35.42 -8.01 25.59
C19 CLA OG . -34.10 -7.31 25.81
C20 CLA OG . -35.64 -9.06 26.67
MG CLA PG . -6.92 -14.00 17.80
CHA CLA PG . -6.83 -17.20 19.13
CHB CLA PG . -5.66 -12.77 20.70
CHC CLA PG . -6.71 -10.92 16.32
CHD CLA PG . -8.29 -15.34 14.82
NA CLA PG . -6.42 -14.85 19.63
C1A CLA PG . -6.43 -16.21 19.99
C2A CLA PG . -5.99 -16.39 21.44
C3A CLA PG . -5.92 -14.94 21.98
C4A CLA PG . -5.99 -14.10 20.69
CMA CLA PG . -7.07 -14.63 22.91
CAA CLA PG . -4.65 -17.10 21.54
CBA CLA PG . -3.48 -16.20 21.24
CGA CLA PG . -3.16 -16.23 19.78
O1A CLA PG . -2.66 -15.35 19.08
O2A CLA PG . -3.49 -17.41 19.19
NB CLA PG . -6.38 -12.16 18.43
C1B CLA PG . -5.70 -11.92 19.57
C2B CLA PG . -4.99 -10.61 19.49
C3B CLA PG . -5.28 -10.08 18.25
C4B CLA PG . -6.18 -11.06 17.57
CMB CLA PG . -4.18 -10.11 20.60
CAB CLA PG . -4.89 -8.85 17.61
CBB CLA PG . -4.26 -7.82 18.17
NC CLA PG . -7.48 -13.25 15.93
C1C CLA PG . -7.35 -11.95 15.55
C2C CLA PG . -7.86 -11.77 14.20
C3C CLA PG . -8.26 -13.02 13.75
C4C CLA PG . -8.03 -13.95 14.85
CMC CLA PG . -7.88 -10.50 13.47
CAC CLA PG . -8.85 -13.36 12.44
CBC CLA PG . -7.90 -14.13 11.55
ND CLA PG . -7.51 -15.80 17.09
C1D CLA PG . -8.04 -16.22 15.85
C2D CLA PG . -8.24 -17.69 15.87
C3D CLA PG . -7.76 -18.11 17.09
C4D CLA PG . -7.33 -16.90 17.82
CMD CLA PG . -8.79 -18.47 14.77
CAD CLA PG . -7.55 -19.25 17.97
OBD CLA PG . -7.81 -20.44 17.79
CBD CLA PG . -6.92 -18.70 19.29
CGD CLA PG . -7.69 -19.13 20.49
O1D CLA PG . -8.41 -18.44 21.20
O2D CLA PG . -7.53 -20.44 20.81
CED CLA PG . -7.13 -20.75 22.14
C1 CLA PG . -3.39 -17.45 17.75
C2 CLA PG . -2.39 -18.50 17.41
C3 CLA PG . -1.16 -18.23 16.96
C4 CLA PG . -0.68 -16.85 16.78
C5 CLA PG . -0.20 -19.33 16.64
C6 CLA PG . 0.38 -19.19 15.24
C7 CLA PG . -0.67 -19.52 14.19
C8 CLA PG . -0.15 -19.18 12.79
C9 CLA PG . -0.83 -17.93 12.27
C10 CLA PG . -0.34 -20.37 11.84
C11 CLA PG . -1.48 -20.21 10.85
C12 CLA PG . -1.10 -20.78 9.50
C13 CLA PG . -2.24 -21.52 8.82
C14 CLA PG . -3.57 -20.84 9.07
C15 CLA PG . -2.32 -22.97 9.27
C16 CLA PG . -3.44 -23.71 8.56
C17 CLA PG . -3.57 -25.14 9.04
MG CLA QG . -14.83 -16.45 21.46
CHA CLA QG . -14.49 -17.34 24.79
CHB CLA QG . -11.82 -17.85 20.77
CHC CLA QG . -15.28 -15.62 18.17
CHD CLA QG . -17.99 -15.04 22.22
NA CLA QG . -13.38 -17.38 22.62
C1A CLA QG . -13.42 -17.67 24.00
C2A CLA QG . -12.13 -18.36 24.45
C3A CLA QG . -11.23 -18.27 23.19
C4A CLA QG . -12.19 -17.81 22.10
CMA CLA QG . -10.14 -17.27 23.43
CAA CLA QG . -12.36 -19.79 24.89
CBA CLA QG . -12.97 -20.63 23.80
CGA CLA QG . -14.09 -21.44 24.37
O1A CLA QG . -14.24 -22.66 24.36
O2A CLA QG . -15.05 -20.67 24.96
NB CLA QG . -13.72 -16.63 19.79
C1B CLA QG . -12.61 -17.42 19.69
C2B CLA QG . -12.32 -17.72 18.26
C3B CLA QG . -13.30 -17.09 17.52
C4B CLA QG . -14.19 -16.37 18.49
CMB CLA QG . -11.19 -18.53 17.83
CAB CLA QG . -13.53 -17.02 16.09
CBB CLA QG . -12.59 -16.97 15.15
NC CLA QG . -16.33 -15.45 20.41
C1C CLA QG . -16.27 -15.16 19.08
C2C CLA QG . -17.44 -14.38 18.70
C3C CLA QG . -18.27 -14.29 19.82
C4C CLA QG . -17.56 -14.96 20.90
CMC CLA QG . -17.66 -13.85 17.36
CAC CLA QG . -19.56 -13.59 19.92
CBC CLA QG . -20.72 -14.55 20.04
ND CLA QG . -16.01 -16.19 23.08
C1D CLA QG . -17.29 -15.61 23.26
C2D CLA QG . -17.68 -15.73 24.67
C3D CLA QG . -16.64 -16.38 25.32
C4D CLA QG . -15.63 -16.64 24.27
CMD CLA QG . -18.94 -15.23 25.20
CAD CLA QG . -16.12 -16.89 26.57
OBD CLA QG . -16.62 -16.86 27.69
CBD CLA QG . -14.74 -17.53 26.26
CGD CLA QG . -13.61 -16.91 27.06
O1D CLA QG . -13.30 -15.73 27.14
O2D CLA QG . -12.89 -17.81 27.78
CED CLA QG . -11.96 -17.28 28.73
C1 CLA QG . -16.35 -21.26 25.04
C2 CLA QG . -17.33 -20.16 25.20
C3 CLA QG . -18.01 -19.96 26.34
C4 CLA QG . -17.82 -20.86 27.51
C5 CLA QG . -18.99 -18.86 26.48
C6 CLA QG . -20.18 -19.04 25.56
C7 CLA QG . -21.25 -18.01 25.86
C8 CLA QG . -21.95 -17.53 24.59
C9 CLA QG . -22.86 -16.37 24.90
C10 CLA QG . -22.74 -18.67 23.96
C11 CLA QG . -23.54 -18.21 22.75
C12 CLA QG . -23.62 -19.30 21.70
C13 CLA QG . -24.78 -19.06 20.75
C14 CLA QG . -25.27 -20.37 20.16
C15 CLA QG . -24.40 -18.09 19.63
C16 CLA QG . -25.17 -16.80 19.74
C17 CLA QG . -26.00 -16.53 18.51
C18 CLA QG . -27.29 -15.78 18.85
C19 CLA QG . -28.40 -16.16 17.89
C20 CLA QG . -27.06 -14.29 18.82
MG CLA RG . -17.39 -13.71 2.43
CHA CLA RG . -17.17 -13.77 -1.02
CHB CLA RG . -19.04 -16.68 2.37
CHC CLA RG . -17.35 -13.74 5.88
CHD CLA RG . -15.66 -10.63 2.46
NA CLA RG . -18.02 -14.98 0.90
C1A CLA RG . -17.81 -14.84 -0.47
C2A CLA RG . -18.40 -16.02 -1.23
C3A CLA RG . -19.12 -16.85 -0.14
C4A CLA RG . -18.70 -16.15 1.15
CMA CLA RG . -20.61 -16.83 -0.34
CAA CLA RG . -17.29 -16.85 -1.84
CBA CLA RG . -16.21 -17.17 -0.82
CGA CLA RG . -15.11 -17.99 -1.41
O1A CLA RG . -15.14 -18.70 -2.41
O2A CLA RG . -13.95 -17.91 -0.71
NB CLA RG . -18.00 -14.99 3.85
C1B CLA RG . -18.73 -16.11 3.63
C2B CLA RG . -19.21 -16.67 4.92
C3B CLA RG . -18.75 -15.85 5.92
C4B CLA RG . -17.98 -14.77 5.25
CMB CLA RG . -20.02 -17.87 4.96
CAB CLA RG . -18.91 -15.90 7.35
CBB CLA RG . -19.91 -16.48 8.02
NC CLA RG . -16.66 -12.41 3.90
C1C CLA RG . -16.73 -12.63 5.24
C2C CLA RG . -16.09 -11.56 5.96
C3C CLA RG . -15.62 -10.66 5.00
C4C CLA RG . -15.98 -11.20 3.70
CMC CLA RG . -15.98 -11.51 7.42
CAC CLA RG . -14.87 -9.42 5.24
CBC CLA RG . -13.40 -9.62 5.04
ND CLA RG . -16.72 -12.38 1.08
C1D CLA RG . -15.98 -11.16 1.23
C2D CLA RG . -15.65 -10.64 -0.11
C3D CLA RG . -16.09 -11.58 -1.02
C4D CLA RG . -16.71 -12.67 -0.22
CMD CLA RG . -14.98 -9.36 -0.36
CAD CLA RG . -16.23 -11.95 -2.41
OBD CLA RG . -15.95 -11.31 -3.42
CBD CLA RG . -16.83 -13.40 -2.46
CGD CLA RG . -17.97 -13.49 -3.43
O1D CLA RG . -17.90 -13.45 -4.66
O2D CLA RG . -19.20 -13.63 -2.86
CED CLA RG . -20.28 -14.00 -3.73
C1 CLA RG . -13.11 -19.08 -0.74
C2 CLA RG . -12.10 -18.94 0.34
C3 CLA RG . -10.93 -18.30 0.17
C4 CLA RG . -10.56 -17.68 -1.12
C5 CLA RG . -9.94 -18.19 1.29
C6 CLA RG . -8.98 -17.05 1.12
C7 CLA RG . -7.96 -17.02 2.25
C8 CLA RG . -8.13 -15.81 3.16
C9 CLA RG . -8.46 -14.56 2.36
C10 CLA RG . -6.87 -15.57 3.98
C11 CLA RG . -7.02 -16.12 5.38
C12 CLA RG . -5.72 -16.06 6.15
C13 CLA RG . -5.83 -16.77 7.49
C14 CLA RG . -6.40 -15.83 8.54
C15 CLA RG . -4.50 -17.33 7.95
C16 CLA RG . -3.41 -16.29 7.88
C17 CLA RG . -2.25 -16.63 8.78
C18 CLA RG . -0.91 -16.51 8.07
C19 CLA RG . 0.24 -16.53 9.06
C20 CLA RG . -0.74 -17.63 7.06
MG CLA SG . -33.59 8.43 5.07
CHA CLA SG . -36.81 8.32 3.76
CHB CLA SG . -33.40 11.74 4.30
CHC CLA SG . -30.44 8.50 6.44
CHD CLA SG . -33.80 4.95 5.74
NA CLA SG . -34.91 9.79 4.19
C1A CLA SG . -36.21 9.55 3.72
C2A CLA SG . -36.82 10.82 3.14
C3A CLA SG . -35.65 11.83 3.19
C4A CLA SG . -34.57 11.09 3.96
CMA CLA SG . -35.19 12.21 1.81
CAA CLA SG . -37.97 11.30 4.03
CBA CLA SG . -37.55 12.46 4.90
CGA CLA SG . -38.57 12.70 5.97
O1A CLA SG . -39.79 12.58 5.91
O2A CLA SG . -38.01 13.11 7.15
NB CLA SG . -32.19 9.83 5.32
C1B CLA SG . -32.32 11.15 4.99
C2B CLA SG . -31.12 11.91 5.43
C3B CLA SG . -30.27 10.99 6.03
C4B CLA SG . -30.95 9.67 5.97
CMB CLA SG . -30.95 13.34 5.21
CAB CLA SG . -28.99 11.19 6.63
CBB CLA SG . -28.72 12.08 7.60
NC CLA SG . -32.36 6.98 5.92
C1C CLA SG . -31.10 7.23 6.42
C2C CLA SG . -30.51 5.99 6.93
C3C CLA SG . -31.46 4.99 6.74
C4C CLA SG . -32.61 5.62 6.10
CMC CLA SG . -29.19 5.88 7.53
CAC CLA SG . -31.34 3.57 7.09
CBC CLA SG . -31.98 3.23 8.42
ND CLA SG . -34.94 6.94 4.85
C1D CLA SG . -34.90 5.55 5.16
C2D CLA SG . -36.17 4.93 4.74
C3D CLA SG . -36.95 5.93 4.21
C4D CLA SG . -36.13 7.16 4.29
CMD CLA SG . -36.49 3.50 4.91
CAD CLA SG . -38.21 6.29 3.59
OBD CLA SG . -39.16 5.57 3.30
CBD CLA SG . -38.15 7.82 3.28
CGD CLA SG . -38.37 8.11 1.82
O1D CLA SG . -39.40 8.51 1.27
O2D CLA SG . -37.26 7.90 1.05
CED CLA SG . -37.21 8.53 -0.23
C1 CLA SG . -38.89 13.19 8.29
C2 CLA SG . -38.11 13.78 9.40
C3 CLA SG . -38.23 13.36 10.67
C4 CLA SG . -39.16 12.28 11.06
C5 CLA SG . -37.41 13.99 11.75
MG CLA TG . -30.00 18.00 5.64
CHA CLA TG . -32.59 17.31 3.41
CHB CLA TG . -28.44 19.84 3.25
CHC CLA TG . -27.54 18.73 7.92
CHD CLA TG . -31.61 15.95 8.03
NA CLA TG . -30.47 18.49 3.66
C1A CLA TG . -31.60 18.14 2.92
C2A CLA TG . -31.53 18.71 1.51
C3A CLA TG . -30.14 19.38 1.45
C4A CLA TG . -29.63 19.25 2.89
CMA CLA TG . -29.22 18.69 0.48
CAA CLA TG . -32.62 19.76 1.33
CBA CLA TG . -32.39 20.93 2.25
CGA CLA TG . -33.59 21.81 2.34
O1A CLA TG . -34.64 21.74 1.71
O2A CLA TG . -33.44 22.81 3.27
NB CLA TG . -28.32 19.09 5.59
C1B CLA TG . -27.85 19.78 4.53
C2B CLA TG . -26.58 20.47 4.88
C3B CLA TG . -26.31 20.16 6.20
C4B CLA TG . -27.42 19.27 6.67
CMB CLA TG . -25.85 21.28 3.92
CAB CLA TG . -25.23 20.53 7.07
CBB CLA TG . -24.00 20.91 6.70
NC CLA TG . -29.66 17.45 7.62
C1C CLA TG . -28.60 17.88 8.37
C2C CLA TG . -28.68 17.31 9.72
C3C CLA TG . -29.82 16.52 9.75
C4C CLA TG . -30.43 16.61 8.43
CMC CLA TG . -27.71 17.56 10.79
CAC CLA TG . -30.34 15.74 10.89
CBC CLA TG . -30.11 14.26 10.74
ND CLA TG . -31.69 16.89 5.77
C1D CLA TG . -32.19 16.05 6.79
C2D CLA TG . -33.42 15.38 6.31
C3D CLA TG . -33.65 15.87 5.03
C4D CLA TG . -32.53 16.79 4.74
CMD CLA TG . -34.16 14.41 7.11
CAD CLA TG . -34.50 15.82 3.86
OBD CLA TG . -35.56 15.24 3.67
CBD CLA TG . -33.82 16.72 2.78
CGD CLA TG . -33.48 15.94 1.53
O1D CLA TG . -32.42 15.37 1.27
O2D CLA TG . -34.48 15.88 0.62
CED CLA TG . -34.16 15.41 -0.69
C1 CLA TG . -34.57 23.05 4.14
C2 CLA TG . -34.18 24.13 5.08
C3 CLA TG . -34.69 24.24 6.31
C4 CLA TG . -35.69 23.26 6.83
C5 CLA TG . -34.29 25.34 7.23
C6 CLA TG . -33.96 24.83 8.63
C7 CLA TG . -33.31 25.92 9.46
C8 CLA TG . -33.12 25.50 10.92
C9 CLA TG . -34.41 24.96 11.48
C10 CLA TG . -32.64 26.68 11.76
MG CLA UG . -16.94 23.91 14.09
CHA CLA UG . -17.69 22.74 10.91
CHB CLA UG . -13.77 24.62 13.08
CHC CLA UG . -16.30 25.19 17.22
CHD CLA UG . -20.24 23.13 15.10
NA CLA UG . -15.91 23.67 12.29
C1A CLA UG . -16.40 23.17 11.07
C2A CLA UG . -15.29 23.16 10.01
C3A CLA UG . -14.04 23.58 10.80
C4A CLA UG . -14.59 24.00 12.16
CMA CLA UG . -13.06 22.44 10.92
CAA CLA UG . -15.58 24.11 8.87
CBA CLA UG . -14.51 24.02 7.78
CGA CLA UG . -14.51 22.64 7.21
O1A CLA UG . -15.41 21.81 7.21
O2A CLA UG . -13.33 22.32 6.59
NB CLA UG . -15.32 24.69 14.99
C1B CLA UG . -14.17 25.03 14.37
C2B CLA UG . -13.34 25.90 15.26
C3B CLA UG . -14.04 26.06 16.42
C4B CLA UG . -15.31 25.29 16.28
CMB CLA UG . -12.03 26.42 14.88
CAB CLA UG . -13.71 26.79 17.62
CBB CLA UG . -14.12 28.03 17.89
NC CLA UG . -18.06 24.08 15.84
C1C CLA UG . -17.59 24.61 17.02
C2C CLA UG . -18.63 24.55 18.05
C3C CLA UG . -19.76 23.99 17.44
C4C CLA UG . -19.39 23.70 16.06
CMC CLA UG . -18.47 25.01 19.42
CAC CLA UG . -21.05 23.72 18.07
CBC CLA UG . -21.13 22.33 18.65
ND CLA UG . -18.61 23.11 13.27
C1D CLA UG . -19.90 22.85 13.79
C2D CLA UG . -20.74 22.27 12.73
C3D CLA UG . -19.95 22.21 11.59
C4D CLA UG . -18.63 22.74 11.99
CMD CLA UG . -22.14 21.86 12.89
CAD CLA UG . -19.87 21.83 10.19
OBD CLA UG . -20.72 21.34 9.47
CBD CLA UG . -18.42 22.17 9.72
CGD CLA UG . -17.72 20.95 9.15
O1D CLA UG . -16.98 20.17 9.74
O2D CLA UG . -17.98 20.75 7.83
CED CLA UG . -17.92 19.42 7.34
C1 CLA UG . -13.37 21.15 5.75
C2 CLA UG . -12.36 21.35 4.68
C3 CLA UG . -12.56 20.95 3.42
C4 CLA UG . -13.83 20.28 3.00
C5 CLA UG . -11.54 21.15 2.36
C6 CLA UG . -10.39 22.04 2.80
C7 CLA UG . -9.48 22.32 1.64
C8 CLA UG . -8.03 22.46 2.05
C9 CLA UG . -7.86 23.56 3.08
C10 CLA UG . -7.14 22.75 0.84
C11 CLA UG . -5.71 22.99 1.23
C12 CLA UG . -4.78 22.90 0.03
C13 CLA UG . -4.52 21.46 -0.36
C14 CLA UG . -3.34 20.90 0.40
C15 CLA UG . -4.27 21.32 -1.86
C16 CLA UG . -3.05 22.11 -2.28
C17 CLA UG . -2.56 21.69 -3.65
C18 CLA UG . -2.55 22.84 -4.65
C19 CLA UG . -1.34 23.74 -4.44
C20 CLA UG . -3.82 23.65 -4.56
MG CLA VG . -7.05 25.40 16.25
CHA CLA VG . -6.50 28.43 17.85
CHB CLA VG . -10.17 25.24 17.62
CHC CLA VG . -7.58 22.46 14.56
CHD CLA VG . -3.78 25.56 14.93
NA CLA VG . -8.14 26.66 17.51
C1A CLA VG . -7.74 27.88 18.07
C2A CLA VG . -8.86 28.46 18.93
C3A CLA VG . -9.94 27.35 18.96
C4A CLA VG . -9.40 26.34 17.94
CMA CLA VG . -10.07 26.75 20.33
CAA CLA VG . -9.42 29.70 18.24
CBA CLA VG . -9.72 29.48 16.77
CGA CLA VG . -10.58 30.60 16.24
O1A CLA VG . -10.29 31.78 16.08
O2A CLA VG . -11.84 30.18 15.94
NB CLA VG . -8.56 24.06 16.16
C1B CLA VG . -9.79 24.23 16.72
C2B CLA VG . -10.71 23.16 16.23
C3B CLA VG . -9.99 22.37 15.37
C4B CLA VG . -8.61 22.94 15.30
CMB CLA VG . -12.10 23.06 16.65
CAB CLA VG . -10.38 21.21 14.60
CBB CLA VG . -11.49 21.12 13.87
NC CLA VG . -5.88 24.22 14.98
C1C CLA VG . -6.30 23.06 14.40
C2C CLA VG . -5.24 22.50 13.58
C3C CLA VG . -4.15 23.38 13.68
C4C CLA VG . -4.57 24.46 14.57
CMC CLA VG . -5.35 21.26 12.81
CAC CLA VG . -2.84 23.23 13.05
CBC CLA VG . -2.84 23.76 11.63
ND CLA VG . -5.49 26.69 16.26
C1D CLA VG . -4.19 26.62 15.70
C2D CLA VG . -3.43 27.83 16.10
C3D CLA VG . -4.27 28.56 16.92
C4D CLA VG . -5.54 27.80 17.00
CMD CLA VG . -2.07 28.12 15.68
CAD CLA VG . -4.43 29.77 17.70
OBD CLA VG . -3.66 30.71 17.85
CBD CLA VG . -5.84 29.69 18.39
CGD CLA VG . -5.65 29.71 19.88
O1D CLA VG . -4.65 30.07 20.50
O2D CLA VG . -6.72 29.28 20.61
CED CLA VG . -6.46 28.70 21.88
C1 CLA VG . -12.49 30.81 14.81
C2 CLA VG . -13.84 30.22 14.74
C3 CLA VG . -14.80 30.61 13.88
C4 CLA VG . -14.58 31.70 12.90
C5 CLA VG . -16.13 29.95 13.89
C6 CLA VG . -16.07 28.52 13.38
C7 CLA VG . -16.94 27.59 14.19
C8 CLA VG . -18.41 27.97 14.13
C9 CLA VG . -18.93 28.26 15.53
C10 CLA VG . -19.23 26.85 13.49
C11 CLA VG . -20.72 27.06 13.71
C12 CLA VG . -21.56 25.96 13.10
C13 CLA VG . -23.04 26.17 13.39
C14 CLA VG . -23.40 25.55 14.72
C15 CLA VG . -23.91 25.61 12.27
C16 CLA VG . -25.39 25.73 12.60
C17 CLA VG . -25.88 27.15 12.44
C18 CLA VG . -27.39 27.25 12.66
C19 CLA VG . -28.15 26.37 11.70
C20 CLA VG . -27.86 28.68 12.53
MG CLA WG . -28.39 2.45 31.87
CHA CLA WG . -29.15 0.27 34.46
CHB CLA WG . -26.39 0.06 30.47
CHC CLA WG . -27.83 4.56 29.23
CHD CLA WG . -30.47 4.88 33.38
NA CLA WG . -27.85 0.51 32.42
C1A CLA WG . -28.30 -0.23 33.52
C2A CLA WG . -27.68 -1.63 33.54
C3A CLA WG . -26.66 -1.58 32.38
C4A CLA WG . -26.99 -0.26 31.68
CMA CLA WG . -25.26 -1.57 32.91
CAA CLA WG . -28.74 -2.68 33.27
CBA CLA WG . -29.55 -2.35 32.04
CGA CLA WG . -30.74 -3.26 31.91
O1A CLA WG . -31.82 -3.20 32.51
O2A CLA WG . -30.55 -4.27 31.01
NB CLA WG . -27.32 2.34 30.17
C1B CLA WG . -26.59 1.26 29.76
C2B CLA WG . -25.99 1.54 28.43
C3B CLA WG . -26.39 2.81 28.07
C4B CLA WG . -27.24 3.33 29.17
CMB CLA WG . -25.14 0.60 27.71
CAB CLA WG . -26.08 3.56 26.88
CBB CLA WG . -25.41 4.71 26.85
NC CLA WG . -29.01 4.38 31.41
C1C CLA WG . -28.65 5.06 30.28
C2C CLA WG . -29.27 6.38 30.26
C3C CLA WG . -30.03 6.46 31.43
C4C CLA WG . -29.87 5.21 32.15
CMC CLA WG . -29.11 7.37 29.20
CAC CLA WG . -30.85 7.61 31.86
CBC CLA WG . -32.33 7.37 31.60
ND CLA WG . -29.49 2.64 33.56
C1D CLA WG . -30.30 3.70 34.05
C2D CLA WG . -30.90 3.28 35.34
C3D CLA WG . -30.49 1.97 35.55
C4D CLA WG . -29.63 1.62 34.41
CMD CLA WG . -31.77 4.11 36.17
CAD CLA WG . -30.51 0.82 36.44
OBD CLA WG . -31.02 0.69 37.55
CBD CLA WG . -29.71 -0.32 35.74
CGD CLA WG . -28.63 -0.91 36.61
O1D CLA WG . -27.56 -0.39 36.94
O2D CLA WG . -28.91 -2.15 37.07
CED CLA WG . -28.24 -2.60 38.25
C1 CLA WG . -31.18 -4.11 29.72
C2 CLA WG . -30.83 -5.32 28.93
C3 CLA WG . -31.00 -5.40 27.61
C4 CLA WG . -31.55 -4.28 26.81
C5 CLA WG . -30.64 -6.64 26.87
MG CLA XG . -35.63 -0.63 37.74
CHA CLA XG . -35.84 -3.79 39.14
CHB CLA XG . -33.46 -1.81 35.41
CHC CLA XG . -35.47 2.53 36.40
CHD CLA XG . -37.79 0.57 40.28
NA CLA XG . -34.82 -2.51 37.34
C1A CLA XG . -35.02 -3.71 38.05
C2A CLA XG . -34.22 -4.85 37.42
C3A CLA XG . -33.41 -4.15 36.30
C4A CLA XG . -33.93 -2.72 36.32
CMA CLA XG . -31.92 -4.22 36.57
CAA CLA XG . -35.15 -5.88 36.83
CBA CLA XG . -36.11 -5.26 35.85
CGA CLA XG . -37.08 -6.28 35.32
O1A CLA XG . -37.23 -7.44 35.69
O2A CLA XG . -37.86 -5.80 34.31
NB CLA XG . -34.61 0.22 36.23
C1B CLA XG . -33.85 -0.46 35.33
C2B CLA XG . -33.47 0.44 34.20
C3B CLA XG . -34.04 1.67 34.47
C4B CLA XG . -34.77 1.54 35.77
CMB CLA XG . -32.67 0.00 33.07
CAB CLA XG . -34.00 2.89 33.71
CBB CLA XG . -35.06 3.51 33.19
NC CLA XG . -36.49 1.21 38.25
C1C CLA XG . -36.28 2.37 37.56
C2C CLA XG . -37.02 3.46 38.20
C3C CLA XG . -37.67 2.92 39.30
C4C CLA XG . -37.33 1.50 39.32
CMC CLA XG . -37.03 4.86 37.73
CAC CLA XG . -38.54 3.62 40.27
CBC CLA XG . -40.01 3.36 40.01
ND CLA XG . -36.71 -1.39 39.28
C1D CLA XG . -37.50 -0.77 40.29
C2D CLA XG . -37.96 -1.80 41.25
C3D CLA XG . -37.37 -2.99 40.84
C4D CLA XG . -36.57 -2.67 39.64
CMD CLA XG . -38.84 -1.56 42.38
CAD CLA XG . -37.21 -4.40 41.11
OBD CLA XG . -37.75 -5.12 41.95
CBD CLA XG . -36.16 -4.93 40.08
CGD CLA XG . -34.92 -5.40 40.80
O1D CLA XG . -34.59 -5.14 41.97
O2D CLA XG . -34.11 -6.19 40.07
CED CLA XG . -33.37 -7.19 40.77
MG CLA YG . -16.97 3.39 25.67
CHA CLA YG . -19.19 4.58 28.05
CHB CLA YG . -19.19 4.13 23.21
CHC CLA YG . -14.73 2.19 23.36
CHD CLA YG . -14.70 2.57 28.26
NA CLA YG . -18.88 4.23 25.66
C1A CLA YG . -19.64 4.67 26.76
C2A CLA YG . -21.00 5.19 26.30
C3A CLA YG . -20.98 4.99 24.77
C4A CLA YG . -19.59 4.41 24.51
CMA CLA YG . -22.06 4.05 24.32
CAA CLA YG . -21.24 6.66 26.64
CBA CLA YG . -22.71 6.87 26.93
CGA CLA YG . -23.11 8.30 26.78
O1A CLA YG . -22.49 9.31 27.13
O2A CLA YG . -24.32 8.46 26.19
NB CLA YG . -16.96 3.19 23.67
C1B CLA YG . -17.96 3.59 22.83
C2B CLA YG . -17.56 3.35 21.42
C3B CLA YG . -16.29 2.80 21.45
C4B CLA YG . -15.90 2.69 22.88
CMB CLA YG . -18.43 3.68 20.29
CAB CLA YG . -15.41 2.37 20.40
CBB CLA YG . -15.78 1.88 19.21
NC CLA YG . -15.06 2.54 25.79
C1C CLA YG . -14.33 2.12 24.72
C2C CLA YG . -13.06 1.56 25.16
C3C CLA YG . -13.04 1.68 26.55
C4C CLA YG . -14.31 2.29 26.95
CMC CLA YG . -12.03 1.01 24.28
CAC CLA YG . -11.96 1.23 27.46
CBC CLA YG . -11.22 2.40 28.06
ND CLA YG . -16.88 3.53 27.68
C1D CLA YG . -15.89 3.16 28.63
C2D CLA YG . -16.38 3.47 29.99
C3D CLA YG . -17.64 4.02 29.82
C4D CLA YG . -17.90 4.03 28.37
CMD CLA YG . -15.64 3.24 31.23
CAD CLA YG . -18.80 4.58 30.48
OBD CLA YG . -19.01 4.74 31.67
CBD CLA YG . -19.83 4.95 29.36
CGD CLA YG . -21.14 4.22 29.55
O1D CLA YG . -22.25 4.71 29.72
O2D CLA YG . -21.01 2.86 29.53
CED CLA YG . -22.21 2.10 29.30
C1 CLA YG . -25.21 9.42 26.81
C2 CLA YG . -26.40 9.54 25.93
C3 CLA YG . -27.50 10.22 26.30
C4 CLA YG . -27.61 10.89 27.62
C5 CLA YG . -28.68 10.32 25.40
C6 CLA YG . -30.00 10.25 26.13
MG CLA ZG . -20.91 13.61 21.08
CHA CLA ZG . -20.53 11.67 23.92
CHB CLA ZG . -20.83 10.80 19.15
CHC CLA ZG . -21.42 15.55 18.29
CHD CLA ZG . -21.02 16.50 23.11
NA CLA ZG . -20.69 11.57 21.50
C1A CLA ZG . -20.55 10.97 22.75
C2A CLA ZG . -20.43 9.45 22.62
C3A CLA ZG . -20.42 9.23 21.09
C4A CLA ZG . -20.66 10.62 20.52
CMA CLA ZG . -19.10 8.64 20.62
CAA CLA ZG . -21.65 8.78 23.23
CBA CLA ZG . -22.95 9.23 22.58
CGA CLA ZG . -23.56 10.41 23.26
O1A CLA ZG . -23.52 10.72 24.45
O2A CLA ZG . -24.22 11.23 22.40
NB CLA ZG . -21.10 13.24 19.10
C1B CLA ZG . -21.05 12.03 18.51
C2B CLA ZG . -21.25 12.16 17.04
C3B CLA ZG . -21.41 13.50 16.79
C4B CLA ZG . -21.31 14.22 18.10
CMB CLA ZG . -21.23 11.01 16.14
CAB CLA ZG . -21.63 14.22 15.55
CBB CLA ZG . -22.33 13.79 14.50
NC CLA ZG . -21.14 15.65 20.77
C1C CLA ZG . -21.33 16.24 19.54
C2C CLA ZG . -21.46 17.68 19.68
C3C CLA ZG . -21.36 17.96 21.05
C4C CLA ZG . -21.16 16.68 21.72
CMC CLA ZG . -21.67 18.62 18.58
CAC CLA ZG . -21.44 19.28 21.70
CBC CLA ZG . -22.80 19.54 22.29
ND CLA ZG . -20.74 14.06 23.04
C1D CLA ZG . -20.82 15.30 23.75
C2D CLA ZG . -20.69 15.02 25.20
C3D CLA ZG . -20.57 13.65 25.32
C4D CLA ZG . -20.63 13.10 23.95
CMD CLA ZG . -20.69 16.05 26.24
CAD CLA ZG . -20.43 12.53 26.24
OBD CLA ZG . -20.34 12.52 27.46
CBD CLA ZG . -20.42 11.23 25.37
CGD CLA ZG . -19.24 10.33 25.61
O1D CLA ZG . -19.24 9.11 25.71
O2D CLA ZG . -18.05 10.99 25.74
CED CLA ZG . -16.90 10.20 26.06
C1 CLA ZG . -23.85 12.63 22.41
C2 CLA ZG . -25.08 13.40 22.71
C3 CLA ZG . -25.40 14.54 22.09
C4 CLA ZG . -26.64 15.28 22.42
C5 CLA ZG . -24.51 15.10 21.02
C6 CLA ZG . -25.19 16.16 20.16
C7 CLA ZG . -25.79 15.55 18.91
C8 CLA ZG . -26.29 16.62 17.95
C9 CLA ZG . -27.58 16.20 17.30
C10 CLA ZG . -25.24 16.92 16.89
C11 CLA ZG . -25.67 18.06 15.98
C12 CLA ZG . -24.53 18.58 15.13
C13 CLA ZG . -24.83 19.98 14.63
C14 CLA ZG . -24.98 20.94 15.79
C15 CLA ZG . -26.07 19.99 13.75
C16 CLA ZG . -26.53 21.41 13.46
C17 CLA ZG . -26.19 21.84 12.04
C18 CLA ZG . -27.22 21.38 11.03
C19 CLA ZG . -27.11 22.19 9.75
C20 CLA ZG . -28.62 21.47 11.57
MG CLA AH . -24.98 8.61 13.17
CHA CLA AH . -23.92 7.15 16.14
CHB CLA AH . -24.60 5.63 11.57
CHC CLA AH . -25.99 10.12 10.27
CHD CLA AH . -25.20 11.72 14.85
NA CLA AH . -24.37 6.71 13.79
C1A CLA AH . -23.97 6.29 15.06
C2A CLA AH . -23.58 4.82 15.07
C3A CLA AH . -23.78 4.38 13.60
C4A CLA AH . -24.30 5.65 12.92
CMA CLA AH . -22.51 3.89 12.97
CAA CLA AH . -24.43 3.98 16.01
CBA CLA AH . -25.91 4.22 15.87
CGA CLA AH . -26.60 3.62 17.05
O1A CLA AH . -26.32 3.75 18.25
O2A CLA AH . -27.67 2.83 16.71
NB CLA AH . -25.16 8.01 11.26
C1B CLA AH . -25.08 6.73 10.83
C2B CLA AH . -25.57 6.62 9.43
C3B CLA AH . -25.96 7.88 9.04
C4B CLA AH . -25.72 8.78 10.21
CMB CLA AH . -25.62 5.36 8.70
CAB CLA AH . -26.54 8.30 7.80
CBB CLA AH . -26.15 9.36 7.09
NC CLA AH . -25.53 10.56 12.67
C1C CLA AH . -25.92 10.95 11.42
C2C CLA AH . -26.23 12.38 11.42
C3C CLA AH . -25.98 12.84 12.70
C4C CLA AH . -25.52 11.69 13.48
CMC CLA AH . -26.71 13.13 10.25
CAC CLA AH . -26.14 14.22 13.20
CBC CLA AH . -27.42 14.40 13.99
ND CLA AH . -24.80 9.30 15.07
C1D CLA AH . -24.86 10.61 15.61
C2D CLA AH . -24.53 10.56 17.05
C3D CLA AH . -24.19 9.25 17.32
C4D CLA AH . -24.33 8.52 16.04
CMD CLA AH . -24.57 11.71 17.96
CAD CLA AH . -23.78 8.29 18.32
OBD CLA AH . -23.69 8.42 19.53
CBD CLA AH . -23.47 6.95 17.57
CGD CLA AH . -22.00 6.64 17.63
O1D CLA AH . -21.06 7.43 17.64
O2D CLA AH . -21.72 5.30 17.69
CED CLA AH . -20.37 4.91 17.46
C1 CLA AH . -28.27 2.06 17.78
C2 CLA AH . -29.27 2.93 18.44
C3 CLA AH . -29.27 3.13 19.77
C4 CLA AH . -28.28 2.50 20.66
C5 CLA AH . -30.28 4.01 20.42
C6 CLA AH . -31.71 3.69 20.02
C7 CLA AH . -32.68 4.17 21.08
C8 CLA AH . -34.13 4.09 20.67
C9 CLA AH . -35.03 4.34 21.86
C10 CLA AH . -34.45 2.74 20.02
C11 CLA AH . -35.93 2.40 20.07
C12 CLA AH . -36.32 1.41 19.00
C13 CLA AH . -37.68 0.78 19.29
C14 CLA AH . -38.79 1.81 19.21
C15 CLA AH . -37.70 0.09 20.65
C16 CLA AH . -37.39 -1.38 20.54
C17 CLA AH . -35.93 -1.69 20.82
C18 CLA AH . -35.61 -3.16 20.63
C19 CLA AH . -36.67 -4.05 21.23
C20 CLA AH . -34.26 -3.49 21.24
MG CLA BH . 12.26 -20.06 -12.59
CHA CLA BH . 14.13 -17.20 -13.20
CHB CLA BH . 14.68 -21.95 -14.06
CHC CLA BH . 10.50 -22.88 -11.76
CHD CLA BH . 9.78 -18.05 -11.09
NA CLA BH . 14.09 -19.62 -13.49
C1A CLA BH . 14.71 -18.37 -13.64
C2A CLA BH . 16.04 -18.50 -14.35
C3A CLA BH . 16.06 -19.97 -14.79
C4A CLA BH . 14.88 -20.58 -14.06
CMA CLA BH . 15.82 -20.07 -16.27
CAA CLA BH . 17.19 -18.21 -13.40
CBA CLA BH . 17.17 -19.07 -12.15
CGA CLA BH . 16.37 -18.41 -11.07
O1A CLA BH . 16.32 -17.22 -10.78
O2A CLA BH . 15.60 -19.27 -10.35
NB CLA BH . 12.56 -22.05 -12.82
C1B CLA BH . 13.60 -22.61 -13.47
C2B CLA BH . 13.43 -24.10 -13.51
C3B CLA BH . 12.24 -24.37 -12.86
C4B CLA BH . 11.67 -23.06 -12.42
CMB CLA BH . 14.38 -25.00 -14.16
CAB CLA BH . 11.61 -25.65 -12.64
CBB CLA BH . 11.36 -26.18 -11.46
NC CLA BH . 10.44 -20.39 -11.63
C1C CLA BH . 9.91 -21.63 -11.40
C2C CLA BH . 8.64 -21.49 -10.70
C3C CLA BH . 8.43 -20.13 -10.51
C4C CLA BH . 9.57 -19.44 -11.10
CMC CLA BH . 7.79 -22.61 -10.28
CAC CLA BH . 7.29 -19.49 -9.83
CBC CLA BH . 7.62 -19.04 -8.43
ND CLA BH . 11.90 -18.10 -12.30
C1D CLA BH . 10.86 -17.40 -11.64
C2D CLA BH . 11.16 -15.94 -11.65
C3D CLA BH . 12.40 -15.81 -12.25
C4D CLA BH . 12.83 -17.18 -12.61
CMD CLA BH . 10.28 -14.91 -11.11
CAD CLA BH . 13.44 -14.90 -12.69
OBD CLA BH . 13.47 -13.68 -12.66
CBD CLA BH . 14.60 -15.77 -13.25
CGD CLA BH . 15.03 -15.36 -14.63
O1D CLA BH . 14.30 -15.13 -15.60
O2D CLA BH . 16.37 -15.26 -14.79
CED CLA BH . 16.92 -15.51 -16.08
C1 CLA BH . 14.34 -18.74 -9.88
C2 CLA BH . 13.71 -19.74 -8.99
C3 CLA BH . 12.73 -19.40 -8.14
C4 CLA BH . 12.24 -18.01 -8.02
C5 CLA BH . 12.10 -20.41 -7.25
C6 CLA BH . 11.43 -21.55 -7.99
C7 CLA BH . 10.42 -22.25 -7.11
C8 CLA BH . 10.64 -23.75 -7.02
C9 CLA BH . 11.93 -24.05 -6.28
C10 CLA BH . 10.67 -24.39 -8.40
C11 CLA BH . 9.50 -25.31 -8.60
C12 CLA BH . 9.88 -26.76 -8.38
C13 CLA BH . 8.90 -27.68 -9.10
C14 CLA BH . 7.58 -27.73 -8.36
C15 CLA BH . 9.47 -29.09 -9.27
C16 CLA BH . 8.45 -30.01 -9.89
C17 CLA BH . 9.09 -31.03 -10.81
C18 CLA BH . 8.62 -32.45 -10.49
C19 CLA BH . 9.35 -33.46 -11.35
C20 CLA BH . 7.13 -32.58 -10.68
MG CLA CH . 1.30 -14.72 0.63
CHA CLA CH . -2.08 -15.03 -0.09
CHB CLA CH . 0.62 -14.97 3.96
CHC CLA CH . 4.67 -14.49 1.27
CHD CLA CH . 1.94 -14.34 -2.84
NA CLA CH . -0.46 -14.96 1.73
C1A CLA CH . -1.77 -15.08 1.24
C2A CLA CH . -2.76 -15.24 2.40
C3A CLA CH . -1.88 -15.09 3.65
C4A CLA CH . -0.46 -15.01 3.09
CMA CLA CH . -2.26 -13.86 4.44
CAA CLA CH . -3.39 -16.62 2.35
CBA CLA CH . -2.38 -17.69 2.01
CGA CLA CH . -2.25 -18.67 3.14
O1A CLA CH . -2.32 -18.47 4.35
O2A CLA CH . -2.03 -19.95 2.70
NB CLA CH . 2.43 -14.70 2.29
C1B CLA CH . 1.97 -14.88 3.56
C2B CLA CH . 3.11 -14.94 4.51
C3B CLA CH . 4.26 -14.81 3.77
C4B CLA CH . 3.84 -14.65 2.34
CMB CLA CH . 2.94 -15.11 5.96
CAB CLA CH . 5.64 -14.81 4.21
CBB CLA CH . 6.60 -13.97 3.83
NC CLA CH . 2.99 -14.47 -0.58
C1C CLA CH . 4.27 -14.40 -0.10
C2C CLA CH . 5.20 -14.22 -1.22
C3C CLA CH . 4.44 -14.17 -2.37
C4C CLA CH . 3.04 -14.32 -1.96
CMC CLA CH . 6.66 -14.13 -1.08
CAC CLA CH . 4.92 -14.00 -3.76
CBC CLA CH . 4.84 -12.58 -4.24
ND CLA CH . 0.25 -14.71 -1.10
C1D CLA CH . 0.64 -14.52 -2.45
C2D CLA CH . -0.57 -14.58 -3.31
C3D CLA CH . -1.64 -14.80 -2.46
C4D CLA CH . -1.07 -14.85 -1.09
CMD CLA CH . -0.57 -14.45 -4.76
CAD CLA CH . -3.08 -14.99 -2.34
OBD CLA CH . -3.92 -15.05 -3.22
CBD CLA CH . -3.40 -15.11 -0.83
CGD CLA CH . -4.34 -14.03 -0.38
O1D CLA CH . -4.11 -13.13 0.43
O2D CLA CH . -5.58 -14.11 -0.94
CED CLA CH . -6.56 -13.16 -0.53
C1 CLA CH . -1.38 -20.84 3.61
C2 CLA CH . -1.51 -22.19 3.02
C3 CLA CH . -1.32 -23.32 3.74
C4 CLA CH . -0.96 -23.29 5.17
C5 CLA CH . -1.47 -24.65 3.09
C6 CLA CH . -0.21 -25.50 3.20
C7 CLA CH . 0.93 -24.89 2.42
C8 CLA CH . 2.23 -25.65 2.62
C9 CLA CH . 2.12 -27.03 2.02
C10 CLA CH . 2.56 -25.75 4.11
C11 CLA CH . 3.78 -26.63 4.34
C12 CLA CH . 4.62 -26.12 5.50
C13 CLA CH . 5.98 -26.81 5.50
C14 CLA CH . 6.12 -27.74 6.68
C15 CLA CH . 7.12 -25.79 5.48
C16 CLA CH . 8.24 -26.26 4.56
C17 CLA CH . 9.42 -25.31 4.59
C18 CLA CH . 10.50 -25.75 3.61
C19 CLA CH . 11.66 -24.78 3.61
C20 CLA CH . 10.99 -27.14 3.96
C1 PQN DH . 2.02 -7.40 -7.65
O1 PQN DH . 2.55 -6.60 -6.85
C2 PQN DH . 2.73 -8.64 -8.03
C2M PQN DH . 4.08 -8.92 -7.42
C3 PQN DH . 2.12 -9.60 -8.98
C4 PQN DH . 0.78 -9.30 -9.57
O4 PQN DH . 0.26 -10.09 -10.37
C5 PQN DH . 0.07 -8.05 -9.19
C6 PQN DH . -1.18 -7.76 -9.72
C7 PQN DH . -1.83 -6.58 -9.34
C8 PQN DH . -1.24 -5.70 -8.44
C9 PQN DH . 0.01 -5.95 -7.89
C10 PQN DH . 0.68 -7.11 -8.24
C11 PQN DH . 2.84 -10.86 -9.37
C12 PQN DH . 2.57 -11.88 -8.28
C13 PQN DH . 2.46 -13.19 -8.52
C14 PQN DH . 2.59 -13.73 -9.93
C15 PQN DH . 2.17 -14.12 -7.36
C16 PQN DH . 3.10 -15.33 -7.40
C17 PQN DH . 2.73 -16.26 -6.26
C18 PQN DH . 3.58 -17.53 -6.23
C19 PQN DH . 3.72 -18.12 -7.63
C20 PQN DH . 2.93 -18.54 -5.29
C21 PQN DH . 3.07 -18.10 -3.83
C22 PQN DH . 4.46 -18.42 -3.30
C23 PQN DH . 4.59 -18.06 -1.82
C24 PQN DH . 6.00 -18.38 -1.32
C25 PQN DH . 3.54 -18.83 -1.03
C26 PQN DH . 2.93 -17.97 0.07
C27 PQN DH . 3.64 -18.15 1.42
C28 PQN DH . 2.87 -19.10 2.33
C29 PQN DH . 3.49 -19.12 3.73
C30 PQN DH . 1.40 -18.71 2.40
MG CLA EH . -45.18 5.96 12.39
CHA CLA EH . -46.71 9.07 12.04
CHB CLA EH . -42.43 7.47 13.70
CHC CLA EH . -43.88 2.86 13.03
CHD CLA EH . -48.12 4.46 11.13
NA CLA EH . -44.64 7.95 12.73
C1A CLA EH . -45.43 9.10 12.54
C2A CLA EH . -44.65 10.36 12.93
C3A CLA EH . -43.24 9.83 13.27
C4A CLA EH . -43.43 8.31 13.24
CMA CLA EH . -42.21 10.31 12.28
CAA CLA EH . -45.30 10.97 14.16
CBA CLA EH . -44.48 12.13 14.73
CGA CLA EH . -45.32 12.85 15.73
O1A CLA EH . -46.03 12.39 16.63
O2A CLA EH . -45.27 14.21 15.58
NB CLA EH . -43.47 5.29 13.19
C1B CLA EH . -42.49 6.06 13.71
C2B CLA EH . -41.43 5.19 14.33
C3B CLA EH . -41.84 3.89 14.14
C4B CLA EH . -43.14 3.94 13.41
CMB CLA EH . -40.23 5.76 14.96
CAB CLA EH . -41.23 2.63 14.51
CBB CLA EH . -40.04 2.44 15.07
NC CLA EH . -45.85 4.01 12.07
C1C CLA EH . -45.14 2.89 12.38
C2C CLA EH . -45.91 1.69 12.04
C3C CLA EH . -47.13 2.14 11.52
C4C CLA EH . -47.08 3.60 11.55
CMC CLA EH . -45.46 0.32 12.23
CAC CLA EH . -48.26 1.33 11.04
CBC CLA EH . -49.48 1.45 11.92
ND CLA EH . -46.95 6.56 11.59
C1D CLA EH . -48.09 5.82 11.15
C2D CLA EH . -49.16 6.77 10.77
C3D CLA EH . -48.68 8.03 11.09
C4D CLA EH . -47.32 7.83 11.63
CMD CLA EH . -50.44 6.39 10.20
CAD CLA EH . -48.94 9.46 11.07
OBD CLA EH . -49.90 10.07 10.61
CBD CLA EH . -47.74 10.14 11.80
CGD CLA EH . -47.20 11.33 11.05
O1D CLA EH . -46.65 12.33 11.52
O2D CLA EH . -47.36 11.25 9.70
CED CLA EH . -47.04 12.43 8.96
C1 CLA EH . -45.11 14.97 16.80
C2 CLA EH . -44.53 16.28 16.40
C3 CLA EH . -43.99 17.12 17.28
C4 CLA EH . -43.93 16.80 18.73
C5 CLA EH . -43.42 18.42 16.87
C6 CLA EH . -43.57 18.68 15.38
C7 CLA EH . -43.08 20.06 15.03
C8 CLA EH . -43.50 20.50 13.62
C9 CLA EH . -43.41 19.34 12.65
C10 CLA EH . -42.64 21.65 13.14
C11 CLA EH . -43.48 22.82 12.68
C12 CLA EH . -42.64 24.05 12.42
C13 CLA EH . -42.62 24.98 13.64
C14 CLA EH . -43.12 26.35 13.27
C15 CLA EH . -41.24 25.08 14.29
C16 CLA EH . -40.13 24.44 13.49
C17 CLA EH . -38.78 24.66 14.15
C18 CLA EH . -38.44 23.55 15.11
C19 CLA EH . -37.75 24.10 16.35
C20 CLA EH . -37.54 22.53 14.44
O1 LHG FH . -13.61 -17.17 -12.82
C1 LHG FH . -14.01 -15.93 -12.34
C2 LHG FH . -13.27 -15.64 -11.04
O2 LHG FH . -14.12 -15.89 -9.97
C3 LHG FH . -12.84 -14.17 -11.01
O3 LHG FH . -11.63 -14.10 -10.32
P LHG FH . -11.21 -12.69 -9.61
O4 LHG FH . -12.44 -11.83 -9.45
O5 LHG FH . -10.20 -11.97 -10.45
O6 LHG FH . -10.56 -12.99 -8.09
C4 LHG FH . -10.54 -11.93 -7.16
C5 LHG FH . -10.06 -12.45 -5.80
C6 LHG FH . -11.19 -12.35 -4.80
O7 LHG FH . -9.66 -13.79 -5.92
C7 LHG FH . -8.61 -14.15 -5.05
O9 LHG FH . -8.05 -13.30 -4.45
C8 LHG FH . -8.21 -15.62 -4.87
C9 LHG FH . -7.29 -15.80 -3.64
C10 LHG FH . -7.42 -17.19 -3.00
O8 LHG FH . -11.50 -13.63 -4.33
C23 LHG FH . -12.68 -13.68 -3.60
O10 LHG FH . -13.51 -12.83 -3.72
C24 LHG FH . -12.92 -14.84 -2.60
C11 LHG FH . -6.11 -18.03 -3.13
C12 LHG FH . -5.91 -18.97 -1.89
C13 LHG FH . -4.46 -19.55 -1.81
C14 LHG FH . -4.30 -20.60 -0.68
C15 LHG FH . -5.55 -20.67 0.24
C16 LHG FH . -5.23 -20.26 1.70
C17 LHG FH . -6.16 -20.94 2.70
C18 LHG FH . -6.21 -20.20 4.03
C19 LHG FH . -6.73 -21.08 5.16
C20 LHG FH . -7.20 -20.27 6.35
C21 LHG FH . -7.43 -21.14 7.59
C25 LHG FH . -12.22 -14.56 -1.28
C26 LHG FH . -11.85 -13.29 -1.03
C27 LHG FH . -11.13 -12.92 0.32
C28 LHG FH . -10.19 -11.70 0.13
C29 LHG FH . -10.86 -10.36 0.58
C30 LHG FH . -10.12 -9.74 1.80
C31 LHG FH . -9.29 -10.77 2.58
C32 LHG FH . -8.97 -10.32 4.02
C33 LHG FH . -8.02 -11.30 4.72
C34 LHG FH . -7.67 -10.85 6.17
C35 LHG FH . -6.60 -11.72 6.81
C36 LHG FH . -6.02 -11.08 8.07
C37 LHG FH . -5.72 -12.09 9.18
C38 LHG FH . -5.27 -11.43 10.48
O1 LHG GH . -40.87 1.17 9.83
C1 LHG GH . -42.22 1.23 10.17
C2 LHG GH . -42.95 1.85 9.00
O2 LHG GH . -42.06 2.00 7.94
C3 LHG GH . -43.47 3.23 9.41
O3 LHG GH . -42.43 4.14 9.28
P LHG GH . -42.81 5.68 8.86
O4 LHG GH . -43.92 6.19 9.74
O5 LHG GH . -43.24 5.72 7.42
O6 LHG GH . -41.46 6.65 9.07
C4 LHG GH . -41.37 7.39 10.29
C5 LHG GH . -39.91 7.87 10.43
C6 LHG GH . -39.40 7.46 11.80
O7 LHG GH . -39.13 7.27 9.44
C7 LHG GH . -38.64 8.17 8.48
O9 LHG GH . -39.31 9.09 8.13
C8 LHG GH . -37.22 7.99 7.89
C9 LHG GH . -36.48 9.34 7.75
C10 LHG GH . -35.06 9.30 8.35
O8 LHG GH . -38.66 8.52 12.33
C23 LHG GH . -37.28 8.27 12.36
O10 LHG GH . -36.89 7.14 12.30
C24 LHG GH . -36.28 9.42 12.48
C11 LHG GH . -34.45 10.72 8.50
C12 LHG GH . -33.10 10.72 9.28
C13 LHG GH . -32.97 11.94 10.26
C25 LHG GH . -35.05 9.03 13.31
C1 BCR HH . -18.15 -31.47 24.33
C2 BCR HH . -17.33 -30.64 23.35
C3 BCR HH . -16.34 -29.71 24.05
C4 BCR HH . -17.12 -28.76 24.95
C5 BCR HH . -17.87 -29.59 25.96
C6 BCR HH . -18.46 -30.74 25.62
C7 BCR HH . -19.45 -31.36 26.54
C8 BCR HH . -20.69 -30.89 26.64
C9 BCR HH . -21.67 -31.53 27.55
C10 BCR HH . -22.94 -31.12 27.49
C11 BCR HH . -23.98 -31.69 28.34
C33 BCR HH . -17.91 -29.10 27.38
C31 BCR HH . -17.39 -32.73 24.69
C32 BCR HH . -19.46 -31.86 23.64
C34 BCR HH . -21.25 -32.60 28.49
C12 BCR HH . -25.22 -31.24 28.18
C13 BCR HH . -26.36 -31.76 28.97
C14 BCR HH . -27.57 -31.22 28.75
C15 BCR HH . -28.75 -31.67 29.47
C16 BCR HH . -29.91 -31.07 29.20
C17 BCR HH . -31.14 -31.48 29.87
C18 BCR HH . -32.26 -30.75 29.71
C19 BCR HH . -33.51 -31.17 30.38
C20 BCR HH . -34.61 -30.44 30.28
C21 BCR HH . -35.83 -30.90 30.94
C22 BCR HH . -36.96 -30.21 30.90
C23 BCR HH . -38.15 -30.74 31.58
C24 BCR HH . -39.20 -29.96 31.85
C25 BCR HH . -40.40 -30.52 32.53
C26 BCR HH . -41.23 -31.32 31.85
C27 BCR HH . -42.19 -32.26 32.55
C28 BCR HH . -41.95 -32.23 34.05
C29 BCR HH . -41.90 -30.78 34.52
C30 BCR HH . -40.64 -30.12 33.96
C35 BCR HH . -26.17 -32.86 29.96
C36 BCR HH . -32.26 -29.52 28.85
C37 BCR HH . -37.03 -28.90 30.16
C38 BCR HH . -41.24 -31.29 30.35
C39 BCR HH . -39.45 -30.55 34.81
C40 BCR HH . -40.80 -28.61 34.03
C1 BCR IH . -16.65 -20.58 20.38
C2 BCR IH . -16.38 -20.25 18.92
C3 BCR IH . -16.81 -18.84 18.58
C4 BCR IH . -18.30 -18.69 18.81
C5 BCR IH . -18.60 -19.04 20.25
C6 BCR IH . -18.00 -20.07 20.83
C7 BCR IH . -18.65 -20.75 21.98
C8 BCR IH . -19.77 -21.44 21.75
C9 BCR IH . -20.46 -22.15 22.84
C10 BCR IH . -21.73 -22.51 22.62
C11 BCR IH . -22.50 -23.24 23.63
C33 BCR IH . -19.58 -18.18 21.00
C31 BCR IH . -15.58 -19.94 21.27
C32 BCR IH . -16.60 -22.10 20.56
C34 BCR IH . -19.78 -22.48 24.13
C12 BCR IH . -23.59 -23.85 23.19
C13 BCR IH . -24.44 -24.64 24.10
C14 BCR IH . -25.49 -25.28 23.57
C15 BCR IH . -26.38 -26.07 24.39
C16 BCR IH . -27.38 -26.72 23.81
C17 BCR IH . -28.26 -27.53 24.64
C18 BCR IH . -29.27 -28.21 24.10
C19 BCR IH . -30.12 -29.01 25.00
C20 BCR IH . -31.01 -29.88 24.55
C21 BCR IH . -31.78 -30.60 25.54
C22 BCR IH . -32.84 -31.35 25.23
C23 BCR IH . -33.54 -32.04 26.32
C24 BCR IH . -34.49 -32.94 26.06
C25 BCR IH . -35.22 -33.63 27.14
C26 BCR IH . -34.58 -34.47 27.98
C27 BCR IH . -35.19 -34.90 29.29
C28 BCR IH . -36.42 -34.07 29.62
C29 BCR IH . -37.34 -34.07 28.41
C30 BCR IH . -36.70 -33.34 27.24
C35 BCR IH . -24.14 -24.72 25.56
C36 BCR IH . -29.54 -28.17 22.63
C37 BCR IH . -33.28 -31.49 23.80
C38 BCR IH . -33.25 -35.05 27.61
C39 BCR IH . -36.89 -31.84 27.43
C40 BCR IH . -37.35 -33.78 25.94
C1 BCR JH . -38.27 8.44 22.34
C2 BCR JH . -38.87 8.31 23.74
C3 BCR JH . -40.21 7.58 23.85
C4 BCR JH . -40.26 6.40 22.90
C5 BCR JH . -40.10 6.98 21.54
C6 BCR JH . -38.96 7.62 21.27
C7 BCR JH . -38.30 7.54 19.94
C8 BCR JH . -38.21 6.39 19.29
C9 BCR JH . -37.55 6.31 17.99
C10 BCR JH . -37.44 5.10 17.40
C11 BCR JH . -36.79 4.92 16.12
C33 BCR JH . -41.23 6.89 20.55
C31 BCR JH . -36.81 7.99 22.38
C32 BCR JH . -38.33 9.90 21.90
C34 BCR JH . -37.01 7.53 17.31
C12 BCR JH . -36.70 3.67 15.67
C13 BCR JH . -36.05 3.35 14.39
C14 BCR JH . -35.89 2.06 14.08
C15 BCR JH . -35.25 1.66 12.84
C16 BCR JH . -34.98 0.37 12.66
C17 BCR JH . -34.33 -0.05 11.43
C18 BCR JH . -33.97 -1.33 11.26
C19 BCR JH . -33.31 -1.70 10.00
C20 BCR JH . -33.01 -2.96 9.71
C21 BCR JH . -32.34 -3.20 8.45
C22 BCR JH . -32.10 -4.42 7.99
C23 BCR JH . -31.43 -4.55 6.70
C24 BCR JH . -31.06 -5.73 6.22
C25 BCR JH . -30.39 -5.84 4.91
C26 BCR JH . -29.11 -5.48 4.79
C27 BCR JH . -28.47 -5.31 3.44
C28 BCR JH . -28.97 -6.44 2.56
C29 BCR JH . -30.47 -6.32 2.41
C30 BCR JH . -31.21 -6.36 3.74
C35 BCR JH . -35.59 4.43 13.46
C36 BCR JH . -34.26 -2.35 12.31
C37 BCR JH . -32.52 -5.63 8.78
C38 BCR JH . -28.25 -5.26 6.00
C39 BCR JH . -31.59 -7.80 4.08
C40 BCR JH . -32.48 -5.53 3.61
C1 BCR KH . -23.47 -1.24 6.81
C2 BCR KH . -23.56 -1.23 5.29
C3 BCR KH . -24.91 -1.81 4.87
C4 BCR KH . -24.93 -3.29 5.19
C5 BCR KH . -24.47 -3.54 6.62
C6 BCR KH . -23.91 -2.58 7.37
C7 BCR KH . -23.70 -2.78 8.83
C8 BCR KH . -24.74 -2.74 9.66
C9 BCR KH . -24.54 -2.92 11.11
C10 BCR KH . -25.61 -2.78 11.91
C11 BCR KH . -25.54 -2.93 13.36
C33 BCR KH . -24.61 -4.92 7.15
C31 BCR KH . -24.38 -0.15 7.37
C32 BCR KH . -22.04 -0.99 7.25
C34 BCR KH . -23.20 -3.25 11.68
C12 BCR KH . -26.64 -2.57 14.02
C13 BCR KH . -26.74 -2.64 15.49
C14 BCR KH . -27.81 -2.11 16.08
C15 BCR KH . -27.96 -2.13 17.53
C16 BCR KH . -29.04 -1.56 18.06
C17 BCR KH . -29.21 -1.57 19.50
C18 BCR KH . -30.33 -1.06 20.05
C19 BCR KH . -30.47 -1.06 21.52
C20 BCR KH . -31.53 -0.51 22.08
C21 BCR KH . -31.64 -0.51 23.54
C22 BCR KH . -32.48 0.35 24.12
C23 BCR KH . -32.61 0.39 25.59
C24 BCR KH . -32.20 1.49 26.18
C25 BCR KH . -32.25 1.70 27.65
C26 BCR KH . -33.18 2.53 28.14
C27 BCR KH . -32.97 3.27 29.43
C28 BCR KH . -32.28 2.34 30.41
C29 BCR KH . -31.00 1.80 29.81
C30 BCR KH . -31.25 1.00 28.53
C35 BCR KH . -25.67 -3.29 16.31
C36 BCR KH . -31.40 -0.50 19.18
C37 BCR KH . -33.32 1.27 23.29
C38 BCR KH . -34.46 2.76 27.37
C39 BCR KH . -31.77 -0.39 28.89
C40 BCR KH . -29.93 0.89 27.77
FE1 SF4 LH . -6.70 -0.01 -13.13
FE2 SF4 LH . -9.02 1.83 -13.70
FE3 SF4 LH . -9.05 -0.98 -14.72
FE4 SF4 LH . -7.12 1.04 -15.89
S1 SF4 LH . -9.24 0.94 -15.63
S2 SF4 LH . -6.94 -0.91 -15.05
S3 SF4 LH . -6.91 1.93 -13.97
S4 SF4 LH . -8.80 -0.08 -12.80
C1 XAT MH . -51.77 -15.92 23.26
C2 XAT MH . -52.03 -14.66 22.45
C3 XAT MH . -51.90 -13.48 23.38
C4 XAT MH . -50.43 -13.28 23.69
C5 XAT MH . -49.68 -14.55 24.13
C6 XAT MH . -50.39 -15.90 23.94
C7 XAT MH . -49.43 -17.02 23.56
C8 XAT MH . -49.10 -17.82 24.56
C9 XAT MH . -48.21 -18.98 24.47
C10 XAT MH . -47.27 -19.10 25.41
C11 XAT MH . -46.36 -20.24 25.48
C12 XAT MH . -45.66 -20.26 26.59
C13 XAT MH . -44.73 -21.35 26.96
C14 XAT MH . -43.66 -21.10 27.73
C15 XAT MH . -42.86 -22.24 28.12
C16 XAT MH . -51.90 -17.14 22.36
C17 XAT MH . -52.82 -16.04 24.35
C18 XAT MH . -48.15 -14.63 23.98
C19 XAT MH . -48.38 -20.02 23.40
C20 XAT MH . -45.04 -22.75 26.53
O3 XAT MH . -52.40 -12.31 22.73
O4 XAT MH . -50.27 -15.26 25.22
C21 XAT MH . -36.03 -28.38 37.29
C22 XAT MH . -35.09 -29.45 37.78
C23 XAT MH . -35.16 -30.65 36.84
C24 XAT MH . -34.41 -30.23 35.61
C25 XAT MH . -35.15 -29.09 34.89
C26 XAT MH . -36.06 -28.20 35.75
C27 XAT MH . -36.20 -26.76 35.26
C28 XAT MH . -37.31 -26.56 34.56
C29 XAT MH . -37.75 -25.30 33.98
C30 XAT MH . -38.50 -25.35 32.87
C31 XAT MH . -39.06 -24.15 32.27
C32 XAT MH . -39.67 -24.24 31.09
C33 XAT MH . -40.31 -23.03 30.57
C34 XAT MH . -41.29 -23.19 29.69
C35 XAT MH . -42.06 -22.08 29.16
C36 XAT MH . -35.66 -27.06 37.94
C37 XAT MH . -37.46 -28.73 37.74
C38 XAT MH . -34.51 -28.30 33.74
C39 XAT MH . -37.43 -23.98 34.63
C40 XAT MH . -39.90 -21.67 31.04
O23 XAT MH . -34.50 -31.77 37.45
O24 XAT MH . -36.57 -29.22 34.89
C1 LMG NH . -38.45 -9.44 45.77
O1 LMG NH . -39.39 -9.36 44.71
C2 LMG NH . -38.88 -8.54 46.93
O2 LMG NH . -39.04 -7.20 46.48
C3 LMG NH . -37.82 -8.61 48.03
O3 LMG NH . -38.28 -7.87 49.17
C4 LMG NH . -37.56 -10.05 48.42
O4 LMG NH . -38.66 -10.55 49.18
C5 LMG NH . -37.33 -10.95 47.21
O5 LMG NH . -35.94 -12.85 47.76
C6 LMG NH . -37.31 -12.42 47.62
O6 LMG NH . -38.36 -10.78 46.24
C7 LMG NH . -39.04 -10.24 43.64
C8 LMG NH . -38.77 -9.42 42.40
C9 LMG NH . -38.49 -10.34 41.22
O7 LMG NH . -39.91 -8.61 42.10
C10 LMG NH . -39.90 -8.17 40.71
O9 LMG NH . -39.37 -7.11 40.43
C11 LMG NH . -40.54 -9.01 39.64
C12 LMG NH . -40.15 -8.46 38.27
C13 LMG NH . -39.64 -9.58 37.36
C14 LMG NH . -39.88 -9.22 35.90
C15 LMG NH . -41.27 -9.66 35.45
C16 LMG NH . -41.61 -9.06 34.10
C17 LMG NH . -41.49 -10.11 33.00
O8 LMG NH . -39.56 -11.28 41.10
C28 LMG NH . -39.31 -12.58 40.47
O10 LMG NH . -39.36 -13.58 41.15
C29 LMG NH . -39.02 -12.67 39.00
C30 LMG NH . -39.38 -14.07 38.51
C31 LMG NH . -40.41 -14.01 37.39
C32 LMG NH . -40.58 -15.36 36.73
C33 LMG NH . -41.26 -15.23 35.38
C34 LMG NH . -42.28 -16.33 35.17
MG CLA OH . 4.43 -21.70 -12.17
CHA CLA OH . 5.26 -25.06 -12.12
CHB CLA OH . 1.58 -22.37 -10.43
CHC CLA OH . 3.83 -18.31 -11.98
CHD CLA OH . 7.38 -21.05 -14.02
NA CLA OH . 3.56 -23.44 -11.45
C1A CLA OH . 4.08 -24.75 -11.50
C2A CLA OH . 3.12 -25.73 -10.84
C3A CLA OH . 1.88 -24.88 -10.51
C4A CLA OH . 2.36 -23.45 -10.80
CMA CLA OH . 0.69 -25.26 -11.35
CAA CLA OH . 3.72 -26.31 -9.58
CBA CLA OH . 3.37 -27.78 -9.42
CGA CLA OH . 3.39 -28.17 -7.98
O1A CLA OH . 2.64 -27.78 -7.08
O2A CLA OH . 4.38 -29.06 -7.68
NB CLA OH . 2.97 -20.56 -11.37
C1B CLA OH . 1.92 -21.02 -10.66
C2B CLA OH . 1.13 -19.86 -10.12
C3B CLA OH . 1.76 -18.72 -10.56
C4B CLA OH . 2.94 -19.15 -11.37
CMB CLA OH . -0.07 -20.03 -9.30
CAB CLA OH . 1.41 -17.34 -10.34
CBB CLA OH . 0.85 -16.54 -11.24
NC CLA OH . 5.41 -20.00 -12.91
C1C CLA OH . 4.98 -18.71 -12.71
C2C CLA OH . 5.92 -17.78 -13.34
C3C CLA OH . 6.92 -18.56 -13.92
C4C CLA OH . 6.60 -19.95 -13.65
CMC CLA OH . 5.79 -16.33 -13.33
CAC CLA OH . 8.10 -18.08 -14.67
CBC CLA OH . 7.91 -18.17 -16.17
ND CLA OH . 5.95 -22.75 -12.98
C1D CLA OH . 7.10 -22.37 -13.72
C2D CLA OH . 7.89 -23.57 -14.04
C3D CLA OH . 7.25 -24.62 -13.42
C4D CLA OH . 6.05 -24.06 -12.78
CMD CLA OH . 9.13 -23.58 -14.82
CAD CLA OH . 7.24 -26.06 -13.18
OBD CLA OH . 8.04 -26.92 -13.54
CBD CLA OH . 5.98 -26.36 -12.32
CGD CLA OH . 5.10 -27.39 -12.96
O1D CLA OH . 4.04 -27.21 -13.56
O2D CLA OH . 5.57 -28.67 -12.83
CED CLA OH . 4.63 -29.72 -13.02
C1 CLA OH . 3.94 -30.37 -7.23
C2 CLA OH . 5.09 -31.28 -7.46
C3 CLA OH . 6.06 -31.46 -6.56
C4 CLA OH . 6.08 -30.76 -5.25
C5 CLA OH . 7.19 -32.39 -6.84
C6 CLA OH . 7.21 -33.58 -5.89
C7 CLA OH . 6.18 -34.62 -6.29
C8 CLA OH . 6.76 -36.02 -6.29
C9 CLA OH . 5.87 -36.97 -7.07
C10 CLA OH . 6.98 -36.53 -4.87
C11 CLA OH . 5.71 -37.12 -4.28
C12 CLA OH . 5.59 -36.84 -2.79
C13 CLA OH . 6.16 -37.97 -1.95
C14 CLA OH . 5.54 -39.30 -2.35
C15 CLA OH . 5.95 -37.71 -0.47
C16 CLA OH . 6.50 -38.85 0.38
C17 CLA OH . 8.00 -38.93 0.28
C18 CLA OH . 8.49 -40.37 0.40
C19 CLA OH . 9.91 -40.51 -0.13
C20 CLA OH . 8.43 -40.84 1.84
MG CLA PH . -18.59 22.95 -0.09
CHA CLA PH . -20.20 20.54 1.83
CHB CLA PH . -21.17 25.10 0.47
CHC CLA PH . -16.91 25.34 -1.89
CHD CLA PH . -15.94 20.67 -0.64
NA CLA PH . -20.39 22.81 0.98
C1A CLA PH . -20.87 21.72 1.72
C2A CLA PH . -22.22 22.04 2.34
C3A CLA PH . -22.55 23.46 1.80
C4A CLA PH . -21.28 23.85 1.02
CMA CLA PH . -23.75 23.44 0.90
CAA CLA PH . -22.16 22.06 3.86
CBA CLA PH . -21.34 23.21 4.37
CGA CLA PH . -20.09 22.71 5.03
O1A CLA PH . -19.92 22.33 6.18
O2A CLA PH . -19.02 22.65 4.17
NB CLA PH . -18.97 24.85 -0.62
C1B CLA PH . -20.07 25.57 -0.28
C2B CLA PH . -19.95 26.96 -0.80
C3B CLA PH . -18.76 27.04 -1.47
C4B CLA PH . -18.11 25.69 -1.36
CMB CLA PH . -20.97 27.98 -0.61
CAB CLA PH . -18.16 28.15 -2.17
CBB CLA PH . -16.98 28.69 -1.89
NC CLA PH . -16.77 22.98 -1.09
C1C CLA PH . -16.27 24.07 -1.77
C2C CLA PH . -14.97 23.76 -2.35
C3C CLA PH . -14.69 22.44 -1.99
C4C CLA PH . -15.83 21.95 -1.20
CMC CLA PH . -14.16 24.67 -3.13
CAC CLA PH . -13.49 21.66 -2.34
CBC CLA PH . -12.40 21.86 -1.31
ND CLA PH . -18.13 21.05 0.41
C1D CLA PH . -17.00 20.23 0.11
C2D CLA PH . -17.20 18.91 0.74
C3D CLA PH . -18.40 18.98 1.42
C4D CLA PH . -18.94 20.32 1.19
CMD CLA PH . -16.26 17.79 0.65
CAD CLA PH . -19.36 18.26 2.26
OBD CLA PH . -19.31 17.11 2.69
CBD CLA PH . -20.53 19.25 2.55
CGD CLA PH . -21.85 18.69 2.12
O1D CLA PH . -22.15 18.27 1.00
O2D CLA PH . -22.80 18.66 3.09
CED CLA PH . -23.95 17.87 2.87
C1 CLA PH . -17.71 22.75 4.78
C2 CLA PH . -16.73 22.67 3.67
C3 CLA PH . -16.15 23.75 3.12
C4 CLA PH . -15.16 23.62 2.03
C5 CLA PH . -16.46 25.13 3.59
C6 CLA PH . -17.40 25.90 2.68
C7 CLA PH . -16.63 26.76 1.69
C8 CLA PH . -16.34 28.16 2.20
C9 CLA PH . -17.64 28.93 2.33
C10 CLA PH . -15.36 28.88 1.29
C11 CLA PH . -15.67 30.34 1.08
C12 CLA PH . -14.73 31.24 1.87
C13 CLA PH . -13.31 31.16 1.33
C14 CLA PH . -12.38 30.56 2.36
C15 CLA PH . -12.82 32.53 0.87
C16 CLA PH . -11.35 32.74 1.12
C17 CLA PH . -10.54 32.69 -0.16
C18 CLA PH . -9.96 34.06 -0.49
C19 CLA PH . -8.49 34.13 -0.12
C20 CLA PH . -10.15 34.38 -1.96
MG CLA QH . 11.11 -2.79 3.37
CHA CLA QH . 10.09 -2.72 6.69
CHB CLA QH . 13.23 -5.33 4.10
CHC CLA QH . 11.81 -3.04 0.05
CHD CLA QH . 8.92 -0.09 2.70
NA CLA QH . 11.62 -3.78 5.13
C1A CLA QH . 11.08 -3.62 6.41
C2A CLA QH . 11.77 -4.54 7.42
C3A CLA QH . 12.97 -5.09 6.62
C4A CLA QH . 12.60 -4.73 5.18
CMA CLA QH . 14.27 -4.44 7.03
CAA CLA QH . 10.82 -5.63 7.89
CBA CLA QH . 11.42 -6.44 9.01
CGA CLA QH . 12.05 -7.66 8.43
O1A CLA QH . 12.11 -8.01 7.25
O2A CLA QH . 12.62 -8.48 9.36
NB CLA QH . 12.41 -3.87 2.30
C1B CLA QH . 12.93 -5.04 2.76
C2B CLA QH . 13.14 -6.01 1.65
C3B CLA QH . 12.74 -5.37 0.49
C4B CLA QH . 12.30 -4.00 0.89
CMB CLA QH . 13.69 -7.35 1.86
CAB CLA QH . 12.73 -5.81 -0.88
CBB CLA QH . 13.52 -6.74 -1.43
NC CLA QH . 10.54 -1.69 1.69
C1C CLA QH . 11.00 -1.93 0.43
C2C CLA QH . 10.46 -0.94 -0.50
C3C CLA QH . 9.58 -0.15 0.25
C4C CLA QH . 9.65 -0.61 1.62
CMC CLA QH . 10.73 -0.89 -1.93
CAC CLA QH . 8.78 0.99 -0.23
CBC CLA QH . 9.48 2.31 0.03
ND CLA QH . 9.80 -1.63 4.39
C1D CLA QH . 8.96 -0.56 4.00
C2D CLA QH . 8.15 -0.12 5.16
C3D CLA QH . 8.51 -0.95 6.20
C4D CLA QH . 9.56 -1.84 5.68
CMD CLA QH . 7.16 0.95 5.11
CAD CLA QH . 8.30 -1.31 7.60
OBD CLA QH . 7.47 -0.90 8.40
CBD CLA QH . 9.33 -2.41 7.96
CGD CLA QH . 10.23 -2.01 9.09
O1D CLA QH . 11.44 -1.78 9.06
O2D CLA QH . 9.58 -1.90 10.28
CED CLA QH . 10.16 -1.07 11.29
C1 CLA QH . 12.27 -9.87 9.27
C2 CLA QH . 12.76 -10.49 10.53
C3 CLA QH . 12.20 -11.57 11.07
C4 CLA QH . 12.72 -12.17 12.32
C5 CLA QH . 11.02 -12.25 10.45
C6 CLA QH . 11.10 -13.76 10.59
C7 CLA QH . 9.82 -14.33 11.17
C8 CLA QH . 10.00 -15.75 11.70
C9 CLA QH . 10.97 -16.54 10.82
C10 CLA QH . 8.67 -16.47 11.82
C11 CLA QH . 8.29 -17.20 10.55
C12 CLA QH . 7.17 -16.50 9.81
C13 CLA QH . 7.27 -16.71 8.30
C14 CLA QH . 7.13 -15.40 7.56
C15 CLA QH . 6.24 -17.72 7.79
C16 CLA QH . 4.91 -17.55 8.48
C17 CLA QH . 3.94 -18.66 8.13
C18 CLA QH . 4.34 -20.00 8.77
C19 CLA QH . 4.20 -19.92 10.28
C20 CLA QH . 3.48 -21.11 8.22
MG CLA RH . 8.03 5.56 12.28
CHA CLA RH . 10.48 6.31 9.93
CHB CLA RH . 5.78 5.09 9.78
CHC CLA RH . 5.80 4.40 14.60
CHD CLA RH . 10.41 6.06 14.84
NA CLA RH . 8.11 5.79 10.20
C1A CLA RH . 9.23 6.07 9.41
C2A CLA RH . 8.82 6.16 7.94
C3A CLA RH . 7.27 6.13 8.00
C4A CLA RH . 7.01 5.62 9.42
CMA CLA RH . 6.70 7.51 7.78
CAA CLA RH . 9.35 4.99 7.13
CBA CLA RH . 9.19 5.26 5.66
CGA CLA RH . 9.49 4.03 4.87
O1A CLA RH . 9.05 3.69 3.77
O2A CLA RH . 10.39 3.20 5.50
NB CLA RH . 6.12 4.93 12.20
C1B CLA RH . 5.44 4.63 11.07
C2B CLA RH . 4.27 3.77 11.39
C3B CLA RH . 4.27 3.57 12.75
C4B CLA RH . 5.44 4.32 13.30
CMB CLA RH . 3.32 3.27 10.39
CAB CLA RH . 3.36 2.85 13.60
CBB CLA RH . 2.03 2.98 13.59
NC CLA RH . 8.08 5.37 14.35
C1C CLA RH . 7.02 4.91 15.11
C2C CLA RH . 7.39 4.92 16.52
C3C CLA RH . 8.72 5.36 16.58
C4C CLA RH . 9.13 5.64 15.22
CMC CLA RH . 6.53 4.51 17.62
CAC CLA RH . 9.54 5.55 17.79
CBC CLA RH . 9.45 6.97 18.30
ND CLA RH . 9.94 6.19 12.43
C1D CLA RH . 10.81 6.29 13.54
C2D CLA RH . 12.16 6.67 13.08
C3D CLA RH . 12.10 6.65 11.69
C4D CLA RH . 10.70 6.34 11.34
CMD CLA RH . 13.29 6.92 13.95
CAD CLA RH . 12.82 6.87 10.45
OBD CLA RH . 13.98 7.25 10.28
CBD CLA RH . 11.83 6.55 9.29
CGD CLA RH . 11.87 7.64 8.27
O1D CLA RH . 12.11 8.83 8.48
O2D CLA RH . 11.63 7.23 6.98
CED CLA RH . 12.77 6.84 6.20
C1 CLA RH . 11.02 2.20 4.67
C2 CLA RH . 11.88 1.41 5.57
C3 CLA RH . 13.20 1.62 5.69
C4 CLA RH . 13.91 2.68 4.93
C5 CLA RH . 14.01 0.80 6.63
C6 CLA RH . 13.26 0.52 7.91
C7 CLA RH . 14.21 0.31 9.07
C8 CLA RH . 14.82 -1.08 9.06
C9 CLA RH . 14.49 -1.82 10.33
C10 CLA RH . 16.33 -1.01 8.87
C11 CLA RH . 16.74 -1.75 7.62
C12 CLA RH . 18.21 -1.57 7.32
C13 CLA RH . 18.77 -2.80 6.61
C14 CLA RH . 20.22 -2.58 6.22
C15 CLA RH . 17.94 -3.15 5.39
C16 CLA RH . 17.69 -4.63 5.29
C17 CLA RH . 17.71 -5.09 3.85
C18 CLA RH . 16.92 -6.35 3.59
C19 CLA RH . 17.36 -7.01 2.31
C20 CLA RH . 17.05 -7.33 4.74
MG CLA SH . -8.82 8.49 4.45
CHA CLA SH . -12.18 9.29 3.94
CHB CLA SH . -8.36 11.51 5.94
CHC CLA SH . -5.54 7.64 5.07
CHD CLA SH . -9.24 5.61 2.49
NA CLA SH . -10.09 10.09 4.90
C1A CLA SH . -11.46 10.23 4.63
C2A CLA SH . -11.96 11.59 5.11
C3A CLA SH . -10.66 12.31 5.53
C4A CLA SH . -9.62 11.21 5.50
CMA CLA SH . -10.30 13.38 4.53
CAA CLA SH . -12.92 11.48 6.28
CBA CLA SH . -13.57 12.82 6.53
CGA CLA SH . -12.67 13.68 7.37
O1A CLA SH . -12.27 13.47 8.52
O2A CLA SH . -12.23 14.80 6.73
NB CLA SH . -7.27 9.36 5.40
C1B CLA SH . -7.28 10.62 5.91
C2B CLA SH . -5.96 10.96 6.47
C3B CLA SH . -5.14 9.87 6.23
C4B CLA SH . -5.97 8.83 5.56
CMB CLA SH . -5.66 12.26 7.08
CAB CLA SH . -3.75 9.69 6.54
CBB CLA SH . -3.21 10.01 7.71
NC CLA SH . -7.62 6.89 3.88
C1C CLA SH . -6.31 6.75 4.26
C2C CLA SH . -5.78 5.52 3.68
C3C CLA SH . -6.80 4.96 2.92
C4C CLA SH . -7.96 5.83 3.06
CMC CLA SH . -4.41 5.04 3.86
CAC CLA SH . -6.68 3.74 2.10
CBC CLA SH . -7.66 2.65 2.40
ND CLA SH . -10.31 7.61 3.42
C1D CLA SH . -10.35 6.42 2.65
C2D CLA SH . -11.72 6.23 2.13
C3D CLA SH . -12.48 7.28 2.64
C4D CLA SH . -11.54 8.13 3.40
CMD CLA SH . -12.14 5.11 1.30
CAD CLA SH . -13.78 7.93 2.68
OBD CLA SH . -14.83 7.59 2.15
CBD CLA SH . -13.63 9.24 3.53
CGD CLA SH . -14.09 10.48 2.79
O1D CLA SH . -14.14 10.68 1.57
O2D CLA SH . -14.50 11.49 3.58
CED CLA SH . -15.85 11.46 4.07
C1 CLA SH . -11.64 15.81 7.57
C2 CLA SH . -10.18 15.87 7.26
C3 CLA SH . -9.23 15.48 8.12
C4 CLA SH . -9.54 14.93 9.45
C5 CLA SH . -7.78 15.57 7.76
C6 CLA SH . -7.05 16.57 8.63
C7 CLA SH . -7.70 17.94 8.54
C8 CLA SH . -7.27 18.89 9.65
C9 CLA SH . -7.07 18.14 10.96
C10 CLA SH . -8.30 19.99 9.84
C11 CLA SH . -8.26 21.00 8.71
C12 CLA SH . -6.86 21.55 8.52
C13 CLA SH . -6.87 22.89 7.80
C14 CLA SH . -7.92 22.94 6.71
C15 CLA SH . -5.49 23.19 7.20
C16 CLA SH . -5.50 24.51 6.44
C17 CLA SH . -4.11 25.06 6.26
C18 CLA SH . -3.49 24.62 4.95
C19 CLA SH . -4.25 25.20 3.78
C20 CLA SH . -2.04 25.05 4.88
MG CLA TH . 6.42 27.89 -14.62
CHA CLA TH . 4.38 28.92 -17.23
CHB CLA TH . 9.14 29.15 -16.23
CHC CLA TH . 8.36 27.06 -11.89
CHD CLA TH . 3.59 26.53 -13.00
NA CLA TH . 6.69 28.85 -16.44
C1A CLA TH . 5.72 29.21 -17.38
C2A CLA TH . 6.34 29.90 -18.58
C3A CLA TH . 7.87 29.79 -18.32
C4A CLA TH . 7.93 29.24 -16.89
CMA CLA TH . 8.55 28.89 -19.31
CAA CLA TH . 5.91 31.36 -18.60
CBA CLA TH . 6.19 32.06 -17.28
CGA CLA TH . 4.96 32.71 -16.74
O1A CLA TH . 3.89 32.92 -17.32
O2A CLA TH . 5.09 33.10 -15.44
NB CLA TH . 8.38 28.08 -14.15
C1B CLA TH . 9.33 28.63 -14.93
C2B CLA TH . 10.65 28.61 -14.24
C3B CLA TH . 10.43 28.01 -13.01
C4B CLA TH . 8.98 27.67 -12.93
CMB CLA TH . 11.87 29.13 -14.85
CAB CLA TH . 11.35 27.73 -11.93
CBB CLA TH . 12.60 27.31 -12.06
NC CLA TH . 6.04 26.93 -12.79
C1C CLA TH . 6.98 26.71 -11.82
C2C CLA TH . 6.36 26.05 -10.68
C3C CLA TH . 5.01 25.89 -10.99
C4C CLA TH . 4.81 26.45 -12.32
CMC CLA TH . 7.05 25.66 -9.45
CAC CLA TH . 3.97 25.28 -10.14
CBC CLA TH . 4.10 23.77 -10.06
ND CLA TH . 4.45 27.65 -15.00
C1D CLA TH . 3.40 27.09 -14.24
C2D CLA TH . 2.12 27.24 -14.99
C3D CLA TH . 2.46 27.95 -16.13
C4D CLA TH . 3.91 28.18 -16.08
CMD CLA TH . 0.83 26.76 -14.55
CAD CLA TH . 1.96 28.52 -17.38
OBD CLA TH . 0.82 28.51 -17.85
CBD CLA TH . 3.18 29.21 -18.08
CGD CLA TH . 3.33 28.75 -19.51
O1D CLA TH . 2.72 29.18 -20.50
O2D CLA TH . 4.26 27.77 -19.70
CED CLA TH . 4.57 27.42 -21.05
C1 CLA TH . 4.26 34.21 -15.02
C2 CLA TH . 4.90 34.81 -13.82
C3 CLA TH . 4.49 35.97 -13.28
C4 CLA TH . 3.37 36.75 -13.86
C5 CLA TH . 5.15 36.54 -12.07
C6 CLA TH . 6.13 35.59 -11.41
C7 CLA TH . 7.47 36.25 -11.17
C8 CLA TH . 7.35 37.57 -10.39
C9 CLA TH . 8.65 38.34 -10.50
C10 CLA TH . 6.98 37.32 -8.95
C11 CLA TH . 7.49 38.39 -8.00
C12 CLA TH . 6.68 38.47 -6.72
C13 CLA TH . 7.45 39.23 -5.63
C14 CLA TH . 8.33 38.28 -4.86
C15 CLA TH . 6.51 39.97 -4.70
C16 CLA TH . 7.23 40.51 -3.49
C17 CLA TH . 6.43 40.30 -2.22
C18 CLA TH . 7.24 40.57 -0.96
C19 CLA TH . 8.72 40.32 -1.15
C20 CLA TH . 7.00 41.98 -0.45
MG CLA UH . 15.98 22.14 -18.75
CHA CLA UH . 19.34 21.53 -18.19
CHB CLA UH . 15.87 24.14 -15.99
CHC CLA UH . 12.66 22.77 -19.40
CHD CLA UH . 16.12 19.97 -21.55
NA CLA UH . 17.39 22.73 -17.35
C1A CLA UH . 18.74 22.37 -17.28
C2A CLA UH . 19.42 23.04 -16.09
C3A CLA UH . 18.25 23.68 -15.32
C4A CLA UH . 17.08 23.53 -16.29
CMA CLA UH . 17.99 22.91 -14.05
CAA CLA UH . 20.31 24.13 -16.64
CBA CLA UH . 21.63 24.22 -15.93
CGA CLA UH . 21.48 24.94 -14.63
O1A CLA UH . 20.56 25.68 -14.27
O2A CLA UH . 22.52 24.74 -13.77
NB CLA UH . 14.54 23.24 -17.87
C1B CLA UH . 14.71 24.03 -16.78
C2B CLA UH . 13.45 24.80 -16.49
C3B CLA UH . 12.54 24.41 -17.46
C4B CLA UH . 13.22 23.41 -18.34
CMB CLA UH . 13.34 25.73 -15.38
CAB CLA UH . 11.17 24.80 -17.67
CBB CLA UH . 10.60 25.97 -17.34
NC CLA UH . 14.63 21.48 -20.21
C1C CLA UH . 13.32 21.86 -20.28
C2C CLA UH . 12.68 21.18 -21.40
C3C CLA UH . 13.66 20.41 -22.02
C4C CLA UH . 14.88 20.59 -21.25
CMC CLA UH . 11.28 21.35 -21.78
CAC CLA UH . 13.50 19.53 -23.19
CBC CLA UH . 13.41 18.07 -22.81
ND CLA UH . 17.36 21.01 -19.71
C1D CLA UH . 17.28 20.16 -20.84
C2D CLA UH . 18.61 19.56 -21.08
C3D CLA UH . 19.44 20.06 -20.09
C4D CLA UH . 18.61 20.94 -19.26
CMD CLA UH . 18.93 18.63 -22.17
CAD CLA UH . 20.78 20.06 -19.53
OBD CLA UH . 21.79 19.47 -19.91
CBD CLA UH . 20.75 21.00 -18.28
CGD CLA UH . 21.13 20.26 -17.02
O1D CLA UH . 21.52 20.74 -15.95
O2D CLA UH . 21.01 18.91 -17.12
CED CLA UH . 20.52 18.20 -15.98
C1 CLA UH . 22.35 23.70 -12.79
C2 CLA UH . 22.98 22.46 -13.32
C3 CLA UH . 24.30 22.25 -13.30
C4 CLA UH . 25.25 23.25 -12.73
C5 CLA UH . 24.89 21.01 -13.84
C6 CLA UH . 25.87 21.24 -14.97
C7 CLA UH . 25.14 21.66 -16.24
C8 CLA UH . 26.00 21.53 -17.48
C9 CLA UH . 27.44 21.88 -17.20
C10 CLA UH . 25.47 22.43 -18.60
C11 CLA UH . 24.37 21.75 -19.39
C12 CLA UH . 23.56 22.75 -20.19
C13 CLA UH . 23.15 22.17 -21.54
C14 CLA UH . 24.13 22.57 -22.61
C15 CLA UH . 21.74 22.61 -21.93
C16 CLA UH . 21.27 21.81 -23.14
C17 CLA UH . 19.90 22.26 -23.60
C18 CLA UH . 19.98 23.20 -24.79
C19 CLA UH . 18.70 23.99 -24.95
C20 CLA UH . 20.28 22.44 -26.06
MG CLA VH . 16.13 23.17 -9.39
CHA CLA VH . 12.92 23.50 -10.65
CHB CLA VH . 16.72 20.63 -11.58
CHC CLA VH . 19.39 23.04 -8.29
CHD CLA VH . 15.49 25.86 -7.17
NA CLA VH . 14.97 22.22 -10.83
C1A CLA VH . 13.67 22.51 -11.23
C2A CLA VH . 13.19 21.57 -12.34
C3A CLA VH . 14.35 20.54 -12.43
C4A CLA VH . 15.45 21.16 -11.57
CMA CLA VH . 13.93 19.19 -11.92
CAA CLA VH . 13.05 22.32 -13.65
CBA CLA VH . 12.68 21.40 -14.78
CGA CLA VH . 11.20 21.14 -14.76
O1A CLA VH . 10.29 21.89 -15.11
O2A CLA VH . 10.88 19.92 -14.27
NB CLA VH . 17.74 22.04 -9.84
C1B CLA VH . 17.80 21.09 -10.80
C2B CLA VH . 19.20 20.59 -10.94
C3B CLA VH . 19.96 21.26 -10.01
C4B CLA VH . 19.03 22.19 -9.29
CMB CLA VH . 19.56 19.55 -11.91
CAB CLA VH . 21.36 21.19 -9.68
CBB CLA VH . 22.35 20.75 -10.44
NC CLA VH . 17.22 24.22 -7.95
C1C CLA VH . 18.53 23.98 -7.65
C2C CLA VH . 18.97 24.89 -6.59
C3C CLA VH . 17.88 25.71 -6.29
C4C CLA VH . 16.79 25.28 -7.15
CMC CLA VH . 20.31 24.90 -6.01
CAC CLA VH . 17.81 26.78 -5.29
CBC CLA VH . 17.31 26.27 -3.96
ND CLA VH . 14.58 24.36 -8.89
C1D CLA VH . 14.46 25.44 -7.98
C2D CLA VH . 13.09 26.01 -8.07
C3D CLA VH . 12.46 25.30 -9.08
C4D CLA VH . 13.44 24.30 -9.57
CMD CLA VH . 12.58 27.11 -7.27
CAD CLA VH . 11.24 25.11 -9.84
OBD CLA VH . 10.16 25.68 -9.72
CBD CLA VH . 11.52 24.01 -10.90
CGD CLA VH . 10.49 22.90 -10.86
O1D CLA VH . 10.57 21.83 -10.27
O2D CLA VH . 9.37 23.16 -11.59
CED CLA VH . 8.17 22.50 -11.23
C1 CLA VH . 9.73 19.88 -13.39
C2 CLA VH . 10.06 18.96 -12.28
C3 CLA VH . 9.86 17.64 -12.37
C4 CLA VH . 9.28 17.03 -13.58
C5 CLA VH . 10.19 16.72 -11.24
C6 CLA VH . 10.27 17.44 -9.90
C7 CLA VH . 11.65 17.36 -9.32
C8 CLA VH . 11.63 17.24 -7.79
C9 CLA VH . 10.72 18.30 -7.20
C10 CLA VH . 13.03 17.35 -7.20
C11 CLA VH . 14.09 16.71 -8.06
C12 CLA VH . 15.48 16.92 -7.52
C13 CLA VH . 16.12 18.18 -8.09
C14 CLA VH . 17.55 17.91 -8.53
C15 CLA VH . 16.09 19.32 -7.09
C16 CLA VH . 15.09 20.38 -7.49
C17 CLA VH . 15.13 21.57 -6.55
C18 CLA VH . 13.84 21.73 -5.78
C19 CLA VH . 12.62 21.49 -6.65
C20 CLA VH . 13.76 23.11 -5.17
MG CLA WH . 14.82 36.94 2.95
CHA CLA WH . 12.99 37.65 5.82
CHB CLA WH . 13.82 33.69 3.13
CHC CLA WH . 16.60 36.29 0.11
CHD CLA WH . 15.94 40.29 2.89
NA CLA WH . 13.59 35.87 4.26
C1A CLA WH . 12.93 36.35 5.39
C2A CLA WH . 12.12 35.24 6.07
C3A CLA WH . 12.53 33.98 5.29
C4A CLA WH . 13.35 34.53 4.13
CMA CLA WH . 13.34 33.05 6.16
CAA CLA WH . 10.63 35.51 5.94
CBA CLA WH . 10.21 35.76 4.51
CGA CLA WH . 10.15 37.23 4.19
O1A CLA WH . 9.67 38.14 4.86
O2A CLA WH . 10.73 37.53 2.99
NB CLA WH . 15.20 35.28 1.87
C1B CLA WH . 14.60 34.07 2.04
C2B CLA WH . 14.92 33.19 0.88
C3B CLA WH . 15.70 33.92 0.02
C4B CLA WH . 15.89 35.27 0.64
CMB CLA WH . 14.41 31.82 0.77
CAB CLA WH . 16.29 33.58 -1.25
CBB CLA WH . 15.65 32.99 -2.26
NC CLA WH . 16.05 38.09 1.73
C1C CLA WH . 16.70 37.62 0.62
C2C CLA WH . 17.49 38.68 0.01
C3C CLA WH . 17.29 39.82 0.80
C4C CLA WH . 16.39 39.44 1.87
CMC CLA WH . 18.31 38.53 -1.19
CAC CLA WH . 17.89 41.14 0.59
CBC CLA WH . 16.90 42.13 0.00
ND CLA WH . 14.50 38.64 4.00
C1D CLA WH . 15.05 39.94 3.89
C2D CLA WH . 14.53 40.79 4.98
C3D CLA WH . 13.72 39.95 5.75
C4D CLA WH . 13.76 38.64 5.11
CMD CLA WH . 14.84 42.20 5.18
CAD CLA WH . 12.85 39.85 6.90
OBD CLA WH . 12.47 40.73 7.67
CBD CLA WH . 12.44 38.35 7.03
CGD CLA WH . 13.01 37.74 8.28
O1D CLA WH . 14.21 37.57 8.54
O2D CLA WH . 12.09 37.33 9.19
CED CLA WH . 12.58 36.68 10.37
C1 CLA WH . 10.94 38.93 2.71
C2 CLA WH . 12.02 39.00 1.69
C3 CLA WH . 12.39 40.14 1.08
C4 CLA WH . 11.72 41.43 1.37
C5 CLA WH . 13.49 40.16 0.07
C6 CLA WH . 13.14 39.44 -1.22
C7 CLA WH . 13.68 38.03 -1.21
C8 CLA WH . 14.36 37.63 -2.51
C9 CLA WH . 15.15 38.79 -3.10
C10 CLA WH . 13.35 37.13 -3.52
C11 CLA WH . 13.62 35.68 -3.90
C12 CLA WH . 12.51 35.11 -4.76
C13 CLA WH . 12.71 33.63 -5.02
C14 CLA WH . 13.99 33.39 -5.78
C15 CLA WH . 11.52 33.02 -5.77
C16 CLA WH . 10.25 33.80 -5.55
C17 CLA WH . 9.02 32.93 -5.69
C18 CLA WH . 7.75 33.78 -5.85
C19 CLA WH . 7.46 34.05 -7.30
C20 CLA WH . 6.58 33.09 -5.19
MG CLA XH . 14.85 27.77 7.17
CHA CLA XH . 18.14 27.50 6.07
CHB CLA XH . 14.23 30.03 4.70
CHC CLA XH . 11.53 27.70 8.02
CHD CLA XH . 15.52 25.32 9.62
NA CLA XH . 16.03 28.67 5.71
C1A CLA XH . 17.37 28.41 5.39
C2A CLA XH . 17.81 29.25 4.21
C3A CLA XH . 16.65 30.25 4.01
C4A CLA XH . 15.53 29.62 4.85
CMA CLA XH . 17.01 31.64 4.47
CAA CLA XH . 17.95 28.32 3.02
CBA CLA XH . 16.63 27.77 2.50
CGA CLA XH . 16.24 26.47 3.13
O1A CLA XH . 16.65 25.34 2.87
O2A CLA XH . 15.27 26.53 4.10
NB CLA XH . 13.20 28.72 6.51
C1B CLA XH . 13.14 29.53 5.42
C2B CLA XH . 11.72 29.86 5.12
C3B CLA XH . 10.95 29.20 6.05
C4B CLA XH . 11.88 28.48 6.96
CMB CLA XH . 11.32 30.73 4.01
CAB CLA XH . 9.52 29.19 6.22
CBB CLA XH . 8.75 28.09 6.23
NC CLA XH . 13.76 26.76 8.63
C1C CLA XH . 12.41 26.91 8.82
C2C CLA XH . 11.98 26.05 9.93
C3C CLA XH . 13.11 25.35 10.35
C4C CLA XH . 14.22 25.80 9.53
CMC CLA XH . 10.61 25.95 10.41
CAC CLA XH . 13.17 24.36 11.43
CBC CLA XH . 12.99 22.96 10.93
ND CLA XH . 16.46 26.75 7.86
C1D CLA XH . 16.58 25.72 8.82
C2D CLA XH . 17.96 25.22 8.83
C3D CLA XH . 18.62 25.88 7.81
C4D CLA XH . 17.62 26.80 7.21
CMD CLA XH . 18.44 24.18 9.73
CAD CLA XH . 19.87 26.07 7.10
OBD CLA XH . 20.97 25.61 7.33
CBD CLA XH . 19.57 27.02 5.89
CGD CLA XH . 20.60 28.11 5.77
O1D CLA XH . 21.77 28.00 5.38
O2D CLA XH . 20.17 29.36 6.16
CED CLA XH . 21.13 30.42 6.08
C1 CLA XH . 15.10 25.30 4.85
C2 CLA XH . 13.69 25.26 5.34
C3 CLA XH . 13.23 24.30 6.15
C4 CLA XH . 14.08 23.19 6.62
C5 CLA XH . 11.82 24.29 6.61
C6 CLA XH . 10.88 23.57 5.66
C7 CLA XH . 9.66 24.41 5.37
C8 CLA XH . 9.56 24.81 3.91
C9 CLA XH . 9.77 23.61 3.01
C10 CLA XH . 10.57 25.90 3.57
C11 CLA XH . 10.50 26.30 2.12
C12 CLA XH . 11.82 26.14 1.41
C13 CLA XH . 12.57 27.46 1.28
C14 CLA XH . 11.62 28.58 0.90
C15 CLA XH . 13.72 27.37 0.29
C16 CLA XH . 13.23 27.45 -1.14
C17 CLA XH . 14.36 27.80 -2.09
C18 CLA XH . 13.89 28.79 -3.15
C19 CLA XH . 14.90 28.94 -4.27
C20 CLA XH . 13.64 30.14 -2.52
MG CLA YH . 6.04 28.18 12.41
CHA CLA YH . 8.52 30.02 10.83
CHB CLA YH . 3.67 29.86 10.65
CHC CLA YH . 3.64 26.17 13.83
CHD CLA YH . 8.54 26.48 14.25
NA CLA YH . 6.11 29.72 11.01
C1A CLA YH . 7.24 30.35 10.46
C2A CLA YH . 6.83 31.43 9.47
C3A CLA YH . 5.29 31.49 9.60
C4A CLA YH . 4.98 30.27 10.47
CMA CLA YH . 4.83 32.77 10.26
CAA CLA YH . 7.24 31.10 8.05
CBA CLA YH . 7.74 32.33 7.32
CGA CLA YH . 7.02 32.50 6.02
O1A CLA YH . 7.10 33.43 5.21
O2A CLA YH . 6.16 31.46 5.74
NB CLA YH . 4.03 28.06 12.30
C1B CLA YH . 3.26 28.77 11.45
C2B CLA YH . 1.87 28.24 11.46
C3B CLA YH . 1.85 27.19 12.37
C4B CLA YH . 3.24 27.08 12.91
CMB CLA YH . 0.81 28.79 10.65
CAB CLA YH . 0.79 26.32 12.79
CBB CLA YH . -0.51 26.64 12.88
NC CLA YH . 6.09 26.63 13.81
C1C CLA YH . 4.98 25.96 14.26
C2C CLA YH . 5.37 24.95 15.24
C3C CLA YH . 6.76 25.03 15.36
C4C CLA YH . 7.20 26.10 14.46
CMC CLA YH . 4.45 24.05 15.93
CAC CLA YH . 7.62 24.23 16.23
CBC CLA YH . 8.00 24.96 17.49
ND CLA YH . 8.06 28.22 12.59
C1D CLA YH . 8.96 27.46 13.38
C2D CLA YH . 10.33 27.89 13.08
C3D CLA YH . 10.24 28.86 12.09
C4D CLA YH . 8.79 29.02 11.82
CMD CLA YH . 11.53 27.34 13.72
CAD CLA YH . 10.95 29.78 11.23
OBD CLA YH . 12.14 29.99 11.12
CBD CLA YH . 9.87 30.55 10.39
CGD CLA YH . 9.98 32.04 10.53
O1D CLA YH . 9.65 32.73 11.50
O2D CLA YH . 10.51 32.65 9.44
CED CLA YH . 10.31 34.06 9.30
C1 CLA YH . 5.46 31.53 4.49
C2 CLA YH . 5.76 30.28 3.76
C3 CLA YH . 6.87 30.14 3.02
C4 CLA YH . 7.87 31.23 2.89
C5 CLA YH . 7.18 28.88 2.29
C6 CLA YH . 6.01 27.92 2.23
C7 CLA YH . 6.38 26.72 1.38
C8 CLA YH . 5.24 26.30 0.44
C9 CLA YH . 4.70 24.96 0.87
C10 CLA YH . 5.71 26.24 -1.00
C11 CLA YH . 5.21 27.42 -1.80
C12 CLA YH . 3.71 27.41 -1.96
C13 CLA YH . 3.29 26.78 -3.28
C14 CLA YH . 3.96 27.49 -4.44
C15 CLA YH . 1.78 26.80 -3.46
C16 CLA YH . 1.27 28.20 -3.70
C17 CLA YH . -0.15 28.37 -3.21
C18 CLA YH . -0.78 29.70 -3.65
C19 CLA YH . 0.26 30.81 -3.77
C20 CLA YH . -1.85 30.11 -2.68
MG CLA ZH . 24.77 36.05 -24.99
CHA CLA ZH . 24.80 37.22 -28.24
CHB CLA ZH . 25.01 32.85 -26.13
CHC CLA ZH . 24.94 34.96 -21.73
CHD CLA ZH . 24.42 39.38 -23.84
NA CLA ZH . 24.87 35.21 -26.88
C1A CLA ZH . 24.89 35.86 -28.13
C2A CLA ZH . 24.98 34.88 -29.28
C3A CLA ZH . 24.81 33.52 -28.58
C4A CLA ZH . 24.93 33.85 -27.09
CMA CLA ZH . 23.46 32.95 -28.92
CAA CLA ZH . 26.34 34.97 -29.95
CBA CLA ZH . 27.46 34.99 -28.94
CGA CLA ZH . 28.81 35.10 -29.59
O1A CLA ZH . 29.09 35.20 -30.78
O2A CLA ZH . 29.83 35.06 -28.69
NB CLA ZH . 24.94 34.25 -24.10
C1B CLA ZH . 25.08 33.06 -24.75
C2B CLA ZH . 25.25 31.97 -23.75
C3B CLA ZH . 25.23 32.56 -22.50
C4B CLA ZH . 25.02 34.01 -22.71
CMB CLA ZH . 25.41 30.57 -24.14
CAB CLA ZH . 25.35 31.95 -21.21
NC CLA ZH . 24.68 37.00 -23.13
C1C CLA ZH . 24.77 36.36 -21.93
C2C CLA ZH . 24.67 37.34 -20.83
C3C CLA ZH . 24.51 38.58 -21.43
C4C CLA ZH . 24.52 38.37 -22.88
CMC CLA ZH . 24.74 37.01 -19.41
CAC CLA ZH . 24.38 39.88 -20.75
CBC CLA ZH . 22.94 40.34 -20.65
ND CLA ZH . 24.59 37.90 -25.78
C1D CLA ZH . 24.45 39.18 -25.20
C2D CLA ZH . 24.36 40.19 -26.30
C3D CLA ZH . 24.49 39.50 -27.48
C4D CLA ZH . 24.64 38.08 -27.11
CMD CLA ZH . 24.19 41.62 -26.06
CAD CLA ZH . 24.51 39.57 -28.94
OBD CLA ZH . 24.39 40.55 -29.67
CBD CLA ZH . 24.72 38.11 -29.46
CGD CLA ZH . 23.62 37.66 -30.37
O1D CLA ZH . 22.70 36.86 -30.11
O2D CLA ZH . 23.66 38.19 -31.63
CED CLA ZH . 22.52 37.98 -32.45
C1 CLA ZH . 31.01 35.82 -28.99
C2 CLA ZH . 31.80 35.88 -27.73
C3 CLA ZH . 32.51 36.97 -27.37
C4 CLA ZH . 32.56 38.19 -28.21
C5 CLA ZH . 33.28 36.99 -26.09
C6 CLA ZH . 32.84 38.12 -25.17
C7 CLA ZH . 33.66 38.11 -23.89
C8 CLA ZH . 33.25 39.23 -22.96
C9 CLA ZH . 34.41 40.18 -22.73
C10 CLA ZH . 32.75 38.69 -21.63
MG CLA AI . 34.17 31.88 -27.77
CHA CLA AI . 31.52 31.53 -29.97
CHB CLA AI . 36.34 30.94 -30.23
CHC CLA AI . 36.78 32.34 -25.58
CHD CLA AI . 31.88 32.79 -25.23
NA CLA AI . 33.94 31.33 -29.77
C1A CLA AI . 32.74 31.26 -30.50
C2A CLA AI . 33.02 30.81 -31.94
C3A CLA AI . 34.54 30.50 -31.94
C4A CLA AI . 34.99 30.96 -30.56
CMA CLA AI . 34.78 29.03 -32.14
CAA CLA AI . 32.70 31.92 -32.93
CBA CLA AI . 33.83 32.93 -33.05
CGA CLA AI . 33.79 33.91 -31.92
O1A CLA AI . 32.83 34.55 -31.48
O2A CLA AI . 35.02 34.09 -31.33
NB CLA AI . 36.17 31.71 -27.89
C1B CLA AI . 36.87 31.30 -28.98
C2B CLA AI . 38.33 31.25 -28.66
C3B CLA AI . 38.46 31.63 -27.34
C4B CLA AI . 37.10 31.93 -26.83
CMB CLA AI . 39.34 30.82 -29.63
CAB CLA AI . 39.63 31.76 -26.51
CBB CLA AI . 40.79 32.30 -26.86
NC CLA AI . 34.30 32.45 -25.76
C1C CLA AI . 35.47 32.57 -25.06
C2C CLA AI . 35.19 33.00 -23.70
C3C CLA AI . 33.81 33.13 -23.59
C4C CLA AI . 33.25 32.78 -24.90
CMC CLA AI . 36.21 33.23 -22.66
CAC CLA AI . 33.04 33.53 -22.40
CBC CLA AI . 32.56 34.96 -22.49
ND CLA AI . 32.17 32.07 -27.55
C1D CLA AI . 31.36 32.47 -26.46
C2D CLA AI . 29.94 32.45 -26.89
C3D CLA AI . 29.94 32.09 -28.21
C4D CLA AI . 31.35 31.88 -28.58
CMD CLA AI . 28.80 32.77 -26.02
CAD CLA AI . 29.14 31.81 -29.39
OBD CLA AI . 27.92 31.80 -29.52
CBD CLA AI . 30.13 31.49 -30.56
CGD CLA AI . 29.84 30.17 -31.21
O1D CLA AI . 30.52 29.14 -31.18
O2D CLA AI . 28.68 30.15 -31.94
CED CLA AI . 28.43 29.01 -32.76
C1 CLA AI . 35.04 34.80 -30.07
C2 CLA AI . 36.40 35.37 -29.93
C3 CLA AI . 36.95 35.72 -28.76
C4 CLA AI . 36.22 35.56 -27.48
C5 CLA AI . 38.32 36.30 -28.68
C6 CLA AI . 39.01 35.99 -27.36
C7 CLA AI . 40.19 36.92 -27.14
C8 CLA AI . 41.51 36.28 -27.56
MG CLA BI . 27.12 27.93 -22.69
CHA CLA BI . 24.28 26.92 -20.97
CHB CLA BI . 28.65 28.64 -19.73
CHC CLA BI . 29.91 28.91 -24.43
CHD CLA BI . 25.49 27.15 -25.74
NA CLA BI . 26.54 27.80 -20.68
C1A CLA BI . 25.33 27.34 -20.17
C2A CLA BI . 25.32 27.40 -18.65
C3A CLA BI . 26.70 27.99 -18.30
C4A CLA BI . 27.36 28.16 -19.66
CMA CLA BI . 26.58 29.29 -17.56
CAA CLA BI . 25.19 26.01 -18.04
CBA CLA BI . 24.48 26.05 -16.70
CGA CLA BI . 25.43 26.43 -15.61
O1A CLA BI . 25.44 27.45 -14.93
O2A CLA BI . 26.39 25.49 -15.40
NB CLA BI . 28.95 28.59 -22.18
C1B CLA BI . 29.37 28.86 -20.92
C2B CLA BI . 30.74 29.45 -20.95
C3B CLA BI . 31.11 29.53 -22.27
C4B CLA BI . 29.96 29.00 -23.07
CMB CLA BI . 31.45 29.85 -19.73
CAB CLA BI . 32.31 30.04 -22.89
CBB CLA BI . 33.55 29.91 -22.40
NC CLA BI . 27.61 28.00 -24.72
C1C CLA BI . 28.81 28.44 -25.21
C2C CLA BI . 28.80 28.37 -26.67
C3C CLA BI . 27.56 27.86 -27.05
C4C CLA BI . 26.81 27.64 -25.81
CMC CLA BI . 29.91 28.76 -27.54
CAC CLA BI . 27.07 27.62 -28.42
CBC CLA BI . 27.66 26.43 -29.13
ND CLA BI . 25.31 27.25 -23.29
C1D CLA BI . 24.78 26.96 -24.58
C2D CLA BI . 23.39 26.47 -24.41
C3D CLA BI . 23.14 26.47 -23.05
C4D CLA BI . 24.38 26.94 -22.40
CMD CLA BI . 22.51 26.11 -25.51
CAD CLA BI . 22.17 26.20 -22.00
OBD CLA BI . 21.00 25.85 -22.10
CBD CLA BI . 22.89 26.44 -20.64
CGD CLA BI . 22.18 27.44 -19.78
O1D CLA BI . 21.83 27.31 -18.60
O2D CLA BI . 21.90 28.61 -20.42
CED CLA BI . 21.61 29.76 -19.63
C1 CLA BI . 27.34 25.76 -14.35
C2 CLA BI . 28.28 24.61 -14.29
C3 CLA BI . 29.48 24.70 -13.70
C4 CLA BI . 29.95 25.96 -13.08
C5 CLA BI . 30.42 23.55 -13.66
C6 CLA BI . 29.74 22.24 -13.32
C7 CLA BI . 30.69 21.36 -12.53
C8 CLA BI . 30.44 19.87 -12.77
C9 CLA BI . 29.02 19.49 -12.43
C10 CLA BI . 31.43 19.03 -11.95
C11 CLA BI . 32.10 17.96 -12.77
C12 CLA BI . 33.40 17.52 -12.15
C13 CLA BI . 33.72 16.05 -12.40
C14 CLA BI . 33.79 15.78 -13.88
C15 CLA BI . 32.70 15.13 -11.75
C16 CLA BI . 32.92 13.68 -12.14
C17 CLA BI . 34.05 13.06 -11.33
C18 CLA BI . 35.13 12.46 -12.23
C19 CLA BI . 34.52 11.74 -13.42
C20 CLA BI . 36.00 11.49 -11.45
MG CLA CI . 37.19 35.84 -5.75
CHA CLA CI . 36.37 37.70 -2.93
CHB CLA CI . 34.40 33.94 -5.31
CHC CLA CI . 37.97 34.11 -8.62
CHD CLA CI . 40.08 37.84 -6.17
NA CLA CI . 35.66 35.84 -4.33
C1A CLA CI . 35.48 36.70 -3.24
C2A CLA CI . 34.21 36.32 -2.45
C3A CLA CI . 33.68 35.08 -3.21
C4A CLA CI . 34.63 34.93 -4.38
CMA CLA CI . 33.74 33.82 -2.38
CAA CLA CI . 33.12 37.40 -2.39
CBA CLA CI . 33.26 38.57 -3.34
CGA CLA CI . 32.63 38.28 -4.67
O1A CLA CI . 32.73 37.25 -5.35
O2A CLA CI . 31.88 39.32 -5.15
NB CLA CI . 36.32 34.35 -6.80
C1B CLA CI . 35.21 33.68 -6.43
C2B CLA CI . 34.95 32.55 -7.37
C3B CLA CI . 35.95 32.59 -8.32
C4B CLA CI . 36.85 33.73 -7.96
CMB CLA CI . 33.81 31.65 -7.21
CAB CLA CI . 36.21 31.74 -9.46
CBB CLA CI . 35.82 30.48 -9.61
NC CLA CI . 38.76 35.95 -7.12
C1C CLA CI . 38.89 35.14 -8.23
C2C CLA CI . 40.09 35.50 -8.98
C3C CLA CI . 40.69 36.56 -8.28
C4C CLA CI . 39.84 36.83 -7.12
CMC CLA CI . 40.54 34.86 -10.21
CAC CLA CI . 41.91 37.27 -8.64
CBC CLA CI . 43.16 36.62 -8.09
ND CLA CI . 38.13 37.33 -4.76
C1D CLA CI . 39.29 38.09 -5.06
C2D CLA CI . 39.47 39.13 -4.03
C3D CLA CI . 38.38 39.02 -3.17
C4D CLA CI . 37.57 37.90 -3.70
CMD CLA CI . 40.58 40.07 -3.97
CAD CLA CI . 37.73 39.51 -1.98
OBD CLA CI . 38.10 40.37 -1.18
CBD CLA CI . 36.38 38.75 -1.85
CGD CLA CI . 36.14 38.19 -0.46
O1D CLA CI . 35.10 38.22 0.19
O2D CLA CI . 37.22 37.57 0.09
CED CLA CI . 37.66 38.08 1.35
C1 CLA CI . 32.50 40.63 -5.17
C2 CLA CI . 33.07 40.82 -6.52
C3 CLA CI . 33.50 42.01 -6.95
C4 CLA CI . 33.42 43.23 -6.11
C5 CLA CI . 34.08 42.19 -8.32
C6 CLA CI . 34.18 40.90 -9.10
C7 CLA CI . 34.10 41.17 -10.59
C8 CLA CI . 35.28 40.58 -11.35
C9 CLA CI . 36.34 41.65 -11.59
C10 CLA CI . 34.83 39.99 -12.67
MG CLA DI . 47.51 35.27 -10.28
CHA CLA DI . 49.76 37.80 -9.51
CHB CLA DI . 45.33 37.58 -11.52
CHC CLA DI . 45.42 32.72 -11.24
CHD CLA DI . 49.77 32.90 -8.93
NA CLA DI . 47.55 37.35 -10.44
C1A CLA DI . 48.59 38.22 -10.09
C2A CLA DI . 48.21 39.67 -10.39
C3A CLA DI . 46.74 39.57 -10.85
C4A CLA DI . 46.51 38.07 -10.96
CMA CLA DI . 45.81 40.22 -9.85
CAA CLA DI . 49.09 40.23 -11.50
CBA CLA DI . 49.35 39.20 -12.57
CGA CLA DI . 50.31 39.74 -13.59
O1A CLA DI . 51.07 40.71 -13.49
O2A CLA DI . 50.29 39.04 -14.77
NB CLA DI . 45.72 35.16 -11.21
C1B CLA DI . 45.00 36.23 -11.65
C2B CLA DI . 43.74 35.75 -12.30
C3B CLA DI . 43.76 34.38 -12.22
C4B CLA DI . 45.02 33.98 -11.52
CMB CLA DI . 42.75 36.67 -12.85
CAB CLA DI . 42.80 33.40 -12.68
CBB CLA DI . 42.10 33.46 -13.81
NC CLA DI . 47.58 33.20 -10.08
C1C CLA DI . 46.62 32.34 -10.56
C2C CLA DI . 47.00 30.97 -10.28
C3C CLA DI . 48.23 31.01 -9.61
C4C CLA DI . 48.58 32.42 -9.50
CMC CLA DI . 46.21 29.80 -10.68
CAC CLA DI . 49.03 29.87 -9.14
CBC CLA DI . 50.20 29.58 -10.04
ND CLA DI . 49.30 35.28 -9.34
C1D CLA DI . 50.13 34.24 -8.85
C2D CLA DI . 51.37 34.83 -8.30
C3D CLA DI . 51.28 36.19 -8.53
C4D CLA DI . 49.98 36.42 -9.19
CMD CLA DI . 52.45 34.06 -7.68
CAD CLA DI . 51.91 37.48 -8.36
OBD CLA DI . 52.97 37.78 -7.80
CBD CLA DI . 50.98 38.54 -9.04
CGD CLA DI . 50.66 39.69 -8.12
O1D CLA DI . 51.34 40.69 -7.89
O2D CLA DI . 49.46 39.57 -7.50
CED CLA DI . 49.24 40.37 -6.35
MG CLA EI . 51.91 20.34 -10.94
CHA CLA EI . 54.16 19.00 -8.68
CHB CLA EI . 53.03 23.46 -10.20
CHC CLA EI . 49.76 21.59 -13.30
CHD CLA EI . 50.68 17.07 -11.56
NA CLA EI . 53.37 21.08 -9.66
C1A CLA EI . 54.21 20.36 -8.80
C2A CLA EI . 55.15 21.29 -8.04
C3A CLA EI . 54.63 22.70 -8.40
C4A CLA EI . 53.62 22.42 -9.52
CMA CLA EI . 53.99 23.38 -7.22
CAA CLA EI . 56.56 21.13 -8.58
CBA CLA EI . 56.56 20.69 -10.04
CGA CLA EI . 57.82 21.00 -10.76
O1A CLA EI . 58.99 20.91 -10.35
O2A CLA EI . 57.61 21.43 -12.03
NB CLA EI . 51.42 22.18 -11.56
C1B CLA EI . 52.08 23.33 -11.22
C2B CLA EI . 51.62 24.45 -12.07
C3B CLA EI . 50.69 23.93 -12.95
C4B CLA EI . 50.56 22.48 -12.65
CMB CLA EI . 52.15 25.81 -11.93
CAB CLA EI . 49.96 24.56 -14.01
CBB CLA EI . 50.42 25.49 -14.85
NC CLA EI . 50.48 19.47 -12.21
C1C CLA EI . 49.72 20.17 -13.10
C2C CLA EI . 48.85 19.26 -13.82
C3C CLA EI . 49.09 17.99 -13.32
C4C CLA EI . 50.11 18.12 -12.29
CMC CLA EI . 47.92 19.64 -14.89
CAC CLA EI . 48.45 16.73 -13.74
CBC CLA EI . 49.35 15.87 -14.60
ND CLA EI . 52.35 18.44 -10.39
C1D CLA EI . 51.73 17.19 -10.67
C2D CLA EI . 52.40 16.14 -9.88
C3D CLA EI . 53.38 16.76 -9.14
C4D CLA EI . 53.26 18.20 -9.46
CMD CLA EI . 52.07 14.70 -9.95
CAD CLA EI . 54.45 16.62 -8.17
OBD CLA EI . 54.96 15.60 -7.71
CBD CLA EI . 54.91 18.06 -7.77
CGD CLA EI . 54.58 18.38 -6.35
O1D CLA EI . 53.96 19.36 -5.92
O2D CLA EI . 55.03 17.47 -5.44
CED CLA EI . 54.99 17.87 -4.06
C1 CLA EI . 58.50 20.91 -13.05
C2 CLA EI . 57.77 20.94 -14.35
C3 CLA EI . 57.95 21.92 -15.25
C4 CLA EI . 58.89 23.04 -15.00
C5 CLA EI . 57.22 21.96 -16.55
C6 CLA EI . 56.48 20.67 -16.88
C7 CLA EI . 55.47 20.94 -17.97
C8 CLA EI . 54.97 19.67 -18.65
C9 CLA EI . 56.10 19.02 -19.44
C10 CLA EI . 53.80 19.96 -19.56
MG CLA FI . 42.59 15.60 -6.90
CHA CLA FI . 40.29 14.79 -4.45
CHB CLA FI . 44.53 17.12 -4.55
CHC CLA FI . 44.89 16.31 -9.35
CHD CLA FI . 40.51 14.06 -9.31
NA CLA FI . 42.42 15.89 -4.84
C1A CLA FI . 41.39 15.47 -3.99
C2A CLA FI . 41.66 15.88 -2.54
C3A CLA FI . 42.94 16.75 -2.66
C4A CLA FI . 43.35 16.57 -4.11
CMA CLA FI . 42.65 18.20 -2.32
CAA CLA FI . 41.98 14.66 -1.70
CBA CLA FI . 43.28 14.86 -0.94
CGA CLA FI . 43.94 13.54 -0.62
O1A CLA FI . 43.85 12.87 0.40
O2A CLA FI . 44.72 13.08 -1.64
NB CLA FI . 44.38 16.50 -6.93
C1B CLA FI . 45.01 17.06 -5.87
C2B CLA FI . 46.28 17.68 -6.30
C3B CLA FI . 46.40 17.45 -7.65
C4B CLA FI . 45.19 16.71 -8.08
CMB CLA FI . 47.14 18.38 -5.34
CAB CLA FI . 47.43 17.84 -8.58
CBB CLA FI . 48.19 16.98 -9.27
NC CLA FI . 42.67 15.26 -8.96
C1C CLA FI . 43.70 15.64 -9.76
C2C CLA FI . 43.44 15.24 -11.14
C3C CLA FI . 42.20 14.59 -11.14
C4C CLA FI . 41.72 14.61 -9.75
CMC CLA FI . 44.33 15.48 -12.28
CAC CLA FI . 41.51 14.00 -12.29
CBC CLA FI . 41.74 12.52 -12.38
ND CLA FI . 40.79 14.68 -6.96
C1D CLA FI . 40.06 14.08 -8.01
C2D CLA FI . 38.80 13.53 -7.46
C3D CLA FI . 38.84 13.78 -6.10
C4D CLA FI . 40.11 14.49 -5.84
CMD CLA FI . 37.77 12.86 -8.24
CAD CLA FI . 38.14 13.66 -4.83
OBD CLA FI . 37.04 13.20 -4.61
CBD CLA FI . 39.06 14.28 -3.74
CGD CLA FI . 38.36 15.41 -3.03
O1D CLA FI . 38.04 16.50 -3.51
O2D CLA FI . 38.06 15.17 -1.72
CED CLA FI . 37.06 15.98 -1.11
C1 CLA FI . 45.82 12.22 -1.27
C2 CLA FI . 46.37 11.68 -2.54
C3 CLA FI . 45.77 10.69 -3.23
C4 CLA FI . 44.52 10.05 -2.76
C5 CLA FI . 46.35 10.19 -4.51
C6 CLA FI . 45.52 10.59 -5.71
C7 CLA FI . 45.43 12.09 -5.83
C8 CLA FI . 44.43 12.55 -6.89
C9 CLA FI . 43.06 11.97 -6.60
C10 CLA FI . 44.89 12.13 -8.28
C11 CLA FI . 46.18 12.82 -8.67
C12 CLA FI . 46.51 12.58 -10.12
C13 CLA FI . 48.01 12.51 -10.35
C14 CLA FI . 48.32 12.01 -11.75
MG CLA GI . 35.94 21.86 -7.09
CHA CLA GI . 35.55 23.37 -4.01
CHB CLA GI . 36.99 19.01 -5.56
CHC CLA GI . 36.25 20.38 -10.18
CHD CLA GI . 34.93 24.87 -8.65
NA CLA GI . 36.23 21.32 -5.11
C1A CLA GI . 36.02 22.09 -3.96
C2A CLA GI . 36.36 21.30 -2.70
C3A CLA GI . 36.98 19.99 -3.25
C4A CLA GI . 36.71 20.08 -4.75
CMA CLA GI . 38.46 19.91 -2.94
CAA CLA GI . 35.10 21.00 -1.90
CBA CLA GI . 34.75 19.53 -1.91
CGA CLA GI . 33.85 19.19 -3.06
O1A CLA GI . 33.68 19.80 -4.12
O2A CLA GI . 33.18 18.02 -2.87
NB CLA GI . 36.62 20.08 -7.75
C1B CLA GI . 36.80 18.99 -6.96
C2B CLA GI . 36.80 17.75 -7.77
C3B CLA GI . 36.59 18.13 -9.07
C4B CLA GI . 36.48 19.61 -9.09
CMB CLA GI . 36.97 16.42 -7.20
CAB CLA GI . 36.49 17.33 -10.28
CBB CLA GI . 37.43 16.49 -10.70
NC CLA GI . 35.66 22.51 -9.06
C1C CLA GI . 35.87 21.75 -10.17
C2C CLA GI . 35.59 22.53 -11.37
C3C CLA GI . 35.20 23.79 -10.94
C4C CLA GI . 35.25 23.78 -9.47
CMC CLA GI . 35.71 22.03 -12.74
CAC CLA GI . 34.82 24.94 -11.77
CBC CLA GI . 33.32 25.14 -11.81
ND CLA GI . 35.24 23.67 -6.53
C1D CLA GI . 34.92 24.84 -7.26
C2D CLA GI . 34.57 25.93 -6.32
C3D CLA GI . 34.77 25.40 -5.05
C4D CLA GI . 35.23 24.02 -5.24
CMD CLA GI . 34.12 27.26 -6.71
CAD CLA GI . 34.68 25.64 -3.63
OBD CLA GI . 34.22 26.59 -3.02
CBD CLA GI . 35.31 24.40 -2.92
CGD CLA GI . 36.60 24.76 -2.25
O1D CLA GI . 37.64 25.16 -2.78
O2D CLA GI . 36.59 24.62 -0.89
CED CLA GI . 37.70 25.15 -0.16
C1 CLA GI . 33.76 16.83 -3.43
C2 CLA GI . 33.10 16.62 -4.74
C3 CLA GI . 33.29 15.51 -5.48
C4 CLA GI . 34.18 14.42 -5.04
C5 CLA GI . 32.61 15.32 -6.79
C6 CLA GI . 33.38 15.94 -7.93
C7 CLA GI . 32.50 16.88 -8.72
C8 CLA GI . 32.13 18.14 -7.96
C9 CLA GI . 30.63 18.35 -8.03
C10 CLA GI . 32.89 19.34 -8.52
C11 CLA GI . 32.14 20.65 -8.41
C12 CLA GI . 32.35 21.32 -7.07
C13 CLA GI . 31.93 22.79 -7.08
C14 CLA GI . 31.27 23.18 -5.78
C15 CLA GI . 31.02 23.13 -8.26
MG CLA HI . 35.28 13.90 -22.99
CHA CLA HI . 34.54 11.85 -25.69
CHB CLA HI . 31.96 14.49 -22.55
CHC CLA HI . 36.05 15.71 -20.19
CHD CLA HI . 38.72 13.22 -23.49
NA CLA HI . 33.55 13.29 -23.99
C1A CLA HI . 33.45 12.42 -25.08
C2A CLA HI . 31.99 12.22 -25.49
C3A CLA HI . 31.24 13.25 -24.62
C4A CLA HI . 32.30 13.71 -23.62
CMA CLA HI . 30.71 14.39 -25.45
CAA CLA HI . 31.56 10.81 -25.12
CBA CLA HI . 32.06 10.41 -23.73
CGA CLA HI . 31.50 9.10 -23.29
O1A CLA HI . 31.15 8.14 -23.97
O2A CLA HI . 31.38 9.00 -21.93
NB CLA HI . 34.21 14.94 -21.65
C1B CLA HI . 32.86 14.98 -21.59
C2B CLA HI . 32.43 15.65 -20.32
C3B CLA HI . 33.58 15.99 -19.65
C4B CLA HI . 34.73 15.56 -20.49
CMB CLA HI . 31.04 15.84 -19.96
CAB CLA HI . 33.73 16.66 -18.39
CBB CLA HI . 34.15 16.04 -17.28
NC CLA HI . 37.06 14.41 -22.05
C1C CLA HI . 37.15 15.18 -20.91
C2C CLA HI . 38.54 15.35 -20.52
C3C CLA HI . 39.31 14.62 -21.44
C4C CLA HI . 38.37 14.04 -22.40
CMC CLA HI . 38.99 16.11 -19.36
CAC CLA HI . 40.77 14.48 -21.46
CBC CLA HI . 41.21 13.17 -20.88
ND CLA HI . 36.43 12.85 -24.29
C1D CLA HI . 37.83 12.66 -24.38
C2D CLA HI . 38.13 11.79 -25.54
C3D CLA HI . 36.89 11.44 -26.08
C4D CLA HI . 35.88 12.12 -25.26
CMD CLA HI . 39.46 11.39 -25.96
CAD CLA HI . 36.19 10.72 -27.12
OBD CLA HI . 36.64 10.04 -28.04
CBD CLA HI . 34.67 10.94 -26.89
CGD CLA HI . 33.99 11.53 -28.09
O1D CLA HI . 33.79 12.72 -28.33
O2D CLA HI . 33.57 10.60 -29.01
CED CLA HI . 32.38 10.90 -29.75
C1 CLA HI . 31.27 7.68 -21.39
C2 CLA HI . 31.64 7.74 -19.95
C3 CLA HI . 32.09 6.68 -19.27
C4 CLA HI . 32.26 5.35 -19.90
C5 CLA HI . 32.45 6.80 -17.82
C6 CLA HI . 33.96 6.81 -17.62
C7 CLA HI . 34.29 7.03 -16.15
C8 CLA HI . 35.77 7.31 -15.94
C9 CLA HI . 36.63 6.39 -16.79
C10 CLA HI . 36.15 7.16 -14.47
MG CLA II . 42.13 28.26 -27.33
CHA CLA II . 40.48 27.26 -30.21
CHB CLA II . 45.08 28.31 -29.01
CHC CLA II . 43.71 29.20 -24.42
CHD CLA II . 39.06 28.07 -25.57
NA CLA II . 42.66 27.88 -29.31
C1A CLA II . 41.84 27.46 -30.36
C2A CLA II . 42.63 27.30 -31.65
C3A CLA II . 44.09 27.57 -31.22
C4A CLA II . 43.96 27.97 -29.75
CMA CLA II . 44.97 26.35 -31.39
CAA CLA II . 42.19 28.34 -32.66
CBA CLA II . 43.14 29.51 -32.74
CGA CLA II . 42.48 30.79 -32.33
O1A CLA II . 41.29 31.11 -32.41
O2A CLA II . 43.36 31.70 -31.79
NB CLA II . 44.05 28.60 -26.80
C1B CLA II . 45.09 28.68 -27.66
C2B CLA II . 46.30 29.19 -26.95
C3B CLA II . 45.92 29.45 -25.65
C4B CLA II . 44.48 29.08 -25.54
CMB CLA II . 47.58 29.39 -27.62
CAB CLA II . 46.66 29.98 -24.53
CBB CLA II . 47.92 29.69 -24.22
NC CLA II . 41.49 28.60 -25.37
C1C CLA II . 42.31 28.98 -24.34
C2C CLA II . 41.53 29.12 -23.11
C3C CLA II . 40.22 28.79 -23.44
C4C CLA II . 40.20 28.47 -24.86
CMC CLA II . 42.07 29.53 -21.82
CAC CLA II . 39.04 28.79 -22.56
CBC CLA II . 38.24 30.07 -22.68
ND CLA II . 40.18 27.94 -27.75
C1D CLA II . 39.03 27.81 -26.93
C2D CLA II . 37.88 27.40 -27.75
C3D CLA II . 38.38 27.21 -29.03
C4D CLA II . 39.82 27.50 -28.96
CMD CLA II . 36.51 27.24 -27.27
CAD CLA II . 38.07 26.86 -30.40
OBD CLA II . 36.98 26.70 -30.94
CBD CLA II . 39.43 26.72 -31.14
CGD CLA II . 39.66 25.26 -31.40
O1D CLA II . 39.25 24.32 -30.71
O2D CLA II . 40.39 24.97 -32.51
CED CLA II . 40.79 23.60 -32.63
C1 CLA II . 43.13 32.10 -30.42
C2 CLA II . 44.31 32.90 -30.01
C3 CLA II . 44.78 32.89 -28.75
C4 CLA II . 45.95 33.70 -28.34
C5 CLA II . 44.14 32.06 -27.68
MG CLA JI . 43.07 13.64 -31.09
CHA CLA JI . 43.61 14.83 -34.32
CHB CLA JI . 43.27 10.45 -32.24
CHC CLA JI . 42.43 12.53 -27.91
CHD CLA JI . 42.83 16.99 -29.95
NA CLA JI . 43.42 12.80 -32.98
C1A CLA JI . 43.63 13.47 -34.20
C2A CLA JI . 43.84 12.46 -35.33
C3A CLA JI . 43.78 11.09 -34.62
C4A CLA JI . 43.48 11.45 -33.17
CMA CLA JI . 42.73 10.18 -35.22
CAA CLA JI . 45.20 12.64 -35.99
CBA CLA JI . 46.33 12.64 -34.98
CGA CLA JI . 47.54 13.25 -35.61
O1A CLA JI . 47.69 14.37 -36.07
O2A CLA JI . 48.62 12.41 -35.65
NB CLA JI . 42.91 11.84 -30.24
C1B CLA JI . 42.97 10.64 -30.87
C2B CLA JI . 42.68 9.53 -29.93
C3B CLA JI . 42.44 10.11 -28.70
C4B CLA JI . 42.58 11.58 -28.88
CMB CLA JI . 42.67 8.13 -30.34
CAB CLA JI . 42.11 9.54 -27.41
CBB CLA JI . 41.53 8.36 -27.18
NC CLA JI . 42.72 14.59 -29.26
C1C CLA JI . 42.50 13.94 -28.08
C2C CLA JI . 42.31 14.90 -27.00
C3C CLA JI . 42.41 16.16 -27.58
C4C CLA JI . 42.67 15.96 -29.01
CMC CLA JI . 42.04 14.56 -25.61
CAC CLA JI . 42.30 17.47 -26.91
CBC CLA JI . 43.65 18.12 -26.73
ND CLA JI . 43.20 15.51 -31.88
C1D CLA JI . 43.09 16.79 -31.30
C2D CLA JI . 43.23 17.82 -32.36
C3D CLA JI . 43.42 17.12 -33.54
C4D CLA JI . 43.41 15.69 -33.18
CMD CLA JI . 43.17 19.26 -32.14
CAD CLA JI . 43.63 17.22 -34.97
OBD CLA JI . 43.70 18.21 -35.68
CBD CLA JI . 43.76 15.76 -35.50
CGD CLA JI . 42.76 15.47 -36.58
O1D CLA JI . 42.86 15.70 -37.79
O2D CLA JI . 41.60 14.92 -36.13
CED CLA JI . 40.62 14.54 -37.10
C1 CLA JI . 49.21 12.04 -34.38
C2 CLA JI . 49.90 13.24 -33.85
C3 CLA JI . 51.09 13.17 -33.22
C4 CLA JI . 51.80 11.89 -33.03
C5 CLA JI . 51.75 14.40 -32.69
C6 CLA JI . 51.94 14.35 -31.18
MG CLA KI . 39.46 4.99 -30.95
CHA CLA KI . 39.73 6.98 -33.78
CHB CLA KI . 40.21 2.23 -32.81
CHC CLA KI . 39.26 3.08 -28.10
CHD CLA KI . 38.70 7.88 -29.06
NA CLA KI . 39.89 4.68 -32.97
C1A CLA KI . 39.97 5.64 -33.99
C2A CLA KI . 40.34 5.00 -35.32
C3A CLA KI . 40.31 3.49 -35.01
C4A CLA KI . 40.15 3.44 -33.49
CMA CLA KI . 39.19 2.79 -35.73
CAA CLA KI . 41.75 5.43 -35.68
CBA CLA KI . 42.66 5.46 -34.46
CGA CLA KI . 44.04 5.96 -34.77
O1A CLA KI . 44.87 5.48 -35.54
O2A CLA KI . 44.38 7.07 -34.05
NB CLA KI . 39.61 3.02 -30.55
C1B CLA KI . 40.06 2.08 -31.43
C2B CLA KI . 40.35 0.81 -30.70
C3B CLA KI . 40.08 1.04 -29.36
C4B CLA KI . 39.61 2.45 -29.26
CMB CLA KI . 40.86 -0.39 -31.37
CAB CLA KI . 40.22 0.18 -28.21
CBB CLA KI . 39.85 -1.10 -28.16
NC CLA KI . 39.03 5.41 -28.95
C1C CLA KI . 39.00 4.48 -27.95
C2C CLA KI . 38.66 5.11 -26.68
C3C CLA KI . 38.52 6.48 -26.95
C4C CLA KI . 38.76 6.65 -28.37
CMC CLA KI . 38.52 4.42 -25.40
CAC CLA KI . 38.20 7.55 -25.99
CBC CLA KI . 36.73 7.65 -25.67
ND CLA KI . 39.32 6.98 -31.25
C1D CLA KI . 38.95 8.05 -30.40
C2D CLA KI . 38.90 9.30 -31.19
C3D CLA KI . 39.20 8.95 -32.49
C4D CLA KI . 39.43 7.49 -32.48
CMD CLA KI . 38.60 10.62 -30.65
CAD CLA KI . 39.38 9.40 -33.86
OBD CLA KI . 39.34 10.53 -34.32
CBD CLA KI . 39.67 8.15 -34.73
CGD CLA KI . 38.56 7.95 -35.72
O1D CLA KI . 37.82 6.98 -35.84
O2D CLA KI . 38.37 9.00 -36.56
CED CLA KI . 37.08 9.17 -37.15
C1 CLA KI . 45.79 7.38 -33.96
C2 CLA KI . 45.90 8.54 -33.03
C3 CLA KI . 47.07 9.12 -32.70
C4 CLA KI . 48.37 8.68 -33.25
C5 CLA KI . 47.10 10.28 -31.76
C6 CLA KI . 47.45 9.88 -30.33
C7 CLA KI . 46.20 9.47 -29.58
C8 CLA KI . 46.49 9.23 -28.10
C9 CLA KI . 45.96 7.87 -27.68
C10 CLA KI . 45.87 10.31 -27.23
C11 CLA KI . 46.46 10.31 -25.84
C12 CLA KI . 45.75 11.27 -24.91
C13 CLA KI . 44.59 10.60 -24.20
C14 CLA KI . 43.90 11.56 -23.25
C15 CLA KI . 45.04 9.35 -23.45
MG CLA LI . 29.17 3.14 -26.46
CHA CLA LI . 31.09 5.98 -27.02
CHB CLA LI . 31.99 1.24 -26.42
CHC CLA LI . 27.24 0.41 -25.70
CHD CLA LI . 26.26 5.15 -26.59
NA CLA LI . 31.19 3.57 -26.71
C1A CLA LI . 31.80 4.81 -26.90
C2A CLA LI . 33.32 4.68 -27.03
C3A CLA LI . 33.54 3.15 -27.04
C4A CLA LI . 32.16 2.59 -26.68
CMA CLA LI . 33.98 2.72 -28.40
CAA CLA LI . 34.07 5.36 -25.91
CBA CLA LI . 33.42 5.23 -24.55
CGA CLA LI . 34.46 5.50 -23.49
O1A CLA LI . 35.56 4.98 -23.37
O2A CLA LI . 34.08 6.45 -22.58
NB CLA LI . 29.55 1.20 -26.11
C1B CLA LI . 30.77 0.61 -26.12
C2B CLA LI . 30.64 -0.83 -25.78
C3B CLA LI . 29.30 -1.07 -25.58
C4B CLA LI . 28.59 0.22 -25.79
CMB CLA LI . 31.78 -1.76 -25.73
CAB CLA LI . 28.59 -2.28 -25.25
CBB CLA LI . 28.90 -3.11 -24.25
NC CLA LI . 27.11 2.84 -26.23
C1C CLA LI . 26.54 1.63 -25.92
C2C CLA LI . 25.10 1.79 -25.82
C3C CLA LI . 24.80 3.12 -26.08
C4C CLA LI . 26.09 3.78 -26.32
CMC CLA LI . 24.17 0.70 -25.51
CAC CLA LI . 23.49 3.76 -26.11
CBC CLA LI . 23.24 4.66 -24.92
ND CLA LI . 28.70 5.07 -26.81
C1D CLA LI . 27.47 5.77 -26.81
C2D CLA LI . 27.73 7.20 -27.08
C3D CLA LI . 29.10 7.34 -27.17
C4D CLA LI . 29.66 5.99 -26.98
CMD CLA LI . 26.69 8.22 -27.20
CAD CLA LI . 30.21 8.24 -27.40
OBD CLA LI . 30.20 9.45 -27.67
CBD CLA LI . 31.52 7.41 -27.26
CGD CLA LI . 32.41 7.51 -28.47
O1D CLA LI . 32.08 7.47 -29.66
O2D CLA LI . 33.73 7.66 -28.17
CED CLA LI . 34.69 7.14 -29.10
C1 CLA LI . 34.66 7.76 -22.72
C2 CLA LI . 35.99 7.74 -22.07
C3 CLA LI . 36.71 8.86 -21.89
C4 CLA LI . 36.23 10.19 -22.31
C5 CLA LI . 38.05 8.81 -21.23
C6 CLA LI . 39.11 9.59 -21.99
C7 CLA LI . 40.01 8.65 -22.78
C8 CLA LI . 41.04 7.97 -21.89
MG CLA MI . 27.31 14.69 -23.99
CHA CLA MI . 27.17 17.74 -22.35
CHB CLA MI . 27.37 13.08 -21.00
CHC CLA MI . 27.65 11.71 -25.67
CHD CLA MI . 27.16 16.40 -27.09
NA CLA MI . 27.24 15.33 -22.01
C1A CLA MI . 27.20 16.65 -21.52
C2A CLA MI . 27.14 16.66 -19.99
C3A CLA MI . 27.05 15.16 -19.62
C4A CLA MI . 27.23 14.46 -20.96
CMA CLA MI . 28.07 14.74 -18.61
CAA CLA MI . 25.92 17.40 -19.47
CBA CLA MI . 25.94 17.59 -17.97
CGA CLA MI . 27.27 18.07 -17.51
O1A CLA MI . 28.08 18.80 -18.10
O2A CLA MI . 27.59 17.62 -16.26
NB CLA MI . 27.45 12.77 -23.44
C1B CLA MI . 27.53 12.32 -22.17
C2B CLA MI . 27.82 10.86 -22.15
C3B CLA MI . 27.90 10.45 -23.47
C4B CLA MI . 27.66 11.67 -24.31
CMB CLA MI . 27.95 10.09 -20.91
CAB CLA MI . 28.15 9.16 -24.05
CBB CLA MI . 27.63 8.00 -23.62
NC CLA MI . 27.36 14.17 -26.01
C1C CLA MI . 27.51 12.88 -26.47
C2C CLA MI . 27.51 12.87 -27.93
C3C CLA MI . 27.37 14.19 -28.34
C4C CLA MI . 27.28 15.00 -27.13
CMC CLA MI . 27.64 11.67 -28.75
CAC CLA MI . 27.31 14.68 -29.73
CBC CLA MI . 25.92 14.56 -30.31
ND CLA MI . 27.17 16.61 -24.63
C1D CLA MI . 27.12 17.17 -25.94
C2D CLA MI . 27.04 18.64 -25.82
C3D CLA MI . 27.11 18.92 -24.46
C4D CLA MI . 27.17 17.62 -23.78
CMD CLA MI . 26.97 19.57 -26.95
CAD CLA MI . 27.10 19.96 -23.44
OBD CLA MI . 27.08 21.17 -23.57
CBD CLA MI . 27.15 19.23 -22.07
CGD CLA MI . 28.35 19.68 -21.26
O1D CLA MI . 28.45 20.69 -20.55
O2D CLA MI . 29.42 18.85 -21.36
CED CLA MI . 30.67 19.35 -20.88
C1 CLA MI . 28.96 17.24 -16.03
C2 CLA MI . 28.93 16.28 -14.90
C3 CLA MI . 29.76 15.23 -14.81
C4 CLA MI . 29.69 14.29 -13.67
C5 CLA MI . 30.76 14.93 -15.87
C6 CLA MI . 30.79 13.45 -16.21
C7 CLA MI . 32.06 13.06 -16.94
C8 CLA MI . 31.83 12.20 -18.18
C9 CLA MI . 30.40 11.68 -18.25
C10 CLA MI . 32.80 11.03 -18.21
C11 CLA MI . 33.84 11.22 -19.29
C12 CLA MI . 35.19 10.63 -18.90
C13 CLA MI . 35.96 11.53 -17.93
C14 CLA MI . 35.71 12.99 -18.22
C15 CLA MI . 37.45 11.24 -17.97
C16 CLA MI . 38.23 12.22 -17.13
C17 CLA MI . 37.96 12.02 -15.64
C18 CLA MI . 38.10 13.31 -14.86
C19 CLA MI . 36.89 14.21 -15.03
C20 CLA MI . 39.36 14.06 -15.26
MG CLA NI . 24.05 4.03 -9.10
CHA CLA NI . 26.58 4.71 -6.84
CHB CLA NI . 26.36 2.84 -11.31
CHC CLA NI . 21.49 3.15 -11.20
CHD CLA NI . 21.71 5.33 -6.79
NA CLA NI . 26.13 3.84 -9.06
C1A CLA NI . 27.00 4.16 -8.01
C2A CLA NI . 28.43 3.84 -8.38
C3A CLA NI . 28.35 3.49 -9.88
C4A CLA NI . 26.85 3.35 -10.12
CMA CLA NI . 28.94 4.59 -10.71
CAA CLA NI . 28.79 2.59 -7.59
CBA CLA NI . 29.88 1.76 -8.21
CGA CLA NI . 30.02 0.50 -7.41
O1A CLA NI . 29.53 0.23 -6.31
O2A CLA NI . 30.80 -0.43 -8.03
NB CLA NI . 23.95 3.21 -10.94
C1B CLA NI . 25.00 2.70 -11.63
C2B CLA NI . 24.51 1.98 -12.83
C3B CLA NI . 23.13 2.05 -12.81
C4B CLA NI . 22.76 2.85 -11.60
CMB CLA NI . 25.42 1.31 -13.76
CAB CLA NI . 22.13 1.53 -13.71
CBB CLA NI . 22.30 1.17 -14.99
NC CLA NI . 21.97 4.24 -9.01
C1C CLA NI . 21.12 3.81 -10.00
C2C CLA NI . 19.74 4.11 -9.61
C3C CLA NI . 19.80 4.72 -8.36
C4C CLA NI . 21.21 4.79 -7.99
CMC CLA NI . 18.56 3.79 -10.43
CAC CLA NI . 18.67 5.19 -7.55
CBC CLA NI . 18.36 4.24 -6.42
ND CLA NI . 24.06 4.84 -7.24
C1D CLA NI . 23.03 5.35 -6.42
C2D CLA NI . 23.64 5.87 -5.17
C3D CLA NI . 24.99 5.63 -5.27
C4D CLA NI . 25.20 5.00 -6.58
CMD CLA NI . 22.89 6.48 -4.07
CAD CLA NI . 26.29 5.76 -4.63
OBD CLA NI . 26.59 6.21 -3.53
CBD CLA NI . 27.34 5.20 -5.63
CGD CLA NI . 28.34 6.25 -6.04
O1D CLA NI . 28.52 6.72 -7.17
O2D CLA NI . 29.11 6.70 -5.01
CED CLA NI . 30.13 7.65 -5.33
C1 CLA NI . 31.09 -1.62 -7.28
C2 CLA NI . 31.58 -2.62 -8.26
C3 CLA NI . 32.87 -2.94 -8.38
C4 CLA NI . 33.92 -2.34 -7.54
C5 CLA NI . 33.31 -3.95 -9.40
C6 CLA NI . 33.19 -5.38 -8.89
C7 CLA NI . 33.52 -6.35 -10.00
C8 CLA NI . 33.35 -7.80 -9.54
C9 CLA NI . 34.59 -8.62 -9.86
C10 CLA NI . 32.10 -8.42 -10.18
C11 CLA NI . 32.39 -9.14 -11.49
C12 CLA NI . 31.35 -10.19 -11.78
C13 CLA NI . 31.55 -10.84 -13.14
C14 CLA NI . 32.92 -11.48 -13.23
C15 CLA NI . 31.37 -9.82 -14.27
C16 CLA NI . 31.39 -10.51 -15.61
C17 CLA NI . 31.07 -9.56 -16.75
C18 CLA NI . 30.67 -10.30 -18.02
C19 CLA NI . 30.85 -9.42 -19.23
MG CLA OI . 36.05 6.98 -4.21
CHA CLA OI . 33.61 5.63 -6.27
CHB CLA OI . 37.77 8.04 -6.95
CHC CLA OI . 38.38 8.36 -2.12
CHD CLA OI . 34.23 5.84 -1.39
NA CLA OI . 35.73 6.83 -6.27
C1A CLA OI . 34.65 6.22 -6.93
C2A CLA OI . 34.82 6.31 -8.45
C3A CLA OI . 36.22 6.97 -8.62
C4A CLA OI . 36.63 7.32 -7.19
CMA CLA OI . 37.20 6.03 -9.27
CAA CLA OI . 33.73 7.15 -9.09
CBA CLA OI . 34.11 7.68 -10.45
CGA CLA OI . 32.99 7.40 -11.41
O1A CLA OI . 32.52 6.32 -11.73
O2A CLA OI . 32.48 8.55 -11.96
NB CLA OI . 37.82 7.89 -4.48
C1B CLA OI . 38.22 8.42 -5.67
C2B CLA OI . 39.23 9.49 -5.44
C3B CLA OI . 39.41 9.60 -4.08
C4B CLA OI . 38.52 8.57 -3.46
CMB CLA OI . 39.82 10.25 -6.55
CAB CLA OI . 40.24 10.45 -3.27
CBB CLA OI . 41.36 11.07 -3.65
NC CLA OI . 36.27 7.06 -2.14
C1C CLA OI . 37.32 7.65 -1.49
C2C CLA OI . 37.19 7.47 -0.05
C3C CLA OI . 35.99 6.80 0.16
C4C CLA OI . 35.42 6.53 -1.16
CMC CLA OI . 38.14 7.96 0.94
CAC CLA OI . 35.40 6.37 1.44
CBC CLA OI . 35.61 4.91 1.72
ND CLA OI . 34.27 6.08 -3.84
C1D CLA OI . 33.67 5.62 -2.64
C2D CLA OI . 32.42 4.92 -2.96
C3D CLA OI . 32.33 4.92 -4.35
C4D CLA OI . 33.54 5.62 -4.84
CMD CLA OI . 31.49 4.36 -1.98
CAD CLA OI . 31.55 4.53 -5.49
OBD CLA OI . 30.44 4.03 -5.52
CBD CLA OI . 32.40 4.88 -6.76
CGD CLA OI . 32.80 3.64 -7.50
O1D CLA OI . 33.14 2.56 -7.02
O2D CLA OI . 32.80 3.77 -8.86
CED CLA OI . 33.20 2.63 -9.62
C1 CLA OI . 32.50 8.64 -13.39
C2 CLA OI . 31.22 8.09 -13.89
C3 CLA OI . 30.20 8.88 -14.28
C4 CLA OI . 30.28 10.36 -14.24
C5 CLA OI . 28.93 8.28 -14.78
C6 CLA OI . 28.77 8.40 -16.27
C7 CLA OI . 27.54 7.64 -16.74
C8 CLA OI . 27.35 7.71 -18.25
C9 CLA OI . 25.89 7.51 -18.61
C10 CLA OI . 28.20 6.66 -18.95
C11 CLA OI . 27.78 5.25 -18.61
C12 CLA OI . 28.59 4.21 -19.35
C13 CLA OI . 28.51 2.85 -18.69
C14 CLA OI . 29.54 1.91 -19.28
C15 CLA OI . 27.11 2.25 -18.80
C16 CLA OI . 27.06 0.81 -18.34
C17 CLA OI . 27.13 0.68 -16.84
C18 CLA OI . 26.98 -0.76 -16.37
C19 CLA OI . 28.19 -1.58 -16.73
C20 CLA OI . 25.73 -1.38 -16.93
MG CLA PI . 17.72 19.27 1.57
CHA CLA PI . 18.84 22.54 1.97
CHB CLA PI . 19.30 18.39 4.45
CHC CLA PI . 16.51 16.08 1.18
CHD CLA PI . 16.12 20.25 -1.42
NA CLA PI . 18.90 20.31 2.95
C1A CLA PI . 19.26 21.67 2.94
C2A CLA PI . 20.15 22.01 4.13
C3A CLA PI . 20.42 20.63 4.78
C4A CLA PI . 19.48 19.69 4.02
CMA CLA PI . 21.87 20.22 4.61
CAA CLA PI . 19.42 22.93 5.10
CBA CLA PI . 17.98 22.54 5.30
CGA CLA PI . 17.86 21.66 6.50
O1A CLA PI . 18.74 21.23 7.24
O2A CLA PI . 16.56 21.28 6.75
NB CLA PI . 17.94 17.54 2.58
C1B CLA PI . 18.48 17.43 3.82
C2B CLA PI . 18.11 16.12 4.43
C3B CLA PI . 17.32 15.47 3.50
C4B CLA PI . 17.21 16.35 2.32
CMB CLA PI . 18.56 15.71 5.76
CAB CLA PI . 16.69 14.17 3.54
CBB CLA PI . 16.14 13.59 4.61
NC CLA PI . 16.56 18.33 0.12
C1C CLA PI . 16.22 17.01 0.13
C2C CLA PI . 15.44 16.68 -1.06
C3C CLA PI . 15.29 17.86 -1.78
C4C CLA PI . 16.01 18.90 -1.04
CMC CLA PI . 14.92 15.34 -1.37
CAC CLA PI . 14.59 18.04 -3.07
CBC CLA PI . 13.30 18.80 -2.94
ND CLA PI . 17.49 20.96 0.48
C1D CLA PI . 16.78 21.22 -0.73
C2D CLA PI . 16.91 22.65 -1.05
C3D CLA PI . 17.68 23.21 -0.05
C4D CLA PI . 18.02 22.12 0.88
CMD CLA PI . 16.30 23.29 -2.22
CAD CLA PI . 18.29 24.43 0.47
OBD CLA PI . 18.25 25.57 0.03
CBD CLA PI . 19.08 24.03 1.76
CGD CLA PI . 20.52 24.42 1.64
O1D CLA PI . 21.36 23.94 0.88
O2D CLA PI . 20.89 25.44 2.45
CED CLA PI . 21.95 26.29 1.98
C1 CLA PI . 16.32 19.87 6.96
C2 CLA PI . 15.99 19.29 5.64
C3 CLA PI . 14.73 19.04 5.25
C4 CLA PI . 13.57 19.32 6.13
C5 CLA PI . 14.45 18.45 3.91
C6 CLA PI . 13.72 19.41 2.98
C7 CLA PI . 14.43 20.75 2.90
C8 CLA PI . 13.93 21.62 1.76
C9 CLA PI . 14.25 23.07 2.03
C10 CLA PI . 12.43 21.44 1.54
C11 CLA PI . 12.07 21.45 0.08
C12 CLA PI . 11.53 22.80 -0.36
C13 CLA PI . 10.49 22.65 -1.45
C14 CLA PI . 11.14 22.25 -2.76
C15 CLA PI . 9.65 23.91 -1.63
C16 CLA PI . 10.40 24.97 -2.39
C17 CLA PI . 9.58 25.57 -3.51
C18 CLA PI . 8.81 26.82 -3.09
C19 CLA PI . 8.61 27.75 -4.26
C20 CLA PI . 9.48 27.56 -1.95
MG CLA QI . 25.02 20.90 -3.38
CHA CLA QI . 27.50 22.14 -1.29
CHB CLA QI . 22.67 22.51 -1.53
CHC CLA QI . 22.65 19.85 -5.63
CHD CLA QI . 27.52 19.24 -5.26
NA CLA QI . 25.10 22.08 -1.67
C1A CLA QI . 26.23 22.51 -0.96
C2A CLA QI . 25.83 23.37 0.24
C3A CLA QI . 24.29 23.22 0.27
C4A CLA QI . 23.98 22.57 -1.07
CMA CLA QI . 23.89 22.34 1.43
CAA CLA QI . 26.26 24.82 0.04
CBA CLA QI . 25.27 25.63 -0.77
CGA CLA QI . 25.80 25.90 -2.15
O1A CLA QI . 26.22 25.08 -2.98
O2A CLA QI . 25.80 27.22 -2.47
NB CLA QI . 23.03 21.08 -3.52
C1B CLA QI . 22.27 21.91 -2.75
C2B CLA QI . 20.92 22.06 -3.33
C3B CLA QI . 20.90 21.31 -4.50
C4B CLA QI . 22.24 20.68 -4.62
CMB CLA QI . 19.88 22.88 -2.73
CAB CLA QI . 19.84 21.13 -5.45
CBB CLA QI . 19.33 19.95 -5.82
NC CLA QI . 25.08 19.72 -5.10
C1C CLA QI . 23.99 19.40 -5.85
C2C CLA QI . 24.38 18.54 -6.97
C3C CLA QI . 25.77 18.40 -6.89
C4C CLA QI . 26.19 19.14 -5.71
CMC CLA QI . 23.46 18.01 -7.98
CAC CLA QI . 26.63 17.63 -7.80
CBC CLA QI . 27.11 18.46 -8.96
ND CLA QI . 27.03 20.67 -3.34
C1D CLA QI . 27.94 19.96 -4.16
C2D CLA QI . 29.32 20.14 -3.64
C3D CLA QI . 29.20 20.98 -2.55
C4D CLA QI . 27.76 21.27 -2.40
CMD CLA QI . 30.51 19.54 -4.22
CAD CLA QI . 29.91 21.66 -1.48
OBD CLA QI . 31.11 21.69 -1.21
CBD CLA QI . 28.83 22.43 -0.65
CGD CLA QI . 28.82 22.02 0.80
O1D CLA QI . 28.56 20.91 1.25
O2D CLA QI . 29.13 23.03 1.67
CED CLA QI . 29.02 22.74 3.07
C1 CLA QI . 25.60 27.55 -3.87
C2 CLA QI . 26.95 27.76 -4.46
C3 CLA QI . 27.16 28.39 -5.62
C4 CLA QI . 26.04 28.93 -6.44
C5 CLA QI . 28.53 28.56 -6.16
C6 CLA QI . 28.60 28.52 -7.67
C7 CLA QI . 29.98 28.94 -8.15
C8 CLA QI . 30.39 28.17 -9.39
C9 CLA QI . 30.54 26.69 -9.07
C10 CLA QI . 31.70 28.70 -9.96
C11 CLA QI . 31.49 29.98 -10.73
C12 CLA QI . 32.74 30.36 -11.49
C13 CLA QI . 32.81 31.84 -11.86
C14 CLA QI . 31.43 32.41 -12.13
C15 CLA QI . 33.70 32.04 -13.07
C16 CLA QI . 34.58 33.26 -12.92
C17 CLA QI . 35.64 33.30 -13.99
C18 CLA QI . 36.42 34.61 -13.98
C19 CLA QI . 35.52 35.77 -14.29
C20 CLA QI . 37.56 34.55 -14.97
MG CLA RI . 11.46 15.65 -15.62
CHA CLA RI . 8.48 15.25 -17.35
CHB CLA RI . 12.16 18.41 -17.49
CHC CLA RI . 14.31 16.15 -13.74
CHD CLA RI . 10.66 12.84 -13.65
NA CLA RI . 10.48 16.63 -17.19
C1A CLA RI . 9.23 16.32 -17.75
C2A CLA RI . 8.87 17.32 -18.84
C3A CLA RI . 10.09 18.24 -18.94
C4A CLA RI . 10.99 17.74 -17.79
CMA CLA RI . 10.77 18.11 -20.28
CAA CLA RI . 7.67 18.13 -18.38
CBA CLA RI . 7.83 18.60 -16.94
CGA CLA RI . 6.52 19.03 -16.37
O1A CLA RI . 5.41 18.99 -16.90
O2A CLA RI . 6.61 19.52 -15.10
NB CLA RI . 12.90 17.05 -15.55
C1B CLA RI . 13.07 18.03 -16.48
C2B CLA RI . 14.40 18.66 -16.31
C3B CLA RI . 15.02 18.04 -15.25
C4B CLA RI . 14.07 17.00 -14.77
CMB CLA RI . 14.84 19.73 -17.17
CAB CLA RI . 16.32 18.24 -14.65
CBB CLA RI . 17.08 19.34 -14.72
NC CLA RI . 12.33 14.65 -14.01
C1C CLA RI . 13.48 15.04 -13.39
C2C CLA RI . 13.76 14.16 -12.27
C3C CLA RI . 12.74 13.21 -12.24
C4C CLA RI . 11.84 13.53 -13.33
CMC CLA RI . 14.93 14.30 -11.38
CAC CLA RI . 12.58 12.12 -11.27
CBC CLA RI . 11.79 12.56 -10.06
ND CLA RI . 10.04 14.23 -15.59
C1D CLA RI . 9.81 13.14 -14.70
C2D CLA RI . 8.55 12.48 -15.09
C3D CLA RI . 8.00 13.24 -16.11
C4D CLA RI . 8.94 14.34 -16.35
CMD CLA RI . 8.00 11.28 -14.50
CAD CLA RI . 6.91 13.37 -17.05
OBD CLA RI . 5.96 12.62 -17.26
CBD CLA RI . 7.13 14.72 -17.80
CGD CLA RI . 6.98 14.54 -19.28
O1D CLA RI . 5.93 14.37 -19.91
O2D CLA RI . 8.15 14.54 -19.98
CED CLA RI . 8.05 14.56 -21.41
C1 CLA RI . 5.40 19.49 -14.32
C2 CLA RI . 5.73 19.99 -12.96
C3 CLA RI . 5.06 19.62 -11.86
C4 CLA RI . 3.92 18.68 -11.92
C5 CLA RI . 5.41 20.15 -10.52
C6 CLA RI . 5.67 19.04 -9.51
C7 CLA RI . 6.23 19.61 -8.23
C8 CLA RI . 6.57 18.51 -7.23
C9 CLA RI . 5.32 17.74 -6.85
C10 CLA RI . 7.23 19.09 -5.98
C11 CLA RI . 6.39 20.19 -5.36
C12 CLA RI . 6.10 19.90 -3.90
C13 CLA RI . 6.99 20.72 -2.98
C14 CLA RI . 8.21 19.92 -2.58
C15 CLA RI . 6.21 21.22 -1.76
C16 CLA RI . 6.90 20.95 -0.44
C17 CLA RI . 5.90 20.52 0.61
C18 CLA RI . 6.14 21.19 1.96
C19 CLA RI . 7.51 20.84 2.51
C20 CLA RI . 5.06 20.79 2.95
MG CLA SI . 24.18 -7.12 -23.63
CHA CLA SI . 24.79 -7.73 -26.98
CHB CLA SI . 23.47 -10.42 -23.17
CHC CLA SI . 23.65 -6.48 -20.30
CHD CLA SI . 24.94 -3.70 -24.17
NA CLA SI . 24.15 -8.78 -24.90
C1A CLA SI . 24.46 -8.84 -26.25
C2A CLA SI . 24.32 -10.26 -26.80
C3A CLA SI . 23.81 -11.07 -25.59
C4A CLA SI . 23.81 -10.03 -24.46
CMA CLA SI . 22.43 -11.61 -25.84
CAA CLA SI . 25.68 -10.79 -27.25
NB CLA SI . 23.68 -8.24 -22.05
C1B CLA SI . 23.42 -9.57 -22.06
C2B CLA SI . 23.05 -10.03 -20.69
C3B CLA SI . 23.10 -8.92 -19.88
C4B CLA SI . 23.49 -7.77 -20.72
CMB CLA SI . 22.72 -11.42 -20.39
CAB CLA SI . 22.83 -8.81 -18.47
CBB CLA SI . 23.43 -9.53 -17.52
NC CLA SI . 24.26 -5.40 -22.46
C1C CLA SI . 24.01 -5.37 -21.12
C2C CLA SI . 24.16 -4.00 -20.61
C3C CLA SI . 24.54 -3.22 -21.70
C4C CLA SI . 24.60 -4.10 -22.85
CMC CLA SI . 23.96 -3.60 -19.22
CAC CLA SI . 24.82 -1.77 -21.70
CBC CLA SI . 26.30 -1.47 -21.72
ND CLA SI . 24.70 -5.93 -25.18
C1D CLA SI . 24.98 -4.55 -25.26
C2D CLA SI . 25.29 -4.21 -26.66
C3D CLA SI . 25.20 -5.38 -27.38
C4D CLA SI . 24.85 -6.43 -26.39
CMD CLA SI . 25.59 -2.86 -27.14
CAD CLA SI . 25.28 -6.02 -28.68
OBD CLA SI . 25.45 -5.52 -29.78
CBD CLA SI . 25.09 -7.56 -28.45
CGD CLA SI . 23.96 -8.13 -29.25
O1D CLA SI . 24.02 -8.99 -30.14
O2D CLA SI . 22.74 -7.62 -28.92
CED CLA SI . 21.58 -8.21 -29.53
MG CLA TI . 23.02 -15.90 -18.47
CHA CLA TI . 22.68 -15.79 -21.93
CHB CLA TI . 20.44 -18.13 -18.29
CHC CLA TI . 23.42 -16.01 -15.06
CHD CLA TI . 25.63 -13.53 -18.71
NA CLA TI . 21.78 -16.80 -19.90
C1A CLA TI . 21.80 -16.63 -21.29
C2A CLA TI . 20.72 -17.48 -21.95
C3A CLA TI . 19.96 -18.11 -20.77
C4A CLA TI . 20.78 -17.66 -19.56
CMA CLA TI . 18.53 -17.63 -20.69
CAA CLA TI . 21.36 -18.56 -22.81
CBA CLA TI . 21.98 -19.64 -21.96
CGA CLA TI . 23.32 -20.05 -22.49
O1A CLA TI . 23.79 -19.87 -23.61
O2A CLA TI . 24.08 -20.72 -21.57
NB CLA TI . 22.06 -16.83 -16.96
C1B CLA TI . 21.11 -17.79 -17.11
C2B CLA TI . 20.83 -18.43 -15.80
C3B CLA TI . 21.66 -17.84 -14.87
C4B CLA TI . 22.47 -16.81 -15.60
CMB CLA TI . 19.83 -19.50 -15.64
CAB CLA TI . 21.84 -18.08 -13.47
CBB CLA TI . 21.69 -19.24 -12.83
NC CLA TI . 24.30 -14.94 -17.14
C1C CLA TI . 24.28 -15.12 -15.78
C2C CLA TI . 25.29 -14.29 -15.15
C3C CLA TI . 25.93 -13.58 -16.18
C4C CLA TI . 25.29 -13.99 -17.42
CMC CLA TI . 25.57 -14.24 -13.72
CAC CLA TI . 27.02 -12.60 -16.05
CBC CLA TI . 28.33 -13.08 -16.63
ND CLA TI . 24.03 -14.93 -19.93
C1D CLA TI . 25.05 -13.95 -19.89
C2D CLA TI . 25.36 -13.51 -21.27
C3D CLA TI . 24.49 -14.21 -22.10
C4D CLA TI . 23.67 -15.04 -21.21
CMD CLA TI . 26.39 -12.54 -21.63
CAD CLA TI . 24.06 -14.46 -23.46
OBD CLA TI . 24.52 -14.03 -24.51
CBD CLA TI . 22.84 -15.42 -23.39
CGD CLA TI . 21.59 -14.79 -23.93
O1D CLA TI . 20.68 -14.25 -23.29
O2D CLA TI . 21.49 -14.84 -25.29
CED CLA TI . 20.21 -14.58 -25.87
C1 CLA TI . 24.72 -21.92 -22.02
C2 CLA TI . 24.95 -22.77 -20.83
C3 CLA TI . 26.10 -22.77 -20.14
C4 CLA TI . 27.25 -21.91 -20.51
MG CLA UI . 20.41 -20.29 -2.78
CHA CLA UI . 18.78 -19.43 -5.71
CHB CLA UI . 17.42 -20.68 -1.22
CHC CLA UI . 22.09 -21.21 0.07
CHD CLA UI . 23.50 -19.87 -4.44
NA CLA UI . 18.43 -20.07 -3.39
C1A CLA UI . 17.95 -19.70 -4.65
C2A CLA UI . 16.42 -19.67 -4.68
C3A CLA UI . 16.03 -19.99 -3.22
C4A CLA UI . 17.37 -20.27 -2.54
CMA CLA UI . 15.30 -18.84 -2.57
CAA CLA UI . 15.87 -20.71 -5.65
CBA CLA UI . 15.75 -22.06 -4.98
CGA CLA UI . 16.16 -23.17 -5.90
O1A CLA UI . 17.28 -23.70 -6.00
O2A CLA UI . 15.15 -23.59 -6.71
NB CLA UI . 19.86 -20.78 -0.90
C1B CLA UI . 18.58 -20.96 -0.49
C2B CLA UI . 18.57 -21.53 0.89
C3B CLA UI . 19.90 -21.69 1.26
C4B CLA UI . 20.73 -21.21 0.12
CMB CLA UI . 17.33 -21.84 1.60
CAB CLA UI . 20.50 -22.20 2.46
CBB CLA UI . 19.92 -22.34 3.66
NC CLA UI . 22.44 -20.48 -2.28
C1C CLA UI . 22.90 -20.87 -1.05
C2C CLA UI . 24.36 -20.89 -1.05
C3C CLA UI . 24.76 -20.52 -2.34
C4C CLA UI . 23.54 -20.27 -3.10
CMC CLA UI . 25.19 -21.25 0.09
CAC CLA UI . 26.14 -20.40 -2.85
CBC CLA UI . 26.44 -21.34 -3.99
ND CLA UI . 21.06 -19.81 -4.64
C1D CLA UI . 22.36 -19.67 -5.19
C2D CLA UI . 22.24 -19.27 -6.60
C3D CLA UI . 20.90 -19.15 -6.86
C4D CLA UI . 20.20 -19.50 -5.60
CMD CLA UI . 23.38 -19.03 -7.50
CAD CLA UI . 19.88 -18.85 -7.85
OBD CLA UI . 20.02 -18.55 -9.03
CBD CLA UI . 18.50 -18.98 -7.13
CGD CLA UI . 17.74 -17.68 -7.13
O1D CLA UI . 17.09 -17.19 -6.20
O2D CLA UI . 17.80 -16.99 -8.30
CED CLA UI . 17.38 -15.62 -8.26
C1 CLA UI . 15.40 -24.74 -7.54
C2 CLA UI . 16.11 -24.27 -8.75
C3 CLA UI . 15.49 -23.64 -9.77
C4 CLA UI . 14.02 -23.39 -9.76
C5 CLA UI . 16.23 -23.17 -10.97
C6 CLA UI . 17.70 -23.57 -10.96
C7 CLA UI . 18.57 -22.50 -10.33
C8 CLA UI . 19.86 -23.09 -9.78
C9 CLA UI . 20.44 -22.21 -8.71
C10 CLA UI . 20.88 -23.28 -10.91
C11 CLA UI . 22.15 -23.92 -10.40
C12 CLA UI . 22.96 -24.53 -11.52
C13 CLA UI . 23.56 -23.45 -12.42
C14 CLA UI . 24.06 -24.05 -13.71
C15 CLA UI . 24.69 -22.71 -11.71
C16 CLA UI . 24.52 -21.21 -11.81
C17 CLA UI . 25.71 -20.56 -12.46
C18 CLA UI . 26.10 -19.26 -11.77
C19 CLA UI . 26.73 -19.54 -10.42
C20 CLA UI . 24.91 -18.35 -11.60
MG CLA VI . 42.24 1.98 -4.88
CHA CLA VI . 44.58 4.47 -4.31
CHB CLA VI . 39.73 4.23 -4.38
CHC CLA VI . 39.97 -0.45 -5.74
CHD CLA VI . 44.88 -0.33 -5.33
NA CLA VI . 42.19 4.01 -4.38
C1A CLA VI . 43.28 4.87 -4.20
C2A CLA VI . 42.81 6.27 -3.84
C3A CLA VI . 41.29 6.08 -3.63
C4A CLA VI . 41.03 4.68 -4.18
CMA CLA VI . 40.95 6.15 -2.16
CAA CLA VI . 43.10 7.23 -4.99
CBA CLA VI . 41.87 7.47 -5.84
CGA CLA VI . 42.13 7.17 -7.28
O1A CLA VI . 41.38 6.61 -8.09
O2A CLA VI . 43.36 7.59 -7.70
NB CLA VI . 40.23 1.89 -4.98
C1B CLA VI . 39.38 2.95 -4.85
C2B CLA VI . 38.01 2.56 -5.26
C3B CLA VI . 38.06 1.24 -5.64
C4B CLA VI . 39.48 0.80 -5.46
CMB CLA VI . 36.88 3.48 -5.21
CAB CLA VI . 37.04 0.35 -6.12
CBB CLA VI . 35.83 0.20 -5.56
NC CLA VI . 42.40 -0.04 -5.40
C1C CLA VI . 41.34 -0.85 -5.69
C2C CLA VI . 41.80 -2.19 -6.01
C3C CLA VI . 43.20 -2.16 -5.91
C4C CLA VI . 43.56 -0.80 -5.51
CMC CLA VI . 40.94 -3.31 -6.37
CAC CLA VI . 44.13 -3.28 -6.13
CBC CLA VI . 44.65 -3.30 -7.55
ND CLA VI . 44.26 1.98 -4.82
C1D CLA VI . 45.23 0.96 -5.01
C2D CLA VI . 46.58 1.55 -4.84
C3D CLA VI . 46.39 2.90 -4.61
C4D CLA VI . 44.93 3.11 -4.59
CMD CLA VI . 47.85 0.83 -4.94
CAD CLA VI . 47.03 4.17 -4.33
OBD CLA VI . 48.22 4.45 -4.25
CBD CLA VI . 45.88 5.22 -4.13
CGD CLA VI . 45.97 5.90 -2.80
O1D CLA VI . 45.18 5.81 -1.85
O2D CLA VI . 47.06 6.70 -2.67
CED CLA VI . 47.06 7.68 -1.63
C1 CLA VI . 43.39 8.51 -8.81
C2 CLA VI . 43.35 7.69 -10.05
C3 CLA VI . 44.11 7.96 -11.12
C4 CLA VI . 45.06 9.09 -11.17
C5 CLA VI . 44.03 7.08 -12.33
C6 CLA VI . 44.72 5.75 -12.13
C7 CLA VI . 44.04 4.66 -12.92
C8 CLA VI . 44.92 3.43 -13.08
C9 CLA VI . 44.15 2.27 -13.70
C10 CLA VI . 45.50 3.00 -11.74
C11 CLA VI . 46.77 2.21 -11.93
C12 CLA VI . 47.78 2.97 -12.75
C13 CLA VI . 49.16 2.31 -12.76
C14 CLA VI . 49.18 1.04 -11.92
C15 CLA VI . 50.23 3.27 -12.26
C16 CLA VI . 51.59 2.62 -12.31
C17 CLA VI . 52.50 3.30 -13.31
C18 CLA VI . 53.08 4.59 -12.74
C19 CLA VI . 54.59 4.57 -12.79
C20 CLA VI . 52.54 5.77 -13.51
MG CLA WI . 49.35 3.05 -8.58
CHA CLA WI . 51.47 5.75 -9.09
CHB CLA WI . 46.70 5.19 -8.36
CHC CLA WI . 47.27 0.34 -8.29
CHD CLA WI . 52.14 0.89 -8.71
NA CLA WI . 49.14 5.13 -8.70
C1A CLA WI . 50.15 6.08 -8.92
C2A CLA WI . 49.57 7.50 -8.93
C3A CLA WI . 48.09 7.28 -8.51
C4A CLA WI . 47.95 5.75 -8.53
CMA CLA WI . 47.79 7.86 -7.15
CAA CLA WI . 49.65 8.09 -10.32
CBA CLA WI . 49.33 7.04 -11.37
CGA CLA WI . 48.79 7.68 -12.61
O1A CLA WI . 48.35 8.82 -12.76
O2A CLA WI . 48.81 6.84 -13.69
NB CLA WI . 47.37 2.81 -8.31
C1B CLA WI . 46.44 3.80 -8.34
C2B CLA WI . 45.08 3.22 -8.37
C3B CLA WI . 45.22 1.85 -8.36
C4B CLA WI . 46.68 1.56 -8.32
CMB CLA WI . 43.88 4.05 -8.41
CAB CLA WI . 44.20 0.84 -8.38
CBB CLA WI . 44.09 -0.12 -9.32
NC CLA WI . 49.67 0.99 -8.49
C1C CLA WI . 48.66 0.06 -8.36
C2C CLA WI . 49.23 -1.28 -8.31
C3C CLA WI . 50.62 -1.13 -8.44
C4C CLA WI . 50.88 0.30 -8.55
CMC CLA WI . 48.45 -2.51 -8.18
CAC CLA WI . 51.63 -2.20 -8.44
CBC CLA WI . 51.63 -3.03 -9.71
ND CLA WI . 51.35 3.20 -8.86
C1D CLA WI . 52.39 2.24 -8.87
C2D CLA WI . 53.69 2.93 -9.07
C3D CLA WI . 53.38 4.27 -9.19
C4D CLA WI . 51.92 4.39 -9.03
CMD CLA WI . 54.99 2.28 -9.14
CAD CLA WI . 53.91 5.62 -9.39
OBD CLA WI . 55.06 5.98 -9.61
CBD CLA WI . 52.70 6.59 -9.27
CGD CLA WI . 52.90 7.56 -8.13
O1D CLA WI . 53.66 8.54 -8.10
O2D CLA WI . 52.15 7.29 -7.03
CED CLA WI . 52.59 6.27 -6.13
C1 CLA WI . 48.09 7.29 -14.86
C2 CLA WI . 47.41 6.09 -15.42
C3 CLA WI . 46.22 6.18 -16.04
C4 CLA WI . 45.52 7.47 -16.22
C5 CLA WI . 45.55 4.96 -16.58
C6 CLA WI . 44.82 5.22 -17.89
C7 CLA WI . 44.19 3.94 -18.41
C8 CLA WI . 43.11 4.23 -19.44
MG CLA XI . 30.39 1.99 0.39
CHA CLA XI . 33.55 0.57 0.10
CHB CLA XI . 29.68 1.03 -2.79
CHC CLA XI . 27.28 3.39 0.74
CHD CLA XI . 31.21 3.02 3.67
NA CLA XI . 31.45 0.95 -1.08
C1A CLA XI . 32.76 0.43 -1.00
C2A CLA XI . 33.15 -0.24 -2.33
C3A CLA XI . 31.90 -0.06 -3.22
C4A CLA XI . 30.93 0.68 -2.31
CMA CLA XI . 32.21 0.71 -4.47
CAA CLA XI . 33.51 -1.71 -2.18
CBA CLA XI . 34.04 -2.21 -3.52
CGA CLA XI . 34.69 -3.56 -3.39
O1A CLA XI . 34.63 -4.38 -2.47
O2A CLA XI . 35.44 -3.85 -4.50
NB CLA XI . 28.76 2.12 -0.79
C1B CLA XI . 28.69 1.73 -2.08
C2B CLA XI . 27.40 2.18 -2.68
C3B CLA XI . 26.72 2.85 -1.69
C4B CLA XI . 27.58 2.82 -0.47
CMB CLA XI . 27.07 1.90 -4.08
CAB CLA XI . 25.44 3.51 -1.69
CBB CLA XI . 24.56 3.59 -2.68
NC CLA XI . 29.42 3.00 1.94
C1C CLA XI . 28.14 3.47 1.87
C2C CLA XI . 27.78 4.12 3.13
C3C CLA XI . 28.89 4.05 3.96
C4C CLA XI . 29.93 3.34 3.21
CMC CLA XI . 26.47 4.72 3.39
CAC CLA XI . 28.99 4.59 5.33
CBC CLA XI . 29.34 3.61 6.42
ND CLA XI . 31.97 1.88 1.64
C1D CLA XI . 32.18 2.34 2.97
C2D CLA XI . 33.55 1.98 3.40
C3D CLA XI . 34.12 1.30 2.33
C4D CLA XI . 33.10 1.26 1.27
CMD CLA XI . 34.12 2.30 4.70
CAD CLA XI . 35.30 0.64 1.82
OBD CLA XI . 36.39 0.49 2.36
CBD CLA XI . 34.96 0.12 0.39
CGD CLA XI . 35.91 0.65 -0.64
O1D CLA XI . 36.43 0.05 -1.58
O2D CLA XI . 36.22 1.97 -0.48
CED CLA XI . 36.38 2.76 -1.65
C1 CLA XI . 35.40 -5.20 -4.98
C2 CLA XI . 36.66 -5.85 -4.56
C3 CLA XI . 37.51 -6.41 -5.43
C4 CLA XI . 38.78 -7.05 -5.00
C5 CLA XI . 37.22 -6.42 -6.89
C6 CLA XI . 38.42 -6.01 -7.71
C7 CLA XI . 38.41 -6.70 -9.06
C8 CLA XI . 37.87 -5.79 -10.16
C9 CLA XI . 37.69 -6.56 -11.45
C10 CLA XI . 38.80 -4.60 -10.38
C11 CLA XI . 38.11 -3.49 -11.14
C12 CLA XI . 36.90 -2.96 -10.41
C13 CLA XI . 37.27 -2.41 -9.04
MG CLA YI . 29.35 -9.56 -2.97
CHA CLA YI . 31.41 -7.15 -1.56
CHB CLA YI . 27.71 -7.14 -4.71
CHC CLA YI . 27.42 -12.00 -4.41
CHD CLA YI . 31.04 -12.03 -1.07
NA CLA YI . 29.54 -7.49 -3.09
C1A CLA YI . 30.45 -6.67 -2.42
C2A CLA YI . 30.26 -5.21 -2.80
C3A CLA YI . 28.98 -5.23 -3.67
C4A CLA YI . 28.71 -6.72 -3.87
CMA CLA YI . 27.83 -4.56 -2.96
CAA CLA YI . 31.46 -4.70 -3.59
CBA CLA YI . 31.65 -5.39 -4.93
CGA CLA YI . 32.29 -6.74 -4.82
O1A CLA YI . 33.13 -7.14 -4.02
O2A CLA YI . 31.83 -7.62 -5.76
NB CLA YI . 27.85 -9.57 -4.31
C1B CLA YI . 27.36 -8.49 -4.95
C2B CLA YI . 26.35 -8.91 -5.96
C3B CLA YI . 26.25 -10.28 -5.88
C4B CLA YI . 27.21 -10.72 -4.82
CMB CLA YI . 25.62 -7.96 -6.81
CAB CLA YI . 25.43 -11.21 -6.61
CBB CLA YI . 25.15 -11.15 -7.91
NC CLA YI . 29.24 -11.64 -2.75
C1C CLA YI . 28.36 -12.44 -3.44
C2C CLA YI . 28.53 -13.82 -3.03
C3C CLA YI . 29.56 -13.84 -2.08
C4C CLA YI . 29.99 -12.46 -1.91
CMC CLA YI . 27.75 -14.95 -3.55
CAC CLA YI . 30.08 -15.03 -1.37
CBC CLA YI . 31.55 -15.30 -1.56
ND CLA YI . 30.83 -9.64 -1.60
C1D CLA YI . 31.45 -10.72 -0.91
C2D CLA YI . 32.55 -10.20 -0.07
C3D CLA YI . 32.59 -8.83 -0.29
C4D CLA YI . 31.51 -8.54 -1.25
CMD CLA YI . 33.41 -11.02 0.78
CAD CLA YI . 33.23 -7.57 0.04
OBD CLA YI . 34.17 -7.34 0.79
CBD CLA YI . 32.51 -6.45 -0.78
CGD CLA YI . 31.99 -5.31 0.06
O1D CLA YI . 31.89 -4.13 -0.29
O2D CLA YI . 31.62 -5.65 1.32
CED CLA YI . 31.23 -4.58 2.19
C1 CLA YI . 31.99 -9.02 -5.46
C2 CLA YI . 31.47 -9.74 -6.64
C3 CLA YI . 31.36 -11.08 -6.69
C4 CLA YI . 31.77 -11.94 -5.56
C5 CLA YI . 30.81 -11.76 -7.90
C6 CLA YI . 29.50 -12.47 -7.61
C7 CLA YI . 28.78 -12.80 -8.89
C8 CLA YI . 28.43 -14.29 -8.98
C9 CLA YI . 27.43 -14.54 -10.09
C10 CLA YI . 27.87 -14.79 -7.66
C11 CLA YI . 27.63 -16.29 -7.69
C12 CLA YI . 28.65 -17.05 -6.87
C13 CLA YI . 28.40 -18.55 -6.93
C14 CLA YI . 26.93 -18.87 -6.73
C15 CLA YI . 29.24 -19.30 -5.91
C16 CLA YI . 30.16 -20.29 -6.58
C17 CLA YI . 30.65 -21.35 -5.61
C18 CLA YI . 31.99 -21.94 -6.03
C19 CLA YI . 32.03 -22.23 -7.52
C20 CLA YI . 32.27 -23.21 -5.25
MG CLA ZI . 25.31 -5.38 -11.72
CHA CLA ZI . 26.92 -3.54 -9.28
CHB CLA ZI . 23.71 -2.56 -12.77
CHC CLA ZI . 23.72 -7.26 -14.10
CHD CLA ZI . 26.94 -8.28 -10.53
NA CLA ZI . 25.34 -3.38 -11.11
C1A CLA ZI . 26.08 -2.81 -10.06
C2A CLA ZI . 25.80 -1.31 -9.94
C3A CLA ZI . 24.69 -1.06 -10.99
C4A CLA ZI . 24.56 -2.41 -11.70
CMA CLA ZI . 23.39 -0.65 -10.35
CAA CLA ZI . 27.02 -0.48 -10.26
CBA CLA ZI . 27.88 -1.10 -11.35
CGA CLA ZI . 28.84 -0.10 -11.89
O1A CLA ZI . 28.67 0.72 -12.79
O2A CLA ZI . 30.05 -0.13 -11.27
NB CLA ZI . 23.89 -5.00 -13.09
C1B CLA ZI . 23.50 -3.76 -13.48
C2B CLA ZI . 22.81 -3.82 -14.80
C3B CLA ZI . 22.81 -5.15 -15.18
C4B CLA ZI . 23.50 -5.91 -14.11
CMB CLA ZI . 22.28 -2.64 -15.48
CAB CLA ZI . 22.29 -5.75 -16.38
CBB CLA ZI . 21.36 -6.71 -16.40
NC CLA ZI . 25.34 -7.40 -12.22
C1C CLA ZI . 24.60 -7.96 -13.22
C2C CLA ZI . 24.82 -9.41 -13.27
C3C CLA ZI . 25.74 -9.69 -12.27
C4C CLA ZI . 26.05 -8.43 -11.60
CMC CLA ZI . 24.20 -10.33 -14.22
CAC CLA ZI . 26.29 -11.02 -11.92
CBC CLA ZI . 27.72 -11.20 -12.36
ND CLA ZI . 26.73 -5.85 -10.35
C1D CLA ZI . 27.27 -7.09 -9.93
C2D CLA ZI . 28.19 -6.85 -8.80
C3D CLA ZI . 28.11 -5.50 -8.51
C4D CLA ZI . 27.15 -4.92 -9.49
CMD CLA ZI . 29.00 -7.88 -8.14
CAD CLA ZI . 28.58 -4.41 -7.68
OBD CLA ZI . 29.44 -4.40 -6.81
CBD CLA ZI . 27.76 -3.15 -8.08
CGD CLA ZI . 26.86 -2.70 -6.94
O1D CLA ZI . 25.63 -2.82 -6.87
O2D CLA ZI . 27.52 -2.12 -5.91
CED CLA ZI . 26.73 -1.63 -4.81
C1 CLA ZI . 31.13 0.58 -11.93
C2 CLA ZI . 31.68 -0.34 -12.96
C3 CLA ZI . 32.93 -0.80 -12.92
C4 CLA ZI . 33.87 -0.44 -11.82
C5 CLA ZI . 33.46 -1.72 -13.97
C6 CLA ZI . 32.40 -2.15 -14.96
C7 CLA ZI . 32.90 -3.28 -15.83
C8 CLA ZI . 31.77 -3.97 -16.58
C9 CLA ZI . 32.16 -5.38 -16.97
C10 CLA ZI . 31.38 -3.17 -17.82
C11 CLA ZI . 30.31 -3.87 -18.64
C12 CLA ZI . 29.92 -3.04 -19.84
C13 CLA ZI . 31.13 -2.68 -20.67
C14 CLA ZI . 31.05 -1.25 -21.16
C15 CLA ZI . 31.30 -3.64 -21.86
C16 CLA ZI . 32.67 -4.25 -21.89
C17 CLA ZI . 32.71 -5.45 -22.82
C18 CLA ZI . 34.13 -5.91 -23.12
C19 CLA ZI . 34.14 -7.00 -24.17
C20 CLA ZI . 34.97 -4.74 -23.59
MG CLA AJ . -14.20 23.67 -6.30
CHA CLA AJ . -14.96 27.03 -6.64
CHB CLA AJ . -11.07 24.27 -7.51
CHC CLA AJ . -13.45 20.33 -5.87
CHD CLA AJ . -17.46 23.11 -5.05
NA CLA AJ . -13.20 25.39 -6.95
C1A CLA AJ . -13.68 26.70 -7.01
C2A CLA AJ . -12.62 27.65 -7.52
C3A CLA AJ . -11.42 26.74 -7.82
C4A CLA AJ . -11.90 25.36 -7.40
CMA CLA AJ . -11.01 26.80 -9.27
CAA CLA AJ . -12.25 28.65 -6.44
CBA CLA AJ . -11.68 27.95 -5.22
CGA CLA AJ . -12.57 28.16 -4.03
O1A CLA AJ . -13.67 28.73 -3.98
O2A CLA AJ . -12.06 27.62 -2.88
NB CLA AJ . -12.56 22.53 -6.60
C1B CLA AJ . -11.40 22.95 -7.16
C2B CLA AJ . -10.50 21.79 -7.39
C3B CLA AJ . -11.16 20.67 -6.93
C4B CLA AJ . -12.49 21.13 -6.42
CMB CLA AJ . -9.17 21.92 -7.98
CAB CLA AJ . -10.75 19.29 -6.90
CBB CLA AJ . -11.24 18.34 -7.69
NC CLA AJ . -15.27 22.03 -5.58
C1C CLA AJ . -14.77 20.76 -5.47
C2C CLA AJ . -15.77 19.87 -4.91
C3C CLA AJ . -16.91 20.64 -4.69
C4C CLA AJ . -16.59 22.00 -5.11
CMC CLA AJ . -15.57 18.44 -4.64
CAC CLA AJ . -18.19 20.20 -4.12
CBC CLA AJ . -19.27 20.01 -5.16
ND CLA AJ . -15.87 24.74 -5.94
C1D CLA AJ . -17.15 24.39 -5.43
C2D CLA AJ . -18.00 25.60 -5.39
C3D CLA AJ . -17.21 26.64 -5.84
C4D CLA AJ . -15.89 26.06 -6.16
CMD CLA AJ . -19.38 25.63 -4.93
CAD CLA AJ . -17.14 28.07 -6.12
OBD CLA AJ . -17.99 28.94 -5.98
CBD CLA AJ . -15.71 28.34 -6.66
CGD CLA AJ . -15.75 28.90 -8.06
O1D CLA AJ . -15.50 28.29 -9.10
O2D CLA AJ . -16.12 30.20 -8.14
CED CLA AJ . -16.42 30.73 -9.43
C1 CLA AJ . -12.04 28.48 -1.73
C2 CLA AJ . -11.24 27.78 -0.69
C3 CLA AJ . -11.75 26.78 0.06
C4 CLA AJ . -13.14 26.31 -0.08
C5 CLA AJ . -10.90 26.10 1.09
C6 CLA AJ . -11.69 25.74 2.33
C7 CLA AJ . -11.78 26.91 3.29
C8 CLA AJ . -12.08 26.50 4.74
C9 CLA AJ . -11.96 24.99 4.93
C10 CLA AJ . -13.45 26.98 5.17
C11 CLA AJ . -13.51 28.48 5.21
C12 CLA AJ . -14.62 28.97 6.13
C13 CLA AJ . -14.78 30.48 6.07
C14 CLA AJ . -13.44 31.18 5.89
C15 CLA AJ . -15.47 31.02 7.31
C16 CLA AJ . -16.60 31.96 6.94
C17 CLA AJ . -17.89 31.22 6.71
C18 CLA AJ . -19.07 31.94 7.36
C19 CLA AJ . -18.75 32.33 8.79
C20 CLA AJ . -19.45 33.15 6.55
MG CLA BJ . -2.46 17.37 0.75
CHA CLA BJ . -0.71 18.36 -2.09
CHB CLA BJ . 0.23 18.14 2.69
CHC CLA BJ . -4.22 16.31 3.51
CHD CLA BJ . -5.26 16.64 -1.28
NA CLA BJ . -0.55 18.12 0.34
C1A CLA BJ . -0.02 18.49 -0.91
C2A CLA BJ . 1.42 18.99 -0.75
C3A CLA BJ . 1.68 18.93 0.77
C4A CLA BJ . 0.37 18.35 1.33
CMA CLA BJ . 2.87 18.08 1.12
CAA CLA BJ . 1.62 20.39 -1.32
CBA CLA BJ . 1.29 21.48 -0.32
CGA CLA BJ . 1.91 22.75 -0.79
O1A CLA BJ . 3.08 22.97 -1.10
O2A CLA BJ . 1.02 23.78 -0.88
NB CLA BJ . -2.06 17.23 2.72
C1B CLA BJ . -0.91 17.62 3.33
C2B CLA BJ . -1.03 17.41 4.81
C3B CLA BJ . -2.28 16.90 5.05
C4B CLA BJ . -2.95 16.78 3.72
CMB CLA BJ . 0.03 17.73 5.75
CAB CLA BJ . -2.90 16.54 6.30
CBB CLA BJ . -3.59 15.43 6.55
NC CLA BJ . -4.38 16.61 1.05
C1C CLA BJ . -4.89 16.24 2.26
C2C CLA BJ . -6.25 15.75 2.12
C3C CLA BJ . -6.56 15.85 0.76
C4C CLA BJ . -5.38 16.40 0.10
CMC CLA BJ . -7.06 15.27 3.24
CAC CLA BJ . -7.83 15.51 0.10
CBC CLA BJ . -8.13 14.04 0.18
ND CLA BJ . -2.95 17.45 -1.21
C1D CLA BJ . -4.13 17.12 -1.91
C2D CLA BJ . -3.92 17.38 -3.35
C3D CLA BJ . -2.63 17.84 -3.48
C4D CLA BJ . -2.06 17.87 -2.12
CMD CLA BJ . -4.93 17.14 -4.39
CAD CLA BJ . -1.60 18.29 -4.40
OBD CLA BJ . -1.63 18.38 -5.61
CBD CLA BJ . -0.36 18.68 -3.52
CGD CLA BJ . 0.91 18.00 -3.98
O1D CLA BJ . 2.07 18.35 -3.75
O2D CLA BJ . 0.71 16.87 -4.71
CED CLA BJ . 1.30 16.82 -6.01
C1 CLA BJ . 1.16 24.81 0.12
C2 CLA BJ . -0.17 25.45 0.26
C3 CLA BJ . -0.51 26.17 1.34
C4 CLA BJ . 0.42 26.38 2.47
C5 CLA BJ . -1.86 26.79 1.44
C6 CLA BJ . -2.40 27.21 0.08
C7 CLA BJ . -3.60 28.12 0.23
C8 CLA BJ . -4.91 27.37 0.00
C9 CLA BJ . -4.83 26.48 -1.22
C10 CLA BJ . -6.06 28.37 -0.16
C11 CLA BJ . -6.48 28.93 1.18
C12 CLA BJ . -6.86 27.83 2.14
C13 CLA BJ . -7.45 28.39 3.43
C14 CLA BJ . -7.89 27.28 4.34
C15 CLA BJ . -8.60 29.35 3.14
C16 CLA BJ . -9.09 30.03 4.40
C17 CLA BJ . -8.41 31.37 4.60
C18 CLA BJ . -8.51 31.85 6.04
C19 CLA BJ . -8.25 33.34 6.14
C20 CLA BJ . -9.85 31.51 6.65
MG CLA CJ . 39.03 -3.66 -30.90
CHA CLA CJ . 36.24 -2.04 -29.69
CHB CLA CJ . 39.30 -5.37 -27.97
CHC CLA CJ . 41.80 -5.27 -32.16
CHD CLA CJ . 38.76 -1.80 -33.91
NA CLA CJ . 37.92 -3.70 -29.13
C1A CLA CJ . 36.77 -2.96 -28.83
C2A CLA CJ . 36.26 -3.29 -27.42
C3A CLA CJ . 37.26 -4.36 -26.92
C4A CLA CJ . 38.24 -4.51 -28.08
CMA CLA CJ . 37.95 -3.90 -25.65
CAA CLA CJ . 34.86 -3.89 -27.47
CBA CLA CJ . 34.85 -5.20 -28.23
CGA CLA CJ . 33.45 -5.61 -28.53
O1A CLA CJ . 32.91 -5.80 -29.62
O2A CLA CJ . 32.68 -5.77 -27.41
NB CLA CJ . 40.23 -5.15 -30.25
C1B CLA CJ . 40.28 -5.58 -28.96
C2B CLA CJ . 41.55 -6.31 -28.71
C3B CLA CJ . 42.26 -6.28 -29.88
C4B CLA CJ . 41.43 -5.53 -30.88
CMB CLA CJ . 41.91 -6.89 -27.41
CAB CLA CJ . 43.56 -6.81 -30.19
CBB CLA CJ . 44.66 -6.40 -29.59
NC CLA CJ . 40.06 -3.57 -32.72
C1C CLA CJ . 41.15 -4.35 -33.04
C2C CLA CJ . 41.59 -4.06 -34.39
C3C CLA CJ . 40.76 -3.04 -34.87
C4C CLA CJ . 39.79 -2.75 -33.81
CMC CLA CJ . 42.71 -4.71 -35.07
CAC CLA CJ . 40.80 -2.40 -36.18
CBC CLA CJ . 41.54 -1.08 -36.15
ND CLA CJ . 37.87 -2.20 -31.65
C1D CLA CJ . 37.85 -1.52 -32.91
C2D CLA CJ . 36.74 -0.55 -32.91
C3D CLA CJ . 36.10 -0.69 -31.70
C4D CLA CJ . 36.83 -1.74 -30.96
CMD CLA CJ . 36.43 0.35 -34.03
CAD CLA CJ . 35.02 -0.23 -30.83
OBD CLA CJ . 34.21 0.67 -31.01
CBD CLA CJ . 35.05 -1.11 -29.55
CGD CLA CJ . 35.20 -0.34 -28.27
O1D CLA CJ . 34.47 -0.38 -27.28
O2D CLA CJ . 36.29 0.47 -28.25
CED CLA CJ . 36.86 0.76 -26.97
C1 CLA CJ . 31.56 -6.66 -27.52
C2 CLA CJ . 30.61 -6.27 -26.46
C3 CLA CJ . 29.47 -6.95 -26.22
C4 CLA CJ . 29.09 -8.14 -27.00
C5 CLA CJ . 28.54 -6.50 -25.15
C6 CLA CJ . 28.65 -7.36 -23.89
C7 CLA CJ . 28.05 -6.61 -22.72
C8 CLA CJ . 28.03 -7.44 -21.44
C9 CLA CJ . 27.17 -8.66 -21.60
C10 CLA CJ . 27.55 -6.58 -20.28
C11 CLA CJ . 27.37 -7.39 -19.02
C12 CLA CJ . 26.62 -6.59 -17.96
C13 CLA CJ . 27.35 -6.64 -16.63
C14 CLA CJ . 27.06 -7.94 -15.90
C15 CLA CJ . 26.99 -5.44 -15.75
C16 CLA CJ . 27.57 -5.58 -14.37
C17 CLA CJ . 28.63 -4.55 -14.09
C18 CLA CJ . 29.75 -5.05 -13.18
C19 CLA CJ . 29.53 -6.47 -12.69
C20 CLA CJ . 29.93 -4.12 -12.00
C1 PQN DJ . -8.31 9.89 -3.70
O1 PQN DJ . -7.72 9.19 -2.86
C2 PQN DJ . -9.08 11.09 -3.25
C2M PQN DJ . -9.12 11.43 -1.80
C3 PQN DJ . -9.79 11.94 -4.24
C4 PQN DJ . -9.75 11.58 -5.68
O4 PQN DJ . -10.35 12.29 -6.50
C5 PQN DJ . -8.99 10.39 -6.12
C6 PQN DJ . -8.94 10.04 -7.47
C7 PQN DJ . -8.22 8.92 -7.85
C8 PQN DJ . -7.56 8.12 -6.92
C9 PQN DJ . -7.58 8.44 -5.57
C10 PQN DJ . -8.28 9.54 -5.14
C11 PQN DJ . -10.57 13.14 -3.79
C12 PQN DJ . -9.70 14.36 -3.60
C13 PQN DJ . -9.95 15.47 -4.32
C14 PQN DJ . -11.07 15.49 -5.32
C15 PQN DJ . -9.10 16.69 -4.14
C16 PQN DJ . -9.96 17.68 -3.35
C17 PQN DJ . -9.46 19.11 -3.51
C18 PQN DJ . -8.13 19.29 -2.81
C19 PQN DJ . -8.29 19.17 -1.30
C20 PQN DJ . -7.57 20.66 -3.18
C21 PQN DJ . -8.57 21.76 -2.86
C22 PQN DJ . -8.00 23.10 -3.25
C23 PQN DJ . -8.97 24.25 -3.04
C24 PQN DJ . -10.35 23.91 -3.61
C25 PQN DJ . -8.41 25.50 -3.70
C26 PQN DJ . -8.43 25.40 -5.22
C27 PQN DJ . -7.03 25.24 -5.80
C28 PQN DJ . -7.08 25.01 -7.30
C29 PQN DJ . -7.55 26.28 -8.02
C30 PQN DJ . -5.74 24.54 -7.85
C1 BCR EJ . 47.51 18.97 -33.80
C2 BCR EJ . 47.73 17.66 -34.55
C3 BCR EJ . 47.91 16.42 -33.68
C4 BCR EJ . 46.92 16.43 -32.54
C5 BCR EJ . 47.30 17.62 -31.71
C6 BCR EJ . 47.37 18.81 -32.29
C7 BCR EJ . 47.32 20.07 -31.49
C8 BCR EJ . 46.29 20.40 -30.74
C9 BCR EJ . 46.38 21.66 -30.00
C10 BCR EJ . 45.92 21.74 -28.75
C11 BCR EJ . 46.03 22.99 -28.01
C33 BCR EJ . 47.64 17.42 -30.26
C31 BCR EJ . 46.23 19.64 -34.31
C32 BCR EJ . 48.68 19.90 -34.06
C34 BCR EJ . 46.99 22.87 -30.65
C12 BCR EJ . 45.94 22.97 -26.69
C13 BCR EJ . 46.09 24.22 -25.93
C14 BCR EJ . 46.06 24.17 -24.59
C15 BCR EJ . 46.21 25.40 -23.82
C16 BCR EJ . 46.40 25.34 -22.52
C17 BCR EJ . 46.55 26.57 -21.77
C18 BCR EJ . 46.67 26.57 -20.45
C19 BCR EJ . 46.82 27.86 -19.76
C20 BCR EJ . 47.04 27.95 -18.46
C21 BCR EJ . 47.18 29.30 -17.93
C22 BCR EJ . 47.59 29.56 -16.68
C23 BCR EJ . 47.70 30.97 -16.29
C24 BCR EJ . 47.77 31.34 -15.01
C25 BCR EJ . 47.89 32.77 -14.67
C26 BCR EJ . 46.86 33.61 -14.87
C27 BCR EJ . 47.06 35.09 -14.85
C28 BCR EJ . 47.94 35.41 -13.67
C29 BCR EJ . 49.29 34.74 -13.84
C30 BCR EJ . 49.21 33.23 -14.11
C35 BCR EJ . 46.25 25.53 -26.64
C36 BCR EJ . 46.66 25.28 -19.67
C37 BCR EJ . 47.94 28.45 -15.74
C38 BCR EJ . 45.46 33.09 -15.08
C39 BCR EJ . 49.44 32.47 -12.81
C40 BCR EJ . 50.31 32.88 -15.09
C1 BCR FJ . 38.61 37.80 -22.39
C2 BCR FJ . 39.16 39.07 -23.03
C3 BCR FJ . 39.39 40.19 -22.03
C4 BCR FJ . 38.07 40.51 -21.36
C5 BCR FJ . 37.63 39.27 -20.61
C6 BCR FJ . 37.94 38.05 -21.05
C7 BCR FJ . 37.60 36.88 -20.19
C8 BCR FJ . 36.44 36.24 -20.29
C9 BCR FJ . 36.16 35.11 -19.39
C10 BCR FJ . 34.91 34.69 -19.23
C11 BCR FJ . 34.60 33.59 -18.32
C33 BCR FJ . 36.86 39.46 -19.33
C31 BCR FJ . 39.76 36.82 -22.16
C32 BCR FJ . 37.61 37.17 -23.35
C34 BCR FJ . 37.29 34.44 -18.65
C12 BCR FJ . 33.32 33.25 -18.12
C13 BCR FJ . 32.97 32.17 -17.18
C14 BCR FJ . 31.72 32.13 -16.71
C15 BCR FJ . 31.31 31.11 -15.75
C16 BCR FJ . 30.06 31.10 -15.30
C17 BCR FJ . 29.69 30.10 -14.31
C18 BCR FJ . 28.46 29.99 -13.81
C19 BCR FJ . 28.23 28.97 -12.78
C20 BCR FJ . 27.07 28.71 -12.21
C21 BCR FJ . 27.10 27.66 -11.20
C22 BCR FJ . 26.03 27.07 -10.68
C23 BCR FJ . 26.26 26.03 -9.66
C24 BCR FJ . 25.33 25.14 -9.32
C25 BCR FJ . 25.61 24.10 -8.29
C26 BCR FJ . 26.68 23.30 -8.37
C27 BCR FJ . 27.36 22.78 -7.13
C28 BCR FJ . 26.65 23.29 -5.88
C29 BCR FJ . 25.15 23.09 -6.05
C30 BCR FJ . 24.62 23.98 -7.15
C35 BCR FJ . 33.99 31.17 -16.76
C36 BCR FJ . 27.35 30.89 -14.27
C37 BCR FJ . 24.64 27.45 -11.10
C38 BCR FJ . 27.23 22.87 -9.69
C39 BCR FJ . 24.35 25.38 -6.60
C40 BCR FJ . 23.32 23.40 -7.71
C1 BCR GJ . 44.23 40.07 -17.23
C2 BCR GJ . 44.94 39.83 -18.56
C3 BCR GJ . 46.12 38.91 -18.33
C4 BCR GJ . 47.17 39.66 -17.52
C5 BCR GJ . 46.55 40.31 -16.31
C6 BCR GJ . 45.22 40.47 -16.16
C7 BCR GJ . 44.78 41.11 -14.90
C8 BCR GJ . 43.88 40.60 -14.06
C9 BCR GJ . 43.58 41.36 -12.84
C10 BCR GJ . 42.48 41.11 -12.10
C11 BCR GJ . 41.49 40.11 -12.46
C33 BCR GJ . 47.45 40.80 -15.23
C31 BCR GJ . 43.51 38.79 -16.83
C32 BCR GJ . 43.21 41.20 -17.40
C34 BCR GJ . 44.53 42.42 -12.38
C12 BCR GJ . 40.57 39.81 -11.54
C13 BCR GJ . 39.50 38.83 -11.78
C14 BCR GJ . 38.62 38.58 -10.79
C15 BCR GJ . 37.51 37.65 -10.99
C16 BCR GJ . 36.62 37.48 -10.01
C17 BCR GJ . 35.49 36.58 -10.21
C18 BCR GJ . 34.57 36.41 -9.25
C19 BCR GJ . 33.43 35.51 -9.51
C20 BCR GJ . 32.53 35.20 -8.58
C21 BCR GJ . 31.44 34.32 -8.98
C22 BCR GJ . 30.67 33.67 -8.10
C23 BCR GJ . 30.89 33.76 -6.64
C24 BCR GJ . 29.94 33.29 -5.84
C25 BCR GJ . 30.01 33.30 -4.36
C26 BCR GJ . 29.93 34.45 -3.68
C27 BCR GJ . 30.17 34.52 -2.19
C28 BCR GJ . 29.77 33.20 -1.56
C29 BCR GJ . 30.54 32.08 -2.22
C30 BCR GJ . 30.14 31.95 -3.68
C35 BCR GJ . 39.37 38.14 -13.11
C36 BCR GJ . 34.69 37.14 -7.94
C37 BCR GJ . 29.57 32.78 -8.62
C38 BCR GJ . 29.59 35.74 -4.36
C39 BCR GJ . 28.78 31.26 -3.77
C40 BCR GJ . 31.19 31.13 -4.41
C1 BCR HJ . 19.67 7.26 -22.08
C2 BCR HJ . 19.28 6.89 -23.50
C3 BCR HJ . 17.99 6.08 -23.58
C4 BCR HJ . 18.14 4.83 -22.73
C5 BCR HJ . 18.35 5.27 -21.31
C6 BCR HJ . 19.21 6.26 -21.04
C7 BCR HJ . 19.76 6.42 -19.67
C8 BCR HJ . 20.64 5.54 -19.20
C9 BCR HJ . 21.21 5.72 -17.86
C10 BCR HJ . 22.35 5.09 -17.60
C11 BCR HJ . 23.05 5.20 -16.33
C33 BCR HJ . 17.58 4.59 -20.22
C31 BCR HJ . 19.07 8.62 -21.71
C32 BCR HJ . 21.19 7.37 -22.02
C34 BCR HJ . 20.54 6.59 -16.83
C12 BCR HJ . 24.32 4.87 -16.42
C13 BCR HJ . 25.27 4.92 -15.30
C14 BCR HJ . 26.47 4.37 -15.51
C15 BCR HJ . 27.50 4.38 -14.50
C16 BCR HJ . 28.71 4.08 -14.92
C17 BCR HJ . 29.83 4.08 -14.00
C18 BCR HJ . 31.03 3.67 -14.44
C19 BCR HJ . 32.14 3.72 -13.48
C20 BCR HJ . 33.38 3.41 -13.87
C21 BCR HJ . 34.40 3.50 -12.85
C22 BCR HJ . 35.65 3.10 -13.08
C23 BCR HJ . 36.63 3.25 -12.00
C24 BCR HJ . 37.83 2.70 -12.12
C25 BCR HJ . 38.84 2.83 -11.05
C26 BCR HJ . 38.75 2.12 -9.92
C27 BCR HJ . 39.77 2.29 -8.83
C28 BCR HJ . 40.11 3.77 -8.77
C29 BCR HJ . 40.77 4.18 -10.08
C30 BCR HJ . 40.00 3.77 -11.33
C35 BCR HJ . 24.94 5.57 -14.00
C36 BCR HJ . 31.23 3.21 -15.84
C37 BCR HJ . 36.04 2.54 -14.41
C38 BCR HJ . 37.66 1.12 -9.71
C39 BCR HJ . 40.93 3.03 -12.28
C40 BCR HJ . 39.50 5.04 -12.02
C1 BCR IJ . 6.32 25.27 9.37
C2 BCR IJ . 7.15 25.11 10.63
C3 BCR IJ . 7.03 23.70 11.19
C4 BCR IJ . 7.62 22.70 10.21
C5 BCR IJ . 7.19 22.99 8.79
C6 BCR IJ . 6.46 24.07 8.46
C7 BCR IJ . 5.77 24.09 7.16
C8 BCR IJ . 4.60 23.46 7.03
C9 BCR IJ . 3.84 23.41 5.77
C10 BCR IJ . 2.67 22.77 5.83
C11 BCR IJ . 1.75 22.59 4.72
C33 BCR IJ . 7.60 22.02 7.72
C31 BCR IJ . 6.78 26.50 8.60
C32 BCR IJ . 4.86 25.44 9.77
C34 BCR IJ . 4.34 24.05 4.52
C12 BCR IJ . 0.58 22.07 5.09
C13 BCR IJ . -0.52 21.76 4.17
C14 BCR IJ . -1.59 21.14 4.68
C15 BCR IJ . -2.71 20.75 3.85
C16 BCR IJ . -3.87 20.40 4.42
C17 BCR IJ . -4.94 19.96 3.55
C18 BCR IJ . -6.06 19.43 4.05
C19 BCR IJ . -7.09 18.96 3.12
C20 BCR IJ . -8.30 18.58 3.48
C21 BCR IJ . -9.15 18.09 2.40
C22 BCR IJ . -10.35 17.55 2.58
C23 BCR IJ . -11.05 17.08 1.38
C24 BCR IJ . -12.29 16.57 1.43
C25 BCR IJ . -12.97 16.08 0.21
C26 BCR IJ . -13.21 16.86 -0.86
C27 BCR IJ . -13.67 16.29 -2.18
C28 BCR IJ . -13.51 14.78 -2.21
C29 BCR IJ . -14.16 14.20 -0.97
C30 BCR IJ . -13.37 14.61 0.26
C35 BCR IJ . -0.44 22.09 2.70
C36 BCR IJ . -6.23 19.29 5.53
C37 BCR IJ . -10.95 17.42 3.95
C38 BCR IJ . -13.07 18.35 -0.80
C39 BCR IJ . -12.10 13.78 0.35
C40 BCR IJ . -14.21 14.40 1.51
O1 LHG JJ . 41.56 -8.78 -35.34
C1 LHG JJ . 41.00 -9.37 -34.20
C2 LHG JJ . 39.54 -8.93 -34.12
O2 LHG JJ . 39.30 -7.95 -35.08
C3 LHG JJ . 39.25 -8.37 -32.73
O3 LHG JJ . 38.51 -7.19 -32.87
P LHG JJ . 37.14 -7.01 -32.00
O4 LHG JJ . 36.89 -5.55 -31.74
O5 LHG JJ . 35.97 -7.59 -32.76
O6 LHG JJ . 37.30 -7.81 -30.54
C4 LHG JJ . 36.26 -8.72 -30.17
C5 LHG JJ . 36.36 -8.97 -28.65
C6 LHG JJ . 36.09 -10.44 -28.38
O7 LHG JJ . 37.66 -8.65 -28.20
C7 LHG JJ . 37.68 -8.25 -26.85
O9 LHG JJ . 36.75 -7.72 -26.38
C8 LHG JJ . 38.93 -8.54 -25.99
C9 LHG JJ . 38.82 -7.92 -24.57
C10 LHG JJ . 39.19 -8.92 -23.46
O8 LHG JJ . 34.91 -10.54 -27.64
C23 LHG JJ . 34.70 -11.82 -27.12
O10 LHG JJ . 34.03 -12.61 -27.72
C24 LHG JJ . 35.32 -12.21 -25.75
C11 LHG JJ . 38.23 -10.14 -23.40
C12 LHG JJ . 37.14 -9.99 -22.28
C25 LHG JJ . 34.49 -13.25 -25.01
C26 LHG JJ . 34.88 -13.69 -23.79
C27 LHG JJ . 34.04 -14.76 -23.03
C28 LHG JJ . 34.92 -15.65 -22.11
C29 LHG JJ . 34.14 -16.85 -21.49
C30 LHG JJ . 33.56 -17.79 -22.58
C1A DGD KJ . -1.50 15.87 -12.70
C2A DGD KJ . -0.80 16.17 -11.41
C3A DGD KJ . -1.28 17.51 -10.88
C4A DGD KJ . -0.10 18.28 -10.32
C5A DGD KJ . -0.55 19.47 -9.52
C6A DGD KJ . 0.29 19.61 -8.25
C7A DGD KJ . 1.01 20.94 -8.22
C8A DGD KJ . 1.40 21.32 -6.80
C9A DGD KJ . 2.84 21.81 -6.76
CAA DGD KJ . 2.97 23.10 -5.97
O1A DGD KJ . -2.21 16.71 -13.21
C1B DGD KJ . 2.16 14.57 -14.61
C2B DGD KJ . 3.53 14.10 -14.99
C3B DGD KJ . 4.48 15.29 -14.96
C4B DGD KJ . 5.04 15.56 -13.57
C5B DGD KJ . 6.44 15.03 -13.42
C6B DGD KJ . 6.54 14.03 -12.26
C7B DGD KJ . 7.13 14.66 -11.01
C8B DGD KJ . 6.80 13.83 -9.78
C9B DGD KJ . 7.79 14.07 -8.64
CAB DGD KJ . 7.30 13.50 -7.33
CBB DGD KJ . 8.30 13.77 -6.21
CCB DGD KJ . 7.74 14.75 -5.19
CDB DGD KJ . 8.76 15.83 -4.85
CEB DGD KJ . 9.57 15.44 -3.62
CFB DGD KJ . 9.81 16.64 -2.72
CGB DGD KJ . 10.65 16.24 -1.51
CHB DGD KJ . 10.66 17.33 -0.45
O1B DGD KJ . 2.03 15.45 -13.80
O1G DGD KJ . -1.34 14.59 -13.35
C1G DGD KJ . -1.37 14.49 -14.76
C2G DGD KJ . -0.06 15.02 -15.28
O2G DGD KJ . 0.94 14.01 -15.19
C3G DGD KJ . -0.26 15.41 -16.71
O3G DGD KJ . -0.13 14.22 -17.47
C1D DGD KJ . -0.06 14.53 -18.85
C2D DGD KJ . 0.40 13.27 -19.63
O2D DGD KJ . 1.71 13.09 -19.27
C3D DGD KJ . 0.39 13.66 -21.12
O3D DGD KJ . 0.61 12.52 -21.87
C4D DGD KJ . -0.98 14.18 -21.58
O4D DGD KJ . -1.95 13.22 -21.38
C5D DGD KJ . -1.35 15.33 -20.65
O5D DGD KJ . -2.55 16.15 -22.38
C6D DGD KJ . -2.70 15.96 -20.99
O6D DGD KJ . -1.36 14.89 -19.29
C1E DGD KJ . -3.15 17.25 -22.97
C2E DGD KJ . -3.20 17.02 -24.54
O2E DGD KJ . -3.69 15.76 -24.74
C3E DGD KJ . -1.84 17.13 -25.18
O3E DGD KJ . -2.12 17.06 -26.53
C4E DGD KJ . -1.28 18.51 -24.84
O4E DGD KJ . -2.18 19.47 -25.23
C5E DGD KJ . -1.14 18.58 -23.31
O6E DGD KJ . -2.38 18.38 -22.65
C6E DGD KJ . -0.72 19.95 -22.84
O5E DGD KJ . 0.66 19.91 -22.89
C1 BCR LJ . 25.07 -13.39 0.21
C2 BCR LJ . 24.40 -12.60 -0.90
C3 BCR LJ . 24.77 -13.19 -2.25
C4 BCR LJ . 24.23 -14.60 -2.35
C5 BCR LJ . 24.58 -15.43 -1.15
C6 BCR LJ . 24.93 -14.88 0.02
C7 BCR LJ . 25.20 -15.72 1.22
C8 BCR LJ . 26.33 -16.42 1.37
C9 BCR LJ . 26.53 -17.22 2.58
C10 BCR LJ . 26.39 -18.55 2.55
C11 BCR LJ . 26.59 -19.33 3.78
C33 BCR LJ . 24.53 -16.93 -1.31
C31 BCR LJ . 24.45 -13.01 1.55
C32 BCR LJ . 26.56 -13.08 0.22
C34 BCR LJ . 26.90 -16.53 3.86
C12 BCR LJ . 26.60 -20.66 3.71
C13 BCR LJ . 26.78 -21.49 4.91
C14 BCR LJ . 26.51 -22.80 4.82
C15 BCR LJ . 26.63 -23.72 5.94
C16 BCR LJ . 26.43 -25.01 5.70
C17 BCR LJ . 26.48 -26.02 6.75
C18 BCR LJ . 26.37 -27.32 6.40
C19 BCR LJ . 26.38 -28.37 7.44
C20 BCR LJ . 26.03 -29.61 7.09
C21 BCR LJ . 25.98 -30.68 8.08
C22 BCR LJ . 25.72 -31.94 7.70
C23 BCR LJ . 25.65 -33.01 8.71
C24 BCR LJ . 25.78 -34.29 8.38
C25 BCR LJ . 25.69 -35.36 9.40
C26 BCR LJ . 24.48 -35.80 9.74
C27 BCR LJ . 24.20 -36.53 11.04
C28 BCR LJ . 25.46 -36.64 11.87
C29 BCR LJ . 26.66 -37.03 11.01
C30 BCR LJ . 26.96 -35.95 9.98
C35 BCR LJ . 27.27 -20.88 6.19
C36 BCR LJ . 26.22 -27.69 4.96
C37 BCR LJ . 25.47 -32.26 6.26
C38 BCR LJ . 23.33 -35.59 8.79
C39 BCR LJ . 27.77 -36.55 8.84
C40 BCR LJ . 27.78 -34.86 10.65
C1 BCR MJ . 22.78 -25.98 2.24
C2 BCR MJ . 23.57 -25.45 3.42
C3 BCR MJ . 22.95 -25.76 4.77
C4 BCR MJ . 21.52 -25.26 4.78
C5 BCR MJ . 20.78 -26.03 3.72
C6 BCR MJ . 21.30 -26.16 2.50
C7 BCR MJ . 20.40 -26.48 1.36
C8 BCR MJ . 19.52 -25.57 0.96
C9 BCR MJ . 18.60 -25.77 -0.16
C10 BCR MJ . 17.57 -24.93 -0.27
C11 BCR MJ . 16.56 -24.96 -1.33
C33 BCR MJ . 19.46 -26.67 4.09
C31 BCR MJ . 23.33 -27.34 1.80
C32 BCR MJ . 22.93 -24.98 1.11
C34 BCR MJ . 18.80 -26.88 -1.16
C12 BCR MJ . 15.63 -24.02 -1.24
C13 BCR MJ . 14.55 -23.85 -2.23
C14 BCR MJ . 13.84 -22.72 -2.16
C15 BCR MJ . 12.77 -22.36 -3.07
C16 BCR MJ . 12.29 -21.13 -2.94
C17 BCR MJ . 11.24 -20.60 -3.82
C18 BCR MJ . 10.77 -19.37 -3.60
C19 BCR MJ . 9.75 -18.80 -4.50
C20 BCR MJ . 9.62 -17.48 -4.54
C21 BCR MJ . 8.66 -16.85 -5.45
C22 BCR MJ . 8.66 -15.52 -5.60
C23 BCR MJ . 7.72 -14.87 -6.53
C24 BCR MJ . 8.29 -14.22 -7.56
C25 BCR MJ . 7.58 -13.48 -8.62
C26 BCR MJ . 6.82 -14.11 -9.55
C27 BCR MJ . 6.45 -13.42 -10.84
C28 BCR MJ . 6.27 -11.93 -10.61
C29 BCR MJ . 7.55 -11.38 -10.02
C30 BCR MJ . 7.82 -11.98 -8.65
C35 BCR MJ . 14.28 -24.89 -3.28
C36 BCR MJ . 11.29 -18.55 -2.45
C37 BCR MJ . 9.60 -14.67 -4.81
C38 BCR MJ . 6.31 -15.51 -9.37
C39 BCR MJ . 6.92 -11.33 -7.61
C40 BCR MJ . 9.28 -11.74 -8.30
MG CLA NJ . 14.41 -30.40 -2.56
CHA CLA NJ . 15.36 -33.15 -4.44
CHB CLA NJ . 16.93 -31.05 -0.35
CHC CLA NJ . 13.45 -27.64 -0.75
CHD CLA NJ . 11.80 -29.77 -4.86
NA CLA NJ . 15.88 -31.87 -2.43
C1A CLA NJ . 16.12 -32.93 -3.32
C2A CLA NJ . 17.31 -33.78 -2.86
C3A CLA NJ . 17.73 -33.13 -1.51
C4A CLA NJ . 16.79 -31.92 -1.41
CMA CLA NJ . 17.59 -34.07 -0.35
CAA CLA NJ . 18.45 -33.72 -3.85
CBA CLA NJ . 19.55 -34.70 -3.49
CGA CLA NJ . 18.98 -36.09 -3.46
O1A CLA NJ . 18.05 -36.55 -4.12
O2A CLA NJ . 19.61 -36.91 -2.57
NB CLA NJ . 15.02 -29.55 -0.83
C1B CLA NJ . 16.13 -29.90 -0.13
C2B CLA NJ . 16.40 -28.90 0.94
C3B CLA NJ . 15.42 -27.94 0.83
C4B CLA NJ . 14.54 -28.34 -0.30
CMB CLA NJ . 17.54 -29.02 1.85
CAB CLA NJ . 15.19 -26.73 1.58
CBB CLA NJ . 15.46 -26.54 2.89
NC CLA NJ . 12.90 -28.98 -2.77
C1C CLA NJ . 12.68 -27.94 -1.90
C2C CLA NJ . 11.54 -27.15 -2.34
C3C CLA NJ . 11.07 -27.74 -3.52
C4C CLA NJ . 11.93 -28.90 -3.78
CMC CLA NJ . 11.02 -25.97 -1.65
CAC CLA NJ . 9.93 -27.32 -4.34
CBC CLA NJ . 8.67 -28.10 -4.05
ND CLA NJ . 13.74 -31.18 -4.29
C1D CLA NJ . 12.63 -30.85 -5.12
C2D CLA NJ . 12.56 -31.81 -6.25
C3D CLA NJ . 13.59 -32.70 -6.04
C4D CLA NJ . 14.27 -32.28 -4.80
CMD CLA NJ . 11.58 -31.76 -7.32
CAD CLA NJ . 14.29 -33.88 -6.54
OBD CLA NJ . 14.11 -34.51 -7.58
CBD CLA NJ . 15.40 -34.23 -5.50
CGD CLA NJ . 15.16 -35.59 -4.90
O1D CLA NJ . 15.22 -35.91 -3.71
O2D CLA NJ . 14.84 -36.55 -5.81
CED CLA NJ . 15.08 -37.90 -5.46
C1 CLA NJ . 21.00 -37.19 -2.83
C2 CLA NJ . 21.10 -38.60 -3.27
C3 CLA NJ . 22.26 -39.18 -3.62
C4 CLA NJ . 23.54 -38.45 -3.60
C5 CLA NJ . 22.31 -40.60 -4.05
C6 CLA NJ . 22.64 -40.75 -5.52
C7 CLA NJ . 23.18 -42.14 -5.83
C8 CLA NJ . 24.70 -42.13 -6.01
C9 CLA NJ . 25.04 -41.93 -7.47
C10 CLA NJ . 25.32 -43.42 -5.49
C11 CLA NJ . 25.08 -43.58 -4.00
C12 CLA NJ . 26.14 -44.45 -3.36
C13 CLA NJ . 25.82 -44.83 -1.91
C14 CLA NJ . 24.39 -44.49 -1.53
C15 CLA NJ . 26.79 -44.20 -0.92
C16 CLA NJ . 28.19 -44.78 -1.07
C17 CLA NJ . 28.77 -45.20 0.26
C18 CLA NJ . 30.27 -45.42 0.18
C19 CLA NJ . 31.03 -44.46 1.08
C20 CLA NJ . 30.62 -46.85 0.51
MG CLA OJ . 39.91 -15.18 -4.54
CHA CLA OJ . 40.96 -18.49 -4.33
CHB CLA OJ . 37.80 -16.01 -7.07
CHC CLA OJ . 38.93 -11.89 -4.70
CHD CLA OJ . 42.07 -14.40 -1.85
NA CLA OJ . 39.46 -16.97 -5.51
C1A CLA OJ . 40.00 -18.24 -5.28
C2A CLA OJ . 39.37 -19.28 -6.21
C3A CLA OJ . 38.42 -18.45 -7.09
C4A CLA OJ . 38.54 -17.04 -6.52
CMA CLA OJ . 38.81 -18.50 -8.55
CAA CLA OJ . 38.57 -20.28 -5.41
CBA CLA OJ . 38.95 -21.71 -5.74
CGA CLA OJ . 38.74 -21.98 -7.19
O1A CLA OJ . 37.83 -21.60 -7.92
O2A CLA OJ . 39.73 -22.74 -7.74
NB CLA OJ . 38.58 -14.15 -5.63
C1B CLA OJ . 37.84 -14.66 -6.66
C2B CLA OJ . 37.08 -13.57 -7.33
C3B CLA OJ . 37.39 -12.40 -6.66
C4B CLA OJ . 38.36 -12.75 -5.59
CMB CLA OJ . 36.20 -13.79 -8.48
CAB CLA OJ . 36.95 -11.06 -6.92
CBB CLA OJ . 36.31 -10.27 -6.03
NC CLA OJ . 40.43 -13.46 -3.47
C1C CLA OJ . 39.90 -12.22 -3.70
C2C CLA OJ . 40.48 -11.25 -2.78
C3C CLA OJ . 41.36 -11.95 -1.95
C4C CLA OJ . 41.31 -13.34 -2.40
CMC CLA OJ . 40.17 -9.81 -2.75
CAC CLA OJ . 42.18 -11.42 -0.86
CBC CLA OJ . 43.65 -11.37 -1.20
ND CLA OJ . 41.26 -16.13 -3.36
C1D CLA OJ . 42.07 -15.69 -2.28
C2D CLA OJ . 42.87 -16.84 -1.78
C3D CLA OJ . 42.51 -17.93 -2.55
C4D CLA OJ . 41.48 -17.44 -3.50
CMD CLA OJ . 43.84 -16.75 -0.69
CAD CLA OJ . 42.70 -19.34 -2.81
OBD CLA OJ . 43.49 -20.13 -2.30
CBD CLA OJ . 41.68 -19.75 -3.92
CGD CLA OJ . 42.37 -20.38 -5.10
O1D CLA OJ . 42.53 -21.59 -5.33
O2D CLA OJ . 42.87 -19.48 -5.99
CED CLA OJ . 43.23 -19.95 -7.29
C1 CLA OJ . 39.77 -22.83 -9.18
C2 CLA OJ . 40.54 -21.65 -9.67
C3 CLA OJ . 41.15 -21.64 -10.85
C4 CLA OJ . 41.11 -22.80 -11.77
C5 CLA OJ . 41.92 -20.44 -11.31
C6 CLA OJ . 41.37 -19.85 -12.60
C7 CLA OJ . 39.94 -19.39 -12.42
C1 BCR PJ . 18.79 -24.81 -15.47
C2 BCR PJ . 18.29 -25.94 -14.56
C3 BCR PJ . 19.42 -26.41 -13.65
C4 BCR PJ . 20.48 -27.07 -14.50
C5 BCR PJ . 20.90 -26.15 -15.62
C6 BCR PJ . 20.20 -25.05 -15.94
C7 BCR PJ . 20.82 -24.01 -16.80
C8 BCR PJ . 21.78 -23.21 -16.33
C9 BCR PJ . 22.37 -22.19 -17.21
C10 BCR PJ . 23.27 -21.32 -16.72
C11 BCR PJ . 23.86 -20.31 -17.59
C33 BCR PJ . 22.12 -26.52 -16.41
C31 BCR PJ . 18.74 -23.50 -14.69
C32 BCR PJ . 17.89 -24.71 -16.69
C34 BCR PJ . 21.98 -22.12 -18.66
C12 BCR PJ . 24.87 -19.56 -17.13
C13 BCR PJ . 25.47 -18.54 -18.01
C14 BCR PJ . 26.45 -17.74 -17.54
C15 BCR PJ . 26.91 -17.91 -16.17
C16 BCR PJ . 27.82 -17.10 -15.65
C17 BCR PJ . 28.27 -17.33 -14.29
C18 BCR PJ . 29.23 -16.59 -13.72
C19 BCR PJ . 29.65 -16.91 -12.34
C20 BCR PJ . 30.57 -16.21 -11.70
C21 BCR PJ . 30.91 -16.65 -10.36
C22 BCR PJ . 31.92 -16.09 -9.67
C23 BCR PJ . 32.22 -16.61 -8.33
C24 BCR PJ . 33.36 -16.27 -7.72
C25 BCR PJ . 33.71 -16.77 -6.38
C26 BCR PJ . 34.27 -17.99 -6.26
C27 BCR PJ . 34.58 -18.61 -4.92
C28 BCR PJ . 33.71 -17.99 -3.85
C29 BCR PJ . 33.91 -16.48 -3.87
C30 BCR PJ . 33.46 -15.87 -5.19
C35 BCR PJ . 24.98 -18.38 -19.42
C36 BCR PJ . 29.90 -15.48 -14.47
C37 BCR PJ . 32.74 -14.99 -10.27
C38 BCR PJ . 34.65 -18.75 -7.49
C39 BCR PJ . 34.25 -14.58 -5.42
C40 BCR PJ . 31.97 -15.53 -5.11
C1 BCR QJ . 44.86 2.33 -23.74
C2 BCR QJ . 46.04 3.30 -23.87
C3 BCR QJ . 45.78 4.62 -24.60
C4 BCR QJ . 44.36 5.11 -24.36
C5 BCR QJ . 43.48 4.03 -24.92
C6 BCR QJ . 43.60 2.79 -24.44
C7 BCR QJ . 42.48 1.84 -24.56
C8 BCR QJ . 41.36 2.06 -23.87
C9 BCR QJ . 40.20 1.16 -23.95
C10 BCR QJ . 39.05 1.62 -23.45
C11 BCR QJ . 37.80 0.87 -23.44
C33 BCR QJ . 42.52 4.36 -26.03
C31 BCR QJ . 44.52 2.13 -22.27
C32 BCR QJ . 45.25 0.99 -24.35
C34 BCR QJ . 40.30 -0.20 -24.56
C12 BCR QJ . 36.70 1.59 -23.28
C13 BCR QJ . 35.35 1.03 -23.24
C14 BCR QJ . 34.33 1.89 -23.10
C15 BCR QJ . 32.95 1.44 -23.04
C16 BCR QJ . 31.98 2.35 -22.98
C17 BCR QJ . 30.60 1.91 -22.90
C18 BCR QJ . 29.59 2.79 -22.86
C19 BCR QJ . 28.22 2.26 -22.76
C20 BCR QJ . 27.16 3.02 -22.51
C21 BCR QJ . 25.89 2.33 -22.44
C22 BCR QJ . 24.80 2.87 -21.90
C23 BCR QJ . 23.57 2.06 -21.87
C24 BCR QJ . 22.51 2.45 -21.17
C25 BCR QJ . 21.28 1.64 -21.11
C26 BCR QJ . 20.43 1.58 -22.16
C27 BCR QJ . 19.18 0.74 -22.13
C28 BCR QJ . 19.29 -0.36 -21.09
C29 BCR QJ . 19.65 0.27 -19.76
C30 BCR QJ . 21.04 0.89 -19.82
C35 BCR QJ . 35.11 -0.44 -23.38
C36 BCR QJ . 29.84 4.27 -22.89
C37 BCR QJ . 24.82 4.26 -21.34
C38 BCR QJ . 20.69 2.37 -23.40
C39 BCR QJ . 22.08 -0.20 -19.67
C40 BCR QJ . 21.18 1.89 -18.68
C1 BCR RJ . 48.32 33.27 -20.31
C2 BCR RJ . 48.30 34.66 -19.69
C3 BCR RJ . 49.06 34.69 -18.37
C4 BCR RJ . 50.53 34.38 -18.59
C5 BCR RJ . 50.71 33.27 -19.60
C6 BCR RJ . 49.67 32.61 -20.12
C7 BCR RJ . 49.84 31.21 -20.57
C8 BCR RJ . 50.04 30.24 -19.68
C9 BCR RJ . 50.19 28.84 -20.13
C10 BCR RJ . 50.42 27.91 -19.20
C11 BCR RJ . 50.59 26.50 -19.54
C33 BCR RJ . 52.11 32.92 -20.03
C31 BCR RJ . 48.03 33.34 -21.80
C32 BCR RJ . 47.26 32.41 -19.62
C34 BCR RJ . 50.09 28.49 -21.58
C12 BCR RJ . 50.66 25.66 -18.51
C13 BCR RJ . 50.82 24.21 -18.65
C14 BCR RJ . 51.08 23.51 -17.54
C15 BCR RJ . 51.25 22.07 -17.54
C16 BCR RJ . 51.71 21.51 -16.42
C17 BCR RJ . 51.89 20.07 -16.35
C18 BCR RJ . 52.54 19.53 -15.30
C19 BCR RJ . 52.69 18.06 -15.27
C20 BCR RJ . 53.30 17.44 -14.27
C21 BCR RJ . 53.35 16.00 -14.38
C22 BCR RJ . 54.01 15.22 -13.52
C23 BCR RJ . 53.97 13.78 -13.78
C24 BCR RJ . 54.45 12.89 -12.93
C25 BCR RJ . 54.38 11.46 -13.25
C26 BCR RJ . 55.26 10.92 -14.11
C27 BCR RJ . 55.14 9.50 -14.61
C28 BCR RJ . 53.72 9.02 -14.42
C29 BCR RJ . 53.30 9.19 -12.97
C30 BCR RJ . 53.29 10.65 -12.57
C35 BCR RJ . 50.67 23.53 -19.99
C36 BCR RJ . 53.09 20.37 -14.20
C37 BCR RJ . 54.77 15.79 -12.36
C38 BCR RJ . 56.45 11.72 -14.57
C39 BCR RJ . 53.51 10.76 -11.07
C40 BCR RJ . 51.91 11.22 -12.90
C8 A1L1F SJ . 58.43 -3.35 -38.39
C5 A1L1F SJ . 54.61 -3.66 -37.96
C4 A1L1F SJ . 58.64 -4.56 -37.50
C6 A1L1F SJ . 56.06 -4.10 -37.89
C10 A1L1F SJ . 58.14 -5.59 -35.27
C11 A1L1F SJ . 57.95 -4.38 -36.17
C2 A1L1F SJ . 54.81 -4.09 -34.61
C3 A1L1F SJ . 56.94 -3.09 -38.60
C1 A1L1F SJ . 56.48 -4.18 -36.46
C12 A1L1F SJ . 56.22 -5.48 -38.51
C14 A1L1F SJ . 49.64 5.16 -18.98
C17 A1L1F SJ . 48.21 7.67 -19.15
C18 A1L1F SJ . 51.48 5.15 -16.79
C19 A1L1F SJ . 52.72 6.04 -18.74
C20 A1L1F SJ . 49.71 7.82 -18.94
C21 A1L1F SJ . 50.21 8.93 -18.02
C22 A1L1F SJ . 51.70 8.78 -17.89
C23 A1L1F SJ . 51.93 7.58 -16.99
C24 A1L1F SJ . 51.60 6.32 -17.75
C25 A1L1F SJ . 50.28 6.45 -18.53
C26 A1L1F SJ . 48.05 2.86 -20.32
C27 A1L1F SJ . 49.00 -0.11 -24.77
C28 A1L1F SJ . 53.79 0.16 -29.74
C29 A1L1F SJ . 49.69 4.90 -20.28
C30 A1L1F SJ . 49.14 3.70 -20.92
C31 A1L1F SJ . 49.68 3.39 -22.10
C32 A1L1F SJ . 49.32 2.25 -22.91
C33 A1L1F SJ . 50.17 2.02 -23.90
C34 A1L1F SJ . 50.06 0.93 -24.87
C35 A1L1F SJ . 50.97 0.90 -25.85
C36 A1L1F SJ . 50.97 -0.13 -26.86
C37 A1L1F SJ . 52.06 -0.25 -27.60
C38 A1L1F SJ . 52.15 -1.27 -28.62
C39 A1L1F SJ . 52.96 -1.08 -29.66
C40 A1L1F SJ . 53.06 -2.10 -30.69
C41 A1L1F SJ . 54.15 -2.19 -31.44
C42 A1L1F SJ . 54.21 -3.23 -32.45
C43 A1L1F SJ . 55.38 -1.67 -33.95
C44 A1L1F SJ . 54.78 -3.00 -33.63
C45 A1L1F SJ . 49.16 1.74 -18.37
C47 A1L1F SJ . 49.31 1.57 -16.89
C48 A1L1F SJ . 49.94 0.21 -16.61
C49 A1L1F SJ . 48.92 -0.90 -16.79
C50 A1L1F SJ . 48.86 -1.81 -15.57
C51 A1L1F SJ . 47.81 -1.32 -14.58
C52 A1L1F SJ . 47.69 -2.26 -13.39
C53 A1L1F SJ . 46.58 -1.82 -12.47
C54 A1L1F SJ . 59.00 -2.48 -40.55
C56 A1L1F SJ . 59.55 -1.16 -40.11
C57 A1L1F SJ . 55.65 -4.12 -35.53
O13 A1L1F SJ . 48.22 2.71 -18.91
O15 A1L1F SJ . 50.65 7.10 -19.74
O16 A1L1F SJ . 52.26 9.95 -17.29
O46 A1L1F SJ . 49.83 1.09 -19.15
O55 A1L1F SJ . 58.50 -2.64 -41.64
O7 A1L1F SJ . 59.06 -3.61 -39.64
O9 A1L1F SJ . 58.47 -3.22 -35.53
MG CLA TJ . 58.09 -2.48 -15.58
CHA CLA TJ . 55.57 -1.22 -13.57
CHB CLA TJ . 56.08 -2.11 -18.31
CHC CLA TJ . 60.65 -3.64 -17.55
CHD CLA TJ . 60.16 -2.76 -12.72
NA CLA TJ . 56.14 -1.78 -15.87
C1A CLA TJ . 55.26 -1.29 -14.90
C2A CLA TJ . 53.92 -0.88 -15.53
C3A CLA TJ . 54.10 -1.25 -17.02
C4A CLA TJ . 55.54 -1.75 -17.10
CMA CLA TJ . 53.11 -2.33 -17.44
CAA CLA TJ . 53.71 0.62 -15.39
CBA CLA TJ . 54.92 1.39 -15.88
CGA CLA TJ . 54.58 2.10 -17.16
O1A CLA TJ . 53.96 3.15 -17.31
O2A CLA TJ . 55.07 1.46 -18.26
NB CLA TJ . 58.31 -2.83 -17.55
C1B CLA TJ . 57.38 -2.58 -18.51
C2B CLA TJ . 57.95 -2.91 -19.86
C3B CLA TJ . 59.24 -3.35 -19.65
C4B CLA TJ . 59.49 -3.31 -18.18
CMB CLA TJ . 57.18 -2.75 -21.10
CAB CLA TJ . 60.24 -3.79 -20.59
CBB CLA TJ . 60.03 -4.63 -21.61
NC CLA TJ . 60.04 -3.11 -15.19
C1C CLA TJ . 60.91 -3.56 -16.15
C2C CLA TJ . 62.17 -3.93 -15.54
C3C CLA TJ . 62.06 -3.65 -14.18
C4C CLA TJ . 60.71 -3.13 -13.97
CMC CLA TJ . 63.31 -4.46 -16.29
CAC CLA TJ . 63.10 -3.84 -13.14
CBC CLA TJ . 62.77 -4.91 -12.13
ND CLA TJ . 57.96 -2.12 -13.60
C1D CLA TJ . 58.88 -2.29 -12.53
C2D CLA TJ . 58.22 -1.90 -11.26
C3D CLA TJ . 56.95 -1.49 -11.60
C4D CLA TJ . 56.84 -1.65 -13.06
CMD CLA TJ . 58.85 -1.96 -9.94
CAD CLA TJ . 55.67 -0.99 -11.13
OBD CLA TJ . 55.30 -0.77 -9.97
CBD CLA TJ . 54.76 -0.79 -12.37
CGD CLA TJ . 53.53 -1.65 -12.32
O1D CLA TJ . 53.49 -2.87 -12.22
O2D CLA TJ . 52.36 -0.96 -12.38
CED CLA TJ . 51.30 -1.58 -13.11
C1 CLA TJ . 54.68 2.00 -19.54
C2 CLA TJ . 53.35 1.43 -19.87
C3 CLA TJ . 53.17 0.49 -20.82
C4 CLA TJ . 54.32 -0.06 -21.60
C5 CLA TJ . 51.83 -0.07 -21.13
C6 CLA TJ . 51.87 -1.56 -21.39
C7 CLA TJ . 50.57 -2.22 -20.95
C8 CLA TJ . 50.83 -3.45 -20.10
C9 CLA TJ . 51.79 -4.40 -20.80
C10 CLA TJ . 49.52 -4.17 -19.77
C1 BCR UJ . 10.59 33.18 -0.53
C2 BCR UJ . 11.73 34.17 -0.60
C3 BCR UJ . 11.35 35.43 0.15
C4 BCR UJ . 10.23 36.14 -0.60
C5 BCR UJ . 9.20 35.16 -1.13
C6 BCR UJ . 9.27 33.84 -0.88
C7 BCR UJ . 8.11 32.94 -0.94
C8 BCR UJ . 7.03 33.12 -0.17
C9 BCR UJ . 5.88 32.19 -0.27
C10 BCR UJ . 4.85 32.37 0.56
C11 BCR UJ . 3.68 31.49 0.55
C33 BCR UJ . 8.09 35.71 -1.96
C31 BCR UJ . 10.49 32.63 0.89
C32 BCR UJ . 10.80 32.03 -1.50
C34 BCR UJ . 5.89 31.07 -1.26
C12 BCR UJ . 2.74 31.75 1.46
C13 BCR UJ . 1.52 30.94 1.61
C14 BCR UJ . 0.66 31.28 2.59
C15 BCR UJ . -0.56 30.53 2.83
C16 BCR UJ . -1.39 30.97 3.79
C17 BCR UJ . -2.62 30.23 4.08
C18 BCR UJ . -3.43 30.63 5.07
C19 BCR UJ . -4.63 29.85 5.38
C20 BCR UJ . -5.18 29.97 6.59
C21 BCR UJ . -6.36 29.21 6.97
C22 BCR UJ . -6.81 29.30 8.23
C23 BCR UJ . -7.98 28.54 8.70
C24 BCR UJ . -7.72 27.40 9.34
C25 BCR UJ . -8.69 26.46 9.94
C26 BCR UJ . -9.79 25.98 9.29
C27 BCR UJ . -10.71 25.01 9.98
C28 BCR UJ . -9.87 24.09 10.84
C29 BCR UJ . -9.23 24.94 11.93
C30 BCR UJ . -8.35 26.05 11.36
C35 BCR UJ . 1.23 29.79 0.69
C36 BCR UJ . -3.09 31.86 5.88
C37 BCR UJ . -6.11 30.19 9.19
C38 BCR UJ . -10.13 26.34 7.88
C39 BCR UJ . -6.91 25.55 11.35
C40 BCR UJ . -8.46 27.28 12.25
C1 XAT VJ . -4.24 -29.23 0.70
C2 XAT VJ . -5.33 -29.34 -0.36
C3 XAT VJ . -6.17 -30.57 -0.11
C4 XAT VJ . -7.03 -30.23 1.08
C5 XAT VJ . -6.17 -30.05 2.33
C6 XAT VJ . -4.72 -29.60 2.13
C7 XAT VJ . -4.24 -28.74 3.28
C8 XAT VJ . -3.13 -29.19 3.86
C9 XAT VJ . -2.46 -28.61 5.03
C10 XAT VJ . -1.14 -28.78 5.15
C11 XAT VJ . -0.44 -28.29 6.33
C12 XAT VJ . 0.63 -29.01 6.62
C13 XAT VJ . 1.49 -28.81 7.81
C14 XAT VJ . 2.61 -29.53 7.88
C15 XAT VJ . 3.47 -29.48 9.05
C16 XAT VJ . -3.64 -27.83 0.69
C17 XAT VJ . -3.12 -30.19 0.34
C18 XAT VJ . -6.76 -29.49 3.63
C19 XAT VJ . -3.24 -27.90 6.09
C20 XAT VJ . 1.09 -27.88 8.90
O3 XAT VJ . -6.99 -30.84 -1.26
O4 XAT VJ . -5.07 -30.95 2.44
C21 XAT VJ . 12.28 -32.66 17.38
C22 XAT VJ . 13.02 -33.03 18.67
C23 XAT VJ . 12.07 -33.56 19.72
C24 XAT VJ . 11.61 -34.90 19.21
C25 XAT VJ . 10.74 -34.73 17.97
C26 XAT VJ . 11.03 -33.52 17.08
C27 XAT VJ . 10.71 -33.75 15.62
C28 XAT VJ . 9.99 -32.81 15.03
C29 XAT VJ . 9.53 -32.87 13.64
C30 XAT VJ . 8.62 -31.97 13.28
C31 XAT VJ . 8.02 -31.92 11.96
C32 XAT VJ . 7.18 -30.93 11.69
C33 XAT VJ . 6.50 -30.90 10.39
C34 XAT VJ . 5.39 -30.16 10.28
C35 XAT VJ . 4.61 -30.16 9.06
C36 XAT VJ . 13.24 -32.75 16.20
C37 XAT VJ . 11.86 -31.20 17.48
C38 XAT VJ . 10.25 -35.92 17.13
C39 XAT VJ . 10.08 -33.88 12.68
C40 XAT VJ . 7.01 -31.72 9.24
O23 XAT VJ . 12.76 -33.71 20.96
O24 XAT VJ . 9.92 -33.56 17.98
MG CLA WJ . 19.64 -20.65 8.58
CHA CLA WJ . 20.88 -22.84 10.96
CHB CLA WJ . 22.31 -21.31 6.59
CHC CLA WJ . 18.27 -18.61 6.18
CHD CLA WJ . 16.86 -20.03 10.70
NA CLA WJ . 21.32 -21.87 8.78
C1A CLA WJ . 21.64 -22.73 9.83
C2A CLA WJ . 22.95 -23.46 9.57
C3A CLA WJ . 23.42 -22.89 8.21
C4A CLA WJ . 22.27 -21.97 7.80
CMA CLA WJ . 24.72 -22.15 8.36
CAA CLA WJ . 22.77 -24.97 9.53
CBA CLA WJ . 22.18 -25.44 8.21
CGA CLA WJ . 21.77 -26.88 8.32
O1A CLA WJ . 20.81 -27.36 8.93
O2A CLA WJ . 22.60 -27.73 7.64
NB CLA WJ . 20.15 -20.12 6.71
C1B CLA WJ . 21.33 -20.42 6.11
C2B CLA WJ . 21.48 -19.64 4.85
C3B CLA WJ . 20.34 -18.88 4.73
C4B CLA WJ . 19.48 -19.18 5.91
CMB CLA WJ . 22.64 -19.73 3.97
CAB CLA WJ . 19.96 -17.94 3.70
CBB CLA WJ . 18.90 -18.06 2.91
NC CLA WJ . 17.89 -19.51 8.47
C1C CLA WJ . 17.52 -18.77 7.39
C2C CLA WJ . 16.22 -18.14 7.64
C3C CLA WJ . 15.83 -18.53 8.92
C4C CLA WJ . 16.88 -19.40 9.44
CMC CLA WJ . 15.51 -17.27 6.69
CAC CLA WJ . 14.59 -18.17 9.63
CBC CLA WJ . 13.55 -19.26 9.54
ND CLA WJ . 19.03 -21.15 10.45
C1D CLA WJ . 17.85 -20.84 11.18
C2D CLA WJ . 17.91 -21.55 12.49
C3D CLA WJ . 19.05 -22.31 12.47
C4D CLA WJ . 19.69 -22.06 11.16
CMD CLA WJ . 16.91 -21.41 13.55
CAD CLA WJ . 19.90 -23.24 13.20
OBD CLA WJ . 19.80 -23.65 14.36
CBD CLA WJ . 21.04 -23.67 12.22
CGD CLA WJ . 22.42 -23.51 12.80
O1D CLA WJ . 23.07 -24.36 13.42
O2D CLA WJ . 22.99 -22.29 12.58
CED CLA WJ . 24.41 -22.21 12.67
C1 CLA WJ . 22.36 -29.14 7.79
C2 CLA WJ . 21.37 -29.55 6.77
C3 CLA WJ . 21.66 -29.70 5.48
C4 CLA WJ . 23.02 -29.46 4.95
C5 CLA WJ . 20.60 -30.11 4.50
C6 CLA WJ . 21.13 -30.77 3.25
C7 CLA WJ . 21.37 -32.26 3.47
C8 CLA WJ . 21.02 -33.08 2.23
C9 CLA WJ . 19.95 -34.09 2.57
C10 CLA WJ . 22.26 -33.77 1.66
C11 CLA WJ . 21.88 -34.87 0.69
C12 CLA WJ . 22.77 -34.87 -0.54
C13 CLA WJ . 24.11 -35.55 -0.28
MG CLA XJ . 11.15 -38.86 12.35
CHA CLA XJ . 12.68 -40.92 14.70
CHB CLA XJ . 13.58 -39.63 10.09
CHC CLA XJ . 9.57 -36.87 10.05
CHD CLA XJ . 8.67 -38.04 14.75
NA CLA XJ . 12.85 -40.07 12.42
C1A CLA XJ . 13.32 -40.86 13.48
C2A CLA XJ . 14.60 -41.59 13.10
C3A CLA XJ . 14.91 -41.07 11.67
C4A CLA XJ . 13.70 -40.19 11.35
CMA CLA XJ . 16.20 -40.30 11.61
CAA CLA XJ . 14.40 -43.09 13.08
CBA CLA XJ . 13.11 -43.48 12.38
NB CLA XJ . 11.52 -38.32 10.44
C1B CLA XJ . 12.53 -38.80 9.66
C2B CLA XJ . 12.36 -38.31 8.27
C3B CLA XJ . 11.23 -37.54 8.25
C4B CLA XJ . 10.68 -37.52 9.63
CMB CLA XJ . 13.29 -38.65 7.19
CAB CLA XJ . 10.62 -36.81 7.16
CBB CLA XJ . 9.35 -36.94 6.76
NC CLA XJ . 9.44 -37.67 12.41
C1C CLA XJ . 8.98 -36.94 11.36
C2C CLA XJ . 7.77 -36.22 11.73
C3C CLA XJ . 7.50 -36.55 13.06
C4C CLA XJ . 8.56 -37.46 13.47
CMC CLA XJ . 7.00 -35.34 10.84
CAC CLA XJ . 6.38 -36.08 13.89
CBC CLA XJ . 6.60 -34.69 14.45
ND CLA XJ . 10.71 -39.33 14.27
C1D CLA XJ . 9.67 -38.92 15.14
C2D CLA XJ . 9.85 -39.59 16.45
C3D CLA XJ . 10.97 -40.38 16.33
C4D CLA XJ . 11.49 -40.17 14.96
CMD CLA XJ . 8.95 -39.41 17.59
CAD CLA XJ . 11.86 -41.31 17.00
OBD CLA XJ . 11.79 -41.77 18.13
CBD CLA XJ . 12.99 -41.68 15.98
CGD CLA XJ . 14.37 -41.41 16.51
O1D CLA XJ . 15.44 -41.45 15.90
O2D CLA XJ . 14.42 -41.09 17.84
CED CLA XJ . 15.29 -41.87 18.67
C1 BCR YJ . -7.15 -24.83 12.96
C2 BCR YJ . -8.46 -25.54 12.60
C3 BCR YJ . -8.44 -26.96 13.14
C4 BCR YJ . -7.35 -27.74 12.43
C5 BCR YJ . -6.03 -27.04 12.57
C6 BCR YJ . -5.94 -25.70 12.65
C7 BCR YJ . -4.64 -25.00 12.48
C8 BCR YJ . -3.73 -24.93 13.44
C9 BCR YJ . -2.46 -24.21 13.20
C10 BCR YJ . -1.45 -24.86 12.61
C11 BCR YJ . -0.19 -24.18 12.37
C33 BCR YJ . -4.80 -27.91 12.59
C31 BCR YJ . -7.14 -24.48 14.44
C32 BCR YJ . -7.03 -23.56 12.13
C34 BCR YJ . -2.29 -22.79 13.60
C12 BCR YJ . 0.82 -24.88 11.86
C13 BCR YJ . 2.12 -24.27 11.58
C14 BCR YJ . 3.12 -25.05 11.17
C15 BCR YJ . 4.43 -24.49 10.86
C16 BCR YJ . 5.45 -25.32 10.64
C17 BCR YJ . 6.75 -24.74 10.31
C18 BCR YJ . 7.78 -25.52 10.00
C19 BCR YJ . 9.05 -24.87 9.65
C20 BCR YJ . 10.07 -25.55 9.14
C21 BCR YJ . 11.27 -24.80 8.81
C22 BCR YJ . 12.34 -25.39 8.27
C23 BCR YJ . 13.51 -24.54 7.96
C24 BCR YJ . 14.62 -25.07 7.45
C25 BCR YJ . 15.77 -24.19 7.13
C26 BCR YJ . 15.60 -23.18 6.27
C27 BCR YJ . 16.41 -21.93 6.45
C28 BCR YJ . 17.84 -22.40 6.44
C29 BCR YJ . 18.10 -23.31 7.63
C30 BCR YJ . 17.11 -24.46 7.76
C35 BCR YJ . 2.32 -22.80 11.74
C36 BCR YJ . 7.66 -27.02 9.98
C37 BCR YJ . 12.36 -26.86 8.00
C38 BCR YJ . 14.67 -23.28 5.09
C39 BCR YJ . 16.87 -24.74 9.25
C40 BCR YJ . 17.75 -25.68 7.12
C1 LMG ZJ . -1.91 -42.16 -10.24
O1 LMG ZJ . -0.98 -43.19 -9.89
C2 LMG ZJ . -1.26 -41.31 -11.33
O2 LMG ZJ . -0.10 -40.63 -10.82
C3 LMG ZJ . -2.24 -40.27 -11.81
O3 LMG ZJ . -1.67 -39.50 -12.88
C4 LMG ZJ . -3.51 -40.96 -12.29
O4 LMG ZJ . -3.21 -41.79 -13.42
C5 LMG ZJ . -4.08 -41.83 -11.17
O5 LMG ZJ . -5.85 -42.07 -12.82
C6 LMG ZJ . -5.33 -42.59 -11.60
O6 LMG ZJ . -3.09 -42.76 -10.76
C7 LMG ZJ . -1.26 -43.75 -8.62
C8 LMG ZJ . -0.38 -43.04 -7.61
C9 LMG ZJ . 1.00 -42.92 -8.22
O7 LMG ZJ . -0.92 -41.74 -7.38
C10 LMG ZJ . -0.51 -41.20 -6.10
O9 LMG ZJ . -0.68 -40.03 -5.87
C11 LMG ZJ . 0.11 -42.12 -5.07
C12 LMG ZJ . 0.51 -41.27 -3.87
C13 LMG ZJ . 1.80 -40.52 -4.15
C14 LMG ZJ . 1.87 -39.27 -3.31
C15 LMG ZJ . 0.67 -39.12 -2.40
C16 LMG ZJ . 1.11 -38.63 -1.03
C17 LMG ZJ . -0.07 -38.13 -0.22
C18 LMG ZJ . 0.24 -38.16 1.27
O8 LMG ZJ . 1.71 -44.12 -7.96
C28 LMG ZJ . 2.99 -44.05 -7.28
O10 LMG ZJ . 3.99 -43.80 -7.94
C29 LMG ZJ . 3.08 -44.27 -5.80
C30 LMG ZJ . 4.23 -43.47 -5.24
C31 LMG ZJ . 5.40 -44.36 -4.88
C1 BCR AK . -24.86 26.25 4.84
C2 BCR AK . -25.73 27.20 4.03
C3 BCR AK . -25.71 28.59 4.65
C4 BCR AK . -26.38 28.54 6.01
C5 BCR AK . -25.76 27.45 6.86
C6 BCR AK . -25.05 26.44 6.34
C7 BCR AK . -24.44 25.44 7.24
C8 BCR AK . -23.24 25.62 7.80
C9 BCR AK . -22.73 24.56 8.69
C10 BCR AK . -21.45 24.56 9.10
C11 BCR AK . -20.52 25.61 8.68
C33 BCR AK . -25.99 27.52 8.34
C31 BCR AK . -23.40 26.49 4.49
C32 BCR AK . -25.25 24.81 4.50
C34 BCR AK . -23.64 23.47 9.15
C12 BCR AK . -19.32 25.64 9.26
C13 BCR AK . -18.32 26.66 8.91
C14 BCR AK . -17.31 26.88 9.76
C15 BCR AK . -16.29 27.88 9.46
C16 BCR AK . -15.14 27.86 10.13
C17 BCR AK . -14.15 28.88 9.84
C18 BCR AK . -13.02 29.00 10.57
C19 BCR AK . -12.08 30.07 10.20
C20 BCR AK . -11.02 30.37 10.93
C21 BCR AK . -10.20 31.47 10.43
C22 BCR AK . -9.11 31.93 11.06
C23 BCR AK . -8.40 33.06 10.43
C24 BCR AK . -7.55 33.83 11.12
C25 BCR AK . -6.86 34.97 10.49
C26 BCR AK . -7.55 36.09 10.23
C27 BCR AK . -6.98 37.19 9.38
C28 BCR AK . -5.90 36.63 8.50
C29 BCR AK . -4.82 35.99 9.35
C30 BCR AK . -5.38 34.84 10.18
C35 BCR AK . -18.42 27.43 7.62
C36 BCR AK . -12.74 28.08 11.72
C37 BCR AK . -8.64 31.33 12.35
C38 BCR AK . -8.91 36.31 10.84
C39 BCR AK . -4.66 34.81 11.52
C40 BCR AK . -5.11 33.54 9.44
MG CLA BK . -32.31 38.83 11.77
CHA CLA BK . -34.02 41.73 10.95
CHB CLA BK . -29.77 40.70 13.08
CHC CLA BK . -30.73 35.92 12.72
CHD CLA BK . -34.94 36.93 10.37
NA CLA BK . -31.96 40.88 11.96
C1A CLA BK . -32.81 41.94 11.56
C2A CLA BK . -32.18 43.28 11.88
C3A CLA BK . -30.77 42.92 12.40
C4A CLA BK . -30.83 41.39 12.51
CMA CLA BK . -29.70 43.38 11.45
CAA CLA BK . -32.98 44.01 12.95
CBA CLA BK . -33.24 43.14 14.16
NB CLA BK . -30.57 38.39 12.69
C1B CLA BK . -29.69 39.29 13.20
C2B CLA BK . -28.59 38.59 13.91
C3B CLA BK . -28.86 37.24 13.82
C4B CLA BK . -30.12 37.10 13.04
CMB CLA BK . -27.50 39.30 14.57
CAB CLA BK . -28.13 36.09 14.32
CBB CLA BK . -26.81 35.95 14.34
NC CLA BK . -32.76 36.79 11.56
C1C CLA BK . -31.96 35.78 12.02
C2C CLA BK . -32.57 34.49 11.71
C3C CLA BK . -33.78 34.77 11.05
C4C CLA BK . -33.88 36.23 10.96
CMC CLA BK . -32.01 33.19 12.05
CAC CLA BK . -34.75 33.80 10.53
CBC CLA BK . -35.97 33.69 11.43
ND CLA BK . -34.08 39.17 10.87
C1D CLA BK . -35.06 38.31 10.32
C2D CLA BK . -36.15 39.12 9.74
C3D CLA BK . -35.82 40.44 9.96
C4D CLA BK . -34.51 40.41 10.66
CMD CLA BK . -37.34 38.57 9.09
CAD CLA BK . -36.19 41.83 9.80
OBD CLA BK . -37.20 42.30 9.29
CBD CLA BK . -35.04 42.69 10.39
CGD CLA BK . -34.44 43.60 9.35
O1D CLA BK . -34.33 43.38 8.15
O2D CLA BK . -33.97 44.78 9.84
CED CLA BK . -33.09 45.53 9.00
MG CLA CK . -25.00 31.59 6.97
CHA CLA CK . -28.08 33.17 6.87
CHB CLA CK . -25.31 31.17 10.33
CHC CLA CK . -22.01 29.90 6.97
CHD CLA CK . -24.73 32.03 3.47
NA CLA CK . -26.47 32.11 8.35
C1A CLA CK . -27.69 32.74 8.11
C2A CLA CK . -28.49 32.89 9.40
C3A CLA CK . -27.52 32.38 10.50
C4A CLA CK . -26.34 31.82 9.69
CMA CLA CK . -27.11 33.47 11.45
CAA CLA CK . -29.68 31.96 9.32
CBA CLA CK . -29.22 30.52 9.19
CGA CLA CK . -30.27 29.60 8.64
O1A CLA CK . -31.47 29.56 8.93
O2A CLA CK . -29.78 28.71 7.72
NB CLA CK . -23.88 30.70 8.38
C1B CLA CK . -24.17 30.64 9.70
C2B CLA CK . -23.08 29.95 10.43
C3B CLA CK . -22.14 29.59 9.50
C4B CLA CK . -22.64 30.05 8.17
CMB CLA CK . -23.11 29.74 11.88
CAB CLA CK . -20.89 28.88 9.66
CBB CLA CK . -19.98 29.13 10.61
NC CLA CK . -23.62 31.07 5.49
C1C CLA CK . -22.47 30.38 5.72
C2C CLA CK . -21.76 30.17 4.46
C3C CLA CK . -22.53 30.78 3.47
C4C CLA CK . -23.69 31.34 4.12
CMC CLA CK . -20.50 29.45 4.34
CAC CLA CK . -22.25 30.82 2.02
CBC CLA CK . -23.19 29.93 1.25
ND CLA CK . -26.07 32.43 5.48
C1D CLA CK . -25.84 32.56 4.08
C2D CLA CK . -26.97 33.29 3.46
C3D CLA CK . -27.86 33.56 4.49
C4D CLA CK . -27.26 32.99 5.72
CMD CLA CK . -27.07 33.63 2.05
CAD CLA CK . -29.12 34.17 4.87
OBD CLA CK . -29.92 34.79 4.18
CBD CLA CK . -29.30 33.93 6.40
CGD CLA CK . -29.43 35.22 7.15
O1D CLA CK . -28.78 36.26 6.99
O2D CLA CK . -30.40 35.21 8.12
CED CLA CK . -30.50 36.35 8.96
C1 CLA CK . -30.64 27.61 7.38
C2 CLA CK . -29.76 26.42 7.15
C3 CLA CK . -29.86 25.63 6.07
C4 CLA CK . -30.87 25.86 5.01
C5 CLA CK . -28.95 24.46 5.89
C6 CLA CK . -29.69 23.14 5.84
C7 CLA CK . -30.08 22.69 7.23
C8 CLA CK . -30.94 21.42 7.26
C9 CLA CK . -31.71 21.25 5.97
C10 CLA CK . -31.89 21.45 8.44
C11 CLA CK . -32.36 20.07 8.83
C12 CLA CK . -32.23 19.84 10.31
C13 CLA CK . -33.57 19.45 10.94
C14 CLA CK . -34.05 18.12 10.41
C15 CLA CK . -34.62 20.53 10.70
MG CLA DK . -22.20 33.41 19.58
CHA CLA DK . -23.48 36.09 21.36
CHB CLA DK . -19.56 33.25 21.73
CHC CLA DK . -21.04 30.68 17.85
CHD CLA DK . -24.97 33.61 17.39
NA CLA DK . -21.64 34.51 21.27
C1A CLA DK . -22.30 35.59 21.85
C2A CLA DK . -21.54 36.10 23.07
C3A CLA DK . -20.24 35.27 23.08
C4A CLA DK . -20.48 34.24 21.96
CMA CLA DK . -19.02 36.12 22.82
CAA CLA DK . -22.35 35.76 24.32
CBA CLA DK . -21.77 36.41 25.55
CGA CLA DK . -22.09 37.86 25.56
O1A CLA DK . -21.47 38.80 26.06
O2A CLA DK . -23.25 38.15 24.88
NB CLA DK . -20.57 32.23 19.73
C1B CLA DK . -19.66 32.26 20.73
C2B CLA DK . -18.74 31.09 20.63
C3B CLA DK . -19.15 30.37 19.53
C4B CLA DK . -20.32 31.08 18.94
CMB CLA DK . -17.65 30.85 21.56
CAB CLA DK . -18.63 29.14 18.97
CBB CLA DK . -17.34 28.87 18.77
NC CLA DK . -22.88 32.36 17.91
C1C CLA DK . -22.23 31.27 17.37
C2C CLA DK . -22.97 30.79 16.21
C3C CLA DK . -24.10 31.61 16.08
C4C CLA DK . -24.03 32.59 17.16
CMC CLA DK . -22.56 29.66 15.39
CAC CLA DK . -25.14 31.52 15.05
CBC CLA DK . -26.42 30.90 15.58
ND CLA DK . -23.88 34.52 19.39
C1D CLA DK . -24.91 34.51 18.43
C2D CLA DK . -25.87 35.61 18.73
C3D CLA DK . -25.36 36.24 19.85
C4D CLA DK . -24.12 35.53 20.21
CMD CLA DK . -27.08 35.91 17.97
CAD CLA DK . -25.54 37.31 20.82
OBD CLA DK . -26.45 38.14 20.91
CBD CLA DK . -24.32 37.27 21.78
CGD CLA DK . -23.54 38.55 21.72
O1D CLA DK . -22.42 38.73 21.22
O2D CLA DK . -24.18 39.62 22.29
CED CLA DK . -23.55 40.90 22.18
C1 CLA DK . -24.42 38.42 25.67
C1 BCR EK . -2.05 28.08 -10.61
C2 BCR EK . -0.85 28.60 -11.41
C3 BCR EK . 0.45 27.89 -11.08
C4 BCR EK . 0.75 28.07 -9.60
C5 BCR EK . -0.39 27.47 -8.82
C6 BCR EK . -1.66 27.64 -9.20
C7 BCR EK . -2.73 27.39 -8.21
C8 BCR EK . -3.03 28.36 -7.34
C9 BCR EK . -4.07 28.22 -6.30
C10 BCR EK . -5.09 29.10 -6.31
C11 BCR EK . -6.15 29.06 -5.32
C33 BCR EK . -0.07 26.65 -7.61
C31 BCR EK . -2.68 26.90 -11.33
C32 BCR EK . -3.11 29.16 -10.56
C34 BCR EK . -3.98 27.16 -5.26
C12 BCR EK . -7.15 29.90 -5.47
C13 BCR EK . -8.27 29.97 -4.51
C14 BCR EK . -9.30 30.79 -4.77
C15 BCR EK . -10.41 30.90 -3.83
C16 BCR EK . -11.47 31.64 -4.14
C17 BCR EK . -12.55 31.73 -3.17
C18 BCR EK . -13.77 32.17 -3.52
C19 BCR EK . -14.80 32.23 -2.47
C20 BCR EK . -16.06 32.56 -2.74
C21 BCR EK . -17.00 32.60 -1.63
C22 BCR EK . -18.27 32.96 -1.81
C23 BCR EK . -19.17 33.00 -0.64
C24 BCR EK . -19.83 34.14 -0.38
C25 BCR EK . -20.75 34.28 0.77
C26 BCR EK . -22.07 34.25 0.55
C27 BCR EK . -23.05 34.85 1.52
C28 BCR EK . -22.53 34.65 2.93
C29 BCR EK . -21.14 35.21 3.07
C30 BCR EK . -20.15 34.49 2.14
C35 BCR EK . -8.24 29.17 -3.26
C36 BCR EK . -14.07 32.56 -4.93
C37 BCR EK . -18.77 33.33 -3.17
C38 BCR EK . -22.61 33.64 -0.72
C39 BCR EK . -19.75 33.16 2.76
C40 BCR EK . -18.91 35.36 1.97
C1 BCR FK . 10.65 33.19 -13.67
C2 BCR FK . 9.92 32.26 -14.60
C3 BCR FK . 8.52 32.00 -14.14
C4 BCR FK . 8.48 31.44 -12.74
C5 BCR FK . 9.52 32.01 -11.85
C6 BCR FK . 10.50 32.81 -12.24
C7 BCR FK . 11.49 33.35 -11.31
C8 BCR FK . 11.26 34.49 -10.67
C9 BCR FK . 12.21 35.13 -9.79
C10 BCR FK . 11.76 36.06 -8.94
C11 BCR FK . 12.58 36.99 -8.21
C33 BCR FK . 9.36 31.62 -10.44
C31 BCR FK . 12.10 33.23 -14.08
C32 BCR FK . 10.06 34.56 -13.88
C34 BCR FK . 13.65 35.01 -10.11
C12 BCR FK . 11.97 37.82 -7.36
C13 BCR FK . 12.62 38.81 -6.55
C14 BCR FK . 11.88 39.49 -5.67
C15 BCR FK . 12.31 40.67 -4.98
C16 BCR FK . 11.42 41.60 -4.62
C17 BCR FK . 11.72 42.43 -3.49
C18 BCR FK . 10.88 43.29 -2.90
C19 BCR FK . 11.38 44.11 -1.82
C20 BCR FK . 10.75 45.20 -1.39
C21 BCR FK . 11.39 46.03 -0.41
C22 BCR FK . 10.81 47.00 0.30
C23 BCR FK . 11.55 47.64 1.36
C24 BCR FK . 11.37 48.92 1.71
C25 BCR FK . 12.32 49.71 2.48
C26 BCR FK . 13.41 50.25 1.92
C27 BCR FK . 14.43 51.06 2.61
C28 BCR FK . 14.01 51.48 4.00
C29 BCR FK . 13.28 50.34 4.67
C30 BCR FK . 12.02 49.92 3.92
C35 BCR FK . 14.00 39.22 -6.84
C36 BCR FK . 9.52 43.53 -3.41
C37 BCR FK . 9.36 47.29 0.15
C38 BCR FK . 13.74 50.07 0.50
C39 BCR FK . 11.37 48.72 4.57
C40 BCR FK . 11.05 51.08 4.11
FE1 SF4 GK . -17.09 3.13 -24.49
FE2 SF4 GK . -17.91 2.27 -27.27
FE3 SF4 GK . -15.09 1.84 -26.35
FE4 SF4 GK . -16.08 4.65 -26.89
S1 SF4 GK . -15.98 2.84 -28.00
S2 SF4 GK . -15.16 3.66 -25.23
S3 SF4 GK . -18.01 4.09 -26.16
S4 SF4 GK . -17.01 1.31 -25.60
FE1 SF4 HK . -12.72 -6.07 -33.69
FE2 SF4 HK . -15.28 -4.54 -33.59
FE3 SF4 HK . -15.25 -7.44 -32.84
FE4 SF4 HK . -14.83 -6.62 -35.75
S1 SF4 HK . -16.33 -6.27 -34.27
S2 SF4 HK . -13.77 -7.80 -34.33
S3 SF4 HK . -13.79 -4.87 -35.08
S4 SF4 HK . -14.19 -5.71 -32.19
#